data_6DHL
#
_entry.id   6DHL
#
_cell.length_a   95.120
_cell.length_b   433.180
_cell.length_c   95.170
_cell.angle_alpha   90.00
_cell.angle_beta   118.74
_cell.angle_gamma   90.00
#
_symmetry.space_group_name_H-M   'P 1 21 1'
#
loop_
_entity.id
_entity.type
_entity.pdbx_description
1 polymer 'Glutamate dehydrogenase 1, mitochondrial'
2 non-polymer '(2R,3S)-2-(3,4-dihydroxyphenyl)-5,7-dihydroxy-3,4-dihydro-2H-chromen-3-yl 3,4,5-trihydroxybenzoate'
#
_entity_poly.entity_id   1
_entity_poly.type   'polypeptide(L)'
_entity_poly.pdbx_seq_one_letter_code
;DPNFFKMVEGFFDRGASIVEDKLVEDLKTRETEEQKRNRVRGILRIIKPCNHVLSLSFPIRRDDGSWEVIEGYRAQHSQH
RTPCKGGIRYSTDVSVDEVKALASLMTYKCAVVDVPFGGAKAGVKINPKNYTDNELEKITRRFTMELAKKGFIGPGVDVP
APDMSTGEREMSWIADTYASTIGHYDINAHACVTGKPISQGGIHGRISATGRGVFHGIENFINEASYMSILGMTPGFGDK
TFAVQGFGNVGLHSMRYLHRFGAKCVAVGESDGSIWNPDGIDPKELEDFKLQHGTILGFPKAKIYEGSILEVDCDILIPA
ASEKQLTKSNAPRVKAKIIAEGANGPTTPEADKIFLERNIMVIPDLYLNAGGVTVSYFEWLKNLNHVSYGRLTFKYERDS
NYHLLMSVQESLERKFGKHGGTIPIVPTAEFQDRISGASEKDIVHSGLAYTMERSARQIMRTAMKYNLGLDLRTAAYVNA
IEKVFRVYNEAGVTFT
;
_entity_poly.pdbx_strand_id   A,B,C,D,E,F,G,H,I,J,K,L
#
loop_
_chem_comp.id
_chem_comp.type
_chem_comp.name
_chem_comp.formula
XEG non-polymer '(2R,3S)-2-(3,4-dihydroxyphenyl)-5,7-dihydroxy-3,4-dihydro-2H-chromen-3-yl 3,4,5-trihydroxybenzoate' 'C22 H18 O10'
#
# COMPACT_ATOMS: atom_id res chain seq x y z
N ASP A 1 31.61 21.62 -33.47
CA ASP A 1 31.08 21.43 -32.12
C ASP A 1 31.87 20.37 -31.35
N PRO A 2 32.00 20.56 -30.03
CA PRO A 2 32.69 19.57 -29.20
C PRO A 2 31.85 18.32 -28.99
N ASN A 3 31.15 18.21 -27.86
CA ASN A 3 30.34 17.03 -27.60
C ASN A 3 29.25 17.27 -26.55
N PHE A 4 29.59 17.17 -25.26
CA PHE A 4 28.57 16.97 -24.23
C PHE A 4 28.56 18.11 -23.22
N PHE A 5 29.61 18.26 -22.40
CA PHE A 5 29.69 19.21 -21.30
C PHE A 5 28.64 18.92 -20.22
N LYS A 6 27.36 19.13 -20.56
CA LYS A 6 26.29 19.29 -19.60
C LYS A 6 25.49 18.02 -19.35
N MET A 7 25.98 16.86 -19.82
CA MET A 7 25.21 15.62 -19.74
C MET A 7 24.71 15.39 -18.31
N VAL A 8 25.65 15.24 -17.37
CA VAL A 8 25.29 14.95 -15.99
C VAL A 8 24.73 16.18 -15.29
N GLU A 9 25.08 17.37 -15.78
CA GLU A 9 24.51 18.58 -15.20
C GLU A 9 22.98 18.54 -15.33
N GLY A 10 22.48 18.05 -16.46
CA GLY A 10 21.05 17.89 -16.60
C GLY A 10 20.48 16.86 -15.63
N PHE A 11 21.20 15.75 -15.43
CA PHE A 11 20.71 14.69 -14.56
C PHE A 11 20.50 15.18 -13.14
N PHE A 12 21.42 16.00 -12.63
CA PHE A 12 21.32 16.50 -11.27
C PHE A 12 20.06 17.35 -11.10
N ASP A 13 19.89 18.35 -11.96
CA ASP A 13 18.74 19.25 -11.88
C ASP A 13 17.44 18.48 -11.89
N ARG A 14 17.38 17.40 -12.68
CA ARG A 14 16.22 16.54 -12.71
C ARG A 14 15.95 15.95 -11.33
N GLY A 15 16.94 15.26 -10.77
CA GLY A 15 16.77 14.70 -9.43
C GLY A 15 16.62 15.78 -8.38
N ALA A 16 17.32 16.92 -8.55
CA ALA A 16 17.26 17.99 -7.57
C ALA A 16 15.84 18.46 -7.31
N SER A 17 15.02 18.53 -8.36
CA SER A 17 13.68 19.10 -8.25
C SER A 17 12.75 18.27 -7.38
N ILE A 18 13.03 16.97 -7.24
CA ILE A 18 12.07 16.07 -6.60
C ILE A 18 12.21 16.08 -5.09
N VAL A 19 13.43 16.30 -4.58
CA VAL A 19 13.68 16.23 -3.14
C VAL A 19 13.34 17.52 -2.41
N GLU A 20 13.28 18.65 -3.11
CA GLU A 20 13.08 19.95 -2.47
C GLU A 20 11.91 19.93 -1.49
N ASP A 21 10.90 19.11 -1.76
CA ASP A 21 9.81 18.93 -0.80
C ASP A 21 10.28 18.15 0.43
N LYS A 22 10.79 16.93 0.22
CA LYS A 22 11.05 16.05 1.33
C LYS A 22 12.21 16.55 2.20
N LEU A 23 13.13 17.31 1.62
CA LEU A 23 14.29 17.76 2.40
C LEU A 23 13.87 18.79 3.43
N VAL A 24 13.13 19.82 3.02
CA VAL A 24 12.62 20.80 3.98
C VAL A 24 11.54 20.24 4.88
N GLU A 25 11.00 19.06 4.54
CA GLU A 25 9.99 18.39 5.33
C GLU A 25 10.59 17.46 6.37
N ASP A 26 11.65 16.74 6.01
CA ASP A 26 12.29 15.81 6.93
C ASP A 26 13.30 16.51 7.85
N LEU A 27 13.76 17.70 7.47
CA LEU A 27 14.70 18.46 8.29
C LEU A 27 14.05 18.87 9.60
N LYS A 28 14.61 18.41 10.72
CA LYS A 28 14.11 18.73 12.05
C LYS A 28 15.03 19.78 12.68
N THR A 29 14.49 20.98 12.90
CA THR A 29 15.27 22.08 13.46
C THR A 29 14.30 23.16 13.97
N ARG A 30 14.85 24.09 14.75
CA ARG A 30 14.06 25.25 15.17
C ARG A 30 13.73 26.17 14.00
N GLU A 31 14.42 26.01 12.87
CA GLU A 31 14.22 26.84 11.69
C GLU A 31 12.75 26.98 11.27
N THR A 32 12.19 25.98 10.58
CA THR A 32 10.81 26.04 10.10
C THR A 32 10.53 27.33 9.34
N GLU A 33 10.94 27.44 8.08
CA GLU A 33 10.89 28.73 7.40
C GLU A 33 10.13 28.60 6.08
N GLU A 34 10.24 29.64 5.26
CA GLU A 34 10.20 29.53 3.82
C GLU A 34 11.58 29.67 3.19
N GLN A 35 12.55 30.19 3.95
CA GLN A 35 13.96 30.19 3.57
C GLN A 35 14.58 28.80 3.62
N LYS A 36 13.85 27.79 4.11
CA LYS A 36 14.37 26.43 4.09
C LYS A 36 14.73 25.99 2.67
N ARG A 37 14.06 26.57 1.65
CA ARG A 37 14.46 26.31 0.28
C ARG A 37 15.79 26.97 -0.05
N ASN A 38 15.98 28.22 0.37
CA ASN A 38 17.26 28.89 0.14
C ASN A 38 18.41 28.11 0.76
N ARG A 39 18.14 27.41 1.86
CA ARG A 39 19.12 26.48 2.41
C ARG A 39 19.45 25.37 1.41
N VAL A 40 18.44 24.65 0.96
CA VAL A 40 18.66 23.46 0.12
C VAL A 40 19.21 23.86 -1.23
N ARG A 41 18.51 24.75 -1.94
CA ARG A 41 18.99 25.16 -3.26
C ARG A 41 20.35 25.83 -3.20
N GLY A 42 20.75 26.32 -2.03
CA GLY A 42 22.13 26.69 -1.81
C GLY A 42 23.00 25.45 -1.73
N ILE A 43 22.66 24.54 -0.82
CA ILE A 43 23.46 23.33 -0.61
C ILE A 43 23.67 22.59 -1.93
N LEU A 44 22.66 22.60 -2.79
CA LEU A 44 22.69 21.74 -3.98
C LEU A 44 23.54 22.32 -5.11
N ARG A 45 23.66 23.65 -5.21
CA ARG A 45 24.62 24.20 -6.15
C ARG A 45 25.99 24.37 -5.54
N ILE A 46 26.15 23.99 -4.27
CA ILE A 46 27.48 23.74 -3.70
C ILE A 46 27.98 22.37 -4.17
N ILE A 47 27.11 21.36 -4.10
CA ILE A 47 27.48 20.00 -4.47
C ILE A 47 27.69 19.88 -5.98
N LYS A 48 26.94 20.63 -6.77
CA LYS A 48 26.99 20.45 -8.23
C LYS A 48 28.36 20.75 -8.85
N PRO A 49 29.08 21.80 -8.49
CA PRO A 49 30.40 22.02 -9.09
C PRO A 49 31.52 21.34 -8.33
N CYS A 50 32.52 20.89 -9.10
CA CYS A 50 33.75 20.38 -8.51
C CYS A 50 34.42 21.48 -7.70
N ASN A 51 34.66 21.19 -6.41
CA ASN A 51 35.29 22.18 -5.56
C ASN A 51 36.78 22.33 -5.84
N HIS A 52 37.40 21.31 -6.43
CA HIS A 52 38.83 21.36 -6.72
C HIS A 52 39.11 20.60 -8.00
N VAL A 53 39.81 21.25 -8.93
CA VAL A 53 40.24 20.61 -10.16
C VAL A 53 41.58 21.18 -10.61
N LEU A 54 42.59 20.32 -10.62
CA LEU A 54 43.96 20.73 -10.87
C LEU A 54 44.29 20.55 -12.35
N SER A 55 44.85 21.59 -12.96
CA SER A 55 45.39 21.48 -14.31
C SER A 55 46.90 21.31 -14.21
N LEU A 56 47.42 20.35 -14.94
CA LEU A 56 48.82 19.95 -14.85
C LEU A 56 49.49 20.13 -16.20
N SER A 57 50.80 19.83 -16.24
CA SER A 57 51.63 19.98 -17.43
C SER A 57 53.05 19.55 -17.13
N PHE A 58 53.41 18.29 -17.40
CA PHE A 58 54.70 17.79 -16.97
C PHE A 58 55.44 17.13 -18.14
N PRO A 59 56.78 17.16 -18.11
CA PRO A 59 57.56 16.64 -19.24
C PRO A 59 58.22 15.29 -18.97
N ILE A 60 58.55 14.56 -20.04
CA ILE A 60 59.23 13.27 -19.97
C ILE A 60 60.15 13.14 -21.18
N ARG A 61 61.03 12.14 -21.11
CA ARG A 61 61.94 11.81 -22.20
C ARG A 61 61.50 10.50 -22.85
N ARG A 62 61.55 10.47 -24.18
CA ARG A 62 61.22 9.26 -24.92
C ARG A 62 62.46 8.39 -25.13
N ASP A 63 62.24 7.20 -25.68
CA ASP A 63 63.35 6.30 -26.00
C ASP A 63 64.33 6.93 -26.98
N ASP A 64 63.88 7.90 -27.78
CA ASP A 64 64.78 8.65 -28.63
C ASP A 64 65.73 9.50 -27.79
N GLY A 65 65.17 10.42 -27.00
CA GLY A 65 65.94 11.43 -26.32
C GLY A 65 65.27 12.76 -26.55
N SER A 66 64.25 12.74 -27.40
CA SER A 66 63.40 13.90 -27.61
C SER A 66 62.61 14.19 -26.34
N TRP A 67 61.97 15.36 -26.32
CA TRP A 67 61.24 15.85 -25.15
C TRP A 67 59.82 16.20 -25.57
N GLU A 68 58.85 15.86 -24.73
CA GLU A 68 57.44 16.03 -25.08
C GLU A 68 56.66 16.57 -23.89
N VAL A 69 55.81 17.55 -24.16
CA VAL A 69 54.96 18.14 -23.13
C VAL A 69 53.69 17.30 -22.98
N ILE A 70 53.41 16.86 -21.76
CA ILE A 70 52.27 15.99 -21.48
C ILE A 70 51.31 16.72 -20.55
N GLU A 71 50.17 17.14 -21.08
CA GLU A 71 49.12 17.72 -20.27
C GLU A 71 48.42 16.64 -19.45
N GLY A 72 47.77 17.07 -18.38
CA GLY A 72 47.00 16.16 -17.55
C GLY A 72 46.08 16.94 -16.65
N TYR A 73 45.02 16.28 -16.21
CA TYR A 73 44.09 16.91 -15.28
C TYR A 73 43.64 15.88 -14.24
N ARG A 74 43.24 16.39 -13.08
CA ARG A 74 42.48 15.62 -12.11
C ARG A 74 41.54 16.58 -11.41
N ALA A 75 40.33 16.12 -11.13
CA ALA A 75 39.34 16.90 -10.42
C ALA A 75 38.82 16.11 -9.23
N GLN A 76 38.67 16.79 -8.11
CA GLN A 76 38.02 16.23 -6.93
C GLN A 76 36.68 16.90 -6.76
N HIS A 77 35.61 16.12 -6.87
CA HIS A 77 34.27 16.68 -6.87
C HIS A 77 33.88 17.23 -5.50
N SER A 78 33.69 16.34 -4.52
CA SER A 78 33.27 16.74 -3.19
C SER A 78 34.25 16.18 -2.16
N GLN A 79 34.20 16.77 -0.96
CA GLN A 79 35.05 16.36 0.14
C GLN A 79 34.24 16.08 1.39
N HIS A 80 33.00 15.60 1.22
CA HIS A 80 32.17 15.30 2.38
C HIS A 80 32.65 14.01 3.05
N ARG A 81 33.15 13.06 2.28
CA ARG A 81 33.76 11.86 2.81
C ARG A 81 35.27 11.98 2.72
N THR A 82 35.97 11.30 3.65
CA THR A 82 37.39 11.59 3.87
C THR A 82 38.23 11.44 2.61
N PRO A 83 38.38 10.25 2.01
CA PRO A 83 39.20 10.18 0.79
C PRO A 83 38.35 10.43 -0.45
N CYS A 84 39.04 10.77 -1.54
CA CYS A 84 38.40 10.89 -2.84
C CYS A 84 38.78 9.70 -3.70
N LYS A 85 37.86 9.32 -4.58
CA LYS A 85 37.96 8.08 -5.33
C LYS A 85 37.64 8.35 -6.79
N GLY A 86 38.39 7.70 -7.68
CA GLY A 86 38.15 7.85 -9.10
C GLY A 86 39.34 7.45 -9.95
N GLY A 87 39.07 6.87 -11.11
CA GLY A 87 40.11 6.35 -11.97
C GLY A 87 40.82 7.43 -12.77
N ILE A 88 41.79 6.98 -13.55
CA ILE A 88 42.57 7.85 -14.43
C ILE A 88 42.47 7.33 -15.85
N ARG A 89 42.46 8.24 -16.80
CA ARG A 89 42.34 7.89 -18.22
C ARG A 89 43.65 8.17 -18.95
N TYR A 90 43.72 7.65 -20.18
CA TYR A 90 44.89 7.78 -21.03
C TYR A 90 44.40 7.76 -22.48
N SER A 91 43.89 8.90 -22.93
CA SER A 91 43.35 9.00 -24.27
C SER A 91 43.51 10.43 -24.76
N THR A 92 43.72 10.57 -26.08
CA THR A 92 43.60 11.88 -26.70
C THR A 92 42.22 12.50 -26.49
N ASP A 93 41.26 11.72 -25.97
CA ASP A 93 39.93 12.22 -25.64
C ASP A 93 39.92 13.07 -24.36
N VAL A 94 41.00 13.07 -23.59
CA VAL A 94 41.00 13.70 -22.28
C VAL A 94 40.75 15.19 -22.41
N SER A 95 39.80 15.71 -21.63
CA SER A 95 39.47 17.13 -21.62
C SER A 95 39.21 17.58 -20.20
N VAL A 96 39.25 18.90 -20.00
CA VAL A 96 38.97 19.48 -18.69
C VAL A 96 37.56 19.14 -18.25
N ASP A 97 36.57 19.47 -19.08
CA ASP A 97 35.18 19.28 -18.72
C ASP A 97 34.80 17.80 -18.65
N GLU A 98 35.56 16.92 -19.31
CA GLU A 98 35.30 15.49 -19.19
C GLU A 98 35.57 15.00 -17.77
N VAL A 99 36.83 15.14 -17.32
CA VAL A 99 37.18 14.74 -15.96
C VAL A 99 36.40 15.55 -14.94
N LYS A 100 36.11 16.81 -15.25
CA LYS A 100 35.21 17.60 -14.42
C LYS A 100 33.83 16.94 -14.30
N ALA A 101 33.39 16.24 -15.35
CA ALA A 101 32.07 15.62 -15.34
C ALA A 101 32.09 14.26 -14.65
N LEU A 102 33.00 13.38 -15.07
CA LEU A 102 32.99 12.00 -14.57
C LEU A 102 33.25 11.92 -13.08
N ALA A 103 34.04 12.85 -12.53
CA ALA A 103 34.26 12.88 -11.09
C ALA A 103 32.97 13.20 -10.34
N SER A 104 32.23 14.20 -10.83
CA SER A 104 30.89 14.48 -10.35
C SER A 104 30.07 13.19 -10.27
N LEU A 105 29.97 12.49 -11.40
CA LEU A 105 29.24 11.22 -11.44
C LEU A 105 29.78 10.22 -10.42
N MET A 106 31.11 10.12 -10.32
CA MET A 106 31.72 9.15 -9.42
C MET A 106 31.45 9.47 -7.95
N THR A 107 30.95 10.67 -7.65
CA THR A 107 30.58 11.02 -6.28
C THR A 107 29.25 10.39 -5.90
N TYR A 108 28.24 10.52 -6.75
CA TYR A 108 26.93 9.95 -6.46
C TYR A 108 26.95 8.43 -6.58
N LYS A 109 27.76 7.90 -7.49
CA LYS A 109 27.91 6.45 -7.61
C LYS A 109 28.26 5.84 -6.25
N CYS A 110 29.22 6.43 -5.55
CA CYS A 110 29.63 5.92 -4.23
C CYS A 110 28.58 6.16 -3.16
N ALA A 111 27.72 7.18 -3.31
CA ALA A 111 26.63 7.36 -2.36
C ALA A 111 25.62 6.24 -2.48
N VAL A 112 25.27 5.85 -3.71
CA VAL A 112 24.24 4.84 -3.95
C VAL A 112 24.54 3.56 -3.18
N VAL A 113 25.79 3.10 -3.25
CA VAL A 113 26.18 1.83 -2.66
C VAL A 113 26.84 2.01 -1.29
N ASP A 114 26.63 3.16 -0.64
CA ASP A 114 27.07 3.39 0.73
C ASP A 114 28.59 3.25 0.89
N VAL A 115 29.33 3.95 0.03
CA VAL A 115 30.78 3.96 0.10
C VAL A 115 31.24 5.27 0.71
N PRO A 116 31.97 5.26 1.82
CA PRO A 116 32.45 6.51 2.41
C PRO A 116 33.59 7.16 1.63
N PHE A 117 33.41 7.38 0.33
CA PHE A 117 34.38 8.06 -0.50
C PHE A 117 33.79 9.34 -1.09
N GLY A 118 34.66 10.32 -1.31
CA GLY A 118 34.32 11.40 -2.20
C GLY A 118 34.57 11.01 -3.65
N GLY A 119 34.17 11.89 -4.56
CA GLY A 119 34.33 11.65 -5.98
C GLY A 119 35.55 12.35 -6.56
N ALA A 120 36.11 11.74 -7.60
CA ALA A 120 37.31 12.25 -8.26
C ALA A 120 37.50 11.51 -9.57
N LYS A 121 38.38 12.04 -10.40
CA LYS A 121 38.79 11.41 -11.66
C LYS A 121 39.91 12.24 -12.29
N ALA A 122 40.71 11.57 -13.13
CA ALA A 122 41.86 12.18 -13.77
C ALA A 122 42.03 11.61 -15.17
N GLY A 123 42.82 12.31 -15.98
CA GLY A 123 43.07 11.86 -17.34
C GLY A 123 44.37 12.39 -17.88
N VAL A 124 44.91 11.69 -18.88
CA VAL A 124 46.14 12.05 -19.57
C VAL A 124 45.87 12.05 -21.06
N LYS A 125 46.09 13.21 -21.70
CA LYS A 125 45.77 13.42 -23.11
C LYS A 125 46.89 12.86 -24.00
N ILE A 126 46.94 11.53 -24.08
CA ILE A 126 47.92 10.86 -24.94
C ILE A 126 47.28 9.73 -25.70
N ASN A 127 48.10 8.84 -26.25
CA ASN A 127 47.63 7.62 -26.87
C ASN A 127 48.57 6.49 -26.46
N PRO A 128 48.09 5.51 -25.69
CA PRO A 128 48.98 4.47 -25.17
C PRO A 128 49.65 3.64 -26.25
N LYS A 129 49.07 3.55 -27.44
CA LYS A 129 49.70 2.81 -28.52
C LYS A 129 50.96 3.51 -29.02
N ASN A 130 50.99 4.83 -28.98
CA ASN A 130 52.14 5.59 -29.47
C ASN A 130 53.33 5.58 -28.52
N TYR A 131 53.21 4.97 -27.35
CA TYR A 131 54.31 4.93 -26.39
C TYR A 131 54.58 3.50 -25.96
N THR A 132 55.85 3.22 -25.68
CA THR A 132 56.29 1.91 -25.23
C THR A 132 55.97 1.74 -23.75
N ASP A 133 56.23 0.54 -23.23
CA ASP A 133 56.02 0.28 -21.80
C ASP A 133 57.03 1.03 -20.97
N ASN A 134 58.31 1.00 -21.37
CA ASN A 134 59.31 1.83 -20.74
C ASN A 134 58.93 3.31 -20.84
N GLU A 135 58.41 3.72 -22.01
CA GLU A 135 57.92 5.08 -22.16
C GLU A 135 56.65 5.33 -21.36
N LEU A 136 55.86 4.30 -21.11
CA LEU A 136 54.60 4.49 -20.40
C LEU A 136 54.83 4.65 -18.90
N GLU A 137 55.65 3.75 -18.33
CA GLU A 137 55.92 3.81 -16.89
C GLU A 137 56.45 5.16 -16.47
N LYS A 138 57.28 5.79 -17.31
CA LYS A 138 57.81 7.11 -17.00
C LYS A 138 56.68 8.13 -16.80
N ILE A 139 55.69 8.13 -17.70
CA ILE A 139 54.57 9.05 -17.57
C ILE A 139 53.81 8.76 -16.27
N THR A 140 53.55 7.49 -16.00
CA THR A 140 52.79 7.11 -14.81
C THR A 140 53.45 7.64 -13.55
N ARG A 141 54.70 7.22 -13.29
CA ARG A 141 55.35 7.56 -12.02
C ARG A 141 55.46 9.06 -11.84
N ARG A 142 55.76 9.80 -12.91
CA ARG A 142 55.91 11.25 -12.78
C ARG A 142 54.57 11.92 -12.51
N PHE A 143 53.52 11.52 -13.25
CA PHE A 143 52.19 12.07 -13.01
C PHE A 143 51.76 11.88 -11.57
N THR A 144 52.10 10.72 -10.99
CA THR A 144 51.88 10.47 -9.57
C THR A 144 52.43 11.60 -8.71
N MET A 145 53.75 11.81 -8.78
CA MET A 145 54.40 12.83 -7.97
C MET A 145 53.70 14.18 -8.08
N GLU A 146 53.54 14.68 -9.31
CA GLU A 146 53.01 16.03 -9.50
C GLU A 146 51.63 16.21 -8.88
N LEU A 147 50.93 15.11 -8.59
CA LEU A 147 49.67 15.20 -7.87
C LEU A 147 49.84 15.09 -6.36
N ALA A 148 50.84 14.35 -5.88
CA ALA A 148 51.09 14.26 -4.45
C ALA A 148 51.57 15.60 -3.91
N LYS A 149 52.54 16.21 -4.59
CA LYS A 149 53.09 17.50 -4.17
C LYS A 149 52.01 18.57 -4.01
N LYS A 150 50.86 18.40 -4.66
CA LYS A 150 49.74 19.31 -4.51
C LYS A 150 48.53 18.63 -3.88
N GLY A 151 48.73 17.50 -3.22
CA GLY A 151 47.65 16.83 -2.50
C GLY A 151 46.57 16.25 -3.39
N PHE A 152 46.97 15.41 -4.35
CA PHE A 152 46.01 14.74 -5.23
C PHE A 152 46.30 13.25 -5.37
N ILE A 153 47.06 12.67 -4.44
CA ILE A 153 47.21 11.23 -4.30
C ILE A 153 47.68 10.94 -2.89
N GLY A 154 47.01 9.99 -2.23
CA GLY A 154 47.31 9.63 -0.87
C GLY A 154 46.06 9.17 -0.14
N PRO A 155 46.20 8.14 0.68
CA PRO A 155 45.05 7.65 1.44
C PRO A 155 44.58 8.69 2.44
N GLY A 156 43.26 8.72 2.64
CA GLY A 156 42.65 9.81 3.38
C GLY A 156 42.72 11.15 2.69
N VAL A 157 43.26 11.21 1.47
CA VAL A 157 43.34 12.44 0.69
C VAL A 157 42.73 12.19 -0.68
N ASP A 158 43.26 11.21 -1.40
CA ASP A 158 42.79 10.90 -2.75
C ASP A 158 43.30 9.53 -3.19
N VAL A 159 42.38 8.63 -3.56
CA VAL A 159 42.72 7.26 -3.94
C VAL A 159 42.23 7.03 -5.37
N PRO A 160 43.11 6.81 -6.34
CA PRO A 160 42.66 6.56 -7.72
C PRO A 160 42.52 5.08 -8.03
N ALA A 161 42.26 4.77 -9.29
CA ALA A 161 41.98 3.40 -9.72
C ALA A 161 42.23 3.30 -11.22
N PRO A 162 42.33 2.10 -11.76
CA PRO A 162 42.45 1.97 -13.22
C PRO A 162 41.14 2.32 -13.92
N ASP A 163 41.26 2.55 -15.22
CA ASP A 163 40.08 2.84 -16.03
C ASP A 163 40.35 2.49 -17.49
N MET A 164 40.28 3.48 -18.38
CA MET A 164 40.49 3.23 -19.79
C MET A 164 41.96 3.01 -20.08
N SER A 165 42.29 1.81 -20.59
CA SER A 165 43.64 1.46 -21.03
C SER A 165 44.67 1.61 -19.92
N THR A 166 44.26 1.39 -18.67
CA THR A 166 45.16 1.45 -17.51
C THR A 166 45.15 0.09 -16.84
N GLY A 167 46.27 -0.63 -16.92
CA GLY A 167 46.36 -1.96 -16.36
C GLY A 167 46.67 -1.95 -14.88
N GLU A 168 46.65 -3.16 -14.29
CA GLU A 168 47.07 -3.31 -12.91
C GLU A 168 48.55 -2.98 -12.74
N ARG A 169 49.36 -3.30 -13.76
CA ARG A 169 50.78 -2.96 -13.72
C ARG A 169 50.97 -1.46 -13.56
N GLU A 170 50.09 -0.66 -14.15
CA GLU A 170 50.22 0.79 -14.05
C GLU A 170 49.83 1.29 -12.67
N MET A 171 48.85 0.63 -12.02
CA MET A 171 48.52 0.97 -10.65
C MET A 171 49.66 0.61 -9.70
N SER A 172 50.34 -0.50 -9.97
CA SER A 172 51.46 -0.91 -9.12
C SER A 172 52.59 0.11 -9.18
N TRP A 173 52.83 0.69 -10.35
CA TRP A 173 53.86 1.72 -10.48
C TRP A 173 53.53 2.93 -9.63
N ILE A 174 52.28 3.37 -9.68
CA ILE A 174 51.84 4.51 -8.86
C ILE A 174 52.08 4.23 -7.39
N ALA A 175 51.65 3.05 -6.94
CA ALA A 175 51.88 2.66 -5.54
C ALA A 175 53.37 2.63 -5.21
N ASP A 176 54.20 2.23 -6.18
CA ASP A 176 55.63 2.17 -5.93
C ASP A 176 56.23 3.57 -5.82
N THR A 177 55.68 4.54 -6.55
CA THR A 177 56.25 5.88 -6.51
C THR A 177 55.91 6.58 -5.18
N TYR A 178 54.65 6.47 -4.74
CA TYR A 178 54.23 7.16 -3.53
C TYR A 178 54.94 6.62 -2.30
N ALA A 179 55.00 5.29 -2.15
CA ALA A 179 55.58 4.69 -0.96
C ALA A 179 57.10 4.79 -0.93
N SER A 180 57.73 5.15 -2.03
CA SER A 180 59.19 5.30 -2.08
C SER A 180 59.65 6.74 -1.99
N THR A 181 58.75 7.71 -2.23
CA THR A 181 59.14 9.11 -2.24
C THR A 181 58.30 9.82 -1.18
N ILE A 182 57.20 10.48 -1.57
CA ILE A 182 56.42 11.30 -0.66
C ILE A 182 55.95 10.50 0.54
N GLY A 183 55.04 9.56 0.32
CA GLY A 183 54.51 8.78 1.42
C GLY A 183 55.44 7.68 1.89
N HIS A 184 56.68 8.02 2.25
CA HIS A 184 57.60 7.02 2.75
C HIS A 184 57.18 6.55 4.15
N TYR A 185 56.97 7.48 5.06
CA TYR A 185 56.76 7.14 6.46
C TYR A 185 55.33 6.70 6.75
N ASP A 186 54.46 6.66 5.75
CA ASP A 186 53.05 6.37 5.93
C ASP A 186 52.85 4.85 5.92
N ILE A 187 52.39 4.30 7.05
CA ILE A 187 52.19 2.85 7.18
C ILE A 187 51.32 2.33 6.05
N ASN A 188 50.20 3.00 5.81
CA ASN A 188 49.25 2.61 4.78
C ASN A 188 49.55 3.24 3.43
N ALA A 189 50.82 3.50 3.13
CA ALA A 189 51.18 4.14 1.87
C ALA A 189 50.71 3.33 0.67
N HIS A 190 50.79 2.00 0.78
CA HIS A 190 50.35 1.14 -0.31
C HIS A 190 48.86 1.22 -0.57
N ALA A 191 48.07 1.76 0.36
CA ALA A 191 46.66 2.00 0.10
C ALA A 191 46.41 3.29 -0.67
N CYS A 192 47.46 3.91 -1.22
CA CYS A 192 47.27 5.12 -2.00
C CYS A 192 46.39 4.88 -3.22
N VAL A 193 46.36 3.64 -3.71
CA VAL A 193 45.66 3.33 -4.96
C VAL A 193 45.12 1.90 -4.90
N THR A 194 43.93 1.72 -5.49
CA THR A 194 43.31 0.41 -5.63
C THR A 194 43.45 -0.08 -7.07
N GLY A 195 43.23 -1.38 -7.26
CA GLY A 195 43.47 -1.99 -8.55
C GLY A 195 44.89 -2.46 -8.77
N LYS A 196 45.77 -2.27 -7.79
CA LYS A 196 47.10 -2.82 -7.87
C LYS A 196 47.02 -4.35 -7.88
N PRO A 197 47.98 -5.01 -8.54
CA PRO A 197 47.95 -6.48 -8.58
C PRO A 197 48.07 -7.08 -7.18
N ILE A 198 47.81 -8.38 -7.10
CA ILE A 198 47.69 -9.04 -5.81
C ILE A 198 49.02 -9.09 -5.08
N SER A 199 50.13 -9.17 -5.82
CA SER A 199 51.44 -9.15 -5.20
C SER A 199 51.86 -7.77 -4.72
N GLN A 200 51.17 -6.72 -5.14
CA GLN A 200 51.41 -5.36 -4.68
C GLN A 200 50.44 -4.93 -3.59
N GLY A 201 49.59 -5.84 -3.12
CA GLY A 201 48.58 -5.52 -2.15
C GLY A 201 47.19 -5.35 -2.70
N GLY A 202 46.88 -5.95 -3.85
CA GLY A 202 45.54 -5.89 -4.38
C GLY A 202 44.57 -6.73 -3.58
N ILE A 203 43.53 -7.25 -4.23
CA ILE A 203 42.54 -8.05 -3.52
C ILE A 203 41.88 -8.99 -4.53
N HIS A 204 41.61 -10.21 -4.09
CA HIS A 204 41.07 -11.24 -4.97
C HIS A 204 39.68 -10.86 -5.47
N GLY A 205 39.31 -11.42 -6.61
CA GLY A 205 38.02 -11.15 -7.23
C GLY A 205 37.85 -9.76 -7.79
N ARG A 206 38.79 -8.85 -7.58
CA ARG A 206 38.69 -7.49 -8.10
C ARG A 206 38.73 -7.48 -9.63
N ILE A 207 39.38 -8.48 -10.23
CA ILE A 207 39.36 -8.58 -11.69
C ILE A 207 37.94 -8.80 -12.19
N SER A 208 37.10 -9.47 -11.41
CA SER A 208 35.70 -9.70 -11.74
C SER A 208 34.77 -8.66 -11.13
N ALA A 209 35.31 -7.55 -10.64
CA ALA A 209 34.55 -6.60 -9.83
C ALA A 209 33.30 -6.07 -10.51
N THR A 210 33.49 -5.28 -11.57
CA THR A 210 32.36 -4.55 -12.15
C THR A 210 31.39 -5.49 -12.84
N GLY A 211 31.86 -6.64 -13.33
CA GLY A 211 31.01 -7.60 -14.01
C GLY A 211 29.92 -8.18 -13.12
N ARG A 212 30.32 -8.83 -12.02
CA ARG A 212 29.36 -9.28 -11.03
C ARG A 212 28.45 -8.15 -10.59
N GLY A 213 28.96 -6.92 -10.55
CA GLY A 213 28.13 -5.78 -10.22
C GLY A 213 27.00 -5.58 -11.22
N VAL A 214 27.33 -5.61 -12.51
CA VAL A 214 26.31 -5.50 -13.56
C VAL A 214 25.25 -6.59 -13.41
N PHE A 215 25.65 -7.76 -12.92
CA PHE A 215 24.71 -8.89 -12.83
C PHE A 215 23.80 -8.77 -11.60
N HIS A 216 24.39 -8.53 -10.42
CA HIS A 216 23.60 -8.53 -9.19
C HIS A 216 22.52 -7.45 -9.21
N GLY A 217 22.77 -6.33 -9.87
CA GLY A 217 21.73 -5.33 -10.04
C GLY A 217 20.68 -5.74 -11.04
N ILE A 218 21.05 -6.60 -11.99
CA ILE A 218 20.09 -7.16 -12.92
C ILE A 218 19.26 -8.25 -12.24
N GLU A 219 19.85 -8.99 -11.30
CA GLU A 219 19.15 -10.13 -10.71
C GLU A 219 18.07 -9.71 -9.72
N ASN A 220 18.24 -8.58 -9.04
CA ASN A 220 17.24 -8.14 -8.06
C ASN A 220 16.01 -7.51 -8.69
N PHE A 221 15.89 -7.58 -10.02
CA PHE A 221 14.75 -7.01 -10.74
C PHE A 221 14.01 -8.06 -11.54
N ILE A 222 14.72 -8.92 -12.27
CA ILE A 222 14.12 -10.00 -13.04
C ILE A 222 13.80 -11.14 -12.08
N ASN A 223 14.11 -10.94 -10.80
CA ASN A 223 13.60 -11.80 -9.75
C ASN A 223 12.35 -11.24 -9.08
N GLU A 224 11.91 -10.04 -9.45
CA GLU A 224 10.72 -9.41 -8.89
C GLU A 224 9.77 -9.06 -10.02
N ALA A 225 8.57 -9.63 -9.99
CA ALA A 225 7.54 -9.35 -10.98
C ALA A 225 6.82 -8.03 -10.73
N SER A 226 7.15 -7.33 -9.65
CA SER A 226 6.60 -5.99 -9.44
C SER A 226 6.96 -5.05 -10.59
N TYR A 227 8.03 -5.35 -11.31
CA TYR A 227 8.43 -4.59 -12.49
C TYR A 227 8.31 -5.41 -13.77
N MET A 228 7.78 -6.63 -13.67
CA MET A 228 7.42 -7.42 -14.85
C MET A 228 5.95 -7.31 -15.19
N SER A 229 5.12 -6.88 -14.24
CA SER A 229 3.72 -6.58 -14.46
C SER A 229 3.50 -5.28 -15.23
N ILE A 230 4.59 -4.63 -15.67
CA ILE A 230 4.49 -3.33 -16.33
C ILE A 230 5.27 -3.36 -17.64
N LEU A 231 6.44 -4.00 -17.61
CA LEU A 231 7.26 -4.15 -18.80
C LEU A 231 6.86 -5.36 -19.64
N GLY A 232 6.26 -6.36 -19.01
CA GLY A 232 5.91 -7.59 -19.70
C GLY A 232 6.87 -8.71 -19.30
N MET A 233 7.36 -9.44 -20.31
CA MET A 233 8.43 -10.42 -20.12
C MET A 233 8.08 -11.52 -19.11
N THR A 234 9.09 -12.32 -18.76
CA THR A 234 8.94 -13.47 -17.88
C THR A 234 9.89 -13.34 -16.69
N PRO A 235 9.38 -13.35 -15.46
CA PRO A 235 10.28 -13.42 -14.30
C PRO A 235 11.21 -14.62 -14.32
N GLY A 236 11.03 -15.56 -15.24
CA GLY A 236 11.98 -16.64 -15.47
C GLY A 236 13.25 -16.12 -16.12
N PHE A 237 14.29 -16.01 -15.30
CA PHE A 237 15.52 -15.34 -15.70
C PHE A 237 16.16 -15.97 -16.95
N GLY A 238 16.03 -17.29 -17.10
CA GLY A 238 16.77 -18.04 -18.10
C GLY A 238 16.76 -17.54 -19.53
N ASP A 239 15.70 -17.88 -20.27
CA ASP A 239 15.68 -17.72 -21.74
C ASP A 239 15.61 -16.25 -22.12
N LYS A 240 16.77 -15.59 -22.09
CA LYS A 240 16.92 -14.22 -22.59
C LYS A 240 18.35 -14.02 -23.06
N THR A 241 18.53 -13.02 -23.92
CA THR A 241 19.83 -12.75 -24.54
C THR A 241 20.34 -11.37 -24.14
N PHE A 242 21.59 -11.09 -24.51
CA PHE A 242 22.24 -9.83 -24.23
C PHE A 242 23.30 -9.56 -25.28
N ALA A 243 23.47 -8.27 -25.61
CA ALA A 243 24.42 -7.83 -26.62
C ALA A 243 25.32 -6.76 -26.02
N VAL A 244 26.61 -7.06 -25.90
CA VAL A 244 27.50 -6.20 -25.12
C VAL A 244 28.20 -5.21 -26.04
N GLN A 245 28.74 -4.16 -25.43
CA GLN A 245 29.55 -3.14 -26.09
C GLN A 245 30.86 -2.99 -25.32
N GLY A 246 31.93 -2.66 -26.04
CA GLY A 246 33.21 -2.42 -25.41
C GLY A 246 33.82 -3.63 -24.72
N PHE A 247 33.94 -4.73 -25.47
CA PHE A 247 34.49 -5.99 -24.97
C PHE A 247 35.87 -5.77 -24.37
N GLY A 248 35.91 -5.25 -23.13
CA GLY A 248 37.15 -4.86 -22.48
C GLY A 248 37.00 -4.59 -21.00
N ASN A 249 37.74 -5.35 -20.19
CA ASN A 249 37.62 -5.39 -18.75
C ASN A 249 36.17 -5.48 -18.31
N VAL A 250 35.49 -4.33 -18.30
CA VAL A 250 34.10 -4.26 -17.87
C VAL A 250 33.21 -5.03 -18.83
N GLY A 251 33.49 -4.95 -20.13
CA GLY A 251 32.68 -5.68 -21.09
C GLY A 251 32.93 -7.18 -21.09
N LEU A 252 34.15 -7.61 -20.70
CA LEU A 252 34.43 -9.04 -20.69
C LEU A 252 33.67 -9.75 -19.57
N HIS A 253 33.85 -9.28 -18.34
CA HIS A 253 33.33 -10.01 -17.18
C HIS A 253 31.83 -9.84 -17.04
N SER A 254 31.28 -8.69 -17.41
CA SER A 254 29.83 -8.53 -17.45
C SER A 254 29.19 -9.60 -18.32
N MET A 255 29.83 -9.92 -19.44
CA MET A 255 29.36 -11.00 -20.29
C MET A 255 29.67 -12.36 -19.68
N ARG A 256 30.91 -12.56 -19.25
CA ARG A 256 31.39 -13.86 -18.77
C ARG A 256 30.45 -14.46 -17.74
N TYR A 257 30.12 -13.69 -16.69
CA TYR A 257 29.30 -14.22 -15.61
C TYR A 257 27.82 -14.23 -15.94
N LEU A 258 27.34 -13.32 -16.79
CA LEU A 258 25.93 -13.36 -17.16
C LEU A 258 25.59 -14.61 -17.97
N HIS A 259 26.58 -15.15 -18.70
CA HIS A 259 26.38 -16.41 -19.39
C HIS A 259 26.19 -17.57 -18.42
N ARG A 260 26.72 -17.44 -17.19
CA ARG A 260 26.85 -18.58 -16.28
C ARG A 260 25.51 -19.16 -15.82
N PHE A 261 24.41 -18.44 -15.94
CA PHE A 261 23.16 -18.86 -15.30
C PHE A 261 22.14 -19.47 -16.24
N GLY A 262 22.39 -19.51 -17.55
CA GLY A 262 21.45 -20.05 -18.49
C GLY A 262 20.86 -19.05 -19.47
N ALA A 263 21.27 -17.79 -19.39
CA ALA A 263 20.90 -16.77 -20.38
C ALA A 263 22.08 -16.60 -21.33
N LYS A 264 21.87 -16.94 -22.60
CA LYS A 264 22.93 -16.87 -23.59
C LYS A 264 22.99 -15.48 -24.23
N CYS A 265 24.05 -15.24 -24.98
CA CYS A 265 24.29 -13.95 -25.62
C CYS A 265 23.53 -13.87 -26.94
N VAL A 266 23.85 -12.86 -27.76
CA VAL A 266 23.29 -12.75 -29.10
C VAL A 266 24.19 -11.88 -29.99
N ALA A 267 24.92 -10.95 -29.39
CA ALA A 267 25.73 -10.03 -30.18
C ALA A 267 26.83 -9.42 -29.31
N VAL A 268 27.90 -9.01 -29.98
CA VAL A 268 29.07 -8.43 -29.34
C VAL A 268 29.76 -7.52 -30.33
N GLY A 269 30.25 -6.37 -29.86
CA GLY A 269 30.97 -5.46 -30.74
C GLY A 269 31.90 -4.57 -29.95
N GLU A 270 32.92 -4.08 -30.64
CA GLU A 270 33.89 -3.16 -30.05
C GLU A 270 33.86 -1.82 -30.76
N SER A 271 35.04 -1.23 -30.97
CA SER A 271 35.19 -0.01 -31.75
C SER A 271 35.43 -0.29 -33.23
N ASP A 272 35.15 -1.51 -33.68
CA ASP A 272 35.32 -1.90 -35.08
C ASP A 272 34.03 -2.38 -35.71
N GLY A 273 33.70 -3.66 -35.52
CA GLY A 273 32.52 -4.24 -36.12
C GLY A 273 31.54 -4.80 -35.12
N SER A 274 30.69 -5.73 -35.56
CA SER A 274 29.70 -6.36 -34.70
C SER A 274 29.64 -7.85 -35.02
N ILE A 275 28.81 -8.58 -34.28
CA ILE A 275 28.69 -10.02 -34.41
C ILE A 275 27.21 -10.41 -34.43
N TRP A 276 26.85 -11.28 -35.37
CA TRP A 276 25.50 -11.84 -35.46
C TRP A 276 25.52 -13.31 -35.06
N ASN A 277 24.55 -13.69 -34.23
CA ASN A 277 24.30 -15.10 -33.91
C ASN A 277 23.05 -15.22 -33.06
N PRO A 278 21.93 -15.66 -33.64
CA PRO A 278 20.73 -15.90 -32.82
C PRO A 278 20.84 -17.14 -31.93
N ASP A 279 21.84 -18.01 -32.13
CA ASP A 279 22.00 -19.20 -31.30
C ASP A 279 22.72 -18.92 -29.99
N GLY A 280 23.39 -17.76 -29.87
CA GLY A 280 24.06 -17.41 -28.64
C GLY A 280 25.55 -17.72 -28.63
N ILE A 281 26.39 -16.70 -28.84
CA ILE A 281 27.83 -16.94 -28.87
C ILE A 281 28.32 -17.35 -27.49
N ASP A 282 29.52 -17.90 -27.47
CA ASP A 282 30.09 -18.45 -26.25
C ASP A 282 31.37 -17.70 -25.91
N PRO A 283 31.44 -17.00 -24.77
CA PRO A 283 32.66 -16.26 -24.44
C PRO A 283 33.83 -17.17 -24.10
N LYS A 284 33.57 -18.39 -23.62
CA LYS A 284 34.67 -19.31 -23.33
C LYS A 284 35.33 -19.85 -24.60
N GLU A 285 34.96 -19.31 -25.76
CA GLU A 285 35.63 -19.59 -27.03
C GLU A 285 36.25 -18.36 -27.64
N LEU A 286 35.51 -17.24 -27.69
CA LEU A 286 35.99 -16.00 -28.26
C LEU A 286 36.67 -15.09 -27.24
N GLU A 287 37.07 -15.62 -26.09
CA GLU A 287 37.83 -14.79 -25.14
C GLU A 287 39.29 -14.68 -25.53
N ASP A 288 39.86 -15.70 -26.17
CA ASP A 288 41.21 -15.63 -26.72
C ASP A 288 41.26 -14.85 -28.03
N PHE A 289 40.49 -13.76 -28.11
CA PHE A 289 40.45 -12.92 -29.29
C PHE A 289 41.04 -11.54 -29.04
N LYS A 290 41.51 -11.24 -27.83
CA LYS A 290 42.18 -9.98 -27.59
C LYS A 290 43.64 -10.03 -28.03
N LEU A 291 44.56 -10.05 -27.06
CA LEU A 291 45.99 -9.93 -27.38
C LEU A 291 46.59 -11.20 -27.99
N GLN A 292 45.75 -12.17 -28.39
CA GLN A 292 46.24 -13.25 -29.23
C GLN A 292 46.68 -12.70 -30.59
N HIS A 293 45.76 -12.04 -31.28
CA HIS A 293 46.07 -11.25 -32.47
C HIS A 293 46.04 -9.76 -32.18
N GLY A 294 44.96 -9.29 -31.55
CA GLY A 294 44.82 -7.88 -31.22
C GLY A 294 43.39 -7.41 -31.13
N THR A 295 42.71 -7.31 -32.28
CA THR A 295 41.40 -6.71 -32.37
C THR A 295 40.35 -7.75 -32.76
N ILE A 296 39.08 -7.40 -32.51
CA ILE A 296 37.96 -8.30 -32.75
C ILE A 296 37.52 -8.18 -34.21
N LEU A 297 36.82 -9.21 -34.68
CA LEU A 297 36.23 -9.24 -36.01
C LEU A 297 35.34 -10.46 -36.16
N GLY A 298 35.65 -11.52 -35.40
CA GLY A 298 34.82 -12.71 -35.31
C GLY A 298 35.29 -13.87 -36.17
N PHE A 299 35.28 -15.11 -35.65
CA PHE A 299 35.47 -16.18 -36.62
C PHE A 299 34.45 -17.31 -36.48
N PRO A 300 34.44 -18.17 -35.41
CA PRO A 300 33.58 -19.36 -35.48
C PRO A 300 32.18 -19.06 -34.98
N LYS A 301 31.17 -19.19 -35.83
CA LYS A 301 29.80 -18.75 -35.52
C LYS A 301 29.73 -17.26 -35.22
N ALA A 302 30.82 -16.53 -35.45
CA ALA A 302 30.89 -15.09 -35.19
C ALA A 302 31.03 -14.39 -36.54
N LYS A 303 29.89 -14.10 -37.16
CA LYS A 303 29.88 -13.42 -38.44
C LYS A 303 30.32 -11.97 -38.27
N ILE A 304 30.56 -11.31 -39.40
CA ILE A 304 30.96 -9.90 -39.42
C ILE A 304 29.70 -9.08 -39.69
N TYR A 305 29.33 -8.24 -38.73
CA TYR A 305 28.11 -7.46 -38.82
C TYR A 305 28.39 -5.96 -38.92
N GLU A 306 27.51 -5.28 -39.64
CA GLU A 306 27.56 -3.85 -39.87
C GLU A 306 26.23 -3.25 -39.45
N GLY A 307 26.13 -1.93 -39.50
CA GLY A 307 24.93 -1.26 -39.03
C GLY A 307 25.19 -0.56 -37.71
N SER A 308 24.93 -1.25 -36.61
CA SER A 308 25.36 -0.76 -35.29
C SER A 308 25.57 -1.95 -34.37
N ILE A 309 25.36 -1.73 -33.08
CA ILE A 309 25.33 -2.81 -32.09
C ILE A 309 24.07 -2.78 -31.26
N LEU A 310 23.36 -1.65 -31.21
CA LEU A 310 22.20 -1.49 -30.35
C LEU A 310 20.92 -1.98 -31.02
N GLU A 311 20.69 -1.59 -32.28
CA GLU A 311 19.43 -1.88 -32.95
C GLU A 311 19.22 -3.37 -33.18
N VAL A 312 20.20 -4.22 -32.85
CA VAL A 312 20.04 -5.65 -32.99
C VAL A 312 18.96 -6.13 -32.04
N ASP A 313 18.03 -6.93 -32.57
CA ASP A 313 16.96 -7.52 -31.76
C ASP A 313 17.55 -8.30 -30.59
N CYS A 314 17.09 -7.96 -29.38
CA CYS A 314 17.71 -8.47 -28.16
C CYS A 314 16.75 -8.28 -26.98
N ASP A 315 17.24 -8.61 -25.79
CA ASP A 315 16.47 -8.41 -24.55
C ASP A 315 17.18 -7.51 -23.56
N ILE A 316 18.46 -7.76 -23.25
CA ILE A 316 19.21 -6.95 -22.29
C ILE A 316 20.35 -6.24 -23.03
N LEU A 317 20.30 -4.91 -23.04
CA LEU A 317 21.32 -4.10 -23.69
C LEU A 317 22.22 -3.46 -22.65
N ILE A 318 23.53 -3.67 -22.80
CA ILE A 318 24.51 -3.09 -21.88
C ILE A 318 25.53 -2.25 -22.63
N PRO A 319 25.41 -0.92 -22.61
CA PRO A 319 26.47 -0.07 -23.18
C PRO A 319 27.68 0.02 -22.26
N ALA A 320 28.75 -0.72 -22.57
CA ALA A 320 29.88 -0.82 -21.66
C ALA A 320 31.20 -0.39 -22.30
N ALA A 321 31.21 0.79 -22.92
CA ALA A 321 32.45 1.32 -23.50
C ALA A 321 32.60 2.80 -23.18
N SER A 322 32.46 3.65 -24.21
CA SER A 322 32.59 5.09 -24.04
C SER A 322 31.30 5.67 -23.47
N GLU A 323 31.08 6.96 -23.69
CA GLU A 323 29.99 7.68 -23.05
C GLU A 323 29.05 8.27 -24.10
N LYS A 324 27.75 8.24 -23.79
CA LYS A 324 26.68 8.73 -24.65
C LYS A 324 26.66 8.05 -26.01
N GLN A 325 26.01 6.90 -26.08
CA GLN A 325 25.59 6.27 -27.34
C GLN A 325 24.08 6.16 -27.43
N LEU A 326 23.35 6.96 -26.65
CA LEU A 326 21.88 6.93 -26.62
C LEU A 326 21.37 8.37 -26.63
N THR A 327 20.97 8.84 -27.80
CA THR A 327 20.43 10.19 -27.96
C THR A 327 19.26 10.10 -28.93
N LYS A 328 18.84 11.23 -29.49
CA LYS A 328 17.70 11.24 -30.40
C LYS A 328 17.97 10.45 -31.67
N SER A 329 19.25 10.25 -32.03
CA SER A 329 19.62 9.56 -33.26
C SER A 329 19.41 8.06 -33.19
N ASN A 330 19.05 7.50 -32.03
CA ASN A 330 18.88 6.06 -31.90
C ASN A 330 17.96 5.67 -30.76
N ALA A 331 17.50 6.65 -29.96
CA ALA A 331 16.58 6.33 -28.87
C ALA A 331 15.25 5.77 -29.36
N PRO A 332 14.56 6.39 -30.34
CA PRO A 332 13.32 5.77 -30.83
C PRO A 332 13.54 4.44 -31.53
N ARG A 333 14.79 4.02 -31.72
CA ARG A 333 15.10 2.76 -32.39
C ARG A 333 15.36 1.70 -31.32
N VAL A 334 16.28 0.76 -31.59
CA VAL A 334 16.70 -0.28 -30.64
C VAL A 334 15.52 -1.17 -30.22
N LYS A 335 15.49 -2.39 -30.74
CA LYS A 335 14.44 -3.36 -30.42
C LYS A 335 14.83 -4.11 -29.14
N ALA A 336 14.66 -3.43 -28.00
CA ALA A 336 15.00 -4.02 -26.71
C ALA A 336 13.93 -3.68 -25.69
N LYS A 337 14.06 -4.28 -24.50
CA LYS A 337 13.09 -4.12 -23.42
C LYS A 337 13.68 -3.72 -22.08
N ILE A 338 14.95 -4.03 -21.80
CA ILE A 338 15.58 -3.66 -20.53
C ILE A 338 17.04 -3.29 -20.80
N ILE A 339 17.42 -2.06 -20.46
CA ILE A 339 18.75 -1.53 -20.70
C ILE A 339 19.47 -1.39 -19.37
N ALA A 340 20.67 -1.94 -19.28
CA ALA A 340 21.52 -1.82 -18.11
C ALA A 340 22.77 -1.04 -18.49
N GLU A 341 23.13 -0.05 -17.67
CA GLU A 341 24.22 0.87 -17.99
C GLU A 341 25.51 0.42 -17.32
N GLY A 342 26.50 0.08 -18.14
CA GLY A 342 27.79 -0.35 -17.63
C GLY A 342 28.90 0.67 -17.82
N ALA A 343 28.72 1.59 -18.76
CA ALA A 343 29.63 2.71 -18.95
C ALA A 343 29.10 3.94 -18.22
N ASN A 344 29.95 4.95 -18.09
CA ASN A 344 29.62 6.14 -17.33
C ASN A 344 28.77 7.06 -18.20
N GLY A 345 27.46 7.06 -17.94
CA GLY A 345 26.52 7.92 -18.62
C GLY A 345 26.43 7.72 -20.12
N PRO A 346 26.05 6.52 -20.57
CA PRO A 346 25.80 6.33 -22.00
C PRO A 346 24.46 6.85 -22.46
N THR A 347 23.52 7.09 -21.55
CA THR A 347 22.20 7.59 -21.89
C THR A 347 22.11 9.08 -21.55
N THR A 348 21.41 9.84 -22.40
CA THR A 348 21.21 11.26 -22.24
C THR A 348 19.76 11.58 -21.88
N PRO A 349 19.50 12.73 -21.24
CA PRO A 349 18.10 13.10 -20.96
C PRO A 349 17.27 13.29 -22.21
N GLU A 350 17.92 13.42 -23.37
CA GLU A 350 17.22 13.42 -24.65
C GLU A 350 16.50 12.10 -24.89
N ALA A 351 17.11 10.99 -24.46
CA ALA A 351 16.62 9.64 -24.75
C ALA A 351 15.74 9.06 -23.66
N ASP A 352 15.86 9.55 -22.43
CA ASP A 352 15.11 8.97 -21.31
C ASP A 352 13.61 9.12 -21.52
N LYS A 353 13.14 10.36 -21.71
CA LYS A 353 11.72 10.58 -21.97
C LYS A 353 11.25 9.89 -23.24
N ILE A 354 12.16 9.40 -24.07
CA ILE A 354 11.78 8.54 -25.19
C ILE A 354 11.64 7.09 -24.71
N PHE A 355 12.60 6.60 -23.92
CA PHE A 355 12.50 5.24 -23.39
C PHE A 355 11.35 5.13 -22.40
N LEU A 356 11.18 6.13 -21.54
CA LEU A 356 10.15 6.07 -20.51
C LEU A 356 8.76 6.02 -21.14
N GLU A 357 8.56 6.72 -22.26
CA GLU A 357 7.27 6.75 -22.92
C GLU A 357 6.97 5.47 -23.72
N ARG A 358 7.95 4.61 -23.92
CA ARG A 358 7.76 3.35 -24.63
C ARG A 358 7.88 2.15 -23.70
N ASN A 359 7.93 2.38 -22.38
CA ASN A 359 8.01 1.33 -21.36
C ASN A 359 9.30 0.51 -21.53
N ILE A 360 10.42 1.17 -21.23
CA ILE A 360 11.75 0.58 -21.37
C ILE A 360 12.48 0.71 -20.04
N MET A 361 13.04 -0.41 -19.57
CA MET A 361 13.82 -0.43 -18.33
C MET A 361 15.23 0.07 -18.61
N VAL A 362 15.58 1.25 -18.08
CA VAL A 362 16.96 1.71 -18.12
C VAL A 362 17.55 1.65 -16.72
N ILE A 363 18.23 0.56 -16.42
CA ILE A 363 18.91 0.44 -15.12
C ILE A 363 20.06 1.44 -15.08
N PRO A 364 20.15 2.29 -14.06
CA PRO A 364 21.10 3.41 -14.12
C PRO A 364 22.54 2.95 -13.89
N ASP A 365 23.46 3.68 -14.52
CA ASP A 365 24.88 3.54 -14.21
C ASP A 365 25.17 3.89 -12.76
N LEU A 366 24.43 4.86 -12.21
CA LEU A 366 24.58 5.23 -10.80
C LEU A 366 24.46 4.04 -9.86
N TYR A 367 23.87 2.95 -10.32
CA TYR A 367 23.72 1.75 -9.51
C TYR A 367 24.35 0.50 -10.11
N LEU A 368 24.37 0.36 -11.44
CA LEU A 368 24.71 -0.93 -12.03
C LEU A 368 26.20 -1.24 -11.92
N ASN A 369 27.05 -0.32 -12.36
CA ASN A 369 28.49 -0.54 -12.32
C ASN A 369 29.14 0.04 -11.06
N ALA A 370 28.37 0.26 -10.01
CA ALA A 370 28.91 0.67 -8.73
C ALA A 370 29.55 -0.49 -7.97
N GLY A 371 29.69 -1.65 -8.61
CA GLY A 371 30.33 -2.80 -8.01
C GLY A 371 31.85 -2.70 -8.04
N GLY A 372 32.39 -2.20 -9.14
CA GLY A 372 33.84 -2.08 -9.27
C GLY A 372 34.46 -1.28 -8.15
N VAL A 373 33.83 -0.16 -7.77
CA VAL A 373 34.31 0.64 -6.66
C VAL A 373 33.86 0.07 -5.32
N THR A 374 32.79 -0.72 -5.30
CA THR A 374 32.42 -1.44 -4.08
C THR A 374 33.52 -2.42 -3.68
N VAL A 375 34.07 -3.13 -4.68
CA VAL A 375 35.23 -3.99 -4.42
C VAL A 375 36.45 -3.14 -4.10
N SER A 376 36.67 -2.08 -4.87
CA SER A 376 37.81 -1.21 -4.63
C SER A 376 37.78 -0.63 -3.22
N TYR A 377 36.60 -0.26 -2.74
CA TYR A 377 36.48 0.19 -1.35
C TYR A 377 36.94 -0.90 -0.39
N PHE A 378 36.61 -2.16 -0.69
CA PHE A 378 37.11 -3.27 0.12
C PHE A 378 38.62 -3.33 0.08
N GLU A 379 39.22 -3.02 -1.08
CA GLU A 379 40.66 -3.09 -1.23
C GLU A 379 41.37 -2.03 -0.40
N TRP A 380 40.81 -0.81 -0.37
CA TRP A 380 41.32 0.23 0.52
C TRP A 380 41.36 -0.27 1.96
N LEU A 381 40.32 -1.00 2.37
CA LEU A 381 40.21 -1.47 3.75
C LEU A 381 41.16 -2.62 4.04
N LYS A 382 41.61 -3.34 3.01
CA LYS A 382 42.58 -4.41 3.21
C LYS A 382 43.93 -3.84 3.63
N ASN A 383 44.51 -2.98 2.79
CA ASN A 383 45.81 -2.40 3.11
C ASN A 383 45.77 -1.62 4.41
N LEU A 384 44.60 -1.09 4.77
CA LEU A 384 44.44 -0.48 6.08
C LEU A 384 44.34 -1.54 7.19
N ASN A 385 43.74 -2.69 6.89
CA ASN A 385 43.74 -3.80 7.83
C ASN A 385 45.05 -4.58 7.79
N HIS A 386 45.85 -4.39 6.73
CA HIS A 386 47.13 -5.09 6.53
C HIS A 386 46.98 -6.61 6.68
N VAL A 387 45.78 -7.14 6.39
CA VAL A 387 45.55 -8.58 6.38
C VAL A 387 44.56 -8.89 5.28
N SER A 388 44.72 -10.08 4.69
CA SER A 388 43.73 -10.57 3.73
C SER A 388 42.51 -11.09 4.48
N TYR A 389 41.34 -10.87 3.91
CA TYR A 389 40.09 -11.14 4.62
C TYR A 389 39.97 -12.62 4.95
N GLY A 390 39.67 -12.92 6.21
CA GLY A 390 39.59 -14.30 6.68
C GLY A 390 40.92 -14.93 7.02
N ARG A 391 41.99 -14.15 7.13
CA ARG A 391 43.33 -14.69 7.29
C ARG A 391 43.50 -15.46 8.60
N LEU A 392 42.69 -15.15 9.62
CA LEU A 392 42.78 -15.82 10.90
C LEU A 392 41.51 -16.56 11.29
N THR A 393 40.37 -16.21 10.70
CA THR A 393 39.06 -16.68 11.14
C THR A 393 38.44 -17.66 10.15
N PHE A 394 39.27 -18.52 9.54
CA PHE A 394 38.75 -19.61 8.73
C PHE A 394 38.75 -20.89 9.55
N LYS A 395 39.93 -21.37 9.93
CA LYS A 395 40.03 -22.59 10.73
C LYS A 395 39.26 -22.46 12.03
N TYR A 396 39.17 -21.25 12.60
CA TYR A 396 38.34 -21.09 13.79
C TYR A 396 36.86 -21.30 13.46
N GLU A 397 36.41 -20.81 12.31
CA GLU A 397 35.01 -21.01 11.94
C GLU A 397 34.75 -22.43 11.48
N ARG A 398 35.64 -22.97 10.63
CA ARG A 398 35.44 -24.32 10.12
C ARG A 398 35.45 -25.35 11.24
N ASP A 399 36.34 -25.19 12.22
CA ASP A 399 36.29 -26.06 13.39
C ASP A 399 35.06 -25.79 14.25
N SER A 400 34.55 -24.55 14.21
CA SER A 400 33.35 -24.23 14.98
C SER A 400 32.12 -24.89 14.37
N ASN A 401 32.07 -25.01 13.04
CA ASN A 401 30.92 -25.64 12.40
C ASN A 401 30.92 -27.15 12.61
N TYR A 402 32.07 -27.80 12.48
CA TYR A 402 32.12 -29.25 12.63
C TYR A 402 31.76 -29.68 14.04
N HIS A 403 32.11 -28.88 15.06
CA HIS A 403 31.65 -29.19 16.41
C HIS A 403 30.15 -28.94 16.55
N LEU A 404 29.61 -27.98 15.81
CA LEU A 404 28.16 -27.81 15.79
C LEU A 404 27.48 -29.06 15.24
N LEU A 405 27.92 -29.51 14.06
CA LEU A 405 27.31 -30.69 13.45
C LEU A 405 27.51 -31.93 14.31
N MET A 406 28.61 -31.98 15.07
CA MET A 406 28.80 -33.05 16.05
C MET A 406 27.90 -32.86 17.26
N SER A 407 27.60 -31.62 17.63
CA SER A 407 26.75 -31.36 18.77
C SER A 407 25.30 -31.77 18.50
N VAL A 408 24.85 -31.65 17.25
CA VAL A 408 23.52 -32.12 16.88
C VAL A 408 23.45 -33.64 16.99
N GLN A 409 24.45 -34.33 16.44
CA GLN A 409 24.51 -35.78 16.42
C GLN A 409 24.34 -36.38 17.81
N GLU A 410 25.31 -36.11 18.69
CA GLU A 410 25.31 -36.71 20.02
C GLU A 410 24.07 -36.35 20.82
N SER A 411 23.48 -35.18 20.54
CA SER A 411 22.20 -34.83 21.17
C SER A 411 21.07 -35.69 20.63
N LEU A 412 21.05 -35.93 19.32
CA LEU A 412 20.01 -36.75 18.73
C LEU A 412 20.24 -38.24 19.00
N GLU A 413 21.48 -38.65 19.17
CA GLU A 413 21.78 -40.03 19.50
C GLU A 413 21.55 -40.34 20.98
N ARG A 414 20.94 -39.43 21.74
CA ARG A 414 20.61 -39.70 23.14
C ARG A 414 19.12 -39.82 23.40
N LYS A 415 18.26 -39.18 22.60
CA LYS A 415 16.86 -39.55 22.56
C LYS A 415 16.62 -40.83 21.78
N PHE A 416 17.67 -41.38 21.17
CA PHE A 416 17.60 -42.57 20.34
C PHE A 416 18.62 -43.57 20.88
N GLY A 417 18.13 -44.70 21.36
CA GLY A 417 18.89 -45.63 22.19
C GLY A 417 20.32 -45.98 21.82
N LYS A 418 20.62 -46.06 20.52
CA LYS A 418 21.93 -46.49 20.05
C LYS A 418 22.77 -45.29 19.60
N HIS A 419 24.05 -45.32 19.95
CA HIS A 419 24.99 -44.24 19.65
C HIS A 419 25.79 -44.62 18.39
N GLY A 420 25.36 -44.12 17.24
CA GLY A 420 26.14 -44.34 16.04
C GLY A 420 25.38 -44.16 14.74
N GLY A 421 24.08 -44.42 14.78
CA GLY A 421 23.26 -44.34 13.58
C GLY A 421 23.29 -42.99 12.91
N THR A 422 22.84 -41.96 13.62
CA THR A 422 22.66 -40.64 13.02
C THR A 422 23.97 -40.09 12.48
N ILE A 423 23.90 -39.44 11.33
CA ILE A 423 25.09 -38.96 10.63
C ILE A 423 24.92 -37.55 10.09
N PRO A 424 24.65 -36.55 10.94
CA PRO A 424 24.59 -35.17 10.45
C PRO A 424 25.94 -34.50 10.27
N ILE A 425 27.05 -35.20 10.55
CA ILE A 425 28.37 -34.59 10.46
C ILE A 425 28.66 -34.11 9.04
N VAL A 426 28.11 -34.76 8.04
CA VAL A 426 28.43 -34.39 6.66
C VAL A 426 27.51 -33.24 6.23
N PRO A 427 28.07 -32.13 5.77
CA PRO A 427 27.23 -31.01 5.31
C PRO A 427 26.97 -31.06 3.81
N THR A 428 26.11 -30.19 3.29
CA THR A 428 25.70 -30.30 1.90
C THR A 428 26.89 -30.17 0.96
N ALA A 429 26.76 -30.79 -0.22
CA ALA A 429 27.85 -30.80 -1.19
C ALA A 429 28.34 -29.40 -1.50
N GLU A 430 27.42 -28.43 -1.59
CA GLU A 430 27.80 -27.05 -1.81
C GLU A 430 28.59 -26.49 -0.62
N PHE A 431 28.01 -26.59 0.58
CA PHE A 431 28.67 -26.08 1.78
C PHE A 431 30.03 -26.76 2.01
N GLN A 432 30.12 -28.06 1.73
CA GLN A 432 31.38 -28.77 1.92
C GLN A 432 32.50 -28.13 1.12
N ASP A 433 32.19 -27.70 -0.12
CA ASP A 433 33.22 -27.05 -0.94
C ASP A 433 33.54 -25.65 -0.42
N ARG A 434 32.55 -24.97 0.17
CA ARG A 434 32.74 -23.59 0.60
C ARG A 434 33.83 -23.48 1.66
N ILE A 435 33.86 -24.42 2.60
CA ILE A 435 34.95 -24.45 3.58
C ILE A 435 36.19 -25.13 3.02
N SER A 436 36.04 -25.96 1.98
CA SER A 436 37.20 -26.57 1.34
C SER A 436 37.94 -25.54 0.49
N GLY A 437 37.23 -24.82 -0.36
CA GLY A 437 37.82 -23.76 -1.17
C GLY A 437 37.71 -22.40 -0.50
N ALA A 438 37.70 -22.39 0.83
CA ALA A 438 37.59 -21.15 1.59
C ALA A 438 38.79 -20.26 1.32
N SER A 439 38.53 -19.09 0.75
CA SER A 439 39.58 -18.14 0.40
C SER A 439 39.06 -16.72 0.58
N GLU A 440 39.95 -15.75 0.35
CA GLU A 440 39.59 -14.36 0.58
C GLU A 440 38.54 -13.89 -0.41
N LYS A 441 38.59 -14.39 -1.66
CA LYS A 441 37.62 -13.93 -2.66
C LYS A 441 36.19 -14.32 -2.29
N ASP A 442 36.03 -15.38 -1.49
CA ASP A 442 34.69 -15.77 -1.04
C ASP A 442 34.05 -14.65 -0.21
N ILE A 443 34.85 -13.93 0.57
CA ILE A 443 34.35 -12.85 1.39
C ILE A 443 34.10 -11.60 0.56
N VAL A 444 34.94 -11.37 -0.45
CA VAL A 444 34.77 -10.22 -1.32
C VAL A 444 33.44 -10.30 -2.06
N HIS A 445 33.12 -11.48 -2.60
CA HIS A 445 31.93 -11.62 -3.44
C HIS A 445 30.65 -11.35 -2.65
N SER A 446 30.49 -12.03 -1.50
CA SER A 446 29.30 -11.82 -0.68
C SER A 446 29.20 -10.35 -0.24
N GLY A 447 30.32 -9.77 0.19
CA GLY A 447 30.31 -8.36 0.55
C GLY A 447 29.89 -7.46 -0.59
N LEU A 448 30.15 -7.87 -1.82
CA LEU A 448 29.69 -7.09 -2.98
C LEU A 448 28.17 -7.18 -3.12
N ALA A 449 27.60 -8.36 -2.85
CA ALA A 449 26.16 -8.56 -3.05
C ALA A 449 25.34 -7.80 -2.01
N TYR A 450 25.55 -8.12 -0.73
CA TYR A 450 24.89 -7.44 0.38
C TYR A 450 24.88 -5.93 0.19
N THR A 451 26.00 -5.37 -0.28
CA THR A 451 26.02 -3.97 -0.68
C THR A 451 25.04 -3.73 -1.84
N MET A 452 25.13 -4.57 -2.88
CA MET A 452 24.35 -4.32 -4.09
C MET A 452 22.88 -4.66 -3.88
N GLU A 453 22.61 -5.82 -3.27
CA GLU A 453 21.22 -6.26 -3.10
C GLU A 453 20.44 -5.30 -2.22
N ARG A 454 21.03 -4.90 -1.09
CA ARG A 454 20.38 -3.92 -0.23
C ARG A 454 20.29 -2.55 -0.90
N SER A 455 21.26 -2.19 -1.73
CA SER A 455 21.20 -0.91 -2.43
C SER A 455 20.03 -0.86 -3.40
N ALA A 456 19.76 -1.96 -4.10
CA ALA A 456 18.58 -2.03 -4.95
C ALA A 456 17.32 -1.78 -4.14
N ARG A 457 17.25 -2.35 -2.93
CA ARG A 457 16.15 -2.06 -2.03
C ARG A 457 16.04 -0.58 -1.72
N GLN A 458 17.19 0.10 -1.58
CA GLN A 458 17.18 1.53 -1.31
C GLN A 458 16.64 2.33 -2.49
N ILE A 459 16.79 1.82 -3.71
CA ILE A 459 16.28 2.52 -4.89
C ILE A 459 14.81 2.18 -5.14
N MET A 460 14.49 0.88 -5.09
CA MET A 460 13.11 0.44 -5.35
C MET A 460 12.13 0.99 -4.32
N ARG A 461 12.62 1.47 -3.18
CA ARG A 461 11.79 2.10 -2.16
C ARG A 461 11.62 3.60 -2.42
N THR A 462 12.74 4.29 -2.69
CA THR A 462 12.66 5.69 -3.09
C THR A 462 12.00 5.88 -4.44
N ALA A 463 11.87 4.81 -5.23
CA ALA A 463 11.14 4.86 -6.49
C ALA A 463 9.65 4.65 -6.30
N MET A 464 9.25 3.76 -5.39
CA MET A 464 7.85 3.55 -5.07
C MET A 464 7.31 4.57 -4.07
N LYS A 465 8.02 5.67 -3.89
CA LYS A 465 7.51 6.83 -3.17
C LYS A 465 7.11 7.97 -4.10
N TYR A 466 7.71 8.05 -5.29
CA TYR A 466 7.53 9.17 -6.20
C TYR A 466 6.94 8.75 -7.54
N ASN A 467 6.49 7.50 -7.67
CA ASN A 467 5.80 7.03 -8.86
C ASN A 467 6.66 7.20 -10.11
N LEU A 468 7.98 7.03 -9.95
CA LEU A 468 8.86 7.10 -11.11
C LEU A 468 8.83 5.82 -11.93
N GLY A 469 8.61 4.68 -11.28
CA GLY A 469 8.36 3.43 -11.98
C GLY A 469 9.51 2.92 -12.84
N LEU A 470 9.64 3.47 -14.05
CA LEU A 470 10.61 2.99 -15.02
C LEU A 470 11.79 3.93 -15.20
N ASP A 471 11.71 5.16 -14.71
CA ASP A 471 12.84 6.09 -14.76
C ASP A 471 13.66 5.94 -13.48
N LEU A 472 14.34 4.78 -13.39
CA LEU A 472 15.20 4.51 -12.24
C LEU A 472 16.36 5.50 -12.18
N ARG A 473 16.76 6.06 -13.33
CA ARG A 473 17.83 7.03 -13.36
C ARG A 473 17.57 8.18 -12.38
N THR A 474 16.47 8.91 -12.59
CA THR A 474 16.11 9.96 -11.65
C THR A 474 15.74 9.42 -10.28
N ALA A 475 15.45 8.12 -10.16
CA ALA A 475 15.24 7.51 -8.86
C ALA A 475 16.54 7.13 -8.18
N ALA A 476 17.64 7.06 -8.94
CA ALA A 476 18.95 6.81 -8.34
C ALA A 476 19.57 8.10 -7.83
N TYR A 477 19.64 9.13 -8.69
CA TYR A 477 20.22 10.41 -8.28
C TYR A 477 19.48 11.01 -7.10
N VAL A 478 18.15 10.85 -7.07
CA VAL A 478 17.36 11.37 -5.96
C VAL A 478 17.76 10.67 -4.66
N ASN A 479 18.27 9.45 -4.74
CA ASN A 479 18.70 8.71 -3.56
C ASN A 479 20.09 9.16 -3.10
N ALA A 480 20.98 9.42 -4.05
CA ALA A 480 22.35 9.77 -3.71
C ALA A 480 22.44 11.16 -3.10
N ILE A 481 21.64 12.11 -3.61
CA ILE A 481 21.71 13.47 -3.11
C ILE A 481 21.28 13.53 -1.64
N GLU A 482 20.34 12.66 -1.25
CA GLU A 482 19.80 12.75 0.11
C GLU A 482 20.82 12.30 1.15
N LYS A 483 21.73 11.38 0.81
CA LYS A 483 22.79 11.04 1.74
C LYS A 483 23.89 12.10 1.72
N VAL A 484 24.23 12.61 0.54
CA VAL A 484 25.22 13.68 0.45
C VAL A 484 24.75 14.91 1.20
N PHE A 485 23.46 15.24 1.09
CA PHE A 485 22.93 16.43 1.74
C PHE A 485 22.95 16.29 3.25
N ARG A 486 22.55 15.12 3.77
CA ARG A 486 22.56 14.90 5.21
C ARG A 486 23.97 14.99 5.78
N VAL A 487 24.98 14.57 5.01
CA VAL A 487 26.36 14.75 5.43
C VAL A 487 26.68 16.24 5.54
N TYR A 488 26.23 17.04 4.58
CA TYR A 488 26.50 18.47 4.62
C TYR A 488 25.72 19.16 5.73
N ASN A 489 24.48 18.73 5.98
CA ASN A 489 23.61 19.44 6.90
C ASN A 489 24.18 19.46 8.32
N GLU A 490 24.53 18.29 8.85
CA GLU A 490 24.99 18.17 10.22
C GLU A 490 26.47 18.51 10.39
N ALA A 491 27.14 18.90 9.30
CA ALA A 491 28.55 19.30 9.34
C ALA A 491 28.75 20.80 9.40
N GLY A 492 27.84 21.59 8.82
CA GLY A 492 27.84 23.03 8.99
C GLY A 492 28.77 23.77 8.04
N VAL A 493 28.70 25.10 8.16
CA VAL A 493 29.58 26.00 7.42
C VAL A 493 30.82 26.25 8.27
N THR A 494 31.95 25.68 7.86
CA THR A 494 33.20 25.85 8.59
C THR A 494 33.69 27.28 8.41
N PHE A 495 33.82 28.02 9.52
CA PHE A 495 34.31 29.38 9.50
C PHE A 495 35.82 29.33 9.69
N THR A 496 36.56 29.37 8.58
CA THR A 496 38.01 29.23 8.62
C THR A 496 38.73 30.55 8.33
N ASP B 1 81.18 -28.07 10.16
CA ASP B 1 80.85 -26.78 10.74
C ASP B 1 81.41 -25.64 9.90
N PRO B 2 80.70 -24.50 9.88
CA PRO B 2 81.14 -23.37 9.06
C PRO B 2 81.84 -22.28 9.85
N ASN B 3 82.26 -21.22 9.13
CA ASN B 3 82.99 -20.09 9.71
C ASN B 3 82.05 -18.95 10.13
N PHE B 4 80.81 -19.25 10.47
CA PHE B 4 79.85 -18.31 11.04
C PHE B 4 79.45 -17.21 10.05
N PHE B 5 79.99 -17.21 8.84
CA PHE B 5 79.77 -16.15 7.86
C PHE B 5 78.61 -16.48 6.92
N LYS B 6 78.92 -16.62 5.63
CA LYS B 6 77.91 -16.81 4.59
C LYS B 6 77.20 -18.15 4.74
N MET B 7 76.55 -18.35 5.89
CA MET B 7 75.89 -19.63 6.16
C MET B 7 74.74 -19.87 5.20
N VAL B 8 73.92 -18.83 4.97
CA VAL B 8 72.76 -18.98 4.10
C VAL B 8 73.10 -18.73 2.64
N GLU B 9 74.11 -17.88 2.36
CA GLU B 9 74.45 -17.53 0.98
C GLU B 9 74.57 -18.75 0.09
N GLY B 10 75.02 -19.88 0.64
CA GLY B 10 74.97 -21.12 -0.11
C GLY B 10 73.54 -21.52 -0.44
N PHE B 11 72.64 -21.45 0.55
CA PHE B 11 71.27 -21.92 0.36
C PHE B 11 70.56 -21.14 -0.75
N PHE B 12 70.84 -19.84 -0.85
CA PHE B 12 70.24 -19.03 -1.90
C PHE B 12 70.70 -19.52 -3.28
N ASP B 13 71.99 -19.37 -3.56
CA ASP B 13 72.56 -19.86 -4.82
C ASP B 13 72.13 -21.29 -5.08
N ARG B 14 72.01 -22.10 -4.03
CA ARG B 14 71.47 -23.45 -4.16
C ARG B 14 70.05 -23.43 -4.71
N GLY B 15 69.19 -22.59 -4.13
CA GLY B 15 67.83 -22.46 -4.63
C GLY B 15 67.75 -21.58 -5.86
N ALA B 16 68.62 -20.57 -5.92
CA ALA B 16 68.60 -19.62 -7.03
C ALA B 16 68.70 -20.32 -8.38
N SER B 17 69.64 -21.26 -8.50
CA SER B 17 69.86 -21.92 -9.77
C SER B 17 68.62 -22.67 -10.25
N ILE B 18 67.80 -23.15 -9.32
CA ILE B 18 66.67 -24.01 -9.69
C ILE B 18 65.54 -23.19 -10.32
N VAL B 19 65.21 -22.04 -9.75
CA VAL B 19 64.07 -21.26 -10.22
C VAL B 19 64.31 -20.66 -11.60
N GLU B 20 65.56 -20.61 -12.05
CA GLU B 20 65.92 -19.97 -13.31
C GLU B 20 64.98 -20.35 -14.45
N ASP B 21 64.69 -21.65 -14.58
CA ASP B 21 63.90 -22.13 -15.71
C ASP B 21 62.46 -21.63 -15.65
N LYS B 22 61.69 -22.03 -14.65
CA LYS B 22 60.28 -21.66 -14.61
C LYS B 22 60.11 -20.15 -14.58
N LEU B 23 61.09 -19.42 -14.02
CA LEU B 23 60.96 -17.98 -13.87
C LEU B 23 60.80 -17.28 -15.23
N VAL B 24 61.72 -17.56 -16.16
CA VAL B 24 61.55 -17.02 -17.51
C VAL B 24 60.37 -17.71 -18.20
N GLU B 25 60.10 -18.97 -17.87
CA GLU B 25 58.92 -19.65 -18.37
C GLU B 25 57.65 -18.96 -17.85
N ASP B 26 57.58 -18.75 -16.53
CA ASP B 26 56.46 -18.05 -15.93
C ASP B 26 56.35 -16.60 -16.41
N LEU B 27 57.44 -16.03 -16.92
CA LEU B 27 57.42 -14.64 -17.35
C LEU B 27 56.63 -14.50 -18.64
N LYS B 28 55.55 -13.73 -18.58
CA LYS B 28 54.67 -13.44 -19.71
C LYS B 28 54.69 -11.94 -19.95
N THR B 29 55.63 -11.48 -20.77
CA THR B 29 55.68 -10.09 -21.20
C THR B 29 56.18 -10.07 -22.64
N ARG B 30 56.27 -8.88 -23.22
CA ARG B 30 56.78 -8.73 -24.57
C ARG B 30 58.30 -8.62 -24.63
N GLU B 31 58.99 -9.03 -23.57
CA GLU B 31 60.44 -9.17 -23.59
C GLU B 31 60.82 -10.23 -24.62
N THR B 32 60.62 -11.50 -24.29
CA THR B 32 60.88 -12.65 -25.18
C THR B 32 62.28 -12.62 -25.79
N GLU B 33 63.28 -12.69 -24.93
CA GLU B 33 64.65 -12.99 -25.34
C GLU B 33 65.16 -14.18 -24.52
N GLU B 34 66.48 -14.30 -24.47
CA GLU B 34 67.17 -14.97 -23.38
C GLU B 34 67.92 -13.99 -22.51
N GLN B 35 67.92 -12.71 -22.89
CA GLN B 35 68.18 -11.62 -21.97
C GLN B 35 67.23 -11.61 -20.79
N LYS B 36 66.12 -12.37 -20.86
CA LYS B 36 65.24 -12.51 -19.71
C LYS B 36 66.00 -13.00 -18.49
N ARG B 37 66.98 -13.90 -18.69
CA ARG B 37 67.80 -14.34 -17.58
C ARG B 37 68.67 -13.21 -17.06
N ASN B 38 69.18 -12.37 -17.96
CA ASN B 38 69.92 -11.17 -17.54
C ASN B 38 69.08 -10.31 -16.61
N ARG B 39 67.80 -10.16 -16.93
CA ARG B 39 66.86 -9.49 -16.02
C ARG B 39 66.77 -10.24 -14.70
N VAL B 40 66.53 -11.54 -14.76
CA VAL B 40 66.20 -12.32 -13.56
C VAL B 40 67.44 -12.49 -12.68
N ARG B 41 68.55 -12.98 -13.25
CA ARG B 41 69.75 -13.19 -12.44
C ARG B 41 70.35 -11.89 -11.93
N GLY B 42 69.87 -10.75 -12.42
CA GLY B 42 70.21 -9.47 -11.83
C GLY B 42 69.33 -9.16 -10.64
N ILE B 43 68.03 -9.47 -10.76
CA ILE B 43 67.09 -9.22 -9.67
C ILE B 43 67.46 -10.04 -8.45
N LEU B 44 67.86 -11.30 -8.65
CA LEU B 44 68.29 -12.13 -7.52
C LEU B 44 69.52 -11.54 -6.84
N ARG B 45 70.48 -11.05 -7.63
CA ARG B 45 71.66 -10.39 -7.06
C ARG B 45 71.28 -9.14 -6.29
N ILE B 46 70.07 -8.61 -6.49
CA ILE B 46 69.55 -7.52 -5.66
C ILE B 46 69.01 -8.06 -4.35
N ILE B 47 68.52 -9.31 -4.34
CA ILE B 47 67.91 -9.88 -3.16
C ILE B 47 68.96 -10.50 -2.24
N LYS B 48 70.00 -11.09 -2.82
CA LYS B 48 71.08 -11.69 -2.03
C LYS B 48 71.59 -10.77 -0.92
N PRO B 49 71.97 -9.50 -1.17
CA PRO B 49 72.52 -8.68 -0.09
C PRO B 49 71.46 -7.82 0.59
N CYS B 50 71.65 -7.60 1.89
CA CYS B 50 70.79 -6.65 2.61
C CYS B 50 70.94 -5.27 2.00
N ASN B 51 69.81 -4.69 1.57
CA ASN B 51 69.86 -3.40 0.90
C ASN B 51 70.32 -2.29 1.84
N HIS B 52 70.03 -2.42 3.13
CA HIS B 52 70.51 -1.47 4.14
C HIS B 52 71.02 -2.23 5.34
N VAL B 53 71.97 -1.61 6.05
CA VAL B 53 72.50 -2.12 7.31
C VAL B 53 73.30 -1.04 8.02
N LEU B 54 72.90 -0.75 9.25
CA LEU B 54 73.47 0.33 10.05
C LEU B 54 74.37 -0.27 11.12
N SER B 55 75.55 0.30 11.27
CA SER B 55 76.44 0.00 12.38
C SER B 55 76.48 1.19 13.32
N LEU B 56 76.31 0.92 14.61
CA LEU B 56 76.05 1.95 15.61
C LEU B 56 77.17 1.99 16.63
N SER B 57 77.15 3.07 17.43
CA SER B 57 78.15 3.32 18.45
C SER B 57 77.68 4.45 19.35
N PHE B 58 77.11 4.12 20.50
CA PHE B 58 76.57 5.10 21.42
C PHE B 58 77.09 4.82 22.83
N PRO B 59 77.15 5.85 23.67
CA PRO B 59 77.67 5.67 25.03
C PRO B 59 76.59 5.68 26.11
N ILE B 60 76.89 5.07 27.26
CA ILE B 60 75.96 5.05 28.39
C ILE B 60 76.69 5.44 29.67
N ARG B 61 76.16 5.02 30.81
CA ARG B 61 76.73 5.38 32.10
C ARG B 61 76.37 4.29 33.11
N ARG B 62 77.34 3.46 33.47
CA ARG B 62 77.08 2.34 34.38
C ARG B 62 76.84 2.84 35.80
N ASP B 63 76.32 1.96 36.64
CA ASP B 63 75.92 2.33 38.01
C ASP B 63 77.06 2.96 38.79
N ASP B 64 78.30 2.62 38.46
CA ASP B 64 79.46 3.21 39.12
C ASP B 64 79.52 4.70 38.88
N GLY B 65 79.48 5.10 37.61
CA GLY B 65 79.73 6.48 37.23
C GLY B 65 80.68 6.49 36.05
N SER B 66 81.28 5.34 35.78
CA SER B 66 82.14 5.17 34.61
C SER B 66 81.29 5.16 33.35
N TRP B 67 81.97 5.24 32.21
CA TRP B 67 81.32 5.30 30.90
C TRP B 67 81.83 4.15 30.04
N GLU B 68 80.99 3.71 29.11
CA GLU B 68 81.33 2.57 28.27
C GLU B 68 80.71 2.75 26.90
N VAL B 69 81.54 2.66 25.86
CA VAL B 69 81.06 2.66 24.49
C VAL B 69 80.50 1.28 24.17
N ILE B 70 79.35 1.26 23.50
CA ILE B 70 78.65 0.02 23.18
C ILE B 70 78.47 -0.04 21.67
N GLU B 71 79.07 -1.05 21.05
CA GLU B 71 78.81 -1.26 19.63
C GLU B 71 77.44 -1.93 19.46
N GLY B 72 76.91 -1.82 18.25
CA GLY B 72 75.62 -2.39 17.95
C GLY B 72 75.31 -2.31 16.46
N TYR B 73 74.63 -3.34 15.95
CA TYR B 73 74.32 -3.40 14.53
C TYR B 73 72.83 -3.67 14.34
N ARG B 74 72.34 -3.30 13.16
CA ARG B 74 71.01 -3.69 12.70
C ARG B 74 70.99 -3.68 11.18
N ALA B 75 70.44 -4.74 10.59
CA ALA B 75 70.48 -4.97 9.15
C ALA B 75 69.06 -5.13 8.61
N GLN B 76 68.66 -4.24 7.71
CA GLN B 76 67.39 -4.38 7.00
C GLN B 76 67.67 -5.08 5.67
N HIS B 77 67.24 -6.34 5.56
CA HIS B 77 67.50 -7.07 4.32
C HIS B 77 66.74 -6.50 3.14
N SER B 78 65.42 -6.71 3.11
CA SER B 78 64.60 -6.33 1.97
C SER B 78 63.56 -5.29 2.39
N GLN B 79 63.15 -4.47 1.42
CA GLN B 79 62.10 -3.48 1.62
C GLN B 79 60.96 -3.66 0.63
N HIS B 80 60.79 -4.86 0.07
CA HIS B 80 59.65 -5.11 -0.81
C HIS B 80 58.34 -5.02 -0.02
N ARG B 81 58.35 -5.44 1.23
CA ARG B 81 57.21 -5.33 2.13
C ARG B 81 57.40 -4.14 3.06
N THR B 82 56.35 -3.33 3.21
CA THR B 82 56.52 -1.97 3.73
C THR B 82 57.17 -1.97 5.11
N PRO B 83 56.84 -2.88 6.06
CA PRO B 83 57.55 -2.87 7.33
C PRO B 83 58.56 -4.01 7.38
N CYS B 84 59.69 -3.79 8.04
CA CYS B 84 60.68 -4.85 8.18
C CYS B 84 60.57 -5.48 9.57
N LYS B 85 61.11 -6.68 9.69
CA LYS B 85 60.88 -7.48 10.88
C LYS B 85 62.11 -8.31 11.22
N GLY B 86 62.37 -8.43 12.52
CA GLY B 86 63.44 -9.26 13.02
C GLY B 86 63.88 -8.85 14.41
N GLY B 87 64.07 -9.84 15.28
CA GLY B 87 64.41 -9.57 16.66
C GLY B 87 65.76 -8.93 16.84
N ILE B 88 66.09 -8.67 18.10
CA ILE B 88 67.36 -8.08 18.49
C ILE B 88 68.00 -9.01 19.53
N ARG B 89 69.32 -8.95 19.64
CA ARG B 89 70.04 -9.94 20.46
C ARG B 89 71.22 -9.29 21.17
N TYR B 90 71.39 -9.66 22.43
CA TYR B 90 72.37 -9.02 23.34
C TYR B 90 73.45 -10.02 23.73
N SER B 91 74.31 -10.37 22.79
CA SER B 91 75.40 -11.30 23.08
C SER B 91 76.71 -10.76 22.51
N THR B 92 77.82 -11.16 23.14
CA THR B 92 79.12 -10.87 22.58
C THR B 92 79.30 -11.56 21.23
N ASP B 93 78.54 -12.62 20.97
CA ASP B 93 78.50 -13.27 19.66
C ASP B 93 78.20 -12.27 18.54
N VAL B 94 77.43 -11.23 18.84
CA VAL B 94 76.92 -10.28 17.85
C VAL B 94 78.03 -9.79 16.93
N SER B 95 77.88 -10.05 15.63
CA SER B 95 78.83 -9.61 14.63
C SER B 95 78.05 -9.03 13.45
N VAL B 96 78.71 -8.12 12.72
CA VAL B 96 78.09 -7.52 11.55
C VAL B 96 77.59 -8.60 10.60
N ASP B 97 78.49 -9.52 10.22
CA ASP B 97 78.14 -10.58 9.29
C ASP B 97 77.06 -11.50 9.85
N GLU B 98 76.98 -11.63 11.17
CA GLU B 98 75.94 -12.46 11.78
C GLU B 98 74.55 -11.90 11.51
N VAL B 99 74.30 -10.67 11.97
CA VAL B 99 73.00 -10.04 11.73
C VAL B 99 72.81 -9.75 10.25
N LYS B 100 73.90 -9.48 9.51
CA LYS B 100 73.82 -9.32 8.07
C LYS B 100 73.30 -10.59 7.39
N ALA B 101 73.38 -11.73 8.07
CA ALA B 101 72.85 -12.99 7.55
C ALA B 101 71.53 -13.39 8.16
N LEU B 102 71.38 -13.25 9.49
CA LEU B 102 70.14 -13.61 10.14
C LEU B 102 68.98 -12.77 9.61
N ALA B 103 69.24 -11.52 9.26
CA ALA B 103 68.21 -10.70 8.62
C ALA B 103 67.79 -11.28 7.28
N SER B 104 68.73 -11.89 6.55
CA SER B 104 68.38 -12.52 5.27
C SER B 104 67.43 -13.67 5.51
N LEU B 105 67.73 -14.53 6.49
CA LEU B 105 66.83 -15.63 6.83
C LEU B 105 65.42 -15.14 7.09
N MET B 106 65.29 -14.08 7.89
CA MET B 106 63.98 -13.59 8.29
C MET B 106 63.15 -13.10 7.10
N THR B 107 63.79 -12.72 5.99
CA THR B 107 63.05 -12.32 4.80
C THR B 107 62.31 -13.52 4.20
N TYR B 108 63.05 -14.58 3.89
CA TYR B 108 62.45 -15.76 3.28
C TYR B 108 61.56 -16.50 4.27
N LYS B 109 61.96 -16.52 5.55
CA LYS B 109 61.13 -17.13 6.59
C LYS B 109 59.73 -16.52 6.59
N CYS B 110 59.65 -15.20 6.62
CA CYS B 110 58.36 -14.53 6.51
C CYS B 110 57.80 -14.55 5.09
N ALA B 111 58.52 -15.14 4.14
CA ALA B 111 57.97 -15.33 2.80
C ALA B 111 57.33 -16.70 2.62
N VAL B 112 57.70 -17.68 3.43
CA VAL B 112 57.08 -19.00 3.34
C VAL B 112 55.66 -18.95 3.90
N VAL B 113 55.52 -18.45 5.12
CA VAL B 113 54.25 -18.44 5.84
C VAL B 113 53.36 -17.31 5.33
N ASP B 114 53.80 -16.63 4.27
CA ASP B 114 53.02 -15.58 3.60
C ASP B 114 52.72 -14.41 4.56
N VAL B 115 53.79 -13.83 5.08
CA VAL B 115 53.71 -12.70 6.01
C VAL B 115 54.30 -11.47 5.35
N PRO B 116 53.58 -10.34 5.29
CA PRO B 116 54.05 -9.17 4.53
C PRO B 116 55.05 -8.31 5.32
N PHE B 117 56.16 -8.93 5.70
CA PHE B 117 57.20 -8.26 6.46
C PHE B 117 58.52 -8.35 5.71
N GLY B 118 59.21 -7.22 5.60
CA GLY B 118 60.59 -7.23 5.15
C GLY B 118 61.50 -7.84 6.20
N GLY B 119 62.69 -8.24 5.77
CA GLY B 119 63.63 -8.92 6.64
C GLY B 119 64.57 -7.97 7.33
N ALA B 120 64.73 -8.16 8.64
CA ALA B 120 65.63 -7.33 9.43
C ALA B 120 66.13 -8.15 10.61
N LYS B 121 67.18 -7.64 11.26
CA LYS B 121 67.75 -8.24 12.46
C LYS B 121 68.74 -7.25 13.05
N ALA B 122 68.82 -7.24 14.38
CA ALA B 122 69.74 -6.35 15.06
C ALA B 122 70.50 -7.12 16.13
N GLY B 123 71.61 -6.52 16.56
CA GLY B 123 72.43 -7.09 17.61
C GLY B 123 73.16 -6.01 18.36
N VAL B 124 73.52 -6.33 19.60
CA VAL B 124 74.31 -5.45 20.46
C VAL B 124 75.39 -6.30 21.13
N LYS B 125 76.65 -5.95 20.90
CA LYS B 125 77.79 -6.74 21.36
C LYS B 125 78.07 -6.43 22.82
N ILE B 126 77.29 -7.03 23.71
CA ILE B 126 77.52 -6.98 25.15
C ILE B 126 77.17 -8.33 25.74
N ASN B 127 77.26 -8.44 27.06
CA ASN B 127 76.88 -9.63 27.80
C ASN B 127 76.00 -9.19 28.96
N PRO B 128 74.70 -9.47 28.92
CA PRO B 128 73.78 -8.87 29.90
C PRO B 128 74.07 -9.25 31.34
N LYS B 129 74.73 -10.38 31.59
CA LYS B 129 75.04 -10.77 32.97
C LYS B 129 75.91 -9.73 33.66
N ASN B 130 76.79 -9.06 32.91
CA ASN B 130 77.72 -8.10 33.50
C ASN B 130 77.09 -6.74 33.75
N TYR B 131 75.81 -6.56 33.40
CA TYR B 131 75.09 -5.31 33.66
C TYR B 131 73.89 -5.57 34.54
N THR B 132 73.60 -4.62 35.43
CA THR B 132 72.40 -4.70 36.24
C THR B 132 71.17 -4.38 35.39
N ASP B 133 69.99 -4.60 35.96
CA ASP B 133 68.75 -4.26 35.24
C ASP B 133 68.69 -2.78 34.91
N ASN B 134 68.91 -1.92 35.91
CA ASN B 134 68.90 -0.48 35.67
C ASN B 134 69.89 -0.10 34.57
N GLU B 135 71.05 -0.76 34.55
CA GLU B 135 72.02 -0.51 33.49
C GLU B 135 71.49 -0.93 32.13
N LEU B 136 70.71 -2.01 32.09
CA LEU B 136 70.26 -2.55 30.82
C LEU B 136 69.09 -1.79 30.24
N GLU B 137 68.24 -1.20 31.09
CA GLU B 137 67.17 -0.34 30.59
C GLU B 137 67.74 0.82 29.79
N LYS B 138 68.78 1.46 30.32
CA LYS B 138 69.40 2.60 29.63
C LYS B 138 69.98 2.17 28.29
N ILE B 139 70.74 1.07 28.27
CA ILE B 139 71.24 0.53 27.01
C ILE B 139 70.10 0.35 26.02
N THR B 140 69.01 -0.27 26.47
CA THR B 140 67.88 -0.52 25.57
C THR B 140 67.27 0.79 25.08
N ARG B 141 66.98 1.71 26.00
CA ARG B 141 66.24 2.92 25.63
C ARG B 141 67.03 3.77 24.65
N ARG B 142 68.34 3.92 24.87
CA ARG B 142 69.12 4.77 23.98
C ARG B 142 69.40 4.10 22.65
N PHE B 143 69.54 2.77 22.65
CA PHE B 143 69.59 2.03 21.39
C PHE B 143 68.34 2.31 20.56
N THR B 144 67.17 2.28 21.19
CA THR B 144 65.93 2.66 20.54
C THR B 144 66.05 4.04 19.90
N MET B 145 66.43 5.04 20.69
CA MET B 145 66.53 6.41 20.19
C MET B 145 67.43 6.49 18.97
N GLU B 146 68.63 5.92 19.07
CA GLU B 146 69.62 6.07 18.02
C GLU B 146 69.20 5.38 16.73
N LEU B 147 68.28 4.41 16.80
CA LEU B 147 67.78 3.79 15.58
C LEU B 147 66.67 4.61 14.93
N ALA B 148 65.94 5.40 15.72
CA ALA B 148 64.78 6.13 15.19
C ALA B 148 65.20 7.33 14.35
N LYS B 149 66.12 8.14 14.87
CA LYS B 149 66.63 9.28 14.12
C LYS B 149 67.22 8.85 12.78
N LYS B 150 67.55 7.56 12.63
CA LYS B 150 68.10 7.05 11.39
C LYS B 150 67.14 6.11 10.66
N GLY B 151 65.92 5.94 11.16
CA GLY B 151 64.89 5.21 10.44
C GLY B 151 65.01 3.70 10.42
N PHE B 152 65.23 3.09 11.59
CA PHE B 152 65.34 1.64 11.71
C PHE B 152 64.42 1.08 12.79
N ILE B 153 63.46 1.87 13.24
CA ILE B 153 62.49 1.45 14.25
C ILE B 153 61.23 2.28 14.07
N GLY B 154 60.10 1.62 13.84
CA GLY B 154 58.84 2.31 13.66
C GLY B 154 57.89 1.55 12.75
N PRO B 155 56.61 1.56 13.09
CA PRO B 155 55.61 0.83 12.30
C PRO B 155 55.59 1.31 10.86
N GLY B 156 55.45 0.36 9.93
CA GLY B 156 55.51 0.68 8.53
C GLY B 156 56.89 1.01 8.00
N VAL B 157 57.91 1.06 8.87
CA VAL B 157 59.30 1.19 8.45
C VAL B 157 60.11 -0.01 8.91
N ASP B 158 60.04 -0.33 10.21
CA ASP B 158 60.75 -1.49 10.76
C ASP B 158 60.24 -1.76 12.18
N VAL B 159 60.05 -3.04 12.49
CA VAL B 159 59.54 -3.47 13.79
C VAL B 159 60.35 -4.65 14.28
N PRO B 160 61.06 -4.54 15.41
CA PRO B 160 61.82 -5.67 15.93
C PRO B 160 61.02 -6.62 16.78
N ALA B 161 61.72 -7.47 17.52
CA ALA B 161 61.12 -8.52 18.33
C ALA B 161 62.13 -8.94 19.37
N PRO B 162 61.73 -9.73 20.36
CA PRO B 162 62.71 -10.33 21.26
C PRO B 162 63.33 -11.56 20.61
N ASP B 163 64.21 -12.21 21.36
CA ASP B 163 64.98 -13.34 20.85
C ASP B 163 65.88 -13.90 21.95
N MET B 164 67.17 -13.86 21.71
CA MET B 164 68.16 -14.42 22.62
C MET B 164 68.38 -13.48 23.79
N SER B 165 68.06 -13.94 25.00
CA SER B 165 68.24 -13.19 26.24
C SER B 165 67.55 -11.83 26.20
N THR B 166 66.55 -11.67 25.33
CA THR B 166 65.74 -10.47 25.25
C THR B 166 64.33 -10.79 25.74
N GLY B 167 63.88 -10.07 26.76
CA GLY B 167 62.61 -10.33 27.38
C GLY B 167 61.55 -9.30 27.00
N GLU B 168 60.32 -9.59 27.43
CA GLU B 168 59.20 -8.70 27.16
C GLU B 168 59.43 -7.32 27.77
N ARG B 169 59.86 -7.28 29.05
CA ARG B 169 60.16 -6.02 29.70
C ARG B 169 61.12 -5.16 28.88
N GLU B 170 62.05 -5.79 28.17
CA GLU B 170 62.94 -5.05 27.30
C GLU B 170 62.19 -4.47 26.11
N MET B 171 61.36 -5.30 25.45
CA MET B 171 60.49 -4.79 24.40
C MET B 171 59.60 -3.68 24.92
N SER B 172 59.21 -3.77 26.20
CA SER B 172 58.39 -2.73 26.81
C SER B 172 59.10 -1.39 26.84
N TRP B 173 60.43 -1.40 27.02
CA TRP B 173 61.18 -0.15 27.05
C TRP B 173 61.29 0.45 25.66
N ILE B 174 61.47 -0.41 24.66
CA ILE B 174 61.60 0.02 23.27
C ILE B 174 60.44 0.94 22.90
N ALA B 175 59.22 0.39 22.96
CA ALA B 175 58.03 1.17 22.64
C ALA B 175 57.94 2.42 23.50
N ASP B 176 58.04 2.25 24.83
CA ASP B 176 57.90 3.37 25.75
C ASP B 176 58.84 4.52 25.41
N THR B 177 60.01 4.21 24.85
CA THR B 177 60.92 5.27 24.41
C THR B 177 60.48 5.85 23.07
N TYR B 178 60.21 4.98 22.10
CA TYR B 178 59.78 5.45 20.78
C TYR B 178 58.42 6.15 20.86
N ALA B 179 57.47 5.56 21.60
CA ALA B 179 56.16 6.16 21.74
C ALA B 179 56.17 7.44 22.55
N SER B 180 57.26 7.74 23.27
CA SER B 180 57.36 8.94 24.08
C SER B 180 58.33 9.97 23.52
N THR B 181 59.06 9.67 22.45
CA THR B 181 59.97 10.65 21.87
C THR B 181 59.68 10.87 20.40
N ILE B 182 60.29 10.06 19.52
CA ILE B 182 60.10 10.24 18.07
C ILE B 182 58.64 9.99 17.69
N GLY B 183 58.18 8.77 17.88
CA GLY B 183 56.84 8.40 17.47
C GLY B 183 55.75 8.84 18.44
N HIS B 184 55.86 10.07 18.95
CA HIS B 184 54.84 10.55 19.89
C HIS B 184 53.52 10.82 19.19
N TYR B 185 53.55 11.59 18.11
CA TYR B 185 52.33 11.95 17.39
C TYR B 185 51.69 10.78 16.66
N ASP B 186 52.34 9.60 16.66
CA ASP B 186 51.87 8.46 15.89
C ASP B 186 50.85 7.65 16.69
N ILE B 187 49.74 7.30 16.03
CA ILE B 187 48.69 6.52 16.69
C ILE B 187 49.16 5.10 16.94
N ASN B 188 49.91 4.54 16.00
CA ASN B 188 50.46 3.19 16.10
C ASN B 188 51.86 3.19 16.68
N ALA B 189 52.11 4.09 17.64
CA ALA B 189 53.43 4.20 18.24
C ALA B 189 53.82 2.91 18.92
N HIS B 190 52.93 2.33 19.71
CA HIS B 190 53.24 1.12 20.43
C HIS B 190 53.30 -0.10 19.54
N ALA B 191 52.93 0.04 18.26
CA ALA B 191 53.12 -1.02 17.28
C ALA B 191 54.53 -1.05 16.70
N CYS B 192 55.49 -0.39 17.35
CA CYS B 192 56.84 -0.37 16.79
C CYS B 192 57.65 -1.60 17.16
N VAL B 193 57.20 -2.41 18.12
CA VAL B 193 57.94 -3.60 18.51
C VAL B 193 56.94 -4.66 18.96
N THR B 194 57.15 -5.89 18.50
CA THR B 194 56.35 -7.03 18.93
C THR B 194 57.07 -7.78 20.06
N GLY B 195 56.33 -8.67 20.71
CA GLY B 195 56.84 -9.40 21.83
C GLY B 195 56.68 -8.71 23.17
N LYS B 196 56.10 -7.52 23.19
CA LYS B 196 55.92 -6.79 24.44
C LYS B 196 54.85 -7.43 25.30
N PRO B 197 54.87 -7.19 26.61
CA PRO B 197 53.92 -7.85 27.51
C PRO B 197 52.47 -7.51 27.22
N ILE B 198 51.57 -8.29 27.84
CA ILE B 198 50.14 -8.19 27.55
C ILE B 198 49.59 -6.83 27.98
N SER B 199 49.85 -6.45 29.23
CA SER B 199 49.33 -5.19 29.75
C SER B 199 49.77 -4.00 28.90
N GLN B 200 50.91 -4.13 28.22
CA GLN B 200 51.43 -3.08 27.34
C GLN B 200 50.93 -3.23 25.91
N GLY B 201 49.91 -4.04 25.69
CA GLY B 201 49.39 -4.30 24.37
C GLY B 201 49.85 -5.58 23.73
N GLY B 202 50.16 -6.60 24.54
CA GLY B 202 50.61 -7.86 23.99
C GLY B 202 49.47 -8.76 23.57
N ILE B 203 49.84 -9.85 22.90
CA ILE B 203 48.87 -10.82 22.40
C ILE B 203 48.92 -12.06 23.28
N HIS B 204 47.80 -12.79 23.30
CA HIS B 204 47.72 -14.03 24.07
C HIS B 204 48.13 -15.20 23.19
N GLY B 205 48.98 -16.07 23.74
CA GLY B 205 49.38 -17.28 23.05
C GLY B 205 50.69 -17.18 22.30
N ARG B 206 51.49 -16.14 22.50
CA ARG B 206 52.82 -16.11 21.91
C ARG B 206 53.83 -16.90 22.74
N ILE B 207 53.53 -17.15 24.01
CA ILE B 207 54.37 -18.03 24.81
C ILE B 207 54.18 -19.48 24.37
N SER B 208 52.96 -19.84 23.98
CA SER B 208 52.66 -21.16 23.45
C SER B 208 52.83 -21.22 21.94
N ALA B 209 53.54 -20.26 21.35
CA ALA B 209 53.48 -20.05 19.91
C ALA B 209 54.35 -21.04 19.14
N THR B 210 55.66 -21.05 19.43
CA THR B 210 56.56 -21.86 18.61
C THR B 210 56.32 -23.36 18.80
N GLY B 211 55.94 -23.77 20.01
CA GLY B 211 55.62 -25.18 20.22
C GLY B 211 54.46 -25.64 19.36
N ARG B 212 53.40 -24.84 19.30
CA ARG B 212 52.30 -25.13 18.38
C ARG B 212 52.78 -25.13 16.94
N GLY B 213 53.57 -24.12 16.56
CA GLY B 213 54.11 -24.09 15.21
C GLY B 213 54.98 -25.30 14.90
N VAL B 214 55.72 -25.77 15.90
CA VAL B 214 56.45 -27.03 15.74
C VAL B 214 55.48 -28.17 15.45
N PHE B 215 54.44 -28.29 16.27
CA PHE B 215 53.53 -29.42 16.15
C PHE B 215 52.79 -29.41 14.82
N HIS B 216 52.18 -28.28 14.45
CA HIS B 216 51.43 -28.24 13.21
C HIS B 216 52.32 -28.46 11.99
N GLY B 217 53.59 -28.06 12.04
CA GLY B 217 54.50 -28.40 10.97
C GLY B 217 54.69 -29.90 10.84
N ILE B 218 54.84 -30.58 11.97
CA ILE B 218 54.87 -32.04 12.01
C ILE B 218 53.60 -32.62 11.40
N GLU B 219 52.45 -32.02 11.75
CA GLU B 219 51.15 -32.61 11.45
C GLU B 219 50.92 -32.78 9.96
N ASN B 220 51.46 -31.88 9.13
CA ASN B 220 51.18 -31.89 7.71
C ASN B 220 52.12 -32.80 6.92
N PHE B 221 52.80 -33.73 7.59
CA PHE B 221 53.65 -34.70 6.89
C PHE B 221 53.39 -36.13 7.30
N ILE B 222 53.23 -36.41 8.60
CA ILE B 222 52.79 -37.73 9.04
C ILE B 222 51.33 -37.93 8.69
N ASN B 223 50.76 -36.99 7.94
CA ASN B 223 49.41 -37.11 7.45
C ASN B 223 49.36 -37.24 5.93
N GLU B 224 50.46 -36.93 5.24
CA GLU B 224 50.55 -37.14 3.79
C GLU B 224 51.42 -38.35 3.51
N ALA B 225 50.88 -39.30 2.76
CA ALA B 225 51.59 -40.53 2.42
C ALA B 225 52.54 -40.36 1.24
N SER B 226 52.49 -39.22 0.54
CA SER B 226 53.51 -38.92 -0.46
C SER B 226 54.90 -39.08 0.13
N TYR B 227 55.04 -38.80 1.42
CA TYR B 227 56.31 -38.82 2.13
C TYR B 227 56.31 -39.87 3.24
N MET B 228 55.50 -40.90 3.05
CA MET B 228 55.64 -42.17 3.75
C MET B 228 55.92 -43.33 2.81
N SER B 229 55.43 -43.28 1.57
CA SER B 229 55.73 -44.26 0.55
C SER B 229 57.15 -44.12 0.01
N ILE B 230 58.02 -43.37 0.69
CA ILE B 230 59.42 -43.21 0.30
C ILE B 230 60.28 -43.37 1.55
N LEU B 231 59.83 -42.78 2.66
CA LEU B 231 60.50 -42.92 3.94
C LEU B 231 60.06 -44.17 4.70
N GLY B 232 58.96 -44.80 4.29
CA GLY B 232 58.39 -45.85 5.11
C GLY B 232 57.57 -45.24 6.22
N MET B 233 57.71 -45.78 7.43
CA MET B 233 57.00 -45.32 8.62
C MET B 233 55.48 -45.43 8.49
N THR B 234 54.81 -45.58 9.60
CA THR B 234 53.36 -45.58 9.53
C THR B 234 52.82 -44.15 9.59
N PRO B 235 51.89 -43.79 8.71
CA PRO B 235 51.16 -42.53 8.90
C PRO B 235 50.42 -42.49 10.22
N GLY B 236 50.08 -43.65 10.79
CA GLY B 236 49.50 -43.73 12.11
C GLY B 236 50.34 -43.02 13.15
N PHE B 237 50.00 -41.75 13.40
CA PHE B 237 50.85 -40.83 14.15
C PHE B 237 51.06 -41.26 15.59
N GLY B 238 50.14 -42.02 16.17
CA GLY B 238 50.14 -42.34 17.59
C GLY B 238 51.41 -42.92 18.17
N ASP B 239 51.53 -44.26 18.14
CA ASP B 239 52.65 -44.97 18.75
C ASP B 239 53.99 -44.58 18.15
N LYS B 240 54.48 -43.40 18.51
CA LYS B 240 55.76 -42.91 18.04
C LYS B 240 56.49 -42.17 19.15
N THR B 241 57.81 -42.28 19.14
CA THR B 241 58.66 -41.65 20.14
C THR B 241 59.27 -40.37 19.59
N PHE B 242 59.54 -39.43 20.49
CA PHE B 242 60.25 -38.22 20.12
C PHE B 242 61.28 -37.88 21.19
N ALA B 243 62.41 -37.34 20.74
CA ALA B 243 63.50 -36.92 21.61
C ALA B 243 63.78 -35.45 21.37
N VAL B 244 63.78 -34.67 22.45
CA VAL B 244 63.96 -33.23 22.37
C VAL B 244 65.35 -32.87 22.88
N GLN B 245 65.75 -31.63 22.62
CA GLN B 245 66.96 -31.06 23.20
C GLN B 245 66.70 -29.60 23.50
N GLY B 246 67.06 -29.16 24.69
CA GLY B 246 66.80 -27.80 25.11
C GLY B 246 65.43 -27.61 25.72
N PHE B 247 65.30 -28.01 26.99
CA PHE B 247 64.03 -28.00 27.72
C PHE B 247 63.75 -26.57 28.22
N GLY B 248 63.35 -25.72 27.29
CA GLY B 248 63.07 -24.33 27.61
C GLY B 248 62.25 -23.61 26.55
N ASN B 249 61.08 -23.11 26.96
CA ASN B 249 60.20 -22.33 26.09
C ASN B 249 59.78 -23.14 24.85
N VAL B 250 60.58 -23.07 23.78
CA VAL B 250 60.23 -23.76 22.55
C VAL B 250 60.22 -25.27 22.76
N GLY B 251 61.15 -25.78 23.57
CA GLY B 251 61.20 -27.22 23.80
C GLY B 251 60.07 -27.72 24.67
N LEU B 252 59.70 -26.96 25.70
CA LEU B 252 58.64 -27.35 26.62
C LEU B 252 57.34 -27.63 25.89
N HIS B 253 56.81 -26.63 25.18
CA HIS B 253 55.51 -26.79 24.54
C HIS B 253 55.57 -27.69 23.32
N SER B 254 56.73 -27.78 22.66
CA SER B 254 56.85 -28.71 21.54
C SER B 254 56.73 -30.16 21.98
N MET B 255 56.89 -30.43 23.29
CA MET B 255 56.68 -31.76 23.85
C MET B 255 55.30 -31.88 24.50
N ARG B 256 54.95 -30.93 25.36
CA ARG B 256 53.65 -30.96 26.04
C ARG B 256 52.50 -31.10 25.03
N TYR B 257 52.45 -30.21 24.04
CA TYR B 257 51.40 -30.27 23.04
C TYR B 257 51.53 -31.49 22.14
N LEU B 258 52.77 -31.93 21.86
CA LEU B 258 52.95 -33.14 21.05
C LEU B 258 52.55 -34.39 21.83
N HIS B 259 52.71 -34.38 23.16
CA HIS B 259 52.27 -35.53 23.95
C HIS B 259 50.75 -35.64 23.98
N ARG B 260 50.06 -34.50 24.07
CA ARG B 260 48.60 -34.51 24.24
C ARG B 260 47.91 -35.43 23.24
N PHE B 261 48.49 -35.59 22.05
CA PHE B 261 47.88 -36.37 20.99
C PHE B 261 48.19 -37.86 21.07
N GLY B 262 48.65 -38.34 22.22
CA GLY B 262 48.93 -39.75 22.38
C GLY B 262 50.27 -40.21 21.86
N ALA B 263 51.17 -39.28 21.54
CA ALA B 263 52.52 -39.64 21.13
C ALA B 263 53.41 -39.80 22.36
N LYS B 264 54.27 -40.80 22.31
CA LYS B 264 55.11 -41.14 23.46
C LYS B 264 56.47 -40.45 23.35
N CYS B 265 57.04 -40.13 24.51
CA CYS B 265 58.39 -39.58 24.58
C CYS B 265 59.38 -40.73 24.79
N VAL B 266 60.66 -40.39 24.98
CA VAL B 266 61.67 -41.41 25.22
C VAL B 266 62.92 -40.80 25.86
N ALA B 267 63.11 -39.50 25.64
CA ALA B 267 64.36 -38.86 26.05
C ALA B 267 64.15 -37.35 26.08
N VAL B 268 64.93 -36.71 26.95
CA VAL B 268 64.93 -35.26 27.22
C VAL B 268 66.30 -34.89 27.78
N GLY B 269 66.87 -33.79 27.29
CA GLY B 269 68.19 -33.38 27.74
C GLY B 269 68.59 -31.96 27.43
N GLU B 270 69.32 -31.31 28.35
CA GLU B 270 69.72 -29.93 28.19
C GLU B 270 71.18 -29.75 28.58
N SER B 271 71.71 -28.56 28.27
CA SER B 271 72.99 -27.99 28.69
C SER B 271 73.98 -28.92 29.39
N ASP B 272 73.50 -29.83 30.25
CA ASP B 272 74.40 -30.66 31.04
C ASP B 272 74.13 -32.15 30.89
N GLY B 273 72.87 -32.58 30.99
CA GLY B 273 72.53 -33.98 31.03
C GLY B 273 71.39 -34.35 30.08
N SER B 274 71.04 -35.63 30.12
CA SER B 274 69.96 -36.16 29.29
C SER B 274 69.27 -37.29 30.04
N ILE B 275 68.02 -37.55 29.65
CA ILE B 275 67.19 -38.57 30.26
C ILE B 275 66.92 -39.65 29.22
N TRP B 276 66.59 -40.85 29.69
CA TRP B 276 66.30 -41.96 28.80
C TRP B 276 65.28 -42.87 29.45
N ASN B 277 64.16 -43.11 28.76
CA ASN B 277 63.09 -43.97 29.25
C ASN B 277 62.17 -44.36 28.11
N PRO B 278 62.33 -45.55 27.53
CA PRO B 278 61.42 -46.00 26.47
C PRO B 278 60.00 -46.27 26.93
N ASP B 279 59.73 -46.28 28.24
CA ASP B 279 58.34 -46.24 28.68
C ASP B 279 57.70 -44.91 28.34
N GLY B 280 58.50 -43.86 28.20
CA GLY B 280 58.02 -42.57 27.75
C GLY B 280 57.77 -41.59 28.89
N ILE B 281 58.68 -40.64 29.09
CA ILE B 281 58.49 -39.72 30.20
C ILE B 281 57.29 -38.83 29.92
N ASP B 282 56.73 -38.30 31.00
CA ASP B 282 55.45 -37.61 30.96
C ASP B 282 55.62 -36.17 31.42
N PRO B 283 55.42 -35.19 30.55
CA PRO B 283 55.81 -33.81 30.90
C PRO B 283 54.98 -33.21 32.02
N LYS B 284 53.72 -33.65 32.20
CA LYS B 284 52.87 -33.05 33.24
C LYS B 284 53.34 -33.38 34.66
N GLU B 285 54.53 -33.96 34.82
CA GLU B 285 55.17 -34.15 36.12
C GLU B 285 56.54 -33.51 36.17
N LEU B 286 57.40 -33.80 35.20
CA LEU B 286 58.78 -33.32 35.19
C LEU B 286 58.89 -31.83 34.91
N GLU B 287 57.78 -31.10 34.79
CA GLU B 287 57.84 -29.68 34.54
C GLU B 287 58.12 -28.87 35.80
N ASP B 288 57.83 -29.42 36.99
CA ASP B 288 58.18 -28.77 38.24
C ASP B 288 59.66 -28.95 38.60
N PHE B 289 60.47 -29.21 37.58
CA PHE B 289 61.92 -29.31 37.65
C PHE B 289 62.61 -28.02 37.24
N LYS B 290 61.85 -26.93 37.06
CA LYS B 290 62.37 -25.65 36.62
C LYS B 290 63.04 -24.89 37.76
N LEU B 291 62.51 -23.71 38.09
CA LEU B 291 63.07 -22.89 39.17
C LEU B 291 62.60 -23.35 40.55
N GLN B 292 61.98 -24.52 40.64
CA GLN B 292 61.73 -25.17 41.93
C GLN B 292 62.99 -25.18 42.78
N HIS B 293 64.06 -25.74 42.23
CA HIS B 293 65.40 -25.72 42.80
C HIS B 293 66.47 -25.27 41.82
N GLY B 294 66.31 -25.59 40.53
CA GLY B 294 67.26 -25.07 39.54
C GLY B 294 67.31 -25.77 38.19
N THR B 295 68.02 -26.89 38.11
CA THR B 295 68.43 -27.47 36.84
C THR B 295 68.04 -28.94 36.79
N ILE B 296 67.97 -29.48 35.58
CA ILE B 296 67.68 -30.89 35.37
C ILE B 296 68.83 -31.74 35.93
N LEU B 297 68.49 -32.95 36.39
CA LEU B 297 69.49 -33.91 36.87
C LEU B 297 68.90 -35.31 36.89
N GLY B 298 67.76 -35.49 36.23
CA GLY B 298 66.95 -36.68 36.42
C GLY B 298 66.09 -36.57 37.67
N PHE B 299 65.14 -37.51 37.79
CA PHE B 299 64.00 -37.65 38.71
C PHE B 299 63.44 -39.08 38.62
N PRO B 300 62.41 -39.43 39.41
CA PRO B 300 61.78 -40.74 39.24
C PRO B 300 61.47 -41.05 37.79
N LYS B 301 61.77 -42.29 37.39
CA LYS B 301 61.74 -42.75 36.00
C LYS B 301 62.77 -42.05 35.13
N ALA B 302 63.05 -40.78 35.42
CA ALA B 302 64.05 -40.04 34.65
C ALA B 302 65.45 -40.58 34.91
N LYS B 303 65.91 -41.49 34.06
CA LYS B 303 67.23 -42.06 34.21
C LYS B 303 68.32 -41.04 33.87
N ILE B 304 69.44 -41.17 34.57
CA ILE B 304 70.61 -40.33 34.30
C ILE B 304 71.37 -40.95 33.14
N TYR B 305 71.42 -40.25 32.02
CA TYR B 305 72.04 -40.76 30.81
C TYR B 305 73.17 -39.83 30.37
N GLU B 306 74.12 -40.40 29.63
CA GLU B 306 75.28 -39.67 29.14
C GLU B 306 75.49 -40.05 27.68
N GLY B 307 76.46 -39.40 27.03
CA GLY B 307 76.71 -39.62 25.62
C GLY B 307 76.37 -38.38 24.84
N SER B 308 75.07 -38.14 24.66
CA SER B 308 74.56 -36.96 23.98
C SER B 308 73.05 -36.85 24.17
N ILE B 309 72.34 -36.52 23.09
CA ILE B 309 70.88 -36.37 23.12
C ILE B 309 70.30 -36.97 21.84
N LEU B 310 71.06 -36.84 20.76
CA LEU B 310 70.55 -37.12 19.42
C LEU B 310 70.63 -38.60 19.07
N GLU B 311 71.69 -39.29 19.51
CA GLU B 311 71.94 -40.66 19.11
C GLU B 311 70.98 -41.66 19.75
N VAL B 312 70.22 -41.24 20.75
CA VAL B 312 69.27 -42.13 21.42
C VAL B 312 68.32 -42.73 20.40
N ASP B 313 67.99 -44.01 20.58
CA ASP B 313 67.01 -44.67 19.73
C ASP B 313 65.69 -43.93 19.81
N CYS B 314 65.21 -43.48 18.66
CA CYS B 314 64.05 -42.61 18.59
C CYS B 314 63.56 -42.59 17.14
N ASP B 315 62.42 -41.93 16.94
CA ASP B 315 61.90 -41.67 15.61
C ASP B 315 61.90 -40.19 15.26
N ILE B 316 61.56 -39.34 16.22
CA ILE B 316 61.36 -37.92 16.01
C ILE B 316 62.38 -37.19 16.88
N LEU B 317 63.43 -36.67 16.26
CA LEU B 317 64.42 -35.88 16.97
C LEU B 317 64.19 -34.41 16.68
N ILE B 318 64.17 -33.58 17.71
CA ILE B 318 64.03 -32.14 17.56
C ILE B 318 65.14 -31.44 18.33
N PRO B 319 66.00 -30.67 17.67
CA PRO B 319 67.01 -29.81 18.32
C PRO B 319 66.46 -28.43 18.66
N ALA B 320 65.80 -28.33 19.81
CA ALA B 320 65.15 -27.08 20.23
C ALA B 320 65.97 -26.35 21.29
N ALA B 321 67.23 -26.07 20.94
CA ALA B 321 68.14 -25.43 21.89
C ALA B 321 69.02 -24.40 21.22
N SER B 322 70.32 -24.72 21.09
CA SER B 322 71.30 -23.76 20.60
C SER B 322 71.42 -23.80 19.08
N GLU B 323 72.66 -23.76 18.59
CA GLU B 323 72.96 -23.58 17.18
C GLU B 323 73.81 -24.74 16.69
N LYS B 324 73.59 -25.14 15.43
CA LYS B 324 74.28 -26.22 14.72
C LYS B 324 74.84 -27.34 15.59
N GLN B 325 74.02 -28.38 15.86
CA GLN B 325 74.47 -29.58 16.55
C GLN B 325 74.41 -30.83 15.66
N LEU B 326 74.45 -30.67 14.34
CA LEU B 326 74.34 -31.80 13.42
C LEU B 326 75.36 -31.60 12.30
N THR B 327 76.48 -32.31 12.39
CA THR B 327 77.51 -32.28 11.36
C THR B 327 77.95 -33.71 11.05
N LYS B 328 79.07 -33.87 10.33
CA LYS B 328 79.53 -35.21 10.00
C LYS B 328 79.82 -36.06 11.22
N SER B 329 80.13 -35.44 12.37
CA SER B 329 80.49 -36.19 13.56
C SER B 329 79.31 -36.95 14.15
N ASN B 330 78.07 -36.57 13.79
CA ASN B 330 76.88 -37.24 14.30
C ASN B 330 75.85 -37.54 13.22
N ALA B 331 76.03 -37.04 11.99
CA ALA B 331 75.00 -37.22 10.96
C ALA B 331 74.83 -38.68 10.55
N PRO B 332 75.89 -39.45 10.24
CA PRO B 332 75.67 -40.86 9.89
C PRO B 332 75.14 -41.68 11.05
N ARG B 333 75.05 -41.07 12.23
CA ARG B 333 74.48 -41.73 13.41
C ARG B 333 73.01 -41.30 13.53
N VAL B 334 72.53 -40.93 14.71
CA VAL B 334 71.17 -40.49 14.98
C VAL B 334 70.21 -41.53 14.43
N LYS B 335 70.02 -42.60 15.18
CA LYS B 335 69.17 -43.71 14.77
C LYS B 335 67.70 -43.31 14.90
N ALA B 336 67.29 -42.40 14.02
CA ALA B 336 65.95 -41.84 14.03
C ALA B 336 65.47 -41.66 12.59
N LYS B 337 64.17 -41.43 12.44
CA LYS B 337 63.53 -41.37 11.13
C LYS B 337 63.26 -39.95 10.66
N ILE B 338 63.11 -38.99 11.56
CA ILE B 338 62.75 -37.63 11.15
C ILE B 338 63.27 -36.63 12.18
N ILE B 339 63.78 -35.50 11.69
CA ILE B 339 64.31 -34.43 12.53
C ILE B 339 63.56 -33.14 12.18
N ALA B 340 63.06 -32.45 13.20
CA ALA B 340 62.39 -31.17 13.04
C ALA B 340 63.23 -30.09 13.69
N GLU B 341 63.68 -29.13 12.89
CA GLU B 341 64.54 -28.05 13.38
C GLU B 341 63.75 -27.08 14.25
N GLY B 342 63.73 -27.33 15.56
CA GLY B 342 63.04 -26.43 16.47
C GLY B 342 63.74 -25.11 16.66
N ALA B 343 65.07 -25.10 16.51
CA ALA B 343 65.87 -23.89 16.63
C ALA B 343 66.22 -23.35 15.24
N ASN B 344 67.05 -22.31 15.21
CA ASN B 344 67.42 -21.65 13.96
C ASN B 344 68.65 -22.33 13.38
N GLY B 345 68.43 -23.15 12.34
CA GLY B 345 69.49 -23.81 11.62
C GLY B 345 70.44 -24.61 12.48
N PRO B 346 69.99 -25.74 13.04
CA PRO B 346 70.92 -26.65 13.70
C PRO B 346 71.52 -27.67 12.75
N THR B 347 70.93 -27.82 11.56
CA THR B 347 71.46 -28.73 10.55
C THR B 347 72.26 -27.94 9.53
N THR B 348 73.48 -28.38 9.30
CA THR B 348 74.50 -27.87 8.39
C THR B 348 74.33 -28.49 7.01
N PRO B 349 74.72 -27.78 5.94
CA PRO B 349 74.77 -28.41 4.61
C PRO B 349 75.85 -29.48 4.54
N GLU B 350 76.61 -29.61 5.62
CA GLU B 350 77.57 -30.69 5.80
C GLU B 350 76.90 -31.94 6.38
N ALA B 351 75.61 -31.86 6.69
CA ALA B 351 74.82 -33.00 7.16
C ALA B 351 73.62 -33.33 6.29
N ASP B 352 73.22 -32.42 5.40
CA ASP B 352 72.09 -32.71 4.50
C ASP B 352 72.47 -33.78 3.49
N LYS B 353 73.67 -33.68 2.91
CA LYS B 353 74.13 -34.70 1.98
C LYS B 353 74.27 -36.06 2.67
N ILE B 354 74.29 -36.09 3.99
CA ILE B 354 74.21 -37.35 4.72
C ILE B 354 72.77 -37.72 5.02
N PHE B 355 71.96 -36.75 5.46
CA PHE B 355 70.56 -37.04 5.81
C PHE B 355 69.74 -37.34 4.57
N LEU B 356 69.88 -36.49 3.53
CA LEU B 356 69.09 -36.65 2.31
C LEU B 356 69.33 -38.02 1.67
N GLU B 357 70.58 -38.46 1.61
CA GLU B 357 70.88 -39.78 1.06
C GLU B 357 70.39 -40.89 1.99
N ARG B 358 70.50 -40.68 3.31
CA ARG B 358 70.10 -41.72 4.27
C ARG B 358 68.60 -41.90 4.39
N ASN B 359 67.80 -41.18 3.60
CA ASN B 359 66.34 -41.25 3.68
C ASN B 359 65.85 -40.98 5.10
N ILE B 360 66.26 -39.83 5.62
CA ILE B 360 65.75 -39.27 6.87
C ILE B 360 65.14 -37.91 6.54
N MET B 361 64.10 -37.53 7.27
CA MET B 361 63.39 -36.28 7.00
C MET B 361 63.82 -35.20 7.99
N VAL B 362 64.43 -34.16 7.48
CA VAL B 362 64.81 -32.99 8.28
C VAL B 362 63.89 -31.84 7.89
N ILE B 363 63.09 -31.38 8.85
CA ILE B 363 62.14 -30.30 8.59
C ILE B 363 62.88 -28.97 8.70
N PRO B 364 62.82 -28.12 7.67
CA PRO B 364 63.57 -26.86 7.72
C PRO B 364 63.02 -25.92 8.79
N ASP B 365 63.93 -25.27 9.50
CA ASP B 365 63.54 -24.18 10.38
C ASP B 365 62.96 -22.99 9.61
N LEU B 366 63.19 -22.94 8.29
CA LEU B 366 62.52 -21.96 7.44
C LEU B 366 61.00 -22.05 7.54
N TYR B 367 60.46 -23.17 8.01
CA TYR B 367 59.01 -23.32 8.09
C TYR B 367 58.53 -23.72 9.47
N LEU B 368 59.22 -24.64 10.15
CA LEU B 368 58.68 -25.22 11.38
C LEU B 368 58.49 -24.17 12.46
N ASN B 369 59.60 -23.69 13.05
CA ASN B 369 59.54 -22.71 14.13
C ASN B 369 59.14 -21.32 13.65
N ALA B 370 58.73 -21.14 12.40
CA ALA B 370 58.16 -19.87 11.97
C ALA B 370 56.83 -19.55 12.65
N GLY B 371 56.32 -20.42 13.52
CA GLY B 371 55.12 -20.14 14.29
C GLY B 371 55.28 -19.07 15.36
N GLY B 372 56.50 -18.63 15.63
CA GLY B 372 56.72 -17.55 16.57
C GLY B 372 56.46 -16.18 15.97
N VAL B 373 57.01 -15.95 14.77
CA VAL B 373 56.83 -14.66 14.12
C VAL B 373 55.40 -14.50 13.59
N THR B 374 54.78 -15.60 13.15
CA THR B 374 53.40 -15.52 12.68
C THR B 374 52.47 -15.04 13.79
N VAL B 375 52.67 -15.55 15.00
CA VAL B 375 51.93 -15.05 16.15
C VAL B 375 52.42 -13.66 16.52
N SER B 376 53.73 -13.41 16.38
CA SER B 376 54.25 -12.07 16.57
C SER B 376 53.73 -11.11 15.51
N TYR B 377 53.44 -11.63 14.31
CA TYR B 377 52.78 -10.83 13.28
C TYR B 377 51.37 -10.44 13.72
N PHE B 378 50.62 -11.40 14.27
CA PHE B 378 49.29 -11.10 14.80
C PHE B 378 49.36 -10.03 15.88
N GLU B 379 50.32 -10.16 16.80
CA GLU B 379 50.51 -9.18 17.86
C GLU B 379 50.63 -7.77 17.30
N TRP B 380 51.35 -7.63 16.19
CA TRP B 380 51.45 -6.34 15.51
C TRP B 380 50.06 -5.81 15.14
N LEU B 381 49.21 -6.68 14.59
CA LEU B 381 47.91 -6.23 14.11
C LEU B 381 46.97 -5.91 15.28
N LYS B 382 47.06 -6.66 16.37
CA LYS B 382 46.32 -6.30 17.58
C LYS B 382 46.63 -4.86 17.99
N ASN B 383 47.92 -4.54 18.09
CA ASN B 383 48.31 -3.17 18.44
C ASN B 383 47.83 -2.17 17.40
N LEU B 384 47.65 -2.61 16.15
CA LEU B 384 47.13 -1.70 15.13
C LEU B 384 45.61 -1.56 15.26
N ASN B 385 44.93 -2.63 15.65
CA ASN B 385 43.48 -2.63 15.82
C ASN B 385 43.04 -2.23 17.22
N HIS B 386 43.96 -2.21 18.19
CA HIS B 386 43.69 -1.73 19.54
C HIS B 386 42.54 -2.50 20.20
N VAL B 387 42.37 -3.77 19.85
CA VAL B 387 41.31 -4.61 20.39
C VAL B 387 41.82 -6.02 20.56
N SER B 388 41.44 -6.66 21.67
CA SER B 388 41.61 -8.10 21.80
C SER B 388 40.73 -8.79 20.76
N TYR B 389 41.34 -9.62 19.93
CA TYR B 389 40.60 -10.31 18.86
C TYR B 389 39.32 -10.92 19.40
N GLY B 390 38.21 -10.62 18.74
CA GLY B 390 36.91 -11.06 19.18
C GLY B 390 36.31 -10.27 20.33
N ARG B 391 36.97 -9.20 20.77
CA ARG B 391 36.41 -8.32 21.80
C ARG B 391 34.95 -7.99 21.51
N LEU B 392 34.63 -7.72 20.25
CA LEU B 392 33.27 -7.39 19.85
C LEU B 392 32.48 -8.58 19.33
N THR B 393 33.15 -9.57 18.74
CA THR B 393 32.47 -10.69 18.08
C THR B 393 32.62 -12.00 18.86
N PHE B 394 32.40 -11.98 20.17
CA PHE B 394 32.41 -13.19 20.98
C PHE B 394 31.05 -13.56 21.52
N LYS B 395 30.38 -12.64 22.20
CA LYS B 395 29.02 -12.91 22.65
C LYS B 395 28.06 -12.96 21.48
N TYR B 396 28.33 -12.21 20.42
CA TYR B 396 27.50 -12.28 19.22
C TYR B 396 27.57 -13.67 18.60
N GLU B 397 28.77 -14.23 18.51
CA GLU B 397 28.89 -15.56 17.91
C GLU B 397 28.33 -16.63 18.86
N ARG B 398 28.55 -16.47 20.17
CA ARG B 398 27.97 -17.41 21.12
C ARG B 398 26.46 -17.34 21.12
N ASP B 399 25.90 -16.13 21.04
CA ASP B 399 24.45 -15.99 20.96
C ASP B 399 23.91 -16.53 19.65
N SER B 400 24.69 -16.43 18.57
CA SER B 400 24.25 -16.93 17.28
C SER B 400 24.24 -18.46 17.23
N ASN B 401 25.03 -19.12 18.07
CA ASN B 401 25.11 -20.58 18.04
C ASN B 401 23.96 -21.22 18.80
N TYR B 402 23.70 -20.77 20.04
CA TYR B 402 22.57 -21.30 20.79
C TYR B 402 21.27 -21.10 20.02
N HIS B 403 21.08 -19.91 19.45
CA HIS B 403 19.93 -19.69 18.58
C HIS B 403 19.90 -20.68 17.43
N LEU B 404 21.07 -21.09 16.93
CA LEU B 404 21.11 -22.12 15.89
C LEU B 404 20.77 -23.49 16.47
N LEU B 405 21.29 -23.80 17.67
CA LEU B 405 20.98 -25.10 18.26
C LEU B 405 19.51 -25.21 18.60
N MET B 406 18.93 -24.16 19.17
CA MET B 406 17.49 -24.16 19.45
C MET B 406 16.66 -23.98 18.18
N SER B 407 17.28 -23.50 17.09
CA SER B 407 16.54 -23.40 15.83
C SER B 407 16.19 -24.77 15.28
N VAL B 408 17.05 -25.76 15.51
CA VAL B 408 16.77 -27.12 15.05
C VAL B 408 15.77 -27.80 15.98
N GLN B 409 15.93 -27.59 17.29
CA GLN B 409 15.03 -28.20 18.27
C GLN B 409 13.58 -27.87 17.99
N GLU B 410 13.27 -26.58 17.84
CA GLU B 410 11.90 -26.20 17.54
C GLU B 410 11.47 -26.71 16.16
N SER B 411 12.41 -26.79 15.21
CA SER B 411 12.09 -27.35 13.90
C SER B 411 11.79 -28.85 14.00
N LEU B 412 12.41 -29.54 14.95
CA LEU B 412 12.12 -30.95 15.17
C LEU B 412 10.97 -31.17 16.16
N GLU B 413 10.68 -30.20 17.02
CA GLU B 413 9.57 -30.35 17.96
C GLU B 413 8.23 -30.02 17.33
N ARG B 414 8.17 -29.73 16.03
CA ARG B 414 6.88 -29.53 15.38
C ARG B 414 6.43 -30.70 14.54
N LYS B 415 7.33 -31.34 13.76
CA LYS B 415 6.94 -32.57 13.10
C LYS B 415 6.67 -33.68 14.12
N PHE B 416 7.18 -33.54 15.34
CA PHE B 416 6.81 -34.39 16.47
C PHE B 416 5.93 -33.52 17.37
N GLY B 417 4.62 -33.70 17.26
CA GLY B 417 3.65 -32.77 17.82
C GLY B 417 3.72 -32.44 19.29
N LYS B 418 4.77 -32.87 19.99
CA LYS B 418 4.95 -32.54 21.40
C LYS B 418 6.19 -31.67 21.56
N HIS B 419 6.03 -30.56 22.28
CA HIS B 419 7.03 -29.49 22.32
C HIS B 419 7.79 -29.56 23.65
N GLY B 420 9.08 -29.81 23.56
CA GLY B 420 9.96 -29.85 24.73
C GLY B 420 10.68 -31.16 24.94
N GLY B 421 10.30 -32.22 24.23
CA GLY B 421 10.95 -33.51 24.37
C GLY B 421 12.39 -33.49 23.91
N THR B 422 12.61 -33.26 22.61
CA THR B 422 13.95 -33.24 22.05
C THR B 422 14.80 -32.19 22.73
N ILE B 423 16.09 -32.49 22.86
CA ILE B 423 17.01 -31.57 23.52
C ILE B 423 18.35 -31.56 22.79
N PRO B 424 18.49 -30.84 21.69
CA PRO B 424 19.82 -30.55 21.18
C PRO B 424 20.37 -29.22 21.70
N ILE B 425 19.81 -28.69 22.81
CA ILE B 425 20.28 -27.42 23.34
C ILE B 425 21.74 -27.53 23.76
N VAL B 426 22.12 -28.69 24.31
CA VAL B 426 23.44 -28.89 24.88
C VAL B 426 24.38 -29.32 23.76
N PRO B 427 25.45 -28.58 23.48
CA PRO B 427 26.42 -29.01 22.48
C PRO B 427 27.43 -29.98 23.08
N THR B 428 28.27 -30.54 22.22
CA THR B 428 29.25 -31.51 22.66
C THR B 428 30.17 -30.89 23.71
N ALA B 429 30.75 -31.76 24.54
CA ALA B 429 31.50 -31.30 25.71
C ALA B 429 32.72 -30.48 25.32
N GLU B 430 33.39 -30.85 24.22
CA GLU B 430 34.53 -30.05 23.78
C GLU B 430 34.10 -28.70 23.23
N PHE B 431 32.89 -28.60 22.69
CA PHE B 431 32.40 -27.33 22.16
C PHE B 431 31.78 -26.46 23.23
N GLN B 432 31.19 -27.06 24.27
CA GLN B 432 30.63 -26.27 25.36
C GLN B 432 31.71 -25.46 26.07
N ASP B 433 32.87 -26.08 26.29
CA ASP B 433 34.01 -25.38 26.89
C ASP B 433 34.62 -24.37 25.92
N ARG B 434 34.42 -24.55 24.62
CA ARG B 434 35.01 -23.64 23.64
C ARG B 434 34.35 -22.25 23.71
N ILE B 435 33.01 -22.21 23.69
CA ILE B 435 32.32 -20.95 23.88
C ILE B 435 32.36 -20.47 25.32
N SER B 436 32.75 -21.34 26.25
CA SER B 436 32.86 -20.96 27.66
C SER B 436 34.19 -20.25 27.93
N GLY B 437 35.30 -20.85 27.51
CA GLY B 437 36.60 -20.26 27.69
C GLY B 437 37.10 -19.55 26.45
N ALA B 438 36.17 -19.07 25.63
CA ALA B 438 36.52 -18.34 24.42
C ALA B 438 37.32 -17.08 24.79
N SER B 439 38.52 -16.98 24.24
CA SER B 439 39.37 -15.81 24.48
C SER B 439 40.21 -15.57 23.24
N GLU B 440 41.06 -14.54 23.31
CA GLU B 440 41.94 -14.22 22.20
C GLU B 440 42.85 -15.39 21.84
N LYS B 441 43.29 -16.14 22.86
CA LYS B 441 44.19 -17.27 22.64
C LYS B 441 43.67 -18.22 21.55
N ASP B 442 42.38 -18.52 21.59
CA ASP B 442 41.84 -19.52 20.67
C ASP B 442 41.91 -19.06 19.21
N ILE B 443 41.83 -17.75 18.96
CA ILE B 443 41.85 -17.27 17.59
C ILE B 443 43.26 -17.31 17.03
N VAL B 444 44.27 -17.10 17.87
CA VAL B 444 45.65 -17.06 17.41
C VAL B 444 46.09 -18.43 16.91
N HIS B 445 45.85 -19.47 17.72
CA HIS B 445 46.26 -20.82 17.37
C HIS B 445 45.73 -21.24 16.01
N SER B 446 44.47 -20.91 15.73
CA SER B 446 43.86 -21.28 14.45
C SER B 446 44.51 -20.54 13.29
N GLY B 447 44.47 -19.20 13.32
CA GLY B 447 45.15 -18.41 12.30
C GLY B 447 46.58 -18.85 12.11
N LEU B 448 47.27 -19.16 13.21
CA LEU B 448 48.55 -19.87 13.12
C LEU B 448 48.39 -21.17 12.35
N ALA B 449 47.43 -22.00 12.78
CA ALA B 449 47.30 -23.34 12.19
C ALA B 449 47.01 -23.29 10.71
N TYR B 450 46.07 -22.44 10.28
CA TYR B 450 45.76 -22.34 8.87
C TYR B 450 46.93 -21.77 8.07
N THR B 451 47.75 -20.95 8.72
CA THR B 451 48.92 -20.37 8.04
C THR B 451 49.93 -21.44 7.69
N MET B 452 50.43 -22.16 8.70
CA MET B 452 51.31 -23.30 8.48
C MET B 452 50.73 -24.27 7.46
N GLU B 453 49.49 -24.74 7.71
CA GLU B 453 48.90 -25.79 6.89
C GLU B 453 48.91 -25.42 5.42
N ARG B 454 48.37 -24.24 5.08
CA ARG B 454 48.38 -23.83 3.68
C ARG B 454 49.80 -23.53 3.22
N SER B 455 50.67 -23.08 4.11
CA SER B 455 52.08 -22.90 3.76
C SER B 455 52.73 -24.24 3.46
N ALA B 456 52.47 -25.25 4.29
CA ALA B 456 52.99 -26.59 4.04
C ALA B 456 52.53 -27.12 2.69
N ARG B 457 51.24 -26.96 2.39
CA ARG B 457 50.73 -27.38 1.09
C ARG B 457 51.36 -26.59 -0.04
N GLN B 458 51.84 -25.38 0.21
CA GLN B 458 52.55 -24.61 -0.80
C GLN B 458 53.94 -25.17 -1.08
N ILE B 459 54.58 -25.75 -0.06
CA ILE B 459 55.89 -26.37 -0.25
C ILE B 459 55.73 -27.69 -1.00
N MET B 460 54.91 -28.59 -0.46
CA MET B 460 54.76 -29.93 -1.01
C MET B 460 54.32 -29.93 -2.47
N ARG B 461 53.82 -28.80 -2.97
CA ARG B 461 53.55 -28.67 -4.39
C ARG B 461 54.80 -28.29 -5.17
N THR B 462 55.51 -27.25 -4.71
CA THR B 462 56.74 -26.84 -5.37
C THR B 462 57.81 -27.92 -5.31
N ALA B 463 57.76 -28.79 -4.31
CA ALA B 463 58.71 -29.89 -4.21
C ALA B 463 58.42 -30.97 -5.25
N MET B 464 57.18 -31.48 -5.27
CA MET B 464 56.80 -32.48 -6.26
C MET B 464 56.83 -31.94 -7.68
N LYS B 465 57.17 -30.66 -7.88
CA LYS B 465 57.41 -30.11 -9.20
C LYS B 465 58.84 -30.32 -9.67
N TYR B 466 59.79 -30.43 -8.73
CA TYR B 466 61.20 -30.56 -9.07
C TYR B 466 61.84 -31.82 -8.51
N ASN B 467 61.02 -32.75 -8.00
CA ASN B 467 61.47 -34.09 -7.64
C ASN B 467 62.52 -34.04 -6.51
N LEU B 468 62.35 -33.09 -5.60
CA LEU B 468 63.24 -32.97 -4.46
C LEU B 468 62.99 -34.04 -3.41
N GLY B 469 61.75 -34.53 -3.30
CA GLY B 469 61.42 -35.63 -2.43
C GLY B 469 61.68 -35.38 -0.95
N LEU B 470 62.96 -35.30 -0.57
CA LEU B 470 63.36 -35.16 0.81
C LEU B 470 64.04 -33.85 1.14
N ASP B 471 64.62 -33.16 0.16
CA ASP B 471 65.28 -31.88 0.38
C ASP B 471 64.20 -30.81 0.48
N LEU B 472 63.56 -30.74 1.66
CA LEU B 472 62.57 -29.71 1.91
C LEU B 472 63.20 -28.34 2.01
N ARG B 473 64.42 -28.26 2.56
CA ARG B 473 65.13 -27.00 2.69
C ARG B 473 65.21 -26.27 1.36
N THR B 474 65.83 -26.92 0.35
CA THR B 474 65.92 -26.31 -0.96
C THR B 474 64.55 -26.16 -1.61
N ALA B 475 63.60 -27.03 -1.25
CA ALA B 475 62.22 -26.85 -1.68
C ALA B 475 61.53 -25.73 -0.92
N ALA B 476 62.08 -25.31 0.21
CA ALA B 476 61.49 -24.21 0.98
C ALA B 476 61.91 -22.86 0.42
N TYR B 477 63.21 -22.65 0.23
CA TYR B 477 63.70 -21.39 -0.28
C TYR B 477 63.25 -21.16 -1.73
N VAL B 478 63.15 -22.23 -2.51
CA VAL B 478 62.75 -22.10 -3.92
C VAL B 478 61.35 -21.50 -4.03
N ASN B 479 60.52 -21.68 -3.00
CA ASN B 479 59.17 -21.12 -2.97
C ASN B 479 59.18 -19.66 -2.56
N ALA B 480 59.90 -19.33 -1.49
CA ALA B 480 59.94 -17.95 -0.99
C ALA B 480 60.47 -17.00 -2.06
N ILE B 481 61.45 -17.45 -2.84
CA ILE B 481 62.10 -16.59 -3.82
C ILE B 481 61.10 -16.10 -4.87
N GLU B 482 60.39 -17.04 -5.51
CA GLU B 482 59.44 -16.63 -6.55
C GLU B 482 58.42 -15.66 -6.00
N LYS B 483 58.01 -15.83 -4.74
CA LYS B 483 57.14 -14.84 -4.10
C LYS B 483 57.81 -13.48 -4.05
N VAL B 484 59.04 -13.42 -3.53
CA VAL B 484 59.76 -12.15 -3.45
C VAL B 484 60.00 -11.58 -4.84
N PHE B 485 60.26 -12.46 -5.82
CA PHE B 485 60.46 -11.98 -7.19
C PHE B 485 59.20 -11.33 -7.72
N ARG B 486 58.05 -11.98 -7.54
CA ARG B 486 56.79 -11.43 -8.07
C ARG B 486 56.53 -10.03 -7.55
N VAL B 487 56.84 -9.77 -6.28
CA VAL B 487 56.71 -8.42 -5.74
C VAL B 487 57.57 -7.45 -6.54
N TYR B 488 58.87 -7.74 -6.63
CA TYR B 488 59.80 -6.84 -7.30
C TYR B 488 59.45 -6.67 -8.77
N ASN B 489 59.04 -7.75 -9.45
CA ASN B 489 58.78 -7.67 -10.88
C ASN B 489 57.67 -6.69 -11.21
N GLU B 490 56.52 -6.85 -10.54
CA GLU B 490 55.35 -6.05 -10.88
C GLU B 490 55.43 -4.63 -10.33
N ALA B 491 56.54 -4.26 -9.70
CA ALA B 491 56.79 -2.90 -9.22
C ALA B 491 57.76 -2.13 -10.11
N GLY B 492 58.82 -2.79 -10.58
CA GLY B 492 59.76 -2.16 -11.50
C GLY B 492 60.94 -1.51 -10.81
N VAL B 493 61.86 -1.02 -11.64
CA VAL B 493 63.00 -0.26 -11.15
C VAL B 493 62.51 1.12 -10.71
N THR B 494 62.60 1.40 -9.41
CA THR B 494 62.20 2.71 -8.90
C THR B 494 63.17 3.76 -9.41
N PHE B 495 62.65 4.74 -10.13
CA PHE B 495 63.43 5.88 -10.59
C PHE B 495 63.24 7.02 -9.59
N THR B 496 64.31 7.40 -8.91
CA THR B 496 64.24 8.41 -7.86
C THR B 496 65.49 9.29 -7.86
N ASP C 1 54.43 41.17 55.42
CA ASP C 1 53.04 41.16 54.96
C ASP C 1 52.93 41.67 53.52
N PRO C 2 53.30 40.83 52.53
CA PRO C 2 53.06 41.19 51.12
C PRO C 2 51.59 41.19 50.78
N ASN C 3 51.22 40.92 49.52
CA ASN C 3 49.80 40.94 49.16
C ASN C 3 49.57 40.14 47.88
N PHE C 4 49.08 38.92 48.05
CA PHE C 4 48.15 38.25 47.11
C PHE C 4 48.75 38.16 45.71
N PHE C 5 47.94 38.42 44.68
CA PHE C 5 48.18 37.94 43.32
C PHE C 5 48.20 39.06 42.29
N LYS C 6 47.11 39.83 42.23
CA LYS C 6 46.82 40.73 41.11
C LYS C 6 47.90 41.76 40.83
N MET C 7 49.00 41.70 41.60
CA MET C 7 50.27 42.39 41.36
C MET C 7 50.25 43.33 40.15
N VAL C 8 50.25 42.74 38.95
CA VAL C 8 50.35 43.52 37.72
C VAL C 8 48.99 43.88 37.14
N GLU C 9 47.93 43.14 37.48
CA GLU C 9 46.60 43.44 36.93
C GLU C 9 46.22 44.91 37.16
N GLY C 10 46.61 45.47 38.29
CA GLY C 10 46.27 46.86 38.56
C GLY C 10 47.01 47.83 37.66
N PHE C 11 48.28 47.54 37.35
CA PHE C 11 49.09 48.45 36.55
C PHE C 11 48.56 48.58 35.13
N PHE C 12 48.17 47.45 34.52
CA PHE C 12 47.57 47.49 33.18
C PHE C 12 46.34 48.36 33.17
N ASP C 13 45.37 48.04 34.03
CA ASP C 13 44.16 48.85 34.17
C ASP C 13 44.51 50.31 34.42
N ARG C 14 45.58 50.55 35.20
CA ARG C 14 46.04 51.91 35.46
C ARG C 14 46.45 52.60 34.17
N GLY C 15 47.30 51.94 33.37
CA GLY C 15 47.69 52.52 32.10
C GLY C 15 46.60 52.48 31.05
N ALA C 16 45.72 51.48 31.12
CA ALA C 16 44.71 51.29 30.08
C ALA C 16 43.78 52.48 29.98
N SER C 17 43.44 53.11 31.11
CA SER C 17 42.41 54.13 31.13
C SER C 17 42.81 55.36 30.31
N ILE C 18 44.10 55.65 30.23
CA ILE C 18 44.56 56.88 29.58
C ILE C 18 44.76 56.69 28.08
N VAL C 19 44.85 55.46 27.60
CA VAL C 19 44.97 55.22 26.16
C VAL C 19 43.60 55.15 25.50
N GLU C 20 42.53 54.96 26.30
CA GLU C 20 41.17 54.86 25.76
C GLU C 20 40.79 56.03 24.88
N ASP C 21 41.45 57.18 25.04
CA ASP C 21 41.14 58.34 24.22
C ASP C 21 41.86 58.28 22.87
N LYS C 22 43.18 58.07 22.89
CA LYS C 22 43.92 58.13 21.63
C LYS C 22 43.67 56.93 20.73
N LEU C 23 43.26 55.78 21.30
CA LEU C 23 42.99 54.62 20.47
C LEU C 23 41.76 54.83 19.59
N VAL C 24 40.71 55.45 20.13
CA VAL C 24 39.57 55.79 19.31
C VAL C 24 39.88 56.96 18.39
N GLU C 25 40.91 57.73 18.71
CA GLU C 25 41.30 58.88 17.91
C GLU C 25 42.24 58.50 16.77
N ASP C 26 43.25 57.68 17.07
CA ASP C 26 44.24 57.31 16.07
C ASP C 26 43.72 56.25 15.10
N LEU C 27 42.77 55.42 15.54
CA LEU C 27 42.16 54.43 14.65
C LEU C 27 41.49 55.13 13.50
N LYS C 28 41.89 54.80 12.28
CA LYS C 28 41.33 55.37 11.06
C LYS C 28 40.57 54.27 10.33
N THR C 29 39.25 54.37 10.36
CA THR C 29 38.38 53.38 9.72
C THR C 29 37.04 54.03 9.41
N ARG C 30 36.17 53.27 8.73
CA ARG C 30 34.81 53.70 8.46
C ARG C 30 33.82 53.17 9.50
N GLU C 31 34.31 52.62 10.61
CA GLU C 31 33.45 52.18 11.71
C GLU C 31 32.76 53.41 12.29
N THR C 32 33.48 54.19 13.09
CA THR C 32 33.04 55.49 13.59
C THR C 32 31.72 55.43 14.35
N GLU C 33 31.76 55.03 15.61
CA GLU C 33 30.59 55.10 16.48
C GLU C 33 31.05 55.68 17.81
N GLU C 34 30.30 55.38 18.87
CA GLU C 34 30.87 55.25 20.20
C GLU C 34 31.22 53.80 20.51
N GLN C 35 30.80 52.88 19.65
CA GLN C 35 31.21 51.48 19.70
C GLN C 35 32.71 51.32 19.48
N LYS C 36 33.40 52.35 18.99
CA LYS C 36 34.85 52.38 19.01
C LYS C 36 35.38 52.01 20.38
N ARG C 37 34.70 52.45 21.44
CA ARG C 37 35.03 51.98 22.77
C ARG C 37 34.78 50.49 22.90
N ASN C 38 33.62 50.02 22.44
CA ASN C 38 33.25 48.62 22.64
C ASN C 38 34.20 47.66 21.92
N ARG C 39 34.76 48.04 20.78
CA ARG C 39 35.83 47.23 20.21
C ARG C 39 37.07 47.31 21.08
N VAL C 40 37.50 48.52 21.41
CA VAL C 40 38.75 48.69 22.16
C VAL C 40 38.58 48.21 23.59
N ARG C 41 37.46 48.57 24.24
CA ARG C 41 37.23 48.05 25.59
C ARG C 41 37.19 46.53 25.59
N GLY C 42 36.85 45.92 24.45
CA GLY C 42 36.92 44.48 24.30
C GLY C 42 38.32 43.98 24.03
N ILE C 43 39.04 44.63 23.11
CA ILE C 43 40.39 44.19 22.75
C ILE C 43 41.28 44.13 23.99
N LEU C 44 41.13 45.11 24.90
CA LEU C 44 41.96 45.13 26.09
C LEU C 44 41.61 43.97 27.04
N ARG C 45 40.35 43.53 27.03
CA ARG C 45 39.94 42.39 27.85
C ARG C 45 40.53 41.07 27.37
N ILE C 46 41.06 41.04 26.15
CA ILE C 46 41.74 39.84 25.65
C ILE C 46 43.21 39.82 26.05
N ILE C 47 43.83 40.99 26.14
CA ILE C 47 45.26 41.08 26.40
C ILE C 47 45.57 40.90 27.88
N LYS C 48 44.67 41.35 28.77
CA LYS C 48 44.82 41.18 30.21
C LYS C 48 45.07 39.72 30.60
N PRO C 49 44.22 38.77 30.22
CA PRO C 49 44.40 37.40 30.70
C PRO C 49 45.33 36.58 29.81
N CYS C 50 46.01 35.64 30.44
CA CYS C 50 46.86 34.71 29.70
C CYS C 50 46.00 33.80 28.83
N ASN C 51 46.39 33.64 27.57
CA ASN C 51 45.59 32.85 26.64
C ASN C 51 45.69 31.36 26.96
N HIS C 52 46.89 30.88 27.29
CA HIS C 52 47.13 29.48 27.61
C HIS C 52 47.92 29.42 28.91
N VAL C 53 47.77 28.30 29.64
CA VAL C 53 48.56 28.07 30.85
C VAL C 53 48.45 26.61 31.27
N LEU C 54 49.54 25.87 31.11
CA LEU C 54 49.56 24.43 31.37
C LEU C 54 50.00 24.16 32.80
N SER C 55 49.15 23.47 33.56
CA SER C 55 49.55 22.91 34.84
C SER C 55 50.07 21.50 34.61
N LEU C 56 51.28 21.23 35.07
CA LEU C 56 51.91 19.95 34.81
C LEU C 56 52.09 19.17 36.12
N SER C 57 52.38 17.88 35.97
CA SER C 57 52.61 17.01 37.11
C SER C 57 53.29 15.76 36.56
N PHE C 58 54.56 15.58 36.89
CA PHE C 58 55.32 14.48 36.31
C PHE C 58 56.14 13.81 37.39
N PRO C 59 56.36 12.50 37.27
CA PRO C 59 57.07 11.76 38.32
C PRO C 59 58.54 11.53 38.02
N ILE C 60 59.36 11.47 39.06
CA ILE C 60 60.79 11.15 38.96
C ILE C 60 61.16 10.29 40.17
N ARG C 61 62.33 9.66 40.10
CA ARG C 61 62.86 8.90 41.21
C ARG C 61 64.15 9.54 41.71
N ARG C 62 64.19 9.82 43.00
CA ARG C 62 65.38 10.39 43.62
C ARG C 62 66.54 9.38 43.55
N ASP C 63 67.72 9.81 43.98
CA ASP C 63 68.84 8.89 44.08
C ASP C 63 68.59 7.80 45.12
N ASP C 64 67.60 7.99 46.00
CA ASP C 64 67.14 6.91 46.86
C ASP C 64 66.69 5.71 46.04
N GLY C 65 65.89 5.97 45.01
CA GLY C 65 64.94 5.03 44.49
C GLY C 65 63.53 5.37 44.94
N SER C 66 63.42 6.19 45.98
CA SER C 66 62.16 6.79 46.37
C SER C 66 61.55 7.57 45.19
N TRP C 67 60.25 7.77 45.25
CA TRP C 67 59.48 8.38 44.17
C TRP C 67 58.76 9.61 44.70
N GLU C 68 58.87 10.73 43.98
CA GLU C 68 58.26 11.99 44.40
C GLU C 68 57.60 12.68 43.22
N VAL C 69 56.39 13.19 43.45
CA VAL C 69 55.66 13.96 42.45
C VAL C 69 56.17 15.40 42.45
N ILE C 70 56.22 15.99 41.26
CA ILE C 70 56.70 17.36 41.08
C ILE C 70 55.66 18.13 40.29
N GLU C 71 55.00 19.09 40.94
CA GLU C 71 54.08 19.97 40.24
C GLU C 71 54.86 21.01 39.43
N GLY C 72 54.40 21.28 38.23
CA GLY C 72 55.05 22.25 37.36
C GLY C 72 54.02 23.06 36.61
N TYR C 73 54.36 24.33 36.38
CA TYR C 73 53.47 25.27 35.72
C TYR C 73 54.19 25.96 34.58
N ARG C 74 53.41 26.52 33.65
CA ARG C 74 53.91 27.33 32.55
C ARG C 74 52.76 28.11 31.94
N ALA C 75 52.92 29.43 31.83
CA ALA C 75 51.88 30.31 31.31
C ALA C 75 52.40 31.04 30.08
N GLN C 76 51.70 30.89 28.95
CA GLN C 76 51.87 31.75 27.79
C GLN C 76 50.85 32.87 27.88
N HIS C 77 51.30 34.09 28.16
CA HIS C 77 50.36 35.19 28.22
C HIS C 77 49.72 35.46 26.86
N SER C 78 50.44 36.16 26.00
CA SER C 78 49.93 36.52 24.70
C SER C 78 50.50 35.62 23.61
N GLN C 79 49.84 35.64 22.45
CA GLN C 79 50.35 34.98 21.26
C GLN C 79 50.32 35.93 20.06
N HIS C 80 50.28 37.25 20.32
CA HIS C 80 50.29 38.22 19.23
C HIS C 80 51.58 38.11 18.41
N ARG C 81 52.67 37.75 19.06
CA ARG C 81 53.89 37.40 18.34
C ARG C 81 54.00 35.89 18.25
N THR C 82 54.63 35.42 17.18
CA THR C 82 54.61 33.99 16.89
C THR C 82 55.25 33.16 18.01
N PRO C 83 56.40 33.55 18.62
CA PRO C 83 56.89 32.78 19.75
C PRO C 83 56.68 33.49 21.08
N CYS C 84 56.54 32.73 22.16
CA CYS C 84 56.46 33.29 23.50
C CYS C 84 57.82 33.18 24.17
N LYS C 85 58.07 34.07 25.13
CA LYS C 85 59.34 34.11 25.81
C LYS C 85 59.14 34.35 27.30
N GLY C 86 59.99 33.72 28.10
CA GLY C 86 59.93 33.87 29.54
C GLY C 86 60.67 32.76 30.25
N GLY C 87 61.48 33.13 31.24
CA GLY C 87 62.27 32.17 31.97
C GLY C 87 61.41 31.20 32.78
N ILE C 88 62.10 30.22 33.36
CA ILE C 88 61.49 29.23 34.23
C ILE C 88 62.19 29.30 35.58
N ARG C 89 61.42 29.06 36.64
CA ARG C 89 61.90 29.24 38.00
C ARG C 89 61.82 27.92 38.76
N TYR C 90 62.75 27.74 39.70
CA TYR C 90 62.84 26.54 40.55
C TYR C 90 62.77 27.00 42.01
N SER C 91 61.58 27.00 42.60
CA SER C 91 61.43 27.44 43.98
C SER C 91 60.13 26.91 44.58
N THR C 92 60.12 26.81 45.91
CA THR C 92 58.91 26.41 46.63
C THR C 92 57.84 27.49 46.59
N ASP C 93 58.23 28.74 46.33
CA ASP C 93 57.28 29.83 46.22
C ASP C 93 56.42 29.74 44.96
N VAL C 94 56.74 28.81 44.05
CA VAL C 94 56.10 28.74 42.74
C VAL C 94 54.59 28.51 42.92
N SER C 95 53.80 29.40 42.32
CA SER C 95 52.35 29.33 42.35
C SER C 95 51.79 29.52 40.95
N VAL C 96 50.56 29.06 40.76
CA VAL C 96 49.88 29.26 39.48
C VAL C 96 49.70 30.75 39.21
N ASP C 97 49.09 31.47 40.15
CA ASP C 97 48.84 32.89 39.98
C ASP C 97 50.12 33.69 39.82
N GLU C 98 51.27 33.12 40.22
CA GLU C 98 52.55 33.77 40.07
C GLU C 98 52.93 33.91 38.59
N VAL C 99 53.20 32.78 37.93
CA VAL C 99 53.59 32.82 36.52
C VAL C 99 52.51 33.48 35.67
N LYS C 100 51.25 33.24 36.00
CA LYS C 100 50.15 33.90 35.30
C LYS C 100 50.35 35.41 35.29
N ALA C 101 50.75 35.97 36.43
CA ALA C 101 51.11 37.39 36.46
C ALA C 101 52.42 37.64 35.74
N LEU C 102 53.45 36.84 36.06
CA LEU C 102 54.78 37.07 35.51
C LEU C 102 54.77 36.96 33.98
N ALA C 103 54.11 35.93 33.44
CA ALA C 103 53.99 35.81 32.00
C ALA C 103 53.33 37.03 31.39
N SER C 104 52.30 37.56 32.07
CA SER C 104 51.69 38.81 31.63
C SER C 104 52.73 39.92 31.57
N LEU C 105 53.49 40.10 32.66
CA LEU C 105 54.53 41.11 32.71
C LEU C 105 55.50 41.01 31.54
N MET C 106 55.92 39.79 31.21
CA MET C 106 56.91 39.59 30.15
C MET C 106 56.41 40.07 28.79
N THR C 107 55.09 39.99 28.56
CA THR C 107 54.55 40.39 27.26
C THR C 107 54.79 41.87 27.00
N TYR C 108 54.55 42.70 28.02
CA TYR C 108 54.72 44.14 27.88
C TYR C 108 56.20 44.53 27.96
N LYS C 109 56.97 43.83 28.77
CA LYS C 109 58.41 44.07 28.81
C LYS C 109 59.02 43.90 27.43
N CYS C 110 58.62 42.87 26.70
CA CYS C 110 59.11 42.68 25.33
C CYS C 110 58.51 43.69 24.37
N ALA C 111 57.41 44.35 24.75
CA ALA C 111 56.83 45.35 23.88
C ALA C 111 57.51 46.70 24.04
N VAL C 112 57.92 47.03 25.28
CA VAL C 112 58.62 48.29 25.52
C VAL C 112 59.88 48.38 24.66
N VAL C 113 60.69 47.32 24.67
CA VAL C 113 61.96 47.32 23.96
C VAL C 113 61.81 46.71 22.57
N ASP C 114 60.59 46.80 22.01
CA ASP C 114 60.33 46.45 20.60
C ASP C 114 60.89 45.08 20.24
N VAL C 115 60.56 44.07 21.05
CA VAL C 115 61.06 42.72 20.82
C VAL C 115 59.88 41.85 20.35
N PRO C 116 59.92 41.33 19.12
CA PRO C 116 58.78 40.60 18.60
C PRO C 116 58.53 39.28 19.31
N PHE C 117 58.22 39.34 20.60
CA PHE C 117 57.97 38.15 21.39
C PHE C 117 56.67 38.30 22.16
N GLY C 118 56.05 37.15 22.47
CA GLY C 118 54.93 37.09 23.38
C GLY C 118 55.41 36.71 24.77
N GLY C 119 54.68 37.18 25.78
CA GLY C 119 55.10 36.93 27.15
C GLY C 119 54.72 35.54 27.61
N ALA C 120 55.60 34.96 28.43
CA ALA C 120 55.42 33.62 28.94
C ALA C 120 56.24 33.47 30.22
N LYS C 121 56.00 32.37 30.94
CA LYS C 121 56.67 32.12 32.20
C LYS C 121 56.33 30.72 32.68
N ALA C 122 57.19 30.16 33.53
CA ALA C 122 56.99 28.83 34.08
C ALA C 122 57.63 28.73 35.46
N GLY C 123 57.29 27.66 36.17
CA GLY C 123 57.81 27.46 37.51
C GLY C 123 57.69 26.02 37.95
N VAL C 124 58.59 25.60 38.83
CA VAL C 124 58.65 24.22 39.32
C VAL C 124 58.70 24.28 40.85
N LYS C 125 57.64 23.80 41.49
CA LYS C 125 57.54 23.85 42.94
C LYS C 125 58.45 22.83 43.60
N ILE C 126 59.76 23.09 43.60
CA ILE C 126 60.74 22.27 44.32
C ILE C 126 61.63 23.21 45.12
N ASN C 127 62.74 22.69 45.63
CA ASN C 127 63.76 23.54 46.23
C ASN C 127 65.12 22.97 45.83
N PRO C 128 65.90 23.70 45.02
CA PRO C 128 67.05 23.07 44.35
C PRO C 128 68.18 22.68 45.28
N LYS C 129 68.28 23.28 46.47
CA LYS C 129 69.30 22.85 47.42
C LYS C 129 69.05 21.45 47.94
N ASN C 130 67.80 20.99 47.91
CA ASN C 130 67.41 19.70 48.45
C ASN C 130 67.54 18.57 47.43
N TYR C 131 68.06 18.84 46.24
CA TYR C 131 68.28 17.82 45.24
C TYR C 131 69.74 17.86 44.78
N THR C 132 70.24 16.74 44.30
CA THR C 132 71.60 16.69 43.80
C THR C 132 71.64 17.21 42.37
N ASP C 133 72.84 17.26 41.80
CA ASP C 133 72.98 17.67 40.40
C ASP C 133 72.45 16.57 39.47
N ASN C 134 72.78 15.32 39.76
CA ASN C 134 72.23 14.21 38.99
C ASN C 134 70.71 14.16 39.13
N GLU C 135 70.19 14.50 40.31
CA GLU C 135 68.75 14.49 40.52
C GLU C 135 68.07 15.64 39.77
N LEU C 136 68.72 16.80 39.71
CA LEU C 136 68.08 17.97 39.11
C LEU C 136 68.04 17.87 37.59
N GLU C 137 69.01 17.20 36.98
CA GLU C 137 68.98 17.00 35.53
C GLU C 137 67.73 16.23 35.10
N LYS C 138 67.36 15.19 35.85
CA LYS C 138 66.16 14.43 35.51
C LYS C 138 64.93 15.32 35.47
N ILE C 139 64.81 16.25 36.43
CA ILE C 139 63.67 17.15 36.46
C ILE C 139 63.59 17.95 35.16
N THR C 140 64.68 18.64 34.81
CA THR C 140 64.66 19.52 33.64
C THR C 140 64.37 18.74 32.36
N ARG C 141 65.13 17.67 32.11
CA ARG C 141 64.94 16.92 30.88
C ARG C 141 63.53 16.35 30.79
N ARG C 142 63.01 15.83 31.90
CA ARG C 142 61.63 15.35 31.92
C ARG C 142 60.65 16.50 31.72
N PHE C 143 60.81 17.57 32.51
CA PHE C 143 59.97 18.76 32.36
C PHE C 143 59.99 19.27 30.94
N THR C 144 61.16 19.31 30.31
CA THR C 144 61.24 19.61 28.89
C THR C 144 60.29 18.73 28.10
N MET C 145 60.44 17.41 28.24
CA MET C 145 59.64 16.47 27.46
C MET C 145 58.15 16.74 27.60
N GLU C 146 57.65 16.76 28.84
CA GLU C 146 56.23 16.99 29.04
C GLU C 146 55.76 18.34 28.52
N LEU C 147 56.67 19.25 28.20
CA LEU C 147 56.27 20.53 27.61
C LEU C 147 56.27 20.50 26.09
N ALA C 148 57.22 19.79 25.46
CA ALA C 148 57.18 19.68 24.00
C ALA C 148 55.97 18.87 23.56
N LYS C 149 55.57 17.88 24.36
CA LYS C 149 54.37 17.11 24.08
C LYS C 149 53.17 18.02 23.88
N LYS C 150 52.90 18.90 24.85
CA LYS C 150 51.74 19.77 24.80
C LYS C 150 52.05 21.14 24.19
N GLY C 151 53.16 21.26 23.46
CA GLY C 151 53.45 22.48 22.73
C GLY C 151 53.61 23.73 23.56
N PHE C 152 54.55 23.70 24.52
CA PHE C 152 54.92 24.88 25.29
C PHE C 152 56.42 25.14 25.23
N ILE C 153 57.14 24.43 24.36
CA ILE C 153 58.56 24.64 24.12
C ILE C 153 58.84 24.34 22.65
N GLY C 154 59.68 25.16 22.04
CA GLY C 154 60.05 25.01 20.66
C GLY C 154 60.27 26.35 20.00
N PRO C 155 61.19 26.40 19.03
CA PRO C 155 61.43 27.67 18.31
C PRO C 155 60.20 28.07 17.52
N GLY C 156 59.83 29.34 17.64
CA GLY C 156 58.64 29.85 16.97
C GLY C 156 57.33 29.48 17.63
N VAL C 157 57.35 28.75 18.74
CA VAL C 157 56.17 28.45 19.54
C VAL C 157 56.30 29.02 20.94
N ASP C 158 57.38 28.68 21.64
CA ASP C 158 57.64 29.19 22.99
C ASP C 158 59.10 28.93 23.31
N VAL C 159 59.81 29.97 23.74
CA VAL C 159 61.21 29.81 24.10
C VAL C 159 61.41 30.28 25.53
N PRO C 160 61.73 29.40 26.46
CA PRO C 160 62.00 29.83 27.83
C PRO C 160 63.39 30.39 27.99
N ALA C 161 63.76 30.67 29.23
CA ALA C 161 65.05 31.27 29.53
C ALA C 161 65.43 30.81 30.94
N PRO C 162 66.64 31.13 31.38
CA PRO C 162 66.96 30.94 32.80
C PRO C 162 66.29 32.03 33.63
N ASP C 163 66.40 31.88 34.95
CA ASP C 163 65.92 32.89 35.88
C ASP C 163 66.72 32.85 37.17
N MET C 164 66.04 32.71 38.30
CA MET C 164 66.71 32.51 39.58
C MET C 164 66.71 31.04 39.93
N SER C 165 67.82 30.56 40.48
CA SER C 165 68.09 29.15 40.73
C SER C 165 68.09 28.31 39.46
N THR C 166 68.17 28.95 38.29
CA THR C 166 68.29 28.28 37.01
C THR C 166 69.47 28.90 36.26
N GLY C 167 70.42 28.06 35.86
CA GLY C 167 71.62 28.55 35.22
C GLY C 167 71.81 28.08 33.79
N GLU C 168 72.99 28.34 33.24
CA GLU C 168 73.27 27.95 31.86
C GLU C 168 73.25 26.44 31.69
N ARG C 169 73.81 25.70 32.65
CA ARG C 169 73.88 24.24 32.53
C ARG C 169 72.50 23.63 32.36
N GLU C 170 71.49 24.20 33.02
CA GLU C 170 70.15 23.65 32.92
C GLU C 170 69.54 23.92 31.55
N MET C 171 69.72 25.14 31.02
CA MET C 171 69.32 25.43 29.65
C MET C 171 70.00 24.49 28.67
N SER C 172 71.23 24.07 28.96
CA SER C 172 71.91 23.14 28.07
C SER C 172 71.23 21.78 28.07
N TRP C 173 70.69 21.35 29.21
CA TRP C 173 69.95 20.10 29.25
C TRP C 173 68.62 20.23 28.51
N ILE C 174 67.93 21.38 28.70
CA ILE C 174 66.73 21.68 27.93
C ILE C 174 66.98 21.46 26.44
N ALA C 175 67.94 22.20 25.88
CA ALA C 175 68.28 22.09 24.47
C ALA C 175 68.62 20.65 24.10
N ASP C 176 69.59 20.06 24.81
CA ASP C 176 70.01 18.69 24.52
C ASP C 176 68.82 17.73 24.53
N THR C 177 67.83 17.99 25.38
CA THR C 177 66.61 17.19 25.38
C THR C 177 65.81 17.43 24.11
N TYR C 178 65.45 18.69 23.85
CA TYR C 178 64.61 19.03 22.71
C TYR C 178 65.26 18.63 21.39
N ALA C 179 66.58 18.81 21.27
CA ALA C 179 67.28 18.56 20.03
C ALA C 179 67.60 17.08 19.79
N SER C 180 67.30 16.21 20.74
CA SER C 180 67.51 14.77 20.57
C SER C 180 66.22 13.99 20.50
N THR C 181 65.08 14.58 20.88
CA THR C 181 63.83 13.87 20.97
C THR C 181 62.85 14.47 19.98
N ILE C 182 61.95 15.35 20.44
CA ILE C 182 60.87 15.91 19.63
C ILE C 182 61.42 16.69 18.44
N GLY C 183 62.08 17.81 18.71
CA GLY C 183 62.54 18.68 17.64
C GLY C 183 63.80 18.21 16.93
N HIS C 184 64.08 16.90 16.97
CA HIS C 184 65.27 16.39 16.29
C HIS C 184 65.32 16.83 14.84
N TYR C 185 64.22 16.66 14.11
CA TYR C 185 64.19 17.00 12.70
C TYR C 185 64.24 18.50 12.44
N ASP C 186 64.11 19.33 13.48
CA ASP C 186 64.15 20.77 13.31
C ASP C 186 65.59 21.25 13.13
N ILE C 187 65.84 22.02 12.06
CA ILE C 187 67.15 22.61 11.86
C ILE C 187 67.50 23.53 13.02
N ASN C 188 66.59 24.44 13.37
CA ASN C 188 66.78 25.39 14.45
C ASN C 188 66.37 24.83 15.80
N ALA C 189 66.58 23.53 16.01
CA ALA C 189 66.20 22.89 17.27
C ALA C 189 66.88 23.57 18.45
N HIS C 190 68.17 23.86 18.33
CA HIS C 190 68.92 24.44 19.44
C HIS C 190 68.47 25.86 19.76
N ALA C 191 67.54 26.42 19.01
CA ALA C 191 66.96 27.73 19.30
C ALA C 191 65.80 27.66 20.28
N CYS C 192 65.49 26.48 20.81
CA CYS C 192 64.31 26.31 21.65
C CYS C 192 64.41 27.05 22.97
N VAL C 193 65.62 27.41 23.41
CA VAL C 193 65.79 28.10 24.69
C VAL C 193 66.95 29.08 24.55
N THR C 194 66.80 30.25 25.15
CA THR C 194 67.87 31.22 25.26
C THR C 194 68.53 31.12 26.64
N GLY C 195 69.78 31.57 26.71
CA GLY C 195 70.53 31.50 27.95
C GLY C 195 71.54 30.38 28.02
N LYS C 196 71.64 29.54 27.00
CA LYS C 196 72.53 28.39 27.05
C LYS C 196 73.99 28.83 27.01
N PRO C 197 74.90 27.98 27.49
CA PRO C 197 76.33 28.33 27.44
C PRO C 197 76.87 28.37 26.02
N ILE C 198 78.05 28.98 25.88
CA ILE C 198 78.55 29.38 24.58
C ILE C 198 78.94 28.18 23.73
N SER C 199 79.52 27.14 24.36
CA SER C 199 79.83 25.94 23.60
C SER C 199 78.58 25.17 23.19
N GLN C 200 77.40 25.65 23.57
CA GLN C 200 76.14 25.00 23.25
C GLN C 200 75.26 25.86 22.36
N GLY C 201 75.79 26.94 21.80
CA GLY C 201 75.03 27.81 20.93
C GLY C 201 74.56 29.10 21.55
N GLY C 202 75.20 29.57 22.62
CA GLY C 202 74.84 30.81 23.28
C GLY C 202 75.40 32.02 22.56
N ILE C 203 75.62 33.08 23.33
CA ILE C 203 76.07 34.36 22.77
C ILE C 203 76.88 35.09 23.83
N HIS C 204 77.98 35.71 23.41
CA HIS C 204 78.79 36.50 24.31
C HIS C 204 78.04 37.77 24.73
N GLY C 205 78.22 38.18 25.99
CA GLY C 205 77.52 39.32 26.52
C GLY C 205 76.18 39.01 27.17
N ARG C 206 75.77 37.75 27.19
CA ARG C 206 74.52 37.36 27.83
C ARG C 206 74.68 37.09 29.31
N ILE C 207 75.79 36.45 29.70
CA ILE C 207 76.16 36.37 31.12
C ILE C 207 76.04 37.73 31.79
N SER C 208 76.50 38.78 31.09
CA SER C 208 76.45 40.14 31.60
C SER C 208 75.14 40.84 31.30
N ALA C 209 74.25 40.22 30.50
CA ALA C 209 73.18 40.96 29.82
C ALA C 209 72.29 41.71 30.80
N THR C 210 71.73 41.00 31.79
CA THR C 210 70.86 41.67 32.75
C THR C 210 71.59 42.80 33.47
N GLY C 211 72.88 42.60 33.77
CA GLY C 211 73.69 43.63 34.38
C GLY C 211 73.79 44.90 33.56
N ARG C 212 74.33 44.80 32.35
CA ARG C 212 74.40 45.96 31.47
C ARG C 212 73.02 46.59 31.25
N GLY C 213 71.99 45.76 31.17
CA GLY C 213 70.64 46.29 31.14
C GLY C 213 70.32 47.14 32.35
N VAL C 214 70.63 46.63 33.55
CA VAL C 214 70.53 47.44 34.76
C VAL C 214 71.37 48.71 34.62
N PHE C 215 72.53 48.59 34.02
CA PHE C 215 73.44 49.72 33.90
C PHE C 215 72.93 50.75 32.89
N HIS C 216 72.78 50.34 31.62
CA HIS C 216 72.36 51.29 30.59
C HIS C 216 70.99 51.89 30.91
N GLY C 217 70.12 51.14 31.57
CA GLY C 217 68.84 51.71 32.00
C GLY C 217 69.03 52.86 32.98
N ILE C 218 69.80 52.62 34.04
CA ILE C 218 70.14 53.68 34.98
C ILE C 218 70.91 54.79 34.28
N GLU C 219 71.70 54.45 33.26
CA GLU C 219 72.56 55.43 32.61
C GLU C 219 71.76 56.50 31.89
N ASN C 220 70.64 56.14 31.26
CA ASN C 220 69.88 57.10 30.47
C ASN C 220 69.06 58.05 31.33
N PHE C 221 69.36 58.16 32.63
CA PHE C 221 68.55 58.93 33.56
C PHE C 221 69.37 59.93 34.36
N ILE C 222 70.46 59.49 34.97
CA ILE C 222 71.37 60.39 35.69
C ILE C 222 72.35 60.94 34.65
N ASN C 223 71.93 60.97 33.39
CA ASN C 223 72.61 61.71 32.34
C ASN C 223 71.70 62.78 31.74
N GLU C 224 70.55 63.04 32.35
CA GLU C 224 69.69 64.16 31.96
C GLU C 224 69.02 64.71 33.21
N ALA C 225 69.30 65.98 33.52
CA ALA C 225 68.79 66.64 34.70
C ALA C 225 67.34 67.08 34.56
N SER C 226 66.63 66.66 33.50
CA SER C 226 65.20 66.90 33.43
C SER C 226 64.44 66.08 34.46
N TYR C 227 65.08 65.11 35.11
CA TYR C 227 64.53 64.39 36.25
C TYR C 227 65.36 64.58 37.52
N MET C 228 66.41 65.40 37.46
CA MET C 228 67.14 65.80 38.65
C MET C 228 66.72 67.18 39.14
N SER C 229 66.17 68.01 38.24
CA SER C 229 65.56 69.28 38.61
C SER C 229 64.33 69.10 39.50
N ILE C 230 63.81 67.88 39.63
CA ILE C 230 62.68 67.58 40.51
C ILE C 230 63.07 66.67 41.65
N LEU C 231 63.97 65.72 41.40
CA LEU C 231 64.40 64.76 42.42
C LEU C 231 65.49 65.30 43.33
N GLY C 232 66.13 66.40 42.94
CA GLY C 232 67.41 66.76 43.53
C GLY C 232 68.50 65.89 42.93
N MET C 233 69.62 65.80 43.66
CA MET C 233 70.69 64.86 43.35
C MET C 233 71.49 65.29 42.12
N THR C 234 72.82 65.04 42.14
CA THR C 234 73.78 65.58 41.19
C THR C 234 73.84 64.74 39.92
N PRO C 235 73.89 65.39 38.74
CA PRO C 235 74.14 64.63 37.50
C PRO C 235 75.53 64.04 37.44
N GLY C 236 76.48 64.52 38.25
CA GLY C 236 77.78 63.91 38.34
C GLY C 236 77.68 62.45 38.76
N PHE C 237 77.75 61.55 37.77
CA PHE C 237 77.40 60.15 37.98
C PHE C 237 78.24 59.48 39.06
N GLY C 238 79.48 59.92 39.24
CA GLY C 238 80.44 59.23 40.09
C GLY C 238 80.01 58.91 41.52
N ASP C 239 80.13 59.89 42.41
CA ASP C 239 80.04 59.67 43.85
C ASP C 239 78.67 59.19 44.33
N LYS C 240 78.16 58.11 43.76
CA LYS C 240 76.86 57.59 44.16
C LYS C 240 77.03 56.20 44.74
N THR C 241 76.41 55.98 45.90
CA THR C 241 76.46 54.69 46.59
C THR C 241 75.27 53.84 46.17
N PHE C 242 75.49 52.54 46.02
CA PHE C 242 74.42 51.61 45.69
C PHE C 242 74.51 50.36 46.56
N ALA C 243 73.39 49.66 46.64
CA ALA C 243 73.29 48.40 47.39
C ALA C 243 72.45 47.43 46.58
N VAL C 244 72.88 46.16 46.56
CA VAL C 244 72.19 45.13 45.81
C VAL C 244 71.62 44.11 46.78
N GLN C 245 70.48 43.53 46.43
CA GLN C 245 69.95 42.38 47.13
C GLN C 245 70.06 41.16 46.23
N GLY C 246 70.33 40.02 46.83
CA GLY C 246 70.51 38.80 46.06
C GLY C 246 71.76 38.82 45.22
N PHE C 247 72.88 38.42 45.82
CA PHE C 247 74.16 38.31 45.12
C PHE C 247 74.11 37.03 44.28
N GLY C 248 73.48 37.16 43.11
CA GLY C 248 73.28 36.01 42.24
C GLY C 248 72.88 36.36 40.82
N ASN C 249 73.77 36.05 39.86
CA ASN C 249 73.55 36.32 38.45
C ASN C 249 73.27 37.80 38.21
N VAL C 250 72.00 38.20 38.35
CA VAL C 250 71.64 39.61 38.14
C VAL C 250 72.27 40.51 39.18
N GLY C 251 72.42 40.03 40.42
CA GLY C 251 73.00 40.85 41.47
C GLY C 251 74.48 41.12 41.25
N LEU C 252 75.21 40.13 40.74
CA LEU C 252 76.64 40.25 40.50
C LEU C 252 76.96 41.37 39.53
N HIS C 253 76.54 41.22 38.28
CA HIS C 253 77.00 42.10 37.20
C HIS C 253 76.26 43.42 37.16
N SER C 254 75.07 43.52 37.76
CA SER C 254 74.48 44.83 38.01
C SER C 254 75.37 45.67 38.90
N MET C 255 76.29 45.03 39.63
CA MET C 255 77.29 45.65 40.48
C MET C 255 78.67 45.64 39.83
N ARG C 256 79.10 44.46 39.35
CA ARG C 256 80.39 44.33 38.69
C ARG C 256 80.61 45.40 37.63
N TYR C 257 79.59 45.67 36.82
CA TYR C 257 79.70 46.70 35.79
C TYR C 257 79.29 48.07 36.30
N LEU C 258 78.49 48.16 37.36
CA LEU C 258 78.15 49.46 37.91
C LEU C 258 79.34 50.04 38.68
N HIS C 259 80.07 49.19 39.40
CA HIS C 259 81.29 49.65 40.08
C HIS C 259 82.30 50.21 39.10
N ARG C 260 82.44 49.57 37.93
CA ARG C 260 83.50 49.92 36.97
C ARG C 260 83.57 51.41 36.71
N PHE C 261 82.42 52.08 36.64
CA PHE C 261 82.36 53.45 36.15
C PHE C 261 82.58 54.49 37.25
N GLY C 262 83.11 54.09 38.40
CA GLY C 262 83.42 55.03 39.45
C GLY C 262 82.32 55.27 40.46
N ALA C 263 81.38 54.34 40.60
CA ALA C 263 80.27 54.48 41.54
C ALA C 263 80.54 53.62 42.77
N LYS C 264 80.57 54.25 43.93
CA LYS C 264 80.83 53.54 45.18
C LYS C 264 79.69 52.59 45.51
N CYS C 265 80.04 51.48 46.17
CA CYS C 265 79.07 50.57 46.77
C CYS C 265 78.99 50.86 48.26
N VAL C 266 78.22 50.06 49.00
CA VAL C 266 78.07 50.28 50.43
C VAL C 266 77.49 49.06 51.14
N ALA C 267 76.78 48.21 50.40
CA ALA C 267 76.04 47.13 51.04
C ALA C 267 75.68 46.06 50.03
N VAL C 268 75.71 44.81 50.48
CA VAL C 268 75.30 43.67 49.66
C VAL C 268 74.62 42.67 50.57
N GLY C 269 73.45 42.19 50.17
CA GLY C 269 72.70 41.25 50.98
C GLY C 269 72.30 40.02 50.19
N GLU C 270 72.20 38.90 50.91
CA GLU C 270 71.69 37.67 50.33
C GLU C 270 70.52 37.17 51.17
N SER C 271 70.21 35.88 51.06
CA SER C 271 69.11 35.29 51.84
C SER C 271 69.48 35.06 53.30
N ASP C 272 70.73 35.34 53.70
CA ASP C 272 71.18 35.16 55.07
C ASP C 272 71.27 36.49 55.81
N GLY C 273 72.17 37.37 55.37
CA GLY C 273 72.32 38.68 55.98
C GLY C 273 72.64 39.75 54.95
N SER C 274 73.47 40.71 55.32
CA SER C 274 73.89 41.77 54.42
C SER C 274 75.31 42.18 54.78
N ILE C 275 75.80 43.23 54.11
CA ILE C 275 77.10 43.83 54.42
C ILE C 275 76.89 45.32 54.61
N TRP C 276 77.69 45.92 55.47
CA TRP C 276 77.61 47.35 55.75
C TRP C 276 79.00 47.93 55.88
N ASN C 277 79.35 48.85 54.98
CA ASN C 277 80.68 49.43 54.91
C ASN C 277 80.62 50.78 54.19
N PRO C 278 80.78 51.90 54.91
CA PRO C 278 80.71 53.21 54.25
C PRO C 278 81.87 53.48 53.29
N ASP C 279 83.01 52.80 53.45
CA ASP C 279 84.12 53.00 52.51
C ASP C 279 83.78 52.47 51.13
N GLY C 280 83.04 51.37 51.07
CA GLY C 280 82.67 50.77 49.81
C GLY C 280 83.36 49.45 49.56
N ILE C 281 82.58 48.37 49.41
CA ILE C 281 83.17 47.07 49.15
C ILE C 281 83.43 46.90 47.66
N ASP C 282 84.25 45.91 47.32
CA ASP C 282 84.78 45.74 45.97
C ASP C 282 84.49 44.33 45.49
N PRO C 283 83.72 44.14 44.42
CA PRO C 283 83.53 42.79 43.87
C PRO C 283 84.80 42.16 43.36
N LYS C 284 85.88 42.93 43.19
CA LYS C 284 87.15 42.36 42.79
C LYS C 284 87.63 41.31 43.78
N GLU C 285 87.29 41.47 45.07
CA GLU C 285 87.64 40.50 46.09
C GLU C 285 86.49 39.55 46.36
N LEU C 286 85.44 40.05 47.02
CA LEU C 286 84.36 39.20 47.54
C LEU C 286 83.53 38.51 46.46
N GLU C 287 84.05 38.42 45.24
CA GLU C 287 83.40 37.61 44.21
C GLU C 287 83.84 36.15 44.27
N ASP C 288 84.99 35.87 44.88
CA ASP C 288 85.45 34.49 45.10
C ASP C 288 84.92 33.96 46.42
N PHE C 289 83.77 34.50 46.85
CA PHE C 289 83.00 34.02 47.98
C PHE C 289 81.76 33.20 47.65
N LYS C 290 81.64 32.70 46.43
CA LYS C 290 80.56 31.76 46.13
C LYS C 290 80.86 30.35 46.60
N LEU C 291 81.02 29.44 45.64
CA LEU C 291 81.23 28.02 45.93
C LEU C 291 82.60 27.78 46.57
N GLN C 292 83.52 28.74 46.46
CA GLN C 292 84.77 28.70 47.20
C GLN C 292 84.52 28.36 48.66
N HIS C 293 83.53 28.99 49.28
CA HIS C 293 83.04 28.62 50.60
C HIS C 293 81.65 28.02 50.46
N GLY C 294 80.64 28.82 50.13
CA GLY C 294 79.32 28.29 49.91
C GLY C 294 78.24 29.34 50.06
N THR C 295 78.35 30.16 51.10
CA THR C 295 77.36 31.20 51.37
C THR C 295 78.08 32.39 51.98
N ILE C 296 77.53 33.59 51.73
CA ILE C 296 78.13 34.82 52.22
C ILE C 296 78.01 34.88 53.74
N LEU C 297 78.99 35.54 54.39
CA LEU C 297 78.90 35.81 55.82
C LEU C 297 79.88 36.89 56.30
N GLY C 298 80.10 37.94 55.51
CA GLY C 298 81.24 38.80 55.72
C GLY C 298 82.61 38.09 55.57
N PHE C 299 83.67 38.97 55.45
CA PHE C 299 85.10 39.08 55.02
C PHE C 299 85.86 40.32 55.41
N PRO C 300 87.17 40.34 55.16
CA PRO C 300 87.91 41.58 55.32
C PRO C 300 87.17 42.73 54.66
N LYS C 301 86.93 43.78 55.44
CA LYS C 301 86.14 44.97 55.10
C LYS C 301 84.67 44.67 54.87
N ALA C 302 84.22 43.43 55.05
CA ALA C 302 82.81 43.07 54.96
C ALA C 302 82.32 42.72 56.35
N LYS C 303 81.53 43.61 56.95
CA LYS C 303 81.07 43.44 58.32
C LYS C 303 79.72 42.73 58.36
N ILE C 304 79.47 42.04 59.47
CA ILE C 304 78.17 41.41 59.69
C ILE C 304 77.16 42.49 60.03
N TYR C 305 76.12 42.61 59.22
CA TYR C 305 75.06 43.58 59.44
C TYR C 305 73.71 42.90 59.26
N GLU C 306 72.77 43.25 60.13
CA GLU C 306 71.44 42.64 60.07
C GLU C 306 70.38 43.73 59.94
N GLY C 307 69.34 43.68 60.75
CA GLY C 307 68.24 44.62 60.61
C GLY C 307 67.47 44.40 59.32
N SER C 308 67.99 44.91 58.21
CA SER C 308 67.44 44.66 56.88
C SER C 308 68.50 44.98 55.85
N ILE C 309 68.08 45.08 54.58
CA ILE C 309 68.99 45.35 53.47
C ILE C 309 68.62 46.65 52.80
N LEU C 310 67.34 47.02 52.87
CA LEU C 310 66.83 48.15 52.11
C LEU C 310 66.88 49.47 52.86
N GLU C 311 66.89 49.44 54.20
CA GLU C 311 66.84 50.65 55.00
C GLU C 311 68.20 51.31 55.14
N VAL C 312 69.27 50.61 54.77
CA VAL C 312 70.62 51.14 54.86
C VAL C 312 70.71 52.46 54.12
N ASP C 313 71.47 53.40 54.68
CA ASP C 313 71.67 54.72 54.10
C ASP C 313 72.30 54.59 52.72
N CYS C 314 71.54 54.89 51.66
CA CYS C 314 71.97 54.61 50.30
C CYS C 314 71.39 55.65 49.34
N ASP C 315 71.77 55.55 48.07
CA ASP C 315 71.20 56.34 46.99
C ASP C 315 70.47 55.48 45.96
N ILE C 316 71.07 54.38 45.52
CA ILE C 316 70.51 53.55 44.46
C ILE C 316 70.33 52.13 45.01
N LEU C 317 69.07 51.72 45.17
CA LEU C 317 68.72 50.41 45.68
C LEU C 317 68.21 49.53 44.55
N ILE C 318 68.64 48.27 44.52
CA ILE C 318 68.22 47.36 43.46
C ILE C 318 67.81 46.02 44.07
N PRO C 319 66.53 45.75 44.24
CA PRO C 319 66.06 44.46 44.78
C PRO C 319 66.10 43.36 43.75
N ALA C 320 67.31 42.90 43.43
CA ALA C 320 67.53 41.87 42.42
C ALA C 320 67.51 40.47 43.04
N ALA C 321 66.42 40.15 43.74
CA ALA C 321 66.26 38.83 44.33
C ALA C 321 64.90 38.24 43.98
N SER C 322 64.12 37.86 44.99
CA SER C 322 62.80 37.29 44.77
C SER C 322 61.82 38.39 44.37
N GLU C 323 60.56 38.26 44.78
CA GLU C 323 59.52 39.20 44.40
C GLU C 323 58.90 39.85 45.64
N LYS C 324 58.25 40.98 45.40
CA LYS C 324 57.59 41.81 46.41
C LYS C 324 58.29 41.84 47.76
N GLN C 325 59.38 42.61 47.85
CA GLN C 325 60.01 42.94 49.12
C GLN C 325 59.74 44.37 49.56
N LEU C 326 59.06 45.17 48.74
CA LEU C 326 58.70 46.55 49.08
C LEU C 326 57.19 46.63 49.23
N THR C 327 56.72 46.75 50.46
CA THR C 327 55.29 46.86 50.75
C THR C 327 55.09 47.95 51.81
N LYS C 328 53.91 47.97 52.41
CA LYS C 328 53.58 49.03 53.36
C LYS C 328 54.49 48.98 54.60
N SER C 329 55.02 47.80 54.93
CA SER C 329 55.88 47.67 56.10
C SER C 329 57.23 48.37 55.93
N ASN C 330 57.59 48.78 54.72
CA ASN C 330 58.90 49.38 54.51
C ASN C 330 58.92 50.47 53.45
N ALA C 331 57.80 50.75 52.76
CA ALA C 331 57.80 51.82 51.77
C ALA C 331 58.03 53.19 52.39
N PRO C 332 57.36 53.59 53.49
CA PRO C 332 57.71 54.88 54.12
C PRO C 332 59.02 54.81 54.89
N ARG C 333 59.97 54.06 54.36
CA ARG C 333 61.31 53.99 54.95
C ARG C 333 62.31 54.05 53.80
N VAL C 334 63.31 53.17 53.78
CA VAL C 334 64.32 53.11 52.71
C VAL C 334 65.04 54.45 52.61
N LYS C 335 66.22 54.55 53.22
CA LYS C 335 67.00 55.78 53.21
C LYS C 335 67.59 56.08 51.85
N ALA C 336 66.89 55.74 50.77
CA ALA C 336 67.42 55.84 49.42
C ALA C 336 66.79 57.02 48.69
N LYS C 337 67.21 57.19 47.44
CA LYS C 337 66.73 58.26 46.56
C LYS C 337 66.18 57.74 45.23
N ILE C 338 66.86 56.79 44.60
CA ILE C 338 66.40 56.20 43.34
C ILE C 338 66.49 54.68 43.47
N ILE C 339 65.42 53.98 43.11
CA ILE C 339 65.36 52.52 43.16
C ILE C 339 65.25 52.00 41.73
N ALA C 340 65.86 50.85 41.49
CA ALA C 340 65.87 50.25 40.16
C ALA C 340 65.52 48.77 40.28
N GLU C 341 64.46 48.34 39.59
CA GLU C 341 63.90 47.00 39.76
C GLU C 341 64.71 45.99 38.95
N GLY C 342 65.68 45.34 39.60
CA GLY C 342 66.46 44.33 38.92
C GLY C 342 65.76 42.98 38.84
N ALA C 343 64.93 42.66 39.82
CA ALA C 343 64.10 41.46 39.77
C ALA C 343 62.71 41.81 39.25
N ASN C 344 61.85 40.79 39.17
CA ASN C 344 60.52 40.95 38.60
C ASN C 344 59.54 41.37 39.71
N GLY C 345 59.04 42.60 39.61
CA GLY C 345 58.02 43.11 40.50
C GLY C 345 58.35 43.01 41.98
N PRO C 346 59.36 43.77 42.44
CA PRO C 346 59.59 43.84 43.89
C PRO C 346 58.82 44.98 44.54
N THR C 347 58.48 46.01 43.77
CA THR C 347 57.69 47.12 44.27
C THR C 347 56.22 46.83 44.02
N THR C 348 55.43 46.84 45.08
CA THR C 348 54.00 46.66 44.95
C THR C 348 53.32 47.99 44.65
N PRO C 349 52.12 47.97 44.05
CA PRO C 349 51.33 49.21 43.97
C PRO C 349 51.02 49.77 45.34
N GLU C 350 51.10 48.93 46.38
CA GLU C 350 50.97 49.36 47.76
C GLU C 350 52.12 50.27 48.21
N ALA C 351 53.26 50.20 47.52
CA ALA C 351 54.43 50.99 47.88
C ALA C 351 54.67 52.18 46.96
N ASP C 352 54.15 52.14 45.73
CA ASP C 352 54.38 53.21 44.78
C ASP C 352 53.81 54.53 45.27
N LYS C 353 52.55 54.52 45.69
CA LYS C 353 51.90 55.74 46.20
C LYS C 353 52.64 56.35 47.38
N ILE C 354 53.43 55.56 48.09
CA ILE C 354 54.27 56.11 49.15
C ILE C 354 55.56 56.66 48.57
N PHE C 355 56.16 55.95 47.62
CA PHE C 355 57.39 56.42 46.99
C PHE C 355 57.15 57.68 46.17
N LEU C 356 56.08 57.69 45.36
CA LEU C 356 55.79 58.86 44.52
C LEU C 356 55.53 60.09 45.35
N GLU C 357 54.81 59.95 46.47
CA GLU C 357 54.50 61.06 47.35
C GLU C 357 55.70 61.59 48.11
N ARG C 358 56.82 60.86 48.12
CA ARG C 358 58.04 61.32 48.76
C ARG C 358 59.10 61.70 47.73
N ASN C 359 58.73 61.77 46.46
CA ASN C 359 59.63 62.03 45.34
C ASN C 359 60.80 61.04 45.34
N ILE C 360 60.45 59.77 45.15
CA ILE C 360 61.41 58.69 45.03
C ILE C 360 61.24 58.06 43.64
N MET C 361 62.39 57.83 42.96
CA MET C 361 62.49 57.30 41.61
C MET C 361 62.59 55.78 41.61
N VAL C 362 61.54 55.09 41.16
CA VAL C 362 61.56 53.64 41.01
C VAL C 362 61.58 53.32 39.51
N ILE C 363 62.63 52.62 39.06
CA ILE C 363 62.82 52.30 37.65
C ILE C 363 62.11 50.96 37.39
N PRO C 364 61.13 50.92 36.49
CA PRO C 364 60.29 49.72 36.38
C PRO C 364 61.07 48.53 35.84
N ASP C 365 60.85 47.36 36.47
CA ASP C 365 61.30 46.10 35.90
C ASP C 365 60.84 45.93 34.47
N LEU C 366 59.62 46.43 34.18
CA LEU C 366 59.12 46.42 32.81
C LEU C 366 60.12 46.98 31.82
N TYR C 367 61.01 47.86 32.28
CA TYR C 367 62.03 48.45 31.42
C TYR C 367 63.45 48.07 31.82
N LEU C 368 63.74 47.98 33.11
CA LEU C 368 65.12 47.89 33.59
C LEU C 368 65.83 46.62 33.11
N ASN C 369 65.42 45.46 33.63
CA ASN C 369 66.02 44.20 33.23
C ASN C 369 65.55 43.72 31.86
N ALA C 370 65.05 44.61 31.01
CA ALA C 370 64.65 44.23 29.66
C ALA C 370 65.86 43.85 28.80
N GLY C 371 67.05 44.32 29.15
CA GLY C 371 68.24 43.88 28.44
C GLY C 371 68.38 42.37 28.45
N GLY C 372 67.96 41.73 29.54
CA GLY C 372 68.06 40.28 29.62
C GLY C 372 67.36 39.58 28.47
N VAL C 373 66.14 40.00 28.16
CA VAL C 373 65.42 39.39 27.05
C VAL C 373 65.86 39.99 25.71
N THR C 374 66.29 41.25 25.71
CA THR C 374 66.74 41.88 24.47
C THR C 374 67.94 41.13 23.89
N VAL C 375 68.85 40.68 24.75
CA VAL C 375 69.95 39.85 24.30
C VAL C 375 69.46 38.43 24.01
N SER C 376 68.55 37.93 24.86
CA SER C 376 67.88 36.67 24.56
C SER C 376 67.34 36.66 23.14
N TYR C 377 66.60 37.71 22.79
CA TYR C 377 66.24 37.97 21.40
C TYR C 377 67.41 37.73 20.45
N PHE C 378 68.55 38.39 20.71
CA PHE C 378 69.70 38.23 19.83
C PHE C 378 70.20 36.78 19.79
N GLU C 379 70.27 36.14 20.96
CA GLU C 379 70.74 34.75 20.98
C GLU C 379 69.85 33.86 20.13
N TRP C 380 68.54 34.01 20.28
CA TRP C 380 67.61 33.35 19.38
C TRP C 380 67.97 33.61 17.92
N LEU C 381 68.13 34.88 17.56
CA LEU C 381 68.45 35.24 16.18
C LEU C 381 69.77 34.62 15.73
N LYS C 382 70.73 34.47 16.64
CA LYS C 382 71.99 33.81 16.29
C LYS C 382 71.75 32.39 15.79
N ASN C 383 70.78 31.69 16.37
CA ASN C 383 70.56 30.30 16.00
C ASN C 383 69.79 30.16 14.69
N LEU C 384 68.98 31.16 14.35
CA LEU C 384 68.33 31.17 13.04
C LEU C 384 69.27 31.67 11.94
N ASN C 385 70.35 32.36 12.32
CA ASN C 385 71.40 32.72 11.38
C ASN C 385 72.56 31.73 11.38
N HIS C 386 72.70 30.93 12.44
CA HIS C 386 73.78 29.95 12.59
C HIS C 386 75.17 30.55 12.38
N VAL C 387 75.32 31.85 12.62
CA VAL C 387 76.63 32.49 12.60
C VAL C 387 76.78 33.35 13.84
N SER C 388 77.98 33.32 14.43
CA SER C 388 78.37 34.38 15.34
C SER C 388 78.34 35.70 14.58
N TYR C 389 77.80 36.74 15.21
CA TYR C 389 77.67 38.03 14.54
C TYR C 389 79.04 38.59 14.17
N GLY C 390 79.14 39.12 12.96
CA GLY C 390 80.40 39.64 12.44
C GLY C 390 81.36 38.58 11.92
N ARG C 391 80.95 37.31 11.89
CA ARG C 391 81.85 36.22 11.51
C ARG C 391 82.30 36.33 10.07
N LEU C 392 81.59 37.10 9.24
CA LEU C 392 81.98 37.35 7.87
C LEU C 392 82.23 38.81 7.56
N THR C 393 81.55 39.72 8.24
CA THR C 393 81.66 41.16 7.98
C THR C 393 82.57 41.85 8.99
N PHE C 394 83.74 41.27 9.26
CA PHE C 394 84.73 41.92 10.11
C PHE C 394 85.98 42.30 9.33
N LYS C 395 86.63 41.34 8.67
CA LYS C 395 87.80 41.68 7.88
C LYS C 395 87.44 42.57 6.70
N TYR C 396 86.26 42.35 6.10
CA TYR C 396 85.78 43.26 5.08
C TYR C 396 85.60 44.67 5.65
N GLU C 397 85.12 44.77 6.89
CA GLU C 397 84.99 46.07 7.54
C GLU C 397 86.35 46.65 7.91
N ARG C 398 87.21 45.82 8.51
CA ARG C 398 88.54 46.29 8.92
C ARG C 398 89.40 46.64 7.71
N ASP C 399 89.25 45.92 6.60
CA ASP C 399 89.99 46.24 5.39
C ASP C 399 89.42 47.46 4.69
N SER C 400 88.09 47.63 4.72
CA SER C 400 87.50 48.81 4.10
C SER C 400 87.91 50.08 4.81
N ASN C 401 87.98 50.04 6.15
CA ASN C 401 88.41 51.22 6.91
C ASN C 401 89.83 51.61 6.54
N TYR C 402 90.77 50.66 6.59
CA TYR C 402 92.17 50.98 6.32
C TYR C 402 92.37 51.50 4.91
N HIS C 403 91.58 51.01 3.95
CA HIS C 403 91.63 51.56 2.59
C HIS C 403 91.04 52.98 2.57
N LEU C 404 89.96 53.20 3.32
CA LEU C 404 89.37 54.53 3.38
C LEU C 404 90.34 55.54 3.97
N LEU C 405 91.08 55.16 5.01
CA LEU C 405 91.98 56.10 5.69
C LEU C 405 93.12 56.50 4.78
N MET C 406 93.88 55.51 4.28
CA MET C 406 94.94 55.81 3.33
C MET C 406 94.43 56.52 2.08
N SER C 407 93.14 56.39 1.78
CA SER C 407 92.56 57.16 0.70
C SER C 407 92.57 58.65 1.01
N VAL C 408 92.35 59.02 2.27
CA VAL C 408 92.47 60.43 2.63
C VAL C 408 93.94 60.82 2.71
N GLN C 409 94.81 59.90 3.14
CA GLN C 409 96.24 60.14 3.07
C GLN C 409 96.69 60.41 1.65
N GLU C 410 96.55 59.40 0.78
CA GLU C 410 96.99 59.52 -0.60
C GLU C 410 96.34 60.69 -1.32
N SER C 411 95.14 61.08 -0.89
CA SER C 411 94.49 62.25 -1.47
C SER C 411 94.97 63.55 -0.85
N LEU C 412 95.61 63.49 0.32
CA LEU C 412 96.18 64.69 0.92
C LEU C 412 97.65 64.87 0.54
N GLU C 413 98.34 63.78 0.25
CA GLU C 413 99.70 63.84 -0.29
C GLU C 413 99.72 64.15 -1.78
N ARG C 414 98.56 64.27 -2.42
CA ARG C 414 98.51 64.71 -3.81
C ARG C 414 98.49 66.23 -3.91
N LYS C 415 97.69 66.90 -3.07
CA LYS C 415 97.73 68.36 -3.01
C LYS C 415 99.00 68.88 -2.35
N PHE C 416 99.80 68.00 -1.78
CA PHE C 416 101.04 68.36 -1.09
C PHE C 416 102.16 67.51 -1.70
N GLY C 417 102.97 68.14 -2.55
CA GLY C 417 103.79 67.45 -3.54
C GLY C 417 104.71 66.38 -2.99
N LYS C 418 105.06 66.43 -1.72
CA LYS C 418 105.88 65.39 -1.10
C LYS C 418 105.03 64.16 -0.82
N HIS C 419 105.54 62.99 -1.24
CA HIS C 419 104.82 61.72 -1.14
C HIS C 419 105.47 60.88 -0.04
N GLY C 420 105.17 61.23 1.21
CA GLY C 420 105.68 60.45 2.33
C GLY C 420 105.35 61.08 3.67
N GLY C 421 105.01 62.36 3.66
CA GLY C 421 104.73 63.07 4.89
C GLY C 421 103.54 62.53 5.68
N THR C 422 102.34 62.86 5.22
CA THR C 422 101.14 62.71 6.05
C THR C 422 100.89 61.25 6.42
N ILE C 423 100.35 61.05 7.62
CA ILE C 423 100.10 59.71 8.16
C ILE C 423 98.76 59.65 8.91
N PRO C 424 97.62 59.68 8.24
CA PRO C 424 96.36 59.30 8.90
C PRO C 424 96.04 57.82 8.85
N ILE C 425 97.01 56.96 8.46
CA ILE C 425 96.79 55.52 8.47
C ILE C 425 96.32 55.05 9.83
N VAL C 426 96.76 55.73 10.88
CA VAL C 426 96.49 55.32 12.25
C VAL C 426 95.16 55.90 12.72
N PRO C 427 94.24 55.07 13.19
CA PRO C 427 93.02 55.58 13.82
C PRO C 427 93.28 55.97 15.27
N THR C 428 92.27 56.61 15.87
CA THR C 428 92.34 56.95 17.28
C THR C 428 92.56 55.69 18.11
N ALA C 429 93.14 55.89 19.30
CA ALA C 429 93.49 54.75 20.15
C ALA C 429 92.28 53.88 20.43
N GLU C 430 91.11 54.49 20.62
CA GLU C 430 89.90 53.74 20.91
C GLU C 430 89.46 52.90 19.71
N PHE C 431 89.56 53.46 18.50
CA PHE C 431 89.12 52.75 17.30
C PHE C 431 90.10 51.64 16.91
N GLN C 432 91.38 51.80 17.23
CA GLN C 432 92.35 50.73 16.95
C GLN C 432 92.01 49.48 17.75
N ASP C 433 91.65 49.64 19.02
CA ASP C 433 91.21 48.50 19.83
C ASP C 433 89.90 47.93 19.31
N ARG C 434 89.08 48.75 18.66
CA ARG C 434 87.80 48.27 18.12
C ARG C 434 88.03 47.19 17.07
N ILE C 435 88.75 47.53 16.00
CA ILE C 435 88.96 46.58 14.90
C ILE C 435 89.99 45.50 15.22
N SER C 436 90.70 45.61 16.35
CA SER C 436 91.60 44.54 16.79
C SER C 436 90.84 43.51 17.64
N GLY C 437 90.20 43.98 18.70
CA GLY C 437 89.41 43.10 19.56
C GLY C 437 87.97 42.98 19.10
N ALA C 438 87.77 42.88 17.79
CA ALA C 438 86.42 42.81 17.23
C ALA C 438 85.86 41.40 17.39
N SER C 439 84.62 41.30 17.85
CA SER C 439 83.98 40.02 18.10
C SER C 439 82.47 40.20 18.03
N GLU C 440 81.76 39.09 18.27
CA GLU C 440 80.31 39.13 18.37
C GLU C 440 79.87 39.97 19.56
N LYS C 441 80.63 39.90 20.67
CA LYS C 441 80.29 40.60 21.90
C LYS C 441 79.90 42.05 21.66
N ASP C 442 80.64 42.74 20.80
CA ASP C 442 80.44 44.18 20.62
C ASP C 442 79.11 44.47 19.92
N ILE C 443 78.78 43.69 18.90
CA ILE C 443 77.51 43.88 18.18
C ILE C 443 76.35 43.76 19.15
N VAL C 444 76.49 42.92 20.18
CA VAL C 444 75.43 42.77 21.19
C VAL C 444 75.35 44.01 22.06
N HIS C 445 76.49 44.47 22.59
CA HIS C 445 76.48 45.64 23.46
C HIS C 445 75.91 46.86 22.75
N SER C 446 76.26 47.05 21.48
CA SER C 446 75.77 48.22 20.75
C SER C 446 74.29 48.08 20.43
N GLY C 447 73.85 46.88 20.06
CA GLY C 447 72.43 46.67 19.81
C GLY C 447 71.59 46.74 21.08
N LEU C 448 72.15 46.27 22.20
CA LEU C 448 71.46 46.42 23.48
C LEU C 448 71.31 47.88 23.86
N ALA C 449 72.39 48.66 23.71
CA ALA C 449 72.30 50.09 23.96
C ALA C 449 71.32 50.75 23.00
N TYR C 450 71.41 50.41 21.70
CA TYR C 450 70.48 50.98 20.73
C TYR C 450 69.03 50.64 21.06
N THR C 451 68.78 49.39 21.44
CA THR C 451 67.42 49.01 21.84
C THR C 451 67.01 49.71 23.12
N MET C 452 67.86 49.66 24.14
CA MET C 452 67.55 50.25 25.43
C MET C 452 67.34 51.76 25.33
N GLU C 453 68.33 52.46 24.77
CA GLU C 453 68.27 53.91 24.68
C GLU C 453 67.03 54.37 23.91
N ARG C 454 66.79 53.79 22.74
CA ARG C 454 65.62 54.18 21.96
C ARG C 454 64.31 53.90 22.69
N SER C 455 64.32 52.91 23.61
CA SER C 455 63.12 52.64 24.39
C SER C 455 62.87 53.75 25.40
N ALA C 456 63.93 54.24 26.06
CA ALA C 456 63.77 55.35 26.99
C ALA C 456 63.24 56.59 26.29
N ARG C 457 63.57 56.77 25.01
CA ARG C 457 63.01 57.87 24.25
C ARG C 457 61.51 57.68 24.01
N GLN C 458 61.10 56.46 23.67
CA GLN C 458 59.69 56.16 23.50
C GLN C 458 58.90 56.36 24.80
N ILE C 459 59.59 56.43 25.94
CA ILE C 459 58.95 56.58 27.24
C ILE C 459 58.91 58.04 27.65
N MET C 460 60.08 58.69 27.68
CA MET C 460 60.16 60.09 28.08
C MET C 460 59.45 61.02 27.11
N ARG C 461 58.99 60.51 25.97
CA ARG C 461 58.09 61.22 25.07
C ARG C 461 56.63 61.00 25.43
N THR C 462 56.27 59.75 25.72
CA THR C 462 54.91 59.41 26.15
C THR C 462 54.68 59.66 27.63
N ALA C 463 55.72 60.07 28.37
CA ALA C 463 55.53 60.47 29.76
C ALA C 463 55.08 61.92 29.86
N MET C 464 55.86 62.83 29.25
CA MET C 464 55.49 64.24 29.25
C MET C 464 54.38 64.56 28.25
N LYS C 465 53.90 63.55 27.49
CA LYS C 465 52.66 63.71 26.75
C LYS C 465 51.44 63.67 27.66
N TYR C 466 51.58 63.10 28.85
CA TYR C 466 50.45 62.94 29.76
C TYR C 466 50.75 63.46 31.16
N ASN C 467 51.84 64.20 31.34
CA ASN C 467 52.18 64.84 32.62
C ASN C 467 52.39 63.80 33.72
N LEU C 468 52.95 62.66 33.35
CA LEU C 468 53.29 61.65 34.35
C LEU C 468 54.49 62.08 35.17
N GLY C 469 55.48 62.70 34.53
CA GLY C 469 56.66 63.18 35.23
C GLY C 469 57.45 62.07 35.89
N LEU C 470 57.19 61.84 37.17
CA LEU C 470 57.99 60.94 37.99
C LEU C 470 57.51 59.50 37.96
N ASP C 471 56.27 59.27 37.52
CA ASP C 471 55.69 57.93 37.48
C ASP C 471 55.90 57.34 36.09
N LEU C 472 57.13 56.87 35.86
CA LEU C 472 57.47 56.26 34.58
C LEU C 472 56.94 54.84 34.47
N ARG C 473 56.62 54.22 35.61
CA ARG C 473 55.93 52.93 35.59
C ARG C 473 54.68 52.99 34.72
N THR C 474 53.76 53.88 35.07
CA THR C 474 52.56 54.08 34.26
C THR C 474 52.88 54.71 32.91
N ALA C 475 54.07 55.29 32.74
CA ALA C 475 54.53 55.70 31.41
C ALA C 475 55.11 54.54 30.62
N ALA C 476 55.55 53.49 31.32
CA ALA C 476 56.04 52.30 30.62
C ALA C 476 54.90 51.48 30.04
N TYR C 477 54.01 50.99 30.92
CA TYR C 477 52.91 50.15 30.48
C TYR C 477 52.04 50.85 29.43
N VAL C 478 51.86 52.17 29.56
CA VAL C 478 51.07 52.91 28.58
C VAL C 478 51.72 52.86 27.20
N ASN C 479 53.03 52.62 27.14
CA ASN C 479 53.70 52.50 25.85
C ASN C 479 53.61 51.08 25.30
N ALA C 480 53.69 50.08 26.17
CA ALA C 480 53.63 48.70 25.70
C ALA C 480 52.23 48.34 25.25
N ILE C 481 51.21 48.79 25.98
CA ILE C 481 49.81 48.50 25.63
C ILE C 481 49.54 48.86 24.17
N GLU C 482 49.89 50.09 23.79
CA GLU C 482 49.61 50.56 22.44
C GLU C 482 50.39 49.80 21.38
N LYS C 483 51.50 49.17 21.74
CA LYS C 483 52.24 48.39 20.75
C LYS C 483 51.58 47.04 20.52
N VAL C 484 51.06 46.42 21.57
CA VAL C 484 50.40 45.13 21.43
C VAL C 484 49.02 45.30 20.78
N PHE C 485 48.30 46.37 21.17
CA PHE C 485 47.01 46.66 20.54
C PHE C 485 47.13 46.74 19.03
N ARG C 486 48.11 47.51 18.54
CA ARG C 486 48.34 47.63 17.10
C ARG C 486 48.48 46.25 16.47
N VAL C 487 49.24 45.37 17.11
CA VAL C 487 49.39 44.00 16.61
C VAL C 487 48.03 43.31 16.56
N TYR C 488 47.19 43.52 17.58
CA TYR C 488 45.87 42.90 17.58
C TYR C 488 44.90 43.61 16.64
N ASN C 489 44.94 44.95 16.60
CA ASN C 489 43.98 45.68 15.76
C ASN C 489 44.18 45.37 14.28
N GLU C 490 45.42 45.14 13.85
CA GLU C 490 45.73 44.92 12.45
C GLU C 490 45.83 43.45 12.09
N ALA C 491 45.45 42.55 13.00
CA ALA C 491 45.44 41.12 12.74
C ALA C 491 44.03 40.54 12.62
N GLY C 492 43.04 41.15 13.28
CA GLY C 492 41.66 40.79 13.10
C GLY C 492 41.21 39.51 13.79
N VAL C 493 39.97 39.53 14.28
CA VAL C 493 39.31 38.36 14.85
C VAL C 493 39.39 37.21 13.86
N THR C 494 40.04 36.11 14.26
CA THR C 494 40.25 34.96 13.39
C THR C 494 39.13 33.95 13.59
N PHE C 495 38.22 33.88 12.62
CA PHE C 495 37.16 32.88 12.65
C PHE C 495 37.75 31.52 12.30
N THR C 496 37.69 30.59 13.24
CA THR C 496 38.44 29.36 13.05
C THR C 496 37.56 28.12 13.29
N ASP D 1 45.33 40.95 -32.37
CA ASP D 1 46.49 40.79 -31.52
C ASP D 1 46.08 40.30 -30.13
N PRO D 2 46.94 39.51 -29.47
CA PRO D 2 46.58 38.93 -28.17
C PRO D 2 46.25 39.99 -27.12
N ASN D 3 45.11 40.66 -27.28
CA ASN D 3 44.72 41.77 -26.41
C ASN D 3 44.30 41.33 -25.01
N PHE D 4 44.17 40.03 -24.73
CA PHE D 4 43.77 39.51 -23.43
C PHE D 4 44.26 38.08 -23.18
N PHE D 5 44.00 37.17 -24.13
CA PHE D 5 44.35 35.75 -24.01
C PHE D 5 45.85 35.53 -23.97
N LYS D 6 46.40 34.91 -25.03
CA LYS D 6 47.83 34.61 -25.09
C LYS D 6 48.65 35.89 -25.12
N MET D 7 48.43 36.76 -24.12
CA MET D 7 48.98 38.11 -24.12
C MET D 7 50.49 38.10 -24.34
N VAL D 8 51.19 37.31 -23.55
CA VAL D 8 52.65 37.30 -23.60
C VAL D 8 53.20 36.19 -24.49
N GLU D 9 52.38 35.20 -24.85
CA GLU D 9 52.85 34.07 -25.66
C GLU D 9 53.60 34.56 -26.89
N GLY D 10 53.14 35.65 -27.50
CA GLY D 10 53.89 36.25 -28.58
C GLY D 10 55.26 36.75 -28.14
N PHE D 11 55.32 37.39 -26.98
CA PHE D 11 56.57 37.93 -26.49
C PHE D 11 57.61 36.84 -26.27
N PHE D 12 57.22 35.75 -25.60
CA PHE D 12 58.13 34.63 -25.41
C PHE D 12 58.62 34.08 -26.75
N ASP D 13 57.69 33.63 -27.58
CA ASP D 13 58.05 33.02 -28.86
C ASP D 13 58.98 33.92 -29.67
N ARG D 14 58.63 35.20 -29.76
CA ARG D 14 59.49 36.18 -30.42
C ARG D 14 60.87 36.20 -29.76
N GLY D 15 60.90 36.23 -28.42
CA GLY D 15 62.17 36.14 -27.73
C GLY D 15 62.82 34.78 -27.87
N ALA D 16 62.00 33.72 -27.92
CA ALA D 16 62.51 32.36 -27.94
C ALA D 16 63.42 32.12 -29.14
N SER D 17 62.96 32.51 -30.33
CA SER D 17 63.72 32.25 -31.54
C SER D 17 65.10 32.87 -31.50
N ILE D 18 65.27 33.97 -30.75
CA ILE D 18 66.53 34.70 -30.76
C ILE D 18 67.62 33.93 -30.02
N VAL D 19 67.31 33.43 -28.82
CA VAL D 19 68.31 32.76 -28.00
C VAL D 19 68.74 31.41 -28.54
N GLU D 20 68.12 30.92 -29.60
CA GLU D 20 68.45 29.60 -30.14
C GLU D 20 69.94 29.44 -30.34
N ASP D 21 70.58 30.42 -31.00
CA ASP D 21 71.98 30.27 -31.40
C ASP D 21 72.91 30.34 -30.18
N LYS D 22 72.71 31.34 -29.32
CA LYS D 22 73.62 31.51 -28.18
C LYS D 22 73.62 30.27 -27.29
N LEU D 23 72.45 29.66 -27.09
CA LEU D 23 72.33 28.57 -26.14
C LEU D 23 73.13 27.34 -26.60
N VAL D 24 72.94 26.91 -27.85
CA VAL D 24 73.73 25.81 -28.37
C VAL D 24 75.20 26.18 -28.44
N GLU D 25 75.50 27.46 -28.68
CA GLU D 25 76.88 27.95 -28.61
C GLU D 25 77.39 27.91 -27.17
N ASP D 26 76.65 28.54 -26.25
CA ASP D 26 77.06 28.59 -24.85
C ASP D 26 77.06 27.21 -24.21
N LEU D 27 76.40 26.22 -24.82
CA LEU D 27 76.36 24.89 -24.25
C LEU D 27 77.71 24.21 -24.36
N LYS D 28 78.23 23.76 -23.22
CA LYS D 28 79.54 23.13 -23.12
C LYS D 28 79.35 21.76 -22.49
N THR D 29 79.02 20.77 -23.32
CA THR D 29 78.85 19.40 -22.85
C THR D 29 79.43 18.47 -23.91
N ARG D 30 79.34 17.17 -23.64
CA ARG D 30 79.84 16.17 -24.57
C ARG D 30 78.77 15.70 -25.54
N GLU D 31 77.65 16.40 -25.62
CA GLU D 31 76.63 16.08 -26.59
C GLU D 31 77.29 16.33 -27.95
N THR D 32 77.24 17.57 -28.44
CA THR D 32 77.85 18.04 -29.69
C THR D 32 77.22 17.42 -30.93
N GLU D 33 75.95 17.74 -31.15
CA GLU D 33 75.13 17.20 -32.25
C GLU D 33 74.52 18.32 -33.09
N GLU D 34 73.48 17.96 -33.82
CA GLU D 34 72.43 18.89 -34.22
C GLU D 34 71.17 18.70 -33.41
N GLN D 35 71.10 17.64 -32.59
CA GLN D 35 70.03 17.43 -31.63
C GLN D 35 70.13 18.38 -30.44
N LYS D 36 71.16 19.23 -30.39
CA LYS D 36 71.22 20.25 -29.35
C LYS D 36 70.01 21.16 -29.41
N ARG D 37 69.49 21.39 -30.62
CA ARG D 37 68.27 22.18 -30.78
C ARG D 37 67.07 21.46 -30.15
N ASN D 38 66.99 20.14 -30.31
CA ASN D 38 65.88 19.37 -29.73
C ASN D 38 65.80 19.55 -28.23
N ARG D 39 66.96 19.54 -27.56
CA ARG D 39 67.01 19.82 -26.13
C ARG D 39 66.33 21.14 -25.81
N VAL D 40 66.86 22.23 -26.38
CA VAL D 40 66.38 23.56 -26.04
C VAL D 40 64.96 23.80 -26.56
N ARG D 41 64.65 23.27 -27.75
CA ARG D 41 63.30 23.45 -28.30
C ARG D 41 62.26 22.77 -27.43
N GLY D 42 62.63 21.71 -26.73
CA GLY D 42 61.76 21.10 -25.76
C GLY D 42 61.74 21.85 -24.44
N ILE D 43 62.92 22.25 -23.96
CA ILE D 43 63.02 22.91 -22.66
C ILE D 43 62.22 24.20 -22.65
N LEU D 44 62.28 24.97 -23.75
CA LEU D 44 61.46 26.18 -23.85
C LEU D 44 59.97 25.83 -23.81
N ARG D 45 59.58 24.76 -24.51
CA ARG D 45 58.21 24.29 -24.44
C ARG D 45 57.83 23.81 -23.05
N ILE D 46 58.81 23.61 -22.15
CA ILE D 46 58.53 23.33 -20.75
C ILE D 46 58.26 24.63 -20.00
N ILE D 47 58.90 25.73 -20.41
CA ILE D 47 58.80 26.98 -19.68
C ILE D 47 57.56 27.75 -20.09
N LYS D 48 57.18 27.66 -21.36
CA LYS D 48 56.00 28.37 -21.88
C LYS D 48 54.74 28.12 -21.06
N PRO D 49 54.34 26.88 -20.75
CA PRO D 49 53.10 26.69 -20.01
C PRO D 49 53.31 26.61 -18.51
N CYS D 50 52.34 27.15 -17.78
CA CYS D 50 52.32 26.99 -16.32
C CYS D 50 52.21 25.52 -15.97
N ASN D 51 53.22 25.01 -15.27
CA ASN D 51 53.26 23.58 -14.99
C ASN D 51 52.18 23.15 -14.00
N HIS D 52 51.63 24.07 -13.22
CA HIS D 52 50.52 23.77 -12.33
C HIS D 52 49.58 24.96 -12.29
N VAL D 53 48.28 24.67 -12.19
CA VAL D 53 47.25 25.69 -12.00
C VAL D 53 46.00 25.06 -11.40
N LEU D 54 45.57 25.61 -10.26
CA LEU D 54 44.42 25.10 -9.54
C LEU D 54 43.21 26.00 -9.82
N SER D 55 42.11 25.38 -10.22
CA SER D 55 40.82 26.04 -10.28
C SER D 55 40.00 25.60 -9.07
N LEU D 56 39.42 26.58 -8.38
CA LEU D 56 38.78 26.39 -7.08
C LEU D 56 37.28 26.62 -7.16
N SER D 57 36.59 26.20 -6.10
CA SER D 57 35.14 26.33 -6.02
C SER D 57 34.75 26.08 -4.56
N PHE D 58 34.61 27.16 -3.80
CA PHE D 58 34.30 27.02 -2.38
C PHE D 58 33.15 27.94 -2.01
N PRO D 59 32.36 27.55 -1.01
CA PRO D 59 31.19 28.35 -0.63
C PRO D 59 31.38 29.18 0.63
N ILE D 60 30.58 30.24 0.77
CA ILE D 60 30.55 31.06 1.97
C ILE D 60 29.10 31.35 2.32
N ARG D 61 28.88 32.38 3.14
CA ARG D 61 27.53 32.84 3.43
C ARG D 61 27.61 34.29 3.92
N ARG D 62 26.78 35.15 3.33
CA ARG D 62 26.87 36.59 3.52
C ARG D 62 26.19 37.00 4.82
N ASP D 63 26.24 38.30 5.12
CA ASP D 63 25.59 38.82 6.33
C ASP D 63 24.11 38.48 6.34
N ASP D 64 23.51 38.26 5.17
CA ASP D 64 22.10 37.88 5.09
C ASP D 64 21.88 36.54 5.76
N GLY D 65 22.71 35.55 5.43
CA GLY D 65 22.43 34.16 5.66
C GLY D 65 22.28 33.38 4.38
N SER D 66 22.16 34.08 3.26
CA SER D 66 22.17 33.47 1.95
C SER D 66 23.56 32.91 1.65
N TRP D 67 23.64 32.06 0.63
CA TRP D 67 24.85 31.32 0.31
C TRP D 67 25.27 31.57 -1.13
N GLU D 68 26.58 31.65 -1.36
CA GLU D 68 27.12 31.95 -2.68
C GLU D 68 28.31 31.05 -2.97
N VAL D 69 28.33 30.45 -4.17
CA VAL D 69 29.50 29.74 -4.65
C VAL D 69 30.48 30.74 -5.23
N ILE D 70 31.75 30.62 -4.85
CA ILE D 70 32.79 31.52 -5.31
C ILE D 70 33.78 30.72 -6.14
N GLU D 71 33.95 31.12 -7.39
CA GLU D 71 35.02 30.57 -8.20
C GLU D 71 36.34 31.27 -7.86
N GLY D 72 37.43 30.56 -8.06
CA GLY D 72 38.75 31.11 -7.83
C GLY D 72 39.79 30.31 -8.56
N TYR D 73 40.84 30.98 -8.99
CA TYR D 73 41.95 30.32 -9.67
C TYR D 73 43.27 30.75 -9.06
N ARG D 74 44.28 29.92 -9.25
CA ARG D 74 45.66 30.27 -8.99
C ARG D 74 46.56 29.40 -9.85
N ALA D 75 47.54 30.04 -10.50
CA ALA D 75 48.42 29.39 -11.47
C ALA D 75 49.86 29.48 -11.01
N GLN D 76 50.48 28.34 -10.73
CA GLN D 76 51.91 28.27 -10.45
C GLN D 76 52.64 28.01 -11.77
N HIS D 77 53.25 29.06 -12.32
CA HIS D 77 53.92 28.91 -13.62
C HIS D 77 55.10 27.96 -13.54
N SER D 78 56.18 28.39 -12.89
CA SER D 78 57.40 27.61 -12.81
C SER D 78 57.72 27.27 -11.37
N GLN D 79 58.50 26.20 -11.19
CA GLN D 79 58.98 25.80 -9.88
C GLN D 79 60.49 25.58 -9.90
N HIS D 80 61.21 26.28 -10.78
CA HIS D 80 62.66 26.18 -10.78
C HIS D 80 63.24 26.81 -9.52
N ARG D 81 62.65 27.90 -9.05
CA ARG D 81 63.01 28.51 -7.78
C ARG D 81 62.02 28.06 -6.71
N THR D 82 62.55 27.76 -5.52
CA THR D 82 61.79 26.95 -4.57
C THR D 82 60.46 27.58 -4.19
N PRO D 83 60.36 28.90 -3.92
CA PRO D 83 59.05 29.46 -3.60
C PRO D 83 58.46 30.13 -4.83
N CYS D 84 57.14 30.10 -4.95
CA CYS D 84 56.47 30.79 -6.05
C CYS D 84 55.86 32.07 -5.55
N LYS D 85 55.74 33.04 -6.44
CA LYS D 85 55.41 34.41 -6.07
C LYS D 85 54.45 35.02 -7.07
N GLY D 86 53.56 35.87 -6.56
CA GLY D 86 52.64 36.62 -7.39
C GLY D 86 51.40 36.96 -6.59
N GLY D 87 50.87 38.14 -6.85
CA GLY D 87 49.72 38.63 -6.10
C GLY D 87 48.44 37.88 -6.42
N ILE D 88 47.37 38.31 -5.76
CA ILE D 88 46.03 37.78 -5.97
C ILE D 88 45.13 38.96 -6.32
N ARG D 89 44.03 38.65 -7.03
CA ARG D 89 43.20 39.69 -7.62
C ARG D 89 41.74 39.40 -7.36
N TYR D 90 40.98 40.45 -7.02
CA TYR D 90 39.58 40.34 -6.62
C TYR D 90 38.70 41.10 -7.61
N SER D 91 38.48 40.52 -8.78
CA SER D 91 37.69 41.19 -9.79
C SER D 91 36.87 40.18 -10.58
N THR D 92 35.76 40.68 -11.15
CA THR D 92 35.01 39.89 -12.11
C THR D 92 35.84 39.61 -13.36
N ASP D 93 36.83 40.46 -13.64
CA ASP D 93 37.75 40.24 -14.75
C ASP D 93 38.41 38.86 -14.68
N VAL D 94 38.68 38.38 -13.46
CA VAL D 94 39.44 37.17 -13.21
C VAL D 94 38.99 36.02 -14.11
N SER D 95 39.93 35.49 -14.90
CA SER D 95 39.67 34.38 -15.79
C SER D 95 40.80 33.36 -15.68
N VAL D 96 40.48 32.11 -15.97
CA VAL D 96 41.49 31.05 -15.93
C VAL D 96 42.68 31.43 -16.80
N ASP D 97 42.40 31.86 -18.03
CA ASP D 97 43.47 32.23 -18.95
C ASP D 97 44.20 33.50 -18.51
N GLU D 98 43.51 34.36 -17.76
CA GLU D 98 44.12 35.59 -17.28
C GLU D 98 45.24 35.29 -16.27
N VAL D 99 44.88 34.65 -15.15
CA VAL D 99 45.87 34.31 -14.14
C VAL D 99 46.93 33.38 -14.72
N LYS D 100 46.52 32.48 -15.62
CA LYS D 100 47.46 31.61 -16.30
C LYS D 100 48.47 32.42 -17.12
N ALA D 101 48.12 33.65 -17.49
CA ALA D 101 49.03 34.51 -18.24
C ALA D 101 49.90 35.36 -17.33
N LEU D 102 49.28 36.10 -16.40
CA LEU D 102 50.05 36.97 -15.51
C LEU D 102 51.05 36.19 -14.68
N ALA D 103 50.74 34.92 -14.36
CA ALA D 103 51.71 34.08 -13.68
C ALA D 103 52.97 33.89 -14.51
N SER D 104 52.80 33.74 -15.83
CA SER D 104 53.96 33.65 -16.71
C SER D 104 54.79 34.93 -16.65
N LEU D 105 54.13 36.08 -16.73
CA LEU D 105 54.82 37.37 -16.60
C LEU D 105 55.69 37.41 -15.35
N MET D 106 55.08 37.11 -14.19
CA MET D 106 55.79 37.18 -12.92
C MET D 106 57.01 36.27 -12.87
N THR D 107 57.04 35.22 -13.69
CA THR D 107 58.22 34.35 -13.74
C THR D 107 59.42 35.11 -14.29
N TYR D 108 59.28 35.69 -15.49
CA TYR D 108 60.39 36.40 -16.11
C TYR D 108 60.65 37.75 -15.47
N LYS D 109 59.59 38.41 -14.97
CA LYS D 109 59.77 39.64 -14.22
C LYS D 109 60.75 39.44 -13.07
N CYS D 110 60.52 38.42 -12.26
CA CYS D 110 61.41 38.08 -11.16
C CYS D 110 62.67 37.34 -11.62
N ALA D 111 62.86 37.19 -12.92
CA ALA D 111 64.12 36.67 -13.45
C ALA D 111 65.02 37.77 -14.00
N VAL D 112 64.48 38.95 -14.26
CA VAL D 112 65.30 40.07 -14.72
C VAL D 112 66.00 40.74 -13.55
N VAL D 113 65.24 41.12 -12.53
CA VAL D 113 65.81 41.72 -11.31
C VAL D 113 66.56 40.71 -10.47
N ASP D 114 66.71 39.47 -10.94
CA ASP D 114 67.47 38.41 -10.26
C ASP D 114 66.88 38.12 -8.87
N VAL D 115 65.64 37.65 -8.87
CA VAL D 115 64.91 37.29 -7.66
C VAL D 115 64.63 35.79 -7.69
N PRO D 116 65.07 35.02 -6.71
CA PRO D 116 64.89 33.57 -6.77
C PRO D 116 63.46 33.13 -6.45
N PHE D 117 62.50 33.66 -7.21
CA PHE D 117 61.10 33.31 -7.04
C PHE D 117 60.56 32.70 -8.33
N GLY D 118 59.81 31.60 -8.18
CA GLY D 118 59.02 31.10 -9.28
C GLY D 118 57.77 31.93 -9.48
N GLY D 119 57.22 31.86 -10.68
CA GLY D 119 56.08 32.70 -11.05
C GLY D 119 54.75 32.06 -10.72
N ALA D 120 53.84 32.88 -10.20
CA ALA D 120 52.50 32.43 -9.86
C ALA D 120 51.55 33.63 -9.84
N LYS D 121 50.26 33.33 -9.92
CA LYS D 121 49.23 34.36 -9.84
C LYS D 121 47.90 33.70 -9.49
N ALA D 122 47.06 34.43 -8.78
CA ALA D 122 45.74 33.95 -8.39
C ALA D 122 44.68 35.00 -8.68
N GLY D 123 43.43 34.56 -8.66
CA GLY D 123 42.30 35.45 -8.88
C GLY D 123 41.04 34.87 -8.30
N VAL D 124 40.10 35.77 -7.97
CA VAL D 124 38.79 35.41 -7.45
C VAL D 124 37.75 36.20 -8.21
N LYS D 125 36.76 35.50 -8.77
CA LYS D 125 35.77 36.10 -9.68
C LYS D 125 34.62 36.71 -8.89
N ILE D 126 34.90 37.84 -8.24
CA ILE D 126 33.87 38.58 -7.53
C ILE D 126 34.06 40.08 -7.73
N ASN D 127 33.32 40.88 -6.97
CA ASN D 127 33.43 42.33 -7.01
C ASN D 127 33.35 42.86 -5.59
N PRO D 128 34.45 43.39 -5.04
CA PRO D 128 34.48 43.70 -3.60
C PRO D 128 33.45 44.71 -3.15
N LYS D 129 33.06 45.66 -4.00
CA LYS D 129 32.06 46.65 -3.60
C LYS D 129 30.73 45.98 -3.22
N ASN D 130 30.45 44.81 -3.78
CA ASN D 130 29.20 44.11 -3.50
C ASN D 130 29.21 43.37 -2.17
N TYR D 131 30.37 43.24 -1.53
CA TYR D 131 30.49 42.52 -0.27
C TYR D 131 30.94 43.47 0.84
N THR D 132 30.45 43.21 2.05
CA THR D 132 30.87 44.00 3.20
C THR D 132 32.26 43.55 3.67
N ASP D 133 32.89 44.39 4.49
CA ASP D 133 34.19 44.05 5.04
C ASP D 133 34.16 42.72 5.78
N ASN D 134 33.14 42.53 6.63
CA ASN D 134 32.97 41.23 7.28
C ASN D 134 32.88 40.11 6.26
N GLU D 135 32.08 40.33 5.21
CA GLU D 135 31.93 39.31 4.17
C GLU D 135 33.24 39.04 3.47
N LEU D 136 34.10 40.05 3.32
CA LEU D 136 35.34 39.88 2.58
C LEU D 136 36.41 39.15 3.38
N GLU D 137 36.34 39.20 4.71
CA GLU D 137 37.31 38.48 5.53
C GLU D 137 37.18 36.98 5.35
N LYS D 138 35.94 36.46 5.46
CA LYS D 138 35.73 35.02 5.36
C LYS D 138 36.08 34.49 3.99
N ILE D 139 35.77 35.24 2.93
CA ILE D 139 36.24 34.89 1.59
C ILE D 139 37.76 34.72 1.60
N THR D 140 38.48 35.78 2.00
CA THR D 140 39.94 35.72 2.07
C THR D 140 40.40 34.58 2.96
N ARG D 141 39.77 34.42 4.13
CA ARG D 141 40.24 33.44 5.09
C ARG D 141 40.12 32.03 4.55
N ARG D 142 38.96 31.69 4.01
CA ARG D 142 38.76 30.32 3.55
C ARG D 142 39.46 30.05 2.22
N PHE D 143 39.57 31.08 1.37
CA PHE D 143 40.39 30.94 0.17
C PHE D 143 41.81 30.52 0.53
N THR D 144 42.33 31.02 1.65
CA THR D 144 43.62 30.58 2.15
C THR D 144 43.63 29.07 2.42
N MET D 145 42.68 28.61 3.24
CA MET D 145 42.62 27.20 3.63
C MET D 145 42.68 26.28 2.42
N GLU D 146 41.74 26.45 1.48
CA GLU D 146 41.66 25.57 0.33
C GLU D 146 42.91 25.60 -0.54
N LEU D 147 43.71 26.66 -0.44
CA LEU D 147 44.99 26.67 -1.14
C LEU D 147 46.10 25.96 -0.39
N ALA D 148 45.98 25.84 0.94
CA ALA D 148 47.02 25.17 1.71
C ALA D 148 46.88 23.66 1.66
N LYS D 149 45.64 23.16 1.80
CA LYS D 149 45.41 21.73 1.71
C LYS D 149 45.88 21.15 0.39
N LYS D 150 46.01 21.98 -0.64
CA LYS D 150 46.50 21.54 -1.94
C LYS D 150 47.88 22.08 -2.28
N GLY D 151 48.54 22.78 -1.35
CA GLY D 151 49.92 23.19 -1.56
C GLY D 151 50.13 24.34 -2.53
N PHE D 152 49.37 25.43 -2.35
CA PHE D 152 49.52 26.63 -3.16
C PHE D 152 49.72 27.88 -2.30
N ILE D 153 49.94 27.70 -1.01
CA ILE D 153 50.27 28.80 -0.10
C ILE D 153 51.21 28.27 0.97
N GLY D 154 52.40 28.86 1.06
CA GLY D 154 53.37 28.44 2.03
C GLY D 154 54.79 28.82 1.66
N PRO D 155 55.57 29.27 2.64
CA PRO D 155 56.97 29.60 2.38
C PRO D 155 57.73 28.38 1.89
N GLY D 156 58.54 28.58 0.84
CA GLY D 156 59.19 27.49 0.16
C GLY D 156 58.28 26.71 -0.77
N VAL D 157 56.99 27.02 -0.81
CA VAL D 157 56.06 26.42 -1.76
C VAL D 157 55.51 27.51 -2.65
N ASP D 158 54.89 28.54 -2.03
CA ASP D 158 54.22 29.59 -2.79
C ASP D 158 53.84 30.77 -1.91
N VAL D 159 54.19 31.98 -2.32
CA VAL D 159 53.94 33.18 -1.51
C VAL D 159 53.19 34.22 -2.34
N PRO D 160 51.94 34.55 -1.99
CA PRO D 160 51.23 35.61 -2.71
C PRO D 160 51.64 37.02 -2.30
N ALA D 161 50.77 37.98 -2.57
CA ALA D 161 51.03 39.40 -2.41
C ALA D 161 49.74 40.17 -2.69
N PRO D 162 49.65 41.45 -2.33
CA PRO D 162 48.49 42.25 -2.75
C PRO D 162 48.65 42.67 -4.21
N ASP D 163 47.67 43.43 -4.69
CA ASP D 163 47.60 43.84 -6.09
C ASP D 163 46.33 44.64 -6.35
N MET D 164 45.50 44.12 -7.25
CA MET D 164 44.27 44.78 -7.68
C MET D 164 43.26 44.75 -6.54
N SER D 165 42.99 45.90 -5.95
CA SER D 165 41.96 46.06 -4.91
C SER D 165 42.20 45.14 -3.72
N THR D 166 43.44 44.69 -3.54
CA THR D 166 43.81 43.83 -2.42
C THR D 166 44.71 44.62 -1.48
N GLY D 167 44.25 44.81 -0.25
CA GLY D 167 44.95 45.64 0.71
C GLY D 167 45.76 44.84 1.71
N GLU D 168 46.52 45.57 2.53
CA GLU D 168 47.34 44.94 3.57
C GLU D 168 46.48 44.14 4.54
N ARG D 169 45.40 44.76 5.03
CA ARG D 169 44.48 44.08 5.95
C ARG D 169 44.06 42.71 5.41
N GLU D 170 43.91 42.59 4.09
CA GLU D 170 43.54 41.31 3.51
C GLU D 170 44.70 40.34 3.55
N MET D 171 45.90 40.80 3.20
CA MET D 171 47.09 39.97 3.36
C MET D 171 47.26 39.56 4.81
N SER D 172 46.85 40.43 5.74
CA SER D 172 46.90 40.11 7.17
C SER D 172 46.01 38.91 7.50
N TRP D 173 44.91 38.74 6.76
CA TRP D 173 44.03 37.62 7.01
C TRP D 173 44.62 36.32 6.47
N ILE D 174 45.32 36.41 5.33
CA ILE D 174 46.00 35.24 4.78
C ILE D 174 46.98 34.65 5.79
N ALA D 175 47.86 35.49 6.32
CA ALA D 175 48.82 35.03 7.32
C ALA D 175 48.11 34.48 8.55
N ASP D 176 47.25 35.31 9.16
CA ASP D 176 46.58 34.92 10.40
C ASP D 176 45.89 33.57 10.27
N THR D 177 45.38 33.24 9.08
CA THR D 177 44.74 31.95 8.87
C THR D 177 45.78 30.85 8.65
N TYR D 178 46.64 31.01 7.63
CA TYR D 178 47.69 30.02 7.39
C TYR D 178 48.50 29.77 8.64
N ALA D 179 48.91 30.84 9.33
CA ALA D 179 49.73 30.70 10.53
C ALA D 179 48.95 30.21 11.74
N SER D 180 47.63 30.03 11.63
CA SER D 180 46.83 29.52 12.73
C SER D 180 46.18 28.17 12.45
N THR D 181 46.32 27.63 11.24
CA THR D 181 45.75 26.33 10.95
C THR D 181 46.80 25.36 10.38
N ILE D 182 47.05 25.41 9.07
CA ILE D 182 47.98 24.47 8.45
C ILE D 182 49.40 24.70 8.94
N GLY D 183 49.96 25.87 8.64
CA GLY D 183 51.33 26.17 9.00
C GLY D 183 51.50 26.62 10.43
N HIS D 184 50.87 25.93 11.37
CA HIS D 184 50.99 26.30 12.78
C HIS D 184 52.39 26.01 13.31
N TYR D 185 52.88 24.79 13.09
CA TYR D 185 54.19 24.39 13.58
C TYR D 185 55.34 25.06 12.84
N ASP D 186 55.06 25.92 11.86
CA ASP D 186 56.06 26.50 10.98
C ASP D 186 56.60 27.79 11.56
N ILE D 187 57.92 27.88 11.70
CA ILE D 187 58.55 29.09 12.25
C ILE D 187 58.37 30.27 11.31
N ASN D 188 58.42 30.00 10.01
CA ASN D 188 58.23 31.00 8.97
C ASN D 188 56.78 31.06 8.49
N ALA D 189 55.83 30.81 9.40
CA ALA D 189 54.42 30.79 9.04
C ALA D 189 53.99 32.13 8.44
N HIS D 190 54.21 33.21 9.19
CA HIS D 190 53.80 34.53 8.73
C HIS D 190 54.57 34.99 7.50
N ALA D 191 55.61 34.27 7.09
CA ALA D 191 56.32 34.55 5.86
C ALA D 191 55.67 33.92 4.64
N CYS D 192 54.38 33.62 4.72
CA CYS D 192 53.69 32.98 3.61
C CYS D 192 53.08 33.99 2.64
N VAL D 193 52.90 35.24 3.05
CA VAL D 193 52.37 36.27 2.17
C VAL D 193 53.10 37.58 2.45
N THR D 194 53.50 38.27 1.38
CA THR D 194 54.10 39.59 1.48
C THR D 194 53.04 40.66 1.27
N GLY D 195 53.41 41.90 1.57
CA GLY D 195 52.49 43.01 1.51
C GLY D 195 51.63 43.21 2.74
N LYS D 196 51.79 42.36 3.76
CA LYS D 196 51.05 42.53 5.00
C LYS D 196 51.55 43.76 5.76
N PRO D 197 50.74 44.32 6.65
CA PRO D 197 51.09 45.60 7.29
C PRO D 197 52.31 45.47 8.21
N ILE D 198 52.77 46.65 8.66
CA ILE D 198 54.02 46.75 9.42
C ILE D 198 53.91 45.96 10.71
N SER D 199 52.94 46.31 11.55
CA SER D 199 52.76 45.65 12.85
C SER D 199 52.67 44.14 12.71
N GLN D 200 52.13 43.65 11.61
CA GLN D 200 52.03 42.22 11.35
C GLN D 200 53.32 41.62 10.80
N GLY D 201 54.41 42.38 10.80
CA GLY D 201 55.66 41.95 10.23
C GLY D 201 55.99 42.52 8.85
N GLY D 202 55.44 43.67 8.49
CA GLY D 202 55.71 44.27 7.20
C GLY D 202 57.07 44.94 7.16
N ILE D 203 57.39 45.47 5.98
CA ILE D 203 58.64 46.17 5.75
C ILE D 203 58.33 47.63 5.46
N HIS D 204 59.27 48.50 5.81
CA HIS D 204 59.15 49.93 5.53
C HIS D 204 59.67 50.19 4.11
N GLY D 205 58.84 50.80 3.28
CA GLY D 205 59.20 51.09 1.91
C GLY D 205 58.31 50.47 0.86
N ARG D 206 57.34 49.63 1.24
CA ARG D 206 56.38 49.10 0.25
C ARG D 206 55.59 50.23 -0.40
N ILE D 207 55.04 51.13 0.42
CA ILE D 207 54.22 52.22 -0.11
C ILE D 207 55.00 53.02 -1.14
N SER D 208 56.27 53.32 -0.85
CA SER D 208 57.11 54.13 -1.70
C SER D 208 57.89 53.30 -2.72
N ALA D 209 57.49 52.04 -2.95
CA ALA D 209 58.36 51.11 -3.65
C ALA D 209 58.35 51.33 -5.17
N THR D 210 57.18 51.23 -5.80
CA THR D 210 57.14 51.25 -7.25
C THR D 210 57.54 52.62 -7.81
N GLY D 211 57.23 53.70 -7.08
CA GLY D 211 57.67 55.01 -7.51
C GLY D 211 59.18 55.10 -7.65
N ARG D 212 59.91 54.64 -6.63
CA ARG D 212 61.37 54.59 -6.73
C ARG D 212 61.79 53.65 -7.85
N GLY D 213 61.10 52.52 -8.00
CA GLY D 213 61.43 51.61 -9.07
C GLY D 213 61.30 52.25 -10.44
N VAL D 214 60.25 53.05 -10.64
CA VAL D 214 60.12 53.81 -11.88
C VAL D 214 61.33 54.72 -12.09
N PHE D 215 61.67 55.50 -11.06
CA PHE D 215 62.72 56.51 -11.20
C PHE D 215 64.07 55.88 -11.53
N HIS D 216 64.48 54.85 -10.77
CA HIS D 216 65.77 54.23 -11.01
C HIS D 216 65.84 53.54 -12.36
N GLY D 217 64.71 53.05 -12.87
CA GLY D 217 64.70 52.55 -14.24
C GLY D 217 64.96 53.65 -15.25
N ILE D 218 64.31 54.81 -15.04
CA ILE D 218 64.57 56.00 -15.84
C ILE D 218 66.05 56.38 -15.77
N GLU D 219 66.59 56.41 -14.54
CA GLU D 219 67.91 56.97 -14.30
C GLU D 219 68.99 56.25 -15.08
N ASN D 220 68.82 54.95 -15.32
CA ASN D 220 69.85 54.15 -15.97
C ASN D 220 69.82 54.25 -17.50
N PHE D 221 69.19 55.28 -18.07
CA PHE D 221 69.16 55.44 -19.52
C PHE D 221 69.43 56.88 -19.95
N ILE D 222 68.87 57.86 -19.25
CA ILE D 222 69.22 59.26 -19.53
C ILE D 222 70.60 59.56 -18.96
N ASN D 223 71.27 58.52 -18.48
CA ASN D 223 72.65 58.66 -18.01
C ASN D 223 73.62 57.91 -18.88
N GLU D 224 73.15 57.01 -19.75
CA GLU D 224 73.99 56.35 -20.73
C GLU D 224 73.70 56.93 -22.11
N ALA D 225 74.74 57.47 -22.74
CA ALA D 225 74.64 58.10 -24.04
C ALA D 225 74.60 57.11 -25.20
N SER D 226 74.81 55.82 -24.94
CA SER D 226 74.61 54.81 -25.98
C SER D 226 73.22 54.92 -26.59
N TYR D 227 72.24 55.34 -25.78
CA TYR D 227 70.85 55.43 -26.19
C TYR D 227 70.38 56.89 -26.22
N MET D 228 71.31 57.82 -26.38
CA MET D 228 71.03 59.19 -26.77
C MET D 228 71.66 59.57 -28.10
N SER D 229 72.81 59.00 -28.44
CA SER D 229 73.42 59.15 -29.75
C SER D 229 72.59 58.48 -30.85
N ILE D 230 71.44 57.90 -30.51
CA ILE D 230 70.54 57.30 -31.47
C ILE D 230 69.14 57.89 -31.39
N LEU D 231 68.66 58.16 -30.18
CA LEU D 231 67.37 58.82 -30.00
C LEU D 231 67.46 60.32 -30.11
N GLY D 232 68.63 60.90 -29.85
CA GLY D 232 68.72 62.33 -29.67
C GLY D 232 68.68 62.65 -28.18
N MET D 233 68.02 63.75 -27.82
CA MET D 233 67.88 64.20 -26.45
C MET D 233 69.18 64.51 -25.73
N THR D 234 69.11 65.41 -24.76
CA THR D 234 70.24 65.68 -23.88
C THR D 234 70.26 64.68 -22.73
N PRO D 235 71.38 64.01 -22.48
CA PRO D 235 71.52 63.23 -21.24
C PRO D 235 71.32 64.08 -20.00
N GLY D 236 71.49 65.39 -20.15
CA GLY D 236 71.17 66.34 -19.10
C GLY D 236 69.77 66.16 -18.54
N PHE D 237 69.69 65.43 -17.43
CA PHE D 237 68.40 65.01 -16.86
C PHE D 237 67.51 66.19 -16.47
N GLY D 238 68.09 67.35 -16.18
CA GLY D 238 67.37 68.47 -15.59
C GLY D 238 66.12 68.94 -16.32
N ASP D 239 66.31 69.80 -17.32
CA ASP D 239 65.19 70.45 -18.00
C ASP D 239 64.43 69.50 -18.92
N LYS D 240 63.69 68.56 -18.34
CA LYS D 240 62.84 67.66 -19.10
C LYS D 240 61.49 67.57 -18.42
N THR D 241 60.45 67.35 -19.23
CA THR D 241 59.09 67.31 -18.72
C THR D 241 58.55 65.88 -18.76
N PHE D 242 57.55 65.63 -17.93
CA PHE D 242 56.91 64.32 -17.88
C PHE D 242 55.41 64.49 -17.69
N ALA D 243 54.66 63.59 -18.31
CA ALA D 243 53.21 63.54 -18.20
C ALA D 243 52.80 62.17 -17.67
N VAL D 244 52.03 62.16 -16.59
CA VAL D 244 51.64 60.93 -15.93
C VAL D 244 50.18 60.65 -16.26
N GLN D 245 49.76 59.41 -16.01
CA GLN D 245 48.36 59.03 -16.02
C GLN D 245 48.15 58.03 -14.90
N GLY D 246 47.10 58.22 -14.11
CA GLY D 246 46.86 57.37 -12.96
C GLY D 246 47.50 57.89 -11.69
N PHE D 247 46.96 59.01 -11.18
CA PHE D 247 47.48 59.70 -10.00
C PHE D 247 47.05 58.93 -8.76
N GLY D 248 47.79 57.86 -8.46
CA GLY D 248 47.50 57.03 -7.30
C GLY D 248 48.55 55.96 -7.05
N ASN D 249 49.12 55.95 -5.84
CA ASN D 249 50.12 54.97 -5.42
C ASN D 249 51.33 55.01 -6.35
N VAL D 250 51.27 54.22 -7.43
CA VAL D 250 52.38 54.19 -8.38
C VAL D 250 52.55 55.54 -9.05
N GLY D 251 51.44 56.21 -9.37
CA GLY D 251 51.54 57.49 -10.06
C GLY D 251 52.16 58.58 -9.21
N LEU D 252 51.66 58.76 -7.98
CA LEU D 252 52.16 59.81 -7.09
C LEU D 252 53.67 59.72 -6.92
N HIS D 253 54.15 58.58 -6.40
CA HIS D 253 55.56 58.45 -6.07
C HIS D 253 56.45 58.48 -7.32
N SER D 254 55.93 58.03 -8.47
CA SER D 254 56.72 58.13 -9.69
C SER D 254 56.94 59.59 -10.09
N MET D 255 56.06 60.50 -9.66
CA MET D 255 56.23 61.93 -9.95
C MET D 255 56.91 62.66 -8.80
N ARG D 256 56.47 62.40 -7.57
CA ARG D 256 56.99 63.11 -6.39
C ARG D 256 58.52 63.04 -6.35
N TYR D 257 59.08 61.85 -6.53
CA TYR D 257 60.53 61.68 -6.53
C TYR D 257 61.16 62.14 -7.84
N LEU D 258 60.45 61.99 -8.96
CA LEU D 258 61.01 62.46 -10.22
C LEU D 258 61.14 63.97 -10.25
N HIS D 259 60.23 64.69 -9.61
CA HIS D 259 60.35 66.15 -9.56
C HIS D 259 61.45 66.57 -8.60
N ARG D 260 61.46 66.00 -7.39
CA ARG D 260 62.37 66.40 -6.31
C ARG D 260 63.80 66.58 -6.80
N PHE D 261 64.15 65.85 -7.85
CA PHE D 261 65.54 65.67 -8.24
C PHE D 261 65.93 66.55 -9.43
N GLY D 262 64.98 67.13 -10.15
CA GLY D 262 65.33 68.08 -11.18
C GLY D 262 64.35 68.19 -12.33
N ALA D 263 63.51 67.18 -12.51
CA ALA D 263 62.60 67.15 -13.64
C ALA D 263 61.42 68.08 -13.42
N LYS D 264 60.93 68.66 -14.51
CA LYS D 264 59.76 69.53 -14.51
C LYS D 264 58.54 68.73 -14.95
N CYS D 265 57.37 69.11 -14.45
CA CYS D 265 56.14 68.45 -14.86
C CYS D 265 55.46 69.28 -15.95
N VAL D 266 54.34 68.77 -16.44
CA VAL D 266 53.63 69.44 -17.53
C VAL D 266 52.18 69.01 -17.57
N ALA D 267 51.90 67.79 -17.10
CA ALA D 267 50.56 67.24 -17.29
C ALA D 267 50.32 66.12 -16.30
N VAL D 268 49.06 66.00 -15.89
CA VAL D 268 48.61 65.01 -14.93
C VAL D 268 47.13 64.77 -15.19
N GLY D 269 46.72 63.50 -15.17
CA GLY D 269 45.32 63.18 -15.40
C GLY D 269 44.92 61.76 -15.03
N GLU D 270 43.70 61.60 -14.53
CA GLU D 270 43.22 60.27 -14.18
C GLU D 270 41.93 59.94 -14.91
N SER D 271 41.20 58.93 -14.43
CA SER D 271 39.99 58.41 -15.08
C SER D 271 38.88 59.45 -15.27
N ASP D 272 39.15 60.71 -14.91
CA ASP D 272 38.17 61.78 -15.13
C ASP D 272 38.64 62.72 -16.24
N GLY D 273 39.60 63.59 -15.92
CA GLY D 273 40.13 64.51 -16.89
C GLY D 273 41.64 64.59 -16.85
N SER D 274 42.20 65.69 -17.32
CA SER D 274 43.63 65.90 -17.29
C SER D 274 43.92 67.36 -16.99
N ILE D 275 45.18 67.64 -16.67
CA ILE D 275 45.66 68.98 -16.36
C ILE D 275 46.73 69.35 -17.37
N TRP D 276 46.80 70.63 -17.71
CA TRP D 276 47.76 71.10 -18.70
C TRP D 276 48.42 72.36 -18.17
N ASN D 277 49.74 72.31 -18.02
CA ASN D 277 50.49 73.49 -17.56
C ASN D 277 51.98 73.31 -17.85
N PRO D 278 52.47 73.85 -18.98
CA PRO D 278 53.91 73.78 -19.25
C PRO D 278 54.77 74.59 -18.30
N ASP D 279 54.19 75.41 -17.42
CA ASP D 279 54.99 75.98 -16.35
C ASP D 279 55.48 74.91 -15.39
N GLY D 280 54.73 73.82 -15.25
CA GLY D 280 55.16 72.69 -14.44
C GLY D 280 54.45 72.57 -13.12
N ILE D 281 53.44 71.70 -13.04
CA ILE D 281 52.70 71.55 -11.78
C ILE D 281 53.63 70.93 -10.74
N ASP D 282 53.33 71.23 -9.48
CA ASP D 282 54.21 70.88 -8.37
C ASP D 282 53.48 69.95 -7.42
N PRO D 283 53.94 68.70 -7.23
CA PRO D 283 53.16 67.74 -6.44
C PRO D 283 53.05 68.10 -4.96
N LYS D 284 53.89 69.02 -4.44
CA LYS D 284 53.85 69.30 -3.02
C LYS D 284 52.61 70.07 -2.58
N GLU D 285 51.78 70.50 -3.52
CA GLU D 285 50.52 71.16 -3.20
C GLU D 285 49.29 70.43 -3.73
N LEU D 286 49.33 69.96 -4.98
CA LEU D 286 48.18 69.34 -5.60
C LEU D 286 47.91 67.93 -5.09
N GLU D 287 48.72 67.43 -4.14
CA GLU D 287 48.46 66.11 -3.58
C GLU D 287 47.37 66.13 -2.52
N ASP D 288 46.97 67.31 -2.03
CA ASP D 288 45.89 67.40 -1.05
C ASP D 288 44.53 67.47 -1.75
N PHE D 289 44.44 66.83 -2.91
CA PHE D 289 43.21 66.64 -3.67
C PHE D 289 42.69 65.21 -3.56
N LYS D 290 43.26 64.41 -2.66
CA LYS D 290 42.92 62.99 -2.52
C LYS D 290 41.55 62.81 -1.88
N LEU D 291 41.53 62.33 -0.63
CA LEU D 291 40.29 62.22 0.12
C LEU D 291 39.92 63.53 0.80
N GLN D 292 40.75 64.57 0.64
CA GLN D 292 40.38 65.91 1.05
C GLN D 292 39.23 66.47 0.21
N HIS D 293 39.04 65.95 -1.01
CA HIS D 293 37.91 66.32 -1.85
C HIS D 293 37.18 65.06 -2.35
N GLY D 294 37.86 64.22 -3.13
CA GLY D 294 37.26 63.00 -3.61
C GLY D 294 37.74 62.53 -4.97
N THR D 295 38.12 63.47 -5.83
CA THR D 295 38.60 63.17 -7.17
C THR D 295 39.18 64.45 -7.76
N ILE D 296 39.95 64.28 -8.84
CA ILE D 296 40.58 65.43 -9.49
C ILE D 296 39.55 66.22 -10.28
N LEU D 297 39.81 67.52 -10.44
CA LEU D 297 38.97 68.38 -11.27
C LEU D 297 39.77 69.61 -11.68
N GLY D 298 41.09 69.57 -11.52
CA GLY D 298 41.89 70.77 -11.60
C GLY D 298 41.78 71.55 -10.31
N PHE D 299 42.58 72.62 -10.20
CA PHE D 299 42.92 73.50 -9.06
C PHE D 299 43.70 74.71 -9.55
N PRO D 300 44.03 75.67 -8.69
CA PRO D 300 44.89 76.79 -9.12
C PRO D 300 46.12 76.31 -9.88
N LYS D 301 46.38 76.98 -11.00
CA LYS D 301 47.40 76.63 -12.00
C LYS D 301 47.12 75.30 -12.71
N ALA D 302 46.24 74.48 -12.13
CA ALA D 302 45.89 73.19 -12.72
C ALA D 302 44.78 73.40 -13.74
N LYS D 303 45.15 73.50 -15.02
CA LYS D 303 44.17 73.75 -16.06
C LYS D 303 43.25 72.56 -16.26
N ILE D 304 42.02 72.86 -16.68
CA ILE D 304 41.02 71.84 -17.00
C ILE D 304 41.18 71.53 -18.48
N TYR D 305 41.81 70.40 -18.78
CA TYR D 305 42.12 70.03 -20.16
C TYR D 305 41.41 68.74 -20.54
N GLU D 306 41.12 68.60 -21.83
CA GLU D 306 40.45 67.41 -22.35
C GLU D 306 41.30 66.77 -23.44
N GLY D 307 40.65 66.10 -24.39
CA GLY D 307 41.36 65.39 -25.44
C GLY D 307 41.78 64.01 -24.99
N SER D 308 42.85 63.94 -24.20
CA SER D 308 43.33 62.70 -23.62
C SER D 308 44.35 62.98 -22.53
N ILE D 309 45.45 62.23 -22.51
CA ILE D 309 46.50 62.39 -21.51
C ILE D 309 47.86 62.25 -22.19
N LEU D 310 47.90 61.41 -23.23
CA LEU D 310 49.18 61.02 -23.82
C LEU D 310 49.65 62.01 -24.87
N GLU D 311 48.72 62.52 -25.69
CA GLU D 311 49.07 63.36 -26.83
C GLU D 311 49.62 64.72 -26.43
N VAL D 312 49.54 65.08 -25.14
CA VAL D 312 50.13 66.33 -24.66
C VAL D 312 51.60 66.38 -25.06
N ASP D 313 52.04 67.54 -25.55
CA ASP D 313 53.45 67.72 -25.89
C ASP D 313 54.29 67.57 -24.64
N CYS D 314 55.27 66.67 -24.69
CA CYS D 314 56.06 66.30 -23.52
C CYS D 314 57.23 65.45 -24.00
N ASP D 315 58.09 65.07 -23.05
CA ASP D 315 59.21 64.17 -23.29
C ASP D 315 59.01 62.80 -22.68
N ILE D 316 58.56 62.74 -21.43
CA ILE D 316 58.47 61.51 -20.66
C ILE D 316 56.99 61.23 -20.42
N LEU D 317 56.47 60.16 -21.00
CA LEU D 317 55.10 59.75 -20.78
C LEU D 317 55.08 58.45 -19.99
N ILE D 318 54.31 58.42 -18.91
CA ILE D 318 54.18 57.21 -18.12
C ILE D 318 52.70 56.84 -18.00
N PRO D 319 52.30 55.67 -18.49
CA PRO D 319 50.93 55.14 -18.28
C PRO D 319 50.79 54.33 -17.00
N ALA D 320 50.61 55.03 -15.88
CA ALA D 320 50.56 54.40 -14.56
C ALA D 320 49.11 54.24 -14.09
N ALA D 321 48.31 53.56 -14.91
CA ALA D 321 46.90 53.35 -14.58
C ALA D 321 46.45 51.92 -14.89
N SER D 322 45.72 51.73 -15.98
CA SER D 322 45.11 50.46 -16.30
C SER D 322 45.92 49.74 -17.38
N GLU D 323 45.29 48.76 -18.05
CA GLU D 323 45.94 47.96 -19.08
C GLU D 323 45.61 48.51 -20.47
N LYS D 324 46.59 48.46 -21.36
CA LYS D 324 46.46 48.86 -22.76
C LYS D 324 45.93 50.28 -22.93
N GLN D 325 46.80 51.28 -22.89
CA GLN D 325 46.44 52.65 -23.22
C GLN D 325 47.15 53.14 -24.48
N LEU D 326 47.76 52.24 -25.25
CA LEU D 326 48.57 52.60 -26.41
C LEU D 326 48.33 51.57 -27.51
N THR D 327 47.69 51.99 -28.60
CA THR D 327 47.42 51.12 -29.73
C THR D 327 47.60 51.95 -31.01
N LYS D 328 47.16 51.39 -32.15
CA LYS D 328 47.29 52.10 -33.41
C LYS D 328 46.50 53.39 -33.44
N SER D 329 45.54 53.57 -32.53
CA SER D 329 44.72 54.78 -32.50
C SER D 329 45.42 55.97 -31.84
N ASN D 330 46.52 55.73 -31.12
CA ASN D 330 47.28 56.81 -30.51
C ASN D 330 48.79 56.70 -30.72
N ALA D 331 49.29 55.53 -31.14
CA ALA D 331 50.73 55.36 -31.34
C ALA D 331 51.30 56.27 -32.43
N PRO D 332 50.68 56.41 -33.61
CA PRO D 332 51.26 57.30 -34.63
C PRO D 332 51.42 58.75 -34.18
N ARG D 333 50.94 59.13 -32.99
CA ARG D 333 51.19 60.47 -32.47
C ARG D 333 51.83 60.32 -31.10
N VAL D 334 51.24 60.92 -30.06
CA VAL D 334 51.83 61.08 -28.74
C VAL D 334 53.23 61.64 -28.95
N LYS D 335 53.29 62.93 -29.22
CA LYS D 335 54.54 63.59 -29.57
C LYS D 335 55.45 63.69 -28.34
N ALA D 336 55.82 62.53 -27.80
CA ALA D 336 56.75 62.43 -26.70
C ALA D 336 57.96 61.62 -27.14
N LYS D 337 59.05 61.72 -26.37
CA LYS D 337 60.31 61.09 -26.74
C LYS D 337 60.55 59.77 -26.01
N ILE D 338 59.91 59.53 -24.87
CA ILE D 338 60.15 58.30 -24.12
C ILE D 338 58.90 57.96 -23.30
N ILE D 339 58.58 56.67 -23.24
CA ILE D 339 57.41 56.18 -22.52
C ILE D 339 57.85 55.10 -21.55
N ALA D 340 57.62 55.33 -20.26
CA ALA D 340 57.94 54.36 -19.23
C ALA D 340 56.66 53.69 -18.74
N GLU D 341 56.57 52.37 -18.92
CA GLU D 341 55.38 51.62 -18.56
C GLU D 341 55.22 51.52 -17.05
N GLY D 342 54.47 52.45 -16.46
CA GLY D 342 54.23 52.40 -15.02
C GLY D 342 53.31 51.29 -14.61
N ALA D 343 52.38 50.89 -15.48
CA ALA D 343 51.46 49.79 -15.22
C ALA D 343 51.96 48.52 -15.91
N ASN D 344 51.18 47.46 -15.80
CA ASN D 344 51.54 46.17 -16.38
C ASN D 344 51.10 46.13 -17.84
N GLY D 345 52.08 46.21 -18.73
CA GLY D 345 51.85 46.12 -20.16
C GLY D 345 50.75 47.00 -20.71
N PRO D 346 50.87 48.33 -20.58
CA PRO D 346 49.95 49.21 -21.31
C PRO D 346 50.27 49.31 -22.79
N THR D 347 51.45 48.89 -23.21
CA THR D 347 51.85 48.93 -24.61
C THR D 347 51.66 47.54 -25.22
N THR D 348 50.98 47.50 -26.34
CA THR D 348 50.62 46.37 -27.18
C THR D 348 51.69 46.12 -28.24
N PRO D 349 51.90 44.87 -28.65
CA PRO D 349 52.75 44.62 -29.83
C PRO D 349 52.19 45.23 -31.10
N GLU D 350 50.95 45.73 -31.04
CA GLU D 350 50.32 46.51 -32.11
C GLU D 350 50.78 47.95 -32.12
N ALA D 351 51.62 48.36 -31.16
CA ALA D 351 52.13 49.72 -31.08
C ALA D 351 53.64 49.82 -30.95
N ASP D 352 54.34 48.71 -30.64
CA ASP D 352 55.79 48.77 -30.55
C ASP D 352 56.43 48.99 -31.91
N LYS D 353 55.96 48.26 -32.92
CA LYS D 353 56.45 48.48 -34.28
C LYS D 353 56.06 49.85 -34.84
N ILE D 354 55.32 50.66 -34.10
CA ILE D 354 55.17 52.08 -34.38
C ILE D 354 56.18 52.91 -33.58
N PHE D 355 56.35 52.58 -32.30
CA PHE D 355 57.32 53.29 -31.47
C PHE D 355 58.75 52.99 -31.89
N LEU D 356 59.05 51.70 -32.13
CA LEU D 356 60.39 51.32 -32.60
C LEU D 356 60.71 51.99 -33.92
N GLU D 357 59.72 52.07 -34.82
CA GLU D 357 59.90 52.68 -36.13
C GLU D 357 59.70 54.19 -36.12
N ARG D 358 59.71 54.81 -34.93
CA ARG D 358 59.65 56.27 -34.82
C ARG D 358 60.77 56.83 -33.96
N ASN D 359 61.71 56.00 -33.52
CA ASN D 359 62.77 56.40 -32.59
C ASN D 359 62.18 57.05 -31.34
N ILE D 360 61.33 56.29 -30.68
CA ILE D 360 60.83 56.58 -29.33
C ILE D 360 61.24 55.40 -28.45
N MET D 361 61.44 55.66 -27.16
CA MET D 361 61.88 54.63 -26.22
C MET D 361 60.73 54.27 -25.28
N VAL D 362 60.26 53.03 -25.38
CA VAL D 362 59.25 52.49 -24.48
C VAL D 362 59.96 51.55 -23.51
N ILE D 363 59.88 51.85 -22.22
CA ILE D 363 60.59 51.09 -21.19
C ILE D 363 59.69 49.92 -20.78
N PRO D 364 60.19 48.68 -20.83
CA PRO D 364 59.32 47.54 -20.53
C PRO D 364 58.89 47.55 -19.07
N ASP D 365 57.61 47.24 -18.85
CA ASP D 365 57.16 46.95 -17.49
C ASP D 365 57.82 45.70 -16.94
N LEU D 366 58.45 44.89 -17.80
CA LEU D 366 59.23 43.75 -17.31
C LEU D 366 60.35 44.18 -16.38
N TYR D 367 60.77 45.43 -16.43
CA TYR D 367 61.86 45.91 -15.58
C TYR D 367 61.49 47.12 -14.74
N LEU D 368 60.74 48.08 -15.29
CA LEU D 368 60.56 49.36 -14.62
C LEU D 368 59.82 49.21 -13.30
N ASN D 369 58.53 48.91 -13.35
CA ASN D 369 57.74 48.74 -12.13
C ASN D 369 58.08 47.48 -11.37
N ALA D 370 59.07 46.69 -11.82
CA ALA D 370 59.54 45.55 -11.06
C ALA D 370 60.15 45.94 -9.71
N GLY D 371 60.19 47.23 -9.38
CA GLY D 371 60.64 47.68 -8.07
C GLY D 371 59.65 47.46 -6.95
N GLY D 372 58.49 46.89 -7.24
CA GLY D 372 57.50 46.60 -6.20
C GLY D 372 57.66 45.22 -5.60
N VAL D 373 58.01 44.24 -6.44
CA VAL D 373 58.19 42.88 -5.95
C VAL D 373 59.57 42.72 -5.32
N THR D 374 60.57 43.42 -5.83
CA THR D 374 61.90 43.35 -5.23
C THR D 374 61.88 43.83 -3.78
N VAL D 375 61.15 44.91 -3.51
CA VAL D 375 60.91 45.31 -2.13
C VAL D 375 59.99 44.32 -1.43
N SER D 376 58.95 43.85 -2.14
CA SER D 376 58.13 42.78 -1.61
C SER D 376 58.95 41.53 -1.34
N TYR D 377 59.99 41.30 -2.15
CA TYR D 377 60.94 40.23 -1.89
C TYR D 377 61.67 40.44 -0.56
N PHE D 378 62.12 41.67 -0.31
CA PHE D 378 62.80 41.97 0.95
C PHE D 378 61.88 41.73 2.14
N GLU D 379 60.60 42.11 2.03
CA GLU D 379 59.66 41.91 3.13
C GLU D 379 59.55 40.45 3.51
N TRP D 380 59.56 39.57 2.52
CA TRP D 380 59.66 38.13 2.78
C TRP D 380 60.84 37.82 3.69
N LEU D 381 62.02 38.32 3.33
CA LEU D 381 63.23 38.01 4.08
C LEU D 381 63.16 38.58 5.50
N LYS D 382 62.57 39.77 5.66
CA LYS D 382 62.35 40.30 6.99
C LYS D 382 61.57 39.32 7.86
N ASN D 383 60.45 38.81 7.32
CA ASN D 383 59.68 37.81 8.04
C ASN D 383 60.48 36.55 8.30
N LEU D 384 61.44 36.24 7.42
CA LEU D 384 62.31 35.10 7.65
C LEU D 384 63.35 35.40 8.73
N ASN D 385 63.96 36.58 8.66
CA ASN D 385 64.99 36.97 9.63
C ASN D 385 64.41 37.54 10.91
N HIS D 386 63.11 37.88 10.94
CA HIS D 386 62.42 38.32 12.15
C HIS D 386 63.07 39.54 12.78
N VAL D 387 63.68 40.40 11.95
CA VAL D 387 64.38 41.58 12.42
C VAL D 387 64.18 42.71 11.42
N SER D 388 64.01 43.92 11.92
CA SER D 388 64.10 45.10 11.07
C SER D 388 65.54 45.23 10.60
N TYR D 389 65.73 45.33 9.28
CA TYR D 389 67.06 45.40 8.70
C TYR D 389 67.91 46.45 9.41
N GLY D 390 69.04 46.01 9.94
CA GLY D 390 69.91 46.88 10.69
C GLY D 390 69.52 47.10 12.14
N ARG D 391 68.53 46.36 12.65
CA ARG D 391 68.16 46.46 14.05
C ARG D 391 69.38 46.33 14.96
N LEU D 392 70.39 45.58 14.53
CA LEU D 392 71.60 45.38 15.32
C LEU D 392 72.79 46.19 14.82
N THR D 393 72.89 46.40 13.51
CA THR D 393 74.04 47.09 12.91
C THR D 393 73.73 48.54 12.58
N PHE D 394 73.05 49.27 13.47
CA PHE D 394 72.80 50.69 13.29
C PHE D 394 73.64 51.55 14.23
N LYS D 395 73.61 51.27 15.53
CA LYS D 395 74.49 51.99 16.44
C LYS D 395 75.95 51.59 16.24
N TYR D 396 76.18 50.32 15.85
CA TYR D 396 77.54 49.89 15.57
C TYR D 396 78.14 50.64 14.40
N GLU D 397 77.37 50.84 13.33
CA GLU D 397 77.90 51.54 12.17
C GLU D 397 77.89 53.06 12.36
N ARG D 398 76.97 53.59 13.18
CA ARG D 398 77.00 55.01 13.49
C ARG D 398 78.16 55.33 14.42
N ASP D 399 78.42 54.45 15.40
CA ASP D 399 79.58 54.63 16.27
C ASP D 399 80.89 54.48 15.49
N SER D 400 80.89 53.66 14.44
CA SER D 400 82.12 53.41 13.68
C SER D 400 82.53 54.63 12.86
N ASN D 401 81.57 55.43 12.42
CA ASN D 401 81.88 56.57 11.56
C ASN D 401 82.47 57.73 12.35
N TYR D 402 81.84 58.09 13.47
CA TYR D 402 82.36 59.16 14.32
C TYR D 402 83.80 58.87 14.73
N HIS D 403 84.07 57.64 15.18
CA HIS D 403 85.45 57.26 15.50
C HIS D 403 86.37 57.45 14.31
N LEU D 404 85.87 57.23 13.09
CA LEU D 404 86.68 57.51 11.90
C LEU D 404 86.91 59.01 11.74
N LEU D 405 85.84 59.80 11.86
CA LEU D 405 85.97 61.24 11.67
C LEU D 405 86.88 61.86 12.73
N MET D 406 86.83 61.33 13.96
CA MET D 406 87.75 61.80 14.98
C MET D 406 89.15 61.22 14.78
N SER D 407 89.25 60.04 14.19
CA SER D 407 90.56 59.44 13.94
C SER D 407 91.38 60.29 12.97
N VAL D 408 90.71 60.85 11.96
CA VAL D 408 91.41 61.76 11.06
C VAL D 408 91.75 63.06 11.79
N GLN D 409 90.82 63.58 12.58
CA GLN D 409 91.07 64.80 13.34
C GLN D 409 92.28 64.64 14.26
N GLU D 410 92.26 63.61 15.11
CA GLU D 410 93.41 63.41 16.00
C GLU D 410 94.67 63.11 15.20
N SER D 411 94.54 62.47 14.04
CA SER D 411 95.71 62.24 13.19
C SER D 411 96.24 63.54 12.60
N LEU D 412 95.36 64.51 12.34
CA LEU D 412 95.79 65.81 11.83
C LEU D 412 96.16 66.79 12.92
N GLU D 413 95.73 66.54 14.16
CA GLU D 413 96.07 67.42 15.26
C GLU D 413 97.41 67.07 15.91
N ARG D 414 98.18 66.16 15.33
CA ARG D 414 99.52 65.89 15.84
C ARG D 414 100.62 66.39 14.92
N LYS D 415 100.43 66.34 13.60
CA LYS D 415 101.36 67.07 12.74
C LYS D 415 101.18 68.58 12.89
N PHE D 416 100.10 69.02 13.52
CA PHE D 416 99.86 70.42 13.83
C PHE D 416 99.89 70.56 15.35
N GLY D 417 100.80 71.42 15.83
CA GLY D 417 101.11 71.54 17.25
C GLY D 417 99.97 71.59 18.24
N LYS D 418 98.86 72.27 17.90
CA LYS D 418 97.76 72.43 18.84
C LYS D 418 96.76 71.29 18.69
N HIS D 419 96.16 70.91 19.81
CA HIS D 419 95.35 69.70 19.92
C HIS D 419 93.89 70.09 20.15
N GLY D 420 93.18 70.35 19.06
CA GLY D 420 91.77 70.69 19.15
C GLY D 420 91.32 71.69 18.11
N GLY D 421 92.29 72.32 17.44
CA GLY D 421 91.99 73.26 16.39
C GLY D 421 91.10 72.68 15.31
N THR D 422 91.59 71.66 14.61
CA THR D 422 90.86 71.07 13.50
C THR D 422 89.53 70.48 13.96
N ILE D 423 88.55 70.50 13.07
CA ILE D 423 87.23 69.97 13.36
C ILE D 423 86.63 69.28 12.14
N PRO D 424 87.04 68.06 11.82
CA PRO D 424 86.23 67.25 10.89
C PRO D 424 85.24 66.34 11.61
N ILE D 425 84.90 66.66 12.87
CA ILE D 425 83.96 65.82 13.62
C ILE D 425 82.60 65.83 12.96
N VAL D 426 82.19 66.97 12.40
CA VAL D 426 80.85 67.15 11.85
C VAL D 426 80.88 66.72 10.38
N PRO D 427 80.05 65.77 9.97
CA PRO D 427 79.98 65.40 8.56
C PRO D 427 79.00 66.31 7.81
N THR D 428 78.95 66.12 6.49
CA THR D 428 78.10 66.95 5.66
C THR D 428 76.65 66.87 6.14
N ALA D 429 75.90 67.94 5.89
CA ALA D 429 74.54 68.04 6.39
C ALA D 429 73.66 66.93 5.83
N GLU D 430 73.94 66.47 4.61
CA GLU D 430 73.20 65.32 4.07
C GLU D 430 73.55 64.05 4.81
N PHE D 431 74.80 63.91 5.27
CA PHE D 431 75.22 62.70 5.98
C PHE D 431 74.81 62.75 7.45
N GLN D 432 74.73 63.94 8.03
CA GLN D 432 74.31 64.06 9.43
C GLN D 432 72.91 63.48 9.63
N ASP D 433 71.97 63.86 8.76
CA ASP D 433 70.62 63.33 8.84
C ASP D 433 70.56 61.85 8.45
N ARG D 434 71.54 61.35 7.71
CA ARG D 434 71.54 59.94 7.31
C ARG D 434 71.73 59.03 8.52
N ILE D 435 72.74 59.31 9.36
CA ILE D 435 72.90 58.57 10.60
C ILE D 435 71.88 58.97 11.65
N SER D 436 71.32 60.18 11.55
CA SER D 436 70.27 60.60 12.47
C SER D 436 68.93 59.94 12.13
N GLY D 437 68.60 59.88 10.84
CA GLY D 437 67.36 59.26 10.41
C GLY D 437 67.56 57.88 9.82
N ALA D 438 68.61 57.18 10.27
CA ALA D 438 68.88 55.83 9.79
C ALA D 438 67.76 54.88 10.19
N SER D 439 67.08 54.31 9.20
CA SER D 439 65.98 53.39 9.44
C SER D 439 65.97 52.33 8.36
N GLU D 440 64.99 51.43 8.45
CA GLU D 440 64.89 50.32 7.51
C GLU D 440 64.73 50.81 6.07
N LYS D 441 63.99 51.91 5.90
CA LYS D 441 63.74 52.46 4.57
C LYS D 441 65.03 52.60 3.78
N ASP D 442 66.02 53.28 4.38
CA ASP D 442 67.25 53.61 3.67
C ASP D 442 67.94 52.36 3.13
N ILE D 443 67.83 51.24 3.84
CA ILE D 443 68.46 50.00 3.39
C ILE D 443 67.68 49.42 2.22
N VAL D 444 66.34 49.47 2.28
CA VAL D 444 65.52 48.89 1.23
C VAL D 444 65.71 49.66 -0.07
N HIS D 445 65.66 50.99 -0.01
CA HIS D 445 65.80 51.81 -1.20
C HIS D 445 67.13 51.55 -1.90
N SER D 446 68.20 51.37 -1.12
CA SER D 446 69.50 51.07 -1.71
C SER D 446 69.51 49.67 -2.31
N GLY D 447 69.16 48.66 -1.51
CA GLY D 447 69.06 47.31 -2.04
C GLY D 447 68.18 47.24 -3.27
N LEU D 448 67.07 47.97 -3.26
CA LEU D 448 66.29 48.18 -4.48
C LEU D 448 67.16 48.79 -5.58
N ALA D 449 67.84 49.90 -5.27
CA ALA D 449 68.55 50.67 -6.28
C ALA D 449 69.64 49.85 -6.96
N TYR D 450 70.45 49.14 -6.18
CA TYR D 450 71.51 48.33 -6.75
C TYR D 450 70.94 47.19 -7.61
N THR D 451 69.72 46.75 -7.30
CA THR D 451 69.14 45.60 -7.99
C THR D 451 68.82 45.93 -9.44
N MET D 452 68.09 47.02 -9.68
CA MET D 452 67.73 47.38 -11.04
C MET D 452 68.91 47.95 -11.81
N GLU D 453 69.85 48.62 -11.11
CA GLU D 453 71.04 49.12 -11.79
C GLU D 453 71.84 47.99 -12.41
N ARG D 454 72.16 46.97 -11.61
CA ARG D 454 72.75 45.75 -12.17
C ARG D 454 71.84 45.16 -13.24
N SER D 455 70.53 45.18 -13.00
CA SER D 455 69.58 44.66 -13.98
C SER D 455 69.66 45.45 -15.28
N ALA D 456 69.63 46.77 -15.19
CA ALA D 456 69.76 47.60 -16.39
C ALA D 456 71.07 47.34 -17.11
N ARG D 457 72.16 47.20 -16.36
CA ARG D 457 73.45 46.84 -16.96
C ARG D 457 73.43 45.44 -17.57
N GLN D 458 72.48 44.59 -17.17
CA GLN D 458 72.34 43.26 -17.76
C GLN D 458 71.46 43.27 -19.00
N ILE D 459 70.48 44.19 -19.08
CA ILE D 459 69.67 44.32 -20.28
C ILE D 459 70.47 44.98 -21.39
N MET D 460 70.97 46.19 -21.12
CA MET D 460 71.69 46.98 -22.11
C MET D 460 72.90 46.25 -22.68
N ARG D 461 73.40 45.23 -21.98
CA ARG D 461 74.48 44.40 -22.47
C ARG D 461 73.96 43.32 -23.42
N THR D 462 72.90 42.62 -23.02
CA THR D 462 72.30 41.60 -23.88
C THR D 462 71.68 42.22 -25.12
N ALA D 463 71.24 43.47 -25.04
CA ALA D 463 70.67 44.14 -26.21
C ALA D 463 71.75 44.51 -27.22
N MET D 464 72.83 45.14 -26.76
CA MET D 464 73.93 45.50 -27.66
C MET D 464 74.59 44.28 -28.29
N LYS D 465 74.23 43.07 -27.85
CA LYS D 465 74.70 41.87 -28.53
C LYS D 465 73.86 41.54 -29.75
N TYR D 466 72.58 41.95 -29.77
CA TYR D 466 71.66 41.60 -30.85
C TYR D 466 71.10 42.83 -31.56
N ASN D 467 71.74 43.99 -31.37
CA ASN D 467 71.43 45.20 -32.13
C ASN D 467 69.95 45.57 -32.04
N LEU D 468 69.34 45.30 -30.88
CA LEU D 468 67.93 45.63 -30.70
C LEU D 468 67.71 47.13 -30.58
N GLY D 469 68.72 47.87 -30.14
CA GLY D 469 68.69 49.32 -30.13
C GLY D 469 67.55 49.94 -29.34
N LEU D 470 66.32 49.67 -29.77
CA LEU D 470 65.14 50.25 -29.15
C LEU D 470 64.16 49.24 -28.59
N ASP D 471 64.21 47.99 -29.04
CA ASP D 471 63.29 46.96 -28.56
C ASP D 471 63.84 46.42 -27.24
N LEU D 472 63.59 47.18 -26.17
CA LEU D 472 63.93 46.72 -24.83
C LEU D 472 63.06 45.56 -24.40
N ARG D 473 61.81 45.53 -24.89
CA ARG D 473 60.89 44.44 -24.59
C ARG D 473 61.51 43.08 -24.90
N THR D 474 61.83 42.85 -26.18
CA THR D 474 62.44 41.58 -26.56
C THR D 474 63.85 41.44 -26.04
N ALA D 475 64.54 42.57 -25.78
CA ALA D 475 65.82 42.51 -25.07
C ALA D 475 65.64 42.16 -23.60
N ALA D 476 64.43 42.31 -23.07
CA ALA D 476 64.18 42.01 -21.67
C ALA D 476 63.91 40.52 -21.47
N TYR D 477 62.91 39.98 -22.18
CA TYR D 477 62.57 38.57 -22.03
C TYR D 477 63.72 37.67 -22.46
N VAL D 478 64.48 38.08 -23.48
CA VAL D 478 65.60 37.27 -23.97
C VAL D 478 66.62 37.01 -22.88
N ASN D 479 66.73 37.94 -21.91
CA ASN D 479 67.65 37.80 -20.79
C ASN D 479 67.12 36.84 -19.74
N ALA D 480 65.86 37.03 -19.31
CA ALA D 480 65.29 36.18 -18.28
C ALA D 480 65.32 34.71 -18.69
N ILE D 481 65.16 34.44 -19.99
CA ILE D 481 65.04 33.05 -20.45
C ILE D 481 66.34 32.30 -20.21
N GLU D 482 67.48 32.86 -20.61
CA GLU D 482 68.74 32.16 -20.43
C GLU D 482 68.99 31.87 -18.94
N LYS D 483 68.58 32.80 -18.07
CA LYS D 483 68.67 32.55 -16.63
C LYS D 483 67.83 31.34 -16.24
N VAL D 484 66.57 31.31 -16.68
CA VAL D 484 65.69 30.19 -16.37
C VAL D 484 66.23 28.90 -16.98
N PHE D 485 66.83 28.99 -18.18
CA PHE D 485 67.35 27.79 -18.81
C PHE D 485 68.52 27.22 -18.03
N ARG D 486 69.46 28.07 -17.61
CA ARG D 486 70.64 27.60 -16.89
C ARG D 486 70.25 26.83 -15.64
N VAL D 487 69.24 27.31 -14.91
CA VAL D 487 68.72 26.58 -13.76
C VAL D 487 68.31 25.17 -14.18
N TYR D 488 67.39 25.07 -15.15
CA TYR D 488 66.88 23.78 -15.57
C TYR D 488 67.98 22.87 -16.11
N ASN D 489 68.94 23.44 -16.85
CA ASN D 489 69.95 22.61 -17.52
C ASN D 489 70.79 21.85 -16.52
N GLU D 490 71.43 22.56 -15.58
CA GLU D 490 72.34 21.89 -14.66
C GLU D 490 71.62 21.05 -13.62
N ALA D 491 70.29 21.05 -13.63
CA ALA D 491 69.49 20.22 -12.74
C ALA D 491 69.17 18.86 -13.35
N GLY D 492 68.74 18.83 -14.61
CA GLY D 492 68.47 17.59 -15.32
C GLY D 492 66.99 17.23 -15.29
N VAL D 493 66.69 16.08 -15.91
CA VAL D 493 65.34 15.54 -15.94
C VAL D 493 65.12 14.76 -14.65
N THR D 494 64.25 15.28 -13.78
CA THR D 494 63.93 14.59 -12.53
C THR D 494 63.26 13.26 -12.84
N PHE D 495 63.92 12.17 -12.48
CA PHE D 495 63.36 10.82 -12.64
C PHE D 495 62.73 10.45 -11.31
N THR D 496 61.41 10.55 -11.25
CA THR D 496 60.66 10.27 -10.01
C THR D 496 59.61 9.19 -10.24
N ASP E 1 106.43 -1.07 4.00
CA ASP E 1 105.18 -0.80 3.31
C ASP E 1 104.21 -0.01 4.20
N PRO E 2 103.48 0.92 3.60
CA PRO E 2 102.54 1.73 4.38
C PRO E 2 101.41 0.87 4.94
N ASN E 3 100.77 1.38 5.99
CA ASN E 3 99.63 0.72 6.59
C ASN E 3 98.38 0.97 5.73
N PHE E 4 97.22 0.58 6.25
CA PHE E 4 95.96 0.72 5.51
C PHE E 4 94.99 1.67 6.20
N PHE E 5 94.29 1.17 7.21
CA PHE E 5 93.11 1.87 7.77
C PHE E 5 93.51 2.91 8.81
N LYS E 6 93.92 2.43 9.98
CA LYS E 6 94.00 3.25 11.18
C LYS E 6 95.12 4.29 11.12
N MET E 7 94.98 5.28 10.24
CA MET E 7 95.94 6.37 10.19
C MET E 7 95.66 7.35 11.34
N VAL E 8 94.48 7.98 11.28
CA VAL E 8 94.23 9.16 12.09
C VAL E 8 94.03 8.80 13.56
N GLU E 9 93.56 7.59 13.87
CA GLU E 9 93.42 7.23 15.26
C GLU E 9 94.76 7.20 15.97
N GLY E 10 95.84 6.95 15.23
CA GLY E 10 97.16 7.21 15.77
C GLY E 10 97.33 8.65 16.19
N PHE E 11 96.87 9.58 15.34
CA PHE E 11 97.03 11.00 15.64
C PHE E 11 96.23 11.40 16.88
N PHE E 12 95.04 10.82 17.06
CA PHE E 12 94.17 11.21 18.16
C PHE E 12 94.83 10.92 19.50
N ASP E 13 95.20 9.65 19.72
CA ASP E 13 95.80 9.25 20.99
C ASP E 13 97.04 10.06 21.31
N ARG E 14 97.86 10.33 20.29
CA ARG E 14 99.02 11.19 20.47
C ARG E 14 98.61 12.56 20.99
N GLY E 15 97.66 13.22 20.33
CA GLY E 15 97.22 14.53 20.78
C GLY E 15 96.45 14.45 22.09
N ALA E 16 95.65 13.40 22.27
CA ALA E 16 94.84 13.26 23.47
C ALA E 16 95.68 13.25 24.75
N SER E 17 96.91 12.72 24.66
CA SER E 17 97.74 12.57 25.85
C SER E 17 98.17 13.89 26.45
N ILE E 18 98.17 14.97 25.67
CA ILE E 18 98.74 16.23 26.13
C ILE E 18 97.71 17.08 26.87
N VAL E 19 96.43 16.98 26.50
CA VAL E 19 95.40 17.82 27.10
C VAL E 19 94.89 17.27 28.43
N GLU E 20 95.10 16.00 28.72
CA GLU E 20 94.64 15.35 29.94
C GLU E 20 94.86 16.21 31.18
N ASP E 21 96.01 16.89 31.23
CA ASP E 21 96.31 17.76 32.36
C ASP E 21 95.46 19.01 32.33
N LYS E 22 95.44 19.71 31.19
CA LYS E 22 94.75 21.00 31.14
C LYS E 22 93.24 20.83 31.23
N LEU E 23 92.72 19.65 30.87
CA LEU E 23 91.28 19.46 30.89
C LEU E 23 90.77 19.30 32.31
N VAL E 24 91.42 18.45 33.12
CA VAL E 24 91.05 18.32 34.51
C VAL E 24 91.40 19.56 35.32
N GLU E 25 92.15 20.50 34.72
CA GLU E 25 92.59 21.74 35.34
C GLU E 25 91.66 22.91 35.02
N ASP E 26 91.16 22.99 33.79
CA ASP E 26 90.29 24.09 33.38
C ASP E 26 88.83 23.83 33.74
N LEU E 27 88.43 22.56 33.83
CA LEU E 27 87.06 22.21 34.21
C LEU E 27 86.77 22.66 35.64
N LYS E 28 85.73 23.47 35.81
CA LYS E 28 85.37 24.03 37.11
C LYS E 28 84.02 23.46 37.53
N THR E 29 84.00 22.74 38.64
CA THR E 29 82.79 22.13 39.18
C THR E 29 83.07 21.72 40.63
N ARG E 30 82.06 21.12 41.26
CA ARG E 30 82.22 20.55 42.59
C ARG E 30 82.76 19.13 42.54
N GLU E 31 83.26 18.69 41.40
CA GLU E 31 83.86 17.36 41.28
C GLU E 31 85.19 17.35 42.01
N THR E 32 86.28 17.59 41.28
CA THR E 32 87.62 17.74 41.83
C THR E 32 88.11 16.50 42.55
N GLU E 33 88.87 15.65 41.85
CA GLU E 33 89.39 14.42 42.42
C GLU E 33 90.48 13.84 41.54
N GLU E 34 90.48 12.51 41.37
CA GLU E 34 91.25 11.85 40.34
C GLU E 34 90.38 11.11 39.34
N GLN E 35 89.07 11.02 39.59
CA GLN E 35 88.12 10.51 38.61
C GLN E 35 87.87 11.51 37.48
N LYS E 36 88.26 12.78 37.66
CA LYS E 36 88.24 13.72 36.55
C LYS E 36 89.02 13.18 35.37
N ARG E 37 90.02 12.32 35.63
CA ARG E 37 90.66 11.57 34.57
C ARG E 37 89.67 10.61 33.89
N ASN E 38 88.96 9.81 34.70
CA ASN E 38 87.98 8.89 34.16
C ASN E 38 86.85 9.62 33.44
N ARG E 39 86.50 10.83 33.93
CA ARG E 39 85.58 11.69 33.20
C ARG E 39 86.10 11.98 31.80
N VAL E 40 87.36 12.40 31.71
CA VAL E 40 87.92 12.82 30.42
C VAL E 40 88.37 11.62 29.61
N ARG E 41 88.92 10.59 30.27
CA ARG E 41 89.34 9.40 29.55
C ARG E 41 88.15 8.75 28.83
N GLY E 42 86.96 8.90 29.37
CA GLY E 42 85.76 8.43 28.71
C GLY E 42 85.29 9.33 27.58
N ILE E 43 85.18 10.63 27.86
CA ILE E 43 84.62 11.57 26.87
C ILE E 43 85.34 11.42 25.53
N LEU E 44 86.66 11.21 25.58
CA LEU E 44 87.44 11.05 24.36
C LEU E 44 87.33 9.65 23.77
N ARG E 45 86.91 8.66 24.55
CA ARG E 45 86.58 7.35 24.01
C ARG E 45 85.24 7.35 23.29
N ILE E 46 84.37 8.32 23.58
CA ILE E 46 83.15 8.50 22.83
C ILE E 46 83.44 9.19 21.50
N ILE E 47 84.30 10.20 21.53
CA ILE E 47 84.57 11.00 20.33
C ILE E 47 85.37 10.20 19.31
N LYS E 48 86.23 9.30 19.76
CA LYS E 48 87.13 8.61 18.83
C LYS E 48 86.40 7.74 17.81
N PRO E 49 85.42 6.92 18.16
CA PRO E 49 84.76 6.09 17.14
C PRO E 49 83.55 6.76 16.53
N CYS E 50 83.30 6.43 15.26
CA CYS E 50 82.13 6.91 14.54
C CYS E 50 80.86 6.41 15.22
N ASN E 51 80.01 7.33 15.65
CA ASN E 51 78.76 6.94 16.29
C ASN E 51 77.78 6.34 15.30
N HIS E 52 77.85 6.74 14.03
CA HIS E 52 76.90 6.29 13.02
C HIS E 52 77.63 6.06 11.71
N VAL E 53 77.36 4.91 11.10
CA VAL E 53 77.91 4.57 9.80
C VAL E 53 77.02 3.56 9.08
N LEU E 54 76.43 4.01 7.99
CA LEU E 54 75.46 3.25 7.22
C LEU E 54 76.15 2.57 6.04
N SER E 55 75.96 1.26 5.94
CA SER E 55 76.37 0.52 4.76
C SER E 55 75.16 0.24 3.88
N LEU E 56 75.32 0.46 2.59
CA LEU E 56 74.24 0.51 1.62
C LEU E 56 74.48 -0.51 0.51
N SER E 57 73.52 -0.58 -0.41
CA SER E 57 73.55 -1.50 -1.55
C SER E 57 72.35 -1.25 -2.45
N PHE E 58 72.51 -0.40 -3.46
CA PHE E 58 71.36 -0.05 -4.28
C PHE E 58 71.59 -0.40 -5.74
N PRO E 59 70.53 -0.74 -6.48
CA PRO E 59 70.71 -1.15 -7.88
C PRO E 59 70.31 -0.07 -8.88
N ILE E 60 70.87 -0.16 -10.09
CA ILE E 60 70.54 0.71 -11.21
C ILE E 60 70.55 -0.12 -12.48
N ARG E 61 70.24 0.53 -13.60
CA ARG E 61 70.28 -0.10 -14.91
C ARG E 61 71.13 0.75 -15.85
N ARG E 62 72.10 0.11 -16.49
CA ARG E 62 72.97 0.81 -17.42
C ARG E 62 72.27 1.03 -18.76
N ASP E 63 72.95 1.73 -19.67
CA ASP E 63 72.40 2.00 -20.99
C ASP E 63 72.11 0.73 -21.76
N ASP E 64 72.71 -0.39 -21.37
CA ASP E 64 72.37 -1.68 -21.97
C ASP E 64 70.94 -2.09 -21.62
N GLY E 65 70.62 -2.08 -20.33
CA GLY E 65 69.47 -2.79 -19.80
C GLY E 65 69.85 -3.89 -18.84
N SER E 66 71.14 -4.05 -18.59
CA SER E 66 71.67 -4.98 -17.60
C SER E 66 71.54 -4.39 -16.20
N TRP E 67 71.84 -5.21 -15.20
CA TRP E 67 71.57 -4.88 -13.80
C TRP E 67 72.78 -5.23 -12.97
N GLU E 68 73.29 -4.26 -12.21
CA GLU E 68 74.41 -4.52 -11.32
C GLU E 68 74.18 -3.82 -9.99
N VAL E 69 74.67 -4.45 -8.92
CA VAL E 69 74.59 -3.91 -7.58
C VAL E 69 75.69 -2.88 -7.39
N ILE E 70 75.37 -1.77 -6.70
CA ILE E 70 76.33 -0.73 -6.41
C ILE E 70 76.37 -0.54 -4.91
N GLU E 71 77.49 -0.92 -4.29
CA GLU E 71 77.68 -0.67 -2.87
C GLU E 71 77.96 0.80 -2.63
N GLY E 72 77.52 1.27 -1.46
CA GLY E 72 77.83 2.60 -1.02
C GLY E 72 78.00 2.62 0.49
N TYR E 73 78.67 3.66 0.97
CA TYR E 73 78.83 3.87 2.40
C TYR E 73 78.72 5.35 2.71
N ARG E 74 78.38 5.64 3.95
CA ARG E 74 78.48 6.98 4.51
C ARG E 74 78.58 6.84 6.02
N ALA E 75 79.44 7.64 6.63
CA ALA E 75 79.63 7.66 8.07
C ALA E 75 79.54 9.08 8.56
N GLN E 76 78.79 9.28 9.65
CA GLN E 76 78.75 10.53 10.38
C GLN E 76 79.52 10.34 11.68
N HIS E 77 80.61 11.08 11.84
CA HIS E 77 81.50 10.88 12.98
C HIS E 77 80.84 11.25 14.31
N SER E 78 80.63 12.54 14.52
CA SER E 78 80.03 13.03 15.75
C SER E 78 78.75 13.81 15.45
N GLN E 79 77.99 14.07 16.50
CA GLN E 79 76.76 14.86 16.41
C GLN E 79 76.73 15.94 17.48
N HIS E 80 77.90 16.46 17.85
CA HIS E 80 77.95 17.57 18.80
C HIS E 80 77.47 18.87 18.15
N ARG E 81 77.68 19.01 16.84
CA ARG E 81 77.18 20.14 16.07
C ARG E 81 76.04 19.68 15.18
N THR E 82 75.03 20.55 15.03
CA THR E 82 73.73 20.11 14.51
C THR E 82 73.80 19.49 13.11
N PRO E 83 74.47 20.08 12.10
CA PRO E 83 74.52 19.37 10.81
C PRO E 83 75.83 18.62 10.62
N CYS E 84 75.79 17.49 9.91
CA CYS E 84 77.00 16.78 9.56
C CYS E 84 77.48 17.23 8.19
N LYS E 85 78.80 17.21 8.01
CA LYS E 85 79.43 17.75 6.82
C LYS E 85 80.48 16.79 6.32
N GLY E 86 80.55 16.63 5.00
CA GLY E 86 81.56 15.76 4.43
C GLY E 86 81.22 15.30 3.02
N GLY E 87 82.24 15.21 2.17
CA GLY E 87 82.05 14.89 0.78
C GLY E 87 81.83 13.42 0.52
N ILE E 88 81.60 13.12 -0.76
CA ILE E 88 81.38 11.76 -1.23
C ILE E 88 82.42 11.44 -2.30
N ARG E 89 82.64 10.14 -2.53
CA ARG E 89 83.72 9.70 -3.39
C ARG E 89 83.22 8.59 -4.32
N TYR E 90 83.60 8.69 -5.59
CA TYR E 90 83.25 7.71 -6.62
C TYR E 90 84.54 7.01 -7.05
N SER E 91 84.90 5.92 -6.36
CA SER E 91 86.15 5.24 -6.66
C SER E 91 86.06 3.77 -6.25
N THR E 92 86.71 2.91 -7.05
CA THR E 92 86.88 1.52 -6.65
C THR E 92 87.66 1.39 -5.35
N ASP E 93 88.39 2.43 -4.95
CA ASP E 93 89.11 2.44 -3.69
C ASP E 93 88.18 2.52 -2.48
N VAL E 94 86.89 2.76 -2.69
CA VAL E 94 85.97 3.03 -1.59
C VAL E 94 85.92 1.84 -0.65
N SER E 95 86.08 2.11 0.64
CA SER E 95 86.02 1.08 1.67
C SER E 95 85.31 1.62 2.90
N VAL E 96 84.89 0.69 3.77
CA VAL E 96 84.23 1.07 5.01
C VAL E 96 85.17 1.90 5.89
N ASP E 97 86.37 1.36 6.15
CA ASP E 97 87.30 2.01 7.06
C ASP E 97 87.86 3.30 6.49
N GLU E 98 87.90 3.44 5.16
CA GLU E 98 88.30 4.71 4.55
C GLU E 98 87.34 5.82 4.96
N VAL E 99 86.07 5.69 4.58
CA VAL E 99 85.07 6.69 4.96
C VAL E 99 84.94 6.76 6.47
N LYS E 100 85.20 5.65 7.17
CA LYS E 100 85.22 5.67 8.63
C LYS E 100 86.32 6.60 9.14
N ALA E 101 87.48 6.59 8.50
CA ALA E 101 88.59 7.39 8.97
C ALA E 101 88.44 8.85 8.59
N LEU E 102 88.03 9.12 7.35
CA LEU E 102 88.01 10.50 6.86
C LEU E 102 86.93 11.33 7.54
N ALA E 103 85.75 10.73 7.76
CA ALA E 103 84.69 11.42 8.49
C ALA E 103 85.16 11.81 9.89
N SER E 104 85.94 10.93 10.53
CA SER E 104 86.63 11.30 11.75
C SER E 104 87.47 12.56 11.52
N LEU E 105 88.40 12.49 10.56
CA LEU E 105 89.25 13.62 10.24
C LEU E 105 88.43 14.88 9.92
N MET E 106 87.35 14.72 9.17
CA MET E 106 86.54 15.87 8.77
C MET E 106 85.89 16.56 9.97
N THR E 107 85.84 15.90 11.12
CA THR E 107 85.25 16.49 12.32
C THR E 107 86.19 17.52 12.95
N TYR E 108 87.44 17.12 13.18
CA TYR E 108 88.42 18.02 13.79
C TYR E 108 88.79 19.14 12.84
N LYS E 109 88.83 18.87 11.53
CA LYS E 109 89.07 19.92 10.55
C LYS E 109 88.10 21.08 10.74
N CYS E 110 86.80 20.77 10.85
CA CYS E 110 85.80 21.81 11.08
C CYS E 110 85.89 22.42 12.46
N ALA E 111 86.58 21.77 13.40
CA ALA E 111 86.79 22.38 14.72
C ALA E 111 87.88 23.42 14.68
N VAL E 112 88.94 23.18 13.90
CA VAL E 112 90.09 24.08 13.86
C VAL E 112 89.67 25.47 13.40
N VAL E 113 88.84 25.53 12.35
CA VAL E 113 88.45 26.80 11.74
C VAL E 113 87.11 27.30 12.27
N ASP E 114 86.62 26.74 13.38
CA ASP E 114 85.39 27.17 14.03
C ASP E 114 84.18 27.08 13.10
N VAL E 115 83.99 25.91 12.51
CA VAL E 115 82.82 25.61 11.68
C VAL E 115 81.85 24.81 12.53
N PRO E 116 80.64 25.29 12.77
CA PRO E 116 79.70 24.54 13.62
C PRO E 116 79.06 23.34 12.93
N PHE E 117 79.89 22.44 12.40
CA PHE E 117 79.44 21.22 11.74
C PHE E 117 79.96 19.99 12.47
N GLY E 118 79.20 18.91 12.38
CA GLY E 118 79.75 17.60 12.68
C GLY E 118 80.50 17.04 11.48
N GLY E 119 81.18 15.93 11.70
CA GLY E 119 82.00 15.30 10.68
C GLY E 119 81.29 14.16 9.98
N ALA E 120 81.55 14.02 8.69
CA ALA E 120 80.94 12.97 7.88
C ALA E 120 81.73 12.79 6.58
N LYS E 121 81.38 11.74 5.84
CA LYS E 121 81.94 11.41 4.54
C LYS E 121 81.27 10.13 4.02
N ALA E 122 81.29 9.97 2.69
CA ALA E 122 80.62 8.85 2.03
C ALA E 122 81.45 8.42 0.82
N GLY E 123 81.09 7.27 0.26
CA GLY E 123 81.81 6.73 -0.87
C GLY E 123 80.98 5.74 -1.66
N VAL E 124 81.28 5.64 -2.96
CA VAL E 124 80.65 4.69 -3.86
C VAL E 124 81.75 3.94 -4.60
N LYS E 125 81.75 2.61 -4.49
CA LYS E 125 82.83 1.78 -5.02
C LYS E 125 82.59 1.47 -6.50
N ILE E 126 82.82 2.48 -7.33
CA ILE E 126 82.70 2.32 -8.78
C ILE E 126 83.88 2.97 -9.48
N ASN E 127 83.79 3.13 -10.80
CA ASN E 127 84.78 3.86 -11.56
C ASN E 127 84.06 4.77 -12.54
N PRO E 128 84.22 6.09 -12.41
CA PRO E 128 83.39 7.02 -13.22
C PRO E 128 83.57 6.85 -14.72
N LYS E 129 84.80 6.66 -15.19
CA LYS E 129 85.02 6.54 -16.62
C LYS E 129 84.34 5.30 -17.21
N ASN E 130 84.07 4.30 -16.38
CA ASN E 130 83.38 3.09 -16.84
C ASN E 130 81.88 3.28 -16.97
N TYR E 131 81.35 4.47 -16.67
CA TYR E 131 79.93 4.76 -16.82
C TYR E 131 79.76 6.09 -17.54
N THR E 132 78.68 6.22 -18.28
CA THR E 132 78.38 7.45 -18.99
C THR E 132 77.82 8.50 -18.04
N ASP E 133 77.51 9.67 -18.58
CA ASP E 133 76.92 10.72 -17.76
C ASP E 133 75.47 10.41 -17.41
N ASN E 134 74.71 9.91 -18.39
CA ASN E 134 73.35 9.45 -18.09
C ASN E 134 73.40 8.26 -17.14
N GLU E 135 74.44 7.43 -17.22
CA GLU E 135 74.63 6.35 -16.27
C GLU E 135 75.09 6.88 -14.91
N LEU E 136 75.76 8.02 -14.90
CA LEU E 136 76.25 8.58 -13.64
C LEU E 136 75.12 9.22 -12.85
N GLU E 137 74.27 10.01 -13.53
CA GLU E 137 73.17 10.70 -12.84
C GLU E 137 72.27 9.71 -12.13
N LYS E 138 71.98 8.56 -12.75
CA LYS E 138 71.12 7.57 -12.12
C LYS E 138 71.68 7.12 -10.78
N ILE E 139 73.00 6.85 -10.73
CA ILE E 139 73.60 6.41 -9.47
C ILE E 139 73.51 7.50 -8.42
N THR E 140 73.79 8.75 -8.81
CA THR E 140 73.77 9.87 -7.87
C THR E 140 72.40 10.00 -7.22
N ARG E 141 71.38 10.30 -8.02
CA ARG E 141 70.04 10.53 -7.48
C ARG E 141 69.57 9.35 -6.64
N ARG E 142 69.80 8.13 -7.12
CA ARG E 142 69.37 6.94 -6.38
C ARG E 142 70.11 6.85 -5.05
N PHE E 143 71.41 7.16 -5.04
CA PHE E 143 72.15 7.14 -3.78
C PHE E 143 71.67 8.26 -2.86
N THR E 144 71.29 9.40 -3.43
CA THR E 144 70.75 10.51 -2.64
C THR E 144 69.55 10.05 -1.81
N MET E 145 68.51 9.56 -2.49
CA MET E 145 67.32 9.04 -1.81
C MET E 145 67.69 8.06 -0.71
N GLU E 146 68.42 7.01 -1.08
CA GLU E 146 68.70 5.90 -0.16
C GLU E 146 69.41 6.35 1.11
N LEU E 147 69.96 7.56 1.14
CA LEU E 147 70.45 8.14 2.38
C LEU E 147 69.40 9.00 3.07
N ALA E 148 68.50 9.62 2.31
CA ALA E 148 67.43 10.42 2.92
C ALA E 148 66.51 9.54 3.76
N LYS E 149 66.08 8.41 3.19
CA LYS E 149 65.14 7.53 3.88
C LYS E 149 65.63 7.12 5.26
N LYS E 150 66.95 7.15 5.49
CA LYS E 150 67.51 6.80 6.79
C LYS E 150 68.19 7.98 7.47
N GLY E 151 67.89 9.20 7.02
CA GLY E 151 68.47 10.39 7.63
C GLY E 151 69.98 10.51 7.43
N PHE E 152 70.39 10.62 6.16
CA PHE E 152 71.80 10.83 5.85
C PHE E 152 71.99 11.88 4.77
N ILE E 153 71.00 12.73 4.55
CA ILE E 153 71.08 13.90 3.69
C ILE E 153 69.93 14.82 4.07
N GLY E 154 70.24 16.10 4.27
CA GLY E 154 69.26 17.07 4.71
C GLY E 154 69.86 18.11 5.62
N PRO E 155 69.44 19.37 5.47
CA PRO E 155 69.99 20.44 6.31
C PRO E 155 69.54 20.28 7.75
N GLY E 156 70.41 20.66 8.68
CA GLY E 156 70.24 20.30 10.07
C GLY E 156 70.35 18.83 10.35
N VAL E 157 70.59 17.99 9.34
CA VAL E 157 70.70 16.55 9.48
C VAL E 157 72.05 16.10 8.95
N ASP E 158 72.30 16.37 7.66
CA ASP E 158 73.55 15.98 7.03
C ASP E 158 73.75 16.69 5.69
N VAL E 159 74.90 17.34 5.52
CA VAL E 159 75.18 18.10 4.30
C VAL E 159 76.45 17.57 3.64
N PRO E 160 76.35 16.98 2.45
CA PRO E 160 77.56 16.54 1.73
C PRO E 160 78.16 17.64 0.88
N ALA E 161 79.15 17.27 0.07
CA ALA E 161 79.90 18.22 -0.75
C ALA E 161 80.69 17.43 -1.79
N PRO E 162 81.18 18.09 -2.83
CA PRO E 162 82.00 17.37 -3.82
C PRO E 162 83.33 16.93 -3.23
N ASP E 163 83.98 16.01 -3.93
CA ASP E 163 85.30 15.54 -3.54
C ASP E 163 86.03 14.93 -4.73
N MET E 164 86.48 13.69 -4.61
CA MET E 164 87.25 13.05 -5.68
C MET E 164 86.31 12.65 -6.81
N SER E 165 86.55 13.22 -7.99
CA SER E 165 85.83 12.90 -9.21
C SER E 165 84.32 13.18 -9.10
N THR E 166 83.93 14.08 -8.20
CA THR E 166 82.54 14.50 -8.08
C THR E 166 82.49 16.01 -8.31
N GLY E 167 81.79 16.44 -9.35
CA GLY E 167 81.71 17.83 -9.72
C GLY E 167 80.44 18.50 -9.22
N GLU E 168 80.38 19.82 -9.45
CA GLU E 168 79.18 20.57 -9.11
C GLU E 168 77.98 20.10 -9.92
N ARG E 169 78.23 19.56 -11.12
CA ARG E 169 77.15 18.98 -11.91
C ARG E 169 76.42 17.89 -11.13
N GLU E 170 77.16 17.07 -10.39
CA GLU E 170 76.55 15.99 -9.62
C GLU E 170 75.92 16.50 -8.34
N MET E 171 76.50 17.52 -7.72
CA MET E 171 75.90 18.13 -6.54
C MET E 171 74.52 18.70 -6.86
N SER E 172 74.39 19.34 -8.03
CA SER E 172 73.10 19.87 -8.45
C SER E 172 72.06 18.77 -8.54
N TRP E 173 72.47 17.57 -8.95
CA TRP E 173 71.54 16.45 -9.05
C TRP E 173 71.05 16.03 -7.67
N ILE E 174 71.95 15.95 -6.69
CA ILE E 174 71.57 15.63 -5.33
C ILE E 174 70.60 16.68 -4.80
N ALA E 175 70.93 17.96 -4.97
CA ALA E 175 70.03 19.03 -4.56
C ALA E 175 68.68 18.89 -5.27
N ASP E 176 68.71 18.61 -6.57
CA ASP E 176 67.46 18.44 -7.32
C ASP E 176 66.67 17.25 -6.82
N THR E 177 67.36 16.18 -6.40
CA THR E 177 66.66 14.99 -5.95
C THR E 177 65.97 15.22 -4.61
N TYR E 178 66.70 15.77 -3.64
CA TYR E 178 66.15 15.95 -2.30
C TYR E 178 64.98 16.92 -2.30
N ALA E 179 65.08 18.00 -3.07
CA ALA E 179 64.06 19.04 -3.04
C ALA E 179 62.81 18.72 -3.84
N SER E 180 62.84 17.65 -4.65
CA SER E 180 61.67 17.27 -5.44
C SER E 180 60.96 16.04 -4.89
N THR E 181 61.56 15.34 -3.92
CA THR E 181 60.95 14.14 -3.37
C THR E 181 60.77 14.36 -1.87
N ILE E 182 61.67 13.80 -1.04
CA ILE E 182 61.57 13.86 0.41
C ILE E 182 61.44 15.30 0.88
N GLY E 183 62.53 16.07 0.79
CA GLY E 183 62.53 17.41 1.33
C GLY E 183 61.81 18.45 0.48
N HIS E 184 60.62 18.11 -0.02
CA HIS E 184 59.88 19.05 -0.85
C HIS E 184 59.39 20.24 -0.03
N TYR E 185 58.76 19.99 1.11
CA TYR E 185 58.15 21.07 1.89
C TYR E 185 59.18 21.92 2.63
N ASP E 186 60.46 21.56 2.53
CA ASP E 186 61.51 22.23 3.29
C ASP E 186 61.95 23.51 2.58
N ILE E 187 61.86 24.65 3.27
CA ILE E 187 62.24 25.93 2.68
C ILE E 187 63.69 25.89 2.23
N ASN E 188 64.56 25.32 3.06
CA ASN E 188 65.99 25.29 2.79
C ASN E 188 66.45 23.97 2.19
N ALA E 189 65.59 23.36 1.36
CA ALA E 189 65.92 22.08 0.76
C ALA E 189 67.18 22.16 -0.10
N HIS E 190 67.38 23.28 -0.78
CA HIS E 190 68.57 23.48 -1.59
C HIS E 190 69.84 23.62 -0.78
N ALA E 191 69.74 23.79 0.54
CA ALA E 191 70.92 23.73 1.40
C ALA E 191 71.23 22.32 1.87
N CYS E 192 70.65 21.30 1.22
CA CYS E 192 71.01 19.93 1.55
C CYS E 192 72.45 19.64 1.21
N VAL E 193 73.05 20.40 0.30
CA VAL E 193 74.40 20.12 -0.19
C VAL E 193 75.05 21.41 -0.64
N THR E 194 76.34 21.55 -0.35
CA THR E 194 77.16 22.65 -0.84
C THR E 194 77.97 22.18 -2.04
N GLY E 195 78.61 23.13 -2.71
CA GLY E 195 79.30 22.83 -3.94
C GLY E 195 78.42 22.77 -5.17
N LYS E 196 77.11 22.91 -5.01
CA LYS E 196 76.22 23.00 -6.15
C LYS E 196 76.57 24.24 -6.97
N PRO E 197 76.32 24.22 -8.27
CA PRO E 197 76.70 25.36 -9.11
C PRO E 197 75.94 26.62 -8.75
N ILE E 198 76.42 27.73 -9.31
CA ILE E 198 75.93 29.05 -8.92
C ILE E 198 74.46 29.21 -9.26
N SER E 199 74.03 28.65 -10.40
CA SER E 199 72.62 28.74 -10.78
C SER E 199 71.74 27.81 -9.96
N GLN E 200 72.33 26.83 -9.28
CA GLN E 200 71.58 25.92 -8.42
C GLN E 200 71.59 26.36 -6.96
N GLY E 201 72.09 27.56 -6.68
CA GLY E 201 72.20 28.05 -5.33
C GLY E 201 73.60 27.99 -4.75
N GLY E 202 74.61 27.80 -5.59
CA GLY E 202 75.99 27.77 -5.12
C GLY E 202 76.46 29.11 -4.61
N ILE E 203 77.78 29.29 -4.54
CA ILE E 203 78.33 30.53 -4.00
C ILE E 203 79.60 30.88 -4.79
N HIS E 204 79.85 32.19 -4.90
CA HIS E 204 80.98 32.68 -5.68
C HIS E 204 82.29 32.37 -4.98
N GLY E 205 83.36 32.29 -5.78
CA GLY E 205 84.68 31.97 -5.25
C GLY E 205 84.84 30.59 -4.67
N ARG E 206 83.81 29.73 -4.75
CA ARG E 206 83.91 28.38 -4.23
C ARG E 206 84.82 27.51 -5.07
N ILE E 207 84.96 27.83 -6.37
CA ILE E 207 85.88 27.09 -7.23
C ILE E 207 87.31 27.25 -6.76
N SER E 208 87.61 28.35 -6.07
CA SER E 208 88.96 28.65 -5.58
C SER E 208 89.07 28.47 -4.07
N ALA E 209 88.18 27.67 -3.47
CA ALA E 209 88.04 27.66 -2.01
C ALA E 209 89.28 27.12 -1.32
N THR E 210 89.63 25.86 -1.58
CA THR E 210 90.68 25.21 -0.81
C THR E 210 92.07 25.68 -1.23
N GLY E 211 92.23 26.09 -2.49
CA GLY E 211 93.51 26.61 -2.95
C GLY E 211 93.99 27.79 -2.13
N ARG E 212 93.21 28.87 -2.13
CA ARG E 212 93.51 30.00 -1.25
C ARG E 212 93.57 29.57 0.20
N GLY E 213 92.79 28.55 0.58
CA GLY E 213 92.92 28.00 1.91
C GLY E 213 94.32 27.46 2.17
N VAL E 214 94.86 26.72 1.21
CA VAL E 214 96.24 26.25 1.31
C VAL E 214 97.20 27.43 1.41
N PHE E 215 96.86 28.56 0.80
CA PHE E 215 97.77 29.70 0.77
C PHE E 215 97.72 30.50 2.07
N HIS E 216 96.51 30.83 2.55
CA HIS E 216 96.39 31.68 3.73
C HIS E 216 97.03 31.04 4.95
N GLY E 217 97.03 29.72 5.03
CA GLY E 217 97.74 29.05 6.11
C GLY E 217 99.24 29.11 5.95
N ILE E 218 99.71 28.99 4.70
CA ILE E 218 101.13 29.16 4.42
C ILE E 218 101.57 30.59 4.76
N GLU E 219 100.70 31.57 4.50
CA GLU E 219 101.11 32.96 4.60
C GLU E 219 101.39 33.37 6.05
N ASN E 220 100.55 32.97 6.99
CA ASN E 220 100.71 33.44 8.36
C ASN E 220 101.93 32.86 9.06
N PHE E 221 102.75 32.08 8.37
CA PHE E 221 103.92 31.44 8.96
C PHE E 221 105.22 31.91 8.34
N ILE E 222 105.31 31.93 7.00
CA ILE E 222 106.44 32.56 6.31
C ILE E 222 106.17 34.06 6.25
N ASN E 223 105.56 34.58 7.31
CA ASN E 223 105.43 36.00 7.53
C ASN E 223 105.86 36.36 8.94
N GLU E 224 106.15 35.36 9.77
CA GLU E 224 106.71 35.54 11.10
C GLU E 224 107.99 34.73 11.19
N ALA E 225 109.07 35.38 11.62
CA ALA E 225 110.36 34.71 11.77
C ALA E 225 110.48 33.98 13.10
N SER E 226 109.42 33.95 13.91
CA SER E 226 109.41 33.11 15.11
C SER E 226 109.56 31.63 14.76
N TYR E 227 109.25 31.27 13.51
CA TYR E 227 109.43 29.91 13.03
C TYR E 227 110.45 29.85 11.89
N MET E 228 111.07 30.99 11.56
CA MET E 228 112.24 31.03 10.69
C MET E 228 113.53 31.12 11.48
N SER E 229 113.46 31.48 12.76
CA SER E 229 114.60 31.37 13.64
C SER E 229 114.94 29.92 13.97
N ILE E 230 114.04 28.99 13.64
CA ILE E 230 114.22 27.58 13.97
C ILE E 230 114.47 26.75 12.71
N LEU E 231 113.66 26.97 11.66
CA LEU E 231 113.85 26.24 10.41
C LEU E 231 114.94 26.88 9.55
N GLY E 232 115.20 28.16 9.73
CA GLY E 232 116.16 28.88 8.91
C GLY E 232 115.45 29.77 7.91
N MET E 233 115.81 29.64 6.63
CA MET E 233 115.08 30.24 5.53
C MET E 233 115.03 31.77 5.60
N THR E 234 114.28 32.35 4.67
CA THR E 234 114.13 33.80 4.53
C THR E 234 112.66 34.16 4.71
N PRO E 235 112.31 35.00 5.70
CA PRO E 235 110.93 35.48 5.78
C PRO E 235 110.44 36.15 4.51
N GLY E 236 111.31 36.39 3.54
CA GLY E 236 110.90 36.87 2.24
C GLY E 236 110.14 35.77 1.49
N PHE E 237 108.91 36.06 1.10
CA PHE E 237 108.00 35.03 0.59
C PHE E 237 108.46 34.48 -0.76
N GLY E 238 108.77 35.37 -1.70
CA GLY E 238 108.83 34.98 -3.10
C GLY E 238 109.97 34.06 -3.49
N ASP E 239 111.10 34.14 -2.78
CA ASP E 239 112.32 33.44 -3.18
C ASP E 239 112.29 31.93 -2.85
N LYS E 240 111.14 31.27 -3.02
CA LYS E 240 110.99 29.85 -2.76
C LYS E 240 110.14 29.25 -3.87
N THR E 241 110.20 27.93 -4.01
CA THR E 241 109.47 27.21 -5.04
C THR E 241 108.54 26.17 -4.42
N PHE E 242 107.75 25.52 -5.27
CA PHE E 242 106.82 24.49 -4.82
C PHE E 242 106.57 23.48 -5.92
N ALA E 243 106.24 22.25 -5.50
CA ALA E 243 105.98 21.14 -6.40
C ALA E 243 104.70 20.45 -5.93
N VAL E 244 103.69 20.40 -6.80
CA VAL E 244 102.37 19.98 -6.41
C VAL E 244 102.18 18.50 -6.75
N GLN E 245 101.15 17.89 -6.17
CA GLN E 245 100.71 16.54 -6.48
C GLN E 245 99.21 16.56 -6.73
N GLY E 246 98.75 15.65 -7.58
CA GLY E 246 97.33 15.51 -7.85
C GLY E 246 96.70 16.74 -8.48
N PHE E 247 97.22 17.13 -9.64
CA PHE E 247 96.76 18.31 -10.38
C PHE E 247 95.27 18.19 -10.68
N GLY E 248 94.43 18.44 -9.67
CA GLY E 248 93.00 18.27 -9.82
C GLY E 248 92.20 18.99 -8.75
N ASN E 249 91.40 19.98 -9.17
CA ASN E 249 90.63 20.82 -8.25
C ASN E 249 91.55 21.46 -7.22
N VAL E 250 91.84 20.72 -6.15
CA VAL E 250 92.69 21.25 -5.08
C VAL E 250 94.10 21.51 -5.60
N GLY E 251 94.60 20.64 -6.48
CA GLY E 251 95.94 20.84 -7.02
C GLY E 251 96.04 22.05 -7.94
N LEU E 252 94.94 22.38 -8.63
CA LEU E 252 94.91 23.53 -9.51
C LEU E 252 95.01 24.84 -8.72
N HIS E 253 93.99 25.13 -7.92
CA HIS E 253 93.89 26.46 -7.29
C HIS E 253 94.93 26.65 -6.20
N SER E 254 95.41 25.57 -5.58
CA SER E 254 96.54 25.71 -4.65
C SER E 254 97.77 26.20 -5.40
N MET E 255 97.96 25.72 -6.62
CA MET E 255 99.07 26.16 -7.47
C MET E 255 98.77 27.50 -8.11
N ARG E 256 97.60 27.63 -8.73
CA ARG E 256 97.24 28.83 -9.48
C ARG E 256 97.43 30.10 -8.65
N TYR E 257 97.05 30.06 -7.38
CA TYR E 257 97.12 31.24 -6.54
C TYR E 257 98.48 31.40 -5.85
N LEU E 258 99.18 30.30 -5.58
CA LEU E 258 100.51 30.43 -5.00
C LEU E 258 101.48 31.06 -6.00
N HIS E 259 101.23 30.89 -7.30
CA HIS E 259 102.02 31.56 -8.31
C HIS E 259 101.78 33.07 -8.31
N ARG E 260 100.58 33.50 -7.92
CA ARG E 260 100.14 34.89 -8.07
C ARG E 260 100.90 35.89 -7.19
N PHE E 261 101.85 35.46 -6.36
CA PHE E 261 102.49 36.38 -5.43
C PHE E 261 104.00 36.48 -5.60
N GLY E 262 104.60 35.71 -6.51
CA GLY E 262 106.02 35.81 -6.76
C GLY E 262 106.83 34.59 -6.37
N ALA E 263 106.20 33.56 -5.81
CA ALA E 263 106.88 32.33 -5.47
C ALA E 263 106.92 31.43 -6.70
N LYS E 264 108.13 31.09 -7.14
CA LYS E 264 108.30 30.23 -8.30
C LYS E 264 107.70 28.85 -8.02
N CYS E 265 107.50 28.08 -9.09
CA CYS E 265 107.15 26.68 -8.98
C CYS E 265 108.41 25.85 -9.21
N VAL E 266 108.27 24.52 -9.27
CA VAL E 266 109.41 23.69 -9.61
C VAL E 266 108.98 22.36 -10.23
N ALA E 267 107.83 21.83 -9.83
CA ALA E 267 107.44 20.52 -10.32
C ALA E 267 105.94 20.32 -10.21
N VAL E 268 105.44 19.37 -10.99
CA VAL E 268 104.03 18.98 -11.00
C VAL E 268 103.97 17.51 -11.37
N GLY E 269 103.23 16.74 -10.60
CA GLY E 269 103.01 15.34 -10.90
C GLY E 269 101.58 14.94 -10.59
N GLU E 270 101.15 13.85 -11.21
CA GLU E 270 99.80 13.35 -11.00
C GLU E 270 99.85 11.85 -10.72
N SER E 271 98.82 11.12 -11.13
CA SER E 271 98.80 9.67 -11.01
C SER E 271 99.54 8.98 -12.16
N ASP E 272 100.30 9.71 -12.96
CA ASP E 272 101.05 9.17 -14.08
C ASP E 272 102.54 9.43 -13.94
N GLY E 273 102.98 10.60 -14.39
CA GLY E 273 104.39 10.95 -14.35
C GLY E 273 104.68 12.16 -13.50
N SER E 274 105.66 12.96 -13.91
CA SER E 274 106.06 14.14 -13.17
C SER E 274 106.64 15.16 -14.15
N ILE E 275 106.81 16.38 -13.66
CA ILE E 275 107.38 17.48 -14.45
C ILE E 275 108.55 18.06 -13.68
N TRP E 276 109.65 18.36 -14.38
CA TRP E 276 110.87 18.86 -13.78
C TRP E 276 111.36 20.07 -14.57
N ASN E 277 111.54 21.19 -13.90
CA ASN E 277 112.00 22.44 -14.50
C ASN E 277 112.36 23.45 -13.42
N PRO E 278 113.65 23.72 -13.19
CA PRO E 278 114.03 24.71 -12.17
C PRO E 278 113.74 26.16 -12.56
N ASP E 279 113.38 26.43 -13.82
CA ASP E 279 113.06 27.80 -14.21
C ASP E 279 111.68 28.22 -13.74
N GLY E 280 110.81 27.27 -13.40
CA GLY E 280 109.50 27.57 -12.89
C GLY E 280 108.40 27.46 -13.91
N ILE E 281 107.65 26.34 -13.91
CA ILE E 281 106.58 26.17 -14.88
C ILE E 281 105.45 27.15 -14.55
N ASP E 282 104.68 27.48 -15.59
CA ASP E 282 103.63 28.48 -15.49
C ASP E 282 102.29 27.81 -15.72
N PRO E 283 101.33 27.92 -14.80
CA PRO E 283 100.01 27.33 -15.04
C PRO E 283 99.17 28.12 -16.02
N LYS E 284 99.56 29.34 -16.40
CA LYS E 284 98.84 30.04 -17.46
C LYS E 284 98.90 29.29 -18.77
N GLU E 285 99.88 28.41 -18.94
CA GLU E 285 99.99 27.57 -20.13
C GLU E 285 99.50 26.15 -19.87
N LEU E 286 100.17 25.42 -18.98
CA LEU E 286 99.88 24.02 -18.75
C LEU E 286 98.52 23.79 -18.07
N GLU E 287 97.65 24.79 -17.94
CA GLU E 287 96.31 24.56 -17.41
C GLU E 287 95.36 24.04 -18.47
N ASP E 288 95.61 24.36 -19.74
CA ASP E 288 94.82 23.78 -20.82
C ASP E 288 95.37 22.40 -21.17
N PHE E 289 95.98 21.74 -20.18
CA PHE E 289 96.35 20.33 -20.25
C PHE E 289 95.31 19.44 -19.60
N LYS E 290 94.16 19.98 -19.23
CA LYS E 290 93.14 19.20 -18.55
C LYS E 290 92.41 18.28 -19.53
N LEU E 291 91.15 18.60 -19.84
CA LEU E 291 90.37 17.80 -20.76
C LEU E 291 90.62 18.18 -22.22
N GLN E 292 91.61 19.03 -22.48
CA GLN E 292 92.04 19.32 -23.84
C GLN E 292 92.34 18.02 -24.59
N HIS E 293 93.23 17.20 -24.03
CA HIS E 293 93.41 15.82 -24.47
C HIS E 293 92.99 14.85 -23.38
N GLY E 294 93.54 15.01 -22.17
CA GLY E 294 93.16 14.16 -21.06
C GLY E 294 94.17 14.07 -19.93
N THR E 295 95.36 13.56 -20.21
CA THR E 295 96.32 13.18 -19.19
C THR E 295 97.64 13.92 -19.38
N ILE E 296 98.24 14.36 -18.27
CA ILE E 296 99.52 15.04 -18.32
C ILE E 296 100.60 14.05 -18.73
N LEU E 297 101.61 14.55 -19.45
CA LEU E 297 102.70 13.73 -19.93
C LEU E 297 103.86 14.64 -20.34
N GLY E 298 103.64 15.95 -20.25
CA GLY E 298 104.62 16.93 -20.63
C GLY E 298 104.10 17.93 -21.67
N PHE E 299 104.80 19.03 -21.84
CA PHE E 299 104.53 20.05 -22.84
C PHE E 299 105.77 20.93 -23.00
N PRO E 300 105.76 21.92 -23.92
CA PRO E 300 106.79 22.98 -23.89
C PRO E 300 107.17 23.43 -22.49
N LYS E 301 108.47 23.35 -22.20
CA LYS E 301 109.10 23.65 -20.91
C LYS E 301 108.77 22.62 -19.83
N ALA E 302 107.80 21.74 -20.09
CA ALA E 302 107.47 20.67 -19.15
C ALA E 302 108.21 19.41 -19.56
N LYS E 303 109.11 18.94 -18.70
CA LYS E 303 109.98 17.81 -19.00
C LYS E 303 109.43 16.54 -18.35
N ILE E 304 109.48 15.44 -19.10
CA ILE E 304 109.04 14.15 -18.58
C ILE E 304 110.04 13.67 -17.55
N TYR E 305 109.59 13.51 -16.31
CA TYR E 305 110.45 13.13 -15.20
C TYR E 305 109.99 11.82 -14.59
N GLU E 306 110.95 11.04 -14.09
CA GLU E 306 110.69 9.77 -13.45
C GLU E 306 111.38 9.76 -12.09
N GLY E 307 110.98 8.82 -11.24
CA GLY E 307 111.49 8.75 -9.89
C GLY E 307 110.37 8.87 -8.87
N SER E 308 110.04 10.11 -8.48
CA SER E 308 108.85 10.37 -7.70
C SER E 308 108.37 11.78 -7.99
N ILE E 309 107.79 12.45 -6.98
CA ILE E 309 107.41 13.85 -7.11
C ILE E 309 107.85 14.56 -5.83
N LEU E 310 108.14 13.78 -4.79
CA LEU E 310 108.46 14.32 -3.48
C LEU E 310 109.94 14.64 -3.30
N GLU E 311 110.82 13.71 -3.72
CA GLU E 311 112.24 13.86 -3.46
C GLU E 311 112.89 14.96 -4.30
N VAL E 312 112.14 15.57 -5.21
CA VAL E 312 112.69 16.65 -6.04
C VAL E 312 113.11 17.80 -5.13
N ASP E 313 114.31 18.34 -5.39
CA ASP E 313 114.82 19.47 -4.62
C ASP E 313 113.86 20.65 -4.74
N CYS E 314 113.42 21.16 -3.59
CA CYS E 314 112.36 22.16 -3.53
C CYS E 314 112.31 22.73 -2.12
N ASP E 315 111.32 23.58 -1.89
CA ASP E 315 111.11 24.27 -0.62
C ASP E 315 109.76 23.95 0.00
N ILE E 316 108.67 24.15 -0.74
CA ILE E 316 107.32 23.90 -0.23
C ILE E 316 106.72 22.72 -0.97
N LEU E 317 106.40 21.66 -0.23
CA LEU E 317 105.83 20.44 -0.79
C LEU E 317 104.38 20.29 -0.37
N ILE E 318 103.48 20.12 -1.34
CA ILE E 318 102.07 19.93 -1.03
C ILE E 318 101.58 18.59 -1.54
N PRO E 319 101.29 17.62 -0.67
CA PRO E 319 100.63 16.38 -1.12
C PRO E 319 99.12 16.56 -1.26
N ALA E 320 98.64 16.80 -2.47
CA ALA E 320 97.23 17.15 -2.68
C ALA E 320 96.53 16.20 -3.64
N ALA E 321 96.57 14.89 -3.35
CA ALA E 321 95.94 13.92 -4.22
C ALA E 321 95.21 12.84 -3.42
N SER E 322 95.80 11.65 -3.35
CA SER E 322 95.17 10.49 -2.71
C SER E 322 95.46 10.45 -1.22
N GLU E 323 95.83 9.28 -0.70
CA GLU E 323 95.99 9.08 0.73
C GLU E 323 97.26 8.29 1.03
N LYS E 324 98.00 8.75 2.06
CA LYS E 324 99.21 8.12 2.58
C LYS E 324 100.32 7.96 1.55
N GLN E 325 101.21 8.96 1.44
CA GLN E 325 102.40 8.83 0.62
C GLN E 325 103.64 9.37 1.34
N LEU E 326 103.66 9.29 2.67
CA LEU E 326 104.81 9.72 3.48
C LEU E 326 104.95 8.74 4.64
N THR E 327 105.88 7.80 4.50
CA THR E 327 106.13 6.76 5.51
C THR E 327 107.63 6.57 5.61
N LYS E 328 108.06 5.45 6.22
CA LYS E 328 109.50 5.18 6.34
C LYS E 328 110.15 5.08 4.97
N SER E 329 109.41 4.63 3.95
CA SER E 329 109.97 4.43 2.62
C SER E 329 110.46 5.73 1.98
N ASN E 330 109.96 6.88 2.41
CA ASN E 330 110.36 8.17 1.84
C ASN E 330 110.58 9.27 2.86
N ALA E 331 110.29 9.07 4.14
CA ALA E 331 110.47 10.13 5.12
C ALA E 331 111.92 10.58 5.29
N PRO E 332 112.92 9.70 5.37
CA PRO E 332 114.32 10.18 5.46
C PRO E 332 114.78 10.94 4.23
N ARG E 333 114.03 10.90 3.13
CA ARG E 333 114.41 11.54 1.89
C ARG E 333 113.83 12.94 1.78
N VAL E 334 113.40 13.31 0.56
CA VAL E 334 112.70 14.56 0.27
C VAL E 334 113.51 15.76 0.71
N LYS E 335 114.17 16.42 -0.24
CA LYS E 335 115.09 17.51 0.07
C LYS E 335 114.33 18.85 0.13
N ALA E 336 113.41 18.93 1.07
CA ALA E 336 112.60 20.12 1.29
C ALA E 336 112.75 20.60 2.73
N LYS E 337 112.03 21.67 3.07
CA LYS E 337 112.09 22.24 4.42
C LYS E 337 110.74 22.66 5.00
N ILE E 338 109.69 22.82 4.20
CA ILE E 338 108.37 23.18 4.72
C ILE E 338 107.31 22.45 3.89
N ILE E 339 106.54 21.58 4.55
CA ILE E 339 105.54 20.74 3.89
C ILE E 339 104.15 21.22 4.30
N ALA E 340 103.30 21.48 3.31
CA ALA E 340 101.92 21.88 3.52
C ALA E 340 101.00 20.78 3.03
N GLU E 341 100.06 20.37 3.86
CA GLU E 341 99.21 19.22 3.58
C GLU E 341 97.88 19.66 2.96
N GLY E 342 97.64 19.25 1.72
CA GLY E 342 96.40 19.56 1.04
C GLY E 342 95.44 18.40 0.97
N ALA E 343 95.96 17.17 1.00
CA ALA E 343 95.11 15.99 1.01
C ALA E 343 94.84 15.54 2.45
N ASN E 344 93.94 14.58 2.59
CA ASN E 344 93.44 14.15 3.89
C ASN E 344 94.37 13.07 4.45
N GLY E 345 95.21 13.47 5.40
CA GLY E 345 96.14 12.57 6.04
C GLY E 345 97.10 11.84 5.11
N PRO E 346 97.91 12.59 4.35
CA PRO E 346 98.97 11.92 3.58
C PRO E 346 100.12 11.43 4.46
N THR E 347 100.49 12.21 5.47
CA THR E 347 101.59 11.84 6.35
C THR E 347 101.10 10.93 7.46
N THR E 348 101.95 9.97 7.85
CA THR E 348 101.68 9.04 8.94
C THR E 348 102.44 9.46 10.19
N PRO E 349 102.00 9.03 11.37
CA PRO E 349 102.84 9.23 12.58
C PRO E 349 104.16 8.51 12.46
N GLU E 350 104.23 7.54 11.54
CA GLU E 350 105.45 6.82 11.23
C GLU E 350 106.52 7.75 10.66
N ALA E 351 106.12 8.83 10.00
CA ALA E 351 107.04 9.75 9.35
C ALA E 351 107.28 11.03 10.13
N ASP E 352 106.38 11.38 11.06
CA ASP E 352 106.53 12.63 11.81
C ASP E 352 107.77 12.59 12.69
N LYS E 353 107.97 11.50 13.43
CA LYS E 353 109.15 11.37 14.28
C LYS E 353 110.46 11.43 13.51
N ILE E 354 110.41 11.30 12.19
CA ILE E 354 111.58 11.53 11.35
C ILE E 354 111.68 12.99 10.93
N PHE E 355 110.57 13.57 10.48
CA PHE E 355 110.57 14.96 10.04
C PHE E 355 110.90 15.90 11.20
N LEU E 356 110.30 15.68 12.36
CA LEU E 356 110.56 16.57 13.50
C LEU E 356 112.02 16.53 13.91
N GLU E 357 112.66 15.37 13.80
CA GLU E 357 114.05 15.22 14.21
C GLU E 357 115.04 15.84 13.23
N ARG E 358 114.60 16.23 12.03
CA ARG E 358 115.46 16.91 11.07
C ARG E 358 115.02 18.36 10.87
N ASN E 359 114.15 18.88 11.73
CA ASN E 359 113.64 20.24 11.67
C ASN E 359 112.96 20.52 10.32
N ILE E 360 111.76 19.97 10.19
CA ILE E 360 110.93 20.11 8.99
C ILE E 360 109.57 20.65 9.40
N MET E 361 109.08 21.63 8.64
CA MET E 361 107.77 22.23 8.87
C MET E 361 106.70 21.38 8.19
N VAL E 362 105.87 20.70 8.99
CA VAL E 362 104.73 19.99 8.44
C VAL E 362 103.44 20.72 8.83
N ILE E 363 102.97 21.57 7.93
CA ILE E 363 101.68 22.23 8.17
C ILE E 363 100.56 21.20 8.03
N PRO E 364 99.70 21.04 9.03
CA PRO E 364 98.76 19.92 9.02
C PRO E 364 97.57 20.15 8.10
N ASP E 365 97.01 19.03 7.62
CA ASP E 365 95.73 19.08 6.91
C ASP E 365 94.62 19.62 7.79
N LEU E 366 94.71 19.40 9.09
CA LEU E 366 93.69 19.89 10.01
C LEU E 366 93.48 21.39 9.92
N TYR E 367 94.41 22.12 9.30
CA TYR E 367 94.28 23.57 9.20
C TYR E 367 94.46 24.08 7.77
N LEU E 368 95.29 23.41 6.97
CA LEU E 368 95.69 23.98 5.70
C LEU E 368 94.54 23.96 4.69
N ASN E 369 93.89 22.81 4.52
CA ASN E 369 92.80 22.68 3.56
C ASN E 369 91.43 22.76 4.21
N ALA E 370 91.34 23.28 5.43
CA ALA E 370 90.04 23.53 6.06
C ALA E 370 89.31 24.72 5.43
N GLY E 371 89.81 25.23 4.32
CA GLY E 371 89.20 26.38 3.67
C GLY E 371 88.02 26.03 2.79
N GLY E 372 88.13 24.92 2.05
CA GLY E 372 87.03 24.50 1.21
C GLY E 372 85.74 24.33 1.99
N VAL E 373 85.83 23.77 3.20
CA VAL E 373 84.65 23.63 4.04
C VAL E 373 84.30 24.94 4.72
N THR E 374 85.28 25.80 4.97
CA THR E 374 84.99 27.16 5.44
C THR E 374 84.15 27.91 4.43
N VAL E 375 84.49 27.78 3.13
CA VAL E 375 83.63 28.30 2.08
C VAL E 375 82.34 27.51 2.01
N SER E 376 82.43 26.18 2.06
CA SER E 376 81.23 25.35 2.10
C SER E 376 80.30 25.78 3.22
N TYR E 377 80.87 26.08 4.40
CA TYR E 377 80.06 26.59 5.50
C TYR E 377 79.35 27.88 5.10
N PHE E 378 80.02 28.75 4.33
CA PHE E 378 79.36 29.97 3.87
C PHE E 378 78.22 29.64 2.91
N GLU E 379 78.40 28.62 2.08
CA GLU E 379 77.35 28.27 1.12
C GLU E 379 76.12 27.73 1.82
N TRP E 380 76.30 26.96 2.90
CA TRP E 380 75.18 26.49 3.69
C TRP E 380 74.39 27.66 4.27
N LEU E 381 75.06 28.76 4.61
CA LEU E 381 74.40 29.91 5.20
C LEU E 381 73.71 30.78 4.15
N LYS E 382 74.20 30.75 2.91
CA LYS E 382 73.55 31.49 1.83
C LYS E 382 72.13 30.97 1.60
N ASN E 383 72.01 29.69 1.25
CA ASN E 383 70.71 29.09 1.01
C ASN E 383 69.78 29.26 2.20
N LEU E 384 70.34 29.33 3.41
CA LEU E 384 69.52 29.58 4.59
C LEU E 384 69.14 31.05 4.72
N ASN E 385 70.00 31.96 4.26
CA ASN E 385 69.63 33.37 4.19
C ASN E 385 68.88 33.71 2.91
N HIS E 386 68.92 32.83 1.92
CA HIS E 386 68.22 33.01 0.64
C HIS E 386 68.61 34.31 -0.06
N VAL E 387 69.81 34.80 0.20
CA VAL E 387 70.35 35.99 -0.47
C VAL E 387 71.84 35.81 -0.65
N SER E 388 72.35 36.28 -1.79
CA SER E 388 73.78 36.36 -1.99
C SER E 388 74.35 37.52 -1.19
N TYR E 389 75.52 37.30 -0.59
CA TYR E 389 76.07 38.22 0.39
C TYR E 389 76.30 39.60 -0.21
N GLY E 390 75.81 40.63 0.47
CA GLY E 390 75.90 42.00 -0.01
C GLY E 390 74.75 42.43 -0.89
N ARG E 391 73.70 41.63 -0.98
CA ARG E 391 72.60 41.88 -1.93
C ARG E 391 71.88 43.19 -1.63
N LEU E 392 71.95 43.68 -0.39
CA LEU E 392 71.28 44.91 0.00
C LEU E 392 72.23 45.96 0.57
N THR E 393 73.47 45.60 0.87
CA THR E 393 74.38 46.42 1.64
C THR E 393 75.65 46.73 0.86
N PHE E 394 75.52 47.03 -0.44
CA PHE E 394 76.62 47.54 -1.24
C PHE E 394 76.43 49.03 -1.54
N LYS E 395 75.34 49.38 -2.23
CA LYS E 395 75.05 50.78 -2.49
C LYS E 395 74.96 51.58 -1.21
N TYR E 396 74.27 51.03 -0.20
CA TYR E 396 74.13 51.74 1.07
C TYR E 396 75.48 52.05 1.69
N GLU E 397 76.44 51.13 1.55
CA GLU E 397 77.76 51.39 2.09
C GLU E 397 78.60 52.24 1.14
N ARG E 398 78.50 51.98 -0.17
CA ARG E 398 79.23 52.78 -1.14
C ARG E 398 78.81 54.25 -1.07
N ASP E 399 77.51 54.51 -0.95
CA ASP E 399 77.07 55.89 -0.75
C ASP E 399 77.47 56.40 0.63
N SER E 400 77.60 55.51 1.61
CA SER E 400 78.02 55.91 2.94
C SER E 400 79.45 56.44 2.93
N ASN E 401 80.32 55.82 2.13
CA ASN E 401 81.72 56.23 2.10
C ASN E 401 81.93 57.50 1.28
N TYR E 402 81.23 57.62 0.14
CA TYR E 402 81.35 58.83 -0.67
C TYR E 402 80.87 60.06 0.09
N HIS E 403 79.93 59.89 1.03
CA HIS E 403 79.58 61.01 1.90
C HIS E 403 80.62 61.23 2.99
N LEU E 404 81.34 60.20 3.40
CA LEU E 404 82.43 60.37 4.35
C LEU E 404 83.57 61.16 3.70
N LEU E 405 84.09 60.66 2.58
CA LEU E 405 85.22 61.31 1.92
C LEU E 405 84.88 62.74 1.53
N MET E 406 83.61 63.06 1.35
CA MET E 406 83.21 64.44 1.12
C MET E 406 82.95 65.19 2.42
N SER E 407 82.59 64.50 3.49
CA SER E 407 82.45 65.15 4.79
C SER E 407 83.79 65.66 5.31
N VAL E 408 84.88 64.96 4.96
CA VAL E 408 86.21 65.42 5.34
C VAL E 408 86.56 66.69 4.57
N GLN E 409 86.34 66.69 3.26
CA GLN E 409 86.65 67.82 2.41
C GLN E 409 86.00 69.10 2.91
N GLU E 410 84.66 69.09 2.97
CA GLU E 410 83.91 70.26 3.40
C GLU E 410 84.36 70.74 4.78
N SER E 411 84.70 69.80 5.66
CA SER E 411 85.28 70.17 6.95
C SER E 411 86.68 70.74 6.78
N LEU E 412 87.49 70.17 5.88
CA LEU E 412 88.83 70.70 5.64
C LEU E 412 88.79 71.97 4.81
N GLU E 413 87.75 72.17 4.02
CA GLU E 413 87.57 73.44 3.33
C GLU E 413 86.99 74.51 4.25
N ARG E 414 86.91 74.23 5.56
CA ARG E 414 86.48 75.22 6.54
C ARG E 414 87.65 76.08 7.00
N LYS E 415 88.68 75.44 7.57
CA LYS E 415 89.89 76.14 7.97
C LYS E 415 90.65 76.73 6.78
N PHE E 416 90.31 76.34 5.56
CA PHE E 416 90.95 76.84 4.36
C PHE E 416 89.98 77.81 3.68
N GLY E 417 90.45 79.03 3.41
CA GLY E 417 89.56 80.13 3.09
C GLY E 417 88.64 79.92 1.90
N LYS E 418 89.14 79.30 0.83
CA LYS E 418 88.37 79.08 -0.38
C LYS E 418 87.88 77.63 -0.46
N HIS E 419 86.63 77.46 -0.91
CA HIS E 419 85.97 76.16 -0.94
C HIS E 419 86.11 75.57 -2.35
N GLY E 420 87.06 74.65 -2.52
CA GLY E 420 87.18 73.97 -3.79
C GLY E 420 88.53 73.32 -3.99
N GLY E 421 89.55 73.85 -3.33
CA GLY E 421 90.90 73.34 -3.48
C GLY E 421 91.03 71.87 -3.12
N THR E 422 90.73 71.55 -1.86
CA THR E 422 90.99 70.22 -1.33
C THR E 422 90.15 69.16 -2.05
N ILE E 423 90.76 68.00 -2.30
CA ILE E 423 90.13 66.96 -3.12
C ILE E 423 90.33 65.57 -2.53
N PRO E 424 89.72 65.24 -1.39
CA PRO E 424 89.74 63.85 -0.91
C PRO E 424 88.61 62.96 -1.43
N ILE E 425 87.82 63.43 -2.41
CA ILE E 425 86.72 62.62 -2.92
C ILE E 425 87.23 61.30 -3.49
N VAL E 426 88.33 61.35 -4.22
CA VAL E 426 88.84 60.16 -4.91
C VAL E 426 89.56 59.27 -3.89
N PRO E 427 89.18 58.02 -3.77
CA PRO E 427 89.89 57.10 -2.88
C PRO E 427 90.93 56.29 -3.63
N THR E 428 91.75 55.50 -2.93
CA THR E 428 92.92 54.90 -3.56
C THR E 428 92.52 54.02 -4.74
N ALA E 429 93.50 53.79 -5.61
CA ALA E 429 93.26 53.02 -6.83
C ALA E 429 92.69 51.64 -6.52
N GLU E 430 93.23 50.99 -5.48
CA GLU E 430 92.69 49.71 -5.03
C GLU E 430 91.25 49.87 -4.54
N PHE E 431 91.05 50.77 -3.56
CA PHE E 431 89.74 50.99 -2.99
C PHE E 431 88.72 51.40 -4.04
N GLN E 432 89.11 52.31 -4.96
CA GLN E 432 88.21 52.71 -6.02
C GLN E 432 87.72 51.52 -6.82
N ASP E 433 88.57 50.53 -7.02
CA ASP E 433 88.19 49.32 -7.74
C ASP E 433 87.40 48.35 -6.88
N ARG E 434 87.58 48.40 -5.55
CA ARG E 434 86.90 47.48 -4.66
C ARG E 434 85.39 47.74 -4.63
N ILE E 435 84.98 49.00 -4.64
CA ILE E 435 83.56 49.32 -4.75
C ILE E 435 83.08 49.15 -6.18
N SER E 436 83.96 49.39 -7.16
CA SER E 436 83.59 49.19 -8.57
C SER E 436 83.25 47.74 -8.84
N GLY E 437 84.18 46.82 -8.53
CA GLY E 437 83.94 45.40 -8.72
C GLY E 437 83.39 44.73 -7.48
N ALA E 438 82.61 45.47 -6.69
CA ALA E 438 82.03 44.92 -5.48
C ALA E 438 81.05 43.80 -5.82
N SER E 439 81.25 42.64 -5.21
CA SER E 439 80.41 41.48 -5.49
C SER E 439 80.41 40.55 -4.28
N GLU E 440 79.57 39.52 -4.36
CA GLU E 440 79.51 38.52 -3.31
C GLU E 440 80.85 37.80 -3.15
N LYS E 441 81.60 37.66 -4.24
CA LYS E 441 82.90 36.99 -4.17
C LYS E 441 83.86 37.72 -3.24
N ASP E 442 83.78 39.05 -3.17
CA ASP E 442 84.65 39.81 -2.28
C ASP E 442 84.44 39.44 -0.82
N ILE E 443 83.21 39.10 -0.45
CA ILE E 443 82.88 38.85 0.95
C ILE E 443 83.28 37.44 1.36
N VAL E 444 83.19 36.48 0.44
CA VAL E 444 83.60 35.11 0.75
C VAL E 444 85.09 35.07 1.07
N HIS E 445 85.89 35.78 0.28
CA HIS E 445 87.34 35.70 0.42
C HIS E 445 87.80 36.17 1.80
N SER E 446 87.39 37.38 2.20
CA SER E 446 87.78 37.91 3.50
C SER E 446 87.28 37.03 4.63
N GLY E 447 86.01 36.59 4.54
CA GLY E 447 85.50 35.65 5.52
C GLY E 447 86.33 34.39 5.62
N LEU E 448 86.94 33.97 4.51
CA LEU E 448 87.82 32.81 4.54
C LEU E 448 89.12 33.11 5.27
N ALA E 449 89.68 34.30 5.04
CA ALA E 449 90.96 34.68 5.65
C ALA E 449 90.83 34.82 7.16
N TYR E 450 90.05 35.82 7.61
CA TYR E 450 89.75 36.04 9.02
C TYR E 450 89.50 34.74 9.77
N THR E 451 88.85 33.78 9.11
CA THR E 451 88.73 32.44 9.69
C THR E 451 90.11 31.80 9.87
N MET E 452 90.89 31.74 8.79
CA MET E 452 92.16 31.01 8.85
C MET E 452 93.26 31.81 9.54
N GLU E 453 93.31 33.13 9.30
CA GLU E 453 94.30 33.95 9.99
C GLU E 453 94.11 33.87 11.51
N ARG E 454 92.86 33.92 11.96
CA ARG E 454 92.57 33.76 13.38
C ARG E 454 92.80 32.32 13.85
N SER E 455 92.54 31.34 12.98
CA SER E 455 92.76 29.96 13.37
C SER E 455 94.24 29.65 13.51
N ALA E 456 95.07 30.19 12.63
CA ALA E 456 96.52 30.03 12.79
C ALA E 456 96.98 30.55 14.14
N ARG E 457 96.41 31.66 14.59
CA ARG E 457 96.72 32.15 15.93
C ARG E 457 96.24 31.16 16.99
N GLN E 458 95.07 30.55 16.78
CA GLN E 458 94.59 29.53 17.71
C GLN E 458 95.51 28.32 17.76
N ILE E 459 96.38 28.14 16.77
CA ILE E 459 97.34 27.04 16.75
C ILE E 459 98.69 27.48 17.29
N MET E 460 99.17 28.64 16.85
CA MET E 460 100.54 29.06 17.15
C MET E 460 100.75 29.37 18.62
N ARG E 461 99.71 29.70 19.38
CA ARG E 461 99.87 29.87 20.82
C ARG E 461 99.55 28.61 21.61
N THR E 462 98.72 27.71 21.05
CA THR E 462 98.61 26.37 21.66
C THR E 462 99.83 25.52 21.37
N ALA E 463 100.68 25.92 20.41
CA ALA E 463 101.93 25.23 20.15
C ALA E 463 103.08 25.76 21.00
N MET E 464 103.08 27.07 21.29
CA MET E 464 104.04 27.66 22.22
C MET E 464 103.58 27.55 23.67
N LYS E 465 102.63 26.67 23.93
CA LYS E 465 102.23 26.29 25.28
C LYS E 465 102.84 24.97 25.71
N TYR E 466 103.18 24.11 24.75
CA TYR E 466 103.65 22.75 25.01
C TYR E 466 104.98 22.43 24.35
N ASN E 467 105.66 23.43 23.79
CA ASN E 467 106.99 23.27 23.21
C ASN E 467 106.98 22.27 22.05
N LEU E 468 105.89 22.29 21.27
CA LEU E 468 105.84 21.46 20.07
C LEU E 468 106.62 22.08 18.93
N GLY E 469 106.63 23.41 18.82
CA GLY E 469 107.46 24.10 17.86
C GLY E 469 107.21 23.72 16.41
N LEU E 470 107.66 22.54 16.02
CA LEU E 470 107.58 22.11 14.63
C LEU E 470 106.61 20.97 14.39
N ASP E 471 106.09 20.33 15.44
CA ASP E 471 105.05 19.32 15.26
C ASP E 471 103.68 19.99 15.38
N LEU E 472 103.38 20.81 14.38
CA LEU E 472 102.06 21.41 14.27
C LEU E 472 100.97 20.36 14.20
N ARG E 473 101.29 19.19 13.62
CA ARG E 473 100.37 18.05 13.61
C ARG E 473 99.74 17.82 14.98
N THR E 474 100.56 17.50 15.97
CA THR E 474 100.04 17.30 17.32
C THR E 474 99.61 18.60 18.00
N ALA E 475 99.85 19.76 17.37
CA ALA E 475 99.37 21.02 17.91
C ALA E 475 98.00 21.41 17.36
N ALA E 476 97.62 20.89 16.21
CA ALA E 476 96.29 21.14 15.67
C ALA E 476 95.25 20.26 16.35
N TYR E 477 95.46 18.93 16.32
CA TYR E 477 94.52 18.01 16.96
C TYR E 477 94.33 18.33 18.44
N VAL E 478 95.40 18.80 19.10
CA VAL E 478 95.31 19.14 20.52
C VAL E 478 94.44 20.38 20.72
N ASN E 479 94.19 21.15 19.67
CA ASN E 479 93.28 22.29 19.73
C ASN E 479 91.86 21.88 19.38
N ALA E 480 91.70 20.94 18.46
CA ALA E 480 90.37 20.49 18.05
C ALA E 480 89.69 19.68 19.15
N ILE E 481 90.44 18.77 19.78
CA ILE E 481 89.87 17.93 20.82
C ILE E 481 89.28 18.78 21.95
N GLU E 482 89.97 19.87 22.30
CA GLU E 482 89.49 20.71 23.38
C GLU E 482 88.24 21.49 22.98
N LYS E 483 88.06 21.75 21.68
CA LYS E 483 86.80 22.34 21.23
C LYS E 483 85.66 21.35 21.33
N VAL E 484 85.87 20.13 20.82
CA VAL E 484 84.83 19.11 20.87
C VAL E 484 84.51 18.74 22.31
N PHE E 485 85.54 18.69 23.16
CA PHE E 485 85.33 18.26 24.54
C PHE E 485 84.43 19.24 25.29
N ARG E 486 84.67 20.54 25.13
CA ARG E 486 83.84 21.53 25.80
C ARG E 486 82.39 21.47 25.35
N VAL E 487 82.13 20.96 24.14
CA VAL E 487 80.75 20.79 23.69
C VAL E 487 80.10 19.63 24.43
N TYR E 488 80.84 18.54 24.65
CA TYR E 488 80.26 17.39 25.33
C TYR E 488 80.08 17.63 26.82
N ASN E 489 81.06 18.29 27.47
CA ASN E 489 81.00 18.45 28.92
C ASN E 489 79.79 19.28 29.34
N GLU E 490 79.48 20.34 28.60
CA GLU E 490 78.37 21.20 28.96
C GLU E 490 77.03 20.72 28.39
N ALA E 491 77.03 19.60 27.66
CA ALA E 491 75.80 19.01 27.15
C ALA E 491 75.33 17.81 27.97
N GLY E 492 76.25 17.09 28.61
CA GLY E 492 75.89 16.07 29.58
C GLY E 492 75.54 14.73 28.96
N VAL E 493 75.32 13.76 29.84
CA VAL E 493 74.84 12.44 29.44
C VAL E 493 73.32 12.50 29.30
N THR E 494 72.84 12.43 28.07
CA THR E 494 71.40 12.38 27.84
C THR E 494 70.86 11.04 28.31
N PHE E 495 69.81 11.08 29.13
CA PHE E 495 69.14 9.87 29.60
C PHE E 495 67.84 9.75 28.81
N THR E 496 67.86 8.94 27.76
CA THR E 496 66.70 8.77 26.87
C THR E 496 65.92 7.49 27.12
N ASP F 1 24.82 20.25 48.28
CA ASP F 1 25.90 20.85 47.51
C ASP F 1 27.09 21.24 48.40
N PRO F 2 27.97 20.28 48.66
CA PRO F 2 29.18 20.57 49.45
C PRO F 2 30.32 21.10 48.59
N ASN F 3 31.29 21.71 49.27
CA ASN F 3 32.49 22.16 48.58
C ASN F 3 33.36 20.99 48.17
N PHE F 4 33.88 20.25 49.15
CA PHE F 4 34.54 18.97 48.93
C PHE F 4 35.78 19.04 48.04
N PHE F 5 35.58 19.21 46.73
CA PHE F 5 36.63 19.12 45.72
C PHE F 5 37.19 17.71 45.68
N LYS F 6 37.75 17.26 46.81
CA LYS F 6 38.39 15.96 46.94
C LYS F 6 37.38 14.81 46.96
N MET F 7 36.30 14.93 46.17
CA MET F 7 35.27 13.91 46.17
C MET F 7 35.83 12.55 45.78
N VAL F 8 36.48 12.48 44.63
CA VAL F 8 36.98 11.20 44.13
C VAL F 8 38.26 10.79 44.86
N GLU F 9 39.06 11.75 45.33
CA GLU F 9 40.32 11.42 45.97
C GLU F 9 40.15 10.53 47.18
N GLY F 10 39.01 10.61 47.86
CA GLY F 10 38.78 9.75 49.01
C GLY F 10 38.62 8.29 48.63
N PHE F 11 37.87 8.01 47.56
CA PHE F 11 37.56 6.62 47.19
C PHE F 11 38.82 5.88 46.75
N PHE F 12 39.68 6.52 45.97
CA PHE F 12 40.95 5.92 45.57
C PHE F 12 41.74 5.51 46.80
N ASP F 13 42.00 6.45 47.70
CA ASP F 13 42.70 6.16 48.94
C ASP F 13 42.06 5.01 49.70
N ARG F 14 40.72 4.96 49.71
CA ARG F 14 40.01 3.86 50.37
C ARG F 14 40.34 2.52 49.70
N GLY F 15 40.14 2.44 48.39
CA GLY F 15 40.51 1.23 47.69
C GLY F 15 42.01 0.97 47.68
N ALA F 16 42.80 2.03 47.82
CA ALA F 16 44.26 1.88 47.77
C ALA F 16 44.79 1.07 48.95
N SER F 17 44.23 1.28 50.13
CA SER F 17 44.78 0.66 51.33
C SER F 17 44.69 -0.86 51.30
N ILE F 18 43.70 -1.40 50.59
CA ILE F 18 43.42 -2.82 50.68
C ILE F 18 44.29 -3.63 49.72
N VAL F 19 44.67 -3.04 48.58
CA VAL F 19 45.52 -3.73 47.62
C VAL F 19 47.00 -3.57 47.94
N GLU F 20 47.34 -2.82 48.99
CA GLU F 20 48.74 -2.69 49.40
C GLU F 20 49.35 -4.05 49.74
N ASP F 21 48.53 -5.00 50.13
CA ASP F 21 49.01 -6.35 50.41
C ASP F 21 49.01 -7.24 49.18
N LYS F 22 48.09 -7.00 48.23
CA LYS F 22 48.02 -7.84 47.04
C LYS F 22 49.18 -7.58 46.09
N LEU F 23 49.50 -6.30 45.85
CA LEU F 23 50.54 -5.97 44.88
C LEU F 23 51.91 -6.43 45.35
N VAL F 24 52.18 -6.33 46.66
CA VAL F 24 53.46 -6.80 47.18
C VAL F 24 53.55 -8.32 47.16
N GLU F 25 52.42 -9.01 47.08
CA GLU F 25 52.40 -10.46 47.05
C GLU F 25 52.28 -11.00 45.63
N ASP F 26 51.62 -10.27 44.74
CA ASP F 26 51.47 -10.71 43.36
C ASP F 26 52.66 -10.33 42.47
N LEU F 27 53.34 -9.23 42.80
CA LEU F 27 54.55 -8.86 42.07
C LEU F 27 55.62 -9.93 42.26
N LYS F 28 56.12 -10.44 41.14
CA LYS F 28 57.19 -11.43 41.14
C LYS F 28 58.43 -10.75 40.58
N THR F 29 59.35 -10.36 41.47
CA THR F 29 60.58 -9.69 41.07
C THR F 29 61.72 -10.17 41.96
N ARG F 30 62.92 -9.66 41.70
CA ARG F 30 64.11 -10.02 42.44
C ARG F 30 64.46 -9.02 43.53
N GLU F 31 63.67 -7.95 43.70
CA GLU F 31 64.02 -6.96 44.71
C GLU F 31 63.76 -7.47 46.12
N THR F 32 62.57 -8.03 46.37
CA THR F 32 62.16 -8.63 47.63
C THR F 32 62.72 -7.94 48.87
N GLU F 33 62.17 -6.79 49.23
CA GLU F 33 62.46 -6.18 50.52
C GLU F 33 61.15 -5.94 51.25
N GLU F 34 61.03 -4.76 51.87
CA GLU F 34 59.75 -4.12 52.08
C GLU F 34 59.75 -2.73 51.47
N GLN F 35 60.83 -2.35 50.80
CA GLN F 35 60.80 -1.23 49.87
C GLN F 35 59.82 -1.48 48.74
N LYS F 36 59.39 -2.74 48.56
CA LYS F 36 58.23 -3.04 47.74
C LYS F 36 57.05 -2.13 48.10
N ARG F 37 56.82 -1.96 49.41
CA ARG F 37 55.90 -0.94 49.89
C ARG F 37 56.26 0.44 49.34
N ASN F 38 57.56 0.76 49.32
CA ASN F 38 57.98 2.09 48.90
C ASN F 38 57.87 2.30 47.39
N ARG F 39 58.08 1.25 46.59
CA ARG F 39 57.80 1.38 45.17
C ARG F 39 56.30 1.60 44.93
N VAL F 40 55.47 0.76 45.56
CA VAL F 40 54.04 0.83 45.32
C VAL F 40 53.46 2.12 45.89
N ARG F 41 53.90 2.51 47.10
CA ARG F 41 53.49 3.81 47.62
C ARG F 41 53.82 4.93 46.64
N GLY F 42 54.89 4.76 45.87
CA GLY F 42 55.19 5.72 44.83
C GLY F 42 54.28 5.58 43.62
N ILE F 43 54.04 4.34 43.17
CA ILE F 43 53.26 4.13 41.96
C ILE F 43 51.84 4.68 42.11
N LEU F 44 51.26 4.55 43.30
CA LEU F 44 49.90 5.05 43.52
C LEU F 44 49.87 6.57 43.67
N ARG F 45 50.99 7.18 44.09
CA ARG F 45 51.07 8.63 44.16
C ARG F 45 51.20 9.28 42.79
N ILE F 46 51.50 8.50 41.73
CA ILE F 46 51.52 9.02 40.37
C ILE F 46 50.15 8.94 39.74
N ILE F 47 49.41 7.87 40.01
CA ILE F 47 48.11 7.67 39.40
C ILE F 47 47.08 8.61 40.00
N LYS F 48 47.24 8.97 41.27
CA LYS F 48 46.33 9.88 41.96
C LYS F 48 46.17 11.21 41.21
N PRO F 49 47.24 11.96 40.93
CA PRO F 49 47.05 13.27 40.30
C PRO F 49 46.99 13.17 38.79
N CYS F 50 46.31 14.16 38.20
CA CYS F 50 46.29 14.28 36.75
C CYS F 50 47.66 14.72 36.25
N ASN F 51 48.11 14.10 35.17
CA ASN F 51 49.46 14.37 34.67
C ASN F 51 49.52 15.69 33.90
N HIS F 52 48.47 16.02 33.17
CA HIS F 52 48.41 17.26 32.42
C HIS F 52 47.04 17.87 32.63
N VAL F 53 46.98 19.20 32.67
CA VAL F 53 45.70 19.89 32.78
C VAL F 53 45.83 21.32 32.28
N LEU F 54 45.28 21.57 31.08
CA LEU F 54 45.45 22.84 30.39
C LEU F 54 44.30 23.77 30.77
N SER F 55 44.64 24.95 31.28
CA SER F 55 43.66 26.01 31.45
C SER F 55 43.67 26.87 30.19
N LEU F 56 42.48 27.28 29.75
CA LEU F 56 42.38 27.99 28.48
C LEU F 56 41.58 29.28 28.67
N SER F 57 41.70 30.15 27.67
CA SER F 57 41.02 31.44 27.64
C SER F 57 41.07 32.00 26.22
N PHE F 58 39.91 32.24 25.62
CA PHE F 58 39.90 32.68 24.23
C PHE F 58 38.72 33.60 24.01
N PRO F 59 38.85 34.60 23.14
CA PRO F 59 37.74 35.51 22.88
C PRO F 59 36.92 35.11 21.68
N ILE F 60 35.67 35.57 21.60
CA ILE F 60 34.78 35.30 20.48
C ILE F 60 33.91 36.53 20.23
N ARG F 61 33.31 36.57 19.04
CA ARG F 61 32.43 37.65 18.62
C ARG F 61 30.98 37.22 18.78
N ARG F 62 30.30 37.79 19.79
CA ARG F 62 28.87 37.59 19.91
C ARG F 62 28.17 38.19 18.68
N ASP F 63 26.89 37.83 18.51
CA ASP F 63 26.15 38.40 17.40
C ASP F 63 25.93 39.90 17.55
N ASP F 64 26.12 40.43 18.76
CA ASP F 64 26.23 41.87 18.93
C ASP F 64 27.32 42.45 18.05
N GLY F 65 28.51 41.87 18.16
CA GLY F 65 29.77 42.56 17.90
C GLY F 65 30.55 42.85 19.16
N SER F 66 29.88 42.82 20.31
CA SER F 66 30.54 42.81 21.60
C SER F 66 31.54 41.66 21.71
N TRP F 67 32.55 41.84 22.55
CA TRP F 67 33.60 40.86 22.75
C TRP F 67 33.53 40.35 24.18
N GLU F 68 33.67 39.03 24.35
CA GLU F 68 33.62 38.40 25.66
C GLU F 68 34.66 37.30 25.75
N VAL F 69 35.30 37.19 26.91
CA VAL F 69 36.30 36.16 27.17
C VAL F 69 35.61 34.91 27.70
N ILE F 70 36.09 33.75 27.27
CA ILE F 70 35.54 32.46 27.66
C ILE F 70 36.65 31.65 28.30
N GLU F 71 36.47 31.30 29.58
CA GLU F 71 37.38 30.38 30.25
C GLU F 71 36.99 28.94 29.93
N GLY F 72 38.00 28.11 29.73
CA GLY F 72 37.78 26.70 29.46
C GLY F 72 38.91 25.88 30.03
N TYR F 73 38.60 24.63 30.37
CA TYR F 73 39.57 23.75 31.01
C TYR F 73 39.53 22.38 30.34
N ARG F 74 40.60 21.61 30.56
CA ARG F 74 40.68 20.23 30.09
C ARG F 74 41.80 19.54 30.85
N ALA F 75 41.49 18.40 31.47
CA ALA F 75 42.45 17.66 32.29
C ALA F 75 42.61 16.26 31.75
N GLN F 76 43.83 15.87 31.41
CA GLN F 76 44.16 14.49 31.13
C GLN F 76 44.66 13.86 32.43
N HIS F 77 43.89 12.90 32.95
CA HIS F 77 44.31 12.27 34.20
C HIS F 77 45.59 11.49 34.01
N SER F 78 45.47 10.27 33.51
CA SER F 78 46.63 9.43 33.27
C SER F 78 46.89 9.33 31.77
N GLN F 79 48.10 8.89 31.46
CA GLN F 79 48.50 8.60 30.08
C GLN F 79 49.11 7.20 29.98
N HIS F 80 48.77 6.33 30.95
CA HIS F 80 49.16 4.92 30.87
C HIS F 80 48.65 4.28 29.60
N ARG F 81 47.45 4.64 29.17
CA ARG F 81 46.97 4.25 27.86
C ARG F 81 47.22 5.39 26.89
N THR F 82 47.49 5.02 25.63
CA THR F 82 47.94 6.03 24.67
C THR F 82 46.95 7.17 24.47
N PRO F 83 45.63 6.96 24.31
CA PRO F 83 44.74 8.13 24.17
C PRO F 83 43.86 8.37 25.38
N CYS F 84 44.04 9.52 26.03
CA CYS F 84 43.07 9.92 27.05
C CYS F 84 41.70 10.12 26.40
N LYS F 85 40.66 10.07 27.23
CA LYS F 85 39.34 10.32 26.68
C LYS F 85 38.38 10.71 27.79
N GLY F 86 37.41 11.55 27.44
CA GLY F 86 36.41 12.03 28.37
C GLY F 86 35.60 13.15 27.79
N GLY F 87 34.34 13.27 28.20
CA GLY F 87 33.46 14.27 27.63
C GLY F 87 33.84 15.69 27.98
N ILE F 88 33.17 16.63 27.33
CA ILE F 88 33.34 18.06 27.58
C ILE F 88 31.98 18.66 27.93
N ARG F 89 31.97 19.62 28.85
CA ARG F 89 30.75 20.13 29.45
C ARG F 89 30.64 21.63 29.26
N TYR F 90 29.40 22.12 29.12
CA TYR F 90 29.09 23.53 28.92
C TYR F 90 28.16 23.99 30.05
N SER F 91 28.71 24.57 31.12
CA SER F 91 27.89 25.07 32.20
C SER F 91 28.67 26.06 33.04
N THR F 92 27.94 26.96 33.72
CA THR F 92 28.55 27.93 34.63
C THR F 92 29.20 27.26 35.82
N ASP F 93 28.80 26.03 36.15
CA ASP F 93 29.37 25.32 37.29
C ASP F 93 30.82 24.93 37.06
N VAL F 94 31.28 24.94 35.81
CA VAL F 94 32.59 24.44 35.41
C VAL F 94 33.70 25.03 36.26
N SER F 95 34.48 24.16 36.93
CA SER F 95 35.59 24.58 37.77
C SER F 95 36.83 23.77 37.41
N VAL F 96 37.99 24.31 37.77
CA VAL F 96 39.24 23.61 37.52
C VAL F 96 39.29 22.31 38.31
N ASP F 97 39.03 22.38 39.61
CA ASP F 97 39.04 21.18 40.44
C ASP F 97 37.96 20.20 40.04
N GLU F 98 36.94 20.65 39.30
CA GLU F 98 35.91 19.77 38.77
C GLU F 98 36.51 18.75 37.82
N VAL F 99 36.96 19.21 36.65
CA VAL F 99 37.46 18.29 35.63
C VAL F 99 38.67 17.52 36.13
N LYS F 100 39.51 18.16 36.96
CA LYS F 100 40.64 17.46 37.55
C LYS F 100 40.18 16.19 38.27
N ALA F 101 39.02 16.24 38.92
CA ALA F 101 38.45 15.05 39.53
C ALA F 101 37.75 14.18 38.49
N LEU F 102 36.94 14.79 37.63
CA LEU F 102 36.15 14.02 36.68
C LEU F 102 37.05 13.23 35.73
N ALA F 103 38.10 13.86 35.22
CA ALA F 103 39.07 13.15 34.39
C ALA F 103 39.69 11.99 35.15
N SER F 104 39.99 12.19 36.44
CA SER F 104 40.48 11.10 37.27
C SER F 104 39.48 9.95 37.26
N LEU F 105 38.21 10.24 37.52
CA LEU F 105 37.17 9.22 37.51
C LEU F 105 37.13 8.47 36.18
N MET F 106 37.25 9.19 35.06
CA MET F 106 37.18 8.54 33.75
C MET F 106 38.30 7.52 33.54
N THR F 107 39.45 7.71 34.20
CA THR F 107 40.54 6.75 34.04
C THR F 107 40.14 5.39 34.61
N TYR F 108 39.52 5.38 35.79
CA TYR F 108 39.17 4.13 36.44
C TYR F 108 37.91 3.52 35.83
N LYS F 109 37.00 4.35 35.33
CA LYS F 109 35.87 3.83 34.57
C LYS F 109 36.34 3.01 33.38
N CYS F 110 37.26 3.55 32.59
CA CYS F 110 37.79 2.82 31.45
C CYS F 110 38.53 1.56 31.88
N ALA F 111 39.08 1.56 33.10
CA ALA F 111 39.80 0.38 33.56
C ALA F 111 38.84 -0.74 33.94
N VAL F 112 37.74 -0.40 34.62
CA VAL F 112 36.77 -1.41 35.04
C VAL F 112 36.25 -2.20 33.84
N VAL F 113 35.90 -1.50 32.77
CA VAL F 113 35.31 -2.12 31.59
C VAL F 113 36.37 -2.41 30.53
N ASP F 114 37.62 -2.55 30.97
CA ASP F 114 38.73 -3.01 30.12
C ASP F 114 38.81 -2.23 28.80
N VAL F 115 38.60 -0.92 28.88
CA VAL F 115 38.65 -0.05 27.72
C VAL F 115 40.04 0.57 27.66
N PRO F 116 40.81 0.35 26.60
CA PRO F 116 42.19 0.85 26.56
C PRO F 116 42.26 2.37 26.41
N PHE F 117 41.80 3.11 27.40
CA PHE F 117 41.81 4.56 27.35
C PHE F 117 42.36 5.14 28.66
N GLY F 118 42.85 6.37 28.55
CA GLY F 118 43.22 7.17 29.70
C GLY F 118 42.10 8.14 30.05
N GLY F 119 42.02 8.49 31.33
CA GLY F 119 40.96 9.38 31.77
C GLY F 119 41.23 10.82 31.37
N ALA F 120 40.15 11.49 30.97
CA ALA F 120 40.23 12.89 30.54
C ALA F 120 38.88 13.54 30.79
N LYS F 121 38.86 14.87 30.72
CA LYS F 121 37.65 15.65 30.93
C LYS F 121 37.89 17.12 30.63
N ALA F 122 36.87 17.84 30.16
CA ALA F 122 36.99 19.25 29.86
C ALA F 122 35.76 19.99 30.35
N GLY F 123 35.83 21.33 30.30
CA GLY F 123 34.73 22.16 30.75
C GLY F 123 34.86 23.61 30.30
N VAL F 124 33.73 24.23 29.96
CA VAL F 124 33.68 25.61 29.50
C VAL F 124 32.71 26.36 30.41
N LYS F 125 33.18 27.43 31.03
CA LYS F 125 32.36 28.18 32.01
C LYS F 125 31.49 29.19 31.26
N ILE F 126 30.43 28.68 30.65
CA ILE F 126 29.42 29.51 30.01
C ILE F 126 28.05 29.05 30.46
N ASN F 127 27.01 29.52 29.79
CA ASN F 127 25.67 28.97 30.00
C ASN F 127 25.01 28.85 28.63
N PRO F 128 24.73 27.62 28.16
CA PRO F 128 24.36 27.44 26.75
C PRO F 128 23.07 28.12 26.35
N LYS F 129 22.16 28.37 27.30
CA LYS F 129 20.91 29.04 26.96
C LYS F 129 21.13 30.48 26.53
N ASN F 130 22.14 31.14 27.10
CA ASN F 130 22.37 32.57 26.90
C ASN F 130 23.03 32.90 25.57
N TYR F 131 23.34 31.89 24.75
CA TYR F 131 23.96 32.10 23.46
C TYR F 131 23.09 31.50 22.37
N THR F 132 23.28 31.97 21.14
CA THR F 132 22.55 31.44 20.01
C THR F 132 23.23 30.19 19.47
N ASP F 133 22.61 29.56 18.48
CA ASP F 133 23.23 28.42 17.83
C ASP F 133 24.43 28.85 16.99
N ASN F 134 24.30 29.99 16.31
CA ASN F 134 25.43 30.55 15.58
C ASN F 134 26.51 31.03 16.52
N GLU F 135 26.13 31.52 17.70
CA GLU F 135 27.11 31.94 18.70
C GLU F 135 27.83 30.74 19.29
N LEU F 136 27.13 29.63 19.47
CA LEU F 136 27.73 28.46 20.12
C LEU F 136 28.61 27.67 19.18
N GLU F 137 28.40 27.76 17.87
CA GLU F 137 29.28 27.07 16.93
C GLU F 137 30.70 27.61 17.00
N LYS F 138 30.86 28.93 17.08
CA LYS F 138 32.20 29.50 17.13
C LYS F 138 32.91 29.18 18.44
N ILE F 139 32.17 28.96 19.53
CA ILE F 139 32.81 28.54 20.77
C ILE F 139 33.45 27.17 20.60
N THR F 140 32.67 26.20 20.09
CA THR F 140 33.20 24.84 19.97
C THR F 140 34.29 24.76 18.91
N ARG F 141 34.07 25.37 17.73
CA ARG F 141 35.04 25.26 16.66
C ARG F 141 36.39 25.83 17.07
N ARG F 142 36.40 26.94 17.80
CA ARG F 142 37.67 27.51 18.20
C ARG F 142 38.23 26.85 19.45
N PHE F 143 37.36 26.45 20.39
CA PHE F 143 37.79 25.61 21.50
C PHE F 143 38.50 24.37 20.99
N THR F 144 37.94 23.73 19.96
CA THR F 144 38.67 22.68 19.25
C THR F 144 40.06 23.16 18.88
N MET F 145 40.13 24.27 18.13
CA MET F 145 41.40 24.75 17.60
C MET F 145 42.42 24.98 18.69
N GLU F 146 42.07 25.80 19.69
CA GLU F 146 43.00 26.10 20.76
C GLU F 146 43.39 24.86 21.58
N LEU F 147 42.70 23.73 21.40
CA LEU F 147 43.11 22.49 22.04
C LEU F 147 44.03 21.65 21.18
N ALA F 148 43.93 21.75 19.85
CA ALA F 148 44.81 20.98 18.98
C ALA F 148 46.22 21.55 18.96
N LYS F 149 46.33 22.87 19.13
CA LYS F 149 47.65 23.50 19.11
C LYS F 149 48.49 23.05 20.29
N LYS F 150 47.85 22.71 21.41
CA LYS F 150 48.55 22.30 22.62
C LYS F 150 48.35 20.83 22.95
N GLY F 151 47.94 20.01 21.97
CA GLY F 151 47.92 18.58 22.13
C GLY F 151 46.94 18.04 23.16
N PHE F 152 45.70 18.50 23.11
CA PHE F 152 44.65 17.96 23.96
C PHE F 152 43.47 17.44 23.16
N ILE F 153 43.66 17.23 21.85
CA ILE F 153 42.64 16.66 20.97
C ILE F 153 43.34 16.04 19.77
N GLY F 154 42.88 14.86 19.38
CA GLY F 154 43.45 14.12 18.29
C GLY F 154 43.38 12.64 18.57
N PRO F 155 43.24 11.82 17.52
CA PRO F 155 43.22 10.37 17.74
C PRO F 155 44.57 9.88 18.23
N GLY F 156 44.55 9.08 19.29
CA GLY F 156 45.78 8.63 19.93
C GLY F 156 46.41 9.63 20.87
N VAL F 157 45.83 10.82 21.01
CA VAL F 157 46.33 11.83 21.94
C VAL F 157 45.25 12.09 22.99
N ASP F 158 44.07 12.48 22.53
CA ASP F 158 42.91 12.70 23.40
C ASP F 158 41.65 12.70 22.56
N VAL F 159 40.63 11.98 23.01
CA VAL F 159 39.34 11.94 22.31
C VAL F 159 38.23 12.32 23.27
N PRO F 160 37.67 13.51 23.13
CA PRO F 160 36.55 13.93 23.98
C PRO F 160 35.22 13.37 23.44
N ALA F 161 34.17 13.69 24.17
CA ALA F 161 32.84 13.14 23.92
C ALA F 161 31.82 14.18 24.35
N PRO F 162 30.54 13.96 24.05
CA PRO F 162 29.51 14.87 24.54
C PRO F 162 29.26 14.63 26.02
N ASP F 163 28.39 15.46 26.61
CA ASP F 163 28.10 15.40 28.03
C ASP F 163 26.92 16.29 28.41
N MET F 164 27.16 17.20 29.36
CA MET F 164 26.13 18.11 29.87
C MET F 164 25.80 19.14 28.82
N SER F 165 24.58 19.11 28.29
CA SER F 165 24.13 20.07 27.28
C SER F 165 25.09 20.15 26.09
N THR F 166 25.83 19.09 25.84
CA THR F 166 26.63 18.93 24.65
C THR F 166 26.09 17.76 23.85
N GLY F 167 25.79 17.99 22.57
CA GLY F 167 25.11 17.03 21.75
C GLY F 167 25.94 16.56 20.57
N GLU F 168 25.30 15.76 19.72
CA GLU F 168 25.96 15.23 18.54
C GLU F 168 26.38 16.35 17.59
N ARG F 169 25.50 17.33 17.38
CA ARG F 169 25.81 18.40 16.43
C ARG F 169 27.06 19.17 16.84
N GLU F 170 27.35 19.25 18.14
CA GLU F 170 28.54 19.95 18.59
C GLU F 170 29.79 19.12 18.31
N MET F 171 29.75 17.82 18.62
CA MET F 171 30.86 16.93 18.25
C MET F 171 31.12 16.98 16.75
N SER F 172 30.06 17.11 15.96
CA SER F 172 30.24 17.21 14.51
C SER F 172 31.08 18.42 14.14
N TRP F 173 30.90 19.53 14.85
CA TRP F 173 31.72 20.71 14.61
C TRP F 173 33.17 20.45 15.01
N ILE F 174 33.38 19.88 16.19
CA ILE F 174 34.68 19.42 16.65
C ILE F 174 35.39 18.67 15.53
N ALA F 175 34.75 17.58 15.08
CA ALA F 175 35.30 16.78 13.98
C ALA F 175 35.59 17.64 12.76
N ASP F 176 34.58 18.37 12.29
CA ASP F 176 34.74 19.18 11.07
C ASP F 176 35.88 20.18 11.21
N THR F 177 36.08 20.72 12.41
CA THR F 177 37.19 21.66 12.61
C THR F 177 38.53 20.96 12.52
N TYR F 178 38.67 19.84 13.24
CA TYR F 178 39.96 19.14 13.29
C TYR F 178 40.32 18.54 11.95
N ALA F 179 39.35 17.99 11.22
CA ALA F 179 39.60 17.36 9.94
C ALA F 179 39.77 18.36 8.80
N SER F 180 39.60 19.66 9.06
CA SER F 180 39.78 20.68 8.04
C SER F 180 40.96 21.59 8.31
N THR F 181 41.57 21.52 9.51
CA THR F 181 42.66 22.40 9.86
C THR F 181 43.86 21.56 10.25
N ILE F 182 44.13 21.38 11.55
CA ILE F 182 45.29 20.66 12.05
C ILE F 182 45.34 19.24 11.50
N GLY F 183 44.45 18.38 11.99
CA GLY F 183 44.48 16.97 11.63
C GLY F 183 44.08 16.67 10.20
N HIS F 184 44.26 17.62 9.27
CA HIS F 184 43.98 17.40 7.86
C HIS F 184 44.66 16.12 7.38
N TYR F 185 45.98 16.12 7.33
CA TYR F 185 46.74 15.02 6.76
C TYR F 185 46.50 13.70 7.48
N ASP F 186 45.86 13.73 8.65
CA ASP F 186 45.57 12.49 9.37
C ASP F 186 44.45 11.72 8.67
N ILE F 187 44.71 10.45 8.36
CA ILE F 187 43.71 9.61 7.73
C ILE F 187 42.52 9.41 8.66
N ASN F 188 42.79 9.12 9.93
CA ASN F 188 41.75 8.89 10.92
C ASN F 188 41.32 10.17 11.62
N ALA F 189 41.35 11.29 10.90
CA ALA F 189 41.07 12.59 11.49
C ALA F 189 39.69 12.63 12.13
N HIS F 190 38.71 11.99 11.49
CA HIS F 190 37.35 12.03 12.03
C HIS F 190 37.22 11.23 13.32
N ALA F 191 38.25 10.48 13.72
CA ALA F 191 38.24 9.74 14.97
C ALA F 191 38.60 10.59 16.18
N CYS F 192 38.72 11.91 16.01
CA CYS F 192 39.16 12.77 17.10
C CYS F 192 38.12 12.88 18.21
N VAL F 193 36.88 12.49 17.96
CA VAL F 193 35.80 12.66 18.94
C VAL F 193 34.76 11.57 18.71
N THR F 194 34.25 11.03 19.81
CA THR F 194 33.18 10.04 19.79
C THR F 194 31.86 10.69 20.22
N GLY F 195 30.78 10.36 19.52
CA GLY F 195 29.48 10.94 19.78
C GLY F 195 28.91 11.71 18.60
N LYS F 196 29.59 11.74 17.47
CA LYS F 196 29.14 12.53 16.33
C LYS F 196 27.99 11.83 15.59
N PRO F 197 27.10 12.59 14.95
CA PRO F 197 25.95 11.98 14.28
C PRO F 197 26.37 11.04 13.16
N ILE F 198 25.42 10.19 12.76
CA ILE F 198 25.74 9.00 11.98
C ILE F 198 26.20 9.36 10.58
N SER F 199 25.68 10.45 10.00
CA SER F 199 26.19 10.88 8.70
C SER F 199 27.61 11.44 8.80
N GLN F 200 28.13 11.63 10.01
CA GLN F 200 29.46 12.19 10.22
C GLN F 200 30.45 11.14 10.70
N GLY F 201 30.18 9.86 10.41
CA GLY F 201 31.08 8.81 10.85
C GLY F 201 30.85 8.34 12.26
N GLY F 202 29.61 8.37 12.74
CA GLY F 202 29.28 7.87 14.05
C GLY F 202 28.94 6.40 14.02
N ILE F 203 28.31 5.95 15.10
CA ILE F 203 27.98 4.55 15.28
C ILE F 203 26.52 4.44 15.72
N HIS F 204 25.83 3.41 15.24
CA HIS F 204 24.49 3.13 15.71
C HIS F 204 24.54 2.56 17.13
N GLY F 205 23.69 3.07 18.01
CA GLY F 205 23.53 2.50 19.33
C GLY F 205 24.11 3.32 20.47
N ARG F 206 24.90 4.37 20.20
CA ARG F 206 25.35 5.20 21.31
C ARG F 206 24.32 6.23 21.72
N ILE F 207 23.39 6.59 20.81
CA ILE F 207 22.23 7.37 21.19
C ILE F 207 21.53 6.73 22.39
N SER F 208 21.49 5.39 22.40
CA SER F 208 20.94 4.64 23.52
C SER F 208 21.97 4.32 24.58
N ALA F 209 23.26 4.44 24.27
CA ALA F 209 24.32 3.76 25.00
C ALA F 209 24.20 3.90 26.51
N THR F 210 24.21 5.14 27.01
CA THR F 210 24.18 5.34 28.46
C THR F 210 22.92 4.73 29.06
N GLY F 211 21.83 4.71 28.31
CA GLY F 211 20.60 4.08 28.77
C GLY F 211 20.73 2.57 28.95
N ARG F 212 21.06 1.85 27.88
CA ARG F 212 21.28 0.41 28.00
C ARG F 212 22.36 0.10 29.02
N GLY F 213 23.38 0.95 29.11
CA GLY F 213 24.34 0.85 30.19
C GLY F 213 23.67 0.92 31.55
N VAL F 214 22.88 1.98 31.78
CA VAL F 214 22.05 2.05 32.97
C VAL F 214 21.23 0.78 33.11
N PHE F 215 20.66 0.30 32.01
CA PHE F 215 19.84 -0.89 32.03
C PHE F 215 20.67 -2.15 32.31
N HIS F 216 21.61 -2.47 31.43
CA HIS F 216 22.40 -3.69 31.61
C HIS F 216 23.13 -3.71 32.95
N GLY F 217 23.51 -2.54 33.46
CA GLY F 217 24.13 -2.49 34.79
C GLY F 217 23.18 -2.96 35.86
N ILE F 218 21.97 -2.40 35.88
CA ILE F 218 20.96 -2.84 36.83
C ILE F 218 20.57 -4.28 36.58
N GLU F 219 20.61 -4.72 35.32
CA GLU F 219 20.13 -6.06 34.97
C GLU F 219 20.97 -7.15 35.60
N ASN F 220 22.28 -6.96 35.67
CA ASN F 220 23.17 -8.01 36.18
C ASN F 220 23.14 -8.11 37.70
N PHE F 221 22.19 -7.44 38.34
CA PHE F 221 22.08 -7.36 39.79
C PHE F 221 20.77 -7.91 40.32
N ILE F 222 19.63 -7.43 39.80
CA ILE F 222 18.32 -7.94 40.20
C ILE F 222 18.00 -9.16 39.32
N ASN F 223 19.04 -9.90 38.96
CA ASN F 223 18.91 -11.24 38.40
C ASN F 223 19.78 -12.22 39.17
N GLU F 224 20.33 -11.80 40.31
CA GLU F 224 21.11 -12.66 41.20
C GLU F 224 20.70 -12.34 42.64
N ALA F 225 20.05 -13.29 43.31
CA ALA F 225 19.59 -13.11 44.68
C ALA F 225 20.73 -13.12 45.69
N SER F 226 21.99 -13.18 45.25
CA SER F 226 23.10 -13.08 46.18
C SER F 226 23.17 -11.70 46.83
N TYR F 227 22.53 -10.69 46.24
CA TYR F 227 22.42 -9.37 46.82
C TYR F 227 20.99 -9.00 47.18
N MET F 228 20.01 -9.84 46.85
CA MET F 228 18.65 -9.64 47.34
C MET F 228 18.40 -10.37 48.64
N SER F 229 19.08 -11.50 48.86
CA SER F 229 19.06 -12.19 50.15
C SER F 229 19.53 -11.30 51.30
N ILE F 230 20.15 -10.15 51.00
CA ILE F 230 20.57 -9.19 52.01
C ILE F 230 19.74 -7.91 51.93
N LEU F 231 19.52 -7.41 50.71
CA LEU F 231 18.76 -6.18 50.52
C LEU F 231 17.26 -6.37 50.66
N GLY F 232 16.78 -7.61 50.52
CA GLY F 232 15.36 -7.86 50.47
C GLY F 232 14.87 -7.89 49.03
N MET F 233 13.72 -7.28 48.77
CA MET F 233 13.17 -7.15 47.42
C MET F 233 12.94 -8.49 46.74
N THR F 234 12.63 -8.46 45.44
CA THR F 234 12.23 -9.64 44.70
C THR F 234 13.02 -9.75 43.40
N PRO F 235 13.53 -10.94 43.07
CA PRO F 235 14.14 -11.15 41.75
C PRO F 235 13.16 -10.94 40.60
N GLY F 236 11.86 -10.96 40.87
CA GLY F 236 10.87 -10.58 39.86
C GLY F 236 11.07 -9.15 39.40
N PHE F 237 11.82 -8.99 38.31
CA PHE F 237 12.25 -7.67 37.87
C PHE F 237 11.09 -6.74 37.51
N GLY F 238 9.94 -7.31 37.14
CA GLY F 238 8.84 -6.54 36.61
C GLY F 238 8.33 -5.38 37.45
N ASP F 239 7.50 -5.69 38.45
CA ASP F 239 6.74 -4.68 39.18
C ASP F 239 7.62 -3.78 40.05
N LYS F 240 8.54 -3.04 39.44
CA LYS F 240 9.40 -2.14 40.20
C LYS F 240 9.29 -0.73 39.62
N THR F 241 9.09 0.25 40.50
CA THR F 241 8.94 1.64 40.12
C THR F 241 10.30 2.34 40.16
N PHE F 242 10.50 3.27 39.24
CA PHE F 242 11.73 4.06 39.22
C PHE F 242 11.40 5.53 39.09
N ALA F 243 12.42 6.36 39.27
CA ALA F 243 12.32 7.80 39.13
C ALA F 243 13.64 8.35 38.63
N VAL F 244 13.58 9.22 37.64
CA VAL F 244 14.78 9.78 37.01
C VAL F 244 14.88 11.25 37.38
N GLN F 245 16.11 11.76 37.35
CA GLN F 245 16.36 13.19 37.46
C GLN F 245 17.10 13.65 36.20
N GLY F 246 16.80 14.86 35.76
CA GLY F 246 17.42 15.39 34.57
C GLY F 246 16.98 14.65 33.31
N PHE F 247 15.80 14.98 32.82
CA PHE F 247 15.25 14.38 31.61
C PHE F 247 16.03 14.88 30.41
N GLY F 248 17.12 14.18 30.06
CA GLY F 248 17.97 14.62 28.97
C GLY F 248 19.08 13.65 28.63
N ASN F 249 19.06 13.14 27.40
CA ASN F 249 20.06 12.19 26.91
C ASN F 249 20.12 10.95 27.80
N VAL F 250 20.90 11.03 28.87
CA VAL F 250 21.00 9.90 29.79
C VAL F 250 19.68 9.68 30.53
N GLY F 251 18.94 10.75 30.83
CA GLY F 251 17.69 10.59 31.56
C GLY F 251 16.60 9.96 30.72
N LEU F 252 16.46 10.38 29.46
CA LEU F 252 15.48 9.79 28.56
C LEU F 252 15.66 8.28 28.45
N HIS F 253 16.81 7.85 27.95
CA HIS F 253 16.97 6.48 27.49
C HIS F 253 17.25 5.50 28.62
N SER F 254 17.74 5.98 29.77
CA SER F 254 17.73 5.14 30.97
C SER F 254 16.32 4.79 31.38
N MET F 255 15.33 5.55 30.90
CA MET F 255 13.91 5.31 31.09
C MET F 255 13.26 4.70 29.85
N ARG F 256 13.65 5.18 28.67
CA ARG F 256 13.11 4.67 27.41
C ARG F 256 13.25 3.16 27.30
N TYR F 257 14.38 2.61 27.75
CA TYR F 257 14.61 1.17 27.70
C TYR F 257 14.33 0.47 29.01
N LEU F 258 14.26 1.21 30.13
CA LEU F 258 13.88 0.57 31.38
C LEU F 258 12.40 0.25 31.41
N HIS F 259 11.56 1.16 30.92
CA HIS F 259 10.13 0.91 30.83
C HIS F 259 9.83 -0.34 30.02
N ARG F 260 10.46 -0.48 28.85
CA ARG F 260 10.15 -1.52 27.86
C ARG F 260 9.85 -2.87 28.47
N PHE F 261 10.55 -3.21 29.56
CA PHE F 261 10.54 -4.57 30.09
C PHE F 261 9.46 -4.82 31.14
N GLY F 262 8.53 -3.90 31.30
CA GLY F 262 7.48 -4.06 32.29
C GLY F 262 7.74 -3.41 33.63
N ALA F 263 8.79 -2.61 33.73
CA ALA F 263 9.08 -1.87 34.96
C ALA F 263 8.44 -0.49 34.88
N LYS F 264 7.49 -0.24 35.78
CA LYS F 264 6.75 1.02 35.77
C LYS F 264 7.60 2.17 36.30
N CYS F 265 7.20 3.38 35.95
CA CYS F 265 7.78 4.61 36.46
C CYS F 265 6.88 5.16 37.55
N VAL F 266 7.16 6.38 38.01
CA VAL F 266 6.32 7.02 39.02
C VAL F 266 6.61 8.52 39.09
N ALA F 267 7.79 8.93 38.64
CA ALA F 267 8.19 10.32 38.82
C ALA F 267 9.27 10.68 37.81
N VAL F 268 9.33 11.96 37.47
CA VAL F 268 10.37 12.52 36.60
C VAL F 268 10.60 13.96 37.03
N GLY F 269 11.86 14.36 37.14
CA GLY F 269 12.20 15.70 37.54
C GLY F 269 13.18 16.35 36.58
N GLU F 270 13.08 17.67 36.48
CA GLU F 270 14.05 18.46 35.71
C GLU F 270 14.54 19.58 36.62
N SER F 271 15.14 20.61 36.02
CA SER F 271 15.77 21.70 36.74
C SER F 271 14.79 22.75 37.25
N ASP F 272 13.49 22.44 37.28
CA ASP F 272 12.51 23.39 37.80
C ASP F 272 11.36 22.66 38.51
N GLY F 273 11.04 21.46 38.05
CA GLY F 273 9.92 20.74 38.63
C GLY F 273 10.11 19.25 38.72
N SER F 274 9.01 18.55 39.04
CA SER F 274 9.01 17.10 39.16
C SER F 274 7.62 16.61 38.74
N ILE F 275 7.45 15.29 38.71
CA ILE F 275 6.17 14.68 38.37
C ILE F 275 5.87 13.60 39.40
N TRP F 276 4.58 13.39 39.65
CA TRP F 276 4.13 12.42 40.63
C TRP F 276 2.89 11.71 40.10
N ASN F 277 2.96 10.38 40.01
CA ASN F 277 1.87 9.58 39.46
C ASN F 277 2.06 8.11 39.83
N PRO F 278 1.35 7.61 40.85
CA PRO F 278 1.49 6.19 41.22
C PRO F 278 1.03 5.21 40.16
N ASP F 279 0.26 5.65 39.16
CA ASP F 279 -0.15 4.74 38.09
C ASP F 279 1.05 4.35 37.22
N GLY F 280 1.95 5.30 36.98
CA GLY F 280 3.10 5.05 36.13
C GLY F 280 3.05 5.84 34.84
N ILE F 281 3.89 6.87 34.73
CA ILE F 281 3.91 7.70 33.53
C ILE F 281 4.60 6.95 32.40
N ASP F 282 4.23 7.28 31.18
CA ASP F 282 4.70 6.57 29.99
C ASP F 282 5.49 7.54 29.12
N PRO F 283 6.74 7.24 28.79
CA PRO F 283 7.47 8.09 27.83
C PRO F 283 6.87 8.07 26.44
N LYS F 284 5.93 7.15 26.17
CA LYS F 284 5.17 7.14 24.92
C LYS F 284 4.64 8.54 24.58
N GLU F 285 4.07 9.22 25.57
CA GLU F 285 3.52 10.57 25.34
C GLU F 285 4.56 11.64 25.68
N LEU F 286 4.91 11.75 26.96
CA LEU F 286 5.64 12.91 27.47
C LEU F 286 7.02 13.12 26.86
N GLU F 287 7.39 12.31 25.87
CA GLU F 287 8.64 12.55 25.17
C GLU F 287 8.51 13.65 24.11
N ASP F 288 7.29 13.95 23.66
CA ASP F 288 7.04 15.07 22.75
C ASP F 288 6.77 16.34 23.56
N PHE F 289 7.31 16.35 24.77
CA PHE F 289 7.37 17.51 25.68
C PHE F 289 8.71 18.24 25.71
N LYS F 290 9.63 17.95 24.81
CA LYS F 290 10.83 18.76 24.74
C LYS F 290 10.59 20.08 24.00
N LEU F 291 11.22 20.23 22.83
CA LEU F 291 11.18 21.45 22.05
C LEU F 291 9.82 21.66 21.38
N GLN F 292 8.91 20.68 21.51
CA GLN F 292 7.54 20.86 21.03
C GLN F 292 6.99 22.16 21.56
N HIS F 293 7.19 22.43 22.84
CA HIS F 293 6.97 23.74 23.43
C HIS F 293 8.25 24.28 24.06
N GLY F 294 8.80 23.58 25.04
CA GLY F 294 10.04 23.98 25.67
C GLY F 294 10.38 23.17 26.90
N THR F 295 9.85 23.57 28.04
CA THR F 295 10.24 23.02 29.34
C THR F 295 9.06 22.27 29.96
N ILE F 296 9.37 21.14 30.60
CA ILE F 296 8.36 20.33 31.27
C ILE F 296 7.60 21.18 32.29
N LEU F 297 6.30 20.88 32.44
CA LEU F 297 5.54 21.47 33.55
C LEU F 297 4.26 20.69 33.88
N GLY F 298 4.24 19.37 33.77
CA GLY F 298 2.97 18.67 33.75
C GLY F 298 2.19 18.84 32.43
N PHE F 299 1.23 17.86 32.24
CA PHE F 299 0.42 17.17 31.20
C PHE F 299 -0.60 16.15 31.69
N PRO F 300 -1.45 15.67 30.79
CA PRO F 300 -2.32 14.55 31.16
C PRO F 300 -1.51 13.49 31.88
N LYS F 301 -2.06 13.04 33.01
CA LYS F 301 -1.41 12.10 33.93
C LYS F 301 -0.25 12.74 34.70
N ALA F 302 0.46 13.68 34.08
CA ALA F 302 1.62 14.30 34.72
C ALA F 302 1.15 15.40 35.66
N LYS F 303 1.20 15.13 36.96
CA LYS F 303 0.78 16.08 37.98
C LYS F 303 1.94 16.99 38.38
N ILE F 304 1.61 18.23 38.72
CA ILE F 304 2.61 19.20 39.17
C ILE F 304 2.93 18.92 40.62
N TYR F 305 4.17 18.49 40.89
CA TYR F 305 4.62 18.10 42.22
C TYR F 305 5.95 18.80 42.52
N GLU F 306 6.08 19.33 43.72
CA GLU F 306 7.25 20.08 44.12
C GLU F 306 7.56 19.76 45.58
N GLY F 307 8.85 19.73 45.90
CA GLY F 307 9.33 19.30 47.21
C GLY F 307 10.79 18.89 47.09
N SER F 308 11.04 17.75 46.45
CA SER F 308 12.25 17.58 45.65
C SER F 308 11.96 16.50 44.64
N ILE F 309 13.00 15.78 44.22
CA ILE F 309 12.88 14.71 43.24
C ILE F 309 13.13 13.35 43.86
N LEU F 310 14.09 13.27 44.78
CA LEU F 310 14.42 12.02 45.44
C LEU F 310 13.23 11.52 46.28
N GLU F 311 12.95 12.22 47.38
CA GLU F 311 11.80 12.04 48.27
C GLU F 311 10.89 10.86 47.97
N VAL F 312 10.18 10.98 46.85
CA VAL F 312 9.05 10.16 46.45
C VAL F 312 9.27 8.68 46.74
N ASP F 313 8.24 8.04 47.28
CA ASP F 313 8.24 6.62 47.59
C ASP F 313 8.54 5.81 46.32
N CYS F 314 9.71 5.17 46.26
CA CYS F 314 10.15 4.52 45.03
C CYS F 314 11.07 3.35 45.38
N ASP F 315 11.57 2.69 44.34
CA ASP F 315 12.53 1.61 44.45
C ASP F 315 13.88 1.98 43.85
N ILE F 316 13.91 2.35 42.58
CA ILE F 316 15.15 2.61 41.84
C ILE F 316 15.22 4.09 41.51
N LEU F 317 16.20 4.78 42.09
CA LEU F 317 16.42 6.21 41.87
C LEU F 317 17.69 6.40 41.06
N ILE F 318 17.62 7.24 40.04
CA ILE F 318 18.77 7.48 39.17
C ILE F 318 18.99 8.99 39.01
N PRO F 319 19.91 9.59 39.78
CA PRO F 319 20.19 11.04 39.64
C PRO F 319 21.07 11.35 38.43
N ALA F 320 20.49 11.19 37.24
CA ALA F 320 21.20 11.43 35.99
C ALA F 320 21.12 12.90 35.58
N ALA F 321 21.53 13.79 36.48
CA ALA F 321 21.56 15.22 36.18
C ALA F 321 22.93 15.80 36.53
N SER F 322 22.95 16.83 37.38
CA SER F 322 24.20 17.45 37.76
C SER F 322 24.96 16.58 38.76
N GLU F 323 25.85 17.17 39.54
CA GLU F 323 26.71 16.42 40.44
C GLU F 323 26.39 16.72 41.89
N LYS F 324 26.79 15.79 42.77
CA LYS F 324 26.55 15.78 44.21
C LYS F 324 25.20 16.37 44.61
N GLN F 325 24.12 15.64 44.30
CA GLN F 325 22.81 15.96 44.84
C GLN F 325 22.47 15.14 46.08
N LEU F 326 23.39 14.29 46.54
CA LEU F 326 23.15 13.43 47.70
C LEU F 326 24.19 13.77 48.76
N THR F 327 23.73 14.34 49.88
CA THR F 327 24.56 14.68 51.02
C THR F 327 23.73 14.41 52.28
N LYS F 328 24.25 14.82 53.44
CA LYS F 328 23.56 14.53 54.70
C LYS F 328 22.21 15.24 54.78
N SER F 329 22.00 16.29 53.99
CA SER F 329 20.72 16.99 54.00
C SER F 329 19.58 16.11 53.48
N ASN F 330 19.89 14.99 52.81
CA ASN F 330 18.88 14.13 52.23
C ASN F 330 19.24 12.64 52.27
N ALA F 331 20.45 12.27 52.66
CA ALA F 331 20.81 10.85 52.72
C ALA F 331 19.98 10.06 53.73
N PRO F 332 19.76 10.54 54.97
CA PRO F 332 18.87 9.79 55.87
C PRO F 332 17.41 9.75 55.41
N ARG F 333 17.07 10.46 54.35
CA ARG F 333 15.73 10.44 53.77
C ARG F 333 15.71 9.41 52.62
N VAL F 334 15.15 9.76 51.45
CA VAL F 334 15.09 8.91 50.26
C VAL F 334 14.35 7.62 50.58
N LYS F 335 13.04 7.62 50.32
CA LYS F 335 12.21 6.43 50.51
C LYS F 335 12.42 5.46 49.35
N ALA F 336 13.68 5.08 49.16
CA ALA F 336 14.08 4.17 48.10
C ALA F 336 14.88 3.03 48.71
N LYS F 337 15.16 2.02 47.88
CA LYS F 337 15.92 0.85 48.31
C LYS F 337 17.08 0.48 47.40
N ILE F 338 17.19 1.06 46.20
CA ILE F 338 18.37 0.85 45.35
C ILE F 338 18.55 2.08 44.47
N ILE F 339 19.77 2.62 44.46
CA ILE F 339 20.10 3.82 43.70
C ILE F 339 21.14 3.45 42.65
N ALA F 340 21.07 4.11 41.49
CA ALA F 340 21.96 3.83 40.38
C ALA F 340 22.44 5.15 39.79
N GLU F 341 23.75 5.34 39.72
CA GLU F 341 24.35 6.64 39.38
C GLU F 341 24.43 6.78 37.87
N GLY F 342 23.49 7.53 37.29
CA GLY F 342 23.51 7.80 35.87
C GLY F 342 24.42 8.94 35.50
N ALA F 343 24.46 9.98 36.34
CA ALA F 343 25.41 11.07 36.18
C ALA F 343 26.71 10.71 36.90
N ASN F 344 27.66 11.65 36.90
CA ASN F 344 28.98 11.43 37.48
C ASN F 344 29.00 11.97 38.90
N GLY F 345 29.10 11.07 39.87
CA GLY F 345 29.20 11.41 41.27
C GLY F 345 28.10 12.31 41.78
N PRO F 346 26.87 11.79 41.89
CA PRO F 346 25.82 12.50 42.64
C PRO F 346 25.84 12.10 44.11
N THR F 347 26.45 10.95 44.39
CA THR F 347 26.57 10.47 45.76
C THR F 347 27.92 10.89 46.33
N THR F 348 27.89 11.54 47.47
CA THR F 348 29.11 11.93 48.15
C THR F 348 29.46 10.90 49.21
N PRO F 349 30.75 10.80 49.58
CA PRO F 349 31.11 9.94 50.72
C PRO F 349 30.44 10.37 52.01
N GLU F 350 29.92 11.60 52.04
CA GLU F 350 29.06 12.04 53.14
C GLU F 350 27.83 11.15 53.28
N ALA F 351 27.34 10.60 52.17
CA ALA F 351 26.09 9.86 52.15
C ALA F 351 26.25 8.35 52.13
N ASP F 352 27.36 7.83 51.58
CA ASP F 352 27.55 6.39 51.50
C ASP F 352 27.49 5.74 52.87
N LYS F 353 28.22 6.31 53.84
CA LYS F 353 28.20 5.78 55.20
C LYS F 353 26.78 5.67 55.73
N ILE F 354 25.91 6.60 55.37
CA ILE F 354 24.52 6.52 55.78
C ILE F 354 23.78 5.42 55.02
N PHE F 355 23.89 5.43 53.69
CA PHE F 355 23.22 4.41 52.88
C PHE F 355 23.67 3.01 53.27
N LEU F 356 24.98 2.81 53.42
CA LEU F 356 25.50 1.49 53.80
C LEU F 356 24.87 1.01 55.11
N GLU F 357 24.70 1.91 56.06
CA GLU F 357 24.14 1.58 57.37
C GLU F 357 22.63 1.40 57.34
N ARG F 358 21.98 1.70 56.22
CA ARG F 358 20.54 1.51 56.07
C ARG F 358 20.20 0.42 55.06
N ASN F 359 21.21 -0.33 54.61
CA ASN F 359 21.06 -1.40 53.62
C ASN F 359 20.38 -0.88 52.35
N ILE F 360 21.02 0.12 51.75
CA ILE F 360 20.61 0.67 50.46
C ILE F 360 21.79 0.53 49.51
N MET F 361 21.55 -0.09 48.36
CA MET F 361 22.60 -0.41 47.41
C MET F 361 22.69 0.68 46.35
N VAL F 362 23.82 1.39 46.33
CA VAL F 362 24.09 2.42 45.34
C VAL F 362 25.01 1.85 44.27
N ILE F 363 24.55 1.87 43.03
CA ILE F 363 25.34 1.35 41.91
C ILE F 363 26.33 2.42 41.48
N PRO F 364 27.63 2.17 41.56
CA PRO F 364 28.61 3.25 41.39
C PRO F 364 28.66 3.71 39.93
N ASP F 365 28.69 5.04 39.76
CA ASP F 365 28.88 5.63 38.43
C ASP F 365 30.11 5.06 37.75
N LEU F 366 31.16 4.75 38.53
CA LEU F 366 32.35 4.12 37.99
C LEU F 366 32.03 2.88 37.17
N TYR F 367 30.89 2.25 37.41
CA TYR F 367 30.43 1.10 36.65
C TYR F 367 29.21 1.37 35.79
N LEU F 368 28.22 2.08 36.31
CA LEU F 368 26.91 2.15 35.70
C LEU F 368 26.93 2.79 34.31
N ASN F 369 27.22 4.09 34.24
CA ASN F 369 27.21 4.77 32.96
C ASN F 369 28.52 4.58 32.22
N ALA F 370 29.20 3.46 32.47
CA ALA F 370 30.40 3.12 31.70
C ALA F 370 30.06 2.61 30.31
N GLY F 371 28.79 2.32 30.02
CA GLY F 371 28.43 1.95 28.67
C GLY F 371 28.70 3.05 27.67
N GLY F 372 28.48 4.30 28.08
CA GLY F 372 28.66 5.42 27.17
C GLY F 372 30.03 5.47 26.54
N VAL F 373 31.07 5.28 27.36
CA VAL F 373 32.43 5.29 26.82
C VAL F 373 32.76 3.96 26.14
N THR F 374 32.20 2.85 26.64
CA THR F 374 32.42 1.56 26.01
C THR F 374 31.96 1.57 24.55
N VAL F 375 30.82 2.20 24.28
CA VAL F 375 30.38 2.35 22.89
C VAL F 375 31.19 3.43 22.20
N SER F 376 31.46 4.54 22.90
CA SER F 376 32.42 5.54 22.44
C SER F 376 33.70 4.86 21.97
N TYR F 377 34.22 3.95 22.79
CA TYR F 377 35.33 3.09 22.37
C TYR F 377 35.07 2.47 21.00
N PHE F 378 33.92 1.85 20.81
CA PHE F 378 33.60 1.21 19.54
C PHE F 378 33.57 2.24 18.41
N GLU F 379 32.88 3.37 18.64
CA GLU F 379 32.83 4.42 17.65
C GLU F 379 34.23 4.81 17.18
N TRP F 380 35.12 5.05 18.13
CA TRP F 380 36.53 5.27 17.81
C TRP F 380 37.06 4.17 16.90
N LEU F 381 36.95 2.91 17.36
CA LEU F 381 37.44 1.78 16.57
C LEU F 381 36.83 1.76 15.18
N LYS F 382 35.55 2.14 15.07
CA LYS F 382 34.91 2.21 13.76
C LYS F 382 35.68 3.11 12.80
N ASN F 383 36.10 4.28 13.28
CA ASN F 383 36.76 5.23 12.40
C ASN F 383 38.17 4.77 12.04
N LEU F 384 38.81 3.98 12.91
CA LEU F 384 40.11 3.43 12.57
C LEU F 384 39.98 2.26 11.60
N ASN F 385 38.82 1.60 11.59
CA ASN F 385 38.53 0.54 10.63
C ASN F 385 37.83 1.06 9.38
N HIS F 386 37.20 2.24 9.46
CA HIS F 386 36.50 2.86 8.33
C HIS F 386 35.47 1.93 7.68
N VAL F 387 34.84 1.07 8.48
CA VAL F 387 33.72 0.24 8.03
C VAL F 387 32.67 0.19 9.12
N SER F 388 31.40 0.20 8.70
CA SER F 388 30.35 -0.22 9.62
C SER F 388 30.57 -1.67 10.00
N TYR F 389 30.36 -1.99 11.27
CA TYR F 389 30.60 -3.35 11.72
C TYR F 389 29.64 -4.32 11.04
N GLY F 390 30.19 -5.45 10.57
CA GLY F 390 29.40 -6.43 9.85
C GLY F 390 29.13 -6.08 8.40
N ARG F 391 29.73 -5.02 7.88
CA ARG F 391 29.45 -4.56 6.52
C ARG F 391 29.93 -5.55 5.46
N LEU F 392 30.79 -6.49 5.84
CA LEU F 392 31.25 -7.52 4.91
C LEU F 392 30.99 -8.94 5.40
N THR F 393 30.75 -9.15 6.69
CA THR F 393 30.58 -10.48 7.26
C THR F 393 29.12 -10.75 7.66
N PHE F 394 28.17 -10.27 6.85
CA PHE F 394 26.77 -10.58 7.06
C PHE F 394 26.24 -11.60 6.06
N LYS F 395 26.41 -11.34 4.76
CA LYS F 395 25.94 -12.30 3.76
C LYS F 395 26.75 -13.59 3.82
N TYR F 396 28.07 -13.49 4.02
CA TYR F 396 28.87 -14.69 4.21
C TYR F 396 28.39 -15.48 5.41
N GLU F 397 27.97 -14.80 6.48
CA GLU F 397 27.56 -15.49 7.69
C GLU F 397 26.12 -16.00 7.58
N ARG F 398 25.21 -15.19 7.01
CA ARG F 398 23.84 -15.64 6.86
C ARG F 398 23.70 -16.72 5.80
N ASP F 399 24.56 -16.68 4.77
CA ASP F 399 24.61 -17.79 3.81
C ASP F 399 25.25 -19.01 4.45
N SER F 400 26.24 -18.82 5.32
CA SER F 400 26.84 -19.95 6.02
C SER F 400 25.84 -20.63 6.95
N ASN F 401 25.03 -19.84 7.65
CA ASN F 401 23.98 -20.42 8.48
C ASN F 401 23.01 -21.24 7.66
N TYR F 402 22.47 -20.65 6.58
CA TYR F 402 21.44 -21.32 5.80
C TYR F 402 21.97 -22.60 5.15
N HIS F 403 23.25 -22.63 4.79
CA HIS F 403 23.85 -23.88 4.33
C HIS F 403 23.99 -24.87 5.49
N LEU F 404 24.37 -24.40 6.67
CA LEU F 404 24.54 -25.28 7.82
C LEU F 404 23.24 -25.98 8.18
N LEU F 405 22.15 -25.22 8.27
CA LEU F 405 20.86 -25.81 8.67
C LEU F 405 20.39 -26.84 7.65
N MET F 406 20.35 -26.47 6.37
CA MET F 406 20.01 -27.40 5.31
C MET F 406 20.94 -28.62 5.33
N SER F 407 22.18 -28.45 5.76
CA SER F 407 23.10 -29.57 5.84
C SER F 407 22.63 -30.61 6.83
N VAL F 408 21.99 -30.19 7.92
CA VAL F 408 21.43 -31.17 8.85
C VAL F 408 20.14 -31.77 8.29
N GLN F 409 19.39 -30.98 7.51
CA GLN F 409 18.21 -31.51 6.83
C GLN F 409 18.58 -32.66 5.92
N GLU F 410 19.38 -32.37 4.89
CA GLU F 410 19.77 -33.41 3.93
C GLU F 410 20.49 -34.56 4.62
N SER F 411 21.25 -34.28 5.68
CA SER F 411 21.88 -35.34 6.44
C SER F 411 20.85 -36.17 7.19
N LEU F 412 19.71 -35.60 7.52
CA LEU F 412 18.63 -36.33 8.17
C LEU F 412 17.73 -37.05 7.17
N GLU F 413 17.84 -36.74 5.89
CA GLU F 413 16.98 -37.30 4.86
C GLU F 413 17.61 -38.47 4.12
N ARG F 414 18.81 -38.90 4.49
CA ARG F 414 19.30 -40.17 3.97
C ARG F 414 19.20 -41.30 5.00
N LYS F 415 19.37 -41.01 6.30
CA LYS F 415 18.96 -41.98 7.30
C LYS F 415 17.46 -42.23 7.22
N PHE F 416 16.71 -41.25 6.73
CA PHE F 416 15.28 -41.35 6.51
C PHE F 416 15.09 -41.37 4.98
N GLY F 417 14.95 -42.59 4.43
CA GLY F 417 15.17 -42.87 3.01
C GLY F 417 14.35 -42.06 2.03
N LYS F 418 13.22 -41.49 2.46
CA LYS F 418 12.49 -40.56 1.61
C LYS F 418 13.04 -39.16 1.80
N HIS F 419 13.33 -38.48 0.70
CA HIS F 419 13.92 -37.14 0.72
C HIS F 419 12.80 -36.14 0.43
N GLY F 420 12.28 -35.51 1.48
CA GLY F 420 11.27 -34.49 1.28
C GLY F 420 10.57 -34.06 2.55
N GLY F 421 10.47 -34.96 3.53
CA GLY F 421 9.74 -34.67 4.74
C GLY F 421 10.34 -33.55 5.58
N THR F 422 11.50 -33.83 6.17
CA THR F 422 12.07 -32.98 7.21
C THR F 422 12.28 -31.55 6.72
N ILE F 423 12.17 -30.60 7.64
CA ILE F 423 12.32 -29.17 7.35
C ILE F 423 12.96 -28.42 8.51
N PRO F 424 14.28 -28.49 8.70
CA PRO F 424 14.92 -27.53 9.61
C PRO F 424 15.53 -26.34 8.88
N ILE F 425 15.14 -26.09 7.62
CA ILE F 425 15.60 -24.88 6.93
C ILE F 425 15.20 -23.63 7.68
N VAL F 426 14.13 -23.70 8.46
CA VAL F 426 13.57 -22.54 9.15
C VAL F 426 14.25 -22.41 10.50
N PRO F 427 14.87 -21.29 10.82
CA PRO F 427 15.37 -21.06 12.17
C PRO F 427 14.27 -20.53 13.07
N THR F 428 14.53 -20.57 14.38
CA THR F 428 13.58 -20.07 15.37
C THR F 428 13.18 -18.64 15.06
N ALA F 429 12.00 -18.21 15.54
CA ALA F 429 11.46 -16.91 15.16
C ALA F 429 12.41 -15.78 15.53
N GLU F 430 13.07 -15.89 16.69
CA GLU F 430 14.02 -14.87 17.11
C GLU F 430 15.20 -14.78 16.15
N PHE F 431 15.76 -15.93 15.77
CA PHE F 431 16.94 -15.96 14.91
C PHE F 431 16.63 -15.50 13.49
N GLN F 432 15.43 -15.77 12.98
CA GLN F 432 15.07 -15.30 11.65
C GLN F 432 15.10 -13.78 11.58
N ASP F 433 14.66 -13.11 12.64
CA ASP F 433 14.81 -11.67 12.74
C ASP F 433 16.26 -11.26 12.90
N ARG F 434 17.11 -12.14 13.41
CA ARG F 434 18.51 -11.78 13.66
C ARG F 434 19.28 -11.59 12.36
N ILE F 435 19.07 -12.48 11.38
CA ILE F 435 19.79 -12.35 10.11
C ILE F 435 19.03 -11.54 9.07
N SER F 436 17.73 -11.31 9.26
CA SER F 436 17.01 -10.40 8.37
C SER F 436 17.26 -8.95 8.76
N GLY F 437 17.16 -8.64 10.04
CA GLY F 437 17.45 -7.32 10.55
C GLY F 437 18.85 -7.21 11.13
N ALA F 438 19.82 -7.82 10.45
CA ALA F 438 21.21 -7.75 10.88
C ALA F 438 21.81 -6.42 10.49
N SER F 439 22.37 -5.70 11.46
CA SER F 439 22.92 -4.38 11.24
C SER F 439 24.14 -4.21 12.13
N GLU F 440 24.65 -2.97 12.16
CA GLU F 440 25.82 -2.68 12.98
C GLU F 440 25.46 -2.61 14.46
N LYS F 441 24.27 -2.10 14.78
CA LYS F 441 23.91 -1.90 16.19
C LYS F 441 23.85 -3.21 16.96
N ASP F 442 23.53 -4.32 16.28
CA ASP F 442 23.44 -5.60 16.97
C ASP F 442 24.81 -6.05 17.46
N ILE F 443 25.84 -5.83 16.64
CA ILE F 443 27.22 -6.07 17.10
C ILE F 443 27.52 -5.22 18.31
N VAL F 444 27.16 -3.93 18.26
CA VAL F 444 27.42 -3.02 19.36
C VAL F 444 26.66 -3.45 20.61
N HIS F 445 25.37 -3.75 20.47
CA HIS F 445 24.56 -4.13 21.63
C HIS F 445 25.14 -5.38 22.31
N SER F 446 25.55 -6.37 21.52
CA SER F 446 26.09 -7.59 22.10
C SER F 446 27.46 -7.35 22.73
N GLY F 447 28.31 -6.57 22.06
CA GLY F 447 29.59 -6.21 22.65
C GLY F 447 29.43 -5.40 23.92
N LEU F 448 28.43 -4.52 23.97
CA LEU F 448 28.17 -3.75 25.19
C LEU F 448 27.77 -4.67 26.34
N ALA F 449 26.91 -5.65 26.07
CA ALA F 449 26.55 -6.62 27.09
C ALA F 449 27.74 -7.47 27.50
N TYR F 450 28.49 -7.99 26.51
CA TYR F 450 29.65 -8.82 26.83
C TYR F 450 30.68 -8.05 27.64
N THR F 451 30.80 -6.74 27.40
CA THR F 451 31.70 -5.93 28.21
C THR F 451 31.11 -5.64 29.59
N MET F 452 29.84 -5.24 29.62
CA MET F 452 29.19 -4.91 30.88
C MET F 452 29.08 -6.12 31.80
N GLU F 453 28.52 -7.23 31.28
CA GLU F 453 28.26 -8.41 32.09
C GLU F 453 29.56 -8.98 32.65
N ARG F 454 30.60 -9.10 31.81
CA ARG F 454 31.86 -9.65 32.27
C ARG F 454 32.56 -8.73 33.26
N SER F 455 32.27 -7.43 33.25
CA SER F 455 32.82 -6.53 34.24
C SER F 455 32.15 -6.70 35.60
N ALA F 456 30.85 -6.99 35.60
CA ALA F 456 30.16 -7.25 36.87
C ALA F 456 30.68 -8.52 37.53
N ARG F 457 31.14 -9.49 36.74
CA ARG F 457 31.83 -10.64 37.29
C ARG F 457 33.15 -10.23 37.95
N GLN F 458 33.88 -9.30 37.31
CA GLN F 458 35.15 -8.83 37.87
C GLN F 458 34.95 -8.08 39.18
N ILE F 459 33.74 -7.60 39.45
CA ILE F 459 33.45 -6.88 40.69
C ILE F 459 32.90 -7.80 41.76
N MET F 460 31.85 -8.55 41.43
CA MET F 460 31.21 -9.46 42.38
C MET F 460 32.11 -10.62 42.77
N ARG F 461 33.27 -10.77 42.11
CA ARG F 461 34.33 -11.67 42.53
C ARG F 461 35.30 -10.97 43.48
N THR F 462 35.77 -9.78 43.10
CA THR F 462 36.66 -9.00 43.95
C THR F 462 35.97 -8.39 45.15
N ALA F 463 34.62 -8.35 45.16
CA ALA F 463 33.89 -7.92 46.35
C ALA F 463 33.78 -9.05 47.35
N MET F 464 33.46 -10.26 46.89
CA MET F 464 33.40 -11.44 47.75
C MET F 464 34.78 -11.94 48.15
N LYS F 465 35.85 -11.31 47.68
CA LYS F 465 37.18 -11.61 48.21
C LYS F 465 37.57 -10.70 49.36
N TYR F 466 36.79 -9.64 49.61
CA TYR F 466 37.08 -8.69 50.67
C TYR F 466 35.87 -8.38 51.53
N ASN F 467 34.81 -9.19 51.44
CA ASN F 467 33.63 -9.06 52.29
C ASN F 467 32.99 -7.68 52.19
N LEU F 468 33.17 -7.03 51.04
CA LEU F 468 32.52 -5.74 50.83
C LEU F 468 31.01 -5.88 50.76
N GLY F 469 30.54 -6.97 50.17
CA GLY F 469 29.12 -7.26 50.11
C GLY F 469 28.33 -6.17 49.41
N LEU F 470 27.82 -5.21 50.18
CA LEU F 470 26.96 -4.18 49.65
C LEU F 470 27.70 -2.95 49.16
N ASP F 471 28.92 -2.71 49.63
CA ASP F 471 29.70 -1.55 49.18
C ASP F 471 30.44 -1.93 47.90
N LEU F 472 29.69 -1.92 46.80
CA LEU F 472 30.29 -2.22 45.50
C LEU F 472 31.16 -1.09 44.99
N ARG F 473 31.01 0.11 45.55
CA ARG F 473 31.85 1.24 45.15
C ARG F 473 33.31 0.97 45.50
N THR F 474 33.59 0.67 46.78
CA THR F 474 34.92 0.27 47.18
C THR F 474 35.35 -1.07 46.59
N ALA F 475 34.43 -1.81 45.99
CA ALA F 475 34.77 -2.99 45.21
C ALA F 475 35.07 -2.65 43.75
N ALA F 476 34.50 -1.55 43.25
CA ALA F 476 34.78 -1.12 41.89
C ALA F 476 36.17 -0.52 41.78
N TYR F 477 36.41 0.58 42.51
CA TYR F 477 37.69 1.28 42.44
C TYR F 477 38.85 0.35 42.75
N VAL F 478 38.64 -0.66 43.61
CA VAL F 478 39.71 -1.58 43.96
C VAL F 478 40.07 -2.52 42.82
N ASN F 479 39.17 -2.69 41.84
CA ASN F 479 39.50 -3.45 40.65
C ASN F 479 40.13 -2.59 39.56
N ALA F 480 39.73 -1.32 39.47
CA ALA F 480 40.32 -0.43 38.47
C ALA F 480 41.75 -0.08 38.83
N ILE F 481 41.99 0.26 40.10
CA ILE F 481 43.35 0.56 40.57
C ILE F 481 44.30 -0.56 40.20
N GLU F 482 43.88 -1.81 40.42
CA GLU F 482 44.74 -2.95 40.12
C GLU F 482 45.02 -3.07 38.62
N LYS F 483 44.11 -2.61 37.77
CA LYS F 483 44.33 -2.74 36.33
C LYS F 483 45.27 -1.65 35.82
N VAL F 484 45.18 -0.45 36.38
CA VAL F 484 46.05 0.63 35.96
C VAL F 484 47.46 0.45 36.53
N PHE F 485 47.57 -0.16 37.71
CA PHE F 485 48.88 -0.40 38.32
C PHE F 485 49.78 -1.23 37.41
N ARG F 486 49.34 -2.44 37.06
CA ARG F 486 50.15 -3.31 36.21
C ARG F 486 50.53 -2.61 34.91
N VAL F 487 49.67 -1.74 34.40
CA VAL F 487 50.00 -0.96 33.22
C VAL F 487 51.20 -0.05 33.49
N TYR F 488 51.25 0.55 34.68
CA TYR F 488 52.43 1.34 35.05
C TYR F 488 53.60 0.45 35.46
N ASN F 489 53.34 -0.58 36.27
CA ASN F 489 54.41 -1.44 36.75
C ASN F 489 55.23 -2.02 35.60
N GLU F 490 54.55 -2.61 34.63
CA GLU F 490 55.24 -3.31 33.56
C GLU F 490 55.77 -2.39 32.47
N ALA F 491 55.65 -1.07 32.66
CA ALA F 491 56.18 -0.11 31.71
C ALA F 491 57.49 0.54 32.16
N GLY F 492 57.79 0.52 33.46
CA GLY F 492 59.05 1.03 33.97
C GLY F 492 59.17 2.53 33.96
N VAL F 493 59.92 3.07 34.94
CA VAL F 493 60.24 4.48 34.96
C VAL F 493 60.88 4.88 33.65
N THR F 494 60.36 5.94 33.03
CA THR F 494 60.87 6.43 31.77
C THR F 494 61.87 7.55 32.04
N PHE F 495 63.13 7.32 31.68
CA PHE F 495 64.17 8.35 31.80
C PHE F 495 64.21 9.13 30.50
N THR F 496 63.83 10.40 30.55
CA THR F 496 63.75 11.24 29.36
C THR F 496 64.60 12.49 29.47
N ASP G 1 -99.60 -2.92 9.27
CA ASP G 1 -99.82 -4.35 9.42
C ASP G 1 -98.96 -5.15 8.44
N PRO G 2 -97.88 -5.77 8.96
CA PRO G 2 -96.78 -6.25 8.11
C PRO G 2 -96.67 -5.66 6.72
N ASN G 3 -96.97 -4.36 6.58
CA ASN G 3 -96.90 -3.68 5.30
C ASN G 3 -95.48 -3.39 4.87
N PHE G 4 -94.50 -3.59 5.73
CA PHE G 4 -93.15 -3.07 5.50
C PHE G 4 -92.08 -4.15 5.44
N PHE G 5 -91.92 -4.98 6.48
CA PHE G 5 -90.67 -5.68 6.66
C PHE G 5 -90.84 -7.19 6.77
N LYS G 6 -90.80 -7.71 8.01
CA LYS G 6 -90.64 -9.14 8.26
C LYS G 6 -91.85 -9.96 7.86
N MET G 7 -92.16 -10.05 6.56
CA MET G 7 -93.27 -10.89 6.13
C MET G 7 -92.97 -12.36 6.40
N VAL G 8 -91.78 -12.82 6.03
CA VAL G 8 -91.51 -14.25 5.92
C VAL G 8 -91.08 -14.87 7.24
N GLU G 9 -90.13 -14.25 7.96
CA GLU G 9 -89.61 -14.89 9.17
C GLU G 9 -90.70 -15.20 10.18
N GLY G 10 -91.85 -14.55 10.09
CA GLY G 10 -93.01 -15.03 10.80
C GLY G 10 -93.31 -16.49 10.47
N PHE G 11 -93.24 -16.84 9.19
CA PHE G 11 -93.52 -18.21 8.78
C PHE G 11 -92.42 -19.16 9.22
N PHE G 12 -91.16 -18.74 9.06
CA PHE G 12 -90.03 -19.58 9.47
C PHE G 12 -90.14 -19.96 10.94
N ASP G 13 -90.45 -18.98 11.80
CA ASP G 13 -90.59 -19.25 13.22
C ASP G 13 -91.73 -20.23 13.49
N ARG G 14 -92.86 -20.05 12.79
CA ARG G 14 -93.98 -20.97 12.98
C ARG G 14 -93.65 -22.36 12.47
N GLY G 15 -92.86 -22.47 11.40
CA GLY G 15 -92.39 -23.78 10.97
C GLY G 15 -91.21 -24.28 11.77
N ALA G 16 -90.39 -23.37 12.32
CA ALA G 16 -89.23 -23.78 13.10
C ALA G 16 -89.64 -24.52 14.36
N SER G 17 -90.71 -24.05 15.03
CA SER G 17 -91.13 -24.68 16.27
C SER G 17 -91.61 -26.11 16.07
N ILE G 18 -91.99 -26.47 14.85
CA ILE G 18 -92.57 -27.79 14.62
C ILE G 18 -91.49 -28.84 14.38
N VAL G 19 -90.32 -28.43 13.88
CA VAL G 19 -89.25 -29.40 13.64
C VAL G 19 -88.39 -29.68 14.87
N GLU G 20 -88.48 -28.84 15.90
CA GLU G 20 -87.56 -28.97 17.04
C GLU G 20 -87.54 -30.37 17.62
N ASP G 21 -88.68 -31.07 17.59
CA ASP G 21 -88.73 -32.44 18.10
C ASP G 21 -88.11 -33.43 17.13
N LYS G 22 -88.43 -33.32 15.84
CA LYS G 22 -87.89 -34.23 14.85
C LYS G 22 -86.37 -34.15 14.78
N LEU G 23 -85.82 -32.94 14.91
CA LEU G 23 -84.40 -32.74 14.68
C LEU G 23 -83.56 -33.40 15.77
N VAL G 24 -83.90 -33.15 17.05
CA VAL G 24 -83.13 -33.75 18.13
C VAL G 24 -83.29 -35.26 18.17
N GLU G 25 -84.38 -35.80 17.61
CA GLU G 25 -84.59 -37.25 17.59
C GLU G 25 -83.85 -37.88 16.42
N ASP G 26 -84.07 -37.36 15.20
CA ASP G 26 -83.39 -37.88 14.02
C ASP G 26 -81.87 -37.79 14.15
N LEU G 27 -81.38 -36.72 14.76
CA LEU G 27 -79.94 -36.56 14.97
C LEU G 27 -79.41 -37.68 15.86
N LYS G 28 -78.43 -38.41 15.34
CA LYS G 28 -77.84 -39.57 16.02
C LYS G 28 -76.36 -39.27 16.24
N THR G 29 -76.01 -38.83 17.44
CA THR G 29 -74.63 -38.50 17.79
C THR G 29 -74.36 -39.00 19.20
N ARG G 30 -73.10 -38.85 19.63
CA ARG G 30 -72.71 -39.24 20.98
C ARG G 30 -72.94 -38.14 22.01
N GLU G 31 -73.25 -36.91 21.57
CA GLU G 31 -73.51 -35.81 22.49
C GLU G 31 -74.60 -36.21 23.48
N THR G 32 -75.83 -36.38 22.98
CA THR G 32 -76.94 -36.93 23.77
C THR G 32 -77.17 -36.17 25.07
N GLU G 33 -77.80 -35.00 24.99
CA GLU G 33 -78.22 -34.28 26.19
C GLU G 33 -79.60 -33.67 25.98
N GLU G 34 -79.85 -32.57 26.67
CA GLU G 34 -80.85 -31.60 26.25
C GLU G 34 -80.21 -30.35 25.67
N GLN G 35 -78.88 -30.32 25.58
CA GLN G 35 -78.22 -29.30 24.80
C GLN G 35 -78.43 -29.49 23.31
N LYS G 36 -79.05 -30.61 22.90
CA LYS G 36 -79.53 -30.74 21.54
C LYS G 36 -80.56 -29.68 21.21
N ARG G 37 -81.20 -29.10 22.23
CA ARG G 37 -82.08 -27.96 22.04
C ARG G 37 -81.30 -26.73 21.60
N ASN G 38 -80.44 -26.19 22.47
CA ASN G 38 -79.65 -25.02 22.09
C ASN G 38 -78.69 -25.31 20.96
N ARG G 39 -78.34 -26.60 20.75
CA ARG G 39 -77.68 -27.01 19.53
C ARG G 39 -78.50 -26.66 18.31
N VAL G 40 -79.71 -27.23 18.23
CA VAL G 40 -80.55 -27.04 17.06
C VAL G 40 -80.97 -25.58 16.92
N ARG G 41 -81.56 -25.02 17.98
CA ARG G 41 -82.05 -23.65 17.87
C ARG G 41 -80.92 -22.62 17.81
N GLY G 42 -79.68 -23.02 18.07
CA GLY G 42 -78.57 -22.17 17.70
C GLY G 42 -78.33 -22.16 16.21
N ILE G 43 -78.38 -23.35 15.58
CA ILE G 43 -78.27 -23.45 14.13
C ILE G 43 -79.40 -22.69 13.46
N LEU G 44 -80.65 -22.99 13.85
CA LEU G 44 -81.80 -22.29 13.30
C LEU G 44 -81.70 -20.78 13.48
N ARG G 45 -80.94 -20.32 14.47
CA ARG G 45 -80.67 -18.90 14.62
C ARG G 45 -79.60 -18.39 13.67
N ILE G 46 -78.94 -19.28 12.95
CA ILE G 46 -77.99 -18.90 11.90
C ILE G 46 -78.66 -18.87 10.53
N ILE G 47 -79.58 -19.80 10.29
CA ILE G 47 -80.31 -19.83 9.02
C ILE G 47 -81.23 -18.64 8.91
N LYS G 48 -81.90 -18.28 10.00
CA LYS G 48 -82.91 -17.23 10.00
C LYS G 48 -82.43 -15.91 9.40
N PRO G 49 -81.27 -15.37 9.76
CA PRO G 49 -80.86 -14.08 9.20
C PRO G 49 -79.97 -14.22 7.96
N CYS G 50 -79.99 -13.15 7.16
CA CYS G 50 -79.13 -13.06 6.00
C CYS G 50 -77.68 -12.88 6.42
N ASN G 51 -76.81 -13.76 5.94
CA ASN G 51 -75.41 -13.71 6.35
C ASN G 51 -74.66 -12.56 5.70
N HIS G 52 -75.09 -12.12 4.52
CA HIS G 52 -74.44 -11.03 3.81
C HIS G 52 -75.49 -10.17 3.15
N VAL G 53 -75.26 -8.85 3.11
CA VAL G 53 -76.13 -7.93 2.41
C VAL G 53 -75.39 -6.64 2.12
N LEU G 54 -75.27 -6.31 0.83
CA LEU G 54 -74.44 -5.20 0.38
C LEU G 54 -75.32 -4.05 -0.06
N SER G 55 -75.01 -2.85 0.42
CA SER G 55 -75.73 -1.64 0.04
C SER G 55 -74.85 -0.86 -0.94
N LEU G 56 -75.31 -0.75 -2.18
CA LEU G 56 -74.53 -0.15 -3.25
C LEU G 56 -74.94 1.30 -3.47
N SER G 57 -74.11 2.02 -4.21
CA SER G 57 -74.37 3.41 -4.55
C SER G 57 -73.40 3.88 -5.64
N PHE G 58 -73.79 3.74 -6.90
CA PHE G 58 -72.94 4.07 -8.03
C PHE G 58 -73.51 5.22 -8.84
N PRO G 59 -72.67 5.96 -9.58
CA PRO G 59 -73.19 7.02 -10.44
C PRO G 59 -73.23 6.62 -11.91
N ILE G 60 -74.15 7.21 -12.67
CA ILE G 60 -74.17 7.10 -14.13
C ILE G 60 -74.50 8.48 -14.69
N ARG G 61 -74.55 8.56 -16.02
CA ARG G 61 -74.81 9.80 -16.73
C ARG G 61 -75.95 9.59 -17.71
N ARG G 62 -77.06 10.28 -17.48
CA ARG G 62 -78.20 10.22 -18.38
C ARG G 62 -77.84 10.81 -19.74
N ASP G 63 -78.82 10.80 -20.65
CA ASP G 63 -78.58 11.34 -21.99
C ASP G 63 -78.45 12.85 -22.00
N ASP G 64 -78.75 13.53 -20.90
CA ASP G 64 -78.59 14.97 -20.83
C ASP G 64 -77.12 15.36 -20.66
N GLY G 65 -76.40 14.64 -19.81
CA GLY G 65 -75.15 15.10 -19.23
C GLY G 65 -75.25 15.37 -17.75
N SER G 66 -76.47 15.39 -17.22
CA SER G 66 -76.71 15.40 -15.78
C SER G 66 -76.20 14.10 -15.15
N TRP G 67 -75.97 14.15 -13.85
CA TRP G 67 -75.41 13.01 -13.12
C TRP G 67 -76.34 12.65 -11.97
N GLU G 68 -76.53 11.35 -11.76
CA GLU G 68 -77.48 10.85 -10.79
C GLU G 68 -76.86 9.67 -10.05
N VAL G 69 -76.97 9.68 -8.73
CA VAL G 69 -76.57 8.56 -7.89
C VAL G 69 -77.73 7.57 -7.81
N ILE G 70 -77.43 6.29 -7.96
CA ILE G 70 -78.43 5.25 -8.06
C ILE G 70 -78.19 4.26 -6.94
N GLU G 71 -79.10 4.22 -5.98
CA GLU G 71 -78.98 3.31 -4.86
C GLU G 71 -79.45 1.91 -5.25
N GLY G 72 -78.67 0.91 -4.85
CA GLY G 72 -79.02 -0.47 -5.11
C GLY G 72 -78.53 -1.34 -3.98
N TYR G 73 -79.15 -2.50 -3.85
CA TYR G 73 -78.76 -3.47 -2.84
C TYR G 73 -78.79 -4.86 -3.44
N ARG G 74 -78.20 -5.80 -2.69
CA ARG G 74 -78.34 -7.22 -2.96
C ARG G 74 -78.01 -7.96 -1.66
N ALA G 75 -78.80 -8.99 -1.36
CA ALA G 75 -78.67 -9.72 -0.11
C ALA G 75 -78.47 -11.20 -0.40
N GLN G 76 -77.29 -11.71 -0.06
CA GLN G 76 -77.02 -13.14 -0.07
C GLN G 76 -77.43 -13.71 1.28
N HIS G 77 -78.55 -14.43 1.31
CA HIS G 77 -79.01 -15.02 2.57
C HIS G 77 -78.04 -16.07 3.09
N SER G 78 -78.10 -17.28 2.53
CA SER G 78 -77.32 -18.40 3.01
C SER G 78 -76.31 -18.84 1.95
N GLN G 79 -75.18 -19.39 2.42
CA GLN G 79 -74.12 -19.85 1.54
C GLN G 79 -73.79 -21.33 1.77
N HIS G 80 -74.73 -22.10 2.31
CA HIS G 80 -74.52 -23.53 2.47
C HIS G 80 -74.36 -24.23 1.13
N ARG G 81 -74.88 -23.63 0.06
CA ARG G 81 -74.69 -24.13 -1.30
C ARG G 81 -73.87 -23.12 -2.08
N THR G 82 -72.89 -23.62 -2.85
CA THR G 82 -71.79 -22.76 -3.28
C THR G 82 -72.19 -21.56 -4.14
N PRO G 83 -73.17 -21.64 -5.08
CA PRO G 83 -73.56 -20.40 -5.77
C PRO G 83 -74.88 -19.85 -5.25
N CYS G 84 -74.94 -18.54 -5.01
CA CYS G 84 -76.18 -17.94 -4.55
C CYS G 84 -77.05 -17.53 -5.74
N LYS G 85 -78.36 -17.59 -5.52
CA LYS G 85 -79.33 -17.45 -6.60
C LYS G 85 -80.44 -16.52 -6.18
N GLY G 86 -80.77 -15.57 -7.05
CA GLY G 86 -81.87 -14.67 -6.81
C GLY G 86 -81.92 -13.55 -7.81
N GLY G 87 -83.11 -13.24 -8.31
CA GLY G 87 -83.26 -12.21 -9.32
C GLY G 87 -82.89 -10.82 -8.86
N ILE G 88 -83.03 -9.84 -9.77
CA ILE G 88 -82.83 -8.44 -9.47
C ILE G 88 -84.07 -7.69 -9.94
N ARG G 89 -84.30 -6.51 -9.35
CA ARG G 89 -85.57 -5.83 -9.53
C ARG G 89 -85.37 -4.33 -9.67
N TYR G 90 -85.95 -3.75 -10.71
CA TYR G 90 -85.88 -2.31 -10.97
C TYR G 90 -87.22 -1.67 -10.57
N SER G 91 -87.24 -1.07 -9.38
CA SER G 91 -88.42 -0.33 -8.94
C SER G 91 -88.02 0.60 -7.81
N THR G 92 -88.67 1.77 -7.76
CA THR G 92 -88.48 2.64 -6.60
C THR G 92 -88.88 1.93 -5.31
N ASP G 93 -89.78 0.96 -5.41
CA ASP G 93 -90.21 0.18 -4.24
C ASP G 93 -89.05 -0.52 -3.54
N VAL G 94 -87.93 -0.73 -4.24
CA VAL G 94 -86.77 -1.45 -3.71
C VAL G 94 -86.39 -0.95 -2.33
N SER G 95 -86.48 -1.84 -1.34
CA SER G 95 -86.08 -1.56 0.02
C SER G 95 -85.04 -2.57 0.47
N VAL G 96 -84.17 -2.14 1.38
CA VAL G 96 -83.19 -3.06 1.95
C VAL G 96 -83.89 -4.24 2.60
N ASP G 97 -84.89 -3.96 3.45
CA ASP G 97 -85.64 -5.03 4.09
C ASP G 97 -86.42 -5.87 3.10
N GLU G 98 -86.73 -5.32 1.92
CA GLU G 98 -87.44 -6.09 0.91
C GLU G 98 -86.55 -7.14 0.28
N VAL G 99 -85.41 -6.73 -0.27
CA VAL G 99 -84.44 -7.69 -0.80
C VAL G 99 -83.96 -8.60 0.30
N LYS G 100 -83.89 -8.10 1.54
CA LYS G 100 -83.50 -8.93 2.68
C LYS G 100 -84.52 -10.03 2.91
N ALA G 101 -85.80 -9.75 2.67
CA ALA G 101 -86.84 -10.75 2.88
C ALA G 101 -86.95 -11.69 1.68
N LEU G 102 -86.94 -11.13 0.48
CA LEU G 102 -87.10 -11.94 -0.72
C LEU G 102 -85.94 -12.91 -0.89
N ALA G 103 -84.73 -12.50 -0.49
CA ALA G 103 -83.59 -13.40 -0.50
C ALA G 103 -83.84 -14.60 0.39
N SER G 104 -84.16 -14.34 1.66
CA SER G 104 -84.52 -15.40 2.60
C SER G 104 -85.53 -16.37 1.98
N LEU G 105 -86.59 -15.84 1.39
CA LEU G 105 -87.59 -16.67 0.73
C LEU G 105 -86.94 -17.52 -0.38
N MET G 106 -86.11 -16.90 -1.20
CA MET G 106 -85.51 -17.60 -2.34
C MET G 106 -84.65 -18.79 -1.89
N THR G 107 -84.18 -18.79 -0.66
CA THR G 107 -83.42 -19.93 -0.15
C THR G 107 -84.32 -21.16 -0.03
N TYR G 108 -85.35 -21.08 0.82
CA TYR G 108 -86.20 -22.23 1.10
C TYR G 108 -86.88 -22.73 -0.16
N LYS G 109 -87.33 -21.82 -1.02
CA LYS G 109 -87.88 -22.21 -2.32
C LYS G 109 -86.94 -23.17 -3.04
N CYS G 110 -85.68 -22.74 -3.22
CA CYS G 110 -84.69 -23.60 -3.87
C CYS G 110 -84.47 -24.89 -3.09
N ALA G 111 -84.71 -24.87 -1.78
CA ALA G 111 -84.55 -26.09 -0.99
C ALA G 111 -85.70 -27.06 -1.21
N VAL G 112 -86.93 -26.55 -1.33
CA VAL G 112 -88.09 -27.42 -1.47
C VAL G 112 -87.99 -28.26 -2.74
N VAL G 113 -87.69 -27.62 -3.86
CA VAL G 113 -87.64 -28.31 -5.15
C VAL G 113 -86.28 -28.97 -5.35
N ASP G 114 -85.51 -29.11 -4.27
CA ASP G 114 -84.22 -29.80 -4.29
C ASP G 114 -83.27 -29.18 -5.31
N VAL G 115 -82.97 -27.90 -5.10
CA VAL G 115 -82.05 -27.15 -5.94
C VAL G 115 -80.89 -26.67 -5.06
N PRO G 116 -79.65 -26.98 -5.41
CA PRO G 116 -78.50 -26.63 -4.55
C PRO G 116 -78.03 -25.20 -4.76
N PHE G 117 -78.89 -24.24 -4.42
CA PHE G 117 -78.57 -22.82 -4.48
C PHE G 117 -78.85 -22.18 -3.13
N GLY G 118 -77.97 -21.27 -2.73
CA GLY G 118 -78.30 -20.36 -1.66
C GLY G 118 -79.18 -19.23 -2.19
N GLY G 119 -80.12 -18.80 -1.36
CA GLY G 119 -81.03 -17.75 -1.78
C GLY G 119 -80.39 -16.37 -1.75
N ALA G 120 -80.85 -15.53 -2.67
CA ALA G 120 -80.34 -14.17 -2.77
C ALA G 120 -81.38 -13.30 -3.45
N LYS G 121 -81.09 -12.00 -3.50
CA LYS G 121 -81.98 -11.05 -4.14
C LYS G 121 -81.25 -9.71 -4.27
N ALA G 122 -81.65 -8.93 -5.26
CA ALA G 122 -81.09 -7.60 -5.49
C ALA G 122 -82.18 -6.65 -5.94
N GLY G 123 -81.86 -5.37 -5.93
CA GLY G 123 -82.80 -4.35 -6.35
C GLY G 123 -82.10 -3.03 -6.57
N VAL G 124 -82.71 -2.21 -7.43
CA VAL G 124 -82.19 -0.89 -7.77
C VAL G 124 -83.35 0.09 -7.66
N LYS G 125 -83.19 1.12 -6.82
CA LYS G 125 -84.27 2.06 -6.55
C LYS G 125 -84.37 3.08 -7.68
N ILE G 126 -84.91 2.63 -8.81
CA ILE G 126 -85.17 3.49 -9.96
C ILE G 126 -86.53 3.16 -10.54
N ASN G 127 -86.84 3.74 -11.69
CA ASN G 127 -88.11 3.44 -12.35
C ASN G 127 -87.83 3.31 -13.84
N PRO G 128 -87.91 2.09 -14.38
CA PRO G 128 -87.42 1.85 -15.75
C PRO G 128 -88.07 2.72 -16.82
N LYS G 129 -89.33 3.11 -16.63
CA LYS G 129 -90.00 3.94 -17.63
C LYS G 129 -89.38 5.33 -17.68
N ASN G 130 -89.02 5.89 -16.54
CA ASN G 130 -88.42 7.22 -16.51
C ASN G 130 -87.04 7.27 -17.13
N TYR G 131 -86.43 6.12 -17.42
CA TYR G 131 -85.15 6.07 -18.11
C TYR G 131 -85.33 5.36 -19.46
N THR G 132 -84.33 5.53 -20.33
CA THR G 132 -84.38 4.97 -21.67
C THR G 132 -83.61 3.65 -21.73
N ASP G 133 -83.63 3.04 -22.91
CA ASP G 133 -82.93 1.77 -23.10
C ASP G 133 -81.42 1.95 -22.96
N ASN G 134 -80.85 2.88 -23.70
CA ASN G 134 -79.43 3.18 -23.54
C ASN G 134 -79.13 3.69 -22.13
N GLU G 135 -80.08 4.42 -21.53
CA GLU G 135 -79.93 4.82 -20.14
C GLU G 135 -79.92 3.60 -19.23
N LEU G 136 -80.77 2.61 -19.52
CA LEU G 136 -80.82 1.40 -18.71
C LEU G 136 -79.60 0.52 -18.94
N GLU G 137 -79.04 0.56 -20.15
CA GLU G 137 -77.85 -0.23 -20.47
C GLU G 137 -76.66 0.19 -19.62
N LYS G 138 -76.57 1.48 -19.28
CA LYS G 138 -75.47 1.96 -18.44
C LYS G 138 -75.67 1.53 -16.99
N ILE G 139 -76.91 1.52 -16.51
CA ILE G 139 -77.18 1.14 -15.13
C ILE G 139 -76.75 -0.31 -14.88
N THR G 140 -77.36 -1.24 -15.61
CA THR G 140 -77.12 -2.66 -15.40
C THR G 140 -75.63 -2.98 -15.44
N ARG G 141 -74.96 -2.61 -16.53
CA ARG G 141 -73.56 -2.95 -16.70
C ARG G 141 -72.70 -2.46 -15.53
N ARG G 142 -72.80 -1.17 -15.22
CA ARG G 142 -72.05 -0.64 -14.08
C ARG G 142 -72.49 -1.31 -12.78
N PHE G 143 -73.79 -1.57 -12.63
CA PHE G 143 -74.28 -2.26 -11.44
C PHE G 143 -73.67 -3.65 -11.33
N THR G 144 -73.50 -4.32 -12.47
CA THR G 144 -72.82 -5.61 -12.49
C THR G 144 -71.41 -5.48 -11.93
N MET G 145 -70.57 -4.67 -12.59
CA MET G 145 -69.20 -4.45 -12.18
C MET G 145 -69.05 -4.24 -10.68
N GLU G 146 -69.86 -3.36 -10.11
CA GLU G 146 -69.73 -3.04 -8.70
C GLU G 146 -70.03 -4.24 -7.82
N LEU G 147 -70.91 -5.15 -8.26
CA LEU G 147 -71.11 -6.39 -7.53
C LEU G 147 -69.93 -7.34 -7.71
N ALA G 148 -69.37 -7.40 -8.92
CA ALA G 148 -68.26 -8.32 -9.16
C ALA G 148 -67.04 -7.95 -8.33
N LYS G 149 -66.76 -6.64 -8.19
CA LYS G 149 -65.64 -6.19 -7.38
C LYS G 149 -65.73 -6.73 -5.96
N LYS G 150 -66.95 -6.97 -5.46
CA LYS G 150 -67.14 -7.41 -4.08
C LYS G 150 -67.82 -8.78 -3.98
N GLY G 151 -67.75 -9.58 -5.04
CA GLY G 151 -68.27 -10.94 -4.98
C GLY G 151 -69.76 -11.04 -4.70
N PHE G 152 -70.56 -10.56 -5.65
CA PHE G 152 -72.02 -10.71 -5.58
C PHE G 152 -72.58 -11.09 -6.95
N ILE G 153 -71.73 -11.61 -7.84
CA ILE G 153 -72.09 -11.98 -9.21
C ILE G 153 -70.94 -12.78 -9.80
N GLY G 154 -71.23 -13.99 -10.27
CA GLY G 154 -70.23 -14.85 -10.85
C GLY G 154 -70.47 -16.30 -10.48
N PRO G 155 -70.17 -17.21 -11.39
CA PRO G 155 -70.49 -18.62 -11.16
C PRO G 155 -69.73 -19.17 -9.96
N GLY G 156 -70.43 -19.92 -9.12
CA GLY G 156 -69.86 -20.46 -7.92
C GLY G 156 -69.79 -19.52 -6.74
N VAL G 157 -70.24 -18.27 -6.90
CA VAL G 157 -70.29 -17.32 -5.80
C VAL G 157 -71.71 -16.79 -5.69
N ASP G 158 -72.22 -16.29 -6.82
CA ASP G 158 -73.56 -15.71 -6.87
C ASP G 158 -74.05 -15.62 -8.31
N VAL G 159 -75.29 -16.01 -8.57
CA VAL G 159 -75.85 -15.96 -9.91
C VAL G 159 -77.26 -15.37 -9.85
N PRO G 160 -77.48 -14.18 -10.41
CA PRO G 160 -78.82 -13.58 -10.37
C PRO G 160 -79.69 -14.03 -11.53
N ALA G 161 -80.80 -13.32 -11.75
CA ALA G 161 -81.83 -13.68 -12.72
C ALA G 161 -82.75 -12.49 -12.96
N PRO G 162 -83.63 -12.53 -13.95
CA PRO G 162 -84.60 -11.45 -14.12
C PRO G 162 -85.74 -11.54 -13.11
N ASP G 163 -86.56 -10.50 -13.07
CA ASP G 163 -87.72 -10.46 -12.17
C ASP G 163 -88.75 -9.41 -12.59
N MET G 164 -88.84 -8.34 -11.79
CA MET G 164 -89.83 -7.28 -11.98
C MET G 164 -89.29 -6.27 -12.97
N SER G 165 -89.91 -6.21 -14.16
CA SER G 165 -89.53 -5.27 -15.20
C SER G 165 -88.07 -5.43 -15.63
N THR G 166 -87.54 -6.65 -15.50
CA THR G 166 -86.21 -6.99 -15.99
C THR G 166 -86.35 -8.15 -16.97
N GLY G 167 -85.87 -7.96 -18.19
CA GLY G 167 -86.00 -8.92 -19.24
C GLY G 167 -84.71 -9.65 -19.56
N GLU G 168 -84.74 -10.37 -20.69
CA GLU G 168 -83.56 -11.11 -21.12
C GLU G 168 -82.46 -10.17 -21.59
N ARG G 169 -82.82 -9.15 -22.37
CA ARG G 169 -81.83 -8.22 -22.92
C ARG G 169 -80.93 -7.65 -21.84
N GLU G 170 -81.49 -7.38 -20.66
CA GLU G 170 -80.68 -6.85 -19.57
C GLU G 170 -79.82 -7.93 -18.93
N MET G 171 -80.31 -9.17 -18.89
CA MET G 171 -79.45 -10.28 -18.44
C MET G 171 -78.27 -10.46 -19.39
N SER G 172 -78.53 -10.36 -20.70
CA SER G 172 -77.44 -10.44 -21.67
C SER G 172 -76.40 -9.36 -21.43
N TRP G 173 -76.85 -8.15 -21.10
CA TRP G 173 -75.93 -7.05 -20.81
C TRP G 173 -75.03 -7.39 -19.64
N ILE G 174 -75.62 -7.92 -18.57
CA ILE G 174 -74.88 -8.38 -17.40
C ILE G 174 -73.80 -9.35 -17.82
N ALA G 175 -74.21 -10.49 -18.39
CA ALA G 175 -73.29 -11.50 -18.90
C ALA G 175 -72.16 -10.86 -19.70
N ASP G 176 -72.52 -10.10 -20.74
CA ASP G 176 -71.54 -9.45 -21.59
C ASP G 176 -70.56 -8.61 -20.78
N THR G 177 -71.02 -7.99 -19.70
CA THR G 177 -70.13 -7.17 -18.88
C THR G 177 -69.17 -8.05 -18.09
N TYR G 178 -69.71 -8.98 -17.30
CA TYR G 178 -68.87 -9.86 -16.48
C TYR G 178 -67.86 -10.60 -17.34
N ALA G 179 -68.31 -11.19 -18.44
CA ALA G 179 -67.44 -11.99 -19.31
C ALA G 179 -66.49 -11.15 -20.15
N SER G 180 -66.52 -9.82 -20.01
CA SER G 180 -65.60 -8.96 -20.74
C SER G 180 -64.61 -8.23 -19.83
N THR G 181 -64.77 -8.33 -18.51
CA THR G 181 -64.03 -7.49 -17.57
C THR G 181 -63.46 -8.30 -16.42
N ILE G 182 -64.32 -8.64 -15.45
CA ILE G 182 -63.89 -9.36 -14.26
C ILE G 182 -63.60 -10.82 -14.62
N GLY G 183 -64.65 -11.57 -14.92
CA GLY G 183 -64.48 -12.99 -15.21
C GLY G 183 -64.11 -13.28 -16.64
N HIS G 184 -63.11 -12.58 -17.18
CA HIS G 184 -62.74 -12.82 -18.57
C HIS G 184 -62.03 -14.15 -18.74
N TYR G 185 -61.16 -14.52 -17.78
CA TYR G 185 -60.42 -15.76 -17.87
C TYR G 185 -61.25 -16.97 -17.44
N ASP G 186 -62.45 -16.76 -16.90
CA ASP G 186 -63.30 -17.86 -16.43
C ASP G 186 -63.95 -18.55 -17.61
N ILE G 187 -63.76 -19.87 -17.70
CA ILE G 187 -64.36 -20.66 -18.78
C ILE G 187 -65.88 -20.63 -18.69
N ASN G 188 -66.42 -20.58 -17.47
CA ASN G 188 -67.86 -20.59 -17.23
C ASN G 188 -68.37 -19.21 -16.87
N ALA G 189 -67.79 -18.17 -17.46
CA ALA G 189 -68.19 -16.80 -17.14
C ALA G 189 -69.64 -16.54 -17.53
N HIS G 190 -70.08 -17.10 -18.66
CA HIS G 190 -71.46 -16.90 -19.09
C HIS G 190 -72.47 -17.53 -18.14
N ALA G 191 -72.03 -18.35 -17.19
CA ALA G 191 -72.89 -18.92 -16.17
C ALA G 191 -73.09 -17.99 -14.99
N CYS G 192 -72.70 -16.71 -15.11
CA CYS G 192 -72.87 -15.78 -14.01
C CYS G 192 -74.33 -15.41 -13.78
N VAL G 193 -75.18 -15.51 -14.81
CA VAL G 193 -76.58 -15.13 -14.68
C VAL G 193 -77.40 -16.03 -15.61
N THR G 194 -78.56 -16.46 -15.12
CA THR G 194 -79.52 -17.18 -15.96
C THR G 194 -80.63 -16.24 -16.40
N GLY G 195 -81.41 -16.70 -17.38
CA GLY G 195 -82.43 -15.89 -18.00
C GLY G 195 -81.99 -15.16 -19.24
N LYS G 196 -80.72 -15.26 -19.62
CA LYS G 196 -80.23 -14.58 -20.81
C LYS G 196 -80.93 -15.17 -22.03
N PRO G 197 -81.05 -14.39 -23.12
CA PRO G 197 -81.72 -14.90 -24.32
C PRO G 197 -80.95 -16.07 -24.92
N ILE G 198 -81.63 -16.75 -25.86
CA ILE G 198 -81.12 -18.04 -26.33
C ILE G 198 -79.83 -17.87 -27.12
N SER G 199 -79.65 -16.73 -27.79
CA SER G 199 -78.44 -16.50 -28.56
C SER G 199 -77.26 -16.06 -27.68
N GLN G 200 -77.46 -15.94 -26.37
CA GLN G 200 -76.39 -15.54 -25.46
C GLN G 200 -75.99 -16.66 -24.51
N GLY G 201 -76.55 -17.86 -24.68
CA GLY G 201 -76.35 -18.95 -23.74
C GLY G 201 -77.59 -19.37 -23.00
N GLY G 202 -78.74 -18.77 -23.28
CA GLY G 202 -79.97 -19.10 -22.59
C GLY G 202 -80.44 -20.51 -22.85
N ILE G 203 -81.61 -20.85 -22.32
CA ILE G 203 -82.15 -22.18 -22.47
C ILE G 203 -83.58 -22.05 -22.96
N HIS G 204 -84.01 -23.02 -23.77
CA HIS G 204 -85.35 -23.01 -24.29
C HIS G 204 -86.34 -23.31 -23.17
N GLY G 205 -87.56 -22.79 -23.32
CA GLY G 205 -88.64 -23.13 -22.41
C GLY G 205 -88.62 -22.43 -21.06
N ARG G 206 -87.62 -21.60 -20.77
CA ARG G 206 -87.67 -20.81 -19.54
C ARG G 206 -88.51 -19.56 -19.69
N ILE G 207 -88.73 -19.11 -20.93
CA ILE G 207 -89.77 -18.12 -21.19
C ILE G 207 -91.08 -18.55 -20.55
N SER G 208 -91.38 -19.84 -20.65
CA SER G 208 -92.61 -20.42 -20.13
C SER G 208 -92.39 -21.16 -18.81
N ALA G 209 -91.28 -20.86 -18.11
CA ALA G 209 -90.89 -21.64 -16.94
C ALA G 209 -91.87 -21.47 -15.78
N THR G 210 -91.86 -20.27 -15.18
CA THR G 210 -92.72 -20.02 -14.03
C THR G 210 -94.17 -20.32 -14.33
N GLY G 211 -94.61 -20.03 -15.56
CA GLY G 211 -95.96 -20.37 -15.98
C GLY G 211 -96.27 -21.84 -15.77
N ARG G 212 -95.54 -22.71 -16.47
CA ARG G 212 -95.70 -24.14 -16.24
C ARG G 212 -95.29 -24.53 -14.83
N GLY G 213 -94.40 -23.75 -14.21
CA GLY G 213 -94.17 -23.91 -12.79
C GLY G 213 -95.43 -23.69 -11.98
N VAL G 214 -96.26 -22.71 -12.39
CA VAL G 214 -97.53 -22.49 -11.72
C VAL G 214 -98.51 -23.61 -12.05
N PHE G 215 -98.45 -24.17 -13.26
CA PHE G 215 -99.42 -25.19 -13.65
C PHE G 215 -99.19 -26.49 -12.89
N HIS G 216 -97.99 -27.08 -13.02
CA HIS G 216 -97.73 -28.38 -12.41
C HIS G 216 -97.90 -28.36 -10.90
N GLY G 217 -97.72 -27.19 -10.26
CA GLY G 217 -97.99 -27.09 -8.84
C GLY G 217 -99.46 -27.22 -8.51
N ILE G 218 -100.33 -26.71 -9.39
CA ILE G 218 -101.77 -26.87 -9.21
C ILE G 218 -102.20 -28.28 -9.61
N GLU G 219 -101.54 -28.88 -10.61
CA GLU G 219 -101.97 -30.16 -11.14
C GLU G 219 -101.87 -31.27 -10.11
N ASN G 220 -100.92 -31.18 -9.18
CA ASN G 220 -100.72 -32.23 -8.19
C ASN G 220 -101.68 -32.15 -7.01
N PHE G 221 -102.65 -31.24 -7.07
CA PHE G 221 -103.64 -31.04 -6.00
C PHE G 221 -105.04 -31.45 -6.43
N ILE G 222 -105.56 -30.89 -7.53
CA ILE G 222 -106.90 -31.20 -8.01
C ILE G 222 -106.87 -32.53 -8.75
N ASN G 223 -105.78 -33.27 -8.62
CA ASN G 223 -105.71 -34.64 -9.12
C ASN G 223 -105.81 -35.68 -8.02
N GLU G 224 -105.99 -35.25 -6.77
CA GLU G 224 -106.29 -36.19 -5.69
C GLU G 224 -107.36 -35.57 -4.81
N ALA G 225 -108.43 -36.33 -4.58
CA ALA G 225 -109.54 -35.89 -3.74
C ALA G 225 -109.25 -36.00 -2.26
N SER G 226 -108.03 -36.43 -1.89
CA SER G 226 -107.62 -36.41 -0.49
C SER G 226 -107.82 -35.01 0.10
N TYR G 227 -107.58 -33.97 -0.70
CA TYR G 227 -107.81 -32.59 -0.31
C TYR G 227 -109.04 -31.97 -0.99
N MET G 228 -109.83 -32.78 -1.69
CA MET G 228 -111.15 -32.35 -2.13
C MET G 228 -112.26 -32.80 -1.19
N SER G 229 -111.99 -33.80 -0.36
CA SER G 229 -112.92 -34.22 0.67
C SER G 229 -112.90 -33.30 1.90
N ILE G 230 -112.08 -32.24 1.86
CA ILE G 230 -112.03 -31.24 2.91
C ILE G 230 -112.36 -29.85 2.39
N LEU G 231 -111.93 -29.53 1.17
CA LEU G 231 -112.24 -28.25 0.55
C LEU G 231 -113.58 -28.26 -0.17
N GLY G 232 -113.97 -29.42 -0.71
CA GLY G 232 -115.15 -29.49 -1.56
C GLY G 232 -114.74 -29.59 -3.01
N MET G 233 -115.40 -28.83 -3.88
CA MET G 233 -115.09 -28.81 -5.30
C MET G 233 -115.19 -30.18 -5.96
N THR G 234 -114.85 -30.26 -7.23
CA THR G 234 -114.84 -31.53 -7.94
C THR G 234 -113.44 -31.82 -8.45
N PRO G 235 -112.93 -33.05 -8.28
CA PRO G 235 -111.71 -33.45 -8.98
C PRO G 235 -111.78 -33.27 -10.49
N GLY G 236 -112.98 -33.03 -11.05
CA GLY G 236 -113.12 -32.62 -12.43
C GLY G 236 -112.43 -31.30 -12.68
N PHE G 237 -111.16 -31.39 -13.08
CA PHE G 237 -110.32 -30.21 -13.26
C PHE G 237 -110.94 -29.20 -14.22
N GLY G 238 -111.53 -29.69 -15.31
CA GLY G 238 -112.03 -28.84 -16.38
C GLY G 238 -112.81 -27.63 -15.95
N ASP G 239 -114.07 -27.83 -15.55
CA ASP G 239 -114.96 -26.72 -15.21
C ASP G 239 -114.47 -25.94 -13.99
N LYS G 240 -113.34 -25.26 -14.13
CA LYS G 240 -112.83 -24.34 -13.13
C LYS G 240 -112.46 -23.03 -13.80
N THR G 241 -112.70 -21.91 -13.10
CA THR G 241 -112.35 -20.58 -13.59
C THR G 241 -111.14 -20.06 -12.82
N PHE G 242 -110.67 -18.88 -13.20
CA PHE G 242 -109.52 -18.28 -12.52
C PHE G 242 -109.43 -16.79 -12.86
N ALA G 243 -108.60 -16.10 -12.08
CA ALA G 243 -108.30 -14.69 -12.27
C ALA G 243 -106.86 -14.44 -11.88
N VAL G 244 -106.18 -13.58 -12.65
CA VAL G 244 -104.75 -13.34 -12.48
C VAL G 244 -104.52 -11.88 -12.11
N GLN G 245 -103.37 -11.62 -11.50
CA GLN G 245 -102.85 -10.26 -11.33
C GLN G 245 -101.60 -10.07 -12.17
N GLY G 246 -101.20 -8.81 -12.31
CA GLY G 246 -99.99 -8.44 -13.03
C GLY G 246 -99.79 -9.20 -14.33
N PHE G 247 -100.66 -8.97 -15.30
CA PHE G 247 -100.62 -9.69 -16.56
C PHE G 247 -99.30 -9.43 -17.26
N GLY G 248 -98.28 -10.23 -16.94
CA GLY G 248 -96.96 -10.03 -17.50
C GLY G 248 -95.97 -11.10 -17.11
N ASN G 249 -95.28 -11.67 -18.11
CA ASN G 249 -94.34 -12.76 -17.92
C ASN G 249 -94.98 -13.88 -17.11
N VAL G 250 -94.99 -13.73 -15.78
CA VAL G 250 -95.67 -14.69 -14.92
C VAL G 250 -97.19 -14.61 -15.13
N GLY G 251 -97.76 -13.42 -14.97
CA GLY G 251 -99.19 -13.26 -15.22
C GLY G 251 -99.60 -13.68 -16.62
N LEU G 252 -98.68 -13.58 -17.57
CA LEU G 252 -98.90 -14.07 -18.92
C LEU G 252 -98.99 -15.59 -18.96
N HIS G 253 -97.86 -16.26 -18.77
CA HIS G 253 -97.77 -17.67 -19.12
C HIS G 253 -98.49 -18.56 -18.11
N SER G 254 -98.61 -18.11 -16.85
CA SER G 254 -99.51 -18.79 -15.91
C SER G 254 -100.90 -18.94 -16.52
N MET G 255 -101.37 -17.88 -17.15
CA MET G 255 -102.62 -17.92 -17.91
C MET G 255 -102.49 -18.83 -19.14
N ARG G 256 -101.50 -18.54 -19.99
CA ARG G 256 -101.39 -19.16 -21.31
C ARG G 256 -101.52 -20.68 -21.26
N TYR G 257 -100.93 -21.31 -20.25
CA TYR G 257 -100.90 -22.76 -20.20
C TYR G 257 -102.06 -23.37 -19.44
N LEU G 258 -102.65 -22.61 -18.51
CA LEU G 258 -103.80 -23.12 -17.77
C LEU G 258 -105.04 -23.23 -18.66
N HIS G 259 -105.19 -22.30 -19.62
CA HIS G 259 -106.30 -22.38 -20.56
C HIS G 259 -106.22 -23.62 -21.43
N ARG G 260 -104.99 -24.09 -21.73
CA ARG G 260 -104.76 -25.15 -22.69
C ARG G 260 -105.52 -26.44 -22.38
N PHE G 261 -105.96 -26.63 -21.13
CA PHE G 261 -106.55 -27.89 -20.72
C PHE G 261 -108.08 -27.85 -20.63
N GLY G 262 -108.71 -26.72 -20.92
CA GLY G 262 -110.15 -26.61 -20.84
C GLY G 262 -110.68 -26.04 -19.55
N ALA G 263 -109.88 -25.27 -18.82
CA ALA G 263 -110.35 -24.56 -17.63
C ALA G 263 -110.61 -23.11 -18.02
N LYS G 264 -111.84 -22.67 -17.85
CA LYS G 264 -112.22 -21.30 -18.20
C LYS G 264 -111.45 -20.30 -17.34
N CYS G 265 -111.36 -19.08 -17.84
CA CYS G 265 -110.95 -17.95 -17.02
C CYS G 265 -112.20 -17.22 -16.54
N VAL G 266 -112.03 -16.00 -16.04
CA VAL G 266 -113.18 -15.16 -15.69
C VAL G 266 -112.73 -13.72 -15.46
N ALA G 267 -111.44 -13.50 -15.22
CA ALA G 267 -111.00 -12.15 -14.89
C ALA G 267 -109.49 -12.00 -15.10
N VAL G 268 -109.08 -10.76 -15.34
CA VAL G 268 -107.67 -10.36 -15.45
C VAL G 268 -107.56 -8.92 -14.99
N GLY G 269 -106.57 -8.64 -14.15
CA GLY G 269 -106.36 -7.29 -13.67
C GLY G 269 -104.90 -6.88 -13.75
N GLU G 270 -104.69 -5.59 -13.97
CA GLU G 270 -103.34 -5.03 -14.05
C GLU G 270 -103.32 -3.71 -13.28
N SER G 271 -102.17 -3.02 -13.36
CA SER G 271 -101.92 -1.80 -12.60
C SER G 271 -102.99 -0.73 -12.82
N ASP G 272 -103.71 -0.78 -13.94
CA ASP G 272 -104.83 0.14 -14.12
C ASP G 272 -106.11 -0.44 -13.54
N GLY G 273 -106.92 -1.05 -14.39
CA GLY G 273 -108.18 -1.65 -13.97
C GLY G 273 -108.14 -3.16 -14.06
N SER G 274 -109.27 -3.77 -14.42
CA SER G 274 -109.40 -5.22 -14.43
C SER G 274 -110.34 -5.62 -15.56
N ILE G 275 -110.73 -6.90 -15.58
CA ILE G 275 -111.65 -7.44 -16.59
C ILE G 275 -112.60 -8.43 -15.91
N TRP G 276 -113.81 -8.54 -16.45
CA TRP G 276 -114.87 -9.39 -15.90
C TRP G 276 -115.67 -9.99 -17.04
N ASN G 277 -115.72 -11.33 -17.10
CA ASN G 277 -116.49 -12.05 -18.11
C ASN G 277 -116.76 -13.48 -17.64
N PRO G 278 -117.99 -13.79 -17.22
CA PRO G 278 -118.27 -15.14 -16.72
C PRO G 278 -118.09 -16.23 -17.78
N ASP G 279 -118.31 -15.91 -19.06
CA ASP G 279 -118.19 -16.92 -20.10
C ASP G 279 -116.77 -17.48 -20.18
N GLY G 280 -115.77 -16.63 -19.94
CA GLY G 280 -114.39 -17.06 -19.96
C GLY G 280 -113.57 -16.41 -21.07
N ILE G 281 -112.60 -15.58 -20.70
CA ILE G 281 -111.84 -14.83 -21.69
C ILE G 281 -110.74 -15.71 -22.29
N ASP G 282 -110.25 -15.29 -23.45
CA ASP G 282 -109.31 -16.06 -24.25
C ASP G 282 -108.01 -15.29 -24.45
N PRO G 283 -106.88 -15.76 -23.92
CA PRO G 283 -105.61 -15.08 -24.17
C PRO G 283 -105.13 -15.21 -25.60
N LYS G 284 -105.71 -16.11 -26.40
CA LYS G 284 -105.31 -16.24 -27.80
C LYS G 284 -105.58 -14.96 -28.58
N GLU G 285 -106.37 -14.05 -28.04
CA GLU G 285 -106.73 -12.81 -28.74
C GLU G 285 -106.15 -11.59 -28.02
N LEU G 286 -106.61 -11.29 -26.79
CA LEU G 286 -106.17 -10.13 -26.03
C LEU G 286 -104.69 -10.11 -25.72
N GLU G 287 -103.95 -11.13 -26.14
CA GLU G 287 -102.50 -11.10 -25.96
C GLU G 287 -101.85 -9.99 -26.78
N ASP G 288 -102.48 -9.59 -27.90
CA ASP G 288 -101.95 -8.53 -28.75
C ASP G 288 -102.40 -7.16 -28.26
N PHE G 289 -102.65 -7.05 -26.97
CA PHE G 289 -102.84 -5.77 -26.29
C PHE G 289 -101.56 -5.27 -25.62
N LYS G 290 -100.50 -6.08 -25.59
CA LYS G 290 -99.27 -5.78 -24.87
C LYS G 290 -98.59 -4.50 -25.38
N LEU G 291 -97.65 -4.63 -26.31
CA LEU G 291 -96.97 -3.47 -26.88
C LEU G 291 -97.64 -2.99 -28.16
N GLN G 292 -98.80 -3.56 -28.50
CA GLN G 292 -99.61 -3.04 -29.60
C GLN G 292 -100.04 -1.60 -29.32
N HIS G 293 -100.74 -1.37 -28.21
CA HIS G 293 -101.07 -0.01 -27.79
C HIS G 293 -100.17 0.40 -26.64
N GLY G 294 -100.37 -0.17 -25.46
CA GLY G 294 -99.54 0.16 -24.31
C GLY G 294 -99.96 -0.52 -23.03
N THR G 295 -101.17 -0.22 -22.57
CA THR G 295 -101.71 -0.83 -21.36
C THR G 295 -103.08 -1.39 -21.67
N ILE G 296 -103.66 -2.11 -20.72
CA ILE G 296 -104.99 -2.68 -20.89
C ILE G 296 -106.04 -1.62 -20.62
N LEU G 297 -107.11 -1.63 -21.41
CA LEU G 297 -108.21 -0.67 -21.23
C LEU G 297 -109.52 -1.25 -21.74
N GLY G 298 -109.70 -2.56 -21.64
CA GLY G 298 -110.81 -3.24 -22.25
C GLY G 298 -110.66 -3.36 -23.76
N PHE G 299 -111.33 -4.38 -24.32
CA PHE G 299 -111.39 -4.92 -25.69
C PHE G 299 -112.68 -5.71 -25.90
N PRO G 300 -112.94 -6.22 -27.11
CA PRO G 300 -114.13 -7.05 -27.33
C PRO G 300 -114.31 -8.13 -26.27
N LYS G 301 -115.55 -8.25 -25.78
CA LYS G 301 -115.97 -9.13 -24.69
C LYS G 301 -115.20 -8.87 -23.39
N ALA G 302 -114.35 -7.84 -23.35
CA ALA G 302 -113.58 -7.49 -22.16
C ALA G 302 -114.19 -6.22 -21.56
N LYS G 303 -115.00 -6.40 -20.52
CA LYS G 303 -115.69 -5.29 -19.89
C LYS G 303 -114.73 -4.39 -19.13
N ILE G 304 -115.23 -3.20 -18.78
CA ILE G 304 -114.51 -2.26 -17.92
C ILE G 304 -115.09 -2.42 -16.51
N TYR G 305 -114.37 -3.14 -15.66
CA TYR G 305 -114.82 -3.43 -14.30
C TYR G 305 -113.95 -2.70 -13.30
N GLU G 306 -114.58 -2.23 -12.21
CA GLU G 306 -113.86 -1.58 -11.13
C GLU G 306 -114.05 -2.37 -9.84
N GLY G 307 -113.76 -1.75 -8.70
CA GLY G 307 -113.84 -2.46 -7.43
C GLY G 307 -112.50 -3.00 -6.99
N SER G 308 -112.18 -4.23 -7.40
CA SER G 308 -110.87 -4.80 -7.14
C SER G 308 -110.51 -5.81 -8.22
N ILE G 309 -109.78 -6.86 -7.85
CA ILE G 309 -109.38 -7.92 -8.78
C ILE G 309 -109.71 -9.24 -8.12
N LEU G 310 -109.58 -9.29 -6.79
CA LEU G 310 -109.66 -10.53 -6.04
C LEU G 310 -111.09 -10.89 -5.67
N GLU G 311 -111.93 -9.91 -5.34
CA GLU G 311 -113.28 -10.18 -4.87
C GLU G 311 -114.20 -10.72 -5.96
N VAL G 312 -113.71 -10.83 -7.20
CA VAL G 312 -114.51 -11.42 -8.27
C VAL G 312 -114.80 -12.88 -7.94
N ASP G 313 -116.07 -13.27 -8.09
CA ASP G 313 -116.48 -14.64 -7.81
C ASP G 313 -115.72 -15.59 -8.73
N CYS G 314 -115.09 -16.61 -8.14
CA CYS G 314 -114.09 -17.39 -8.86
C CYS G 314 -113.79 -18.67 -8.07
N ASP G 315 -112.91 -19.50 -8.63
CA ASP G 315 -112.41 -20.71 -8.00
C ASP G 315 -110.92 -20.69 -7.69
N ILE G 316 -110.11 -20.06 -8.54
CA ILE G 316 -108.64 -20.09 -8.42
C ILE G 316 -108.13 -18.67 -8.65
N LEU G 317 -107.75 -18.00 -7.56
CA LEU G 317 -107.15 -16.67 -7.64
C LEU G 317 -105.64 -16.79 -7.62
N ILE G 318 -104.98 -16.04 -8.50
CA ILE G 318 -103.52 -16.07 -8.55
C ILE G 318 -102.95 -14.65 -8.60
N PRO G 319 -102.61 -14.06 -7.45
CA PRO G 319 -102.04 -12.70 -7.45
C PRO G 319 -100.64 -12.68 -8.03
N ALA G 320 -100.53 -12.57 -9.36
CA ALA G 320 -99.24 -12.63 -10.04
C ALA G 320 -98.71 -11.23 -10.33
N ALA G 321 -98.58 -10.43 -9.27
CA ALA G 321 -98.06 -9.07 -9.41
C ALA G 321 -97.08 -8.76 -8.30
N SER G 322 -97.38 -7.73 -7.51
CA SER G 322 -96.45 -7.26 -6.48
C SER G 322 -96.60 -8.07 -5.21
N GLU G 323 -96.12 -7.55 -4.09
CA GLU G 323 -96.20 -8.21 -2.80
C GLU G 323 -97.21 -7.49 -1.91
N LYS G 324 -97.79 -8.26 -0.98
CA LYS G 324 -98.75 -7.75 -0.01
C LYS G 324 -100.02 -7.22 -0.69
N GLN G 325 -100.84 -8.16 -1.17
CA GLN G 325 -102.18 -7.86 -1.64
C GLN G 325 -103.24 -8.67 -0.91
N LEU G 326 -102.91 -9.30 0.20
CA LEU G 326 -103.87 -10.04 1.02
C LEU G 326 -103.59 -9.71 2.48
N THR G 327 -104.53 -9.01 3.10
CA THR G 327 -104.39 -8.56 4.48
C THR G 327 -105.80 -8.49 5.09
N LYS G 328 -105.92 -7.85 6.25
CA LYS G 328 -107.23 -7.71 6.89
C LYS G 328 -108.21 -6.92 6.03
N SER G 329 -107.71 -6.06 5.15
CA SER G 329 -108.55 -5.23 4.30
C SER G 329 -109.30 -6.01 3.24
N ASN G 330 -109.05 -7.33 3.11
CA ASN G 330 -109.63 -8.07 1.99
C ASN G 330 -109.70 -9.58 2.22
N ALA G 331 -108.92 -10.12 3.15
CA ALA G 331 -108.94 -11.56 3.38
C ALA G 331 -110.32 -12.10 3.76
N PRO G 332 -111.12 -11.46 4.63
CA PRO G 332 -112.41 -12.06 5.01
C PRO G 332 -113.41 -12.20 3.86
N ARG G 333 -113.21 -11.56 2.72
CA ARG G 333 -114.10 -11.75 1.57
C ARG G 333 -113.38 -12.62 0.53
N VAL G 334 -113.30 -12.20 -0.73
CA VAL G 334 -112.71 -12.97 -1.83
C VAL G 334 -113.44 -14.30 -1.93
N LYS G 335 -114.62 -14.29 -2.58
CA LYS G 335 -115.47 -15.48 -2.63
C LYS G 335 -114.90 -16.47 -3.64
N ALA G 336 -113.72 -16.98 -3.32
CA ALA G 336 -113.03 -18.00 -4.12
C ALA G 336 -112.87 -19.27 -3.28
N LYS G 337 -112.10 -20.22 -3.81
CA LYS G 337 -111.83 -21.44 -3.07
C LYS G 337 -110.37 -21.93 -3.15
N ILE G 338 -109.53 -21.36 -4.02
CA ILE G 338 -108.13 -21.75 -4.12
C ILE G 338 -107.28 -20.54 -4.44
N ILE G 339 -106.27 -20.25 -3.62
CA ILE G 339 -105.31 -19.17 -3.86
C ILE G 339 -103.96 -19.79 -4.20
N ALA G 340 -103.52 -19.61 -5.44
CA ALA G 340 -102.19 -20.05 -5.87
C ALA G 340 -101.31 -18.82 -6.07
N GLU G 341 -100.21 -18.75 -5.33
CA GLU G 341 -99.41 -17.53 -5.24
C GLU G 341 -98.41 -17.46 -6.39
N GLY G 342 -98.61 -16.51 -7.30
CA GLY G 342 -97.73 -16.40 -8.44
C GLY G 342 -96.47 -15.60 -8.20
N ALA G 343 -96.52 -14.63 -7.27
CA ALA G 343 -95.38 -13.77 -7.00
C ALA G 343 -94.80 -14.10 -5.62
N ASN G 344 -94.01 -13.17 -5.08
CA ASN G 344 -93.23 -13.40 -3.87
C ASN G 344 -93.92 -12.72 -2.69
N GLY G 345 -94.70 -13.50 -1.93
CA GLY G 345 -95.28 -13.06 -0.69
C GLY G 345 -96.40 -12.04 -0.82
N PRO G 346 -97.54 -12.43 -1.40
CA PRO G 346 -98.69 -11.53 -1.42
C PRO G 346 -99.57 -11.70 -0.19
N THR G 347 -99.62 -12.92 0.34
CA THR G 347 -100.43 -13.22 1.51
C THR G 347 -99.58 -13.05 2.77
N THR G 348 -100.01 -12.18 3.66
CA THR G 348 -99.36 -12.03 4.95
C THR G 348 -99.92 -13.05 5.93
N PRO G 349 -99.18 -13.39 6.99
CA PRO G 349 -99.76 -14.28 8.02
C PRO G 349 -101.02 -13.71 8.63
N GLU G 350 -101.25 -12.41 8.44
CA GLU G 350 -102.47 -11.75 8.83
C GLU G 350 -103.70 -12.33 8.14
N ALA G 351 -103.51 -13.04 7.03
CA ALA G 351 -104.61 -13.53 6.21
C ALA G 351 -104.76 -15.04 6.23
N ASP G 352 -103.65 -15.81 6.27
CA ASP G 352 -103.81 -17.25 6.38
C ASP G 352 -104.66 -17.61 7.59
N LYS G 353 -104.40 -16.97 8.73
CA LYS G 353 -105.20 -17.25 9.92
C LYS G 353 -106.69 -17.04 9.67
N ILE G 354 -107.03 -16.21 8.68
CA ILE G 354 -108.40 -16.14 8.19
C ILE G 354 -108.63 -17.19 7.12
N PHE G 355 -107.68 -17.32 6.19
CA PHE G 355 -107.87 -18.22 5.06
C PHE G 355 -108.00 -19.67 5.51
N LEU G 356 -107.17 -20.11 6.47
CA LEU G 356 -107.25 -21.53 6.80
C LEU G 356 -108.49 -21.79 7.63
N GLU G 357 -109.09 -20.73 8.19
CA GLU G 357 -110.25 -20.86 9.05
C GLU G 357 -111.54 -20.97 8.26
N ARG G 358 -111.61 -20.41 7.06
CA ARG G 358 -112.77 -20.60 6.19
C ARG G 358 -112.60 -21.79 5.27
N ASN G 359 -111.62 -22.67 5.56
CA ASN G 359 -111.24 -23.78 4.69
C ASN G 359 -110.95 -23.27 3.26
N ILE G 360 -109.88 -22.49 3.18
CA ILE G 360 -109.43 -21.87 1.93
C ILE G 360 -107.99 -22.31 1.68
N MET G 361 -107.80 -23.10 0.64
CA MET G 361 -106.50 -23.66 0.28
C MET G 361 -105.57 -22.57 -0.25
N VAL G 362 -104.41 -22.41 0.37
CA VAL G 362 -103.40 -21.46 -0.08
C VAL G 362 -102.17 -22.27 -0.51
N ILE G 363 -101.91 -22.28 -1.81
CA ILE G 363 -100.70 -22.94 -2.33
C ILE G 363 -99.52 -21.99 -2.17
N PRO G 364 -98.41 -22.44 -1.57
CA PRO G 364 -97.34 -21.50 -1.22
C PRO G 364 -96.56 -21.05 -2.44
N ASP G 365 -96.14 -19.79 -2.41
CA ASP G 365 -95.13 -19.30 -3.35
C ASP G 365 -93.80 -20.04 -3.16
N LEU G 366 -93.57 -20.57 -1.96
CA LEU G 366 -92.42 -21.43 -1.71
C LEU G 366 -92.33 -22.57 -2.72
N TYR G 367 -93.48 -23.15 -3.07
CA TYR G 367 -93.51 -24.29 -3.97
C TYR G 367 -94.01 -23.95 -5.36
N LEU G 368 -94.87 -22.95 -5.50
CA LEU G 368 -95.56 -22.72 -6.76
C LEU G 368 -94.60 -22.20 -7.83
N ASN G 369 -94.26 -20.91 -7.77
CA ASN G 369 -93.39 -20.35 -8.80
C ASN G 369 -91.95 -20.83 -8.71
N ALA G 370 -91.67 -21.88 -7.93
CA ALA G 370 -90.34 -22.46 -7.88
C ALA G 370 -89.89 -22.99 -9.23
N GLY G 371 -90.83 -23.21 -10.16
CA GLY G 371 -90.44 -23.67 -11.49
C GLY G 371 -89.52 -22.71 -12.20
N GLY G 372 -89.66 -21.41 -11.92
CA GLY G 372 -88.79 -20.41 -12.53
C GLY G 372 -87.32 -20.69 -12.29
N VAL G 373 -86.92 -20.84 -11.03
CA VAL G 373 -85.52 -21.08 -10.72
C VAL G 373 -85.13 -22.50 -11.11
N THR G 374 -86.05 -23.46 -10.97
CA THR G 374 -85.78 -24.84 -11.33
C THR G 374 -85.32 -24.96 -12.78
N VAL G 375 -85.97 -24.23 -13.68
CA VAL G 375 -85.48 -24.16 -15.06
C VAL G 375 -84.21 -23.34 -15.14
N SER G 376 -84.21 -22.15 -14.51
CA SER G 376 -83.00 -21.34 -14.43
C SER G 376 -81.84 -22.16 -13.88
N TYR G 377 -82.14 -23.11 -12.99
CA TYR G 377 -81.11 -24.04 -12.52
C TYR G 377 -80.52 -24.83 -13.68
N PHE G 378 -81.39 -25.37 -14.55
CA PHE G 378 -80.90 -26.08 -15.74
C PHE G 378 -80.05 -25.18 -16.62
N GLU G 379 -80.46 -23.91 -16.74
CA GLU G 379 -79.71 -22.98 -17.58
C GLU G 379 -78.29 -22.80 -17.05
N TRP G 380 -78.13 -22.72 -15.73
CA TRP G 380 -76.78 -22.69 -15.15
C TRP G 380 -76.01 -23.95 -15.54
N LEU G 381 -76.70 -25.09 -15.59
CA LEU G 381 -76.04 -26.36 -15.90
C LEU G 381 -75.72 -26.47 -17.39
N LYS G 382 -76.57 -25.93 -18.26
CA LYS G 382 -76.26 -25.90 -19.69
C LYS G 382 -74.92 -25.24 -19.94
N ASN G 383 -74.75 -24.02 -19.42
CA ASN G 383 -73.54 -23.25 -19.71
C ASN G 383 -72.30 -23.94 -19.16
N LEU G 384 -72.42 -24.65 -18.04
CA LEU G 384 -71.28 -25.41 -17.54
C LEU G 384 -71.00 -26.63 -18.41
N ASN G 385 -72.05 -27.21 -19.01
CA ASN G 385 -71.88 -28.30 -19.96
C ASN G 385 -71.52 -27.82 -21.35
N HIS G 386 -71.78 -26.55 -21.66
CA HIS G 386 -71.43 -25.94 -22.95
C HIS G 386 -72.03 -26.72 -24.12
N VAL G 387 -73.17 -27.37 -23.89
CA VAL G 387 -73.94 -28.06 -24.92
C VAL G 387 -75.41 -27.86 -24.65
N SER G 388 -76.20 -27.73 -25.71
CA SER G 388 -77.64 -27.85 -25.59
C SER G 388 -77.99 -29.27 -25.13
N TYR G 389 -78.90 -29.37 -24.17
CA TYR G 389 -79.34 -30.69 -23.71
C TYR G 389 -79.85 -31.50 -24.90
N GLY G 390 -79.30 -32.71 -25.06
CA GLY G 390 -79.68 -33.59 -26.15
C GLY G 390 -78.87 -33.44 -27.42
N ARG G 391 -77.81 -32.64 -27.40
CA ARG G 391 -77.08 -32.28 -28.62
C ARG G 391 -76.41 -33.47 -29.27
N LEU G 392 -76.19 -34.55 -28.54
CA LEU G 392 -75.56 -35.75 -29.09
C LEU G 392 -76.41 -37.00 -28.92
N THR G 393 -77.06 -37.17 -27.78
CA THR G 393 -77.92 -38.31 -27.52
C THR G 393 -79.34 -38.08 -28.04
N PHE G 394 -79.45 -37.70 -29.32
CA PHE G 394 -80.74 -37.58 -29.99
C PHE G 394 -80.87 -38.50 -31.17
N LYS G 395 -79.93 -38.45 -32.11
CA LYS G 395 -79.93 -39.44 -33.18
C LYS G 395 -79.66 -40.85 -32.64
N TYR G 396 -78.88 -40.97 -31.57
CA TYR G 396 -78.64 -42.28 -30.99
C TYR G 396 -79.91 -42.89 -30.42
N GLU G 397 -80.69 -42.10 -29.67
CA GLU G 397 -81.89 -42.65 -29.07
C GLU G 397 -82.98 -42.89 -30.10
N ARG G 398 -83.18 -41.95 -31.04
CA ARG G 398 -84.20 -42.17 -32.06
C ARG G 398 -83.85 -43.37 -32.93
N ASP G 399 -82.57 -43.51 -33.30
CA ASP G 399 -82.14 -44.72 -33.99
C ASP G 399 -82.29 -45.95 -33.12
N SER G 400 -82.08 -45.80 -31.80
CA SER G 400 -82.20 -46.94 -30.90
C SER G 400 -83.65 -47.39 -30.77
N ASN G 401 -84.61 -46.46 -30.86
CA ASN G 401 -86.01 -46.86 -30.77
C ASN G 401 -86.47 -47.61 -32.02
N TYR G 402 -86.01 -47.18 -33.19
CA TYR G 402 -86.42 -47.84 -34.43
C TYR G 402 -85.78 -49.22 -34.59
N HIS G 403 -84.62 -49.46 -33.95
CA HIS G 403 -84.09 -50.82 -33.90
C HIS G 403 -84.90 -51.70 -32.97
N LEU G 404 -85.58 -51.10 -31.98
CA LEU G 404 -86.36 -51.89 -31.04
C LEU G 404 -87.68 -52.36 -31.66
N LEU G 405 -88.52 -51.41 -32.09
CA LEU G 405 -89.78 -51.75 -32.72
C LEU G 405 -89.60 -52.74 -33.86
N MET G 406 -88.47 -52.66 -34.57
CA MET G 406 -88.16 -53.65 -35.58
C MET G 406 -87.82 -55.00 -34.96
N SER G 407 -87.13 -54.99 -33.81
CA SER G 407 -86.80 -56.25 -33.16
C SER G 407 -88.05 -56.99 -32.68
N VAL G 408 -89.08 -56.25 -32.25
CA VAL G 408 -90.36 -56.89 -31.95
C VAL G 408 -90.97 -57.47 -33.22
N GLN G 409 -90.82 -56.76 -34.34
CA GLN G 409 -91.34 -57.21 -35.63
C GLN G 409 -90.76 -58.56 -36.05
N GLU G 410 -89.49 -58.58 -36.43
CA GLU G 410 -88.88 -59.83 -36.91
C GLU G 410 -88.98 -60.96 -35.89
N SER G 411 -89.18 -60.65 -34.61
CA SER G 411 -89.42 -61.69 -33.62
C SER G 411 -90.80 -62.31 -33.79
N LEU G 412 -91.83 -61.47 -33.98
CA LEU G 412 -93.19 -61.99 -34.09
C LEU G 412 -93.49 -62.50 -35.49
N GLU G 413 -92.77 -62.03 -36.50
CA GLU G 413 -92.81 -62.63 -37.82
C GLU G 413 -91.96 -63.90 -37.90
N ARG G 414 -91.42 -64.34 -36.76
CA ARG G 414 -90.74 -65.62 -36.67
C ARG G 414 -91.70 -66.72 -36.23
N LYS G 415 -92.58 -66.42 -35.27
CA LYS G 415 -93.66 -67.31 -34.85
C LYS G 415 -94.84 -67.30 -35.81
N PHE G 416 -94.79 -66.50 -36.88
CA PHE G 416 -95.84 -66.47 -37.89
C PHE G 416 -95.15 -66.58 -39.24
N GLY G 417 -95.55 -67.58 -40.03
CA GLY G 417 -94.75 -68.04 -41.16
C GLY G 417 -94.46 -66.99 -42.22
N LYS G 418 -95.36 -66.04 -42.40
CA LYS G 418 -95.13 -64.97 -43.38
C LYS G 418 -94.17 -63.92 -42.85
N HIS G 419 -93.27 -63.47 -43.72
CA HIS G 419 -92.20 -62.55 -43.36
C HIS G 419 -92.52 -61.18 -43.94
N GLY G 420 -93.17 -60.34 -43.13
CA GLY G 420 -93.47 -58.99 -43.53
C GLY G 420 -94.85 -58.51 -43.15
N GLY G 421 -95.74 -59.45 -42.83
CA GLY G 421 -97.11 -59.13 -42.50
C GLY G 421 -97.25 -58.17 -41.34
N THR G 422 -96.75 -58.57 -40.17
CA THR G 422 -96.89 -57.74 -38.98
C THR G 422 -96.17 -56.40 -39.17
N ILE G 423 -96.68 -55.38 -38.50
CA ILE G 423 -96.16 -54.02 -38.64
C ILE G 423 -96.16 -53.29 -37.29
N PRO G 424 -95.15 -53.50 -36.44
CA PRO G 424 -94.97 -52.63 -35.26
C PRO G 424 -93.96 -51.51 -35.45
N ILE G 425 -93.44 -51.29 -36.66
CA ILE G 425 -92.44 -50.25 -36.88
C ILE G 425 -92.99 -48.87 -36.52
N VAL G 426 -94.27 -48.64 -36.78
CA VAL G 426 -94.83 -47.30 -36.58
C VAL G 426 -95.14 -47.10 -35.10
N PRO G 427 -94.70 -46.02 -34.50
CA PRO G 427 -95.09 -45.70 -33.12
C PRO G 427 -96.40 -44.92 -33.09
N THR G 428 -96.95 -44.81 -31.87
CA THR G 428 -98.19 -44.07 -31.69
C THR G 428 -98.04 -42.64 -32.22
N ALA G 429 -99.18 -42.06 -32.58
CA ALA G 429 -99.17 -40.72 -33.20
C ALA G 429 -98.41 -39.71 -32.34
N GLU G 430 -98.62 -39.76 -31.03
CA GLU G 430 -97.96 -38.80 -30.14
C GLU G 430 -96.46 -39.04 -30.06
N PHE G 431 -96.04 -40.31 -29.99
CA PHE G 431 -94.62 -40.60 -29.84
C PHE G 431 -93.84 -40.26 -31.11
N GLN G 432 -94.46 -40.44 -32.29
CA GLN G 432 -93.79 -40.07 -33.52
C GLN G 432 -93.48 -38.57 -33.58
N ASP G 433 -94.46 -37.74 -33.19
CA ASP G 433 -94.22 -36.31 -33.09
C ASP G 433 -93.21 -35.98 -32.00
N ARG G 434 -92.98 -36.90 -31.05
CA ARG G 434 -92.03 -36.66 -29.99
C ARG G 434 -90.59 -36.84 -30.47
N ILE G 435 -90.36 -37.77 -31.40
CA ILE G 435 -89.02 -37.94 -31.97
C ILE G 435 -88.82 -37.11 -33.23
N SER G 436 -89.90 -36.69 -33.89
CA SER G 436 -89.77 -35.72 -34.98
C SER G 436 -89.41 -34.34 -34.44
N GLY G 437 -90.24 -33.82 -33.54
CA GLY G 437 -89.95 -32.56 -32.89
C GLY G 437 -89.25 -32.72 -31.56
N ALA G 438 -88.24 -33.58 -31.51
CA ALA G 438 -87.44 -33.76 -30.30
C ALA G 438 -86.39 -32.66 -30.23
N SER G 439 -86.25 -32.05 -29.05
CA SER G 439 -85.37 -30.90 -28.90
C SER G 439 -85.00 -30.71 -27.44
N GLU G 440 -84.20 -29.68 -27.18
CA GLU G 440 -83.88 -29.28 -25.81
C GLU G 440 -85.13 -28.87 -25.06
N LYS G 441 -86.08 -28.24 -25.75
CA LYS G 441 -87.35 -27.86 -25.15
C LYS G 441 -87.98 -29.01 -24.39
N ASP G 442 -87.86 -30.24 -24.90
CA ASP G 442 -88.57 -31.37 -24.31
C ASP G 442 -87.92 -31.84 -23.02
N ILE G 443 -86.59 -31.86 -22.96
CA ILE G 443 -85.90 -32.38 -21.78
C ILE G 443 -86.18 -31.50 -20.58
N VAL G 444 -86.23 -30.19 -20.77
CA VAL G 444 -86.48 -29.28 -19.66
C VAL G 444 -87.85 -29.52 -19.05
N HIS G 445 -88.89 -29.60 -19.89
CA HIS G 445 -90.23 -29.78 -19.37
C HIS G 445 -90.35 -31.07 -18.57
N SER G 446 -89.71 -32.15 -19.06
CA SER G 446 -89.71 -33.39 -18.29
C SER G 446 -88.92 -33.23 -16.99
N GLY G 447 -87.79 -32.52 -17.05
CA GLY G 447 -87.05 -32.21 -15.85
C GLY G 447 -87.77 -31.28 -14.90
N LEU G 448 -88.69 -30.45 -15.43
CA LEU G 448 -89.50 -29.59 -14.58
C LEU G 448 -90.60 -30.38 -13.89
N ALA G 449 -91.17 -31.37 -14.57
CA ALA G 449 -92.21 -32.20 -13.97
C ALA G 449 -91.64 -33.11 -12.91
N TYR G 450 -90.57 -33.84 -13.24
CA TYR G 450 -89.93 -34.74 -12.28
C TYR G 450 -89.50 -34.03 -11.01
N THR G 451 -89.30 -32.72 -11.07
CA THR G 451 -88.88 -31.94 -9.92
C THR G 451 -90.06 -31.36 -9.14
N MET G 452 -91.07 -30.84 -9.85
CA MET G 452 -92.26 -30.34 -9.18
C MET G 452 -93.06 -31.48 -8.56
N GLU G 453 -93.13 -32.62 -9.24
CA GLU G 453 -93.98 -33.72 -8.80
C GLU G 453 -93.40 -34.44 -7.59
N ARG G 454 -92.10 -34.78 -7.62
CA ARG G 454 -91.52 -35.45 -6.46
C ARG G 454 -91.43 -34.50 -5.27
N SER G 455 -91.25 -33.20 -5.52
CA SER G 455 -91.34 -32.24 -4.43
C SER G 455 -92.74 -32.25 -3.82
N ALA G 456 -93.77 -32.31 -4.66
CA ALA G 456 -95.13 -32.47 -4.16
C ALA G 456 -95.28 -33.76 -3.37
N ARG G 457 -94.46 -34.77 -3.67
CA ARG G 457 -94.53 -36.03 -2.94
C ARG G 457 -94.01 -35.87 -1.52
N GLN G 458 -92.76 -35.41 -1.38
CA GLN G 458 -92.17 -35.27 -0.05
C GLN G 458 -92.81 -34.16 0.77
N ILE G 459 -93.76 -33.41 0.21
CA ILE G 459 -94.53 -32.42 0.97
C ILE G 459 -95.80 -33.03 1.53
N MET G 460 -96.62 -33.63 0.67
CA MET G 460 -97.77 -34.40 1.14
C MET G 460 -97.36 -35.50 2.11
N ARG G 461 -96.10 -35.93 2.03
CA ARG G 461 -95.58 -36.92 2.97
C ARG G 461 -95.34 -36.29 4.34
N THR G 462 -94.72 -35.12 4.38
CA THR G 462 -94.47 -34.43 5.64
C THR G 462 -95.67 -33.63 6.13
N ALA G 463 -96.75 -33.55 5.35
CA ALA G 463 -97.97 -32.88 5.80
C ALA G 463 -98.91 -33.82 6.54
N MET G 464 -99.09 -35.05 6.04
CA MET G 464 -99.88 -36.05 6.73
C MET G 464 -99.12 -36.74 7.86
N LYS G 465 -97.94 -36.26 8.20
CA LYS G 465 -97.27 -36.72 9.41
C LYS G 465 -97.56 -35.83 10.60
N TYR G 466 -97.95 -34.58 10.37
CA TYR G 466 -98.32 -33.64 11.42
C TYR G 466 -99.76 -33.16 11.27
N ASN G 467 -100.51 -33.72 10.32
CA ASN G 467 -101.93 -33.44 10.14
C ASN G 467 -102.18 -31.96 9.81
N LEU G 468 -101.31 -31.38 9.01
CA LEU G 468 -101.52 -29.99 8.59
C LEU G 468 -102.65 -29.86 7.57
N GLY G 469 -102.99 -30.94 6.88
CA GLY G 469 -104.12 -30.96 5.97
C GLY G 469 -104.20 -29.79 5.02
N LEU G 470 -104.77 -28.68 5.50
CA LEU G 470 -105.05 -27.54 4.64
C LEU G 470 -103.96 -26.48 4.64
N ASP G 471 -103.14 -26.42 5.69
CA ASP G 471 -102.06 -25.44 5.75
C ASP G 471 -100.75 -26.10 5.30
N LEU G 472 -100.66 -26.30 3.97
CA LEU G 472 -99.42 -26.80 3.39
C LEU G 472 -98.33 -25.74 3.40
N ARG G 473 -98.70 -24.48 3.59
CA ARG G 473 -97.75 -23.40 3.81
C ARG G 473 -96.70 -23.82 4.82
N THR G 474 -97.11 -23.99 6.08
CA THR G 474 -96.18 -24.38 7.13
C THR G 474 -95.64 -25.79 6.93
N ALA G 475 -96.30 -26.61 6.10
CA ALA G 475 -95.75 -27.90 5.71
C ALA G 475 -94.65 -27.78 4.67
N ALA G 476 -94.66 -26.71 3.87
CA ALA G 476 -93.57 -26.49 2.92
C ALA G 476 -92.30 -26.09 3.65
N TYR G 477 -92.36 -25.00 4.43
CA TYR G 477 -91.20 -24.56 5.20
C TYR G 477 -90.64 -25.67 6.07
N VAL G 478 -91.52 -26.42 6.74
CA VAL G 478 -91.07 -27.49 7.62
C VAL G 478 -90.27 -28.52 6.84
N ASN G 479 -90.52 -28.63 5.53
CA ASN G 479 -89.77 -29.57 4.70
C ASN G 479 -88.47 -28.98 4.20
N ALA G 480 -88.43 -27.66 3.94
CA ALA G 480 -87.19 -27.04 3.50
C ALA G 480 -86.20 -26.87 4.64
N ILE G 481 -86.70 -26.49 5.82
CA ILE G 481 -85.82 -26.25 6.97
C ILE G 481 -85.02 -27.51 7.30
N GLU G 482 -85.66 -28.67 7.25
CA GLU G 482 -84.93 -29.90 7.59
C GLU G 482 -83.86 -30.21 6.56
N LYS G 483 -84.04 -29.78 5.32
CA LYS G 483 -82.99 -29.95 4.32
C LYS G 483 -81.78 -29.08 4.67
N VAL G 484 -82.01 -27.79 4.94
CA VAL G 484 -80.92 -26.88 5.25
C VAL G 484 -80.16 -27.31 6.49
N PHE G 485 -80.83 -27.97 7.44
CA PHE G 485 -80.19 -28.31 8.69
C PHE G 485 -79.09 -29.36 8.49
N ARG G 486 -79.47 -30.54 7.99
CA ARG G 486 -78.48 -31.60 7.79
C ARG G 486 -77.35 -31.17 6.87
N VAL G 487 -77.52 -30.06 6.14
CA VAL G 487 -76.38 -29.46 5.46
C VAL G 487 -75.49 -28.76 6.46
N TYR G 488 -76.08 -27.97 7.36
CA TYR G 488 -75.29 -27.27 8.39
C TYR G 488 -74.72 -28.25 9.40
N ASN G 489 -75.55 -29.18 9.88
CA ASN G 489 -75.08 -30.13 10.88
C ASN G 489 -73.92 -30.97 10.37
N GLU G 490 -74.08 -31.58 9.19
CA GLU G 490 -73.09 -32.50 8.67
C GLU G 490 -71.84 -31.78 8.15
N ALA G 491 -71.81 -30.45 8.18
CA ALA G 491 -70.62 -29.68 7.81
C ALA G 491 -69.83 -29.20 9.01
N GLY G 492 -70.48 -28.98 10.15
CA GLY G 492 -69.80 -28.65 11.38
C GLY G 492 -69.56 -27.16 11.56
N VAL G 493 -69.02 -26.83 12.74
CA VAL G 493 -68.65 -25.45 13.07
C VAL G 493 -67.26 -25.17 12.48
N THR G 494 -67.20 -24.23 11.55
CA THR G 494 -65.94 -23.87 10.91
C THR G 494 -65.15 -22.92 11.80
N PHE G 495 -63.99 -23.36 12.25
CA PHE G 495 -63.06 -22.50 12.98
C PHE G 495 -62.11 -21.88 11.96
N THR G 496 -62.22 -20.56 11.78
CA THR G 496 -61.41 -19.86 10.79
C THR G 496 -60.56 -18.77 11.43
N ASP H 1 -56.29 -20.00 -63.32
CA ASP H 1 -54.90 -20.13 -62.90
C ASP H 1 -54.45 -19.34 -61.65
N PRO H 2 -55.11 -18.22 -61.30
CA PRO H 2 -54.45 -17.25 -60.41
C PRO H 2 -54.45 -17.67 -58.95
N ASN H 3 -54.06 -16.72 -58.10
CA ASN H 3 -54.01 -16.91 -56.65
C ASN H 3 -54.21 -15.55 -56.02
N PHE H 4 -54.69 -15.55 -54.77
CA PHE H 4 -55.21 -14.30 -54.21
C PHE H 4 -55.27 -14.37 -52.69
N PHE H 5 -55.09 -13.20 -52.07
CA PHE H 5 -55.17 -13.09 -50.61
C PHE H 5 -56.63 -13.08 -50.16
N LYS H 6 -57.41 -12.13 -50.69
CA LYS H 6 -58.81 -11.94 -50.33
C LYS H 6 -59.66 -13.14 -50.71
N MET H 7 -59.21 -14.35 -50.37
CA MET H 7 -59.88 -15.56 -50.80
C MET H 7 -61.35 -15.55 -50.37
N VAL H 8 -61.59 -15.27 -49.09
CA VAL H 8 -62.92 -15.35 -48.53
C VAL H 8 -63.58 -13.98 -48.33
N GLU H 9 -62.81 -12.89 -48.37
CA GLU H 9 -63.39 -11.58 -48.12
C GLU H 9 -64.47 -11.24 -49.12
N GLY H 10 -64.49 -11.89 -50.28
CA GLY H 10 -65.50 -11.67 -51.29
C GLY H 10 -66.76 -12.48 -51.07
N PHE H 11 -66.62 -13.73 -50.61
CA PHE H 11 -67.79 -14.56 -50.34
C PHE H 11 -68.69 -13.91 -49.30
N PHE H 12 -68.10 -13.23 -48.32
CA PHE H 12 -68.87 -12.53 -47.29
C PHE H 12 -69.67 -11.39 -47.91
N ASP H 13 -68.97 -10.41 -48.49
CA ASP H 13 -69.65 -9.30 -49.15
C ASP H 13 -70.71 -9.79 -50.12
N ARG H 14 -70.41 -10.87 -50.85
CA ARG H 14 -71.41 -11.52 -51.68
C ARG H 14 -72.58 -12.02 -50.84
N GLY H 15 -72.29 -12.66 -49.71
CA GLY H 15 -73.33 -13.12 -48.82
C GLY H 15 -73.91 -12.01 -47.97
N ALA H 16 -73.06 -11.08 -47.55
CA ALA H 16 -73.49 -9.97 -46.70
C ALA H 16 -74.58 -9.16 -47.37
N SER H 17 -74.53 -9.02 -48.69
CA SER H 17 -75.48 -8.19 -49.40
C SER H 17 -76.89 -8.75 -49.33
N ILE H 18 -77.03 -10.07 -49.20
CA ILE H 18 -78.35 -10.68 -49.25
C ILE H 18 -79.06 -10.61 -47.91
N VAL H 19 -78.33 -10.71 -46.79
CA VAL H 19 -78.94 -10.67 -45.48
C VAL H 19 -79.36 -9.26 -45.07
N GLU H 20 -78.78 -8.22 -45.67
CA GLU H 20 -79.10 -6.84 -45.30
C GLU H 20 -80.60 -6.65 -45.14
N ASP H 21 -81.37 -7.12 -46.11
CA ASP H 21 -82.83 -6.99 -46.04
C ASP H 21 -83.39 -7.76 -44.85
N LYS H 22 -82.95 -9.01 -44.65
CA LYS H 22 -83.52 -9.82 -43.59
C LYS H 22 -83.26 -9.22 -42.22
N LEU H 23 -82.08 -8.64 -42.03
CA LEU H 23 -81.70 -8.18 -40.70
C LEU H 23 -82.49 -6.94 -40.29
N VAL H 24 -82.63 -5.98 -41.18
CA VAL H 24 -83.36 -4.76 -40.84
C VAL H 24 -84.84 -5.06 -40.60
N GLU H 25 -85.40 -6.01 -41.35
CA GLU H 25 -86.79 -6.42 -41.13
C GLU H 25 -86.92 -7.22 -39.83
N ASP H 26 -86.19 -8.33 -39.74
CA ASP H 26 -86.29 -9.23 -38.59
C ASP H 26 -86.02 -8.51 -37.27
N LEU H 27 -85.26 -7.41 -37.30
CA LEU H 27 -84.93 -6.71 -36.07
C LEU H 27 -86.15 -5.98 -35.52
N LYS H 28 -86.53 -6.32 -34.29
CA LYS H 28 -87.58 -5.63 -33.55
C LYS H 28 -86.91 -4.78 -32.48
N THR H 29 -86.97 -3.46 -32.66
CA THR H 29 -86.49 -2.52 -31.66
C THR H 29 -87.17 -1.18 -31.89
N ARG H 30 -86.93 -0.25 -30.98
CA ARG H 30 -87.57 1.06 -31.04
C ARG H 30 -86.78 2.09 -31.82
N GLU H 31 -85.74 1.66 -32.54
CA GLU H 31 -85.02 2.57 -33.43
C GLU H 31 -85.92 2.92 -34.61
N THR H 32 -86.18 1.94 -35.48
CA THR H 32 -87.07 2.05 -36.63
C THR H 32 -86.78 3.29 -37.47
N GLU H 33 -85.75 3.21 -38.31
CA GLU H 33 -85.46 4.27 -39.27
C GLU H 33 -84.89 3.68 -40.56
N GLU H 34 -84.10 4.48 -41.26
CA GLU H 34 -83.17 3.95 -42.25
C GLU H 34 -81.75 3.85 -41.70
N GLN H 35 -81.54 4.28 -40.45
CA GLN H 35 -80.30 4.01 -39.75
C GLN H 35 -80.18 2.55 -39.35
N LYS H 36 -81.26 1.78 -39.45
CA LYS H 36 -81.19 0.33 -39.30
C LYS H 36 -79.98 -0.22 -40.05
N ARG H 37 -79.87 0.13 -41.33
CA ARG H 37 -78.72 -0.29 -42.12
C ARG H 37 -77.41 0.24 -41.52
N ASN H 38 -77.41 1.48 -41.04
CA ASN H 38 -76.18 2.06 -40.50
C ASN H 38 -75.62 1.24 -39.35
N ARG H 39 -76.50 0.62 -38.54
CA ARG H 39 -76.04 -0.29 -37.52
C ARG H 39 -75.50 -1.58 -38.14
N VAL H 40 -76.34 -2.23 -38.96
CA VAL H 40 -75.96 -3.48 -39.59
C VAL H 40 -74.74 -3.29 -40.49
N ARG H 41 -74.70 -2.17 -41.22
CA ARG H 41 -73.53 -1.84 -42.04
C ARG H 41 -72.27 -1.81 -41.19
N GLY H 42 -72.40 -1.43 -39.92
CA GLY H 42 -71.27 -1.44 -39.01
C GLY H 42 -71.03 -2.81 -38.41
N ILE H 43 -72.10 -3.47 -37.96
CA ILE H 43 -71.96 -4.80 -37.36
C ILE H 43 -71.28 -5.75 -38.32
N LEU H 44 -71.68 -5.74 -39.59
CA LEU H 44 -71.01 -6.57 -40.58
C LEU H 44 -69.57 -6.14 -40.80
N ARG H 45 -69.27 -4.86 -40.62
CA ARG H 45 -67.89 -4.38 -40.77
C ARG H 45 -66.99 -4.87 -39.65
N ILE H 46 -67.56 -5.28 -38.52
CA ILE H 46 -66.74 -5.79 -37.41
C ILE H 46 -66.44 -7.28 -37.62
N ILE H 47 -67.38 -8.01 -38.24
CA ILE H 47 -67.22 -9.44 -38.40
C ILE H 47 -66.18 -9.76 -39.47
N LYS H 48 -66.14 -8.97 -40.54
CA LYS H 48 -65.22 -9.23 -41.64
C LYS H 48 -63.78 -9.39 -41.20
N PRO H 49 -63.17 -8.47 -40.45
CA PRO H 49 -61.76 -8.62 -40.10
C PRO H 49 -61.55 -9.47 -38.85
N CYS H 50 -60.38 -10.11 -38.82
CA CYS H 50 -59.93 -10.77 -37.61
C CYS H 50 -59.69 -9.74 -36.53
N ASN H 51 -60.35 -9.92 -35.37
CA ASN H 51 -60.16 -8.97 -34.29
C ASN H 51 -58.74 -9.02 -33.74
N HIS H 52 -58.13 -10.21 -33.70
CA HIS H 52 -56.80 -10.37 -33.15
C HIS H 52 -55.97 -11.28 -34.03
N VAL H 53 -54.72 -10.89 -34.28
CA VAL H 53 -53.79 -11.70 -35.03
C VAL H 53 -52.36 -11.40 -34.58
N LEU H 54 -51.75 -12.35 -33.86
CA LEU H 54 -50.46 -12.16 -33.24
C LEU H 54 -49.37 -12.77 -34.12
N SER H 55 -48.33 -11.98 -34.39
CA SER H 55 -47.16 -12.44 -35.12
C SER H 55 -46.05 -12.78 -34.13
N LEU H 56 -45.37 -13.90 -34.36
CA LEU H 56 -44.41 -14.42 -33.40
C LEU H 56 -43.01 -14.53 -34.00
N SER H 57 -42.04 -14.74 -33.11
CA SER H 57 -40.62 -14.86 -33.46
C SER H 57 -39.85 -15.39 -32.27
N PHE H 58 -39.59 -16.69 -32.24
CA PHE H 58 -38.98 -17.34 -31.10
C PHE H 58 -37.85 -18.27 -31.55
N PRO H 59 -36.80 -18.38 -30.75
CA PRO H 59 -35.65 -19.20 -31.15
C PRO H 59 -35.67 -20.61 -30.55
N ILE H 60 -35.02 -21.55 -31.24
CA ILE H 60 -34.78 -22.87 -30.69
C ILE H 60 -33.31 -23.21 -30.87
N ARG H 61 -32.98 -24.50 -30.75
CA ARG H 61 -31.61 -24.97 -30.89
C ARG H 61 -31.65 -26.31 -31.60
N ARG H 62 -31.34 -26.31 -32.90
CA ARG H 62 -31.27 -27.55 -33.65
C ARG H 62 -30.23 -28.49 -33.02
N ASP H 63 -30.33 -29.78 -33.37
CA ASP H 63 -29.43 -30.78 -32.82
C ASP H 63 -27.96 -30.41 -32.97
N ASP H 64 -27.64 -29.58 -33.97
CA ASP H 64 -26.25 -29.19 -34.20
C ASP H 64 -25.66 -28.41 -33.03
N GLY H 65 -26.48 -27.63 -32.35
CA GLY H 65 -26.02 -26.51 -31.58
C GLY H 65 -26.18 -25.20 -32.33
N SER H 66 -26.52 -25.30 -33.61
CA SER H 66 -26.97 -24.14 -34.37
C SER H 66 -28.24 -23.58 -33.76
N TRP H 67 -28.48 -22.30 -34.06
CA TRP H 67 -29.63 -21.58 -33.54
C TRP H 67 -30.43 -21.02 -34.70
N GLU H 68 -31.73 -21.29 -34.71
CA GLU H 68 -32.62 -20.79 -35.74
C GLU H 68 -33.70 -19.93 -35.09
N VAL H 69 -34.13 -18.91 -35.83
CA VAL H 69 -35.23 -18.05 -35.41
C VAL H 69 -36.45 -18.41 -36.25
N ILE H 70 -37.54 -18.76 -35.56
CA ILE H 70 -38.72 -19.34 -36.19
C ILE H 70 -39.85 -18.32 -36.15
N GLU H 71 -40.43 -18.02 -37.31
CA GLU H 71 -41.61 -17.17 -37.40
C GLU H 71 -42.87 -18.03 -37.44
N GLY H 72 -43.86 -17.66 -36.63
CA GLY H 72 -45.16 -18.27 -36.68
C GLY H 72 -46.23 -17.21 -36.50
N TYR H 73 -47.46 -17.57 -36.84
CA TYR H 73 -48.58 -16.65 -36.75
C TYR H 73 -49.78 -17.36 -36.15
N ARG H 74 -50.61 -16.62 -35.43
CA ARG H 74 -51.94 -17.10 -35.05
C ARG H 74 -52.93 -15.95 -35.12
N ALA H 75 -54.04 -16.18 -35.83
CA ALA H 75 -55.09 -15.19 -36.01
C ALA H 75 -56.36 -15.71 -35.33
N GLN H 76 -56.82 -15.02 -34.30
CA GLN H 76 -58.14 -15.23 -33.74
C GLN H 76 -59.11 -14.33 -34.49
N HIS H 77 -59.97 -14.92 -35.32
CA HIS H 77 -60.90 -14.09 -36.06
C HIS H 77 -61.86 -13.35 -35.14
N SER H 78 -62.91 -14.03 -34.68
CA SER H 78 -63.92 -13.43 -33.84
C SER H 78 -63.89 -14.01 -32.44
N GLN H 79 -64.58 -13.33 -31.53
CA GLN H 79 -64.66 -13.76 -30.14
C GLN H 79 -66.09 -13.68 -29.62
N HIS H 80 -67.09 -13.91 -30.48
CA HIS H 80 -68.47 -13.94 -30.03
C HIS H 80 -68.81 -15.24 -29.31
N ARG H 81 -67.95 -16.25 -29.41
CA ARG H 81 -68.08 -17.48 -28.64
C ARG H 81 -66.83 -17.67 -27.79
N THR H 82 -67.06 -18.10 -26.55
CA THR H 82 -66.06 -17.92 -25.51
C THR H 82 -64.71 -18.53 -25.86
N PRO H 83 -64.61 -19.76 -26.42
CA PRO H 83 -63.28 -20.24 -26.82
C PRO H 83 -63.03 -19.98 -28.30
N CYS H 84 -61.77 -19.86 -28.68
CA CYS H 84 -61.42 -19.84 -30.09
C CYS H 84 -60.92 -21.21 -30.50
N LYS H 85 -61.08 -21.52 -31.79
CA LYS H 85 -60.85 -22.86 -32.29
C LYS H 85 -60.19 -22.76 -33.65
N GLY H 86 -59.44 -23.79 -34.02
CA GLY H 86 -58.82 -23.81 -35.32
C GLY H 86 -57.42 -24.38 -35.28
N GLY H 87 -57.07 -25.15 -36.31
CA GLY H 87 -55.83 -25.86 -36.34
C GLY H 87 -54.63 -24.98 -36.64
N ILE H 88 -53.45 -25.63 -36.59
CA ILE H 88 -52.18 -25.00 -36.88
C ILE H 88 -51.54 -25.73 -38.05
N ARG H 89 -50.60 -25.07 -38.71
CA ARG H 89 -50.00 -25.62 -39.92
C ARG H 89 -48.49 -25.44 -39.86
N TYR H 90 -47.77 -26.46 -40.33
CA TYR H 90 -46.30 -26.45 -40.40
C TYR H 90 -45.90 -26.53 -41.87
N SER H 91 -45.82 -25.36 -42.51
CA SER H 91 -45.45 -25.31 -43.92
C SER H 91 -44.81 -23.97 -44.22
N THR H 92 -43.81 -23.99 -45.10
CA THR H 92 -43.24 -22.74 -45.58
C THR H 92 -44.31 -21.83 -46.17
N ASP H 93 -45.33 -22.43 -46.78
CA ASP H 93 -46.43 -21.67 -47.38
C ASP H 93 -47.13 -20.77 -46.36
N VAL H 94 -46.93 -21.00 -45.06
CA VAL H 94 -47.63 -20.22 -44.04
C VAL H 94 -47.36 -18.73 -44.25
N SER H 95 -48.45 -17.97 -44.38
CA SER H 95 -48.38 -16.53 -44.53
C SER H 95 -49.36 -15.87 -43.56
N VAL H 96 -49.07 -14.62 -43.22
CA VAL H 96 -49.98 -13.82 -42.39
C VAL H 96 -51.39 -13.86 -42.98
N ASP H 97 -51.51 -13.41 -44.22
CA ASP H 97 -52.81 -13.36 -44.88
C ASP H 97 -53.43 -14.74 -45.06
N GLU H 98 -52.62 -15.79 -45.07
CA GLU H 98 -53.17 -17.14 -45.14
C GLU H 98 -53.95 -17.48 -43.87
N VAL H 99 -53.26 -17.44 -42.72
CA VAL H 99 -53.94 -17.76 -41.46
C VAL H 99 -54.96 -16.70 -41.11
N LYS H 100 -54.73 -15.45 -41.51
CA LYS H 100 -55.73 -14.40 -41.32
C LYS H 100 -57.03 -14.76 -42.04
N ALA H 101 -56.94 -15.44 -43.18
CA ALA H 101 -58.13 -15.82 -43.94
C ALA H 101 -58.72 -17.15 -43.48
N LEU H 102 -57.88 -18.15 -43.22
CA LEU H 102 -58.37 -19.42 -42.71
C LEU H 102 -59.00 -19.25 -41.34
N ALA H 103 -58.46 -18.36 -40.51
CA ALA H 103 -59.11 -18.04 -39.24
C ALA H 103 -60.50 -17.49 -39.46
N SER H 104 -60.67 -16.64 -40.48
CA SER H 104 -61.98 -16.11 -40.79
C SER H 104 -62.92 -17.23 -41.25
N LEU H 105 -62.44 -18.09 -42.14
CA LEU H 105 -63.29 -19.16 -42.67
C LEU H 105 -63.78 -20.09 -41.57
N MET H 106 -62.93 -20.34 -40.57
CA MET H 106 -63.28 -21.24 -39.48
C MET H 106 -64.41 -20.68 -38.62
N THR H 107 -64.55 -19.35 -38.58
CA THR H 107 -65.61 -18.74 -37.79
C THR H 107 -66.99 -19.14 -38.31
N TYR H 108 -67.21 -18.98 -39.62
CA TYR H 108 -68.52 -19.25 -40.19
C TYR H 108 -68.79 -20.75 -40.26
N LYS H 109 -67.76 -21.54 -40.62
CA LYS H 109 -67.89 -22.99 -40.63
C LYS H 109 -68.48 -23.50 -39.32
N CYS H 110 -67.90 -23.07 -38.19
CA CYS H 110 -68.42 -23.45 -36.88
C CYS H 110 -69.86 -22.98 -36.67
N ALA H 111 -70.31 -21.94 -37.36
CA ALA H 111 -71.64 -21.39 -37.16
C ALA H 111 -72.72 -22.16 -37.91
N VAL H 112 -72.46 -22.52 -39.18
CA VAL H 112 -73.43 -23.30 -39.94
C VAL H 112 -73.83 -24.56 -39.19
N VAL H 113 -72.84 -25.28 -38.67
CA VAL H 113 -73.06 -26.54 -37.99
C VAL H 113 -73.34 -26.33 -36.51
N ASP H 114 -73.56 -25.06 -36.13
CA ASP H 114 -74.00 -24.70 -34.78
C ASP H 114 -73.03 -25.22 -33.72
N VAL H 115 -71.83 -24.64 -33.73
CA VAL H 115 -70.76 -25.02 -32.81
C VAL H 115 -70.25 -23.77 -32.10
N PRO H 116 -70.30 -23.70 -30.77
CA PRO H 116 -69.98 -22.45 -30.04
C PRO H 116 -68.49 -22.18 -29.92
N PHE H 117 -67.82 -22.10 -31.07
CA PHE H 117 -66.40 -21.77 -31.14
C PHE H 117 -66.20 -20.55 -32.04
N GLY H 118 -65.28 -19.67 -31.64
CA GLY H 118 -64.88 -18.56 -32.48
C GLY H 118 -63.70 -18.93 -33.37
N GLY H 119 -63.63 -18.29 -34.53
CA GLY H 119 -62.66 -18.68 -35.54
C GLY H 119 -61.25 -18.30 -35.16
N ALA H 120 -60.33 -19.23 -35.33
CA ALA H 120 -58.91 -18.97 -35.12
C ALA H 120 -58.11 -19.88 -36.05
N LYS H 121 -56.88 -19.46 -36.35
CA LYS H 121 -56.02 -20.27 -37.20
C LYS H 121 -54.57 -19.85 -36.97
N ALA H 122 -53.67 -20.81 -37.05
CA ALA H 122 -52.26 -20.56 -36.82
C ALA H 122 -51.41 -21.27 -37.86
N GLY H 123 -50.16 -20.83 -37.96
CA GLY H 123 -49.21 -21.43 -38.87
C GLY H 123 -47.80 -21.15 -38.42
N VAL H 124 -46.86 -21.95 -38.92
CA VAL H 124 -45.45 -21.82 -38.61
C VAL H 124 -44.66 -21.99 -39.90
N LYS H 125 -43.86 -20.99 -40.26
CA LYS H 125 -43.13 -20.97 -41.53
C LYS H 125 -41.85 -21.79 -41.40
N ILE H 126 -42.02 -23.10 -41.47
CA ILE H 126 -40.92 -24.06 -41.47
C ILE H 126 -41.27 -25.18 -42.45
N ASN H 127 -40.41 -26.19 -42.52
CA ASN H 127 -40.67 -27.38 -43.34
C ASN H 127 -40.39 -28.62 -42.50
N PRO H 128 -41.42 -29.39 -42.14
CA PRO H 128 -41.22 -30.52 -41.23
C PRO H 128 -40.16 -31.51 -41.69
N LYS H 129 -39.96 -31.63 -43.01
CA LYS H 129 -38.98 -32.59 -43.52
C LYS H 129 -37.57 -32.23 -43.10
N ASN H 130 -37.23 -30.94 -43.10
CA ASN H 130 -35.87 -30.51 -42.77
C ASN H 130 -35.59 -30.53 -41.27
N TYR H 131 -36.51 -31.04 -40.45
CA TYR H 131 -36.34 -31.06 -39.00
C TYR H 131 -36.67 -32.45 -38.47
N THR H 132 -36.05 -32.80 -37.34
CA THR H 132 -36.15 -34.12 -36.76
C THR H 132 -37.31 -34.20 -35.78
N ASP H 133 -37.70 -35.43 -35.43
CA ASP H 133 -38.75 -35.64 -34.44
C ASP H 133 -38.39 -35.01 -33.10
N ASN H 134 -37.11 -35.08 -32.73
CA ASN H 134 -36.64 -34.40 -31.54
C ASN H 134 -36.69 -32.88 -31.73
N GLU H 135 -36.19 -32.40 -32.87
CA GLU H 135 -36.18 -30.96 -33.13
C GLU H 135 -37.59 -30.40 -33.23
N LEU H 136 -38.57 -31.23 -33.58
CA LEU H 136 -39.93 -30.73 -33.75
C LEU H 136 -40.65 -30.57 -32.42
N GLU H 137 -40.42 -31.47 -31.46
CA GLU H 137 -40.99 -31.29 -30.13
C GLU H 137 -40.55 -29.96 -29.53
N LYS H 138 -39.27 -29.60 -29.74
CA LYS H 138 -38.77 -28.30 -29.29
C LYS H 138 -39.56 -27.14 -29.89
N ILE H 139 -40.01 -27.28 -31.14
CA ILE H 139 -40.73 -26.19 -31.78
C ILE H 139 -42.14 -26.08 -31.23
N THR H 140 -42.89 -27.19 -31.23
CA THR H 140 -44.27 -27.15 -30.78
C THR H 140 -44.38 -26.69 -29.33
N ARG H 141 -43.49 -27.17 -28.47
CA ARG H 141 -43.56 -26.82 -27.05
C ARG H 141 -43.30 -25.33 -26.84
N ARG H 142 -42.20 -24.80 -27.39
CA ARG H 142 -41.91 -23.38 -27.22
C ARG H 142 -42.93 -22.50 -27.94
N PHE H 143 -43.46 -22.96 -29.08
CA PHE H 143 -44.54 -22.21 -29.73
C PHE H 143 -45.77 -22.15 -28.84
N THR H 144 -46.05 -23.22 -28.10
CA THR H 144 -47.15 -23.22 -27.15
C THR H 144 -46.97 -22.16 -26.07
N MET H 145 -45.83 -22.23 -25.37
CA MET H 145 -45.57 -21.34 -24.25
C MET H 145 -45.78 -19.88 -24.62
N GLU H 146 -45.22 -19.46 -25.76
CA GLU H 146 -45.30 -18.06 -26.16
C GLU H 146 -46.72 -17.63 -26.49
N LEU H 147 -47.64 -18.58 -26.67
CA LEU H 147 -49.04 -18.24 -26.90
C LEU H 147 -49.81 -18.06 -25.60
N ALA H 148 -49.51 -18.88 -24.59
CA ALA H 148 -50.21 -18.76 -23.31
C ALA H 148 -49.86 -17.44 -22.61
N LYS H 149 -48.58 -17.07 -22.64
CA LYS H 149 -48.15 -15.82 -22.02
C LYS H 149 -48.85 -14.60 -22.61
N LYS H 150 -49.38 -14.72 -23.83
CA LYS H 150 -50.19 -13.67 -24.43
C LYS H 150 -51.62 -14.12 -24.70
N GLY H 151 -52.03 -15.26 -24.15
CA GLY H 151 -53.42 -15.67 -24.21
C GLY H 151 -53.96 -15.99 -25.60
N PHE H 152 -53.37 -17.00 -26.26
CA PHE H 152 -53.88 -17.53 -27.52
C PHE H 152 -54.03 -19.04 -27.47
N ILE H 153 -53.81 -19.63 -26.30
CA ILE H 153 -53.98 -21.05 -26.00
C ILE H 153 -54.62 -21.14 -24.63
N GLY H 154 -55.73 -21.86 -24.55
CA GLY H 154 -56.41 -21.99 -23.29
C GLY H 154 -57.87 -22.36 -23.48
N PRO H 155 -58.32 -23.37 -22.76
CA PRO H 155 -59.75 -23.68 -22.76
C PRO H 155 -60.55 -22.45 -22.33
N GLY H 156 -61.47 -22.01 -23.17
CA GLY H 156 -62.20 -20.79 -22.89
C GLY H 156 -61.51 -19.51 -23.32
N VAL H 157 -60.35 -19.60 -23.97
CA VAL H 157 -59.74 -18.45 -24.62
C VAL H 157 -59.41 -18.83 -26.06
N ASP H 158 -58.84 -20.02 -26.23
CA ASP H 158 -58.47 -20.55 -27.54
C ASP H 158 -58.01 -21.99 -27.46
N VAL H 159 -58.58 -22.85 -28.31
CA VAL H 159 -58.25 -24.28 -28.33
C VAL H 159 -57.87 -24.69 -29.75
N PRO H 160 -56.58 -24.91 -30.02
CA PRO H 160 -56.17 -25.36 -31.36
C PRO H 160 -56.45 -26.82 -31.60
N ALA H 161 -55.79 -27.37 -32.61
CA ALA H 161 -56.06 -28.69 -33.14
C ALA H 161 -55.06 -29.00 -34.24
N PRO H 162 -54.92 -30.24 -34.68
CA PRO H 162 -53.98 -30.56 -35.76
C PRO H 162 -54.57 -30.15 -37.11
N ASP H 163 -53.78 -30.35 -38.16
CA ASP H 163 -54.21 -30.02 -39.51
C ASP H 163 -53.20 -30.51 -40.54
N MET H 164 -52.67 -29.57 -41.32
CA MET H 164 -51.68 -29.88 -42.34
C MET H 164 -50.37 -30.26 -41.69
N SER H 165 -49.90 -31.48 -41.95
CA SER H 165 -48.59 -31.94 -41.49
C SER H 165 -48.46 -31.84 -39.97
N THR H 166 -49.58 -31.90 -39.26
CA THR H 166 -49.60 -31.84 -37.80
C THR H 166 -50.39 -33.03 -37.28
N GLY H 167 -49.71 -33.91 -36.54
CA GLY H 167 -50.29 -35.14 -36.07
C GLY H 167 -50.67 -35.10 -34.60
N GLU H 168 -51.17 -36.25 -34.11
CA GLU H 168 -51.62 -36.36 -32.74
C GLU H 168 -50.48 -36.12 -31.76
N ARG H 169 -49.33 -36.77 -32.00
CA ARG H 169 -48.19 -36.67 -31.09
C ARG H 169 -47.80 -35.22 -30.85
N GLU H 170 -48.09 -34.34 -31.81
CA GLU H 170 -47.75 -32.92 -31.66
C GLU H 170 -48.74 -32.21 -30.74
N MET H 171 -50.04 -32.44 -30.95
CA MET H 171 -51.04 -31.91 -30.03
C MET H 171 -50.79 -32.43 -28.62
N SER H 172 -50.29 -33.65 -28.50
CA SER H 172 -49.96 -34.21 -27.19
C SER H 172 -48.93 -33.35 -26.48
N TRP H 173 -47.95 -32.84 -27.21
CA TRP H 173 -46.96 -31.95 -26.61
C TRP H 173 -47.60 -30.64 -26.16
N ILE H 174 -48.51 -30.10 -26.97
CA ILE H 174 -49.21 -28.87 -26.63
C ILE H 174 -49.88 -28.99 -25.26
N ALA H 175 -50.72 -30.02 -25.10
CA ALA H 175 -51.34 -30.28 -23.82
C ALA H 175 -50.29 -30.44 -22.72
N ASP H 176 -49.32 -31.33 -22.96
CA ASP H 176 -48.31 -31.64 -21.95
C ASP H 176 -47.55 -30.41 -21.48
N THR H 177 -47.36 -29.42 -22.36
CA THR H 177 -46.64 -28.22 -21.96
C THR H 177 -47.57 -27.22 -21.26
N TYR H 178 -48.78 -27.05 -21.77
CA TYR H 178 -49.75 -26.17 -21.12
C TYR H 178 -50.10 -26.71 -19.74
N ALA H 179 -50.25 -28.03 -19.62
CA ALA H 179 -50.66 -28.66 -18.37
C ALA H 179 -49.56 -28.74 -17.34
N SER H 180 -48.32 -28.39 -17.69
CA SER H 180 -47.21 -28.48 -16.75
C SER H 180 -46.54 -27.13 -16.48
N THR H 181 -47.11 -26.03 -16.99
CA THR H 181 -46.48 -24.72 -16.83
C THR H 181 -47.50 -23.65 -16.46
N ILE H 182 -48.14 -23.07 -17.47
CA ILE H 182 -49.10 -21.99 -17.24
C ILE H 182 -50.38 -22.54 -16.65
N GLY H 183 -51.08 -23.39 -17.40
CA GLY H 183 -52.36 -23.88 -16.96
C GLY H 183 -52.28 -25.11 -16.08
N HIS H 184 -51.24 -25.21 -15.26
CA HIS H 184 -51.13 -26.36 -14.36
C HIS H 184 -52.30 -26.41 -13.38
N TYR H 185 -52.70 -25.26 -12.85
CA TYR H 185 -53.75 -25.22 -11.83
C TYR H 185 -55.15 -25.41 -12.42
N ASP H 186 -55.27 -25.43 -13.75
CA ASP H 186 -56.57 -25.46 -14.41
C ASP H 186 -57.09 -26.89 -14.46
N ILE H 187 -58.24 -27.14 -13.82
CA ILE H 187 -58.82 -28.48 -13.80
C ILE H 187 -59.03 -29.02 -15.21
N ASN H 188 -59.28 -28.12 -16.17
CA ASN H 188 -59.53 -28.48 -17.56
C ASN H 188 -58.36 -28.08 -18.46
N ALA H 189 -57.13 -28.28 -17.96
CA ALA H 189 -55.96 -27.88 -18.74
C ALA H 189 -55.80 -28.72 -19.99
N HIS H 190 -56.06 -30.02 -19.89
CA HIS H 190 -55.89 -30.89 -21.05
C HIS H 190 -56.99 -30.68 -22.10
N ALA H 191 -57.92 -29.76 -21.87
CA ALA H 191 -58.84 -29.30 -22.90
C ALA H 191 -58.32 -28.07 -23.63
N CYS H 192 -57.00 -27.82 -23.58
CA CYS H 192 -56.44 -26.70 -24.32
C CYS H 192 -56.37 -27.00 -25.80
N VAL H 193 -56.35 -28.27 -26.18
CA VAL H 193 -56.12 -28.67 -27.57
C VAL H 193 -56.88 -29.96 -27.82
N THR H 194 -57.56 -30.01 -28.96
CA THR H 194 -58.21 -31.22 -29.43
C THR H 194 -57.34 -31.88 -30.50
N GLY H 195 -57.61 -33.16 -30.76
CA GLY H 195 -56.82 -33.94 -31.67
C GLY H 195 -55.70 -34.73 -31.02
N LYS H 196 -55.46 -34.53 -29.72
CA LYS H 196 -54.49 -35.30 -28.98
C LYS H 196 -54.91 -36.77 -28.92
N PRO H 197 -53.97 -37.69 -28.75
CA PRO H 197 -54.29 -39.13 -28.80
C PRO H 197 -55.25 -39.56 -27.69
N ILE H 198 -55.72 -40.80 -27.81
CA ILE H 198 -56.74 -41.32 -26.91
C ILE H 198 -56.16 -41.53 -25.51
N SER H 199 -54.93 -42.05 -25.44
CA SER H 199 -54.26 -42.22 -24.16
C SER H 199 -53.99 -40.90 -23.46
N GLN H 200 -54.22 -39.78 -24.13
CA GLN H 200 -54.04 -38.45 -23.55
C GLN H 200 -55.34 -37.67 -23.56
N GLY H 201 -56.47 -38.36 -23.45
CA GLY H 201 -57.75 -37.69 -23.44
C GLY H 201 -58.31 -37.36 -24.81
N GLY H 202 -57.96 -38.13 -25.83
CA GLY H 202 -58.58 -37.99 -27.14
C GLY H 202 -59.98 -38.58 -27.14
N ILE H 203 -60.58 -38.59 -28.32
CA ILE H 203 -61.94 -39.10 -28.48
C ILE H 203 -61.94 -40.15 -29.59
N HIS H 204 -62.87 -41.09 -29.48
CA HIS H 204 -63.00 -42.15 -30.46
C HIS H 204 -63.81 -41.67 -31.66
N GLY H 205 -63.34 -42.03 -32.86
CA GLY H 205 -64.05 -41.70 -34.08
C GLY H 205 -63.65 -40.41 -34.75
N ARG H 206 -62.78 -39.61 -34.13
CA ARG H 206 -62.31 -38.39 -34.77
C ARG H 206 -61.31 -38.66 -35.89
N ILE H 207 -60.69 -39.84 -35.89
CA ILE H 207 -59.90 -40.25 -37.05
C ILE H 207 -60.80 -40.35 -38.28
N SER H 208 -62.03 -40.79 -38.08
CA SER H 208 -63.01 -40.99 -39.14
C SER H 208 -63.95 -39.81 -39.31
N ALA H 209 -63.68 -38.70 -38.62
CA ALA H 209 -64.64 -37.60 -38.52
C ALA H 209 -64.88 -36.89 -39.84
N THR H 210 -63.88 -36.15 -40.32
CA THR H 210 -64.01 -35.40 -41.57
C THR H 210 -64.52 -36.27 -42.71
N GLY H 211 -64.00 -37.48 -42.82
CA GLY H 211 -64.48 -38.42 -43.81
C GLY H 211 -65.98 -38.59 -43.74
N ARG H 212 -66.49 -38.95 -42.56
CA ARG H 212 -67.93 -39.01 -42.36
C ARG H 212 -68.60 -37.67 -42.66
N GLY H 213 -67.90 -36.56 -42.35
CA GLY H 213 -68.44 -35.26 -42.66
C GLY H 213 -68.79 -35.10 -44.12
N VAL H 214 -67.91 -35.58 -45.00
CA VAL H 214 -68.21 -35.57 -46.43
C VAL H 214 -69.48 -36.35 -46.71
N PHE H 215 -69.57 -37.58 -46.21
CA PHE H 215 -70.65 -38.47 -46.61
C PHE H 215 -72.01 -37.94 -46.18
N HIS H 216 -72.19 -37.70 -44.87
CA HIS H 216 -73.47 -37.17 -44.40
C HIS H 216 -73.83 -35.86 -45.08
N GLY H 217 -72.82 -35.04 -45.38
CA GLY H 217 -73.08 -33.81 -46.12
C GLY H 217 -73.59 -34.08 -47.52
N ILE H 218 -73.02 -35.08 -48.18
CA ILE H 218 -73.46 -35.45 -49.52
C ILE H 218 -74.77 -36.22 -49.45
N GLU H 219 -74.91 -37.13 -48.48
CA GLU H 219 -76.13 -37.93 -48.37
C GLU H 219 -77.37 -37.05 -48.32
N ASN H 220 -77.30 -35.95 -47.56
CA ASN H 220 -78.46 -35.09 -47.41
C ASN H 220 -78.85 -34.39 -48.71
N PHE H 221 -78.19 -34.70 -49.83
CA PHE H 221 -78.48 -34.12 -51.13
C PHE H 221 -78.86 -35.14 -52.18
N ILE H 222 -78.21 -36.31 -52.20
CA ILE H 222 -78.63 -37.40 -53.05
C ILE H 222 -79.77 -38.15 -52.35
N ASN H 223 -80.45 -37.46 -51.45
CA ASN H 223 -81.61 -37.98 -50.77
C ASN H 223 -82.77 -36.99 -50.86
N GLU H 224 -82.50 -35.75 -51.25
CA GLU H 224 -83.51 -34.76 -51.55
C GLU H 224 -83.51 -34.51 -53.06
N ALA H 225 -84.69 -34.62 -53.67
CA ALA H 225 -84.83 -34.48 -55.11
C ALA H 225 -85.13 -33.06 -55.56
N SER H 226 -85.40 -32.14 -54.62
CA SER H 226 -85.55 -30.73 -54.97
C SER H 226 -84.32 -30.23 -55.71
N TYR H 227 -83.24 -31.01 -55.64
CA TYR H 227 -81.98 -30.71 -56.33
C TYR H 227 -81.53 -31.84 -57.25
N MET H 228 -82.44 -32.73 -57.64
CA MET H 228 -82.21 -33.65 -58.76
C MET H 228 -83.06 -33.30 -59.97
N SER H 229 -84.35 -33.03 -59.79
CA SER H 229 -85.13 -32.42 -60.85
C SER H 229 -84.50 -31.12 -61.33
N ILE H 230 -83.68 -30.50 -60.47
CA ILE H 230 -82.85 -29.38 -60.90
C ILE H 230 -81.57 -29.87 -61.57
N LEU H 231 -80.79 -30.69 -60.86
CA LEU H 231 -79.48 -31.10 -61.35
C LEU H 231 -79.56 -32.20 -62.40
N GLY H 232 -80.68 -32.90 -62.50
CA GLY H 232 -80.71 -34.11 -63.28
C GLY H 232 -80.34 -35.28 -62.39
N MET H 233 -79.76 -36.32 -62.99
CA MET H 233 -79.42 -37.60 -62.37
C MET H 233 -80.45 -38.14 -61.39
N THR H 234 -80.12 -39.24 -60.72
CA THR H 234 -81.13 -39.91 -59.94
C THR H 234 -80.80 -39.84 -58.45
N PRO H 235 -81.83 -39.68 -57.60
CA PRO H 235 -81.62 -39.86 -56.15
C PRO H 235 -81.03 -41.22 -55.84
N GLY H 236 -81.38 -42.23 -56.63
CA GLY H 236 -80.78 -43.56 -56.54
C GLY H 236 -79.29 -43.48 -56.31
N PHE H 237 -78.93 -43.22 -55.05
CA PHE H 237 -77.57 -42.88 -54.67
C PHE H 237 -76.58 -43.98 -55.04
N GLY H 238 -77.04 -45.21 -55.22
CA GLY H 238 -76.18 -46.34 -55.52
C GLY H 238 -75.29 -46.16 -56.74
N ASP H 239 -75.80 -46.50 -57.92
CA ASP H 239 -75.01 -46.53 -59.14
C ASP H 239 -74.39 -45.18 -59.48
N LYS H 240 -73.43 -44.74 -58.69
CA LYS H 240 -72.78 -43.45 -58.86
C LYS H 240 -71.26 -43.61 -58.83
N THR H 241 -70.57 -42.73 -59.54
CA THR H 241 -69.12 -42.77 -59.67
C THR H 241 -68.51 -41.52 -59.04
N PHE H 242 -67.45 -41.71 -58.26
CA PHE H 242 -66.73 -40.60 -57.65
C PHE H 242 -65.23 -40.74 -57.89
N ALA H 243 -64.54 -39.62 -57.83
CA ALA H 243 -63.09 -39.55 -57.97
C ALA H 243 -62.54 -38.62 -56.89
N VAL H 244 -61.38 -38.98 -56.33
CA VAL H 244 -60.87 -38.30 -55.15
C VAL H 244 -59.50 -37.69 -55.44
N GLN H 245 -59.16 -36.67 -54.66
CA GLN H 245 -57.84 -36.04 -54.67
C GLN H 245 -57.33 -35.96 -53.24
N GLY H 246 -56.04 -36.23 -53.05
CA GLY H 246 -55.45 -36.16 -51.72
C GLY H 246 -55.72 -37.38 -50.87
N PHE H 247 -55.33 -38.54 -51.38
CA PHE H 247 -55.55 -39.84 -50.75
C PHE H 247 -54.87 -39.91 -49.38
N GLY H 248 -55.53 -39.36 -48.35
CA GLY H 248 -54.96 -39.36 -47.02
C GLY H 248 -55.83 -38.74 -45.96
N ASN H 249 -56.02 -39.46 -44.83
CA ASN H 249 -56.88 -39.05 -43.74
C ASN H 249 -58.27 -38.71 -44.26
N VAL H 250 -58.46 -37.47 -44.70
CA VAL H 250 -59.76 -37.05 -45.21
C VAL H 250 -60.10 -37.80 -46.48
N GLY H 251 -59.23 -37.71 -47.50
CA GLY H 251 -59.49 -38.42 -48.75
C GLY H 251 -59.70 -39.90 -48.54
N LEU H 252 -58.91 -40.51 -47.66
CA LEU H 252 -59.07 -41.91 -47.28
C LEU H 252 -60.49 -42.18 -46.77
N HIS H 253 -60.81 -41.59 -45.62
CA HIS H 253 -62.03 -41.95 -44.91
C HIS H 253 -63.28 -41.45 -45.61
N SER H 254 -63.14 -40.50 -46.55
CA SER H 254 -64.27 -40.08 -47.37
C SER H 254 -64.53 -41.03 -48.52
N MET H 255 -63.56 -41.88 -48.87
CA MET H 255 -63.79 -42.92 -49.86
C MET H 255 -64.19 -44.24 -49.22
N ARG H 256 -63.51 -44.61 -48.13
CA ARG H 256 -63.84 -45.82 -47.38
C ARG H 256 -65.32 -45.85 -47.00
N TYR H 257 -65.80 -44.79 -46.36
CA TYR H 257 -67.19 -44.76 -45.91
C TYR H 257 -68.16 -44.50 -47.07
N LEU H 258 -67.67 -43.99 -48.20
CA LEU H 258 -68.54 -43.75 -49.35
C LEU H 258 -68.71 -44.99 -50.23
N HIS H 259 -67.73 -45.90 -50.24
CA HIS H 259 -67.94 -47.15 -50.97
C HIS H 259 -68.88 -48.07 -50.21
N ARG H 260 -68.86 -47.98 -48.88
CA ARG H 260 -69.60 -48.89 -48.02
C ARG H 260 -71.05 -49.03 -48.47
N PHE H 261 -71.73 -47.91 -48.71
CA PHE H 261 -73.13 -47.96 -49.09
C PHE H 261 -73.32 -48.49 -50.50
N GLY H 262 -72.27 -48.52 -51.33
CA GLY H 262 -72.36 -49.13 -52.63
C GLY H 262 -72.12 -48.19 -53.78
N ALA H 263 -71.54 -47.03 -53.51
CA ALA H 263 -71.20 -46.08 -54.57
C ALA H 263 -69.85 -46.47 -55.15
N LYS H 264 -69.85 -46.89 -56.41
CA LYS H 264 -68.62 -47.23 -57.10
C LYS H 264 -67.66 -46.04 -57.11
N CYS H 265 -66.38 -46.32 -56.91
CA CYS H 265 -65.36 -45.34 -57.23
C CYS H 265 -65.04 -45.47 -58.72
N VAL H 266 -64.03 -44.74 -59.19
CA VAL H 266 -63.60 -44.84 -60.57
C VAL H 266 -62.20 -44.25 -60.72
N ALA H 267 -61.77 -43.45 -59.75
CA ALA H 267 -60.50 -42.77 -59.88
C ALA H 267 -59.99 -42.32 -58.51
N VAL H 268 -58.67 -42.18 -58.43
CA VAL H 268 -57.96 -41.73 -57.23
C VAL H 268 -56.68 -41.04 -57.69
N GLY H 269 -56.41 -39.87 -57.13
CA GLY H 269 -55.22 -39.12 -57.50
C GLY H 269 -54.56 -38.49 -56.29
N GLU H 270 -53.22 -38.44 -56.34
CA GLU H 270 -52.44 -37.83 -55.27
C GLU H 270 -51.55 -36.74 -55.84
N SER H 271 -50.48 -36.40 -55.11
CA SER H 271 -49.49 -35.41 -55.53
C SER H 271 -48.53 -35.93 -56.59
N ASP H 272 -48.76 -37.15 -57.09
CA ASP H 272 -47.92 -37.72 -58.15
C ASP H 272 -48.70 -37.85 -59.45
N GLY H 273 -49.68 -38.77 -59.50
CA GLY H 273 -50.48 -38.94 -60.69
C GLY H 273 -51.94 -39.20 -60.37
N SER H 274 -52.51 -40.26 -60.95
CA SER H 274 -53.90 -40.62 -60.71
C SER H 274 -54.11 -42.06 -61.16
N ILE H 275 -55.36 -42.52 -61.09
CA ILE H 275 -55.74 -43.90 -61.37
C ILE H 275 -57.04 -43.89 -62.17
N TRP H 276 -57.15 -44.81 -63.13
CA TRP H 276 -58.38 -44.96 -63.91
C TRP H 276 -58.82 -46.42 -63.84
N ASN H 277 -60.13 -46.61 -63.63
CA ASN H 277 -60.79 -47.91 -63.71
C ASN H 277 -62.30 -47.73 -63.61
N PRO H 278 -63.04 -47.95 -64.70
CA PRO H 278 -64.51 -47.82 -64.62
C PRO H 278 -65.17 -48.96 -63.86
N ASP H 279 -64.48 -50.09 -63.67
CA ASP H 279 -65.05 -51.18 -62.89
C ASP H 279 -65.18 -50.83 -61.42
N GLY H 280 -64.48 -49.79 -60.97
CA GLY H 280 -64.53 -49.41 -59.58
C GLY H 280 -63.40 -50.02 -58.78
N ILE H 281 -62.42 -49.19 -58.40
CA ILE H 281 -61.30 -49.63 -57.58
C ILE H 281 -61.83 -49.89 -56.17
N ASP H 282 -61.03 -50.58 -55.35
CA ASP H 282 -61.47 -51.02 -54.03
C ASP H 282 -60.48 -50.53 -52.98
N PRO H 283 -60.90 -49.63 -52.09
CA PRO H 283 -59.96 -49.14 -51.06
C PRO H 283 -59.43 -50.25 -50.17
N LYS H 284 -60.26 -51.27 -49.89
CA LYS H 284 -59.82 -52.37 -49.04
C LYS H 284 -58.57 -53.05 -49.56
N GLU H 285 -58.30 -52.96 -50.86
CA GLU H 285 -57.07 -53.53 -51.40
C GLU H 285 -55.94 -52.50 -51.42
N LEU H 286 -56.16 -51.36 -52.08
CA LEU H 286 -55.09 -50.39 -52.26
C LEU H 286 -54.89 -49.48 -51.07
N GLU H 287 -55.47 -49.80 -49.90
CA GLU H 287 -55.15 -49.03 -48.71
C GLU H 287 -53.75 -49.38 -48.19
N ASP H 288 -53.27 -50.60 -48.43
CA ASP H 288 -51.94 -51.01 -48.00
C ASP H 288 -50.86 -50.57 -48.98
N PHE H 289 -51.00 -49.36 -49.52
CA PHE H 289 -50.05 -48.72 -50.43
C PHE H 289 -49.42 -47.45 -49.88
N LYS H 290 -49.90 -46.89 -48.78
CA LYS H 290 -49.16 -45.78 -48.24
C LYS H 290 -47.86 -46.23 -47.57
N LEU H 291 -47.85 -46.33 -46.24
CA LEU H 291 -46.64 -46.68 -45.50
C LEU H 291 -46.17 -48.10 -45.76
N GLN H 292 -46.84 -48.86 -46.63
CA GLN H 292 -46.33 -50.14 -47.09
C GLN H 292 -45.25 -49.96 -48.15
N HIS H 293 -45.51 -49.12 -49.15
CA HIS H 293 -44.50 -48.72 -50.12
C HIS H 293 -43.98 -47.32 -49.86
N GLY H 294 -44.86 -46.31 -49.94
CA GLY H 294 -44.47 -44.96 -49.59
C GLY H 294 -45.21 -43.88 -50.35
N THR H 295 -45.69 -44.22 -51.55
CA THR H 295 -46.38 -43.28 -52.42
C THR H 295 -47.08 -44.07 -53.53
N ILE H 296 -48.32 -43.68 -53.83
CA ILE H 296 -49.08 -44.34 -54.88
C ILE H 296 -48.31 -44.25 -56.20
N LEU H 297 -48.40 -45.29 -57.02
CA LEU H 297 -47.74 -45.29 -58.32
C LEU H 297 -48.49 -46.20 -59.29
N GLY H 298 -49.45 -46.95 -58.78
CA GLY H 298 -50.18 -47.84 -59.67
C GLY H 298 -49.90 -49.30 -59.36
N PHE H 299 -51.00 -50.09 -59.36
CA PHE H 299 -51.16 -51.43 -58.81
C PHE H 299 -52.14 -52.23 -59.64
N PRO H 300 -52.26 -53.53 -59.34
CA PRO H 300 -53.31 -54.34 -59.96
C PRO H 300 -54.63 -53.60 -59.90
N LYS H 301 -55.38 -53.68 -61.01
CA LYS H 301 -56.55 -52.84 -61.29
C LYS H 301 -56.17 -51.37 -61.48
N ALA H 302 -55.22 -50.87 -60.71
CA ALA H 302 -54.83 -49.47 -60.77
C ALA H 302 -53.98 -49.22 -62.01
N LYS H 303 -54.54 -48.50 -62.98
CA LYS H 303 -53.83 -48.18 -64.20
C LYS H 303 -53.01 -46.90 -64.00
N ILE H 304 -52.00 -46.72 -64.86
CA ILE H 304 -51.19 -45.51 -64.84
C ILE H 304 -51.81 -44.53 -65.83
N TYR H 305 -52.24 -43.37 -65.32
CA TYR H 305 -52.98 -42.41 -66.11
C TYR H 305 -52.40 -41.01 -65.88
N GLU H 306 -52.44 -40.20 -66.94
CA GLU H 306 -51.92 -38.84 -66.92
C GLU H 306 -53.00 -37.91 -67.49
N GLY H 307 -52.75 -36.61 -67.38
CA GLY H 307 -53.71 -35.60 -67.78
C GLY H 307 -54.04 -34.70 -66.61
N SER H 308 -54.97 -35.13 -65.78
CA SER H 308 -55.23 -34.49 -64.49
C SER H 308 -55.87 -35.49 -63.55
N ILE H 309 -56.78 -35.00 -62.70
CA ILE H 309 -57.63 -35.86 -61.89
C ILE H 309 -59.09 -35.46 -61.99
N LEU H 310 -59.39 -34.21 -62.36
CA LEU H 310 -60.73 -33.66 -62.32
C LEU H 310 -61.54 -34.04 -63.56
N GLU H 311 -60.95 -33.84 -64.74
CA GLU H 311 -61.66 -33.96 -66.01
C GLU H 311 -62.17 -35.37 -66.29
N VAL H 312 -61.86 -36.35 -65.44
CA VAL H 312 -62.29 -37.72 -65.67
C VAL H 312 -63.81 -37.79 -65.61
N ASP H 313 -64.40 -38.47 -66.61
CA ASP H 313 -65.84 -38.69 -66.63
C ASP H 313 -66.27 -39.39 -65.34
N CYS H 314 -66.96 -38.65 -64.48
CA CYS H 314 -67.41 -39.16 -63.19
C CYS H 314 -68.63 -38.36 -62.78
N ASP H 315 -69.20 -38.71 -61.63
CA ASP H 315 -70.37 -37.99 -61.12
C ASP H 315 -70.04 -37.09 -59.95
N ILE H 316 -69.35 -37.59 -58.93
CA ILE H 316 -69.04 -36.82 -57.73
C ILE H 316 -67.54 -36.52 -57.74
N LEU H 317 -67.19 -35.24 -57.85
CA LEU H 317 -65.81 -34.81 -57.72
C LEU H 317 -65.59 -34.26 -56.32
N ILE H 318 -64.46 -34.63 -55.71
CA ILE H 318 -64.20 -34.25 -54.33
C ILE H 318 -62.72 -33.87 -54.17
N PRO H 319 -62.39 -32.58 -54.11
CA PRO H 319 -60.99 -32.18 -53.98
C PRO H 319 -60.49 -32.11 -52.53
N ALA H 320 -59.92 -33.20 -52.03
CA ALA H 320 -59.45 -33.27 -50.65
C ALA H 320 -57.92 -33.24 -50.57
N ALA H 321 -57.28 -32.37 -51.35
CA ALA H 321 -55.84 -32.22 -51.29
C ALA H 321 -55.57 -30.76 -50.94
N SER H 322 -54.81 -30.04 -51.78
CA SER H 322 -54.40 -28.67 -51.46
C SER H 322 -55.55 -27.69 -51.65
N GLU H 323 -55.23 -26.41 -51.68
CA GLU H 323 -56.21 -25.34 -51.87
C GLU H 323 -56.10 -24.78 -53.28
N LYS H 324 -57.24 -24.30 -53.80
CA LYS H 324 -57.34 -23.73 -55.14
C LYS H 324 -56.91 -24.72 -56.22
N GLN H 325 -57.83 -25.57 -56.67
CA GLN H 325 -57.62 -26.43 -57.82
C GLN H 325 -58.69 -26.26 -58.89
N LEU H 326 -59.61 -25.30 -58.73
CA LEU H 326 -60.67 -25.05 -59.69
C LEU H 326 -60.67 -23.57 -60.05
N THR H 327 -60.55 -23.28 -61.34
CA THR H 327 -60.45 -21.91 -61.82
C THR H 327 -60.73 -21.90 -63.32
N LYS H 328 -60.44 -20.78 -63.99
CA LYS H 328 -60.79 -20.63 -65.40
C LYS H 328 -60.14 -21.69 -66.27
N SER H 329 -58.92 -22.09 -65.93
CA SER H 329 -58.18 -23.03 -66.77
C SER H 329 -58.66 -24.46 -66.66
N ASN H 330 -59.69 -24.74 -65.84
CA ASN H 330 -60.21 -26.10 -65.76
C ASN H 330 -61.70 -26.15 -65.44
N ALA H 331 -62.29 -25.03 -65.01
CA ALA H 331 -63.72 -25.03 -64.68
C ALA H 331 -64.60 -25.33 -65.90
N PRO H 332 -64.45 -24.68 -67.06
CA PRO H 332 -65.41 -24.89 -68.15
C PRO H 332 -65.54 -26.34 -68.61
N ARG H 333 -64.63 -27.23 -68.23
CA ARG H 333 -64.85 -28.65 -68.54
C ARG H 333 -65.34 -29.39 -67.30
N VAL H 334 -64.55 -30.34 -66.81
CA VAL H 334 -64.91 -31.20 -65.69
C VAL H 334 -66.15 -32.02 -66.03
N LYS H 335 -65.94 -33.30 -66.36
CA LYS H 335 -67.03 -34.19 -66.73
C LYS H 335 -67.73 -34.75 -65.49
N ALA H 336 -68.05 -33.89 -64.53
CA ALA H 336 -68.77 -34.28 -63.33
C ALA H 336 -69.94 -33.33 -63.12
N LYS H 337 -70.97 -33.83 -62.43
CA LYS H 337 -72.19 -33.07 -62.22
C LYS H 337 -72.36 -32.56 -60.78
N ILE H 338 -71.47 -32.94 -59.87
CA ILE H 338 -71.54 -32.46 -58.50
C ILE H 338 -70.14 -32.48 -57.87
N ILE H 339 -69.76 -31.39 -57.23
CA ILE H 339 -68.44 -31.23 -56.62
C ILE H 339 -68.62 -30.99 -55.14
N ALA H 340 -68.09 -31.90 -54.32
CA ALA H 340 -68.11 -31.73 -52.88
C ALA H 340 -66.71 -31.35 -52.42
N GLU H 341 -66.60 -30.22 -51.72
CA GLU H 341 -65.31 -29.63 -51.34
C GLU H 341 -64.85 -30.26 -50.03
N GLY H 342 -63.87 -31.16 -50.13
CA GLY H 342 -63.26 -31.74 -48.94
C GLY H 342 -62.27 -30.79 -48.30
N ALA H 343 -61.30 -30.32 -49.07
CA ALA H 343 -60.34 -29.35 -48.58
C ALA H 343 -61.02 -28.00 -48.36
N ASN H 344 -60.30 -27.09 -47.69
CA ASN H 344 -60.84 -25.77 -47.42
C ASN H 344 -60.67 -24.89 -48.66
N GLY H 345 -61.77 -24.61 -49.34
CA GLY H 345 -61.81 -23.70 -50.46
C GLY H 345 -60.96 -24.11 -51.64
N PRO H 346 -61.36 -25.16 -52.35
CA PRO H 346 -60.70 -25.48 -53.63
C PRO H 346 -61.26 -24.69 -54.79
N THR H 347 -62.44 -24.10 -54.65
CA THR H 347 -63.08 -23.40 -55.75
C THR H 347 -62.94 -21.90 -55.56
N THR H 348 -62.60 -21.21 -56.64
CA THR H 348 -62.41 -19.78 -56.78
C THR H 348 -63.73 -19.13 -57.18
N PRO H 349 -64.00 -17.92 -56.70
CA PRO H 349 -65.24 -17.23 -57.09
C PRO H 349 -65.37 -17.04 -58.59
N GLU H 350 -64.25 -17.03 -59.32
CA GLU H 350 -64.28 -16.98 -60.77
C GLU H 350 -64.80 -18.26 -61.40
N ALA H 351 -64.91 -19.34 -60.62
CA ALA H 351 -65.30 -20.66 -61.14
C ALA H 351 -66.75 -21.02 -60.84
N ASP H 352 -67.26 -20.66 -59.65
CA ASP H 352 -68.68 -20.88 -59.37
C ASP H 352 -69.56 -20.27 -60.45
N LYS H 353 -69.21 -19.06 -60.90
CA LYS H 353 -69.95 -18.42 -61.98
C LYS H 353 -69.98 -19.29 -63.23
N ILE H 354 -69.06 -20.25 -63.35
CA ILE H 354 -69.07 -21.20 -64.45
C ILE H 354 -69.92 -22.41 -64.06
N PHE H 355 -69.57 -23.04 -62.92
CA PHE H 355 -70.32 -24.21 -62.46
C PHE H 355 -71.81 -23.90 -62.31
N LEU H 356 -72.13 -22.86 -61.53
CA LEU H 356 -73.53 -22.47 -61.35
C LEU H 356 -74.22 -22.25 -62.69
N GLU H 357 -73.49 -21.69 -63.65
CA GLU H 357 -74.02 -21.53 -65.00
C GLU H 357 -73.91 -22.80 -65.84
N ARG H 358 -73.27 -23.84 -65.32
CA ARG H 358 -73.25 -25.14 -65.99
C ARG H 358 -74.10 -26.17 -65.27
N ASN H 359 -75.03 -25.72 -64.42
CA ASN H 359 -75.85 -26.59 -63.58
C ASN H 359 -74.99 -27.67 -62.92
N ILE H 360 -74.03 -27.22 -62.12
CA ILE H 360 -73.17 -28.11 -61.34
C ILE H 360 -73.26 -27.68 -59.89
N MET H 361 -73.53 -28.64 -59.01
CA MET H 361 -73.73 -28.36 -57.59
C MET H 361 -72.41 -28.45 -56.85
N VAL H 362 -71.99 -27.34 -56.26
CA VAL H 362 -70.82 -27.32 -55.39
C VAL H 362 -71.32 -27.24 -53.95
N ILE H 363 -71.13 -28.32 -53.20
CA ILE H 363 -71.40 -28.33 -51.76
C ILE H 363 -70.26 -27.57 -51.09
N PRO H 364 -70.54 -26.46 -50.43
CA PRO H 364 -69.45 -25.59 -49.96
C PRO H 364 -68.61 -26.25 -48.89
N ASP H 365 -67.31 -25.91 -48.91
CA ASP H 365 -66.42 -26.33 -47.83
C ASP H 365 -66.94 -25.88 -46.48
N LEU H 366 -67.53 -24.69 -46.42
CA LEU H 366 -68.10 -24.16 -45.18
C LEU H 366 -69.01 -25.14 -44.46
N TYR H 367 -69.56 -26.12 -45.16
CA TYR H 367 -70.49 -27.07 -44.54
C TYR H 367 -70.00 -28.51 -44.59
N LEU H 368 -69.37 -28.93 -45.68
CA LEU H 368 -69.16 -30.36 -45.91
C LEU H 368 -68.12 -30.94 -44.94
N ASN H 369 -66.95 -30.32 -44.84
CA ASN H 369 -65.91 -30.84 -43.97
C ASN H 369 -65.98 -30.27 -42.55
N ALA H 370 -67.08 -29.60 -42.19
CA ALA H 370 -67.21 -29.06 -40.85
C ALA H 370 -67.31 -30.14 -39.78
N GLY H 371 -67.45 -31.41 -40.16
CA GLY H 371 -67.52 -32.48 -39.19
C GLY H 371 -66.21 -32.78 -38.49
N GLY H 372 -65.08 -32.45 -39.12
CA GLY H 372 -63.81 -32.62 -38.45
C GLY H 372 -63.72 -31.81 -37.17
N VAL H 373 -64.30 -30.61 -37.18
CA VAL H 373 -64.32 -29.78 -35.98
C VAL H 373 -65.55 -30.06 -35.12
N THR H 374 -66.68 -30.40 -35.73
CA THR H 374 -67.84 -30.84 -34.95
C THR H 374 -67.46 -31.97 -33.99
N VAL H 375 -66.60 -32.88 -34.45
CA VAL H 375 -66.08 -33.91 -33.57
C VAL H 375 -65.04 -33.34 -32.63
N SER H 376 -64.07 -32.60 -33.17
CA SER H 376 -63.10 -31.90 -32.32
C SER H 376 -63.79 -31.07 -31.26
N TYR H 377 -65.03 -30.62 -31.54
CA TYR H 377 -65.83 -29.98 -30.52
C TYR H 377 -66.19 -30.94 -29.40
N PHE H 378 -66.50 -32.19 -29.76
CA PHE H 378 -66.89 -33.18 -28.74
C PHE H 378 -65.72 -33.54 -27.84
N GLU H 379 -64.55 -33.81 -28.42
CA GLU H 379 -63.38 -34.13 -27.61
C GLU H 379 -63.09 -33.06 -26.57
N TRP H 380 -63.22 -31.79 -26.96
CA TRP H 380 -63.10 -30.69 -26.02
C TRP H 380 -64.07 -30.85 -24.85
N LEU H 381 -65.33 -31.15 -25.15
CA LEU H 381 -66.32 -31.37 -24.11
C LEU H 381 -66.03 -32.63 -23.30
N LYS H 382 -65.44 -33.65 -23.93
CA LYS H 382 -65.01 -34.84 -23.20
C LYS H 382 -64.02 -34.46 -22.11
N ASN H 383 -62.93 -33.78 -22.50
CA ASN H 383 -61.92 -33.36 -21.54
C ASN H 383 -62.52 -32.44 -20.47
N LEU H 384 -63.60 -31.71 -20.80
CA LEU H 384 -64.31 -30.93 -19.79
C LEU H 384 -65.16 -31.83 -18.90
N ASN H 385 -65.67 -32.94 -19.42
CA ASN H 385 -66.45 -33.88 -18.63
C ASN H 385 -65.59 -35.01 -18.06
N HIS H 386 -64.31 -35.07 -18.41
CA HIS H 386 -63.35 -36.05 -17.90
C HIS H 386 -63.85 -37.50 -17.89
N VAL H 387 -64.77 -37.84 -18.79
CA VAL H 387 -65.23 -39.22 -18.92
C VAL H 387 -65.36 -39.54 -20.40
N SER H 388 -65.16 -40.82 -20.72
CA SER H 388 -65.62 -41.32 -22.00
C SER H 388 -67.13 -41.24 -22.06
N TYR H 389 -67.65 -40.87 -23.22
CA TYR H 389 -69.09 -40.75 -23.38
C TYR H 389 -69.77 -42.09 -23.14
N GLY H 390 -70.76 -42.09 -22.25
CA GLY H 390 -71.44 -43.32 -21.90
C GLY H 390 -70.68 -44.23 -20.95
N ARG H 391 -69.66 -43.70 -20.26
CA ARG H 391 -68.92 -44.49 -19.28
C ARG H 391 -69.82 -45.07 -18.20
N LEU H 392 -70.97 -44.44 -17.96
CA LEU H 392 -71.91 -44.82 -16.93
C LEU H 392 -73.23 -45.31 -17.47
N THR H 393 -73.72 -44.68 -18.54
CA THR H 393 -75.04 -44.94 -19.10
C THR H 393 -75.00 -45.93 -20.25
N PHE H 394 -74.22 -47.00 -20.12
CA PHE H 394 -74.22 -48.08 -21.09
C PHE H 394 -74.93 -49.31 -20.57
N LYS H 395 -74.47 -49.89 -19.46
CA LYS H 395 -75.12 -51.08 -18.93
C LYS H 395 -76.49 -50.74 -18.35
N TYR H 396 -76.73 -49.50 -17.95
CA TYR H 396 -78.07 -49.11 -17.51
C TYR H 396 -79.05 -49.12 -18.68
N GLU H 397 -78.60 -48.73 -19.87
CA GLU H 397 -79.48 -48.76 -21.03
C GLU H 397 -79.62 -50.17 -21.58
N ARG H 398 -78.53 -50.94 -21.60
CA ARG H 398 -78.60 -52.32 -22.08
C ARG H 398 -79.57 -53.14 -21.22
N ASP H 399 -79.42 -53.07 -19.89
CA ASP H 399 -80.34 -53.80 -19.03
C ASP H 399 -81.74 -53.20 -19.08
N SER H 400 -81.87 -51.92 -19.45
CA SER H 400 -83.18 -51.35 -19.65
C SER H 400 -83.83 -51.89 -20.92
N ASN H 401 -83.03 -52.08 -21.98
CA ASN H 401 -83.56 -52.64 -23.22
C ASN H 401 -84.04 -54.08 -23.01
N TYR H 402 -83.14 -54.96 -22.55
CA TYR H 402 -83.55 -56.33 -22.25
C TYR H 402 -84.76 -56.38 -21.33
N HIS H 403 -84.89 -55.40 -20.44
CA HIS H 403 -86.08 -55.33 -19.59
C HIS H 403 -87.30 -54.84 -20.36
N LEU H 404 -87.10 -54.03 -21.40
CA LEU H 404 -88.22 -53.67 -22.27
C LEU H 404 -88.68 -54.88 -23.07
N LEU H 405 -87.77 -55.51 -23.82
CA LEU H 405 -88.14 -56.62 -24.69
C LEU H 405 -88.82 -57.73 -23.91
N MET H 406 -88.28 -58.08 -22.73
CA MET H 406 -88.91 -59.12 -21.93
C MET H 406 -90.20 -58.63 -21.27
N SER H 407 -90.30 -57.31 -21.04
CA SER H 407 -91.57 -56.76 -20.54
C SER H 407 -92.71 -57.03 -21.51
N VAL H 408 -92.40 -57.25 -22.78
CA VAL H 408 -93.42 -57.56 -23.78
C VAL H 408 -93.74 -59.05 -23.79
N GLN H 409 -92.70 -59.89 -23.88
CA GLN H 409 -92.89 -61.33 -23.88
C GLN H 409 -93.82 -61.77 -22.75
N GLU H 410 -93.56 -61.31 -21.54
CA GLU H 410 -94.41 -61.64 -20.41
C GLU H 410 -95.79 -60.99 -20.53
N SER H 411 -95.91 -59.88 -21.27
CA SER H 411 -97.21 -59.30 -21.57
C SER H 411 -97.95 -60.08 -22.65
N LEU H 412 -97.22 -60.78 -23.52
CA LEU H 412 -97.80 -61.59 -24.59
C LEU H 412 -98.03 -63.03 -24.15
N GLU H 413 -97.08 -63.60 -23.41
CA GLU H 413 -97.29 -64.86 -22.72
C GLU H 413 -98.36 -64.76 -21.62
N ARG H 414 -99.04 -63.60 -21.54
CA ARG H 414 -100.19 -63.44 -20.64
C ARG H 414 -101.47 -63.86 -21.35
N LYS H 415 -101.87 -63.11 -22.38
CA LYS H 415 -103.02 -63.51 -23.19
C LYS H 415 -102.83 -64.91 -23.74
N PHE H 416 -101.58 -65.30 -24.03
CA PHE H 416 -101.26 -66.68 -24.38
C PHE H 416 -101.19 -67.48 -23.09
N GLY H 417 -102.06 -68.49 -22.96
CA GLY H 417 -102.08 -69.30 -21.75
C GLY H 417 -100.76 -69.98 -21.42
N LYS H 418 -99.99 -70.34 -22.46
CA LYS H 418 -98.68 -70.95 -22.25
C LYS H 418 -97.65 -69.86 -21.92
N HIS H 419 -96.69 -70.22 -21.07
CA HIS H 419 -95.73 -69.28 -20.48
C HIS H 419 -94.32 -69.75 -20.81
N GLY H 420 -93.76 -69.23 -21.90
CA GLY H 420 -92.42 -69.58 -22.30
C GLY H 420 -92.26 -69.57 -23.80
N GLY H 421 -93.39 -69.74 -24.49
CA GLY H 421 -93.42 -69.82 -25.94
C GLY H 421 -92.82 -68.60 -26.64
N THR H 422 -93.50 -67.46 -26.55
CA THR H 422 -93.04 -66.26 -27.25
C THR H 422 -91.60 -65.95 -26.88
N ILE H 423 -90.80 -65.63 -27.90
CA ILE H 423 -89.41 -65.24 -27.66
C ILE H 423 -89.10 -63.99 -28.46
N PRO H 424 -89.53 -62.81 -28.00
CA PRO H 424 -88.93 -61.56 -28.47
C PRO H 424 -87.67 -61.15 -27.71
N ILE H 425 -87.09 -62.07 -26.95
CA ILE H 425 -85.86 -61.78 -26.21
C ILE H 425 -84.77 -61.32 -27.15
N VAL H 426 -84.59 -62.03 -28.25
CA VAL H 426 -83.46 -61.77 -29.15
C VAL H 426 -83.80 -60.59 -30.05
N PRO H 427 -82.95 -59.59 -30.11
CA PRO H 427 -83.16 -58.49 -31.06
C PRO H 427 -82.60 -58.85 -32.43
N THR H 428 -82.82 -57.95 -33.38
CA THR H 428 -82.30 -58.17 -34.72
C THR H 428 -80.79 -58.34 -34.67
N ALA H 429 -80.24 -58.89 -35.76
CA ALA H 429 -78.81 -59.16 -35.82
C ALA H 429 -77.99 -57.88 -35.65
N GLU H 430 -78.42 -56.79 -36.29
CA GLU H 430 -77.69 -55.53 -36.18
C GLU H 430 -77.75 -54.98 -34.76
N PHE H 431 -78.95 -54.94 -34.17
CA PHE H 431 -79.09 -54.35 -32.84
C PHE H 431 -78.30 -55.12 -31.80
N GLN H 432 -78.20 -56.44 -31.94
CA GLN H 432 -77.32 -57.20 -31.05
C GLN H 432 -75.90 -56.65 -31.10
N ASP H 433 -75.33 -56.53 -32.30
CA ASP H 433 -73.96 -56.05 -32.43
C ASP H 433 -73.81 -54.57 -32.08
N ARG H 434 -74.92 -53.81 -32.08
CA ARG H 434 -74.82 -52.42 -31.67
C ARG H 434 -74.64 -52.31 -30.16
N ILE H 435 -75.47 -53.01 -29.39
CA ILE H 435 -75.29 -53.01 -27.94
C ILE H 435 -74.15 -53.92 -27.50
N SER H 436 -73.77 -54.90 -28.33
CA SER H 436 -72.56 -55.67 -28.06
C SER H 436 -71.31 -54.81 -28.26
N GLY H 437 -71.22 -54.13 -29.40
CA GLY H 437 -70.12 -53.24 -29.66
C GLY H 437 -70.44 -51.80 -29.32
N ALA H 438 -71.11 -51.58 -28.19
CA ALA H 438 -71.46 -50.23 -27.74
C ALA H 438 -70.22 -49.57 -27.16
N SER H 439 -69.85 -48.42 -27.70
CA SER H 439 -68.66 -47.71 -27.26
C SER H 439 -68.86 -46.21 -27.50
N GLU H 440 -67.80 -45.44 -27.26
CA GLU H 440 -67.86 -44.00 -27.48
C GLU H 440 -67.92 -43.66 -28.97
N LYS H 441 -67.15 -44.39 -29.79
CA LYS H 441 -67.13 -44.13 -31.22
C LYS H 441 -68.54 -44.12 -31.82
N ASP H 442 -69.44 -44.94 -31.26
CA ASP H 442 -70.81 -44.98 -31.75
C ASP H 442 -71.49 -43.62 -31.57
N ILE H 443 -71.41 -43.06 -30.36
CA ILE H 443 -72.17 -41.83 -30.08
C ILE H 443 -71.60 -40.66 -30.87
N VAL H 444 -70.27 -40.62 -31.05
CA VAL H 444 -69.66 -39.55 -31.83
C VAL H 444 -70.17 -39.58 -33.27
N HIS H 445 -70.31 -40.78 -33.84
CA HIS H 445 -70.75 -40.89 -35.23
C HIS H 445 -72.19 -40.42 -35.40
N SER H 446 -73.02 -40.51 -34.37
CA SER H 446 -74.41 -40.13 -34.47
C SER H 446 -74.62 -38.64 -34.23
N GLY H 447 -74.00 -38.09 -33.17
CA GLY H 447 -73.97 -36.65 -33.00
C GLY H 447 -73.39 -35.95 -34.21
N LEU H 448 -72.46 -36.61 -34.91
CA LEU H 448 -71.97 -36.08 -36.17
C LEU H 448 -73.05 -36.08 -37.23
N ALA H 449 -73.85 -37.14 -37.28
CA ALA H 449 -74.88 -37.24 -38.32
C ALA H 449 -76.04 -36.28 -38.04
N TYR H 450 -76.50 -36.21 -36.79
CA TYR H 450 -77.62 -35.33 -36.48
C TYR H 450 -77.24 -33.86 -36.63
N THR H 451 -75.99 -33.51 -36.34
CA THR H 451 -75.54 -32.13 -36.52
C THR H 451 -75.63 -31.72 -37.99
N MET H 452 -75.06 -32.54 -38.88
CA MET H 452 -74.98 -32.19 -40.29
C MET H 452 -76.32 -32.31 -40.99
N GLU H 453 -77.08 -33.37 -40.69
CA GLU H 453 -78.43 -33.49 -41.23
C GLU H 453 -79.25 -32.25 -40.95
N ARG H 454 -79.15 -31.72 -39.72
CA ARG H 454 -79.87 -30.50 -39.38
C ARG H 454 -79.25 -29.27 -40.05
N SER H 455 -77.94 -29.29 -40.27
CA SER H 455 -77.29 -28.15 -40.92
C SER H 455 -77.71 -28.05 -42.39
N ALA H 456 -77.59 -29.16 -43.13
CA ALA H 456 -78.06 -29.18 -44.51
C ALA H 456 -79.50 -28.72 -44.61
N ARG H 457 -80.35 -29.18 -43.69
CA ARG H 457 -81.75 -28.76 -43.67
C ARG H 457 -81.88 -27.27 -43.39
N GLN H 458 -80.95 -26.69 -42.62
CA GLN H 458 -80.97 -25.24 -42.35
C GLN H 458 -80.45 -24.43 -43.52
N ILE H 459 -79.80 -25.05 -44.50
CA ILE H 459 -79.33 -24.37 -45.70
C ILE H 459 -80.33 -24.52 -46.83
N MET H 460 -80.77 -25.75 -47.09
CA MET H 460 -81.81 -26.01 -48.08
C MET H 460 -83.06 -25.18 -47.81
N ARG H 461 -83.31 -24.83 -46.55
CA ARG H 461 -84.41 -23.94 -46.21
C ARG H 461 -84.08 -22.48 -46.54
N THR H 462 -82.87 -22.03 -46.22
CA THR H 462 -82.51 -20.66 -46.55
C THR H 462 -82.27 -20.50 -48.05
N ALA H 463 -81.91 -21.58 -48.74
CA ALA H 463 -81.63 -21.50 -50.17
C ALA H 463 -82.90 -21.25 -50.97
N MET H 464 -83.93 -22.06 -50.75
CA MET H 464 -85.17 -21.91 -51.51
C MET H 464 -86.04 -20.77 -51.01
N LYS H 465 -85.55 -19.96 -50.08
CA LYS H 465 -86.18 -18.68 -49.78
C LYS H 465 -85.65 -17.58 -50.68
N TYR H 466 -84.42 -17.73 -51.18
CA TYR H 466 -83.78 -16.75 -52.05
C TYR H 466 -83.49 -17.30 -53.44
N ASN H 467 -84.06 -18.45 -53.79
CA ASN H 467 -84.02 -18.97 -55.16
C ASN H 467 -82.59 -19.12 -55.68
N LEU H 468 -81.66 -19.47 -54.78
CA LEU H 468 -80.29 -19.73 -55.19
C LEU H 468 -80.12 -21.13 -55.77
N GLY H 469 -80.96 -22.08 -55.35
CA GLY H 469 -80.98 -23.41 -55.94
C GLY H 469 -79.68 -24.18 -55.94
N LEU H 470 -78.71 -23.73 -56.73
CA LEU H 470 -77.46 -24.45 -56.91
C LEU H 470 -76.24 -23.71 -56.37
N ASP H 471 -76.38 -22.44 -55.99
CA ASP H 471 -75.26 -21.69 -55.42
C ASP H 471 -75.32 -21.79 -53.89
N LEU H 472 -75.17 -23.02 -53.40
CA LEU H 472 -75.20 -23.27 -51.97
C LEU H 472 -74.15 -22.46 -51.22
N ARG H 473 -73.09 -22.05 -51.93
CA ARG H 473 -72.04 -21.20 -51.36
C ARG H 473 -72.64 -19.95 -50.74
N THR H 474 -73.25 -19.12 -51.58
CA THR H 474 -73.87 -17.89 -51.10
C THR H 474 -75.00 -18.18 -50.12
N ALA H 475 -75.59 -19.38 -50.17
CA ALA H 475 -76.60 -19.77 -49.20
C ALA H 475 -75.99 -20.30 -47.90
N ALA H 476 -74.68 -20.56 -47.88
CA ALA H 476 -74.03 -21.01 -46.65
C ALA H 476 -73.64 -19.81 -45.80
N TYR H 477 -72.85 -18.89 -46.36
CA TYR H 477 -72.43 -17.71 -45.62
C TYR H 477 -73.63 -16.88 -45.19
N VAL H 478 -74.68 -16.87 -46.00
CA VAL H 478 -75.89 -16.14 -45.64
C VAL H 478 -76.49 -16.71 -44.35
N ASN H 479 -76.36 -18.03 -44.16
CA ASN H 479 -76.94 -18.68 -42.99
C ASN H 479 -76.08 -18.44 -41.74
N ALA H 480 -74.77 -18.30 -41.92
CA ALA H 480 -73.87 -18.10 -40.79
C ALA H 480 -73.89 -16.66 -40.31
N ILE H 481 -73.85 -15.70 -41.23
CA ILE H 481 -73.86 -14.28 -40.86
C ILE H 481 -75.10 -13.96 -40.05
N GLU H 482 -76.24 -14.54 -40.43
CA GLU H 482 -77.47 -14.39 -39.64
C GLU H 482 -77.26 -14.88 -38.21
N LYS H 483 -76.55 -16.01 -38.06
CA LYS H 483 -76.27 -16.53 -36.73
C LYS H 483 -75.29 -15.64 -35.98
N VAL H 484 -74.17 -15.30 -36.62
CA VAL H 484 -73.16 -14.46 -35.96
C VAL H 484 -73.72 -13.09 -35.63
N PHE H 485 -74.71 -12.62 -36.41
CA PHE H 485 -75.28 -11.31 -36.16
C PHE H 485 -76.03 -11.26 -34.84
N ARG H 486 -77.08 -12.08 -34.70
CA ARG H 486 -77.93 -12.02 -33.51
C ARG H 486 -77.15 -12.20 -32.22
N VAL H 487 -75.98 -12.85 -32.28
CA VAL H 487 -75.09 -12.89 -31.12
C VAL H 487 -74.72 -11.46 -30.70
N TYR H 488 -74.08 -10.72 -31.61
CA TYR H 488 -73.69 -9.34 -31.33
C TYR H 488 -74.88 -8.50 -30.91
N ASN H 489 -75.99 -8.62 -31.65
CA ASN H 489 -77.13 -7.74 -31.44
C ASN H 489 -77.69 -7.85 -30.03
N GLU H 490 -78.04 -9.06 -29.62
CA GLU H 490 -78.61 -9.23 -28.29
C GLU H 490 -77.58 -9.08 -27.18
N ALA H 491 -76.32 -8.81 -27.51
CA ALA H 491 -75.31 -8.48 -26.51
C ALA H 491 -75.06 -6.98 -26.40
N GLY H 492 -75.30 -6.23 -27.47
CA GLY H 492 -75.14 -4.79 -27.43
C GLY H 492 -73.67 -4.37 -27.48
N VAL H 493 -73.47 -3.06 -27.56
CA VAL H 493 -72.13 -2.49 -27.59
C VAL H 493 -71.55 -2.48 -26.18
N THR H 494 -70.42 -3.17 -26.00
CA THR H 494 -69.75 -3.18 -24.71
C THR H 494 -69.05 -1.84 -24.49
N PHE H 495 -69.35 -1.21 -23.36
CA PHE H 495 -68.60 -0.06 -22.89
C PHE H 495 -67.58 -0.56 -21.87
N THR H 496 -66.31 -0.21 -22.09
CA THR H 496 -65.23 -0.65 -21.21
C THR H 496 -64.16 0.43 -21.05
N ASP I 1 -15.74 -39.63 15.69
CA ASP I 1 -16.58 -40.12 14.59
C ASP I 1 -17.93 -39.39 14.59
N PRO I 2 -18.47 -39.12 13.40
CA PRO I 2 -19.66 -38.26 13.30
C PRO I 2 -20.97 -38.88 13.78
N ASN I 3 -21.57 -39.78 12.99
CA ASN I 3 -22.95 -40.21 13.18
C ASN I 3 -23.83 -38.97 13.05
N PHE I 4 -24.57 -38.57 14.07
CA PHE I 4 -25.22 -37.26 14.15
C PHE I 4 -26.25 -37.02 13.06
N PHE I 5 -27.49 -37.39 13.33
CA PHE I 5 -28.64 -36.89 12.58
C PHE I 5 -29.04 -35.56 13.23
N LYS I 6 -29.48 -35.63 14.48
CA LYS I 6 -29.92 -34.49 15.27
C LYS I 6 -28.73 -33.68 15.77
N MET I 7 -27.88 -33.21 14.87
CA MET I 7 -26.72 -32.43 15.29
C MET I 7 -27.15 -31.18 16.05
N VAL I 8 -28.09 -30.43 15.47
CA VAL I 8 -28.45 -29.13 16.02
C VAL I 8 -29.53 -29.26 17.09
N GLU I 9 -30.38 -30.28 16.99
CA GLU I 9 -31.56 -30.36 17.87
C GLU I 9 -31.17 -30.47 19.33
N GLY I 10 -29.93 -30.86 19.62
CA GLY I 10 -29.46 -30.82 21.00
C GLY I 10 -29.16 -29.41 21.46
N PHE I 11 -28.39 -28.65 20.67
CA PHE I 11 -28.06 -27.26 21.02
C PHE I 11 -29.31 -26.48 21.38
N PHE I 12 -30.40 -26.72 20.66
CA PHE I 12 -31.70 -26.18 21.03
C PHE I 12 -32.09 -26.65 22.43
N ASP I 13 -32.14 -27.97 22.63
CA ASP I 13 -32.57 -28.53 23.91
C ASP I 13 -31.79 -27.93 25.06
N ARG I 14 -30.47 -27.78 24.90
CA ARG I 14 -29.68 -27.10 25.91
C ARG I 14 -29.89 -25.59 25.87
N GLY I 15 -30.05 -25.03 24.66
CA GLY I 15 -30.41 -23.63 24.56
C GLY I 15 -31.82 -23.32 25.04
N ALA I 16 -32.71 -24.31 25.04
CA ALA I 16 -34.08 -24.09 25.47
C ALA I 16 -34.21 -24.04 26.98
N SER I 17 -33.36 -24.79 27.70
CA SER I 17 -33.54 -24.93 29.14
C SER I 17 -33.30 -23.61 29.87
N ILE I 18 -32.46 -22.74 29.32
CA ILE I 18 -32.04 -21.54 30.04
C ILE I 18 -33.15 -20.50 30.02
N VAL I 19 -33.72 -20.22 28.85
CA VAL I 19 -34.71 -19.15 28.73
C VAL I 19 -36.06 -19.51 29.30
N GLU I 20 -36.34 -20.79 29.54
CA GLU I 20 -37.60 -21.23 30.14
C GLU I 20 -37.97 -20.34 31.33
N ASP I 21 -36.96 -19.82 32.01
CA ASP I 21 -37.20 -18.97 33.18
C ASP I 21 -37.70 -17.59 32.78
N LYS I 22 -36.89 -16.84 32.02
CA LYS I 22 -37.25 -15.45 31.74
C LYS I 22 -38.44 -15.35 30.79
N LEU I 23 -38.75 -16.42 30.05
CA LEU I 23 -39.92 -16.41 29.18
C LEU I 23 -41.21 -16.29 29.98
N VAL I 24 -41.40 -17.17 30.97
CA VAL I 24 -42.58 -17.09 31.81
C VAL I 24 -42.55 -15.85 32.69
N GLU I 25 -41.37 -15.25 32.86
CA GLU I 25 -41.25 -13.99 33.59
C GLU I 25 -41.63 -12.80 32.72
N ASP I 26 -40.98 -12.68 31.56
CA ASP I 26 -41.24 -11.56 30.66
C ASP I 26 -42.68 -11.53 30.17
N LEU I 27 -43.31 -12.70 30.04
CA LEU I 27 -44.66 -12.75 29.50
C LEU I 27 -45.63 -12.05 30.44
N LYS I 28 -46.45 -11.17 29.88
CA LYS I 28 -47.39 -10.34 30.63
C LYS I 28 -48.79 -10.60 30.09
N THR I 29 -49.55 -11.46 30.77
CA THR I 29 -50.92 -11.74 30.41
C THR I 29 -51.67 -12.16 31.67
N ARG I 30 -52.99 -12.26 31.55
CA ARG I 30 -53.83 -12.71 32.66
C ARG I 30 -53.82 -14.22 32.84
N GLU I 31 -53.02 -14.94 32.06
CA GLU I 31 -52.91 -16.39 32.21
C GLU I 31 -52.47 -16.70 33.63
N THR I 32 -51.19 -16.53 33.92
CA THR I 32 -50.65 -16.60 35.28
C THR I 32 -50.99 -17.88 36.02
N GLU I 33 -50.30 -18.97 35.69
CA GLU I 33 -50.33 -20.21 36.45
C GLU I 33 -48.94 -20.82 36.43
N GLU I 34 -48.84 -22.07 36.88
CA GLU I 34 -47.74 -22.92 36.47
C GLU I 34 -47.95 -23.46 35.07
N GLN I 35 -49.13 -23.23 34.49
CA GLN I 35 -49.46 -23.69 33.15
C GLN I 35 -48.80 -22.87 32.05
N LYS I 36 -48.26 -21.69 32.38
CA LYS I 36 -47.51 -20.97 31.36
C LYS I 36 -46.18 -21.64 31.03
N ARG I 37 -45.82 -22.71 31.74
CA ARG I 37 -44.72 -23.55 31.29
C ARG I 37 -45.18 -24.55 30.24
N ASN I 38 -46.40 -25.08 30.39
CA ASN I 38 -46.97 -25.91 29.34
C ASN I 38 -47.16 -25.12 28.06
N ARG I 39 -47.53 -23.84 28.18
CA ARG I 39 -47.53 -22.94 27.03
C ARG I 39 -46.14 -22.90 26.38
N VAL I 40 -45.13 -22.48 27.15
CA VAL I 40 -43.78 -22.33 26.61
C VAL I 40 -43.25 -23.67 26.11
N ARG I 41 -43.15 -24.65 27.01
CA ARG I 41 -42.62 -25.95 26.60
C ARG I 41 -43.50 -26.65 25.58
N GLY I 42 -44.69 -26.11 25.31
CA GLY I 42 -45.46 -26.53 24.15
C GLY I 42 -45.02 -25.79 22.90
N ILE I 43 -44.84 -24.47 23.01
CA ILE I 43 -44.43 -23.67 21.85
C ILE I 43 -43.06 -24.14 21.35
N LEU I 44 -42.13 -24.41 22.27
CA LEU I 44 -40.80 -24.86 21.87
C LEU I 44 -40.88 -26.15 21.06
N ARG I 45 -41.72 -27.09 21.46
CA ARG I 45 -41.86 -28.34 20.72
C ARG I 45 -42.44 -28.14 19.34
N ILE I 46 -42.97 -26.95 19.03
CA ILE I 46 -43.41 -26.64 17.68
C ILE I 46 -42.25 -26.12 16.85
N ILE I 47 -41.30 -25.45 17.49
CA ILE I 47 -40.21 -24.79 16.75
C ILE I 47 -39.10 -25.77 16.40
N LYS I 48 -38.87 -26.78 17.24
CA LYS I 48 -37.84 -27.78 17.00
C LYS I 48 -38.00 -28.43 15.62
N PRO I 49 -39.16 -29.01 15.29
CA PRO I 49 -39.26 -29.77 14.04
C PRO I 49 -39.59 -28.89 12.83
N CYS I 50 -39.32 -29.47 11.66
CA CYS I 50 -39.64 -28.82 10.39
C CYS I 50 -41.10 -29.05 10.06
N ASN I 51 -41.88 -27.97 9.93
CA ASN I 51 -43.31 -28.09 9.68
C ASN I 51 -43.58 -28.79 8.35
N HIS I 52 -42.73 -28.54 7.34
CA HIS I 52 -42.93 -29.09 6.01
C HIS I 52 -41.60 -29.60 5.47
N VAL I 53 -41.60 -30.84 4.97
CA VAL I 53 -40.46 -31.40 4.25
C VAL I 53 -40.92 -32.33 3.14
N LEU I 54 -40.62 -31.95 1.89
CA LEU I 54 -41.05 -32.67 0.71
C LEU I 54 -39.92 -33.53 0.19
N SER I 55 -40.26 -34.75 -0.23
CA SER I 55 -39.30 -35.68 -0.80
C SER I 55 -39.68 -35.89 -2.27
N LEU I 56 -38.74 -35.65 -3.17
CA LEU I 56 -39.03 -35.56 -4.60
C LEU I 56 -38.38 -36.71 -5.35
N SER I 57 -38.78 -36.87 -6.61
CA SER I 57 -38.35 -37.99 -7.44
C SER I 57 -38.70 -37.75 -8.91
N PHE I 58 -37.81 -37.07 -9.64
CA PHE I 58 -38.10 -36.68 -11.00
C PHE I 58 -37.05 -37.25 -11.95
N PRO I 59 -37.42 -37.51 -13.20
CA PRO I 59 -36.46 -38.05 -14.17
C PRO I 59 -35.90 -37.00 -15.12
N ILE I 60 -34.77 -37.30 -15.76
CA ILE I 60 -34.18 -36.47 -16.80
C ILE I 60 -33.63 -37.38 -17.90
N ARG I 61 -32.96 -36.76 -18.87
CA ARG I 61 -32.38 -37.48 -20.01
C ARG I 61 -30.93 -37.05 -20.17
N ARG I 62 -30.00 -37.97 -19.94
CA ARG I 62 -28.58 -37.68 -20.12
C ARG I 62 -28.24 -37.42 -21.58
N ASP I 63 -26.99 -37.05 -21.84
CA ASP I 63 -26.56 -36.77 -23.20
C ASP I 63 -26.43 -38.04 -24.04
N ASP I 64 -26.33 -39.21 -23.40
CA ASP I 64 -26.32 -40.46 -24.14
C ASP I 64 -27.69 -40.76 -24.72
N GLY I 65 -28.71 -40.76 -23.86
CA GLY I 65 -30.04 -41.19 -24.21
C GLY I 65 -30.60 -42.01 -23.07
N SER I 66 -29.72 -42.34 -22.12
CA SER I 66 -30.09 -43.07 -20.93
C SER I 66 -31.12 -42.29 -20.11
N TRP I 67 -31.82 -43.00 -19.23
CA TRP I 67 -32.80 -42.42 -18.32
C TRP I 67 -32.34 -42.63 -16.89
N GLU I 68 -32.28 -41.54 -16.13
CA GLU I 68 -31.81 -41.56 -14.74
C GLU I 68 -32.82 -40.85 -13.86
N VAL I 69 -33.36 -41.57 -12.88
CA VAL I 69 -34.22 -40.96 -11.88
C VAL I 69 -33.37 -40.22 -10.86
N ILE I 70 -33.87 -39.08 -10.38
CA ILE I 70 -33.12 -38.20 -9.50
C ILE I 70 -33.93 -37.96 -8.24
N GLU I 71 -33.39 -38.35 -7.10
CA GLU I 71 -33.99 -38.01 -5.82
C GLU I 71 -33.56 -36.62 -5.40
N GLY I 72 -34.49 -35.89 -4.80
CA GLY I 72 -34.22 -34.57 -4.26
C GLY I 72 -35.12 -34.28 -3.10
N TYR I 73 -34.65 -33.46 -2.17
CA TYR I 73 -35.40 -33.13 -0.98
C TYR I 73 -35.41 -31.62 -0.77
N ARG I 74 -36.41 -31.14 -0.05
CA ARG I 74 -36.40 -29.80 0.50
C ARG I 74 -37.24 -29.79 1.77
N ALA I 75 -36.81 -28.99 2.75
CA ALA I 75 -37.45 -28.94 4.07
C ALA I 75 -37.65 -27.50 4.47
N GLN I 76 -38.90 -27.11 4.71
CA GLN I 76 -39.23 -25.80 5.24
C GLN I 76 -39.31 -25.91 6.76
N HIS I 77 -38.36 -25.29 7.46
CA HIS I 77 -38.37 -25.39 8.91
C HIS I 77 -39.57 -24.69 9.52
N SER I 78 -39.46 -23.37 9.66
CA SER I 78 -40.51 -22.57 10.26
C SER I 78 -41.15 -21.69 9.20
N GLN I 79 -42.39 -21.31 9.45
CA GLN I 79 -43.13 -20.38 8.59
C GLN I 79 -43.64 -19.19 9.39
N HIS I 80 -42.97 -18.88 10.52
CA HIS I 80 -43.30 -17.69 11.30
C HIS I 80 -42.96 -16.41 10.53
N ARG I 81 -41.92 -16.44 9.72
CA ARG I 81 -41.61 -15.35 8.81
C ARG I 81 -42.06 -15.75 7.41
N THR I 82 -42.72 -14.81 6.72
CA THR I 82 -43.56 -15.19 5.58
C THR I 82 -42.79 -15.96 4.51
N PRO I 83 -41.59 -15.53 4.04
CA PRO I 83 -40.88 -16.37 3.07
C PRO I 83 -39.87 -17.27 3.76
N CYS I 84 -39.76 -18.52 3.32
CA CYS I 84 -38.69 -19.37 3.80
C CYS I 84 -37.43 -19.12 2.98
N LYS I 85 -36.29 -19.55 3.52
CA LYS I 85 -35.01 -19.18 2.95
C LYS I 85 -33.98 -20.27 3.24
N GLY I 86 -33.10 -20.52 2.29
CA GLY I 86 -32.03 -21.48 2.45
C GLY I 86 -31.57 -22.03 1.12
N GLY I 87 -30.27 -22.34 1.04
CA GLY I 87 -29.66 -22.80 -0.18
C GLY I 87 -29.94 -24.26 -0.48
N ILE I 88 -29.38 -24.73 -1.61
CA ILE I 88 -29.54 -26.09 -2.06
C ILE I 88 -28.17 -26.67 -2.40
N ARG I 89 -28.07 -28.00 -2.32
CA ARG I 89 -26.78 -28.68 -2.38
C ARG I 89 -26.80 -29.82 -3.38
N TYR I 90 -25.65 -30.02 -4.05
CA TYR I 90 -25.47 -31.03 -5.09
C TYR I 90 -24.35 -31.98 -4.68
N SER I 91 -24.69 -32.97 -3.85
CA SER I 91 -23.74 -34.02 -3.54
C SER I 91 -24.51 -35.27 -3.11
N THR I 92 -23.88 -36.43 -3.32
CA THR I 92 -24.46 -37.70 -2.91
C THR I 92 -24.65 -37.77 -1.41
N ASP I 93 -23.95 -36.91 -0.66
CA ASP I 93 -24.10 -36.83 0.80
C ASP I 93 -25.52 -36.48 1.22
N VAL I 94 -26.31 -35.89 0.31
CA VAL I 94 -27.62 -35.35 0.67
C VAL I 94 -28.51 -36.44 1.23
N SER I 95 -29.10 -36.18 2.40
CA SER I 95 -30.05 -37.08 3.03
C SER I 95 -31.24 -36.28 3.55
N VAL I 96 -32.33 -37.00 3.80
CA VAL I 96 -33.51 -36.38 4.40
C VAL I 96 -33.12 -35.66 5.69
N ASP I 97 -32.55 -36.41 6.63
CA ASP I 97 -32.18 -35.84 7.92
C ASP I 97 -31.09 -34.78 7.81
N GLU I 98 -30.38 -34.72 6.68
CA GLU I 98 -29.40 -33.66 6.48
C GLU I 98 -30.11 -32.32 6.35
N VAL I 99 -30.81 -32.11 5.23
CA VAL I 99 -31.54 -30.86 5.04
C VAL I 99 -32.64 -30.70 6.06
N LYS I 100 -33.10 -31.80 6.68
CA LYS I 100 -34.01 -31.67 7.81
C LYS I 100 -33.36 -30.94 8.97
N ALA I 101 -32.06 -31.11 9.15
CA ALA I 101 -31.33 -30.45 10.23
C ALA I 101 -30.76 -29.11 9.78
N LEU I 102 -30.23 -29.03 8.56
CA LEU I 102 -29.64 -27.79 8.07
C LEU I 102 -30.69 -26.69 7.92
N ALA I 103 -31.93 -27.06 7.60
CA ALA I 103 -33.01 -26.07 7.53
C ALA I 103 -33.33 -25.52 8.90
N SER I 104 -33.45 -26.40 9.90
CA SER I 104 -33.58 -25.95 11.29
C SER I 104 -32.55 -24.88 11.61
N LEU I 105 -31.29 -25.13 11.23
CA LEU I 105 -30.21 -24.20 11.53
C LEU I 105 -30.43 -22.85 10.86
N MET I 106 -30.86 -22.85 9.59
CA MET I 106 -31.00 -21.59 8.85
C MET I 106 -32.10 -20.70 9.44
N THR I 107 -33.05 -21.26 10.18
CA THR I 107 -34.09 -20.46 10.80
C THR I 107 -33.52 -19.55 11.88
N TYR I 108 -32.71 -20.14 12.77
CA TYR I 108 -32.13 -19.37 13.86
C TYR I 108 -31.00 -18.48 13.38
N LYS I 109 -30.28 -18.92 12.35
CA LYS I 109 -29.23 -18.10 11.74
C LYS I 109 -29.79 -16.75 11.28
N CYS I 110 -30.94 -16.78 10.59
CA CYS I 110 -31.61 -15.56 10.17
C CYS I 110 -32.23 -14.80 11.33
N ALA I 111 -32.32 -15.42 12.52
CA ALA I 111 -32.89 -14.76 13.68
C ALA I 111 -31.86 -14.00 14.49
N VAL I 112 -30.60 -14.45 14.47
CA VAL I 112 -29.54 -13.75 15.20
C VAL I 112 -29.26 -12.39 14.56
N VAL I 113 -29.26 -12.35 13.23
CA VAL I 113 -28.94 -11.14 12.49
C VAL I 113 -30.19 -10.37 12.08
N ASP I 114 -31.35 -10.70 12.66
CA ASP I 114 -32.61 -9.99 12.44
C ASP I 114 -32.94 -9.89 10.95
N VAL I 115 -33.25 -11.05 10.37
CA VAL I 115 -33.68 -11.15 8.97
C VAL I 115 -35.01 -11.88 8.94
N PRO I 116 -36.05 -11.32 8.31
CA PRO I 116 -37.42 -11.85 8.42
C PRO I 116 -37.70 -13.07 7.56
N PHE I 117 -36.88 -14.10 7.69
CA PHE I 117 -37.02 -15.32 6.90
C PHE I 117 -37.20 -16.53 7.80
N GLY I 118 -38.13 -17.41 7.42
CA GLY I 118 -38.16 -18.75 7.97
C GLY I 118 -37.13 -19.65 7.32
N GLY I 119 -36.74 -20.70 8.04
CA GLY I 119 -35.67 -21.55 7.56
C GLY I 119 -36.13 -22.57 6.53
N ALA I 120 -35.28 -22.79 5.53
CA ALA I 120 -35.51 -23.81 4.53
C ALA I 120 -34.15 -24.31 4.05
N LYS I 121 -34.16 -25.46 3.39
CA LYS I 121 -32.94 -26.01 2.83
C LYS I 121 -33.29 -27.22 1.97
N ALA I 122 -32.52 -27.40 0.89
CA ALA I 122 -32.77 -28.48 -0.05
C ALA I 122 -31.44 -29.12 -0.46
N GLY I 123 -31.55 -30.23 -1.16
CA GLY I 123 -30.40 -30.97 -1.66
C GLY I 123 -30.77 -32.00 -2.70
N VAL I 124 -29.84 -32.34 -3.58
CA VAL I 124 -30.08 -33.28 -4.66
C VAL I 124 -28.99 -34.35 -4.62
N LYS I 125 -29.39 -35.59 -4.37
CA LYS I 125 -28.46 -36.71 -4.28
C LYS I 125 -27.84 -37.02 -5.64
N ILE I 126 -26.93 -36.16 -6.10
CA ILE I 126 -26.17 -36.40 -7.34
C ILE I 126 -24.72 -36.07 -7.07
N ASN I 127 -23.90 -36.04 -8.12
CA ASN I 127 -22.52 -35.59 -7.94
C ASN I 127 -22.14 -34.76 -9.16
N PRO I 128 -21.81 -33.48 -8.96
CA PRO I 128 -21.69 -32.56 -10.10
C PRO I 128 -20.53 -32.86 -11.04
N LYS I 129 -19.59 -33.70 -10.64
CA LYS I 129 -18.45 -33.99 -11.51
C LYS I 129 -18.79 -35.03 -12.57
N ASN I 130 -19.86 -35.82 -12.35
CA ASN I 130 -20.27 -36.89 -13.24
C ASN I 130 -21.19 -36.41 -14.36
N TYR I 131 -21.69 -35.18 -14.29
CA TYR I 131 -22.61 -34.65 -15.28
C TYR I 131 -21.96 -33.48 -15.99
N THR I 132 -22.47 -33.15 -17.17
CA THR I 132 -21.94 -32.06 -17.95
C THR I 132 -22.69 -30.76 -17.63
N ASP I 133 -22.22 -29.66 -18.21
CA ASP I 133 -22.97 -28.40 -18.12
C ASP I 133 -24.35 -28.56 -18.71
N ASN I 134 -24.44 -29.06 -19.94
CA ASN I 134 -25.73 -29.28 -20.58
C ASN I 134 -26.57 -30.29 -19.80
N GLU I 135 -25.92 -31.24 -19.12
CA GLU I 135 -26.66 -32.19 -18.30
C GLU I 135 -27.15 -31.58 -17.00
N LEU I 136 -26.40 -30.62 -16.45
CA LEU I 136 -26.75 -30.07 -15.15
C LEU I 136 -27.84 -29.01 -15.26
N GLU I 137 -27.97 -28.36 -16.42
CA GLU I 137 -29.03 -27.36 -16.60
C GLU I 137 -30.41 -27.98 -16.45
N LYS I 138 -30.65 -29.11 -17.11
CA LYS I 138 -31.98 -29.71 -17.09
C LYS I 138 -32.31 -30.34 -15.74
N ILE I 139 -31.32 -30.59 -14.90
CA ILE I 139 -31.61 -31.04 -13.53
C ILE I 139 -32.22 -29.91 -12.72
N THR I 140 -31.50 -28.79 -12.60
CA THR I 140 -32.01 -27.63 -11.88
C THR I 140 -33.36 -27.20 -12.42
N ARG I 141 -33.41 -26.87 -13.71
CA ARG I 141 -34.64 -26.34 -14.30
C ARG I 141 -35.86 -27.20 -13.97
N ARG I 142 -35.71 -28.52 -14.05
CA ARG I 142 -36.86 -29.37 -13.75
C ARG I 142 -37.07 -29.50 -12.24
N PHE I 143 -36.00 -29.53 -11.45
CA PHE I 143 -36.15 -29.51 -10.01
C PHE I 143 -36.92 -28.26 -9.57
N THR I 144 -36.69 -27.14 -10.24
CA THR I 144 -37.46 -25.92 -10.00
C THR I 144 -38.95 -26.16 -10.22
N MET I 145 -39.32 -26.52 -11.45
CA MET I 145 -40.70 -26.83 -11.82
C MET I 145 -41.40 -27.72 -10.81
N GLU I 146 -40.67 -28.71 -10.29
CA GLU I 146 -41.25 -29.70 -9.41
C GLU I 146 -41.45 -29.16 -8.00
N LEU I 147 -40.81 -28.05 -7.65
CA LEU I 147 -41.02 -27.39 -6.37
C LEU I 147 -42.09 -26.31 -6.45
N ALA I 148 -42.04 -25.48 -7.49
CA ALA I 148 -43.06 -24.47 -7.68
C ALA I 148 -44.44 -25.11 -7.70
N LYS I 149 -44.55 -26.29 -8.32
CA LYS I 149 -45.81 -27.02 -8.35
C LYS I 149 -46.36 -27.24 -6.96
N LYS I 150 -45.50 -27.57 -6.00
CA LYS I 150 -45.93 -27.89 -4.64
C LYS I 150 -45.61 -26.79 -3.64
N GLY I 151 -45.33 -25.58 -4.11
CA GLY I 151 -45.16 -24.44 -3.22
C GLY I 151 -43.89 -24.44 -2.41
N PHE I 152 -42.76 -24.77 -3.02
CA PHE I 152 -41.47 -24.77 -2.34
C PHE I 152 -40.47 -23.84 -3.00
N ILE I 153 -40.92 -23.01 -3.94
CA ILE I 153 -40.10 -21.94 -4.50
C ILE I 153 -41.05 -20.86 -5.00
N GLY I 154 -40.73 -19.62 -4.69
CA GLY I 154 -41.57 -18.50 -5.04
C GLY I 154 -41.35 -17.36 -4.06
N PRO I 155 -41.29 -16.14 -4.59
CA PRO I 155 -41.12 -14.97 -3.71
C PRO I 155 -42.26 -14.86 -2.72
N GLY I 156 -41.92 -14.68 -1.45
CA GLY I 156 -42.90 -14.71 -0.39
C GLY I 156 -43.42 -16.08 -0.03
N VAL I 157 -42.93 -17.12 -0.68
CA VAL I 157 -43.24 -18.50 -0.31
C VAL I 157 -42.00 -19.23 0.18
N ASP I 158 -40.90 -19.11 -0.58
CA ASP I 158 -39.65 -19.80 -0.29
C ASP I 158 -38.60 -19.34 -1.30
N VAL I 159 -37.49 -18.78 -0.81
CA VAL I 159 -36.45 -18.26 -1.69
C VAL I 159 -35.13 -18.99 -1.44
N PRO I 160 -34.65 -19.80 -2.39
CA PRO I 160 -33.37 -20.49 -2.21
C PRO I 160 -32.15 -19.64 -2.54
N ALA I 161 -30.97 -20.27 -2.52
CA ALA I 161 -29.70 -19.57 -2.65
C ALA I 161 -28.63 -20.59 -3.01
N PRO I 162 -27.44 -20.14 -3.42
CA PRO I 162 -26.36 -21.08 -3.71
C PRO I 162 -25.76 -21.65 -2.42
N ASP I 163 -24.89 -22.66 -2.61
CA ASP I 163 -24.26 -23.34 -1.48
C ASP I 163 -23.09 -24.21 -1.94
N MET I 164 -23.23 -25.52 -1.76
CA MET I 164 -22.20 -26.49 -2.11
C MET I 164 -22.22 -26.73 -3.61
N SER I 165 -21.15 -26.32 -4.30
CA SER I 165 -20.97 -26.58 -5.73
C SER I 165 -22.15 -26.08 -6.55
N THR I 166 -22.75 -24.97 -6.13
CA THR I 166 -23.89 -24.37 -6.82
C THR I 166 -23.50 -22.93 -7.14
N GLY I 167 -23.14 -22.68 -8.40
CA GLY I 167 -22.63 -21.40 -8.80
C GLY I 167 -23.71 -20.38 -9.08
N GLU I 168 -23.27 -19.17 -9.45
CA GLU I 168 -24.19 -18.14 -9.90
C GLU I 168 -25.08 -18.65 -11.02
N ARG I 169 -24.45 -19.21 -12.07
CA ARG I 169 -25.18 -19.67 -13.25
C ARG I 169 -26.35 -20.55 -12.89
N GLU I 170 -26.17 -21.44 -11.90
CA GLU I 170 -27.23 -22.36 -11.54
C GLU I 170 -28.42 -21.63 -10.94
N MET I 171 -28.16 -20.59 -10.13
CA MET I 171 -29.23 -19.69 -9.72
C MET I 171 -29.94 -19.10 -10.93
N SER I 172 -29.17 -18.62 -11.91
CA SER I 172 -29.77 -17.94 -13.06
C SER I 172 -30.71 -18.86 -13.83
N TRP I 173 -30.45 -20.18 -13.84
CA TRP I 173 -31.36 -21.11 -14.47
C TRP I 173 -32.63 -21.29 -13.64
N ILE I 174 -32.48 -21.34 -12.30
CA ILE I 174 -33.64 -21.43 -11.42
C ILE I 174 -34.61 -20.30 -11.71
N ALA I 175 -34.10 -19.06 -11.69
CA ALA I 175 -34.95 -17.90 -11.91
C ALA I 175 -35.62 -17.94 -13.28
N ASP I 176 -34.85 -18.28 -14.32
CA ASP I 176 -35.38 -18.24 -15.67
C ASP I 176 -36.42 -19.34 -15.90
N THR I 177 -36.46 -20.36 -15.05
CA THR I 177 -37.53 -21.34 -15.12
C THR I 177 -38.80 -20.84 -14.46
N TYR I 178 -38.67 -20.24 -13.26
CA TYR I 178 -39.82 -19.77 -12.53
C TYR I 178 -40.45 -18.54 -13.19
N ALA I 179 -39.65 -17.73 -13.88
CA ALA I 179 -40.12 -16.50 -14.49
C ALA I 179 -40.61 -16.69 -15.93
N SER I 180 -40.55 -17.91 -16.47
CA SER I 180 -41.10 -18.19 -17.78
C SER I 180 -42.14 -19.29 -17.76
N THR I 181 -42.53 -19.78 -16.58
CA THR I 181 -43.57 -20.79 -16.46
C THR I 181 -44.58 -20.45 -15.38
N ILE I 182 -44.28 -20.83 -14.14
CA ILE I 182 -45.22 -20.68 -13.02
C ILE I 182 -45.46 -19.21 -12.73
N GLY I 183 -44.47 -18.55 -12.12
CA GLY I 183 -44.62 -17.17 -11.74
C GLY I 183 -44.42 -16.19 -12.89
N HIS I 184 -44.93 -16.52 -14.08
CA HIS I 184 -44.80 -15.58 -15.19
C HIS I 184 -45.56 -14.30 -14.91
N TYR I 185 -46.79 -14.41 -14.39
CA TYR I 185 -47.63 -13.26 -14.09
C TYR I 185 -47.18 -12.51 -12.83
N ASP I 186 -46.17 -13.00 -12.11
CA ASP I 186 -45.69 -12.31 -10.93
C ASP I 186 -44.75 -11.19 -11.34
N ILE I 187 -44.98 -9.99 -10.82
CA ILE I 187 -44.06 -8.89 -11.03
C ILE I 187 -42.72 -9.19 -10.39
N ASN I 188 -42.73 -9.86 -9.24
CA ASN I 188 -41.53 -10.14 -8.48
C ASN I 188 -41.01 -11.55 -8.72
N ALA I 189 -41.20 -12.06 -9.94
CA ALA I 189 -40.77 -13.41 -10.26
C ALA I 189 -39.28 -13.59 -10.03
N HIS I 190 -38.48 -12.60 -10.42
CA HIS I 190 -37.03 -12.71 -10.27
C HIS I 190 -36.57 -12.61 -8.82
N ALA I 191 -37.48 -12.45 -7.87
CA ALA I 191 -37.15 -12.51 -6.45
C ALA I 191 -37.32 -13.91 -5.89
N CYS I 192 -37.52 -14.91 -6.74
CA CYS I 192 -37.73 -16.27 -6.27
C CYS I 192 -36.47 -16.91 -5.73
N VAL I 193 -35.30 -16.33 -5.98
CA VAL I 193 -34.04 -16.97 -5.62
C VAL I 193 -32.95 -15.90 -5.54
N THR I 194 -32.07 -16.06 -4.56
CA THR I 194 -30.94 -15.15 -4.35
C THR I 194 -29.63 -15.84 -4.75
N GLY I 195 -28.63 -15.00 -5.04
CA GLY I 195 -27.33 -15.48 -5.48
C GLY I 195 -27.09 -15.39 -6.97
N LYS I 196 -28.09 -14.99 -7.75
CA LYS I 196 -27.98 -14.98 -9.20
C LYS I 196 -26.98 -13.92 -9.66
N PRO I 197 -26.37 -14.11 -10.84
CA PRO I 197 -25.35 -13.17 -11.30
C PRO I 197 -25.92 -11.79 -11.60
N ILE I 198 -25.01 -10.81 -11.64
CA ILE I 198 -25.41 -9.40 -11.63
C ILE I 198 -26.26 -9.05 -12.84
N SER I 199 -25.94 -9.63 -14.00
CA SER I 199 -26.73 -9.32 -15.20
C SER I 199 -28.09 -10.01 -15.19
N GLN I 200 -28.36 -10.85 -14.20
CA GLN I 200 -29.63 -11.57 -14.10
C GLN I 200 -30.47 -11.07 -12.92
N GLY I 201 -30.16 -9.90 -12.38
CA GLY I 201 -30.89 -9.35 -11.26
C GLY I 201 -30.24 -9.54 -9.91
N GLY I 202 -28.92 -9.60 -9.85
CA GLY I 202 -28.21 -9.80 -8.60
C GLY I 202 -27.97 -8.50 -7.86
N ILE I 203 -27.05 -8.56 -6.89
CA ILE I 203 -26.71 -7.42 -6.06
C ILE I 203 -25.21 -7.46 -5.82
N HIS I 204 -24.57 -6.29 -5.81
CA HIS I 204 -23.12 -6.24 -5.69
C HIS I 204 -22.73 -6.53 -4.24
N GLY I 205 -22.08 -7.67 -4.03
CA GLY I 205 -21.65 -8.04 -2.70
C GLY I 205 -21.65 -9.53 -2.41
N ARG I 206 -22.62 -10.28 -2.95
CA ARG I 206 -22.75 -11.70 -2.59
C ARG I 206 -21.56 -12.50 -3.05
N ILE I 207 -20.83 -12.03 -4.06
CA ILE I 207 -19.53 -12.59 -4.38
C ILE I 207 -18.66 -12.64 -3.13
N SER I 208 -18.72 -11.59 -2.31
CA SER I 208 -17.89 -11.46 -1.13
C SER I 208 -18.64 -11.68 0.18
N ALA I 209 -19.95 -11.95 0.10
CA ALA I 209 -20.85 -11.86 1.25
C ALA I 209 -20.44 -12.72 2.44
N THR I 210 -20.46 -14.04 2.27
CA THR I 210 -20.06 -14.92 3.36
C THR I 210 -18.62 -14.64 3.81
N GLY I 211 -17.80 -14.04 2.94
CA GLY I 211 -16.40 -13.82 3.28
C GLY I 211 -16.23 -12.66 4.25
N ARG I 212 -16.94 -11.56 4.01
CA ARG I 212 -16.93 -10.49 4.99
C ARG I 212 -17.75 -10.84 6.23
N GLY I 213 -18.58 -11.89 6.15
CA GLY I 213 -19.30 -12.33 7.33
C GLY I 213 -18.39 -12.98 8.36
N VAL I 214 -17.51 -13.87 7.90
CA VAL I 214 -16.52 -14.45 8.80
C VAL I 214 -15.66 -13.37 9.42
N PHE I 215 -15.30 -12.35 8.63
CA PHE I 215 -14.33 -11.35 9.08
C PHE I 215 -14.95 -10.40 10.10
N HIS I 216 -16.09 -9.78 9.76
CA HIS I 216 -16.74 -8.87 10.71
C HIS I 216 -17.12 -9.59 12.00
N GLY I 217 -17.39 -10.90 11.94
CA GLY I 217 -17.64 -11.65 13.16
C GLY I 217 -16.37 -11.87 13.96
N ILE I 218 -15.31 -12.31 13.28
CA ILE I 218 -13.99 -12.37 13.91
C ILE I 218 -13.56 -10.97 14.31
N GLU I 219 -13.95 -9.95 13.55
CA GLU I 219 -13.56 -8.58 13.85
C GLU I 219 -14.18 -8.08 15.15
N ASN I 220 -15.48 -8.28 15.32
CA ASN I 220 -16.18 -7.80 16.52
C ASN I 220 -15.74 -8.52 17.80
N PHE I 221 -14.66 -9.30 17.73
CA PHE I 221 -14.19 -10.13 18.83
C PHE I 221 -12.73 -9.86 19.18
N ILE I 222 -11.85 -9.90 18.18
CA ILE I 222 -10.44 -9.57 18.38
C ILE I 222 -10.30 -8.05 18.39
N ASN I 223 -11.34 -7.36 18.86
CA ASN I 223 -11.28 -5.91 19.08
C ASN I 223 -11.90 -5.53 20.42
N GLU I 224 -12.12 -6.50 21.31
CA GLU I 224 -12.45 -6.22 22.70
C GLU I 224 -11.73 -7.24 23.57
N ALA I 225 -10.85 -6.75 24.44
CA ALA I 225 -10.12 -7.64 25.34
C ALA I 225 -10.99 -8.25 26.41
N SER I 226 -12.30 -8.00 26.37
CA SER I 226 -13.22 -8.62 27.33
C SER I 226 -13.13 -10.13 27.29
N TYR I 227 -12.77 -10.71 26.14
CA TYR I 227 -12.52 -12.13 26.00
C TYR I 227 -11.06 -12.44 25.70
N MET I 228 -10.22 -11.41 25.55
CA MET I 228 -8.78 -11.62 25.47
C MET I 228 -8.17 -11.83 26.85
N SER I 229 -8.66 -11.12 27.87
CA SER I 229 -8.24 -11.44 29.24
C SER I 229 -8.65 -12.85 29.65
N ILE I 230 -9.47 -13.52 28.84
CA ILE I 230 -9.89 -14.90 29.08
C ILE I 230 -9.01 -15.83 28.27
N LEU I 231 -9.03 -15.67 26.95
CA LEU I 231 -8.31 -16.55 26.04
C LEU I 231 -6.82 -16.23 25.98
N GLY I 232 -6.39 -15.12 26.57
CA GLY I 232 -5.02 -14.70 26.41
C GLY I 232 -4.87 -13.92 25.12
N MET I 233 -3.88 -14.30 24.31
CA MET I 233 -3.59 -13.64 23.04
C MET I 233 -3.39 -12.15 23.23
N THR I 234 -3.42 -11.39 22.12
CA THR I 234 -3.21 -9.96 22.18
C THR I 234 -4.21 -9.26 21.27
N PRO I 235 -4.78 -8.14 21.73
CA PRO I 235 -5.70 -7.38 20.86
C PRO I 235 -5.09 -6.95 19.53
N GLY I 236 -3.76 -7.01 19.40
CA GLY I 236 -3.12 -6.79 18.13
C GLY I 236 -3.59 -7.77 17.08
N PHE I 237 -4.54 -7.34 16.24
CA PHE I 237 -5.16 -8.22 15.26
C PHE I 237 -4.15 -8.75 14.26
N GLY I 238 -3.19 -7.92 13.86
CA GLY I 238 -2.31 -8.22 12.75
C GLY I 238 -1.61 -9.56 12.79
N ASP I 239 -0.56 -9.67 13.61
CA ASP I 239 0.31 -10.85 13.62
C ASP I 239 -0.39 -12.11 14.13
N LYS I 240 -1.34 -12.61 13.37
CA LYS I 240 -1.97 -13.90 13.67
C LYS I 240 -2.24 -14.64 12.37
N THR I 241 -2.04 -15.96 12.40
CA THR I 241 -2.20 -16.79 11.22
C THR I 241 -3.61 -17.38 11.17
N PHE I 242 -3.91 -18.04 10.05
CA PHE I 242 -5.14 -18.80 9.94
C PHE I 242 -4.97 -19.87 8.87
N ALA I 243 -5.77 -20.93 8.99
CA ALA I 243 -5.82 -22.01 8.02
C ALA I 243 -7.27 -22.24 7.62
N VAL I 244 -7.51 -22.41 6.33
CA VAL I 244 -8.86 -22.55 5.80
C VAL I 244 -9.04 -23.96 5.27
N GLN I 245 -10.29 -24.43 5.28
CA GLN I 245 -10.68 -25.70 4.69
C GLN I 245 -11.76 -25.43 3.65
N GLY I 246 -11.77 -26.25 2.59
CA GLY I 246 -12.72 -26.05 1.52
C GLY I 246 -12.46 -24.77 0.75
N PHE I 247 -11.33 -24.74 0.03
CA PHE I 247 -10.97 -23.64 -0.83
C PHE I 247 -12.03 -23.50 -1.92
N GLY I 248 -13.18 -22.92 -1.59
CA GLY I 248 -14.30 -22.86 -2.51
C GLY I 248 -15.44 -21.95 -2.07
N ASN I 249 -15.52 -20.78 -2.73
CA ASN I 249 -16.53 -19.75 -2.48
C ASN I 249 -16.36 -19.12 -1.09
N VAL I 250 -16.82 -19.82 -0.05
CA VAL I 250 -16.75 -19.25 1.30
C VAL I 250 -15.31 -19.21 1.80
N GLY I 251 -14.51 -20.24 1.48
CA GLY I 251 -13.14 -20.28 1.95
C GLY I 251 -12.23 -19.32 1.20
N LEU I 252 -12.52 -19.06 -0.08
CA LEU I 252 -11.69 -18.16 -0.87
C LEU I 252 -11.71 -16.76 -0.30
N HIS I 253 -12.89 -16.17 -0.13
CA HIS I 253 -13.00 -14.77 0.23
C HIS I 253 -13.00 -14.53 1.73
N SER I 254 -13.27 -15.56 2.54
CA SER I 254 -12.94 -15.46 3.95
C SER I 254 -11.44 -15.36 4.16
N MET I 255 -10.67 -15.74 3.14
CA MET I 255 -9.21 -15.63 3.11
C MET I 255 -8.74 -14.41 2.33
N ARG I 256 -9.35 -14.14 1.16
CA ARG I 256 -8.95 -13.00 0.35
C ARG I 256 -9.08 -11.69 1.11
N TYR I 257 -10.12 -11.56 1.95
CA TYR I 257 -10.31 -10.34 2.72
C TYR I 257 -9.73 -10.42 4.13
N LEU I 258 -9.55 -11.62 4.69
CA LEU I 258 -8.82 -11.72 5.95
C LEU I 258 -7.33 -11.48 5.77
N HIS I 259 -6.81 -11.63 4.54
CA HIS I 259 -5.43 -11.28 4.24
C HIS I 259 -5.26 -9.79 4.03
N ARG I 260 -6.32 -9.11 3.59
CA ARG I 260 -6.26 -7.69 3.25
C ARG I 260 -5.83 -6.83 4.44
N PHE I 261 -6.01 -7.31 5.67
CA PHE I 261 -5.80 -6.53 6.88
C PHE I 261 -4.51 -6.87 7.61
N GLY I 262 -3.51 -7.39 6.90
CA GLY I 262 -2.22 -7.62 7.53
C GLY I 262 -2.17 -8.80 8.47
N ALA I 263 -3.08 -9.75 8.34
CA ALA I 263 -3.03 -11.00 9.09
C ALA I 263 -2.47 -12.09 8.19
N LYS I 264 -1.46 -12.79 8.68
CA LYS I 264 -0.79 -13.81 7.88
C LYS I 264 -1.69 -15.03 7.71
N CYS I 265 -1.39 -15.79 6.66
CA CYS I 265 -1.91 -17.13 6.47
C CYS I 265 -0.82 -18.13 6.87
N VAL I 266 -1.05 -19.41 6.61
CA VAL I 266 -0.05 -20.43 6.90
C VAL I 266 -0.36 -21.72 6.16
N ALA I 267 -1.64 -21.96 5.88
CA ALA I 267 -2.05 -23.26 5.37
C ALA I 267 -3.36 -23.13 4.62
N VAL I 268 -3.54 -24.01 3.63
CA VAL I 268 -4.79 -24.12 2.89
C VAL I 268 -4.97 -25.58 2.49
N GLY I 269 -6.14 -26.13 2.76
CA GLY I 269 -6.44 -27.49 2.38
C GLY I 269 -7.73 -27.58 1.61
N GLU I 270 -7.79 -28.56 0.71
CA GLU I 270 -9.02 -28.88 0.01
C GLU I 270 -9.31 -30.37 0.16
N SER I 271 -10.25 -30.90 -0.63
CA SER I 271 -10.66 -32.29 -0.54
C SER I 271 -9.63 -33.23 -1.17
N ASP I 272 -8.36 -32.84 -1.16
CA ASP I 272 -7.27 -33.69 -1.63
C ASP I 272 -6.10 -33.68 -0.65
N GLY I 273 -5.48 -32.51 -0.48
CA GLY I 273 -4.36 -32.38 0.43
C GLY I 273 -4.38 -31.04 1.14
N SER I 274 -3.20 -30.58 1.56
CA SER I 274 -3.07 -29.31 2.28
C SER I 274 -1.87 -28.55 1.75
N ILE I 275 -1.59 -27.41 2.39
CA ILE I 275 -0.41 -26.61 2.11
C ILE I 275 0.17 -26.14 3.43
N TRP I 276 1.50 -26.02 3.49
CA TRP I 276 2.19 -25.63 4.71
C TRP I 276 3.26 -24.62 4.34
N ASN I 277 3.21 -23.45 4.98
CA ASN I 277 4.21 -22.41 4.79
C ASN I 277 4.14 -21.38 5.91
N PRO I 278 5.03 -21.45 6.89
CA PRO I 278 5.02 -20.45 7.97
C PRO I 278 5.27 -19.04 7.50
N ASP I 279 5.93 -18.84 6.35
CA ASP I 279 6.07 -17.50 5.80
C ASP I 279 4.72 -16.87 5.51
N GLY I 280 3.71 -17.70 5.20
CA GLY I 280 2.40 -17.20 4.87
C GLY I 280 2.16 -17.18 3.38
N ILE I 281 1.41 -18.16 2.88
CA ILE I 281 1.05 -18.17 1.46
C ILE I 281 0.12 -16.99 1.18
N ASP I 282 0.16 -16.51 -0.06
CA ASP I 282 -0.48 -15.26 -0.44
C ASP I 282 -1.53 -15.55 -1.51
N PRO I 283 -2.82 -15.32 -1.26
CA PRO I 283 -3.85 -15.68 -2.25
C PRO I 283 -3.77 -14.89 -3.54
N LYS I 284 -2.90 -13.87 -3.62
CA LYS I 284 -2.72 -13.16 -4.89
C LYS I 284 -2.28 -14.10 -5.99
N GLU I 285 -1.42 -15.08 -5.66
CA GLU I 285 -0.84 -15.98 -6.64
C GLU I 285 -1.63 -17.28 -6.75
N LEU I 286 -1.75 -18.03 -5.65
CA LEU I 286 -2.36 -19.35 -5.69
C LEU I 286 -3.84 -19.36 -6.03
N GLU I 287 -4.47 -18.19 -6.16
CA GLU I 287 -5.86 -18.17 -6.59
C GLU I 287 -6.01 -18.53 -8.06
N ASP I 288 -4.92 -18.49 -8.83
CA ASP I 288 -4.95 -18.90 -10.23
C ASP I 288 -4.75 -20.41 -10.35
N PHE I 289 -5.18 -21.16 -9.34
CA PHE I 289 -5.12 -22.62 -9.30
C PHE I 289 -6.49 -23.31 -9.34
N LYS I 290 -7.55 -22.61 -9.74
CA LYS I 290 -8.84 -23.25 -9.87
C LYS I 290 -8.96 -23.95 -11.22
N LEU I 291 -9.65 -23.31 -12.16
CA LEU I 291 -9.88 -23.87 -13.50
C LEU I 291 -8.72 -23.59 -14.45
N GLN I 292 -7.69 -22.88 -14.01
CA GLN I 292 -6.44 -22.77 -14.75
C GLN I 292 -5.57 -24.01 -14.65
N HIS I 293 -6.01 -25.01 -13.87
CA HIS I 293 -5.32 -26.29 -13.77
C HIS I 293 -6.30 -27.41 -13.44
N GLY I 294 -6.90 -27.37 -12.26
CA GLY I 294 -7.90 -28.36 -11.90
C GLY I 294 -8.14 -28.51 -10.41
N THR I 295 -7.13 -28.95 -9.68
CA THR I 295 -7.26 -29.18 -8.25
C THR I 295 -5.94 -28.86 -7.57
N ILE I 296 -6.03 -28.31 -6.36
CA ILE I 296 -4.84 -27.94 -5.60
C ILE I 296 -3.90 -29.13 -5.50
N LEU I 297 -2.60 -28.86 -5.68
CA LEU I 297 -1.59 -29.91 -5.53
C LEU I 297 -0.23 -29.32 -5.16
N GLY I 298 -0.17 -28.14 -4.56
CA GLY I 298 1.09 -27.47 -4.32
C GLY I 298 1.58 -26.72 -5.55
N PHE I 299 2.44 -25.71 -5.26
CA PHE I 299 3.04 -24.63 -6.06
C PHE I 299 4.20 -23.91 -5.38
N PRO I 300 4.86 -22.94 -6.07
CA PRO I 300 5.97 -22.20 -5.43
C PRO I 300 5.74 -21.87 -3.97
N LYS I 301 6.74 -22.20 -3.14
CA LYS I 301 6.70 -22.18 -1.68
C LYS I 301 5.33 -22.55 -1.11
N ALA I 302 4.63 -23.45 -1.78
CA ALA I 302 3.38 -24.04 -1.28
C ALA I 302 3.65 -25.54 -1.17
N LYS I 303 4.10 -25.96 0.01
CA LYS I 303 4.55 -27.33 0.19
C LYS I 303 3.38 -28.31 0.11
N ILE I 304 3.71 -29.58 -0.10
CA ILE I 304 2.73 -30.66 -0.19
C ILE I 304 2.63 -31.29 1.20
N TYR I 305 1.56 -30.99 1.90
CA TYR I 305 1.37 -31.43 3.28
C TYR I 305 0.36 -32.56 3.36
N GLU I 306 0.49 -33.39 4.40
CA GLU I 306 -0.33 -34.58 4.58
C GLU I 306 -0.50 -34.84 6.06
N GLY I 307 -1.63 -35.44 6.44
CA GLY I 307 -1.90 -35.75 7.82
C GLY I 307 -3.30 -35.32 8.24
N SER I 308 -3.52 -34.02 8.30
CA SER I 308 -4.85 -33.44 8.44
C SER I 308 -4.75 -32.00 7.95
N ILE I 309 -5.67 -31.14 8.42
CA ILE I 309 -5.63 -29.73 8.10
C ILE I 309 -5.78 -28.96 9.40
N LEU I 310 -6.41 -29.59 10.39
CA LEU I 310 -6.73 -28.91 11.65
C LEU I 310 -5.53 -28.86 12.58
N GLU I 311 -4.82 -29.99 12.74
CA GLU I 311 -3.74 -30.09 13.71
C GLU I 311 -2.56 -29.17 13.39
N VAL I 312 -2.60 -28.46 12.27
CA VAL I 312 -1.53 -27.52 11.93
C VAL I 312 -1.50 -26.40 12.96
N ASP I 313 -0.31 -26.10 13.47
CA ASP I 313 -0.13 -25.07 14.49
C ASP I 313 -0.55 -23.71 13.93
N CYS I 314 -1.53 -23.08 14.57
CA CYS I 314 -2.15 -21.89 14.05
C CYS I 314 -2.89 -21.17 15.18
N ASP I 315 -3.57 -20.08 14.82
CA ASP I 315 -4.35 -19.28 15.76
C ASP I 315 -5.84 -19.30 15.47
N ILE I 316 -6.26 -19.00 14.24
CA ILE I 316 -7.67 -18.93 13.89
C ILE I 316 -7.96 -19.99 12.85
N LEU I 317 -8.76 -20.99 13.21
CA LEU I 317 -9.17 -22.05 12.29
C LEU I 317 -10.58 -21.78 11.79
N ILE I 318 -10.80 -22.10 10.51
CA ILE I 318 -12.13 -21.95 9.91
C ILE I 318 -12.46 -23.18 9.07
N PRO I 319 -13.38 -24.03 9.51
CA PRO I 319 -13.78 -25.22 8.72
C PRO I 319 -14.85 -24.91 7.67
N ALA I 320 -14.42 -24.33 6.55
CA ALA I 320 -15.33 -23.84 5.51
C ALA I 320 -15.51 -24.83 4.36
N ALA I 321 -15.65 -26.13 4.68
CA ALA I 321 -15.94 -27.12 3.67
C ALA I 321 -17.21 -27.87 4.01
N SER I 322 -17.09 -29.17 4.28
CA SER I 322 -18.24 -30.03 4.53
C SER I 322 -18.75 -29.86 5.96
N GLU I 323 -19.43 -30.87 6.47
CA GLU I 323 -20.04 -30.84 7.79
C GLU I 323 -19.39 -31.87 8.71
N LYS I 324 -19.50 -31.62 10.01
CA LYS I 324 -18.90 -32.39 11.10
C LYS I 324 -17.51 -32.94 10.78
N GLN I 325 -16.47 -32.16 11.08
CA GLN I 325 -15.09 -32.62 11.05
C GLN I 325 -14.37 -32.46 12.39
N LEU I 326 -15.09 -32.11 13.45
CA LEU I 326 -14.50 -31.89 14.77
C LEU I 326 -15.26 -32.73 15.79
N THR I 327 -14.69 -33.87 16.17
CA THR I 327 -15.33 -34.79 17.10
C THR I 327 -14.29 -35.30 18.10
N LYS I 328 -14.61 -36.40 18.77
CA LYS I 328 -13.67 -37.02 19.70
C LYS I 328 -12.36 -37.39 19.00
N SER I 329 -12.43 -37.69 17.69
CA SER I 329 -11.23 -38.05 16.95
C SER I 329 -10.25 -36.89 16.82
N ASN I 330 -10.73 -35.65 16.96
CA ASN I 330 -9.87 -34.49 16.75
C ASN I 330 -10.03 -33.37 17.77
N ALA I 331 -11.04 -33.41 18.65
CA ALA I 331 -11.26 -32.30 19.57
C ALA I 331 -10.10 -32.09 20.55
N PRO I 332 -9.61 -33.11 21.28
CA PRO I 332 -8.50 -32.85 22.20
C PRO I 332 -7.21 -32.44 21.52
N ARG I 333 -7.13 -32.58 20.20
CA ARG I 333 -5.95 -32.15 19.43
C ARG I 333 -6.16 -30.68 19.07
N VAL I 334 -5.80 -30.28 17.84
CA VAL I 334 -5.93 -28.91 17.36
C VAL I 334 -5.12 -27.95 18.22
N LYS I 335 -3.99 -27.48 17.69
CA LYS I 335 -3.12 -26.54 18.41
C LYS I 335 -3.48 -25.08 18.10
N ALA I 336 -4.77 -24.78 17.93
CA ALA I 336 -5.22 -23.44 17.61
C ALA I 336 -5.72 -22.73 18.87
N LYS I 337 -6.06 -21.45 18.71
CA LYS I 337 -6.52 -20.63 19.82
C LYS I 337 -7.89 -20.02 19.63
N ILE I 338 -8.38 -19.86 18.41
CA ILE I 338 -9.75 -19.38 18.18
C ILE I 338 -10.31 -19.99 16.91
N ILE I 339 -11.46 -20.65 17.03
CA ILE I 339 -12.11 -21.32 15.91
C ILE I 339 -13.25 -20.45 15.42
N ALA I 340 -13.43 -20.39 14.10
CA ALA I 340 -14.50 -19.62 13.48
C ALA I 340 -15.21 -20.49 12.46
N GLU I 341 -16.51 -20.65 12.62
CA GLU I 341 -17.28 -21.62 11.83
C GLU I 341 -17.80 -20.97 10.56
N GLY I 342 -17.17 -21.31 9.44
CA GLY I 342 -17.56 -20.76 8.15
C GLY I 342 -18.61 -21.60 7.43
N ALA I 343 -18.55 -22.91 7.58
CA ALA I 343 -19.57 -23.79 7.04
C ALA I 343 -20.69 -23.95 8.06
N ASN I 344 -21.55 -24.93 7.86
CA ASN I 344 -22.70 -25.16 8.75
C ASN I 344 -22.40 -26.37 9.61
N GLY I 345 -22.12 -26.13 10.90
CA GLY I 345 -21.95 -27.16 11.89
C GLY I 345 -20.84 -28.17 11.61
N PRO I 346 -19.58 -27.73 11.69
CA PRO I 346 -18.47 -28.69 11.65
C PRO I 346 -18.07 -29.15 13.04
N THR I 347 -18.24 -28.27 14.03
CA THR I 347 -17.99 -28.63 15.41
C THR I 347 -19.17 -29.41 15.98
N THR I 348 -18.88 -30.35 16.88
CA THR I 348 -19.91 -31.25 17.40
C THR I 348 -20.11 -31.04 18.90
N PRO I 349 -21.30 -31.36 19.42
CA PRO I 349 -21.52 -31.17 20.87
C PRO I 349 -20.55 -31.95 21.73
N GLU I 350 -20.25 -33.19 21.35
CA GLU I 350 -19.23 -33.99 22.03
C GLU I 350 -17.85 -33.36 21.96
N ALA I 351 -17.68 -32.29 21.18
CA ALA I 351 -16.40 -31.61 21.03
C ALA I 351 -16.36 -30.22 21.64
N ASP I 352 -17.51 -29.53 21.74
CA ASP I 352 -17.54 -28.23 22.39
C ASP I 352 -17.06 -28.33 23.83
N LYS I 353 -17.54 -29.34 24.56
CA LYS I 353 -17.13 -29.53 25.95
C LYS I 353 -15.63 -29.70 26.05
N ILE I 354 -15.00 -30.23 25.01
CA ILE I 354 -13.53 -30.27 24.96
C ILE I 354 -12.97 -28.91 24.59
N PHE I 355 -13.62 -28.19 23.67
CA PHE I 355 -13.17 -26.86 23.30
C PHE I 355 -13.40 -25.84 24.41
N LEU I 356 -14.49 -26.01 25.17
CA LEU I 356 -14.79 -25.06 26.24
C LEU I 356 -13.84 -25.25 27.42
N GLU I 357 -13.33 -26.45 27.63
CA GLU I 357 -12.51 -26.77 28.79
C GLU I 357 -11.02 -26.54 28.60
N ARG I 358 -10.58 -26.14 27.41
CA ARG I 358 -9.20 -25.75 27.19
C ARG I 358 -9.04 -24.27 26.88
N ASN I 359 -10.14 -23.50 26.92
CA ASN I 359 -10.18 -22.08 26.61
C ASN I 359 -9.90 -21.83 25.13
N ILE I 360 -10.75 -22.39 24.27
CA ILE I 360 -10.68 -22.22 22.82
C ILE I 360 -12.00 -21.62 22.35
N MET I 361 -11.92 -20.52 21.59
CA MET I 361 -13.08 -19.74 21.19
C MET I 361 -13.66 -20.34 19.91
N VAL I 362 -14.89 -20.84 20.00
CA VAL I 362 -15.61 -21.38 18.84
C VAL I 362 -16.69 -20.36 18.48
N ILE I 363 -16.39 -19.49 17.52
CA ILE I 363 -17.35 -18.52 17.03
C ILE I 363 -18.42 -19.27 16.25
N PRO I 364 -19.68 -19.19 16.66
CA PRO I 364 -20.71 -20.07 16.09
C PRO I 364 -20.96 -19.79 14.62
N ASP I 365 -21.30 -20.86 13.89
CA ASP I 365 -21.83 -20.73 12.53
C ASP I 365 -23.18 -20.03 12.54
N LEU I 366 -23.96 -20.23 13.60
CA LEU I 366 -25.22 -19.51 13.76
C LEU I 366 -25.05 -18.02 13.56
N TYR I 367 -23.85 -17.50 13.81
CA TYR I 367 -23.58 -16.09 13.68
C TYR I 367 -22.53 -15.76 12.63
N LEU I 368 -21.53 -16.62 12.43
CA LEU I 368 -20.38 -16.23 11.63
C LEU I 368 -20.71 -16.12 10.14
N ASN I 369 -21.15 -17.23 9.52
CA ASN I 369 -21.49 -17.19 8.11
C ASN I 369 -22.92 -16.73 7.88
N ALA I 370 -23.48 -15.94 8.79
CA ALA I 370 -24.79 -15.33 8.59
C ALA I 370 -24.73 -14.11 7.67
N GLY I 371 -23.53 -13.59 7.41
CA GLY I 371 -23.40 -12.56 6.39
C GLY I 371 -23.89 -13.01 5.03
N GLY I 372 -23.73 -14.30 4.71
CA GLY I 372 -24.20 -14.80 3.44
C GLY I 372 -25.68 -14.56 3.23
N VAL I 373 -26.50 -14.85 4.24
CA VAL I 373 -27.93 -14.65 4.10
C VAL I 373 -28.33 -13.20 4.34
N THR I 374 -27.54 -12.44 5.11
CA THR I 374 -27.85 -11.03 5.33
C THR I 374 -27.68 -10.21 4.07
N VAL I 375 -26.85 -10.68 3.13
CA VAL I 375 -26.77 -10.03 1.83
C VAL I 375 -27.82 -10.58 0.87
N SER I 376 -28.10 -11.88 0.95
CA SER I 376 -29.21 -12.46 0.20
C SER I 376 -30.52 -11.76 0.54
N TYR I 377 -30.72 -11.47 1.83
CA TYR I 377 -31.87 -10.68 2.25
C TYR I 377 -31.93 -9.36 1.47
N PHE I 378 -30.80 -8.70 1.31
CA PHE I 378 -30.76 -7.44 0.59
C PHE I 378 -31.09 -7.62 -0.88
N GLU I 379 -30.64 -8.72 -1.48
CA GLU I 379 -30.92 -8.97 -2.90
C GLU I 379 -32.40 -9.22 -3.11
N TRP I 380 -33.01 -10.02 -2.24
CA TRP I 380 -34.46 -10.23 -2.29
C TRP I 380 -35.21 -8.92 -2.20
N LEU I 381 -34.66 -7.94 -1.48
CA LEU I 381 -35.28 -6.63 -1.39
C LEU I 381 -35.04 -5.82 -2.66
N LYS I 382 -33.87 -5.97 -3.28
CA LYS I 382 -33.59 -5.24 -4.51
C LYS I 382 -34.59 -5.60 -5.60
N ASN I 383 -34.91 -6.88 -5.73
CA ASN I 383 -35.86 -7.29 -6.75
C ASN I 383 -37.25 -6.75 -6.45
N LEU I 384 -37.65 -6.75 -5.17
CA LEU I 384 -38.93 -6.19 -4.82
C LEU I 384 -38.96 -4.70 -5.09
N ASN I 385 -37.84 -4.02 -4.88
CA ASN I 385 -37.74 -2.59 -5.14
C ASN I 385 -37.45 -2.28 -6.61
N HIS I 386 -36.96 -3.26 -7.38
CA HIS I 386 -36.64 -3.10 -8.79
C HIS I 386 -35.71 -1.91 -9.05
N VAL I 387 -34.83 -1.59 -8.11
CA VAL I 387 -33.82 -0.55 -8.29
C VAL I 387 -32.53 -0.98 -7.61
N SER I 388 -31.41 -0.81 -8.31
CA SER I 388 -30.12 -0.87 -7.66
C SER I 388 -30.07 0.16 -6.52
N TYR I 389 -29.54 -0.26 -5.39
CA TYR I 389 -29.53 0.61 -4.21
C TYR I 389 -28.77 1.91 -4.50
N GLY I 390 -29.44 3.04 -4.30
CA GLY I 390 -28.85 4.34 -4.56
C GLY I 390 -29.03 4.85 -5.96
N ARG I 391 -29.87 4.20 -6.78
CA ARG I 391 -30.01 4.56 -8.18
C ARG I 391 -30.41 6.02 -8.39
N LEU I 392 -31.03 6.64 -7.40
CA LEU I 392 -31.53 8.00 -7.51
C LEU I 392 -30.92 8.94 -6.49
N THR I 393 -30.68 8.47 -5.26
CA THR I 393 -30.25 9.30 -4.15
C THR I 393 -28.73 9.39 -4.03
N PHE I 394 -28.00 9.28 -5.14
CA PHE I 394 -26.55 9.45 -5.08
C PHE I 394 -26.15 10.90 -5.34
N LYS I 395 -26.45 11.41 -6.53
CA LYS I 395 -26.05 12.77 -6.87
C LYS I 395 -26.81 13.79 -6.02
N TYR I 396 -28.02 13.45 -5.57
CA TYR I 396 -28.72 14.36 -4.66
C TYR I 396 -27.96 14.51 -3.35
N GLU I 397 -27.34 13.44 -2.88
CA GLU I 397 -26.57 13.54 -1.64
C GLU I 397 -25.17 14.07 -1.88
N ARG I 398 -24.51 13.63 -2.96
CA ARG I 398 -23.19 14.13 -3.29
C ARG I 398 -23.20 15.65 -3.43
N ASP I 399 -24.18 16.18 -4.17
CA ASP I 399 -24.32 17.63 -4.27
C ASP I 399 -24.72 18.23 -2.92
N SER I 400 -25.53 17.51 -2.13
CA SER I 400 -25.93 18.02 -0.83
C SER I 400 -24.75 18.16 0.11
N ASN I 401 -23.71 17.34 -0.06
CA ASN I 401 -22.51 17.48 0.75
C ASN I 401 -21.63 18.62 0.26
N TYR I 402 -21.39 18.68 -1.06
CA TYR I 402 -20.60 19.77 -1.63
C TYR I 402 -21.21 21.13 -1.27
N HIS I 403 -22.53 21.23 -1.31
CA HIS I 403 -23.18 22.45 -0.85
C HIS I 403 -22.89 22.70 0.63
N LEU I 404 -22.83 21.64 1.43
CA LEU I 404 -22.53 21.79 2.85
C LEU I 404 -21.13 22.34 3.06
N LEU I 405 -20.15 21.81 2.33
CA LEU I 405 -18.77 22.24 2.52
C LEU I 405 -18.57 23.66 2.04
N MET I 406 -19.21 24.04 0.94
CA MET I 406 -19.22 25.43 0.52
C MET I 406 -19.90 26.33 1.54
N SER I 407 -20.89 25.80 2.25
CA SER I 407 -21.64 26.63 3.18
C SER I 407 -20.80 27.03 4.39
N VAL I 408 -19.98 26.10 4.89
CA VAL I 408 -19.07 26.44 5.98
C VAL I 408 -17.97 27.37 5.48
N GLN I 409 -17.55 27.20 4.23
CA GLN I 409 -16.60 28.11 3.61
C GLN I 409 -17.11 29.54 3.62
N GLU I 410 -18.20 29.79 2.90
CA GLU I 410 -18.79 31.11 2.82
C GLU I 410 -19.32 31.60 4.16
N SER I 411 -19.28 30.77 5.20
CA SER I 411 -19.57 31.19 6.56
C SER I 411 -18.32 31.53 7.35
N LEU I 412 -17.15 31.11 6.87
CA LEU I 412 -15.88 31.37 7.54
C LEU I 412 -15.13 32.55 6.93
N GLU I 413 -15.19 32.69 5.61
CA GLU I 413 -14.76 33.89 4.90
C GLU I 413 -15.69 35.07 5.12
N ARG I 414 -16.63 34.93 6.07
CA ARG I 414 -17.56 35.98 6.45
C ARG I 414 -17.07 36.73 7.67
N LYS I 415 -16.80 36.02 8.77
CA LYS I 415 -16.13 36.62 9.92
C LYS I 415 -14.72 37.06 9.60
N PHE I 416 -14.22 36.72 8.41
CA PHE I 416 -12.84 37.00 7.98
C PHE I 416 -12.94 37.71 6.64
N GLY I 417 -12.72 39.03 6.67
CA GLY I 417 -13.12 39.91 5.58
C GLY I 417 -12.33 39.83 4.28
N LYS I 418 -11.79 38.66 3.97
CA LYS I 418 -11.20 38.38 2.67
C LYS I 418 -11.93 37.19 2.05
N HIS I 419 -12.41 37.38 0.82
CA HIS I 419 -13.12 36.33 0.10
C HIS I 419 -12.13 35.65 -0.85
N GLY I 420 -11.65 34.48 -0.46
CA GLY I 420 -10.76 33.71 -1.31
C GLY I 420 -9.80 32.81 -0.57
N GLY I 421 -9.47 33.17 0.67
CA GLY I 421 -8.45 32.46 1.42
C GLY I 421 -8.80 31.02 1.78
N THR I 422 -9.91 30.83 2.49
CA THR I 422 -10.24 29.52 3.04
C THR I 422 -10.66 28.56 1.94
N ILE I 423 -10.32 27.28 2.12
CA ILE I 423 -10.76 26.23 1.23
C ILE I 423 -11.15 24.99 2.03
N PRO I 424 -12.32 24.97 2.65
CA PRO I 424 -12.85 23.71 3.17
C PRO I 424 -13.66 22.99 2.11
N ILE I 425 -13.45 23.37 0.85
CA ILE I 425 -14.15 22.70 -0.26
C ILE I 425 -13.77 21.23 -0.30
N VAL I 426 -12.50 20.94 -0.10
CA VAL I 426 -11.97 19.59 -0.32
C VAL I 426 -12.28 18.73 0.91
N PRO I 427 -12.82 17.53 0.72
CA PRO I 427 -12.96 16.59 1.82
C PRO I 427 -11.74 15.68 1.94
N THR I 428 -11.74 14.87 2.99
CA THR I 428 -10.62 13.97 3.21
C THR I 428 -10.47 13.01 2.04
N ALA I 429 -9.25 12.46 1.89
CA ALA I 429 -8.97 11.59 0.76
C ALA I 429 -9.82 10.32 0.80
N GLU I 430 -10.14 9.82 2.00
CA GLU I 430 -10.96 8.63 2.11
C GLU I 430 -12.41 8.90 1.73
N PHE I 431 -12.94 10.07 2.14
CA PHE I 431 -14.32 10.42 1.81
C PHE I 431 -14.45 10.90 0.37
N GLN I 432 -13.42 11.55 -0.17
CA GLN I 432 -13.44 11.91 -1.59
C GLN I 432 -13.50 10.67 -2.46
N ASP I 433 -12.73 9.64 -2.11
CA ASP I 433 -12.85 8.35 -2.79
C ASP I 433 -14.22 7.71 -2.57
N ARG I 434 -14.94 8.12 -1.54
CA ARG I 434 -16.21 7.48 -1.20
C ARG I 434 -17.35 7.96 -2.08
N ILE I 435 -17.33 9.22 -2.50
CA ILE I 435 -18.43 9.75 -3.32
C ILE I 435 -18.14 9.61 -4.81
N SER I 436 -16.87 9.65 -5.22
CA SER I 436 -16.54 9.45 -6.63
C SER I 436 -16.90 8.04 -7.07
N GLY I 437 -16.50 7.04 -6.30
CA GLY I 437 -16.79 5.66 -6.62
C GLY I 437 -17.90 5.07 -5.78
N ALA I 438 -18.92 5.88 -5.48
CA ALA I 438 -20.08 5.39 -4.75
C ALA I 438 -20.83 4.36 -5.59
N SER I 439 -21.27 3.29 -4.95
CA SER I 439 -21.87 2.18 -5.67
C SER I 439 -22.78 1.40 -4.74
N GLU I 440 -23.64 0.57 -5.34
CA GLU I 440 -24.47 -0.34 -4.56
C GLU I 440 -23.62 -1.20 -3.64
N LYS I 441 -22.46 -1.65 -4.15
CA LYS I 441 -21.44 -2.31 -3.34
C LYS I 441 -21.33 -1.69 -1.96
N ASP I 442 -21.10 -0.38 -1.90
CA ASP I 442 -20.84 0.30 -0.63
C ASP I 442 -22.02 0.18 0.33
N ILE I 443 -23.25 0.24 -0.20
CA ILE I 443 -24.41 0.16 0.67
C ILE I 443 -24.59 -1.26 1.23
N VAL I 444 -24.46 -2.26 0.35
CA VAL I 444 -24.51 -3.65 0.81
C VAL I 444 -23.47 -3.89 1.90
N HIS I 445 -22.29 -3.28 1.74
CA HIS I 445 -21.22 -3.48 2.71
C HIS I 445 -21.57 -2.85 4.05
N SER I 446 -22.16 -1.66 4.03
CA SER I 446 -22.47 -0.95 5.26
C SER I 446 -23.61 -1.64 6.02
N GLY I 447 -24.74 -1.87 5.34
CA GLY I 447 -25.87 -2.55 5.96
C GLY I 447 -25.54 -3.94 6.45
N LEU I 448 -24.51 -4.57 5.89
CA LEU I 448 -24.03 -5.84 6.41
C LEU I 448 -23.26 -5.63 7.72
N ALA I 449 -22.29 -4.70 7.71
CA ALA I 449 -21.55 -4.38 8.92
C ALA I 449 -22.51 -3.98 10.04
N TYR I 450 -23.40 -3.01 9.77
CA TYR I 450 -24.38 -2.61 10.75
C TYR I 450 -25.19 -3.79 11.27
N THR I 451 -25.60 -4.68 10.38
CA THR I 451 -26.32 -5.87 10.81
C THR I 451 -25.41 -6.83 11.54
N MET I 452 -24.19 -7.04 11.03
CA MET I 452 -23.24 -7.91 11.71
C MET I 452 -22.88 -7.35 13.08
N GLU I 453 -22.37 -6.11 13.12
CA GLU I 453 -21.92 -5.50 14.36
C GLU I 453 -23.01 -5.55 15.43
N ARG I 454 -24.21 -5.08 15.11
CA ARG I 454 -25.28 -5.04 16.11
C ARG I 454 -25.69 -6.44 16.56
N SER I 455 -25.43 -7.46 15.74
CA SER I 455 -25.77 -8.83 16.14
C SER I 455 -24.84 -9.33 17.24
N ALA I 456 -23.52 -9.10 17.08
CA ALA I 456 -22.58 -9.50 18.11
C ALA I 456 -22.89 -8.83 19.44
N ARG I 457 -23.41 -7.60 19.40
CA ARG I 457 -23.83 -6.93 20.63
C ARG I 457 -24.97 -7.67 21.29
N GLN I 458 -26.05 -7.92 20.54
CA GLN I 458 -27.19 -8.68 21.07
C GLN I 458 -26.77 -10.00 21.66
N ILE I 459 -25.61 -10.52 21.29
CA ILE I 459 -25.10 -11.77 21.84
C ILE I 459 -24.19 -11.52 23.04
N MET I 460 -23.19 -10.64 22.89
CA MET I 460 -22.19 -10.46 23.94
C MET I 460 -22.81 -10.05 25.27
N ARG I 461 -24.00 -9.48 25.27
CA ARG I 461 -24.68 -9.14 26.52
C ARG I 461 -25.73 -10.16 26.93
N THR I 462 -26.27 -10.93 25.99
CA THR I 462 -27.04 -12.11 26.36
C THR I 462 -26.14 -13.30 26.69
N ALA I 463 -24.82 -13.13 26.58
CA ALA I 463 -23.83 -14.09 27.05
C ALA I 463 -23.28 -13.73 28.42
N MET I 464 -23.06 -12.44 28.68
CA MET I 464 -22.70 -11.96 30.01
C MET I 464 -23.92 -11.64 30.85
N LYS I 465 -25.07 -12.23 30.56
CA LYS I 465 -26.18 -12.28 31.51
C LYS I 465 -26.40 -13.69 32.03
N TYR I 466 -25.76 -14.68 31.41
CA TYR I 466 -25.83 -16.07 31.84
C TYR I 466 -24.44 -16.65 32.09
N ASN I 467 -23.39 -15.82 32.00
CA ASN I 467 -22.02 -16.21 32.35
C ASN I 467 -21.51 -17.33 31.45
N LEU I 468 -21.82 -17.23 30.16
CA LEU I 468 -21.34 -18.23 29.20
C LEU I 468 -19.90 -17.97 28.78
N GLY I 469 -19.47 -16.71 28.78
CA GLY I 469 -18.08 -16.36 28.54
C GLY I 469 -17.52 -16.83 27.23
N LEU I 470 -17.14 -18.11 27.15
CA LEU I 470 -16.53 -18.67 25.96
C LEU I 470 -17.46 -19.58 25.18
N ASP I 471 -18.67 -19.82 25.68
CA ASP I 471 -19.66 -20.63 24.96
C ASP I 471 -20.69 -19.72 24.30
N LEU I 472 -20.21 -19.03 23.26
CA LEU I 472 -21.10 -18.22 22.43
C LEU I 472 -22.14 -19.07 21.72
N ARG I 473 -21.85 -20.36 21.54
CA ARG I 473 -22.80 -21.27 20.89
C ARG I 473 -24.14 -21.24 21.61
N THR I 474 -24.16 -21.66 22.87
CA THR I 474 -25.39 -21.57 23.64
C THR I 474 -25.78 -20.14 23.97
N ALA I 475 -24.93 -19.16 23.63
CA ALA I 475 -25.27 -17.76 23.76
C ALA I 475 -25.92 -17.19 22.50
N ALA I 476 -25.75 -17.84 21.36
CA ALA I 476 -26.41 -17.42 20.13
C ALA I 476 -27.74 -18.14 19.93
N TYR I 477 -27.81 -19.41 20.32
CA TYR I 477 -29.08 -20.12 20.28
C TYR I 477 -30.05 -19.56 21.31
N VAL I 478 -29.55 -19.22 22.49
CA VAL I 478 -30.40 -18.62 23.53
C VAL I 478 -30.95 -17.29 23.05
N ASN I 479 -30.23 -16.62 22.14
CA ASN I 479 -30.67 -15.31 21.64
C ASN I 479 -31.62 -15.46 20.46
N ALA I 480 -31.50 -16.55 19.70
CA ALA I 480 -32.39 -16.75 18.57
C ALA I 480 -33.70 -17.42 18.98
N ILE I 481 -33.68 -18.27 20.00
CA ILE I 481 -34.92 -18.85 20.50
C ILE I 481 -35.78 -17.77 21.14
N GLU I 482 -35.16 -16.69 21.61
CA GLU I 482 -35.90 -15.53 22.10
C GLU I 482 -36.73 -14.90 20.99
N LYS I 483 -36.08 -14.53 19.88
CA LYS I 483 -36.75 -13.86 18.78
C LYS I 483 -37.98 -14.64 18.29
N VAL I 484 -37.77 -15.92 17.94
CA VAL I 484 -38.82 -16.69 17.28
C VAL I 484 -40.02 -16.89 18.20
N PHE I 485 -39.80 -16.96 19.51
CA PHE I 485 -40.90 -17.11 20.45
C PHE I 485 -41.81 -15.88 20.43
N ARG I 486 -41.21 -14.69 20.42
CA ARG I 486 -41.99 -13.45 20.38
C ARG I 486 -42.96 -13.44 19.21
N VAL I 487 -42.54 -13.97 18.07
CA VAL I 487 -43.41 -13.99 16.90
C VAL I 487 -44.55 -14.98 17.11
N TYR I 488 -44.26 -16.16 17.66
CA TYR I 488 -45.30 -17.19 17.77
C TYR I 488 -46.34 -16.84 18.84
N ASN I 489 -45.92 -16.26 19.95
CA ASN I 489 -46.87 -15.96 21.02
C ASN I 489 -47.85 -14.87 20.60
N GLU I 490 -47.34 -13.78 20.03
CA GLU I 490 -48.17 -12.64 19.68
C GLU I 490 -49.08 -12.91 18.48
N ALA I 491 -48.83 -13.97 17.72
CA ALA I 491 -49.70 -14.38 16.62
C ALA I 491 -50.75 -15.40 17.04
N GLY I 492 -50.52 -16.11 18.14
CA GLY I 492 -51.50 -17.02 18.69
C GLY I 492 -51.75 -18.28 17.89
N VAL I 493 -52.24 -19.32 18.57
CA VAL I 493 -52.68 -20.54 17.92
C VAL I 493 -53.72 -20.21 16.87
N THR I 494 -53.47 -20.61 15.63
CA THR I 494 -54.40 -20.40 14.53
C THR I 494 -55.48 -21.49 14.58
N PHE I 495 -56.74 -21.09 14.46
CA PHE I 495 -57.86 -22.02 14.38
C PHE I 495 -58.35 -22.06 12.94
N THR I 496 -57.92 -23.08 12.20
CA THR I 496 -58.31 -23.25 10.81
C THR I 496 -59.07 -24.55 10.61
N ASP J 1 -77.12 17.21 24.27
CA ASP J 1 -78.15 17.11 23.25
C ASP J 1 -77.54 16.72 21.90
N PRO J 2 -77.80 15.48 21.48
CA PRO J 2 -77.13 14.94 20.28
C PRO J 2 -77.53 15.62 18.98
N ASN J 3 -77.09 15.04 17.86
CA ASN J 3 -77.33 15.61 16.55
C ASN J 3 -77.74 14.55 15.52
N PHE J 4 -78.04 13.34 15.95
CA PHE J 4 -78.49 12.24 15.07
C PHE J 4 -77.40 11.88 14.06
N PHE J 5 -77.84 11.35 12.92
CA PHE J 5 -77.01 10.56 12.02
C PHE J 5 -76.06 11.41 11.20
N LYS J 6 -76.60 12.15 10.22
CA LYS J 6 -75.78 12.90 9.29
C LYS J 6 -74.91 13.96 9.98
N MET J 7 -74.02 13.53 10.87
CA MET J 7 -73.19 14.50 11.58
C MET J 7 -72.32 15.28 10.59
N VAL J 8 -71.71 14.57 9.65
CA VAL J 8 -70.74 15.17 8.76
C VAL J 8 -71.34 15.62 7.42
N GLU J 9 -72.49 15.08 7.03
CA GLU J 9 -73.10 15.44 5.76
C GLU J 9 -73.34 16.95 5.66
N GLY J 10 -73.41 17.65 6.79
CA GLY J 10 -73.56 19.09 6.78
C GLY J 10 -72.26 19.83 6.54
N PHE J 11 -71.16 19.32 7.07
CA PHE J 11 -69.87 19.98 6.91
C PHE J 11 -69.46 20.00 5.44
N PHE J 12 -69.76 18.91 4.72
CA PHE J 12 -69.55 18.83 3.28
C PHE J 12 -70.35 19.90 2.56
N ASP J 13 -71.68 19.79 2.60
CA ASP J 13 -72.54 20.77 1.96
C ASP J 13 -72.12 22.20 2.30
N ARG J 14 -71.71 22.41 3.55
CA ARG J 14 -71.13 23.69 3.94
C ARG J 14 -69.79 23.93 3.26
N GLY J 15 -68.96 22.89 3.15
CA GLY J 15 -67.69 23.02 2.46
C GLY J 15 -67.88 22.96 0.95
N ALA J 16 -68.84 22.13 0.51
CA ALA J 16 -69.07 21.96 -0.92
C ALA J 16 -69.53 23.25 -1.58
N SER J 17 -70.23 24.11 -0.84
CA SER J 17 -70.81 25.31 -1.43
C SER J 17 -69.74 26.34 -1.75
N ILE J 18 -68.62 26.33 -1.04
CA ILE J 18 -67.60 27.37 -1.21
C ILE J 18 -66.69 27.04 -2.38
N VAL J 19 -66.38 25.76 -2.60
CA VAL J 19 -65.51 25.37 -3.69
C VAL J 19 -66.20 25.43 -5.05
N GLU J 20 -67.53 25.48 -5.08
CA GLU J 20 -68.25 25.46 -6.34
C GLU J 20 -67.71 26.52 -7.31
N ASP J 21 -67.48 27.74 -6.80
CA ASP J 21 -66.92 28.79 -7.64
C ASP J 21 -65.51 28.43 -8.11
N LYS J 22 -64.66 27.94 -7.21
CA LYS J 22 -63.28 27.66 -7.58
C LYS J 22 -63.19 26.54 -8.61
N LEU J 23 -64.04 25.52 -8.48
CA LEU J 23 -63.91 24.34 -9.32
C LEU J 23 -64.22 24.66 -10.77
N VAL J 24 -65.31 25.39 -11.03
CA VAL J 24 -65.71 25.65 -12.41
C VAL J 24 -64.73 26.59 -13.09
N GLU J 25 -64.08 27.48 -12.34
CA GLU J 25 -63.09 28.38 -12.94
C GLU J 25 -61.78 27.66 -13.19
N ASP J 26 -61.25 26.99 -12.15
CA ASP J 26 -59.99 26.27 -12.28
C ASP J 26 -60.06 25.16 -13.32
N LEU J 27 -61.25 24.64 -13.62
CA LEU J 27 -61.38 23.59 -14.62
C LEU J 27 -61.16 24.17 -16.02
N LYS J 28 -60.10 23.70 -16.68
CA LYS J 28 -59.78 24.10 -18.04
C LYS J 28 -60.20 22.97 -18.97
N THR J 29 -61.21 23.20 -19.80
CA THR J 29 -61.66 22.19 -20.76
C THR J 29 -62.41 22.89 -21.88
N ARG J 30 -62.82 22.10 -22.87
CA ARG J 30 -63.54 22.60 -24.04
C ARG J 30 -65.05 22.68 -23.82
N GLU J 31 -65.54 22.25 -22.67
CA GLU J 31 -66.97 22.32 -22.38
C GLU J 31 -67.42 23.77 -22.34
N THR J 32 -67.06 24.48 -21.27
CA THR J 32 -67.32 25.92 -21.12
C THR J 32 -68.79 26.29 -21.32
N GLU J 33 -69.62 26.06 -20.30
CA GLU J 33 -71.02 26.46 -20.34
C GLU J 33 -71.39 26.99 -18.97
N GLU J 34 -72.68 26.96 -18.66
CA GLU J 34 -73.15 26.88 -17.29
C GLU J 34 -73.38 25.44 -16.86
N GLN J 35 -73.16 24.48 -17.78
CA GLN J 35 -73.20 23.07 -17.43
C GLN J 35 -71.99 22.64 -16.62
N LYS J 36 -70.96 23.49 -16.53
CA LYS J 36 -69.82 23.22 -15.64
C LYS J 36 -70.32 22.79 -14.28
N ARG J 37 -71.14 23.64 -13.64
CA ARG J 37 -71.70 23.31 -12.34
C ARG J 37 -72.46 22.00 -12.38
N ASN J 38 -73.18 21.73 -13.48
CA ASN J 38 -73.95 20.49 -13.58
C ASN J 38 -73.04 19.27 -13.48
N ARG J 39 -71.79 19.39 -13.94
CA ARG J 39 -70.82 18.32 -13.72
C ARG J 39 -70.38 18.29 -12.26
N VAL J 40 -69.91 19.42 -11.76
CA VAL J 40 -69.38 19.49 -10.40
C VAL J 40 -70.47 19.17 -9.39
N ARG J 41 -71.62 19.83 -9.51
CA ARG J 41 -72.76 19.51 -8.66
C ARG J 41 -73.15 18.04 -8.76
N GLY J 42 -72.75 17.37 -9.84
CA GLY J 42 -72.93 15.94 -9.96
C GLY J 42 -71.78 15.15 -9.37
N ILE J 43 -70.54 15.55 -9.69
CA ILE J 43 -69.37 14.89 -9.11
C ILE J 43 -69.42 14.96 -7.60
N LEU J 44 -69.85 16.10 -7.05
CA LEU J 44 -69.97 16.22 -5.60
C LEU J 44 -71.05 15.30 -5.06
N ARG J 45 -72.09 15.00 -5.86
CA ARG J 45 -73.12 14.07 -5.44
C ARG J 45 -72.60 12.65 -5.33
N ILE J 46 -71.49 12.32 -6.00
CA ILE J 46 -70.92 10.98 -5.88
C ILE J 46 -70.07 10.86 -4.64
N ILE J 47 -69.42 11.96 -4.23
CA ILE J 47 -68.49 11.93 -3.11
C ILE J 47 -69.22 11.83 -1.78
N LYS J 48 -70.36 12.52 -1.66
CA LYS J 48 -71.11 12.52 -0.40
C LYS J 48 -71.45 11.12 0.12
N PRO J 49 -72.01 10.21 -0.67
CA PRO J 49 -72.42 8.92 -0.12
C PRO J 49 -71.32 7.86 -0.20
N CYS J 50 -71.42 6.89 0.70
CA CYS J 50 -70.56 5.72 0.68
C CYS J 50 -70.88 4.88 -0.54
N ASN J 51 -69.88 4.66 -1.40
CA ASN J 51 -70.11 3.85 -2.59
C ASN J 51 -70.46 2.41 -2.22
N HIS J 52 -69.83 1.87 -1.17
CA HIS J 52 -70.08 0.50 -0.76
C HIS J 52 -70.19 0.43 0.76
N VAL J 53 -71.04 -0.48 1.23
CA VAL J 53 -71.24 -0.69 2.66
C VAL J 53 -71.95 -2.03 2.88
N LEU J 54 -71.21 -3.00 3.42
CA LEU J 54 -71.72 -4.36 3.59
C LEU J 54 -72.17 -4.58 5.02
N SER J 55 -73.39 -5.07 5.19
CA SER J 55 -73.92 -5.46 6.49
C SER J 55 -73.74 -6.96 6.65
N LEU J 56 -73.17 -7.38 7.78
CA LEU J 56 -72.77 -8.76 7.97
C LEU J 56 -73.61 -9.44 9.04
N SER J 57 -73.46 -10.77 9.10
CA SER J 57 -74.14 -11.61 10.07
C SER J 57 -73.50 -13.00 10.07
N PHE J 58 -72.72 -13.29 11.11
CA PHE J 58 -71.97 -14.53 11.19
C PHE J 58 -72.08 -15.12 12.59
N PRO J 59 -72.00 -16.44 12.70
CA PRO J 59 -72.11 -17.08 14.02
C PRO J 59 -70.78 -17.51 14.61
N ILE J 60 -70.74 -17.68 15.93
CA ILE J 60 -69.58 -18.25 16.61
C ILE J 60 -70.05 -19.27 17.64
N ARG J 61 -69.14 -19.67 18.53
CA ARG J 61 -69.43 -20.63 19.60
C ARG J 61 -68.79 -20.12 20.88
N ARG J 62 -69.62 -19.57 21.77
CA ARG J 62 -69.14 -19.18 23.10
C ARG J 62 -68.58 -20.40 23.83
N ASP J 63 -67.65 -20.14 24.76
CA ASP J 63 -67.04 -21.21 25.54
C ASP J 63 -68.08 -22.17 26.12
N ASP J 64 -69.29 -21.67 26.35
CA ASP J 64 -70.37 -22.49 26.89
C ASP J 64 -70.65 -23.71 26.01
N GLY J 65 -70.64 -23.49 24.69
CA GLY J 65 -71.33 -24.33 23.74
C GLY J 65 -72.57 -23.67 23.20
N SER J 66 -73.03 -22.61 23.85
CA SER J 66 -74.04 -21.72 23.30
C SER J 66 -73.57 -21.17 21.95
N TRP J 67 -74.54 -20.73 21.15
CA TRP J 67 -74.27 -20.14 19.85
C TRP J 67 -74.84 -18.74 19.81
N GLU J 68 -74.06 -17.80 19.28
CA GLU J 68 -74.48 -16.42 19.17
C GLU J 68 -74.32 -15.95 17.73
N VAL J 69 -75.23 -15.08 17.30
CA VAL J 69 -75.20 -14.47 15.99
C VAL J 69 -74.77 -13.02 16.14
N ILE J 70 -73.72 -12.64 15.41
CA ILE J 70 -73.05 -11.35 15.60
C ILE J 70 -73.29 -10.49 14.36
N GLU J 71 -73.67 -9.25 14.58
CA GLU J 71 -73.81 -8.27 13.51
C GLU J 71 -72.58 -7.37 13.45
N GLY J 72 -71.97 -7.31 12.28
CA GLY J 72 -70.93 -6.35 12.02
C GLY J 72 -71.25 -5.57 10.76
N TYR J 73 -70.63 -4.40 10.64
CA TYR J 73 -70.81 -3.53 9.48
C TYR J 73 -69.44 -3.06 9.02
N ARG J 74 -69.33 -2.79 7.71
CA ARG J 74 -68.17 -2.09 7.19
C ARG J 74 -68.57 -1.27 5.98
N ALA J 75 -68.18 0.00 5.98
CA ALA J 75 -68.53 0.95 4.93
C ALA J 75 -67.25 1.43 4.26
N GLN J 76 -67.09 1.10 2.98
CA GLN J 76 -66.05 1.70 2.14
C GLN J 76 -66.64 2.96 1.51
N HIS J 77 -66.21 4.13 1.97
CA HIS J 77 -66.74 5.37 1.40
C HIS J 77 -66.36 5.49 -0.07
N SER J 78 -65.17 6.00 -0.34
CA SER J 78 -64.72 6.23 -1.70
C SER J 78 -63.73 5.15 -2.15
N GLN J 79 -63.48 5.13 -3.46
CA GLN J 79 -62.46 4.29 -4.04
C GLN J 79 -61.63 5.06 -5.05
N HIS J 80 -61.44 6.36 -4.81
CA HIS J 80 -60.57 7.16 -5.69
C HIS J 80 -59.11 6.85 -5.47
N ARG J 81 -58.76 6.27 -4.33
CA ARG J 81 -57.43 5.78 -4.05
C ARG J 81 -57.49 4.26 -3.87
N THR J 82 -56.50 3.56 -4.44
CA THR J 82 -56.64 2.12 -4.65
C THR J 82 -56.92 1.31 -3.38
N PRO J 83 -56.24 1.53 -2.21
CA PRO J 83 -56.67 0.79 -1.02
C PRO J 83 -57.62 1.63 -0.16
N CYS J 84 -58.54 0.97 0.54
CA CYS J 84 -59.36 1.64 1.54
C CYS J 84 -58.76 1.43 2.92
N LYS J 85 -58.96 2.42 3.78
CA LYS J 85 -58.29 2.47 5.07
C LYS J 85 -59.33 2.87 6.11
N GLY J 86 -59.09 2.49 7.36
CA GLY J 86 -59.95 2.89 8.45
C GLY J 86 -60.17 1.78 9.46
N GLY J 87 -60.28 2.17 10.73
CA GLY J 87 -60.31 1.21 11.80
C GLY J 87 -61.64 0.50 11.96
N ILE J 88 -61.67 -0.39 12.94
CA ILE J 88 -62.86 -1.15 13.31
C ILE J 88 -63.16 -0.87 14.78
N ARG J 89 -64.40 -1.13 15.18
CA ARG J 89 -64.83 -0.84 16.53
C ARG J 89 -65.62 -2.03 17.09
N TYR J 90 -65.49 -2.24 18.39
CA TYR J 90 -66.16 -3.34 19.11
C TYR J 90 -67.03 -2.74 20.21
N SER J 91 -68.20 -2.25 19.84
CA SER J 91 -69.07 -1.63 20.83
C SER J 91 -70.52 -1.88 20.47
N THR J 92 -71.36 -1.99 21.50
CA THR J 92 -72.79 -2.04 21.30
C THR J 92 -73.28 -0.82 20.53
N ASP J 93 -72.64 0.34 20.75
CA ASP J 93 -73.00 1.57 20.07
C ASP J 93 -72.93 1.45 18.55
N VAL J 94 -72.24 0.43 18.03
CA VAL J 94 -72.04 0.26 16.59
C VAL J 94 -73.37 0.33 15.85
N SER J 95 -73.47 1.28 14.94
CA SER J 95 -74.65 1.45 14.09
C SER J 95 -74.20 1.57 12.64
N VAL J 96 -75.11 1.18 11.74
CA VAL J 96 -74.90 1.35 10.30
C VAL J 96 -74.54 2.79 10.02
N ASP J 97 -75.48 3.70 10.30
CA ASP J 97 -75.26 5.13 10.06
C ASP J 97 -74.03 5.66 10.78
N GLU J 98 -73.60 5.02 11.86
CA GLU J 98 -72.37 5.43 12.53
C GLU J 98 -71.16 5.17 11.65
N VAL J 99 -70.91 3.90 11.33
CA VAL J 99 -69.75 3.56 10.50
C VAL J 99 -69.91 4.12 9.10
N LYS J 100 -71.14 4.20 8.60
CA LYS J 100 -71.40 4.86 7.32
C LYS J 100 -70.87 6.29 7.32
N ALA J 101 -70.93 6.96 8.46
CA ALA J 101 -70.46 8.34 8.57
C ALA J 101 -68.97 8.41 8.88
N LEU J 102 -68.49 7.59 9.83
CA LEU J 102 -67.08 7.59 10.17
C LEU J 102 -66.22 7.24 8.97
N ALA J 103 -66.72 6.39 8.07
CA ALA J 103 -65.99 6.09 6.85
C ALA J 103 -65.86 7.32 5.97
N SER J 104 -66.93 8.12 5.87
CA SER J 104 -66.85 9.35 5.08
C SER J 104 -65.84 10.32 5.67
N LEU J 105 -65.90 10.53 6.99
CA LEU J 105 -64.93 11.41 7.66
C LEU J 105 -63.50 10.94 7.40
N MET J 106 -63.27 9.63 7.43
CA MET J 106 -61.93 9.09 7.18
C MET J 106 -61.44 9.44 5.78
N THR J 107 -62.36 9.52 4.80
CA THR J 107 -61.95 9.85 3.44
C THR J 107 -61.29 11.21 3.38
N TYR J 108 -61.95 12.23 3.94
CA TYR J 108 -61.43 13.59 3.84
C TYR J 108 -60.24 13.82 4.76
N LYS J 109 -60.19 13.13 5.90
CA LYS J 109 -59.02 13.19 6.78
C LYS J 109 -57.76 12.79 6.03
N CYS J 110 -57.77 11.59 5.44
CA CYS J 110 -56.65 11.13 4.62
C CYS J 110 -56.35 12.09 3.47
N ALA J 111 -57.33 12.88 3.02
CA ALA J 111 -57.10 13.81 1.92
C ALA J 111 -56.32 15.03 2.36
N VAL J 112 -56.69 15.60 3.50
CA VAL J 112 -56.04 16.82 3.98
C VAL J 112 -54.54 16.60 4.14
N VAL J 113 -54.16 15.47 4.73
CA VAL J 113 -52.77 15.19 5.07
C VAL J 113 -52.07 14.48 3.92
N ASP J 114 -52.71 14.42 2.75
CA ASP J 114 -52.13 13.85 1.54
C ASP J 114 -51.68 12.40 1.76
N VAL J 115 -52.67 11.52 1.87
CA VAL J 115 -52.44 10.11 2.11
C VAL J 115 -53.27 9.30 1.13
N PRO J 116 -52.66 8.46 0.28
CA PRO J 116 -53.38 7.81 -0.83
C PRO J 116 -54.25 6.64 -0.38
N PHE J 117 -55.16 6.91 0.56
CA PHE J 117 -56.13 5.94 1.02
C PHE J 117 -57.55 6.49 0.85
N GLY J 118 -58.47 5.58 0.54
CA GLY J 118 -59.87 5.90 0.55
C GLY J 118 -60.50 5.59 1.90
N GLY J 119 -61.57 6.31 2.23
CA GLY J 119 -62.16 6.19 3.54
C GLY J 119 -62.92 4.89 3.72
N ALA J 120 -62.74 4.26 4.88
CA ALA J 120 -63.49 3.07 5.24
C ALA J 120 -63.65 3.05 6.75
N LYS J 121 -64.64 2.29 7.21
CA LYS J 121 -64.86 2.11 8.63
C LYS J 121 -65.68 0.85 8.85
N ALA J 122 -65.46 0.19 9.99
CA ALA J 122 -66.17 -1.03 10.32
C ALA J 122 -66.55 -1.02 11.79
N GLY J 123 -67.54 -1.85 12.12
CA GLY J 123 -67.98 -1.99 13.49
C GLY J 123 -68.58 -3.36 13.72
N VAL J 124 -68.71 -3.70 15.00
CA VAL J 124 -69.31 -4.97 15.43
C VAL J 124 -70.11 -4.69 16.69
N LYS J 125 -71.38 -5.09 16.69
CA LYS J 125 -72.28 -4.77 17.78
C LYS J 125 -72.18 -5.85 18.85
N ILE J 126 -71.19 -5.69 19.73
CA ILE J 126 -71.00 -6.56 20.89
C ILE J 126 -70.49 -5.70 22.04
N ASN J 127 -70.14 -6.32 23.16
CA ASN J 127 -69.46 -5.63 24.26
C ASN J 127 -68.25 -6.45 24.68
N PRO J 128 -67.03 -5.95 24.47
CA PRO J 128 -65.84 -6.80 24.68
C PRO J 128 -65.69 -7.33 26.10
N LYS J 129 -66.09 -6.53 27.10
CA LYS J 129 -65.97 -6.99 28.48
C LYS J 129 -66.81 -8.23 28.75
N ASN J 130 -67.95 -8.35 28.07
CA ASN J 130 -68.80 -9.52 28.24
C ASN J 130 -68.19 -10.79 27.67
N TYR J 131 -67.13 -10.68 26.86
CA TYR J 131 -66.52 -11.81 26.18
C TYR J 131 -65.08 -11.99 26.67
N THR J 132 -64.55 -13.19 26.45
CA THR J 132 -63.23 -13.56 26.93
C THR J 132 -62.17 -13.32 25.86
N ASP J 133 -60.90 -13.33 26.27
CA ASP J 133 -59.80 -13.20 25.33
C ASP J 133 -59.80 -14.34 24.31
N ASN J 134 -60.24 -15.53 24.73
CA ASN J 134 -60.38 -16.63 23.79
C ASN J 134 -61.63 -16.45 22.93
N GLU J 135 -62.74 -16.04 23.54
CA GLU J 135 -63.97 -15.82 22.78
C GLU J 135 -63.82 -14.70 21.77
N LEU J 136 -62.93 -13.74 22.03
CA LEU J 136 -62.79 -12.61 21.13
C LEU J 136 -61.98 -12.98 19.88
N GLU J 137 -60.94 -13.80 20.04
CA GLU J 137 -60.15 -14.23 18.89
C GLU J 137 -61.04 -14.83 17.80
N LYS J 138 -61.96 -15.71 18.18
CA LYS J 138 -62.87 -16.31 17.20
C LYS J 138 -63.74 -15.26 16.51
N ILE J 139 -64.17 -14.24 17.25
CA ILE J 139 -64.97 -13.17 16.64
C ILE J 139 -64.14 -12.44 15.60
N THR J 140 -62.97 -11.93 16.00
CA THR J 140 -62.12 -11.18 15.09
C THR J 140 -61.67 -12.04 13.90
N ARG J 141 -61.35 -13.31 14.16
CA ARG J 141 -60.82 -14.14 13.09
C ARG J 141 -61.88 -14.51 12.05
N ARG J 142 -63.09 -14.88 12.51
CA ARG J 142 -64.15 -15.16 11.55
C ARG J 142 -64.66 -13.89 10.89
N PHE J 143 -64.61 -12.76 11.61
CA PHE J 143 -64.99 -11.48 11.00
C PHE J 143 -64.06 -11.14 9.84
N THR J 144 -62.77 -11.48 9.98
CA THR J 144 -61.83 -11.31 8.87
C THR J 144 -62.28 -12.12 7.65
N MET J 145 -62.50 -13.42 7.83
CA MET J 145 -62.79 -14.31 6.72
C MET J 145 -63.99 -13.83 5.91
N GLU J 146 -65.06 -13.45 6.61
CA GLU J 146 -66.30 -13.07 5.93
C GLU J 146 -66.17 -11.75 5.19
N LEU J 147 -65.16 -10.94 5.50
CA LEU J 147 -64.89 -9.74 4.71
C LEU J 147 -64.09 -10.06 3.45
N ALA J 148 -63.16 -11.00 3.53
CA ALA J 148 -62.31 -11.30 2.38
C ALA J 148 -63.07 -12.02 1.28
N LYS J 149 -64.04 -12.85 1.64
CA LYS J 149 -64.85 -13.53 0.63
C LYS J 149 -65.66 -12.55 -0.20
N LYS J 150 -65.93 -11.37 0.34
CA LYS J 150 -66.60 -10.30 -0.41
C LYS J 150 -65.70 -9.10 -0.65
N GLY J 151 -64.40 -9.23 -0.37
CA GLY J 151 -63.43 -8.20 -0.69
C GLY J 151 -63.60 -6.90 0.05
N PHE J 152 -63.37 -6.92 1.37
CA PHE J 152 -63.34 -5.70 2.19
C PHE J 152 -62.11 -5.68 3.08
N ILE J 153 -61.12 -6.49 2.77
CA ILE J 153 -59.87 -6.61 3.50
C ILE J 153 -58.80 -7.09 2.54
N GLY J 154 -57.68 -6.39 2.50
CA GLY J 154 -56.62 -6.73 1.59
C GLY J 154 -55.89 -5.50 1.10
N PRO J 155 -54.56 -5.59 1.08
CA PRO J 155 -53.76 -4.50 0.49
C PRO J 155 -54.20 -4.25 -0.95
N GLY J 156 -54.52 -2.98 -1.23
CA GLY J 156 -55.04 -2.62 -2.53
C GLY J 156 -56.52 -2.85 -2.74
N VAL J 157 -57.26 -3.20 -1.69
CA VAL J 157 -58.72 -3.24 -1.74
C VAL J 157 -59.23 -2.57 -0.48
N ASP J 158 -58.66 -2.94 0.67
CA ASP J 158 -59.02 -2.36 1.97
C ASP J 158 -58.10 -2.85 3.08
N VAL J 159 -57.54 -1.91 3.84
CA VAL J 159 -56.64 -2.24 4.94
C VAL J 159 -57.12 -1.57 6.21
N PRO J 160 -57.70 -2.31 7.17
CA PRO J 160 -58.15 -1.71 8.43
C PRO J 160 -57.02 -1.37 9.39
N ALA J 161 -57.37 -1.27 10.68
CA ALA J 161 -56.52 -0.75 11.73
C ALA J 161 -57.25 -0.86 13.06
N PRO J 162 -56.58 -0.61 14.19
CA PRO J 162 -57.30 -0.62 15.48
C PRO J 162 -57.97 0.71 15.79
N ASP J 163 -58.66 0.79 16.93
CA ASP J 163 -59.33 2.01 17.36
C ASP J 163 -59.79 1.91 18.80
N MET J 164 -61.06 2.20 19.03
CA MET J 164 -61.67 2.07 20.35
C MET J 164 -61.78 0.59 20.69
N SER J 165 -61.20 0.19 21.82
CA SER J 165 -61.32 -1.16 22.36
C SER J 165 -60.73 -2.22 21.41
N THR J 166 -59.87 -1.82 20.49
CA THR J 166 -59.21 -2.75 19.58
C THR J 166 -57.71 -2.59 19.74
N GLY J 167 -57.06 -3.65 20.23
CA GLY J 167 -55.64 -3.61 20.51
C GLY J 167 -54.80 -4.19 19.38
N GLU J 168 -53.48 -4.23 19.63
CA GLU J 168 -52.56 -4.78 18.66
C GLU J 168 -52.74 -6.28 18.50
N ARG J 169 -52.98 -6.99 19.62
CA ARG J 169 -53.15 -8.43 19.56
C ARG J 169 -54.32 -8.83 18.66
N GLU J 170 -55.29 -7.93 18.51
CA GLU J 170 -56.45 -8.22 17.66
C GLU J 170 -56.12 -8.04 16.19
N MET J 171 -55.41 -6.96 15.85
CA MET J 171 -54.96 -6.78 14.47
C MET J 171 -54.05 -7.92 14.04
N SER J 172 -53.25 -8.43 14.97
CA SER J 172 -52.36 -9.54 14.65
C SER J 172 -53.16 -10.75 14.20
N TRP J 173 -54.30 -11.00 14.83
CA TRP J 173 -55.17 -12.08 14.40
C TRP J 173 -55.66 -11.85 12.98
N ILE J 174 -56.01 -10.59 12.67
CA ILE J 174 -56.45 -10.23 11.31
C ILE J 174 -55.40 -10.64 10.29
N ALA J 175 -54.18 -10.11 10.45
CA ALA J 175 -53.08 -10.52 9.58
C ALA J 175 -52.89 -12.02 9.60
N ASP J 176 -52.91 -12.61 10.80
CA ASP J 176 -52.65 -14.04 10.94
C ASP J 176 -53.67 -14.89 10.19
N THR J 177 -54.91 -14.42 10.08
CA THR J 177 -55.93 -15.21 9.39
C THR J 177 -55.96 -14.92 7.88
N TYR J 178 -55.84 -13.65 7.50
CA TYR J 178 -55.71 -13.33 6.07
C TYR J 178 -54.49 -14.00 5.46
N ALA J 179 -53.35 -13.94 6.17
CA ALA J 179 -52.09 -14.46 5.65
C ALA J 179 -52.04 -15.98 5.62
N SER J 180 -53.03 -16.68 6.15
CA SER J 180 -53.02 -18.14 6.20
C SER J 180 -54.16 -18.78 5.42
N THR J 181 -55.06 -18.00 4.84
CA THR J 181 -56.25 -18.56 4.20
C THR J 181 -56.42 -18.03 2.79
N ILE J 182 -57.02 -16.85 2.68
CA ILE J 182 -57.29 -16.22 1.38
C ILE J 182 -56.00 -15.70 0.79
N GLY J 183 -55.47 -14.63 1.36
CA GLY J 183 -54.26 -14.01 0.84
C GLY J 183 -52.98 -14.75 1.19
N HIS J 184 -53.02 -16.09 1.25
CA HIS J 184 -51.80 -16.84 1.51
C HIS J 184 -50.75 -16.60 0.44
N TYR J 185 -51.16 -16.62 -0.83
CA TYR J 185 -50.23 -16.51 -1.94
C TYR J 185 -49.69 -15.10 -2.12
N ASP J 186 -50.23 -14.12 -1.41
CA ASP J 186 -49.91 -12.71 -1.62
C ASP J 186 -48.63 -12.35 -0.87
N ILE J 187 -47.63 -11.84 -1.61
CA ILE J 187 -46.34 -11.49 -1.00
C ILE J 187 -46.51 -10.45 0.09
N ASN J 188 -47.51 -9.56 -0.06
CA ASN J 188 -47.75 -8.47 0.87
C ASN J 188 -48.93 -8.75 1.78
N ALA J 189 -49.13 -10.02 2.16
CA ALA J 189 -50.34 -10.40 2.88
C ALA J 189 -50.41 -9.79 4.27
N HIS J 190 -49.28 -9.62 4.94
CA HIS J 190 -49.29 -9.03 6.27
C HIS J 190 -49.54 -7.53 6.25
N ALA J 191 -49.63 -6.92 5.07
CA ALA J 191 -50.03 -5.54 4.94
C ALA J 191 -51.54 -5.38 4.79
N CYS J 192 -52.31 -6.40 5.18
CA CYS J 192 -53.76 -6.26 5.15
C CYS J 192 -54.28 -5.42 6.30
N VAL J 193 -53.48 -5.24 7.36
CA VAL J 193 -53.93 -4.53 8.54
C VAL J 193 -52.74 -3.80 9.14
N THR J 194 -52.90 -2.50 9.37
CA THR J 194 -51.95 -1.74 10.16
C THR J 194 -52.36 -1.76 11.62
N GLY J 195 -51.40 -1.49 12.50
CA GLY J 195 -51.63 -1.52 13.93
C GLY J 195 -51.25 -2.82 14.60
N LYS J 196 -50.82 -3.83 13.83
CA LYS J 196 -50.36 -5.09 14.39
C LYS J 196 -49.08 -4.87 15.19
N PRO J 197 -48.77 -5.78 16.11
CA PRO J 197 -47.58 -5.60 16.96
C PRO J 197 -46.27 -5.63 16.16
N ILE J 198 -45.22 -5.15 16.82
CA ILE J 198 -43.92 -4.97 16.16
C ILE J 198 -43.35 -6.33 15.75
N SER J 199 -43.50 -7.34 16.59
CA SER J 199 -43.04 -8.67 16.26
C SER J 199 -43.75 -9.24 15.04
N GLN J 200 -44.93 -8.70 14.72
CA GLN J 200 -45.73 -9.18 13.60
C GLN J 200 -45.69 -8.22 12.41
N GLY J 201 -44.68 -7.36 12.36
CA GLY J 201 -44.57 -6.39 11.29
C GLY J 201 -45.06 -5.00 11.60
N GLY J 202 -45.25 -4.67 12.87
CA GLY J 202 -45.65 -3.33 13.26
C GLY J 202 -44.55 -2.33 13.00
N ILE J 203 -44.84 -1.08 13.32
CA ILE J 203 -43.89 0.02 13.10
C ILE J 203 -43.65 0.73 14.42
N HIS J 204 -42.44 1.24 14.57
CA HIS J 204 -42.02 1.93 15.79
C HIS J 204 -42.61 3.35 15.82
N GLY J 205 -43.23 3.71 16.93
CA GLY J 205 -43.70 5.07 17.14
C GLY J 205 -45.15 5.33 16.79
N ARG J 206 -45.89 4.30 16.39
CA ARG J 206 -47.33 4.45 16.17
C ARG J 206 -48.11 4.46 17.48
N ILE J 207 -47.53 3.90 18.55
CA ILE J 207 -48.12 4.03 19.87
C ILE J 207 -48.22 5.50 20.24
N SER J 208 -47.23 6.30 19.85
CA SER J 208 -47.18 7.72 20.12
C SER J 208 -47.76 8.57 19.00
N ALA J 209 -48.25 7.94 17.93
CA ALA J 209 -48.60 8.63 16.69
C ALA J 209 -49.61 9.76 16.89
N THR J 210 -50.85 9.41 17.22
CA THR J 210 -51.90 10.40 17.37
C THR J 210 -51.52 11.48 18.37
N GLY J 211 -50.80 11.11 19.43
CA GLY J 211 -50.30 12.08 20.39
C GLY J 211 -49.45 13.16 19.74
N ARG J 212 -48.37 12.75 19.07
CA ARG J 212 -47.54 13.70 18.35
C ARG J 212 -48.36 14.49 17.34
N GLY J 213 -49.37 13.87 16.75
CA GLY J 213 -50.26 14.54 15.84
C GLY J 213 -50.95 15.74 16.47
N VAL J 214 -51.60 15.51 17.61
CA VAL J 214 -52.17 16.62 18.39
C VAL J 214 -51.16 17.75 18.54
N PHE J 215 -49.93 17.39 18.89
CA PHE J 215 -48.91 18.39 19.21
C PHE J 215 -48.51 19.19 17.98
N HIS J 216 -47.99 18.50 16.94
CA HIS J 216 -47.56 19.21 15.74
C HIS J 216 -48.69 20.02 15.12
N GLY J 217 -49.91 19.49 15.17
CA GLY J 217 -51.05 20.23 14.63
C GLY J 217 -51.33 21.51 15.39
N ILE J 218 -51.13 21.47 16.70
CA ILE J 218 -51.27 22.67 17.53
C ILE J 218 -50.05 23.56 17.40
N GLU J 219 -48.85 22.96 17.38
CA GLU J 219 -47.61 23.75 17.31
C GLU J 219 -47.62 24.69 16.12
N ASN J 220 -48.08 24.23 14.96
CA ASN J 220 -48.09 25.07 13.77
C ASN J 220 -49.07 26.22 13.86
N PHE J 221 -49.77 26.37 15.00
CA PHE J 221 -50.67 27.50 15.21
C PHE J 221 -50.19 28.44 16.30
N ILE J 222 -49.76 27.93 17.45
CA ILE J 222 -49.18 28.79 18.46
C ILE J 222 -47.85 29.40 18.01
N ASN J 223 -47.36 28.99 16.84
CA ASN J 223 -46.16 29.57 16.24
C ASN J 223 -46.46 30.57 15.15
N GLU J 224 -47.69 30.60 14.64
CA GLU J 224 -48.10 31.61 13.67
C GLU J 224 -49.03 32.59 14.35
N ALA J 225 -48.62 33.85 14.42
CA ALA J 225 -49.41 34.90 15.05
C ALA J 225 -50.54 35.40 14.17
N SER J 226 -50.61 34.96 12.91
CA SER J 226 -51.74 35.28 12.05
C SER J 226 -53.07 35.00 12.75
N TYR J 227 -53.04 34.16 13.78
CA TYR J 227 -54.22 33.81 14.57
C TYR J 227 -54.04 34.09 16.06
N MET J 228 -53.06 34.92 16.41
CA MET J 228 -52.99 35.49 17.75
C MET J 228 -53.48 36.93 17.80
N SER J 229 -53.05 37.76 16.85
CA SER J 229 -53.69 39.07 16.69
C SER J 229 -55.17 38.94 16.36
N ILE J 230 -55.63 37.73 16.05
CA ILE J 230 -57.06 37.44 15.90
C ILE J 230 -57.67 36.98 17.21
N LEU J 231 -57.05 35.99 17.85
CA LEU J 231 -57.59 35.36 19.04
C LEU J 231 -57.16 36.03 20.33
N GLY J 232 -56.25 36.99 20.26
CA GLY J 232 -55.53 37.37 21.45
C GLY J 232 -54.41 36.37 21.70
N MET J 233 -54.01 36.24 22.96
CA MET J 233 -52.96 35.31 23.37
C MET J 233 -51.60 35.62 22.76
N THR J 234 -50.56 35.27 23.48
CA THR J 234 -49.17 35.37 23.06
C THR J 234 -48.75 34.12 22.30
N PRO J 235 -48.03 34.29 21.18
CA PRO J 235 -47.42 33.13 20.53
C PRO J 235 -46.51 32.37 21.47
N GLY J 236 -45.95 33.05 22.48
CA GLY J 236 -45.18 32.43 23.53
C GLY J 236 -45.84 31.17 24.05
N PHE J 237 -45.65 30.09 23.29
CA PHE J 237 -46.34 28.83 23.50
C PHE J 237 -46.16 28.30 24.93
N GLY J 238 -45.15 28.78 25.65
CA GLY J 238 -44.85 28.29 26.99
C GLY J 238 -45.96 28.43 28.01
N ASP J 239 -45.90 29.49 28.82
CA ASP J 239 -46.79 29.66 29.96
C ASP J 239 -48.26 29.59 29.56
N LYS J 240 -48.75 28.37 29.31
CA LYS J 240 -50.13 28.15 28.90
C LYS J 240 -50.63 26.85 29.51
N THR J 241 -51.90 26.87 29.93
CA THR J 241 -52.52 25.71 30.56
C THR J 241 -53.35 24.94 29.54
N PHE J 242 -53.42 23.63 29.74
CA PHE J 242 -54.31 22.79 28.93
C PHE J 242 -55.03 21.81 29.84
N ALA J 243 -56.10 21.23 29.30
CA ALA J 243 -56.91 20.25 30.01
C ALA J 243 -57.31 19.14 29.04
N VAL J 244 -57.25 17.90 29.51
CA VAL J 244 -57.45 16.74 28.63
C VAL J 244 -58.68 15.97 29.08
N GLN J 245 -59.31 15.32 28.12
CA GLN J 245 -60.40 14.39 28.35
C GLN J 245 -60.04 13.05 27.70
N GLY J 246 -60.45 11.95 28.31
CA GLY J 246 -60.12 10.64 27.79
C GLY J 246 -58.66 10.28 27.98
N PHE J 247 -58.25 10.18 29.25
CA PHE J 247 -56.86 9.89 29.62
C PHE J 247 -56.47 8.48 29.20
N GLY J 248 -56.05 8.33 27.93
CA GLY J 248 -55.69 7.01 27.43
C GLY J 248 -55.20 6.99 25.99
N ASN J 249 -54.05 6.36 25.76
CA ASN J 249 -53.42 6.28 24.44
C ASN J 249 -53.29 7.67 23.83
N VAL J 250 -54.37 8.14 23.19
CA VAL J 250 -54.35 9.46 22.58
C VAL J 250 -54.25 10.54 23.66
N GLY J 251 -55.10 10.45 24.69
CA GLY J 251 -55.08 11.46 25.74
C GLY J 251 -53.75 11.49 26.49
N LEU J 252 -53.23 10.32 26.83
CA LEU J 252 -51.91 10.20 27.43
C LEU J 252 -50.86 10.93 26.61
N HIS J 253 -50.59 10.41 25.41
CA HIS J 253 -49.49 10.89 24.60
C HIS J 253 -49.72 12.30 24.09
N SER J 254 -50.96 12.79 24.09
CA SER J 254 -51.22 14.19 23.78
C SER J 254 -50.95 15.10 24.97
N MET J 255 -50.90 14.55 26.19
CA MET J 255 -50.49 15.33 27.34
C MET J 255 -49.01 15.17 27.62
N ARG J 256 -48.50 13.95 27.48
CA ARG J 256 -47.09 13.66 27.73
C ARG J 256 -46.18 14.53 26.87
N TYR J 257 -46.40 14.52 25.56
CA TYR J 257 -45.51 15.24 24.64
C TYR J 257 -45.76 16.75 24.67
N LEU J 258 -46.92 17.19 25.17
CA LEU J 258 -47.25 18.61 25.28
C LEU J 258 -46.72 19.25 26.55
N HIS J 259 -46.28 18.45 27.53
CA HIS J 259 -45.68 19.01 28.73
C HIS J 259 -44.17 19.13 28.60
N ARG J 260 -43.57 18.25 27.79
CA ARG J 260 -42.12 18.24 27.60
C ARG J 260 -41.62 19.53 26.98
N PHE J 261 -42.47 20.28 26.29
CA PHE J 261 -42.09 21.54 25.71
C PHE J 261 -42.36 22.71 26.64
N GLY J 262 -42.70 22.45 27.89
CA GLY J 262 -42.85 23.50 28.87
C GLY J 262 -44.24 24.07 29.01
N ALA J 263 -45.25 23.44 28.43
CA ALA J 263 -46.64 23.85 28.58
C ALA J 263 -47.25 23.02 29.70
N LYS J 264 -47.42 23.62 30.87
CA LYS J 264 -47.96 22.90 32.01
C LYS J 264 -49.44 22.62 31.82
N CYS J 265 -49.88 21.49 32.35
CA CYS J 265 -51.29 21.15 32.33
C CYS J 265 -52.03 21.94 33.40
N VAL J 266 -53.23 21.48 33.77
CA VAL J 266 -54.00 22.11 34.83
C VAL J 266 -55.14 21.19 35.24
N ALA J 267 -55.49 20.25 34.36
CA ALA J 267 -56.69 19.44 34.58
C ALA J 267 -56.66 18.19 33.71
N VAL J 268 -57.29 17.13 34.21
CA VAL J 268 -57.41 15.85 33.52
C VAL J 268 -58.73 15.21 33.93
N GLY J 269 -59.45 14.66 32.96
CA GLY J 269 -60.73 14.05 33.24
C GLY J 269 -60.91 12.74 32.49
N GLU J 270 -61.62 11.81 33.12
CA GLU J 270 -61.93 10.52 32.52
C GLU J 270 -63.45 10.32 32.58
N SER J 271 -63.88 9.06 32.48
CA SER J 271 -65.28 8.68 32.48
C SER J 271 -65.92 8.73 33.85
N ASP J 272 -65.17 9.06 34.91
CA ASP J 272 -65.72 9.17 36.25
C ASP J 272 -65.79 10.62 36.69
N GLY J 273 -64.66 11.28 36.90
CA GLY J 273 -64.65 12.66 37.33
C GLY J 273 -63.62 13.50 36.60
N SER J 274 -62.76 14.19 37.35
CA SER J 274 -61.73 15.04 36.76
C SER J 274 -60.75 15.46 37.85
N ILE J 275 -59.67 16.10 37.42
CA ILE J 275 -58.62 16.61 38.29
C ILE J 275 -58.49 18.11 38.08
N TRP J 276 -58.09 18.81 39.13
CA TRP J 276 -57.92 20.26 39.05
C TRP J 276 -56.69 20.67 39.86
N ASN J 277 -55.81 21.46 39.24
CA ASN J 277 -54.63 21.99 39.92
C ASN J 277 -53.99 23.09 39.09
N PRO J 278 -54.11 24.35 39.50
CA PRO J 278 -53.45 25.43 38.74
C PRO J 278 -51.93 25.34 38.73
N ASP J 279 -51.32 24.74 39.75
CA ASP J 279 -49.87 24.58 39.74
C ASP J 279 -49.41 23.70 38.59
N GLY J 280 -50.27 22.81 38.12
CA GLY J 280 -49.92 21.94 37.02
C GLY J 280 -49.59 20.54 37.46
N ILE J 281 -50.45 19.58 37.12
CA ILE J 281 -50.17 18.19 37.44
C ILE J 281 -49.06 17.67 36.53
N ASP J 282 -48.39 16.63 36.98
CA ASP J 282 -47.26 16.07 36.26
C ASP J 282 -47.59 14.65 35.80
N PRO J 283 -47.70 14.40 34.50
CA PRO J 283 -47.95 13.02 34.04
C PRO J 283 -46.86 12.05 34.46
N LYS J 284 -45.67 12.56 34.77
CA LYS J 284 -44.58 11.72 35.28
C LYS J 284 -45.08 10.81 36.40
N GLU J 285 -45.78 11.38 37.37
CA GLU J 285 -46.21 10.60 38.52
C GLU J 285 -47.58 9.95 38.29
N LEU J 286 -48.54 10.71 37.77
CA LEU J 286 -49.92 10.24 37.64
C LEU J 286 -50.12 9.21 36.55
N GLU J 287 -49.08 8.83 35.79
CA GLU J 287 -49.30 7.83 34.76
C GLU J 287 -49.44 6.42 35.34
N ASP J 288 -48.83 6.17 36.51
CA ASP J 288 -48.91 4.86 37.14
C ASP J 288 -50.20 4.73 37.95
N PHE J 289 -51.26 5.39 37.51
CA PHE J 289 -52.62 5.28 38.03
C PHE J 289 -53.54 4.39 37.20
N LYS J 290 -53.16 4.02 35.99
CA LYS J 290 -54.07 3.14 35.28
C LYS J 290 -54.03 1.72 35.83
N LEU J 291 -53.40 0.80 35.11
CA LEU J 291 -53.42 -0.60 35.48
C LEU J 291 -52.71 -0.89 36.81
N GLN J 292 -52.08 0.11 37.43
CA GLN J 292 -51.56 -0.05 38.78
C GLN J 292 -52.70 -0.17 39.79
N HIS J 293 -53.77 0.60 39.59
CA HIS J 293 -54.97 0.51 40.42
C HIS J 293 -56.18 0.06 39.61
N GLY J 294 -56.58 0.82 38.59
CA GLY J 294 -57.67 0.39 37.73
C GLY J 294 -58.49 1.52 37.16
N THR J 295 -58.59 2.62 37.90
CA THR J 295 -59.44 3.73 37.51
C THR J 295 -59.01 4.96 38.29
N ILE J 296 -58.97 6.10 37.61
CA ILE J 296 -58.56 7.34 38.26
C ILE J 296 -59.58 7.71 39.33
N LEU J 297 -59.09 8.25 40.45
CA LEU J 297 -59.96 8.67 41.54
C LEU J 297 -59.32 9.83 42.29
N GLY J 298 -58.24 10.41 41.79
CA GLY J 298 -57.51 11.39 42.54
C GLY J 298 -56.40 10.77 43.37
N PHE J 299 -55.35 11.57 43.58
CA PHE J 299 -54.01 11.31 44.12
C PHE J 299 -53.29 12.52 44.68
N PRO J 300 -52.05 12.33 45.22
CA PRO J 300 -51.27 13.52 45.63
C PRO J 300 -51.29 14.62 44.58
N LYS J 301 -51.50 15.86 45.04
CA LYS J 301 -51.65 17.03 44.18
C LYS J 301 -52.91 16.97 43.33
N ALA J 302 -53.50 15.78 43.21
CA ALA J 302 -54.72 15.58 42.41
C ALA J 302 -55.92 15.59 43.35
N LYS J 303 -56.70 16.67 43.30
CA LYS J 303 -57.85 16.82 44.17
C LYS J 303 -59.13 16.36 43.48
N ILE J 304 -60.11 15.97 44.28
CA ILE J 304 -61.39 15.49 43.77
C ILE J 304 -62.22 16.71 43.37
N TYR J 305 -62.58 16.79 42.10
CA TYR J 305 -63.31 17.94 41.58
C TYR J 305 -64.49 17.47 40.75
N GLU J 306 -65.63 18.17 40.90
CA GLU J 306 -66.83 17.85 40.16
C GLU J 306 -67.21 19.00 39.23
N GLY J 307 -68.48 19.06 38.85
CA GLY J 307 -68.91 20.00 37.83
C GLY J 307 -68.87 19.38 36.46
N SER J 308 -67.72 19.48 35.79
CA SER J 308 -67.50 18.76 34.54
C SER J 308 -65.99 18.72 34.28
N ILE J 309 -65.61 18.75 33.00
CA ILE J 309 -64.21 18.84 32.61
C ILE J 309 -63.91 20.02 31.71
N LEU J 310 -64.89 20.53 30.96
CA LEU J 310 -64.62 21.56 29.96
C LEU J 310 -64.55 22.96 30.57
N GLU J 311 -65.43 23.26 31.52
CA GLU J 311 -65.58 24.62 32.04
C GLU J 311 -64.31 25.16 32.69
N VAL J 312 -63.33 24.31 32.97
CA VAL J 312 -62.16 24.72 33.75
C VAL J 312 -61.45 25.86 33.05
N ASP J 313 -61.22 26.95 33.80
CA ASP J 313 -60.43 28.07 33.31
C ASP J 313 -59.08 27.57 32.81
N CYS J 314 -58.99 27.40 31.50
CA CYS J 314 -57.83 26.84 30.85
C CYS J 314 -57.63 27.58 29.53
N ASP J 315 -56.58 27.20 28.81
CA ASP J 315 -56.29 27.80 27.52
C ASP J 315 -56.52 26.86 26.35
N ILE J 316 -56.04 25.62 26.43
CA ILE J 316 -56.21 24.63 25.37
C ILE J 316 -57.09 23.50 25.89
N LEU J 317 -58.27 23.34 25.29
CA LEU J 317 -59.15 22.24 25.59
C LEU J 317 -59.00 21.17 24.53
N ILE J 318 -58.75 19.93 24.95
CA ILE J 318 -58.55 18.85 24.00
C ILE J 318 -59.47 17.69 24.33
N PRO J 319 -60.61 17.55 23.63
CA PRO J 319 -61.52 16.42 23.88
C PRO J 319 -61.06 15.12 23.25
N ALA J 320 -60.26 14.34 23.97
CA ALA J 320 -59.76 13.06 23.47
C ALA J 320 -60.45 11.89 24.16
N ALA J 321 -61.78 11.98 24.34
CA ALA J 321 -62.55 10.86 24.85
C ALA J 321 -63.51 10.36 23.77
N SER J 322 -64.80 10.33 24.08
CA SER J 322 -65.80 9.83 23.15
C SER J 322 -66.15 10.89 22.10
N GLU J 323 -67.35 10.78 21.52
CA GLU J 323 -67.80 11.71 20.49
C GLU J 323 -68.95 12.55 21.01
N LYS J 324 -69.05 13.78 20.47
CA LYS J 324 -70.08 14.76 20.82
C LYS J 324 -70.06 15.09 22.31
N GLN J 325 -69.22 16.05 22.70
CA GLN J 325 -69.24 16.61 24.05
C GLN J 325 -69.44 18.12 24.07
N LEU J 326 -69.61 18.75 22.91
CA LEU J 326 -69.79 20.20 22.83
C LEU J 326 -71.06 20.49 22.05
N THR J 327 -72.01 21.15 22.69
CA THR J 327 -73.28 21.51 22.07
C THR J 327 -73.86 22.71 22.81
N LYS J 328 -75.13 23.01 22.56
CA LYS J 328 -75.78 24.17 23.18
C LYS J 328 -75.64 24.17 24.70
N SER J 329 -75.68 23.00 25.32
CA SER J 329 -75.67 22.91 26.78
C SER J 329 -74.35 23.36 27.40
N ASN J 330 -73.30 23.53 26.61
CA ASN J 330 -72.00 23.91 27.15
C ASN J 330 -71.15 24.72 26.20
N ALA J 331 -71.61 25.00 24.98
CA ALA J 331 -70.79 25.77 24.04
C ALA J 331 -70.58 27.21 24.48
N PRO J 332 -71.62 27.99 24.83
CA PRO J 332 -71.37 29.38 25.25
C PRO J 332 -70.60 29.49 26.55
N ARG J 333 -70.45 28.40 27.29
CA ARG J 333 -69.63 28.40 28.51
C ARG J 333 -68.17 28.24 28.08
N VAL J 334 -67.44 27.33 28.73
CA VAL J 334 -66.03 27.05 28.37
C VAL J 334 -65.18 28.30 28.51
N LYS J 335 -64.44 28.39 29.62
CA LYS J 335 -63.51 29.51 29.82
C LYS J 335 -62.15 29.21 29.21
N ALA J 336 -62.16 28.78 27.95
CA ALA J 336 -60.95 28.50 27.20
C ALA J 336 -60.99 29.25 25.88
N LYS J 337 -59.82 29.41 25.27
CA LYS J 337 -59.70 30.17 24.04
C LYS J 337 -59.46 29.32 22.80
N ILE J 338 -58.80 28.17 22.93
CA ILE J 338 -58.52 27.31 21.79
C ILE J 338 -58.90 25.88 22.15
N ILE J 339 -59.62 25.21 21.24
CA ILE J 339 -60.11 23.85 21.42
C ILE J 339 -59.50 22.99 20.33
N ALA J 340 -58.76 21.96 20.72
CA ALA J 340 -58.14 21.04 19.77
C ALA J 340 -58.80 19.68 19.89
N GLU J 341 -59.37 19.20 18.78
CA GLU J 341 -60.19 18.00 18.78
C GLU J 341 -59.30 16.76 18.75
N GLY J 342 -59.22 16.05 19.87
CA GLY J 342 -58.49 14.81 19.94
C GLY J 342 -59.30 13.64 19.44
N ALA J 343 -60.57 13.58 19.84
CA ALA J 343 -61.48 12.55 19.36
C ALA J 343 -62.09 12.98 18.03
N ASN J 344 -62.75 12.02 17.37
CA ASN J 344 -63.37 12.29 16.07
C ASN J 344 -64.70 12.99 16.29
N GLY J 345 -64.75 14.28 15.95
CA GLY J 345 -65.97 15.07 16.01
C GLY J 345 -66.56 15.20 17.40
N PRO J 346 -65.90 15.95 18.28
CA PRO J 346 -66.54 16.29 19.56
C PRO J 346 -67.43 17.52 19.48
N THR J 347 -67.20 18.40 18.50
CA THR J 347 -67.96 19.63 18.37
C THR J 347 -69.07 19.45 17.34
N THR J 348 -70.23 19.89 17.68
CA THR J 348 -71.35 19.85 16.76
C THR J 348 -71.44 21.17 16.00
N PRO J 349 -72.02 21.17 14.79
CA PRO J 349 -72.29 22.45 14.11
C PRO J 349 -73.18 23.37 14.93
N GLU J 350 -73.88 22.83 15.94
CA GLU J 350 -74.55 23.68 16.92
C GLU J 350 -73.57 24.58 17.64
N ALA J 351 -72.34 24.11 17.83
CA ALA J 351 -71.38 24.79 18.71
C ALA J 351 -70.36 25.66 17.98
N ASP J 352 -69.99 25.30 16.74
CA ASP J 352 -69.05 26.14 16.00
C ASP J 352 -69.55 27.58 15.90
N LYS J 353 -70.78 27.76 15.42
CA LYS J 353 -71.33 29.10 15.25
C LYS J 353 -71.41 29.86 16.58
N ILE J 354 -71.21 29.17 17.71
CA ILE J 354 -71.07 29.81 19.01
C ILE J 354 -69.60 30.13 19.24
N PHE J 355 -68.74 29.11 19.21
CA PHE J 355 -67.30 29.32 19.36
C PHE J 355 -66.79 30.39 18.41
N LEU J 356 -67.03 30.19 17.11
CA LEU J 356 -66.69 31.18 16.09
C LEU J 356 -67.12 32.59 16.51
N GLU J 357 -68.35 32.72 16.99
CA GLU J 357 -68.86 34.01 17.45
C GLU J 357 -68.18 34.49 18.73
N ARG J 358 -67.62 33.58 19.53
CA ARG J 358 -66.88 33.95 20.73
C ARG J 358 -65.38 34.01 20.48
N ASN J 359 -64.96 34.17 19.22
CA ASN J 359 -63.55 34.10 18.83
C ASN J 359 -62.83 32.99 19.58
N ILE J 360 -63.23 31.75 19.31
CA ILE J 360 -62.62 30.56 19.90
C ILE J 360 -62.18 29.65 18.76
N MET J 361 -60.90 29.29 18.76
CA MET J 361 -60.32 28.49 17.69
C MET J 361 -60.52 27.01 17.99
N VAL J 362 -61.30 26.34 17.16
CA VAL J 362 -61.42 24.89 17.20
C VAL J 362 -60.62 24.32 16.04
N ILE J 363 -59.50 23.66 16.35
CA ILE J 363 -58.70 22.96 15.36
C ILE J 363 -59.45 21.68 15.01
N PRO J 364 -59.79 21.46 13.74
CA PRO J 364 -60.69 20.37 13.39
C PRO J 364 -60.06 19.01 13.58
N ASP J 365 -60.89 18.03 13.95
CA ASP J 365 -60.44 16.64 14.02
C ASP J 365 -59.91 16.17 12.67
N LEU J 366 -60.51 16.64 11.59
CA LEU J 366 -60.13 16.25 10.23
C LEU J 366 -58.63 16.40 9.99
N TYR J 367 -57.94 17.19 10.80
CA TYR J 367 -56.51 17.41 10.64
C TYR J 367 -55.70 17.04 11.87
N LEU J 368 -56.22 17.26 13.09
CA LEU J 368 -55.36 17.21 14.26
C LEU J 368 -54.97 15.78 14.61
N ASN J 369 -55.93 14.86 14.62
CA ASN J 369 -55.64 13.46 14.89
C ASN J 369 -55.39 12.67 13.61
N ALA J 370 -55.21 13.34 12.47
CA ALA J 370 -54.89 12.65 11.23
C ALA J 370 -53.53 11.97 11.29
N GLY J 371 -52.70 12.27 12.29
CA GLY J 371 -51.44 11.57 12.42
C GLY J 371 -51.61 10.11 12.79
N GLY J 372 -52.71 9.78 13.48
CA GLY J 372 -52.95 8.39 13.82
C GLY J 372 -52.93 7.47 12.62
N VAL J 373 -53.47 7.94 11.50
CA VAL J 373 -53.40 7.16 10.26
C VAL J 373 -52.16 7.50 9.44
N THR J 374 -51.69 8.76 9.51
CA THR J 374 -50.46 9.14 8.81
C THR J 374 -49.31 8.21 9.17
N VAL J 375 -49.28 7.73 10.41
CA VAL J 375 -48.29 6.73 10.79
C VAL J 375 -48.74 5.34 10.38
N SER J 376 -50.02 5.01 10.61
CA SER J 376 -50.56 3.75 10.12
C SER J 376 -50.32 3.58 8.63
N TYR J 377 -50.31 4.70 7.89
CA TYR J 377 -49.91 4.69 6.49
C TYR J 377 -48.48 4.16 6.33
N PHE J 378 -47.56 4.67 7.16
CA PHE J 378 -46.16 4.24 7.07
C PHE J 378 -46.03 2.73 7.33
N GLU J 379 -46.64 2.25 8.40
CA GLU J 379 -46.60 0.82 8.71
C GLU J 379 -47.03 -0.03 7.51
N TRP J 380 -48.12 0.38 6.85
CA TRP J 380 -48.54 -0.30 5.63
C TRP J 380 -47.41 -0.37 4.61
N LEU J 381 -46.77 0.77 4.35
CA LEU J 381 -45.64 0.81 3.43
C LEU J 381 -44.44 0.05 3.95
N LYS J 382 -44.30 -0.08 5.28
CA LYS J 382 -43.24 -0.89 5.84
C LYS J 382 -43.44 -2.36 5.48
N ASN J 383 -44.65 -2.87 5.73
CA ASN J 383 -44.96 -4.25 5.36
C ASN J 383 -44.80 -4.48 3.87
N LEU J 384 -45.16 -3.48 3.05
CA LEU J 384 -44.92 -3.57 1.62
C LEU J 384 -43.42 -3.61 1.32
N ASN J 385 -42.62 -2.84 2.05
CA ASN J 385 -41.18 -2.81 1.84
C ASN J 385 -40.45 -3.89 2.63
N HIS J 386 -41.13 -4.61 3.52
CA HIS J 386 -40.58 -5.75 4.28
C HIS J 386 -39.26 -5.43 4.96
N VAL J 387 -38.98 -4.16 5.25
CA VAL J 387 -37.80 -3.78 6.02
C VAL J 387 -38.19 -2.69 7.00
N SER J 388 -37.45 -2.63 8.11
CA SER J 388 -37.50 -1.45 8.96
C SER J 388 -36.91 -0.27 8.19
N TYR J 389 -37.47 0.91 8.40
CA TYR J 389 -36.96 2.10 7.74
C TYR J 389 -35.54 2.39 8.20
N GLY J 390 -34.62 2.48 7.24
CA GLY J 390 -33.22 2.72 7.56
C GLY J 390 -32.41 1.49 7.93
N ARG J 391 -32.93 0.30 7.63
CA ARG J 391 -32.19 -0.93 7.95
C ARG J 391 -30.82 -0.95 7.28
N LEU J 392 -30.67 -0.25 6.16
CA LEU J 392 -29.46 -0.29 5.35
C LEU J 392 -28.69 1.02 5.34
N THR J 393 -29.39 2.14 5.46
CA THR J 393 -28.78 3.46 5.29
C THR J 393 -28.64 4.18 6.63
N PHE J 394 -28.31 3.44 7.68
CA PHE J 394 -27.92 4.06 8.95
C PHE J 394 -26.41 4.16 9.06
N LYS J 395 -25.71 3.03 8.99
CA LYS J 395 -24.26 3.06 9.11
C LYS J 395 -23.60 3.76 7.93
N TYR J 396 -24.24 3.74 6.76
CA TYR J 396 -23.71 4.50 5.63
C TYR J 396 -23.89 6.00 5.82
N GLU J 397 -24.86 6.42 6.62
CA GLU J 397 -25.03 7.84 6.89
C GLU J 397 -24.10 8.31 8.00
N ARG J 398 -24.04 7.55 9.10
CA ARG J 398 -23.16 7.94 10.20
C ARG J 398 -21.70 7.89 9.80
N ASP J 399 -21.33 6.96 8.92
CA ASP J 399 -19.97 6.98 8.38
C ASP J 399 -19.79 8.10 7.38
N SER J 400 -20.87 8.48 6.67
CA SER J 400 -20.78 9.63 5.77
C SER J 400 -20.67 10.92 6.57
N ASN J 401 -21.33 11.00 7.73
CA ASN J 401 -21.29 12.21 8.54
C ASN J 401 -19.92 12.40 9.18
N TYR J 402 -19.43 11.39 9.91
CA TYR J 402 -18.09 11.48 10.50
C TYR J 402 -17.04 11.81 9.44
N HIS J 403 -17.20 11.27 8.24
CA HIS J 403 -16.29 11.64 7.15
C HIS J 403 -16.47 13.10 6.73
N LEU J 404 -17.65 13.67 6.93
CA LEU J 404 -17.82 15.10 6.66
C LEU J 404 -17.11 15.94 7.70
N LEU J 405 -17.45 15.76 8.98
CA LEU J 405 -16.85 16.57 10.03
C LEU J 405 -15.34 16.52 9.99
N MET J 406 -14.77 15.34 9.72
CA MET J 406 -13.32 15.24 9.60
C MET J 406 -12.81 15.81 8.28
N SER J 407 -13.64 15.80 7.24
CA SER J 407 -13.25 16.41 5.98
C SER J 407 -12.96 17.90 6.15
N VAL J 408 -13.60 18.53 7.12
CA VAL J 408 -13.35 19.94 7.41
C VAL J 408 -12.08 20.10 8.22
N GLN J 409 -11.96 19.30 9.29
CA GLN J 409 -10.77 19.36 10.15
C GLN J 409 -9.49 19.29 9.34
N GLU J 410 -9.39 18.29 8.45
CA GLU J 410 -8.21 18.18 7.61
C GLU J 410 -8.16 19.26 6.54
N SER J 411 -9.29 19.92 6.25
CA SER J 411 -9.26 21.11 5.43
C SER J 411 -8.88 22.34 6.24
N LEU J 412 -9.07 22.29 7.55
CA LEU J 412 -8.76 23.39 8.47
C LEU J 412 -7.40 23.23 9.13
N GLU J 413 -7.00 22.00 9.45
CA GLU J 413 -5.62 21.69 9.80
C GLU J 413 -4.67 21.83 8.61
N ARG J 414 -5.15 22.42 7.52
CA ARG J 414 -4.34 22.67 6.34
C ARG J 414 -3.80 24.10 6.32
N LYS J 415 -4.69 25.10 6.35
CA LYS J 415 -4.21 26.48 6.49
C LYS J 415 -3.48 26.65 7.81
N PHE J 416 -3.98 26.00 8.86
CA PHE J 416 -3.29 25.94 10.16
C PHE J 416 -2.19 24.90 10.01
N GLY J 417 -0.94 25.37 9.86
CA GLY J 417 0.18 24.50 9.56
C GLY J 417 0.44 23.41 10.58
N LYS J 418 -0.23 23.44 11.73
CA LYS J 418 -0.06 22.41 12.76
C LYS J 418 -1.21 21.42 12.68
N HIS J 419 -0.87 20.14 12.63
CA HIS J 419 -1.78 19.07 12.21
C HIS J 419 -2.15 18.21 13.41
N GLY J 420 -3.36 18.43 13.93
CA GLY J 420 -3.85 17.65 15.05
C GLY J 420 -4.72 18.48 15.99
N GLY J 421 -4.48 19.79 15.99
CA GLY J 421 -5.18 20.70 16.88
C GLY J 421 -6.69 20.69 16.75
N THR J 422 -7.19 21.16 15.61
CA THR J 422 -8.63 21.36 15.43
C THR J 422 -9.39 20.06 15.71
N ILE J 423 -10.42 20.15 16.54
CA ILE J 423 -11.25 18.99 16.86
C ILE J 423 -12.72 19.31 16.63
N PRO J 424 -13.18 19.40 15.39
CA PRO J 424 -14.61 19.32 15.12
C PRO J 424 -15.13 17.89 14.99
N ILE J 425 -14.32 16.90 15.37
CA ILE J 425 -14.74 15.51 15.33
C ILE J 425 -16.04 15.33 16.10
N VAL J 426 -16.10 15.92 17.28
CA VAL J 426 -17.20 15.65 18.21
C VAL J 426 -18.41 16.49 17.79
N PRO J 427 -19.57 15.86 17.58
CA PRO J 427 -20.78 16.64 17.31
C PRO J 427 -21.41 17.14 18.60
N THR J 428 -22.40 18.02 18.44
CA THR J 428 -23.13 18.51 19.60
C THR J 428 -23.73 17.35 20.38
N ALA J 429 -23.96 17.59 21.67
CA ALA J 429 -24.43 16.53 22.56
C ALA J 429 -25.76 15.95 22.10
N GLU J 430 -26.59 16.76 21.44
CA GLU J 430 -27.86 16.24 20.91
C GLU J 430 -27.63 15.37 19.70
N PHE J 431 -26.84 15.84 18.74
CA PHE J 431 -26.62 15.07 17.52
C PHE J 431 -25.92 13.75 17.80
N GLN J 432 -25.04 13.72 18.80
CA GLN J 432 -24.47 12.46 19.23
C GLN J 432 -25.58 11.46 19.57
N ASP J 433 -26.48 11.84 20.47
CA ASP J 433 -27.55 10.94 20.89
C ASP J 433 -28.53 10.62 19.76
N ARG J 434 -28.58 11.46 18.72
CA ARG J 434 -29.49 11.17 17.61
C ARG J 434 -28.96 10.03 16.75
N ILE J 435 -27.69 10.11 16.34
CA ILE J 435 -27.09 9.01 15.59
C ILE J 435 -26.71 7.83 16.49
N SER J 436 -26.67 8.04 17.81
CA SER J 436 -26.46 6.93 18.74
C SER J 436 -27.75 6.16 18.97
N GLY J 437 -28.85 6.87 19.21
CA GLY J 437 -30.15 6.24 19.32
C GLY J 437 -30.91 6.26 18.00
N ALA J 438 -30.16 6.21 16.90
CA ALA J 438 -30.75 6.23 15.56
C ALA J 438 -31.49 4.93 15.31
N SER J 439 -32.82 5.01 15.17
CA SER J 439 -33.65 3.84 14.99
C SER J 439 -34.73 4.17 13.97
N GLU J 440 -35.77 3.34 13.92
CA GLU J 440 -36.88 3.57 13.00
C GLU J 440 -37.73 4.76 13.46
N LYS J 441 -38.18 4.74 14.71
CA LYS J 441 -39.15 5.72 15.20
C LYS J 441 -38.65 7.15 15.02
N ASP J 442 -37.34 7.36 14.91
CA ASP J 442 -36.82 8.68 14.55
C ASP J 442 -37.39 9.15 13.23
N ILE J 443 -37.49 8.25 12.24
CA ILE J 443 -37.96 8.64 10.92
C ILE J 443 -39.47 8.79 10.91
N VAL J 444 -40.18 7.93 11.65
CA VAL J 444 -41.63 8.02 11.68
C VAL J 444 -42.06 9.32 12.33
N HIS J 445 -41.39 9.73 13.41
CA HIS J 445 -41.76 10.95 14.12
C HIS J 445 -41.55 12.20 13.26
N SER J 446 -40.57 12.16 12.35
CA SER J 446 -40.30 13.29 11.48
C SER J 446 -41.21 13.31 10.27
N GLY J 447 -41.37 12.16 9.61
CA GLY J 447 -42.37 12.05 8.56
C GLY J 447 -43.75 12.46 9.04
N LEU J 448 -44.06 12.15 10.30
CA LEU J 448 -45.28 12.67 10.93
C LEU J 448 -45.26 14.19 10.96
N ALA J 449 -44.13 14.77 11.39
CA ALA J 449 -44.05 16.22 11.55
C ALA J 449 -44.12 16.93 10.21
N TYR J 450 -43.33 16.50 9.24
CA TYR J 450 -43.32 17.17 7.94
C TYR J 450 -44.66 17.04 7.23
N THR J 451 -45.37 15.94 7.46
CA THR J 451 -46.71 15.78 6.88
C THR J 451 -47.66 16.84 7.43
N MET J 452 -47.75 16.95 8.75
CA MET J 452 -48.71 17.86 9.37
C MET J 452 -48.23 19.31 9.36
N GLU J 453 -46.92 19.54 9.36
CA GLU J 453 -46.42 20.90 9.26
C GLU J 453 -46.93 21.58 7.99
N ARG J 454 -46.91 20.87 6.87
CA ARG J 454 -47.34 21.44 5.60
C ARG J 454 -48.81 21.20 5.31
N SER J 455 -49.46 20.28 6.03
CA SER J 455 -50.92 20.19 5.94
C SER J 455 -51.58 21.41 6.57
N ALA J 456 -51.14 21.79 7.77
CA ALA J 456 -51.62 23.03 8.38
C ALA J 456 -51.32 24.23 7.48
N ARG J 457 -50.17 24.22 6.82
CA ARG J 457 -49.84 25.30 5.89
C ARG J 457 -50.73 25.27 4.65
N GLN J 458 -51.20 24.08 4.26
CA GLN J 458 -52.15 23.99 3.15
C GLN J 458 -53.54 24.47 3.54
N ILE J 459 -53.84 24.53 4.83
CA ILE J 459 -55.11 25.06 5.31
C ILE J 459 -55.00 26.54 5.61
N MET J 460 -53.93 26.93 6.33
CA MET J 460 -53.66 28.35 6.57
C MET J 460 -53.73 29.15 5.28
N ARG J 461 -53.26 28.56 4.17
CA ARG J 461 -53.31 29.24 2.88
C ARG J 461 -54.73 29.28 2.32
N THR J 462 -55.43 28.14 2.33
CA THR J 462 -56.77 28.12 1.76
C THR J 462 -57.76 28.94 2.59
N ALA J 463 -57.56 29.00 3.91
CA ALA J 463 -58.46 29.80 4.74
C ALA J 463 -58.21 31.29 4.56
N MET J 464 -56.95 31.68 4.42
CA MET J 464 -56.61 33.08 4.14
C MET J 464 -57.02 33.50 2.73
N LYS J 465 -57.56 32.59 1.93
CA LYS J 465 -58.16 32.93 0.65
C LYS J 465 -59.64 33.24 0.74
N TYR J 466 -60.34 32.61 1.69
CA TYR J 466 -61.79 32.78 1.84
C TYR J 466 -62.17 33.47 3.14
N ASN J 467 -61.22 34.14 3.79
CA ASN J 467 -61.50 35.03 4.92
C ASN J 467 -62.27 34.31 6.03
N LEU J 468 -62.02 33.00 6.17
CA LEU J 468 -62.67 32.23 7.22
C LEU J 468 -62.01 32.46 8.58
N GLY J 469 -60.72 32.80 8.59
CA GLY J 469 -60.03 33.17 9.81
C GLY J 469 -60.03 32.14 10.92
N LEU J 470 -61.19 31.94 11.55
CA LEU J 470 -61.31 31.08 12.71
C LEU J 470 -62.19 29.85 12.48
N ASP J 471 -62.80 29.70 11.31
CA ASP J 471 -63.64 28.54 11.03
C ASP J 471 -62.87 27.53 10.19
N LEU J 472 -61.76 27.04 10.77
CA LEU J 472 -60.90 26.11 10.05
C LEU J 472 -61.61 24.83 9.66
N ARG J 473 -62.69 24.47 10.37
CA ARG J 473 -63.49 23.30 10.01
C ARG J 473 -63.92 23.37 8.56
N THR J 474 -64.65 24.44 8.22
CA THR J 474 -65.08 24.63 6.84
C THR J 474 -63.90 24.86 5.90
N ALA J 475 -62.76 25.29 6.44
CA ALA J 475 -61.54 25.42 5.65
C ALA J 475 -60.78 24.11 5.52
N ALA J 476 -61.14 23.09 6.30
CA ALA J 476 -60.53 21.77 6.14
C ALA J 476 -61.22 20.96 5.05
N TYR J 477 -62.55 20.82 5.14
CA TYR J 477 -63.29 20.10 4.12
C TYR J 477 -63.14 20.77 2.77
N VAL J 478 -63.09 22.10 2.75
CA VAL J 478 -62.89 22.84 1.50
C VAL J 478 -61.58 22.40 0.85
N ASN J 479 -60.56 22.08 1.66
CA ASN J 479 -59.27 21.72 1.11
C ASN J 479 -59.25 20.27 0.64
N ALA J 480 -59.95 19.38 1.37
CA ALA J 480 -60.01 17.99 0.95
C ALA J 480 -60.87 17.81 -0.30
N ILE J 481 -62.00 18.52 -0.37
CA ILE J 481 -62.91 18.37 -1.50
C ILE J 481 -62.21 18.78 -2.80
N GLU J 482 -61.38 19.82 -2.74
CA GLU J 482 -60.54 20.18 -3.88
C GLU J 482 -59.71 18.99 -4.35
N LYS J 483 -59.06 18.32 -3.40
CA LYS J 483 -58.20 17.18 -3.75
C LYS J 483 -59.02 16.03 -4.31
N VAL J 484 -60.05 15.60 -3.58
CA VAL J 484 -60.83 14.44 -4.00
C VAL J 484 -61.41 14.65 -5.39
N PHE J 485 -61.89 15.87 -5.67
CA PHE J 485 -62.46 16.19 -6.98
C PHE J 485 -61.45 15.94 -8.09
N ARG J 486 -60.25 16.52 -7.96
CA ARG J 486 -59.26 16.44 -9.04
C ARG J 486 -58.94 15.00 -9.40
N VAL J 487 -58.96 14.09 -8.43
CA VAL J 487 -58.80 12.67 -8.73
C VAL J 487 -59.90 12.21 -9.68
N TYR J 488 -61.16 12.46 -9.31
CA TYR J 488 -62.28 12.04 -10.14
C TYR J 488 -62.23 12.69 -11.51
N ASN J 489 -61.91 13.98 -11.59
CA ASN J 489 -61.96 14.70 -12.86
C ASN J 489 -60.99 14.11 -13.87
N GLU J 490 -59.72 13.99 -13.51
CA GLU J 490 -58.74 13.51 -14.47
C GLU J 490 -58.83 12.02 -14.74
N ALA J 491 -59.77 11.32 -14.10
CA ALA J 491 -60.01 9.92 -14.41
C ALA J 491 -61.20 9.71 -15.34
N GLY J 492 -62.13 10.66 -15.39
CA GLY J 492 -63.26 10.57 -16.29
C GLY J 492 -64.30 9.54 -15.84
N VAL J 493 -65.37 9.47 -16.62
CA VAL J 493 -66.47 8.55 -16.34
C VAL J 493 -66.06 7.14 -16.79
N THR J 494 -65.87 6.25 -15.81
CA THR J 494 -65.58 4.86 -16.14
C THR J 494 -66.78 4.23 -16.83
N PHE J 495 -66.59 3.83 -18.08
CA PHE J 495 -67.59 3.04 -18.78
C PHE J 495 -67.25 1.57 -18.59
N THR J 496 -68.24 0.77 -18.19
CA THR J 496 -68.03 -0.63 -17.86
C THR J 496 -69.28 -1.47 -18.16
N ASP K 1 -38.17 12.27 -49.10
CA ASP K 1 -37.74 10.94 -49.50
C ASP K 1 -38.77 9.87 -49.11
N PRO K 2 -38.85 8.81 -49.90
CA PRO K 2 -39.79 7.72 -49.58
C PRO K 2 -39.42 7.01 -48.30
N ASN K 3 -40.40 6.29 -47.75
CA ASN K 3 -40.21 5.56 -46.50
C ASN K 3 -39.15 4.48 -46.68
N PHE K 4 -38.39 4.26 -45.62
CA PHE K 4 -37.35 3.22 -45.58
C PHE K 4 -37.65 2.37 -44.35
N PHE K 5 -38.45 1.31 -44.58
CA PHE K 5 -38.95 0.38 -43.57
C PHE K 5 -37.94 0.09 -42.47
N LYS K 6 -36.94 -0.73 -42.80
CA LYS K 6 -36.02 -1.29 -41.81
C LYS K 6 -34.92 -0.31 -41.45
N MET K 7 -35.30 0.92 -41.08
CA MET K 7 -34.31 1.97 -40.84
C MET K 7 -33.32 1.59 -39.76
N VAL K 8 -33.76 0.84 -38.75
CA VAL K 8 -32.95 0.64 -37.55
C VAL K 8 -32.09 -0.60 -37.63
N GLU K 9 -32.60 -1.73 -38.15
CA GLU K 9 -31.79 -2.94 -38.17
C GLU K 9 -30.52 -2.76 -38.98
N GLY K 10 -30.51 -1.81 -39.92
CA GLY K 10 -29.25 -1.45 -40.56
C GLY K 10 -28.20 -1.01 -39.56
N PHE K 11 -28.62 -0.36 -38.48
CA PHE K 11 -27.70 0.07 -37.44
C PHE K 11 -27.24 -1.09 -36.58
N PHE K 12 -28.16 -1.99 -36.24
CA PHE K 12 -27.81 -3.15 -35.41
C PHE K 12 -26.76 -4.00 -36.09
N ASP K 13 -27.01 -4.39 -37.35
CA ASP K 13 -26.01 -5.13 -38.12
C ASP K 13 -24.70 -4.36 -38.19
N ARG K 14 -24.79 -3.03 -38.31
CA ARG K 14 -23.58 -2.21 -38.31
C ARG K 14 -22.83 -2.32 -37.00
N GLY K 15 -23.56 -2.26 -35.88
CA GLY K 15 -22.92 -2.42 -34.58
C GLY K 15 -22.65 -3.87 -34.21
N ALA K 16 -23.47 -4.80 -34.71
CA ALA K 16 -23.31 -6.20 -34.36
C ALA K 16 -21.99 -6.76 -34.87
N SER K 17 -21.49 -6.22 -35.99
CA SER K 17 -20.25 -6.73 -36.56
C SER K 17 -19.02 -6.33 -35.75
N ILE K 18 -19.12 -5.28 -34.94
CA ILE K 18 -17.94 -4.80 -34.21
C ILE K 18 -17.76 -5.58 -32.90
N VAL K 19 -18.86 -6.01 -32.27
CA VAL K 19 -18.76 -6.70 -30.99
C VAL K 19 -18.39 -8.18 -31.13
N GLU K 20 -18.52 -8.75 -32.33
CA GLU K 20 -18.34 -10.20 -32.51
C GLU K 20 -17.01 -10.69 -31.97
N ASP K 21 -15.99 -9.84 -31.95
CA ASP K 21 -14.67 -10.25 -31.45
C ASP K 21 -14.65 -10.29 -29.92
N LYS K 22 -15.02 -9.18 -29.26
CA LYS K 22 -14.90 -9.12 -27.81
C LYS K 22 -15.85 -10.09 -27.12
N LEU K 23 -16.95 -10.46 -27.77
CA LEU K 23 -17.93 -11.34 -27.13
C LEU K 23 -17.37 -12.74 -26.96
N VAL K 24 -16.77 -13.30 -28.02
CA VAL K 24 -16.15 -14.60 -27.87
C VAL K 24 -14.89 -14.53 -27.00
N GLU K 25 -14.31 -13.33 -26.85
CA GLU K 25 -13.13 -13.15 -26.00
C GLU K 25 -13.52 -13.02 -24.53
N ASP K 26 -14.39 -12.07 -24.21
CA ASP K 26 -14.78 -11.84 -22.82
C ASP K 26 -15.54 -13.03 -22.24
N LEU K 27 -16.30 -13.75 -23.06
CA LEU K 27 -17.02 -14.92 -22.59
C LEU K 27 -16.04 -15.99 -22.12
N LYS K 28 -16.18 -16.37 -20.86
CA LYS K 28 -15.31 -17.36 -20.22
C LYS K 28 -16.15 -18.58 -19.88
N THR K 29 -15.95 -19.67 -20.62
CA THR K 29 -16.72 -20.88 -20.41
C THR K 29 -15.90 -22.09 -20.82
N ARG K 30 -16.48 -23.27 -20.62
CA ARG K 30 -15.81 -24.52 -20.96
C ARG K 30 -15.93 -24.86 -22.45
N GLU K 31 -16.89 -24.23 -23.15
CA GLU K 31 -17.14 -24.47 -24.56
C GLU K 31 -15.86 -24.37 -25.39
N THR K 32 -15.37 -23.15 -25.59
CA THR K 32 -14.08 -22.89 -26.23
C THR K 32 -13.94 -23.55 -27.59
N GLU K 33 -14.56 -22.99 -28.63
CA GLU K 33 -14.45 -23.50 -29.99
C GLU K 33 -14.37 -22.32 -30.95
N GLU K 34 -14.50 -22.63 -32.24
CA GLU K 34 -14.97 -21.68 -33.22
C GLU K 34 -16.49 -21.55 -33.19
N GLN K 35 -17.17 -22.39 -32.40
CA GLN K 35 -18.61 -22.31 -32.22
C GLN K 35 -19.01 -21.18 -31.26
N LYS K 36 -18.04 -20.58 -30.56
CA LYS K 36 -18.32 -19.35 -29.82
C LYS K 36 -18.97 -18.32 -30.73
N ARG K 37 -18.48 -18.19 -31.96
CA ARG K 37 -19.11 -17.30 -32.93
C ARG K 37 -20.52 -17.79 -33.27
N ASN K 38 -20.66 -19.05 -33.67
CA ASN K 38 -21.98 -19.62 -33.96
C ASN K 38 -22.92 -19.45 -32.78
N ARG K 39 -22.39 -19.45 -31.57
CA ARG K 39 -23.19 -19.09 -30.40
C ARG K 39 -23.64 -17.64 -30.48
N VAL K 40 -22.67 -16.73 -30.64
CA VAL K 40 -22.96 -15.30 -30.56
C VAL K 40 -23.96 -14.88 -31.63
N ARG K 41 -23.64 -15.17 -32.90
CA ARG K 41 -24.51 -14.74 -33.99
C ARG K 41 -25.88 -15.41 -33.91
N GLY K 42 -25.96 -16.57 -33.27
CA GLY K 42 -27.26 -17.14 -32.97
C GLY K 42 -28.04 -16.28 -31.98
N ILE K 43 -27.37 -15.88 -30.90
CA ILE K 43 -28.00 -14.99 -29.93
C ILE K 43 -28.38 -13.66 -30.58
N LEU K 44 -27.43 -13.07 -31.31
CA LEU K 44 -27.72 -11.81 -31.99
C LEU K 44 -28.88 -11.96 -32.98
N ARG K 45 -29.07 -13.15 -33.55
CA ARG K 45 -30.21 -13.40 -34.40
C ARG K 45 -31.52 -13.43 -33.63
N ILE K 46 -31.47 -13.56 -32.31
CA ILE K 46 -32.68 -13.55 -31.49
C ILE K 46 -33.04 -12.13 -31.07
N ILE K 47 -32.04 -11.26 -30.91
CA ILE K 47 -32.29 -9.92 -30.39
C ILE K 47 -32.97 -9.05 -31.42
N LYS K 48 -32.40 -8.98 -32.63
CA LYS K 48 -32.89 -8.03 -33.62
C LYS K 48 -34.34 -8.22 -34.06
N PRO K 49 -34.91 -9.43 -34.11
CA PRO K 49 -36.34 -9.52 -34.47
C PRO K 49 -37.24 -9.39 -33.25
N CYS K 50 -38.34 -8.66 -33.43
CA CYS K 50 -39.34 -8.52 -32.38
C CYS K 50 -39.96 -9.87 -32.07
N ASN K 51 -39.91 -10.26 -30.80
CA ASN K 51 -40.44 -11.56 -30.40
C ASN K 51 -41.97 -11.59 -30.36
N HIS K 52 -42.61 -10.44 -30.21
CA HIS K 52 -44.07 -10.40 -30.13
C HIS K 52 -44.58 -9.11 -30.78
N VAL K 53 -45.71 -9.22 -31.47
CA VAL K 53 -46.34 -8.07 -32.12
C VAL K 53 -47.79 -8.40 -32.46
N LEU K 54 -48.72 -7.61 -31.93
CA LEU K 54 -50.14 -7.88 -32.04
C LEU K 54 -50.78 -6.92 -33.03
N SER K 55 -51.54 -7.45 -33.97
CA SER K 55 -52.32 -6.65 -34.91
C SER K 55 -53.77 -6.63 -34.43
N LEU K 56 -54.25 -5.45 -34.07
CA LEU K 56 -55.54 -5.30 -33.43
C LEU K 56 -56.54 -4.62 -34.36
N SER K 57 -57.81 -4.81 -34.06
CA SER K 57 -58.89 -4.26 -34.87
C SER K 57 -60.21 -4.26 -34.09
N PHE K 58 -60.51 -3.17 -33.39
CA PHE K 58 -61.68 -3.12 -32.54
C PHE K 58 -62.68 -2.09 -33.04
N PRO K 59 -63.95 -2.21 -32.66
CA PRO K 59 -64.95 -1.24 -33.11
C PRO K 59 -65.32 -0.22 -32.04
N ILE K 60 -65.66 1.00 -32.45
CA ILE K 60 -66.23 2.01 -31.57
C ILE K 60 -67.39 2.67 -32.29
N ARG K 61 -68.08 3.55 -31.58
CA ARG K 61 -69.29 4.20 -32.09
C ARG K 61 -69.15 5.71 -31.91
N ARG K 62 -69.01 6.42 -33.03
CA ARG K 62 -68.85 7.86 -33.01
C ARG K 62 -70.14 8.53 -32.50
N ASP K 63 -70.05 9.85 -32.29
CA ASP K 63 -71.18 10.60 -31.75
C ASP K 63 -72.40 10.60 -32.66
N ASP K 64 -72.25 10.16 -33.92
CA ASP K 64 -73.41 10.09 -34.81
C ASP K 64 -74.29 8.90 -34.48
N GLY K 65 -73.68 7.77 -34.13
CA GLY K 65 -74.32 6.49 -34.15
C GLY K 65 -73.78 5.60 -35.25
N SER K 66 -72.94 6.16 -36.10
CA SER K 66 -72.20 5.39 -37.09
C SER K 66 -71.16 4.51 -36.39
N TRP K 67 -70.71 3.48 -37.11
CA TRP K 67 -69.78 2.50 -36.56
C TRP K 67 -68.54 2.42 -37.44
N GLU K 68 -67.38 2.25 -36.79
CA GLU K 68 -66.10 2.32 -37.48
C GLU K 68 -65.12 1.33 -36.86
N VAL K 69 -64.43 0.57 -37.70
CA VAL K 69 -63.34 -0.30 -37.26
C VAL K 69 -62.07 0.53 -37.19
N ILE K 70 -61.25 0.27 -36.18
CA ILE K 70 -60.06 1.05 -35.90
C ILE K 70 -58.89 0.08 -35.77
N GLU K 71 -58.09 -0.02 -36.81
CA GLU K 71 -56.93 -0.89 -36.78
C GLU K 71 -55.84 -0.29 -35.90
N GLY K 72 -55.19 -1.16 -35.12
CA GLY K 72 -54.13 -0.72 -34.23
C GLY K 72 -53.15 -1.85 -34.01
N TYR K 73 -51.93 -1.49 -33.61
CA TYR K 73 -50.89 -2.47 -33.41
C TYR K 73 -50.10 -2.14 -32.15
N ARG K 74 -49.28 -3.11 -31.75
CA ARG K 74 -48.27 -2.94 -30.72
C ARG K 74 -47.28 -4.09 -30.84
N ALA K 75 -46.00 -3.79 -30.65
CA ALA K 75 -44.95 -4.79 -30.79
C ALA K 75 -44.09 -4.79 -29.54
N GLN K 76 -44.03 -5.95 -28.87
CA GLN K 76 -43.08 -6.17 -27.77
C GLN K 76 -41.82 -6.77 -28.37
N HIS K 77 -40.77 -5.95 -28.50
CA HIS K 77 -39.52 -6.44 -29.05
C HIS K 77 -38.91 -7.53 -28.17
N SER K 78 -38.20 -7.13 -27.13
CA SER K 78 -37.48 -8.06 -26.26
C SER K 78 -38.17 -8.17 -24.90
N GLN K 79 -38.05 -9.35 -24.29
CA GLN K 79 -38.65 -9.60 -22.98
C GLN K 79 -37.62 -10.08 -21.96
N HIS K 80 -36.33 -9.86 -22.22
CA HIS K 80 -35.32 -10.24 -21.24
C HIS K 80 -35.56 -9.52 -19.92
N ARG K 81 -36.07 -8.30 -19.97
CA ARG K 81 -36.43 -7.55 -18.78
C ARG K 81 -37.94 -7.61 -18.59
N THR K 82 -38.36 -7.83 -17.34
CA THR K 82 -39.71 -8.32 -17.07
C THR K 82 -40.81 -7.44 -17.64
N PRO K 83 -40.79 -6.10 -17.49
CA PRO K 83 -41.84 -5.30 -18.12
C PRO K 83 -41.39 -4.73 -19.45
N CYS K 84 -42.30 -4.65 -20.41
CA CYS K 84 -42.00 -4.00 -21.68
C CYS K 84 -42.43 -2.54 -21.62
N LYS K 85 -41.67 -1.69 -22.31
CA LYS K 85 -41.83 -0.25 -22.23
C LYS K 85 -41.89 0.32 -23.64
N GLY K 86 -42.83 1.22 -23.87
CA GLY K 86 -42.95 1.84 -25.17
C GLY K 86 -44.27 2.57 -25.32
N GLY K 87 -44.20 3.82 -25.75
CA GLY K 87 -45.41 4.62 -25.91
C GLY K 87 -46.38 4.12 -26.94
N ILE K 88 -47.47 4.86 -27.13
CA ILE K 88 -48.47 4.57 -28.14
C ILE K 88 -48.68 5.85 -28.94
N ARG K 89 -49.14 5.70 -30.19
CA ARG K 89 -49.15 6.83 -31.12
C ARG K 89 -50.42 6.83 -31.95
N TYR K 90 -51.08 7.98 -31.99
CA TYR K 90 -52.33 8.16 -32.74
C TYR K 90 -52.03 8.90 -34.03
N SER K 91 -51.89 8.16 -35.13
CA SER K 91 -51.69 8.79 -36.42
C SER K 91 -52.05 7.79 -37.52
N THR K 92 -52.61 8.30 -38.61
CA THR K 92 -52.82 7.47 -39.78
C THR K 92 -51.51 6.90 -40.29
N ASP K 93 -50.40 7.59 -40.01
CA ASP K 93 -49.07 7.11 -40.37
C ASP K 93 -48.75 5.74 -39.79
N VAL K 94 -49.42 5.35 -38.70
CA VAL K 94 -49.13 4.12 -37.97
C VAL K 94 -49.04 2.95 -38.94
N SER K 95 -47.89 2.28 -38.94
CA SER K 95 -47.66 1.10 -39.76
C SER K 95 -47.10 0.00 -38.88
N VAL K 96 -47.35 -1.25 -39.29
CA VAL K 96 -46.82 -2.38 -38.54
C VAL K 96 -45.30 -2.33 -38.50
N ASP K 97 -44.68 -2.17 -39.67
CA ASP K 97 -43.23 -2.05 -39.74
C ASP K 97 -42.72 -0.87 -38.90
N GLU K 98 -43.54 0.17 -38.74
CA GLU K 98 -43.12 1.34 -37.97
C GLU K 98 -42.99 1.02 -36.49
N VAL K 99 -44.10 0.65 -35.85
CA VAL K 99 -44.05 0.23 -34.44
C VAL K 99 -43.08 -0.92 -34.27
N LYS K 100 -42.93 -1.76 -35.30
CA LYS K 100 -41.94 -2.83 -35.25
C LYS K 100 -40.52 -2.26 -35.15
N ALA K 101 -40.25 -1.17 -35.87
CA ALA K 101 -38.91 -0.57 -35.81
C ALA K 101 -38.74 0.28 -34.57
N LEU K 102 -39.78 1.04 -34.20
CA LEU K 102 -39.69 1.93 -33.05
C LEU K 102 -39.51 1.13 -31.77
N ALA K 103 -40.20 0.00 -31.65
CA ALA K 103 -40.00 -0.90 -30.51
C ALA K 103 -38.56 -1.38 -30.45
N SER K 104 -38.07 -1.97 -31.54
CA SER K 104 -36.67 -2.37 -31.64
C SER K 104 -35.76 -1.29 -31.11
N LEU K 105 -35.97 -0.05 -31.56
CA LEU K 105 -35.21 1.08 -31.04
C LEU K 105 -35.36 1.22 -29.53
N MET K 106 -36.60 1.29 -29.04
CA MET K 106 -36.85 1.54 -27.63
C MET K 106 -36.15 0.54 -26.72
N THR K 107 -35.83 -0.65 -27.23
CA THR K 107 -35.08 -1.63 -26.45
C THR K 107 -33.70 -1.11 -26.10
N TYR K 108 -32.90 -0.85 -27.13
CA TYR K 108 -31.50 -0.48 -26.92
C TYR K 108 -31.39 0.86 -26.18
N LYS K 109 -32.32 1.77 -26.44
CA LYS K 109 -32.36 3.04 -25.73
C LYS K 109 -32.41 2.83 -24.23
N CYS K 110 -33.34 1.99 -23.76
CA CYS K 110 -33.43 1.68 -22.34
C CYS K 110 -32.18 0.95 -21.85
N ALA K 111 -31.49 0.23 -22.73
CA ALA K 111 -30.27 -0.46 -22.33
C ALA K 111 -29.12 0.51 -22.11
N VAL K 112 -29.04 1.55 -22.95
CA VAL K 112 -27.94 2.52 -22.84
C VAL K 112 -27.93 3.16 -21.46
N VAL K 113 -29.05 3.75 -21.06
CA VAL K 113 -29.14 4.48 -19.80
C VAL K 113 -29.38 3.52 -18.64
N ASP K 114 -29.07 2.24 -18.84
CA ASP K 114 -29.14 1.21 -17.82
C ASP K 114 -30.51 1.20 -17.14
N VAL K 115 -31.54 0.98 -17.96
CA VAL K 115 -32.92 0.87 -17.51
C VAL K 115 -33.39 -0.56 -17.75
N PRO K 116 -33.93 -1.23 -16.74
CA PRO K 116 -34.35 -2.64 -16.88
C PRO K 116 -35.71 -2.80 -17.55
N PHE K 117 -35.83 -2.29 -18.78
CA PHE K 117 -37.07 -2.39 -19.53
C PHE K 117 -36.81 -3.02 -20.88
N GLY K 118 -37.76 -3.84 -21.34
CA GLY K 118 -37.76 -4.31 -22.71
C GLY K 118 -38.51 -3.33 -23.60
N GLY K 119 -37.98 -3.13 -24.80
CA GLY K 119 -38.55 -2.15 -25.71
C GLY K 119 -39.83 -2.62 -26.37
N ALA K 120 -40.75 -1.68 -26.56
CA ALA K 120 -42.03 -1.95 -27.21
C ALA K 120 -42.52 -0.66 -27.84
N LYS K 121 -43.68 -0.76 -28.52
CA LYS K 121 -44.29 0.38 -29.17
C LYS K 121 -45.68 -0.02 -29.63
N ALA K 122 -46.59 0.94 -29.65
CA ALA K 122 -47.95 0.72 -30.13
C ALA K 122 -48.36 1.85 -31.07
N GLY K 123 -49.54 1.70 -31.66
CA GLY K 123 -50.05 2.69 -32.59
C GLY K 123 -51.49 2.42 -32.98
N VAL K 124 -52.21 3.49 -33.30
CA VAL K 124 -53.61 3.41 -33.71
C VAL K 124 -53.75 4.22 -34.99
N LYS K 125 -54.25 3.58 -36.05
CA LYS K 125 -54.35 4.19 -37.38
C LYS K 125 -55.57 5.11 -37.45
N ILE K 126 -55.49 6.22 -36.70
CA ILE K 126 -56.53 7.23 -36.72
C ILE K 126 -55.91 8.62 -36.81
N ASN K 127 -56.74 9.64 -36.62
CA ASN K 127 -56.25 11.00 -36.68
C ASN K 127 -56.99 11.79 -35.61
N PRO K 128 -56.30 12.16 -34.51
CA PRO K 128 -57.01 12.76 -33.37
C PRO K 128 -57.80 14.01 -33.71
N LYS K 129 -57.45 14.72 -34.78
CA LYS K 129 -58.17 15.93 -35.12
C LYS K 129 -59.60 15.62 -35.57
N ASN K 130 -59.78 14.56 -36.36
CA ASN K 130 -61.10 14.23 -36.88
C ASN K 130 -62.01 13.58 -35.86
N TYR K 131 -61.50 13.23 -34.69
CA TYR K 131 -62.32 12.69 -33.61
C TYR K 131 -62.38 13.68 -32.46
N THR K 132 -63.44 13.59 -31.67
CA THR K 132 -63.64 14.48 -30.54
C THR K 132 -63.01 13.90 -29.28
N ASP K 133 -63.09 14.67 -28.18
CA ASP K 133 -62.53 14.23 -26.92
C ASP K 133 -63.25 13.00 -26.40
N ASN K 134 -64.58 13.09 -26.25
CA ASN K 134 -65.35 11.95 -25.80
C ASN K 134 -65.24 10.78 -26.78
N GLU K 135 -65.13 11.07 -28.08
CA GLU K 135 -64.85 10.02 -29.05
C GLU K 135 -63.47 9.41 -28.81
N LEU K 136 -62.49 10.24 -28.44
CA LEU K 136 -61.14 9.74 -28.19
C LEU K 136 -61.09 8.85 -26.95
N GLU K 137 -61.83 9.21 -25.90
CA GLU K 137 -61.81 8.43 -24.68
C GLU K 137 -62.34 7.01 -24.92
N LYS K 138 -63.25 6.83 -25.88
CA LYS K 138 -63.75 5.51 -26.20
C LYS K 138 -62.69 4.65 -26.87
N ILE K 139 -61.90 5.25 -27.77
CA ILE K 139 -60.84 4.52 -28.46
C ILE K 139 -59.84 3.99 -27.45
N THR K 140 -59.19 4.89 -26.71
CA THR K 140 -58.16 4.51 -25.75
C THR K 140 -58.66 3.45 -24.78
N ARG K 141 -59.78 3.71 -24.12
CA ARG K 141 -60.29 2.81 -23.09
C ARG K 141 -60.50 1.40 -23.64
N ARG K 142 -61.23 1.29 -24.75
CA ARG K 142 -61.42 -0.01 -25.36
C ARG K 142 -60.10 -0.60 -25.86
N PHE K 143 -59.28 0.23 -26.51
CA PHE K 143 -57.95 -0.21 -26.93
C PHE K 143 -57.18 -0.81 -25.77
N THR K 144 -57.31 -0.21 -24.58
CA THR K 144 -56.71 -0.74 -23.36
C THR K 144 -57.17 -2.16 -23.09
N MET K 145 -58.46 -2.32 -22.82
CA MET K 145 -59.07 -3.62 -22.57
C MET K 145 -58.63 -4.69 -23.56
N GLU K 146 -58.60 -4.32 -24.85
CA GLU K 146 -58.22 -5.29 -25.87
C GLU K 146 -56.78 -5.74 -25.72
N LEU K 147 -55.90 -4.87 -25.22
CA LEU K 147 -54.54 -5.29 -24.95
C LEU K 147 -54.44 -6.10 -23.66
N ALA K 148 -55.25 -5.76 -22.66
CA ALA K 148 -55.14 -6.39 -21.35
C ALA K 148 -55.45 -7.89 -21.43
N LYS K 149 -56.57 -8.23 -22.06
CA LYS K 149 -56.99 -9.62 -22.17
C LYS K 149 -55.96 -10.50 -22.86
N LYS K 150 -54.91 -9.91 -23.46
CA LYS K 150 -53.91 -10.70 -24.15
C LYS K 150 -52.48 -10.24 -23.86
N GLY K 151 -52.23 -9.73 -22.66
CA GLY K 151 -50.88 -9.46 -22.20
C GLY K 151 -50.07 -8.46 -23.01
N PHE K 152 -50.57 -7.23 -23.12
CA PHE K 152 -49.81 -6.14 -23.73
C PHE K 152 -49.98 -4.85 -22.94
N ILE K 153 -50.38 -4.95 -21.67
CA ILE K 153 -50.58 -3.81 -20.77
C ILE K 153 -50.76 -4.34 -19.36
N GLY K 154 -49.92 -3.88 -18.44
CA GLY K 154 -49.96 -4.33 -17.07
C GLY K 154 -48.58 -4.30 -16.46
N PRO K 155 -48.49 -4.03 -15.16
CA PRO K 155 -47.18 -3.90 -14.53
C PRO K 155 -46.45 -5.23 -14.53
N GLY K 156 -45.16 -5.17 -14.87
CA GLY K 156 -44.36 -6.37 -14.96
C GLY K 156 -44.59 -7.21 -16.20
N VAL K 157 -45.39 -6.73 -17.15
CA VAL K 157 -45.59 -7.41 -18.42
C VAL K 157 -45.32 -6.43 -19.55
N ASP K 158 -46.06 -5.33 -19.55
CA ASP K 158 -45.87 -4.26 -20.53
C ASP K 158 -46.42 -2.96 -19.95
N VAL K 159 -45.68 -1.88 -20.13
CA VAL K 159 -46.10 -0.58 -19.62
C VAL K 159 -45.87 0.47 -20.71
N PRO K 160 -46.94 1.03 -21.29
CA PRO K 160 -46.77 2.05 -22.33
C PRO K 160 -46.62 3.46 -21.77
N ALA K 161 -46.73 4.46 -22.65
CA ALA K 161 -46.44 5.85 -22.29
C ALA K 161 -47.05 6.74 -23.36
N PRO K 162 -47.10 8.05 -23.13
CA PRO K 162 -47.55 8.96 -24.18
C PRO K 162 -46.45 9.21 -25.19
N ASP K 163 -46.84 9.76 -26.34
CA ASP K 163 -45.88 10.04 -27.40
C ASP K 163 -46.29 11.25 -28.23
N MET K 164 -46.64 11.03 -29.49
CA MET K 164 -47.08 12.09 -30.40
C MET K 164 -48.59 12.14 -30.41
N SER K 165 -49.15 13.30 -30.07
CA SER K 165 -50.59 13.53 -30.01
C SER K 165 -51.27 12.67 -28.94
N THR K 166 -50.52 12.21 -27.95
CA THR K 166 -51.08 11.46 -26.82
C THR K 166 -50.61 12.14 -25.54
N GLY K 167 -51.57 12.61 -24.73
CA GLY K 167 -51.25 13.41 -23.56
C GLY K 167 -51.40 12.63 -22.26
N GLU K 168 -51.30 13.38 -21.17
CA GLU K 168 -51.48 12.77 -19.85
C GLU K 168 -52.93 12.35 -19.63
N ARG K 169 -53.88 13.18 -20.09
CA ARG K 169 -55.29 12.88 -19.89
C ARG K 169 -55.65 11.51 -20.46
N GLU K 170 -55.06 11.15 -21.60
CA GLU K 170 -55.33 9.84 -22.19
C GLU K 170 -54.62 8.72 -21.46
N MET K 171 -53.41 8.97 -20.95
CA MET K 171 -52.77 8.00 -20.07
C MET K 171 -53.60 7.74 -18.83
N SER K 172 -54.28 8.79 -18.33
CA SER K 172 -55.16 8.62 -17.18
C SER K 172 -56.31 7.68 -17.50
N TRP K 173 -56.82 7.74 -18.73
CA TRP K 173 -57.95 6.90 -19.12
C TRP K 173 -57.56 5.42 -19.11
N ILE K 174 -56.40 5.11 -19.70
CA ILE K 174 -55.85 3.76 -19.69
C ILE K 174 -55.83 3.23 -18.26
N ALA K 175 -55.05 3.88 -17.41
CA ALA K 175 -54.96 3.53 -15.99
C ALA K 175 -56.34 3.27 -15.39
N ASP K 176 -57.22 4.26 -15.48
CA ASP K 176 -58.58 4.12 -14.96
C ASP K 176 -59.26 2.87 -15.53
N THR K 177 -59.01 2.56 -16.80
CA THR K 177 -59.62 1.38 -17.40
C THR K 177 -59.02 0.11 -16.85
N TYR K 178 -57.69 -0.03 -16.92
CA TYR K 178 -57.01 -1.20 -16.40
C TYR K 178 -57.35 -1.41 -14.93
N ALA K 179 -57.20 -0.37 -14.11
CA ALA K 179 -57.41 -0.45 -12.68
C ALA K 179 -58.86 -0.70 -12.29
N SER K 180 -59.79 -0.66 -13.24
CA SER K 180 -61.21 -0.85 -12.96
C SER K 180 -61.77 -2.14 -13.53
N THR K 181 -60.96 -2.93 -14.25
CA THR K 181 -61.49 -4.07 -14.99
C THR K 181 -60.61 -5.30 -14.84
N ILE K 182 -59.58 -5.40 -15.70
CA ILE K 182 -58.70 -6.56 -15.73
C ILE K 182 -57.86 -6.62 -14.46
N GLY K 183 -56.98 -5.63 -14.28
CA GLY K 183 -56.12 -5.60 -13.12
C GLY K 183 -56.74 -4.91 -11.93
N HIS K 184 -57.94 -5.33 -11.52
CA HIS K 184 -58.57 -4.72 -10.36
C HIS K 184 -57.92 -5.18 -9.07
N TYR K 185 -57.62 -6.47 -8.95
CA TYR K 185 -57.08 -7.01 -7.72
C TYR K 185 -55.59 -6.70 -7.54
N ASP K 186 -54.92 -6.25 -8.60
CA ASP K 186 -53.49 -5.97 -8.54
C ASP K 186 -53.21 -4.70 -7.75
N ILE K 187 -52.31 -4.80 -6.77
CA ILE K 187 -51.99 -3.66 -5.92
C ILE K 187 -51.30 -2.57 -6.70
N ASN K 188 -50.51 -2.94 -7.72
CA ASN K 188 -49.74 -2.01 -8.52
C ASN K 188 -50.35 -1.80 -9.91
N ALA K 189 -51.68 -1.87 -9.99
CA ALA K 189 -52.35 -1.69 -11.28
C ALA K 189 -52.06 -0.30 -11.85
N HIS K 190 -51.98 0.71 -10.99
CA HIS K 190 -51.74 2.06 -11.48
C HIS K 190 -50.34 2.22 -12.05
N ALA K 191 -49.50 1.20 -11.99
CA ALA K 191 -48.20 1.20 -12.65
C ALA K 191 -48.26 0.65 -14.06
N CYS K 192 -49.45 0.38 -14.58
CA CYS K 192 -49.55 -0.20 -15.92
C CYS K 192 -49.08 0.75 -17.00
N VAL K 193 -49.10 2.06 -16.75
CA VAL K 193 -48.69 3.05 -17.74
C VAL K 193 -48.10 4.24 -17.01
N THR K 194 -46.96 4.72 -17.49
CA THR K 194 -46.39 5.96 -16.99
C THR K 194 -46.77 7.11 -17.91
N GLY K 195 -46.55 8.33 -17.42
CA GLY K 195 -46.97 9.53 -18.13
C GLY K 195 -48.27 10.12 -17.63
N LYS K 196 -48.96 9.44 -16.72
CA LYS K 196 -50.23 9.92 -16.22
C LYS K 196 -50.05 11.22 -15.45
N PRO K 197 -51.11 12.04 -15.35
CA PRO K 197 -50.99 13.30 -14.61
C PRO K 197 -50.71 13.06 -13.14
N ILE K 198 -50.30 14.13 -12.46
CA ILE K 198 -49.80 14.02 -11.10
C ILE K 198 -50.88 13.55 -10.14
N SER K 199 -52.14 13.89 -10.42
CA SER K 199 -53.23 13.48 -9.54
C SER K 199 -53.68 12.04 -9.78
N GLN K 200 -53.06 11.33 -10.72
CA GLN K 200 -53.44 9.96 -11.03
C GLN K 200 -52.28 8.99 -10.78
N GLY K 201 -51.28 9.41 -10.02
CA GLY K 201 -50.10 8.61 -9.76
C GLY K 201 -48.86 9.11 -10.45
N GLY K 202 -48.94 10.20 -11.20
CA GLY K 202 -47.81 10.69 -11.97
C GLY K 202 -46.64 11.14 -11.13
N ILE K 203 -45.59 11.63 -11.79
CA ILE K 203 -44.39 12.11 -11.12
C ILE K 203 -44.09 13.52 -11.61
N HIS K 204 -43.49 14.32 -10.73
CA HIS K 204 -43.12 15.67 -11.11
C HIS K 204 -41.96 15.63 -12.10
N GLY K 205 -41.79 16.73 -12.83
CA GLY K 205 -40.69 16.84 -13.76
C GLY K 205 -40.72 15.90 -14.96
N ARG K 206 -41.83 15.19 -15.17
CA ARG K 206 -41.95 14.33 -16.34
C ARG K 206 -42.42 15.10 -17.56
N ILE K 207 -43.29 16.10 -17.37
CA ILE K 207 -43.64 17.02 -18.44
C ILE K 207 -42.39 17.59 -19.09
N SER K 208 -41.32 17.77 -18.31
CA SER K 208 -40.07 18.30 -18.78
C SER K 208 -39.02 17.23 -19.07
N ALA K 209 -39.37 15.95 -18.87
CA ALA K 209 -38.41 14.86 -18.89
C ALA K 209 -37.57 14.83 -20.16
N THR K 210 -38.22 14.62 -21.31
CA THR K 210 -37.48 14.55 -22.57
C THR K 210 -36.68 15.81 -22.81
N GLY K 211 -37.23 16.97 -22.45
CA GLY K 211 -36.56 18.23 -22.63
C GLY K 211 -35.24 18.15 -21.91
N ARG K 212 -35.27 17.80 -20.63
CA ARG K 212 -34.01 17.97 -19.94
C ARG K 212 -33.16 16.81 -20.31
N GLY K 213 -33.83 15.78 -20.80
CA GLY K 213 -33.16 14.67 -21.42
C GLY K 213 -32.36 15.08 -22.63
N VAL K 214 -32.89 16.02 -23.42
CA VAL K 214 -32.14 16.54 -24.57
C VAL K 214 -31.00 17.43 -24.10
N PHE K 215 -31.19 18.16 -23.01
CA PHE K 215 -30.19 19.10 -22.53
C PHE K 215 -28.93 18.36 -22.04
N HIS K 216 -29.07 17.57 -20.97
CA HIS K 216 -27.89 16.95 -20.37
C HIS K 216 -27.15 16.05 -21.36
N GLY K 217 -27.87 15.51 -22.35
CA GLY K 217 -27.19 14.85 -23.45
C GLY K 217 -26.23 15.78 -24.18
N ILE K 218 -26.67 17.01 -24.45
CA ILE K 218 -25.80 17.99 -25.08
C ILE K 218 -24.78 18.54 -24.08
N GLU K 219 -25.12 18.54 -22.79
CA GLU K 219 -24.27 19.20 -21.80
C GLU K 219 -22.93 18.48 -21.63
N ASN K 220 -22.91 17.16 -21.74
CA ASN K 220 -21.71 16.38 -21.50
C ASN K 220 -20.79 16.32 -22.71
N PHE K 221 -21.10 17.08 -23.76
CA PHE K 221 -20.31 17.14 -24.99
C PHE K 221 -19.54 18.46 -25.11
N ILE K 222 -20.27 19.58 -25.22
CA ILE K 222 -19.66 20.90 -25.32
C ILE K 222 -19.24 21.35 -23.93
N ASN K 223 -18.74 20.41 -23.14
CA ASN K 223 -18.07 20.70 -21.88
C ASN K 223 -16.76 19.92 -21.79
N GLU K 224 -16.40 19.22 -22.86
CA GLU K 224 -15.10 18.57 -22.99
C GLU K 224 -14.60 18.84 -24.40
N ALA K 225 -13.38 19.37 -24.51
CA ALA K 225 -12.81 19.70 -25.81
C ALA K 225 -12.22 18.48 -26.52
N SER K 226 -12.34 17.28 -25.94
CA SER K 226 -11.90 16.08 -26.63
C SER K 226 -12.56 15.93 -27.99
N TYR K 227 -13.82 16.38 -28.11
CA TYR K 227 -14.53 16.39 -29.38
C TYR K 227 -14.74 17.80 -29.91
N MET K 228 -14.07 18.80 -29.33
CA MET K 228 -14.00 20.13 -29.90
C MET K 228 -12.71 20.38 -30.66
N SER K 229 -11.63 19.67 -30.31
CA SER K 229 -10.42 19.70 -31.09
C SER K 229 -10.58 19.01 -32.45
N ILE K 230 -11.75 18.42 -32.73
CA ILE K 230 -12.00 17.72 -33.99
C ILE K 230 -13.14 18.38 -34.74
N LEU K 231 -14.07 19.01 -34.03
CA LEU K 231 -15.16 19.72 -34.66
C LEU K 231 -14.88 21.21 -34.83
N GLY K 232 -13.75 21.68 -34.31
CA GLY K 232 -13.61 23.12 -34.18
C GLY K 232 -14.57 23.60 -33.11
N MET K 233 -15.13 24.79 -33.31
CA MET K 233 -16.11 25.36 -32.41
C MET K 233 -15.53 25.63 -31.02
N THR K 234 -16.21 26.44 -30.22
CA THR K 234 -15.60 26.77 -28.94
C THR K 234 -16.32 26.10 -27.78
N PRO K 235 -15.57 25.61 -26.79
CA PRO K 235 -16.23 25.09 -25.57
C PRO K 235 -17.11 26.11 -24.87
N GLY K 236 -16.95 27.40 -25.18
CA GLY K 236 -17.87 28.42 -24.71
C GLY K 236 -19.29 28.07 -25.09
N PHE K 237 -19.95 27.35 -24.18
CA PHE K 237 -21.32 26.89 -24.41
C PHE K 237 -22.24 28.02 -24.83
N GLY K 238 -22.10 29.19 -24.21
CA GLY K 238 -23.02 30.30 -24.38
C GLY K 238 -23.41 30.63 -25.81
N ASP K 239 -22.55 31.37 -26.52
CA ASP K 239 -22.91 31.87 -27.85
C ASP K 239 -23.07 30.76 -28.87
N LYS K 240 -24.06 29.90 -28.66
CA LYS K 240 -24.48 28.91 -29.64
C LYS K 240 -25.95 29.16 -29.98
N THR K 241 -26.30 28.88 -31.22
CA THR K 241 -27.66 29.03 -31.70
C THR K 241 -28.22 27.68 -32.11
N PHE K 242 -29.55 27.58 -32.16
CA PHE K 242 -30.18 26.30 -32.45
C PHE K 242 -31.53 26.52 -33.13
N ALA K 243 -32.07 25.44 -33.68
CA ALA K 243 -33.35 25.43 -34.37
C ALA K 243 -34.06 24.11 -34.11
N VAL K 244 -35.34 24.19 -33.73
CA VAL K 244 -36.11 23.01 -33.39
C VAL K 244 -37.05 22.68 -34.55
N GLN K 245 -37.43 21.41 -34.64
CA GLN K 245 -38.52 20.99 -35.51
C GLN K 245 -39.61 20.36 -34.64
N GLY K 246 -40.86 20.48 -35.10
CA GLY K 246 -41.99 19.96 -34.34
C GLY K 246 -42.07 20.57 -32.96
N PHE K 247 -42.52 21.81 -32.89
CA PHE K 247 -42.64 22.54 -31.63
C PHE K 247 -43.81 21.96 -30.85
N GLY K 248 -43.53 21.05 -29.93
CA GLY K 248 -44.56 20.39 -29.16
C GLY K 248 -44.04 19.34 -28.21
N ASN K 249 -44.37 19.48 -26.93
CA ASN K 249 -43.89 18.60 -25.86
C ASN K 249 -42.38 18.49 -25.90
N VAL K 250 -41.87 17.60 -26.77
CA VAL K 250 -40.43 17.48 -26.94
C VAL K 250 -39.86 18.75 -27.55
N GLY K 251 -40.40 19.20 -28.67
CA GLY K 251 -39.93 20.44 -29.29
C GLY K 251 -40.04 21.63 -28.36
N LEU K 252 -41.06 21.66 -27.51
CA LEU K 252 -41.17 22.69 -26.49
C LEU K 252 -39.99 22.66 -25.53
N HIS K 253 -40.02 21.71 -24.60
CA HIS K 253 -39.13 21.77 -23.45
C HIS K 253 -37.67 21.54 -23.81
N SER K 254 -37.40 20.92 -24.96
CA SER K 254 -36.02 20.92 -25.46
C SER K 254 -35.56 22.34 -25.76
N MET K 255 -36.48 23.24 -26.09
CA MET K 255 -36.17 24.64 -26.31
C MET K 255 -36.23 25.44 -25.01
N ARG K 256 -37.31 25.27 -24.23
CA ARG K 256 -37.52 26.07 -23.01
C ARG K 256 -36.34 25.93 -22.06
N TYR K 257 -35.73 24.75 -21.99
CA TYR K 257 -34.66 24.51 -21.03
C TYR K 257 -33.27 24.78 -21.60
N LEU K 258 -33.10 24.72 -22.92
CA LEU K 258 -31.84 25.13 -23.51
C LEU K 258 -31.66 26.64 -23.47
N HIS K 259 -32.75 27.39 -23.39
CA HIS K 259 -32.69 28.85 -23.41
C HIS K 259 -32.07 29.42 -22.14
N ARG K 260 -32.47 28.89 -20.98
CA ARG K 260 -32.19 29.54 -19.69
C ARG K 260 -30.71 29.56 -19.32
N PHE K 261 -29.82 29.02 -20.13
CA PHE K 261 -28.41 28.98 -19.79
C PHE K 261 -27.56 29.99 -20.55
N GLY K 262 -28.16 30.76 -21.46
CA GLY K 262 -27.43 31.73 -22.24
C GLY K 262 -27.24 31.39 -23.69
N ALA K 263 -27.90 30.34 -24.19
CA ALA K 263 -27.82 29.96 -25.59
C ALA K 263 -29.08 30.41 -26.31
N LYS K 264 -28.92 31.24 -27.33
CA LYS K 264 -30.03 31.82 -28.06
C LYS K 264 -30.45 30.91 -29.21
N CYS K 265 -31.70 31.08 -29.65
CA CYS K 265 -32.24 30.29 -30.75
C CYS K 265 -31.94 30.98 -32.08
N VAL K 266 -32.67 30.60 -33.14
CA VAL K 266 -32.59 31.27 -34.44
C VAL K 266 -33.76 30.84 -35.32
N ALA K 267 -34.35 29.69 -35.02
CA ALA K 267 -35.37 29.16 -35.91
C ALA K 267 -36.26 28.16 -35.19
N VAL K 268 -37.52 28.12 -35.60
CA VAL K 268 -38.49 27.15 -35.11
C VAL K 268 -39.41 26.79 -36.27
N GLY K 269 -39.61 25.49 -36.49
CA GLY K 269 -40.49 25.04 -37.55
C GLY K 269 -41.48 24.00 -37.04
N GLU K 270 -42.67 24.02 -37.63
CA GLU K 270 -43.70 23.04 -37.32
C GLU K 270 -44.19 22.46 -38.64
N SER K 271 -45.36 21.84 -38.62
CA SER K 271 -45.98 21.23 -39.79
C SER K 271 -46.62 22.24 -40.73
N ASP K 272 -46.44 23.55 -40.48
CA ASP K 272 -46.90 24.58 -41.40
C ASP K 272 -45.67 25.22 -42.02
N GLY K 273 -45.20 26.36 -41.51
CA GLY K 273 -44.02 27.00 -42.05
C GLY K 273 -42.84 26.92 -41.10
N SER K 274 -42.18 28.05 -40.86
CA SER K 274 -40.98 28.09 -40.04
C SER K 274 -40.81 29.49 -39.47
N ILE K 275 -39.69 29.72 -38.78
CA ILE K 275 -39.37 31.00 -38.17
C ILE K 275 -37.89 31.27 -38.36
N TRP K 276 -37.54 32.54 -38.61
CA TRP K 276 -36.17 32.96 -38.86
C TRP K 276 -35.92 34.29 -38.17
N ASN K 277 -34.89 34.34 -37.33
CA ASN K 277 -34.52 35.56 -36.62
C ASN K 277 -33.08 35.43 -36.11
N PRO K 278 -32.13 36.13 -36.73
CA PRO K 278 -30.73 36.01 -36.27
C PRO K 278 -30.52 36.51 -34.85
N ASP K 279 -31.33 37.47 -34.40
CA ASP K 279 -31.17 37.99 -33.04
C ASP K 279 -31.48 36.92 -32.00
N GLY K 280 -32.42 36.02 -32.30
CA GLY K 280 -32.75 34.93 -31.39
C GLY K 280 -34.12 35.06 -30.77
N ILE K 281 -34.99 34.08 -31.00
CA ILE K 281 -36.35 34.14 -30.49
C ILE K 281 -36.40 33.67 -29.04
N ASP K 282 -37.44 34.08 -28.34
CA ASP K 282 -37.60 33.83 -26.91
C ASP K 282 -38.88 33.04 -26.67
N PRO K 283 -38.79 31.84 -26.09
CA PRO K 283 -40.02 31.05 -25.87
C PRO K 283 -40.93 31.63 -24.81
N LYS K 284 -40.45 32.55 -23.98
CA LYS K 284 -41.30 33.14 -22.95
C LYS K 284 -42.50 33.87 -23.53
N GLU K 285 -42.43 34.29 -24.79
CA GLU K 285 -43.51 35.02 -25.44
C GLU K 285 -44.30 34.12 -26.41
N LEU K 286 -43.62 33.57 -27.41
CA LEU K 286 -44.36 32.80 -28.42
C LEU K 286 -44.88 31.46 -27.91
N GLU K 287 -44.79 31.17 -26.61
CA GLU K 287 -45.38 29.95 -26.09
C GLU K 287 -46.90 30.06 -26.00
N ASP K 288 -47.43 31.26 -25.77
CA ASP K 288 -48.88 31.47 -25.80
C ASP K 288 -49.43 31.52 -27.21
N PHE K 289 -48.68 31.02 -28.17
CA PHE K 289 -49.13 30.73 -29.53
C PHE K 289 -49.62 29.33 -29.75
N LYS K 290 -49.82 28.55 -28.69
CA LYS K 290 -50.32 27.19 -28.88
C LYS K 290 -51.83 27.22 -29.08
N LEU K 291 -52.58 26.78 -28.06
CA LEU K 291 -54.04 26.71 -28.16
C LEU K 291 -54.71 28.07 -27.99
N GLN K 292 -53.94 29.15 -28.00
CA GLN K 292 -54.52 30.50 -27.99
C GLN K 292 -55.27 30.77 -29.30
N HIS K 293 -54.61 30.55 -30.44
CA HIS K 293 -55.28 30.57 -31.74
C HIS K 293 -55.40 29.16 -32.29
N GLY K 294 -54.29 28.53 -32.63
CA GLY K 294 -54.31 27.19 -33.17
C GLY K 294 -52.94 26.68 -33.55
N THR K 295 -52.42 27.14 -34.69
CA THR K 295 -51.11 26.72 -35.19
C THR K 295 -50.25 27.96 -35.40
N ILE K 296 -48.99 27.73 -35.72
CA ILE K 296 -48.03 28.82 -35.82
C ILE K 296 -48.13 29.46 -37.20
N LEU K 297 -48.12 30.80 -37.24
CA LEU K 297 -48.14 31.55 -38.48
C LEU K 297 -47.43 32.89 -38.30
N GLY K 298 -46.37 32.90 -37.50
CA GLY K 298 -45.61 34.12 -37.29
C GLY K 298 -46.31 35.09 -36.40
N PHE K 299 -45.51 35.94 -35.75
CA PHE K 299 -45.79 36.79 -34.59
C PHE K 299 -44.67 37.80 -34.43
N PRO K 300 -44.86 38.80 -33.53
CA PRO K 300 -43.86 39.89 -33.43
C PRO K 300 -42.41 39.46 -33.52
N LYS K 301 -41.65 40.18 -34.34
CA LYS K 301 -40.27 39.91 -34.74
C LYS K 301 -40.05 38.49 -35.27
N ALA K 302 -41.01 37.58 -35.09
CA ALA K 302 -40.94 36.26 -35.70
C ALA K 302 -41.36 36.37 -37.16
N LYS K 303 -40.45 36.04 -38.07
CA LYS K 303 -40.66 36.24 -39.49
C LYS K 303 -41.34 35.02 -40.12
N ILE K 304 -41.86 35.23 -41.33
CA ILE K 304 -42.51 34.19 -42.12
C ILE K 304 -41.48 33.67 -43.11
N TYR K 305 -40.88 32.52 -42.80
CA TYR K 305 -39.81 31.96 -43.60
C TYR K 305 -40.29 30.70 -44.31
N GLU K 306 -39.91 30.54 -45.57
CA GLU K 306 -40.16 29.35 -46.34
C GLU K 306 -38.82 28.67 -46.66
N GLY K 307 -38.88 27.61 -47.47
CA GLY K 307 -37.68 26.86 -47.81
C GLY K 307 -37.64 25.51 -47.12
N SER K 308 -37.08 25.46 -45.91
CA SER K 308 -37.09 24.26 -45.11
C SER K 308 -37.07 24.61 -43.63
N ILE K 309 -36.41 23.76 -42.82
CA ILE K 309 -36.23 24.04 -41.40
C ILE K 309 -34.75 23.82 -41.08
N LEU K 310 -34.14 22.85 -41.76
CA LEU K 310 -32.81 22.40 -41.40
C LEU K 310 -31.72 23.26 -42.02
N GLU K 311 -31.90 23.67 -43.28
CA GLU K 311 -30.85 24.37 -44.02
C GLU K 311 -30.57 25.76 -43.46
N VAL K 312 -31.38 26.25 -42.53
CA VAL K 312 -31.11 27.51 -41.86
C VAL K 312 -29.72 27.47 -41.24
N ASP K 313 -28.90 28.47 -41.55
CA ASP K 313 -27.55 28.56 -41.00
C ASP K 313 -27.61 28.55 -39.47
N CYS K 314 -26.88 27.61 -38.87
CA CYS K 314 -27.06 27.32 -37.45
C CYS K 314 -25.86 26.51 -36.95
N ASP K 315 -25.90 26.18 -35.67
CA ASP K 315 -24.94 25.28 -35.03
C ASP K 315 -25.59 23.97 -34.60
N ILE K 316 -26.69 24.03 -33.84
CA ILE K 316 -27.31 22.86 -33.23
C ILE K 316 -28.69 22.67 -33.83
N LEU K 317 -28.86 21.61 -34.62
CA LEU K 317 -30.15 21.28 -35.22
C LEU K 317 -30.81 20.12 -34.48
N ILE K 318 -32.10 20.26 -34.20
CA ILE K 318 -32.81 19.21 -33.48
C ILE K 318 -34.12 18.86 -34.17
N PRO K 319 -34.14 17.86 -35.05
CA PRO K 319 -35.41 17.44 -35.68
C PRO K 319 -36.32 16.74 -34.70
N ALA K 320 -36.96 17.50 -33.82
CA ALA K 320 -37.85 16.95 -32.81
C ALA K 320 -39.29 16.79 -33.32
N ALA K 321 -39.45 16.38 -34.57
CA ALA K 321 -40.78 16.16 -35.12
C ALA K 321 -41.02 14.69 -35.41
N SER K 322 -41.14 14.35 -36.70
CA SER K 322 -41.46 12.99 -37.09
C SER K 322 -40.17 12.22 -37.37
N GLU K 323 -40.28 11.10 -38.09
CA GLU K 323 -39.15 10.24 -38.40
C GLU K 323 -38.77 10.40 -39.87
N LYS K 324 -37.48 10.23 -40.15
CA LYS K 324 -36.93 10.29 -41.50
C LYS K 324 -37.15 11.68 -42.12
N GLN K 325 -36.35 12.63 -41.61
CA GLN K 325 -36.20 13.96 -42.21
C GLN K 325 -34.74 14.30 -42.47
N LEU K 326 -33.88 13.28 -42.63
CA LEU K 326 -32.49 13.51 -43.00
C LEU K 326 -32.05 12.39 -43.93
N THR K 327 -32.05 12.67 -45.23
CA THR K 327 -31.59 11.75 -46.26
C THR K 327 -30.62 12.50 -47.18
N LYS K 328 -30.20 11.89 -48.28
CA LYS K 328 -29.26 12.57 -49.16
C LYS K 328 -29.93 13.59 -50.09
N SER K 329 -31.24 13.81 -49.94
CA SER K 329 -31.89 14.94 -50.61
C SER K 329 -31.66 16.25 -49.88
N ASN K 330 -30.95 16.24 -48.75
CA ASN K 330 -30.71 17.46 -47.98
C ASN K 330 -29.56 17.30 -46.98
N ALA K 331 -29.07 16.08 -46.79
CA ALA K 331 -27.87 15.92 -45.96
C ALA K 331 -26.67 16.70 -46.47
N PRO K 332 -26.34 16.72 -47.77
CA PRO K 332 -25.16 17.48 -48.22
C PRO K 332 -25.20 18.96 -47.93
N ARG K 333 -26.34 19.55 -47.58
CA ARG K 333 -26.39 20.95 -47.16
C ARG K 333 -26.51 20.98 -45.63
N VAL K 334 -27.48 21.69 -45.05
CA VAL K 334 -27.62 21.89 -43.62
C VAL K 334 -26.30 22.45 -43.08
N LYS K 335 -26.08 23.75 -43.28
CA LYS K 335 -24.83 24.38 -42.87
C LYS K 335 -24.79 24.59 -41.35
N ALA K 336 -24.89 23.47 -40.65
CA ALA K 336 -24.80 23.42 -39.19
C ALA K 336 -23.50 22.74 -38.78
N LYS K 337 -23.32 22.59 -37.47
CA LYS K 337 -22.12 21.95 -36.93
C LYS K 337 -22.40 20.80 -35.97
N ILE K 338 -23.62 20.67 -35.46
CA ILE K 338 -23.95 19.58 -34.54
C ILE K 338 -25.46 19.33 -34.57
N ILE K 339 -25.86 18.08 -34.83
CA ILE K 339 -27.25 17.67 -34.87
C ILE K 339 -27.56 16.86 -33.62
N ALA K 340 -28.69 17.16 -32.98
CA ALA K 340 -29.16 16.41 -31.82
C ALA K 340 -30.58 15.95 -32.09
N GLU K 341 -30.82 14.65 -32.00
CA GLU K 341 -32.07 14.07 -32.46
C GLU K 341 -33.07 14.00 -31.32
N GLY K 342 -34.16 14.75 -31.44
CA GLY K 342 -35.20 14.75 -30.44
C GLY K 342 -36.26 13.69 -30.67
N ALA K 343 -36.49 13.34 -31.94
CA ALA K 343 -37.49 12.35 -32.29
C ALA K 343 -36.84 10.98 -32.50
N ASN K 344 -37.67 10.00 -32.85
CA ASN K 344 -37.21 8.62 -33.02
C ASN K 344 -36.74 8.43 -34.46
N GLY K 345 -35.43 8.51 -34.66
CA GLY K 345 -34.81 8.22 -35.93
C GLY K 345 -35.20 9.14 -37.07
N PRO K 346 -34.74 10.40 -37.03
CA PRO K 346 -34.95 11.29 -38.18
C PRO K 346 -33.87 11.14 -39.23
N THR K 347 -32.68 10.70 -38.82
CA THR K 347 -31.57 10.50 -39.73
C THR K 347 -31.55 9.06 -40.20
N THR K 348 -31.36 8.87 -41.50
CA THR K 348 -31.15 7.54 -42.07
C THR K 348 -29.67 7.31 -42.29
N PRO K 349 -29.22 6.05 -42.36
CA PRO K 349 -27.81 5.79 -42.70
C PRO K 349 -27.43 6.37 -44.06
N GLU K 350 -28.43 6.75 -44.84
CA GLU K 350 -28.23 7.49 -46.09
C GLU K 350 -27.48 8.80 -45.87
N ALA K 351 -27.43 9.31 -44.63
CA ALA K 351 -26.88 10.61 -44.34
C ALA K 351 -25.69 10.61 -43.38
N ASP K 352 -25.48 9.52 -42.64
CA ASP K 352 -24.36 9.49 -41.69
C ASP K 352 -23.02 9.46 -42.42
N LYS K 353 -22.91 8.62 -43.45
CA LYS K 353 -21.70 8.60 -44.27
C LYS K 353 -21.48 9.94 -44.94
N ILE K 354 -22.50 10.79 -45.01
CA ILE K 354 -22.33 12.19 -45.39
C ILE K 354 -22.00 13.05 -44.19
N PHE K 355 -22.75 12.88 -43.08
CA PHE K 355 -22.52 13.72 -41.91
C PHE K 355 -21.17 13.43 -41.27
N LEU K 356 -20.80 12.16 -41.15
CA LEU K 356 -19.50 11.83 -40.56
C LEU K 356 -18.36 12.30 -41.44
N GLU K 357 -18.56 12.35 -42.77
CA GLU K 357 -17.51 12.73 -43.70
C GLU K 357 -17.30 14.24 -43.79
N ARG K 358 -18.28 15.04 -43.36
CA ARG K 358 -18.12 16.49 -43.30
C ARG K 358 -17.66 16.97 -41.92
N ASN K 359 -17.23 16.05 -41.05
CA ASN K 359 -16.90 16.36 -39.66
C ASN K 359 -18.11 16.97 -38.94
N ILE K 360 -19.25 16.32 -39.08
CA ILE K 360 -20.50 16.73 -38.45
C ILE K 360 -20.86 15.69 -37.39
N MET K 361 -21.04 16.15 -36.15
CA MET K 361 -21.37 15.27 -35.04
C MET K 361 -22.87 15.06 -34.96
N VAL K 362 -23.28 13.81 -34.75
CA VAL K 362 -24.69 13.45 -34.63
C VAL K 362 -24.89 12.77 -33.27
N ILE K 363 -25.61 13.45 -32.38
CA ILE K 363 -25.94 12.90 -31.06
C ILE K 363 -27.07 11.89 -31.24
N PRO K 364 -26.85 10.63 -30.87
CA PRO K 364 -27.84 9.60 -31.17
C PRO K 364 -29.14 9.80 -30.39
N ASP K 365 -30.26 9.57 -31.08
CA ASP K 365 -31.53 9.45 -30.38
C ASP K 365 -31.49 8.33 -29.36
N LEU K 366 -30.71 7.29 -29.63
CA LEU K 366 -30.50 6.19 -28.69
C LEU K 366 -30.04 6.69 -27.32
N TYR K 367 -29.38 7.84 -27.28
CA TYR K 367 -28.92 8.41 -26.03
C TYR K 367 -29.63 9.71 -25.66
N LEU K 368 -29.98 10.53 -26.65
CA LEU K 368 -30.44 11.89 -26.37
C LEU K 368 -31.78 11.90 -25.65
N ASN K 369 -32.86 11.53 -26.34
CA ASN K 369 -34.18 11.57 -25.72
C ASN K 369 -34.44 10.34 -24.83
N ALA K 370 -33.40 9.67 -24.37
CA ALA K 370 -33.58 8.61 -23.40
C ALA K 370 -34.05 9.11 -22.04
N GLY K 371 -33.96 10.43 -21.79
CA GLY K 371 -34.37 10.93 -20.48
C GLY K 371 -35.85 10.77 -20.22
N GLY K 372 -36.66 10.86 -21.28
CA GLY K 372 -38.10 10.69 -21.11
C GLY K 372 -38.45 9.37 -20.45
N VAL K 373 -37.89 8.27 -20.95
CA VAL K 373 -38.19 6.97 -20.38
C VAL K 373 -37.47 6.80 -19.05
N THR K 374 -36.26 7.35 -18.93
CA THR K 374 -35.52 7.29 -17.66
C THR K 374 -36.36 7.85 -16.51
N VAL K 375 -37.09 8.94 -16.75
CA VAL K 375 -38.00 9.45 -15.74
C VAL K 375 -39.24 8.57 -15.64
N SER K 376 -39.86 8.27 -16.79
CA SER K 376 -40.98 7.33 -16.82
C SER K 376 -40.63 6.06 -16.07
N TYR K 377 -39.36 5.66 -16.11
CA TYR K 377 -38.87 4.58 -15.25
C TYR K 377 -39.16 4.88 -13.78
N PHE K 378 -38.72 6.05 -13.29
CA PHE K 378 -38.96 6.41 -11.89
C PHE K 378 -40.44 6.42 -11.56
N GLU K 379 -41.28 6.83 -12.53
CA GLU K 379 -42.72 6.90 -12.27
C GLU K 379 -43.30 5.51 -12.05
N TRP K 380 -42.89 4.53 -12.87
CA TRP K 380 -43.20 3.14 -12.60
C TRP K 380 -42.79 2.77 -11.17
N LEU K 381 -41.58 3.20 -10.78
CA LEU K 381 -41.08 2.92 -9.44
C LEU K 381 -41.89 3.62 -8.36
N LYS K 382 -42.31 4.87 -8.62
CA LYS K 382 -43.15 5.58 -7.68
C LYS K 382 -44.38 4.78 -7.30
N ASN K 383 -45.10 4.29 -8.31
CA ASN K 383 -46.37 3.60 -8.06
C ASN K 383 -46.16 2.27 -7.37
N LEU K 384 -45.00 1.63 -7.58
CA LEU K 384 -44.68 0.43 -6.83
C LEU K 384 -44.32 0.76 -5.38
N ASN K 385 -43.70 1.92 -5.16
CA ASN K 385 -43.39 2.38 -3.81
C ASN K 385 -44.57 3.06 -3.13
N HIS K 386 -45.61 3.43 -3.88
CA HIS K 386 -46.83 4.03 -3.35
C HIS K 386 -46.55 5.24 -2.46
N VAL K 387 -45.41 5.91 -2.68
CA VAL K 387 -45.05 7.13 -1.97
C VAL K 387 -44.38 8.08 -2.95
N SER K 388 -44.69 9.37 -2.82
CA SER K 388 -43.87 10.38 -3.48
C SER K 388 -42.45 10.30 -2.96
N TYR K 389 -41.48 10.43 -3.85
CA TYR K 389 -40.09 10.42 -3.42
C TYR K 389 -39.85 11.56 -2.43
N GLY K 390 -39.19 11.26 -1.32
CA GLY K 390 -38.92 12.23 -0.28
C GLY K 390 -40.03 12.41 0.74
N ARG K 391 -41.05 11.53 0.75
CA ARG K 391 -42.23 11.74 1.56
C ARG K 391 -41.95 11.60 3.05
N LEU K 392 -40.88 10.90 3.43
CA LEU K 392 -40.50 10.75 4.83
C LEU K 392 -39.09 11.22 5.13
N THR K 393 -38.15 11.03 4.20
CA THR K 393 -36.76 11.45 4.38
C THR K 393 -36.52 12.87 3.85
N PHE K 394 -37.32 13.81 4.32
CA PHE K 394 -37.13 15.24 4.02
C PHE K 394 -36.86 16.04 5.29
N LYS K 395 -37.76 15.99 6.27
CA LYS K 395 -37.50 16.69 7.52
C LYS K 395 -36.36 16.04 8.29
N TYR K 396 -36.17 14.72 8.16
CA TYR K 396 -35.05 14.08 8.82
C TYR K 396 -33.73 14.64 8.30
N GLU K 397 -33.55 14.69 6.97
CA GLU K 397 -32.29 15.20 6.43
C GLU K 397 -32.15 16.69 6.70
N ARG K 398 -33.21 17.47 6.54
CA ARG K 398 -33.11 18.90 6.82
C ARG K 398 -32.82 19.15 8.28
N ASP K 399 -33.44 18.37 9.18
CA ASP K 399 -33.05 18.41 10.58
C ASP K 399 -31.65 17.85 10.79
N SER K 400 -31.24 16.90 9.94
CA SER K 400 -29.89 16.35 10.05
C SER K 400 -28.84 17.40 9.67
N ASN K 401 -29.12 18.23 8.67
CA ASN K 401 -28.12 19.18 8.21
C ASN K 401 -27.92 20.32 9.20
N TYR K 402 -29.00 20.80 9.82
CA TYR K 402 -28.87 21.92 10.74
C TYR K 402 -28.17 21.50 12.03
N HIS K 403 -28.25 20.23 12.40
CA HIS K 403 -27.45 19.73 13.51
C HIS K 403 -25.96 19.72 13.17
N LEU K 404 -25.63 19.50 11.90
CA LEU K 404 -24.23 19.50 11.48
C LEU K 404 -23.64 20.91 11.52
N LEU K 405 -24.21 21.83 10.74
CA LEU K 405 -23.73 23.21 10.72
C LEU K 405 -23.62 23.79 12.12
N MET K 406 -24.47 23.34 13.03
CA MET K 406 -24.33 23.70 14.44
C MET K 406 -23.17 22.96 15.10
N SER K 407 -22.95 21.70 14.72
CA SER K 407 -21.86 20.94 15.33
C SER K 407 -20.51 21.51 14.96
N VAL K 408 -20.37 22.03 13.73
CA VAL K 408 -19.16 22.76 13.39
C VAL K 408 -19.07 24.05 14.18
N GLN K 409 -20.21 24.68 14.46
CA GLN K 409 -20.25 25.92 15.22
C GLN K 409 -19.68 25.76 16.63
N GLU K 410 -20.44 25.08 17.51
CA GLU K 410 -20.02 24.95 18.90
C GLU K 410 -18.63 24.33 19.04
N SER K 411 -18.16 23.59 18.04
CA SER K 411 -16.79 23.10 18.05
C SER K 411 -15.80 24.25 17.92
N LEU K 412 -15.97 25.09 16.90
CA LEU K 412 -15.04 26.19 16.67
C LEU K 412 -15.16 27.27 17.74
N GLU K 413 -16.27 27.31 18.47
CA GLU K 413 -16.42 28.19 19.62
C GLU K 413 -15.85 27.61 20.89
N ARG K 414 -15.05 26.56 20.80
CA ARG K 414 -14.33 26.02 21.95
C ARG K 414 -12.84 26.35 21.89
N LYS K 415 -12.26 26.35 20.70
CA LYS K 415 -10.91 26.84 20.47
C LYS K 415 -10.86 28.36 20.46
N PHE K 416 -12.02 29.02 20.43
CA PHE K 416 -12.15 30.47 20.57
C PHE K 416 -13.04 30.70 21.78
N GLY K 417 -12.46 31.18 22.87
CA GLY K 417 -13.09 31.18 24.19
C GLY K 417 -14.32 32.04 24.35
N LYS K 418 -14.77 32.74 23.31
CA LYS K 418 -15.99 33.52 23.38
C LYS K 418 -17.11 32.73 22.70
N HIS K 419 -18.15 32.41 23.47
CA HIS K 419 -19.19 31.48 23.03
C HIS K 419 -20.30 32.26 22.34
N GLY K 420 -20.37 32.16 21.01
CA GLY K 420 -21.43 32.80 20.27
C GLY K 420 -20.95 33.51 19.02
N GLY K 421 -19.66 33.83 18.99
CA GLY K 421 -19.08 34.59 17.89
C GLY K 421 -19.33 34.00 16.52
N THR K 422 -18.81 32.80 16.27
CA THR K 422 -18.84 32.23 14.92
C THR K 422 -20.27 31.91 14.49
N ILE K 423 -20.50 31.95 13.18
CA ILE K 423 -21.81 31.70 12.59
C ILE K 423 -21.67 30.87 11.32
N PRO K 424 -21.54 29.54 11.43
CA PRO K 424 -21.67 28.68 10.26
C PRO K 424 -23.06 28.08 10.07
N ILE K 425 -24.02 28.47 10.91
CA ILE K 425 -25.39 27.95 10.79
C ILE K 425 -25.95 28.21 9.40
N VAL K 426 -25.62 29.35 8.81
CA VAL K 426 -26.23 29.75 7.53
C VAL K 426 -25.62 28.91 6.41
N PRO K 427 -26.42 28.22 5.62
CA PRO K 427 -25.90 27.60 4.40
C PRO K 427 -25.87 28.59 3.25
N THR K 428 -25.12 28.24 2.21
CA THR K 428 -25.02 29.12 1.05
C THR K 428 -26.40 29.43 0.50
N ALA K 429 -26.52 30.59 -0.15
CA ALA K 429 -27.81 31.04 -0.67
C ALA K 429 -28.50 29.95 -1.48
N GLU K 430 -27.72 29.23 -2.30
CA GLU K 430 -28.29 28.19 -3.15
C GLU K 430 -28.78 27.00 -2.33
N PHE K 431 -28.01 26.61 -1.30
CA PHE K 431 -28.39 25.44 -0.50
C PHE K 431 -29.58 25.74 0.40
N GLN K 432 -29.71 26.98 0.88
CA GLN K 432 -30.86 27.33 1.70
C GLN K 432 -32.15 27.23 0.89
N ASP K 433 -32.12 27.63 -0.37
CA ASP K 433 -33.28 27.46 -1.24
C ASP K 433 -33.54 26.00 -1.57
N ARG K 434 -32.54 25.14 -1.41
CA ARG K 434 -32.71 23.73 -1.74
C ARG K 434 -33.47 22.97 -0.65
N ILE K 435 -33.27 23.32 0.62
CA ILE K 435 -34.04 22.70 1.69
C ILE K 435 -35.41 23.35 1.87
N SER K 436 -35.52 24.65 1.58
CA SER K 436 -36.83 25.29 1.63
C SER K 436 -37.75 24.74 0.55
N GLY K 437 -37.31 24.79 -0.71
CA GLY K 437 -38.08 24.26 -1.81
C GLY K 437 -37.75 22.83 -2.16
N ALA K 438 -37.56 21.99 -1.14
CA ALA K 438 -37.26 20.59 -1.35
C ALA K 438 -38.55 19.81 -1.65
N SER K 439 -38.55 19.04 -2.73
CA SER K 439 -39.75 18.34 -3.17
C SER K 439 -39.37 17.10 -3.96
N GLU K 440 -40.39 16.40 -4.45
CA GLU K 440 -40.16 15.25 -5.32
C GLU K 440 -39.39 15.66 -6.58
N LYS K 441 -39.66 16.87 -7.09
CA LYS K 441 -39.04 17.34 -8.31
C LYS K 441 -37.51 17.27 -8.25
N ASP K 442 -36.94 17.67 -7.10
CA ASP K 442 -35.48 17.72 -6.99
C ASP K 442 -34.84 16.34 -7.16
N ILE K 443 -35.43 15.31 -6.54
CA ILE K 443 -34.84 13.98 -6.56
C ILE K 443 -34.82 13.42 -7.97
N VAL K 444 -35.95 13.48 -8.65
CA VAL K 444 -35.99 12.99 -10.02
C VAL K 444 -34.87 13.60 -10.83
N HIS K 445 -34.52 14.90 -10.56
CA HIS K 445 -33.88 15.62 -11.65
C HIS K 445 -32.42 15.27 -11.54
N SER K 446 -31.92 15.09 -10.29
CA SER K 446 -30.62 14.49 -10.03
C SER K 446 -30.62 13.05 -10.46
N GLY K 447 -31.73 12.32 -10.25
CA GLY K 447 -31.81 10.96 -10.75
C GLY K 447 -31.67 10.88 -12.26
N LEU K 448 -32.16 11.90 -12.97
CA LEU K 448 -31.98 11.96 -14.42
C LEU K 448 -30.55 12.34 -14.80
N ALA K 449 -29.89 13.14 -13.98
CA ALA K 449 -28.51 13.54 -14.27
C ALA K 449 -27.56 12.37 -14.05
N TYR K 450 -27.60 11.76 -12.86
CA TYR K 450 -26.71 10.65 -12.54
C TYR K 450 -26.83 9.51 -13.54
N THR K 451 -27.94 9.43 -14.27
CA THR K 451 -28.15 8.35 -15.24
C THR K 451 -27.56 8.68 -16.60
N MET K 452 -27.80 9.88 -17.12
CA MET K 452 -27.26 10.20 -18.44
C MET K 452 -25.79 10.59 -18.40
N GLU K 453 -25.29 11.03 -17.24
CA GLU K 453 -23.88 11.39 -17.15
C GLU K 453 -22.99 10.15 -17.09
N ARG K 454 -23.31 9.17 -16.24
CA ARG K 454 -22.55 7.94 -16.25
C ARG K 454 -22.84 7.12 -17.50
N SER K 455 -23.98 7.34 -18.15
CA SER K 455 -24.21 6.76 -19.46
C SER K 455 -23.29 7.39 -20.49
N ALA K 456 -23.12 8.71 -20.43
CA ALA K 456 -22.11 9.36 -21.26
C ALA K 456 -20.72 8.85 -20.94
N ARG K 457 -20.48 8.45 -19.69
CA ARG K 457 -19.19 7.88 -19.34
C ARG K 457 -18.99 6.52 -19.99
N GLN K 458 -20.01 5.65 -19.94
CA GLN K 458 -19.91 4.32 -20.53
C GLN K 458 -19.75 4.38 -22.05
N ILE K 459 -20.19 5.47 -22.69
CA ILE K 459 -20.08 5.59 -24.14
C ILE K 459 -18.68 6.05 -24.54
N MET K 460 -18.24 7.18 -23.98
CA MET K 460 -16.88 7.67 -24.23
C MET K 460 -15.84 6.63 -23.87
N ARG K 461 -16.17 5.72 -22.94
CA ARG K 461 -15.32 4.57 -22.68
C ARG K 461 -15.20 3.69 -23.93
N THR K 462 -16.33 3.25 -24.46
CA THR K 462 -16.38 2.31 -25.57
C THR K 462 -16.18 2.99 -26.93
N ALA K 463 -15.92 4.30 -26.95
CA ALA K 463 -15.66 5.00 -28.20
C ALA K 463 -14.17 5.08 -28.51
N MET K 464 -13.35 5.44 -27.53
CA MET K 464 -11.91 5.47 -27.69
C MET K 464 -11.25 4.10 -27.49
N LYS K 465 -12.04 3.04 -27.37
CA LYS K 465 -11.51 1.69 -27.42
C LYS K 465 -11.52 1.14 -28.84
N TYR K 466 -12.37 1.70 -29.70
CA TYR K 466 -12.47 1.32 -31.10
C TYR K 466 -12.21 2.51 -32.02
N ASN K 467 -11.83 3.67 -31.47
CA ASN K 467 -11.44 4.85 -32.23
C ASN K 467 -12.57 5.33 -33.15
N LEU K 468 -13.79 5.33 -32.61
CA LEU K 468 -14.94 5.83 -33.37
C LEU K 468 -14.99 7.35 -33.42
N GLY K 469 -14.36 8.03 -32.47
CA GLY K 469 -14.23 9.47 -32.49
C GLY K 469 -15.50 10.25 -32.68
N LEU K 470 -15.96 10.35 -33.94
CA LEU K 470 -17.07 11.21 -34.30
C LEU K 470 -18.37 10.46 -34.57
N ASP K 471 -18.33 9.13 -34.68
CA ASP K 471 -19.53 8.33 -34.89
C ASP K 471 -19.93 7.72 -33.56
N LEU K 472 -20.51 8.57 -32.70
CA LEU K 472 -21.06 8.11 -31.43
C LEU K 472 -22.21 7.14 -31.64
N ARG K 473 -22.91 7.27 -32.77
CA ARG K 473 -23.97 6.35 -33.17
C ARG K 473 -23.55 4.90 -32.96
N THR K 474 -22.63 4.42 -33.79
CA THR K 474 -22.18 3.03 -33.70
C THR K 474 -21.53 2.72 -32.35
N ALA K 475 -21.06 3.74 -31.63
CA ALA K 475 -20.55 3.55 -30.27
C ALA K 475 -21.68 3.36 -29.25
N ALA K 476 -22.87 3.86 -29.54
CA ALA K 476 -24.01 3.64 -28.67
C ALA K 476 -24.51 2.22 -28.80
N TYR K 477 -24.99 1.84 -29.99
CA TYR K 477 -25.49 0.50 -30.24
C TYR K 477 -24.49 -0.56 -29.79
N VAL K 478 -23.20 -0.32 -30.01
CA VAL K 478 -22.18 -1.28 -29.61
C VAL K 478 -22.20 -1.46 -28.10
N ASN K 479 -22.66 -0.45 -27.35
CA ASN K 479 -22.74 -0.56 -25.90
C ASN K 479 -24.07 -1.14 -25.43
N ALA K 480 -25.15 -0.94 -26.19
CA ALA K 480 -26.43 -1.53 -25.82
C ALA K 480 -26.42 -3.03 -26.06
N ILE K 481 -25.95 -3.48 -27.22
CA ILE K 481 -25.88 -4.90 -27.54
C ILE K 481 -25.03 -5.63 -26.50
N GLU K 482 -24.04 -4.96 -25.94
CA GLU K 482 -23.20 -5.56 -24.90
C GLU K 482 -24.04 -6.01 -23.72
N LYS K 483 -24.87 -5.11 -23.19
CA LYS K 483 -25.68 -5.44 -22.01
C LYS K 483 -26.68 -6.54 -22.35
N VAL K 484 -27.37 -6.39 -23.49
CA VAL K 484 -28.44 -7.32 -23.87
C VAL K 484 -27.91 -8.75 -23.94
N PHE K 485 -26.76 -8.94 -24.58
CA PHE K 485 -26.19 -10.28 -24.70
C PHE K 485 -25.92 -10.89 -23.34
N ARG K 486 -25.25 -10.14 -22.46
CA ARG K 486 -24.91 -10.66 -21.13
C ARG K 486 -26.13 -11.08 -20.34
N VAL K 487 -27.31 -10.53 -20.67
CA VAL K 487 -28.55 -11.02 -20.08
C VAL K 487 -28.93 -12.35 -20.71
N TYR K 488 -28.93 -12.41 -22.04
CA TYR K 488 -29.30 -13.65 -22.74
C TYR K 488 -28.35 -14.78 -22.41
N ASN K 489 -27.03 -14.52 -22.48
CA ASN K 489 -26.05 -15.57 -22.22
C ASN K 489 -26.21 -16.13 -20.82
N GLU K 490 -26.28 -15.26 -19.81
CA GLU K 490 -26.29 -15.71 -18.43
C GLU K 490 -27.65 -16.27 -18.00
N ALA K 491 -28.64 -16.26 -18.88
CA ALA K 491 -29.92 -16.92 -18.63
C ALA K 491 -30.03 -18.26 -19.36
N GLY K 492 -29.42 -18.39 -20.54
CA GLY K 492 -29.35 -19.66 -21.23
C GLY K 492 -30.57 -19.95 -22.10
N VAL K 493 -30.47 -21.06 -22.82
CA VAL K 493 -31.58 -21.53 -23.65
C VAL K 493 -32.65 -22.10 -22.73
N THR K 494 -33.87 -21.56 -22.84
CA THR K 494 -35.00 -22.04 -22.04
C THR K 494 -35.65 -23.21 -22.76
N PHE K 495 -35.59 -24.39 -22.14
CA PHE K 495 -36.30 -25.57 -22.65
C PHE K 495 -37.68 -25.58 -22.00
N THR K 496 -38.69 -25.21 -22.78
CA THR K 496 -40.06 -25.19 -22.27
C THR K 496 -40.95 -26.20 -23.00
N ASP L 1 -43.66 -62.52 12.34
CA ASP L 1 -43.49 -62.71 10.91
C ASP L 1 -42.49 -61.69 10.35
N PRO L 2 -41.91 -61.99 9.19
CA PRO L 2 -40.89 -61.09 8.62
C PRO L 2 -41.45 -59.73 8.25
N ASN L 3 -40.55 -58.76 8.19
CA ASN L 3 -40.90 -57.38 7.88
C ASN L 3 -41.35 -57.25 6.43
N PHE L 4 -41.76 -56.04 6.05
CA PHE L 4 -42.26 -55.82 4.70
C PHE L 4 -42.39 -54.33 4.38
N PHE L 5 -41.32 -53.76 3.82
CA PHE L 5 -41.32 -52.37 3.34
C PHE L 5 -41.75 -52.30 1.88
N LYS L 6 -40.90 -52.81 0.99
CA LYS L 6 -41.06 -52.68 -0.45
C LYS L 6 -42.13 -53.60 -0.99
N MET L 7 -43.23 -53.76 -0.25
CA MET L 7 -44.24 -54.79 -0.51
C MET L 7 -44.60 -54.91 -1.98
N VAL L 8 -45.10 -53.82 -2.56
CA VAL L 8 -45.63 -53.86 -3.93
C VAL L 8 -44.51 -53.87 -4.97
N GLU L 9 -43.35 -53.28 -4.63
CA GLU L 9 -42.34 -53.00 -5.65
C GLU L 9 -41.81 -54.28 -6.28
N GLY L 10 -41.84 -55.40 -5.55
CA GLY L 10 -41.54 -56.68 -6.16
C GLY L 10 -42.58 -57.09 -7.18
N PHE L 11 -43.86 -56.99 -6.81
CA PHE L 11 -44.95 -57.29 -7.74
C PHE L 11 -44.76 -56.56 -9.06
N PHE L 12 -44.36 -55.29 -8.97
CA PHE L 12 -44.02 -54.52 -10.16
C PHE L 12 -42.85 -55.18 -10.90
N ASP L 13 -41.72 -55.33 -10.22
CA ASP L 13 -40.54 -55.95 -10.84
C ASP L 13 -40.90 -57.29 -11.46
N ARG L 14 -41.80 -58.04 -10.83
CA ARG L 14 -42.24 -59.32 -11.37
C ARG L 14 -43.22 -59.13 -12.52
N GLY L 15 -44.14 -58.17 -12.39
CA GLY L 15 -45.01 -57.84 -13.51
C GLY L 15 -44.27 -57.15 -14.65
N ALA L 16 -43.17 -56.46 -14.34
CA ALA L 16 -42.46 -55.70 -15.35
C ALA L 16 -41.76 -56.61 -16.36
N SER L 17 -41.19 -57.72 -15.88
CA SER L 17 -40.33 -58.55 -16.73
C SER L 17 -41.08 -59.17 -17.89
N ILE L 18 -42.41 -59.32 -17.79
CA ILE L 18 -43.15 -60.06 -18.80
C ILE L 18 -43.46 -59.17 -20.00
N VAL L 19 -43.91 -57.93 -19.76
CA VAL L 19 -44.31 -57.04 -20.85
C VAL L 19 -43.14 -56.36 -21.54
N GLU L 20 -41.93 -56.45 -20.99
CA GLU L 20 -40.76 -55.91 -21.69
C GLU L 20 -40.72 -56.36 -23.14
N ASP L 21 -41.26 -57.55 -23.42
CA ASP L 21 -41.28 -58.09 -24.77
C ASP L 21 -42.42 -57.50 -25.59
N LYS L 22 -43.63 -57.45 -25.02
CA LYS L 22 -44.77 -56.91 -25.76
C LYS L 22 -44.59 -55.43 -26.07
N LEU L 23 -43.95 -54.68 -25.16
CA LEU L 23 -43.83 -53.24 -25.33
C LEU L 23 -42.93 -52.90 -26.51
N VAL L 24 -41.71 -53.44 -26.54
CA VAL L 24 -40.82 -53.20 -27.67
C VAL L 24 -41.43 -53.73 -28.96
N GLU L 25 -42.28 -54.75 -28.86
CA GLU L 25 -43.02 -55.24 -30.02
C GLU L 25 -44.13 -54.26 -30.42
N ASP L 26 -45.04 -53.98 -29.47
CA ASP L 26 -46.19 -53.13 -29.75
C ASP L 26 -45.76 -51.72 -30.19
N LEU L 27 -44.66 -51.22 -29.66
CA LEU L 27 -44.21 -49.87 -29.98
C LEU L 27 -43.78 -49.79 -31.44
N LYS L 28 -44.43 -48.90 -32.19
CA LYS L 28 -44.17 -48.71 -33.63
C LYS L 28 -43.70 -47.28 -33.82
N THR L 29 -42.38 -47.10 -33.96
CA THR L 29 -41.79 -45.78 -34.16
C THR L 29 -40.59 -45.92 -35.09
N ARG L 30 -40.06 -44.78 -35.52
CA ARG L 30 -38.86 -44.78 -36.36
C ARG L 30 -37.60 -45.00 -35.55
N GLU L 31 -37.70 -45.13 -34.23
CA GLU L 31 -36.54 -45.43 -33.40
C GLU L 31 -35.90 -46.75 -33.85
N THR L 32 -36.50 -47.87 -33.46
CA THR L 32 -36.09 -49.20 -33.91
C THR L 32 -34.61 -49.46 -33.71
N GLU L 33 -34.21 -49.75 -32.48
CA GLU L 33 -32.85 -50.20 -32.16
C GLU L 33 -32.97 -51.36 -31.20
N GLU L 34 -31.89 -51.62 -30.47
CA GLU L 34 -31.97 -52.30 -29.19
C GLU L 34 -32.20 -51.31 -28.05
N GLN L 35 -32.05 -50.01 -28.34
CA GLN L 35 -32.36 -48.95 -27.39
C GLN L 35 -33.84 -48.87 -27.06
N LYS L 36 -34.67 -49.68 -27.72
CA LYS L 36 -36.07 -49.83 -27.31
C LYS L 36 -36.15 -50.22 -25.84
N ARG L 37 -35.31 -51.17 -25.42
CA ARG L 37 -35.29 -51.56 -24.02
C ARG L 37 -34.88 -50.41 -23.12
N ASN L 38 -33.80 -49.71 -23.48
CA ASN L 38 -33.29 -48.63 -22.63
C ASN L 38 -34.35 -47.56 -22.39
N ARG L 39 -35.12 -47.21 -23.42
CA ARG L 39 -36.26 -46.33 -23.20
C ARG L 39 -37.25 -46.97 -22.24
N VAL L 40 -37.75 -48.14 -22.59
CA VAL L 40 -38.71 -48.84 -21.73
C VAL L 40 -38.13 -49.08 -20.35
N ARG L 41 -36.94 -49.69 -20.29
CA ARG L 41 -36.28 -49.90 -19.00
C ARG L 41 -36.09 -48.59 -18.26
N GLY L 42 -36.00 -47.48 -18.98
CA GLY L 42 -35.97 -46.17 -18.37
C GLY L 42 -37.35 -45.73 -17.93
N ILE L 43 -38.35 -45.92 -18.79
CA ILE L 43 -39.70 -45.46 -18.48
C ILE L 43 -40.23 -46.14 -17.22
N LEU L 44 -39.97 -47.44 -17.08
CA LEU L 44 -40.44 -48.17 -15.91
C LEU L 44 -39.85 -47.61 -14.62
N ARG L 45 -38.55 -47.30 -14.63
CA ARG L 45 -37.89 -46.77 -13.44
C ARG L 45 -38.44 -45.42 -13.00
N ILE L 46 -39.25 -44.77 -13.83
CA ILE L 46 -39.93 -43.53 -13.43
C ILE L 46 -41.23 -43.84 -12.72
N ILE L 47 -41.96 -44.85 -13.21
CA ILE L 47 -43.27 -45.16 -12.65
C ILE L 47 -43.13 -45.84 -11.30
N LYS L 48 -42.07 -46.64 -11.11
CA LYS L 48 -41.87 -47.39 -9.88
C LYS L 48 -41.92 -46.48 -8.65
N PRO L 49 -41.15 -45.40 -8.57
CA PRO L 49 -41.18 -44.57 -7.37
C PRO L 49 -42.27 -43.49 -7.40
N CYS L 50 -42.61 -43.03 -6.21
CA CYS L 50 -43.49 -41.88 -6.07
C CYS L 50 -42.74 -40.61 -6.47
N ASN L 51 -43.33 -39.83 -7.38
CA ASN L 51 -42.67 -38.61 -7.80
C ASN L 51 -42.64 -37.57 -6.68
N HIS L 52 -43.65 -37.57 -5.81
CA HIS L 52 -43.75 -36.59 -4.72
C HIS L 52 -44.20 -37.30 -3.44
N VAL L 53 -43.66 -36.86 -2.31
CA VAL L 53 -44.09 -37.30 -0.98
C VAL L 53 -43.71 -36.27 0.08
N LEU L 54 -44.73 -35.68 0.70
CA LEU L 54 -44.54 -34.60 1.65
C LEU L 54 -44.66 -35.13 3.08
N SER L 55 -43.70 -34.75 3.92
CA SER L 55 -43.71 -35.10 5.33
C SER L 55 -44.10 -33.86 6.12
N LEU L 56 -45.21 -33.94 6.84
CA LEU L 56 -45.78 -32.78 7.53
C LEU L 56 -45.52 -32.86 9.02
N SER L 57 -45.81 -31.75 9.69
CA SER L 57 -45.55 -31.58 11.12
C SER L 57 -46.26 -30.34 11.64
N PHE L 58 -47.50 -30.47 12.08
CA PHE L 58 -48.31 -29.33 12.44
C PHE L 58 -48.80 -29.46 13.88
N PRO L 59 -49.04 -28.35 14.55
CA PRO L 59 -49.51 -28.43 15.95
C PRO L 59 -51.01 -28.21 16.11
N ILE L 60 -51.58 -28.81 17.15
CA ILE L 60 -52.94 -28.54 17.60
C ILE L 60 -52.91 -28.34 19.12
N ARG L 61 -54.09 -28.13 19.69
CA ARG L 61 -54.21 -27.93 21.14
C ARG L 61 -55.45 -28.65 21.62
N ARG L 62 -55.27 -29.76 22.34
CA ARG L 62 -56.38 -30.60 22.74
C ARG L 62 -57.17 -29.92 23.87
N ASP L 63 -58.19 -30.64 24.35
CA ASP L 63 -59.19 -30.06 25.23
C ASP L 63 -58.61 -29.63 26.57
N ASP L 64 -57.51 -30.25 27.00
CA ASP L 64 -56.90 -29.86 28.27
C ASP L 64 -56.38 -28.43 28.21
N GLY L 65 -55.64 -28.11 27.16
CA GLY L 65 -54.87 -26.90 27.10
C GLY L 65 -53.44 -27.26 26.75
N SER L 66 -53.12 -28.54 26.94
CA SER L 66 -51.85 -29.09 26.52
C SER L 66 -51.65 -28.89 25.02
N TRP L 67 -50.39 -28.90 24.60
CA TRP L 67 -50.02 -28.79 23.20
C TRP L 67 -49.36 -30.09 22.75
N GLU L 68 -49.69 -30.51 21.53
CA GLU L 68 -49.26 -31.80 21.00
C GLU L 68 -48.99 -31.66 19.51
N VAL L 69 -47.73 -31.89 19.10
CA VAL L 69 -47.37 -31.87 17.70
C VAL L 69 -47.81 -33.17 17.04
N ILE L 70 -48.19 -33.08 15.77
CA ILE L 70 -48.76 -34.20 15.04
C ILE L 70 -47.97 -34.42 13.75
N GLU L 71 -47.48 -35.64 13.56
CA GLU L 71 -46.85 -36.01 12.30
C GLU L 71 -47.91 -36.51 11.33
N GLY L 72 -47.75 -36.12 10.07
CA GLY L 72 -48.63 -36.59 9.01
C GLY L 72 -47.87 -36.62 7.71
N TYR L 73 -48.24 -37.56 6.84
CA TYR L 73 -47.58 -37.73 5.56
C TYR L 73 -48.61 -37.77 4.45
N ARG L 74 -48.16 -37.48 3.23
CA ARG L 74 -48.93 -37.77 2.03
C ARG L 74 -47.96 -37.95 0.88
N ALA L 75 -48.30 -38.89 -0.02
CA ALA L 75 -47.44 -39.28 -1.13
C ALA L 75 -48.25 -39.29 -2.42
N GLN L 76 -47.84 -38.48 -3.39
CA GLN L 76 -48.38 -38.54 -4.74
C GLN L 76 -47.51 -39.49 -5.56
N HIS L 77 -48.05 -40.64 -5.93
CA HIS L 77 -47.24 -41.60 -6.68
C HIS L 77 -46.91 -41.05 -8.06
N SER L 78 -47.88 -41.10 -8.95
CA SER L 78 -47.72 -40.65 -10.32
C SER L 78 -48.62 -39.46 -10.57
N GLN L 79 -48.22 -38.64 -11.55
CA GLN L 79 -49.01 -37.50 -11.99
C GLN L 79 -49.31 -37.59 -13.48
N HIS L 80 -49.41 -38.83 -13.98
CA HIS L 80 -49.76 -39.06 -15.38
C HIS L 80 -51.23 -38.77 -15.64
N ARG L 81 -52.09 -39.07 -14.68
CA ARG L 81 -53.48 -38.65 -14.73
C ARG L 81 -53.65 -37.41 -13.87
N THR L 82 -54.29 -36.39 -14.44
CA THR L 82 -54.18 -35.03 -13.92
C THR L 82 -54.49 -34.92 -12.43
N PRO L 83 -55.50 -35.60 -11.85
CA PRO L 83 -55.66 -35.55 -10.40
C PRO L 83 -55.15 -36.79 -9.71
N CYS L 84 -54.42 -36.62 -8.61
CA CYS L 84 -54.04 -37.76 -7.81
C CYS L 84 -55.19 -38.16 -6.87
N LYS L 85 -55.18 -39.42 -6.45
CA LYS L 85 -56.30 -39.98 -5.71
C LYS L 85 -55.80 -40.98 -4.68
N GLY L 86 -56.46 -41.02 -3.54
CA GLY L 86 -56.18 -41.99 -2.51
C GLY L 86 -56.58 -41.50 -1.12
N GLY L 87 -56.85 -42.46 -0.24
CA GLY L 87 -57.37 -42.15 1.08
C GLY L 87 -56.31 -41.75 2.08
N ILE L 88 -56.78 -41.42 3.30
CA ILE L 88 -55.93 -41.06 4.42
C ILE L 88 -56.34 -41.90 5.63
N ARG L 89 -55.41 -42.08 6.56
CA ARG L 89 -55.62 -43.02 7.66
C ARG L 89 -55.08 -42.48 8.98
N TYR L 90 -55.84 -42.74 10.05
CA TYR L 90 -55.53 -42.29 11.40
C TYR L 90 -55.15 -43.50 12.25
N SER L 91 -53.88 -43.89 12.20
CA SER L 91 -53.39 -44.91 13.12
C SER L 91 -51.89 -44.70 13.37
N THR L 92 -51.44 -45.18 14.52
CA THR L 92 -50.02 -45.11 14.86
C THR L 92 -49.17 -46.00 13.97
N ASP L 93 -49.79 -46.93 13.26
CA ASP L 93 -49.09 -47.76 12.28
C ASP L 93 -48.48 -46.94 11.16
N VAL L 94 -48.99 -45.72 10.93
CA VAL L 94 -48.61 -44.90 9.79
C VAL L 94 -47.10 -44.66 9.79
N SER L 95 -46.47 -44.91 8.64
CA SER L 95 -45.06 -44.60 8.44
C SER L 95 -44.88 -44.00 7.05
N VAL L 96 -43.71 -43.42 6.83
CA VAL L 96 -43.32 -42.90 5.53
C VAL L 96 -43.45 -44.01 4.49
N ASP L 97 -42.64 -45.06 4.63
CA ASP L 97 -42.62 -46.14 3.66
C ASP L 97 -43.97 -46.84 3.52
N GLU L 98 -44.89 -46.63 4.46
CA GLU L 98 -46.23 -47.20 4.35
C GLU L 98 -47.03 -46.52 3.24
N VAL L 99 -47.39 -45.25 3.45
CA VAL L 99 -48.13 -44.52 2.43
C VAL L 99 -47.30 -44.34 1.17
N LYS L 100 -45.97 -44.42 1.28
CA LYS L 100 -45.13 -44.43 0.10
C LYS L 100 -45.41 -45.63 -0.79
N ALA L 101 -45.77 -46.77 -0.19
CA ALA L 101 -46.10 -47.96 -0.96
C ALA L 101 -47.58 -48.03 -1.31
N LEU L 102 -48.46 -47.66 -0.36
CA LEU L 102 -49.89 -47.77 -0.60
C LEU L 102 -50.36 -46.80 -1.69
N ALA L 103 -49.70 -45.66 -1.83
CA ALA L 103 -49.99 -44.77 -2.95
C ALA L 103 -49.63 -45.43 -4.28
N SER L 104 -48.43 -46.01 -4.36
CA SER L 104 -48.04 -46.79 -5.53
C SER L 104 -49.15 -47.77 -5.93
N LEU L 105 -49.67 -48.50 -4.94
CA LEU L 105 -50.74 -49.47 -5.22
C LEU L 105 -51.97 -48.81 -5.80
N MET L 106 -52.37 -47.65 -5.24
CA MET L 106 -53.57 -46.97 -5.70
C MET L 106 -53.46 -46.57 -7.16
N THR L 107 -52.26 -46.25 -7.63
CA THR L 107 -52.05 -45.86 -9.02
C THR L 107 -52.49 -46.98 -9.97
N TYR L 108 -51.98 -48.18 -9.75
CA TYR L 108 -52.27 -49.28 -10.66
C TYR L 108 -53.70 -49.78 -10.48
N LYS L 109 -54.22 -49.74 -9.25
CA LYS L 109 -55.61 -50.11 -9.00
C LYS L 109 -56.57 -49.25 -9.83
N CYS L 110 -56.29 -47.94 -9.91
CA CYS L 110 -57.09 -47.06 -10.73
C CYS L 110 -56.85 -47.28 -12.23
N ALA L 111 -55.84 -48.06 -12.59
CA ALA L 111 -55.59 -48.41 -13.99
C ALA L 111 -56.34 -49.66 -14.41
N VAL L 112 -56.43 -50.66 -13.52
CA VAL L 112 -57.12 -51.90 -13.85
C VAL L 112 -58.57 -51.63 -14.23
N VAL L 113 -59.23 -50.75 -13.47
CA VAL L 113 -60.65 -50.46 -13.68
C VAL L 113 -60.84 -49.21 -14.54
N ASP L 114 -59.80 -48.75 -15.22
CA ASP L 114 -59.90 -47.65 -16.18
C ASP L 114 -60.54 -46.40 -15.53
N VAL L 115 -59.76 -45.79 -14.63
CA VAL L 115 -60.20 -44.59 -13.92
C VAL L 115 -59.09 -43.55 -14.02
N PRO L 116 -59.34 -42.37 -14.58
CA PRO L 116 -58.24 -41.45 -14.90
C PRO L 116 -57.65 -40.72 -13.70
N PHE L 117 -57.16 -41.47 -12.72
CA PHE L 117 -56.55 -40.88 -11.53
C PHE L 117 -55.13 -41.40 -11.34
N GLY L 118 -54.22 -40.49 -10.98
CA GLY L 118 -52.94 -40.90 -10.46
C GLY L 118 -53.03 -41.29 -8.99
N GLY L 119 -52.21 -42.24 -8.58
CA GLY L 119 -52.28 -42.75 -7.24
C GLY L 119 -51.72 -41.78 -6.21
N ALA L 120 -52.32 -41.81 -5.03
CA ALA L 120 -51.86 -41.04 -3.88
C ALA L 120 -52.37 -41.73 -2.62
N LYS L 121 -51.85 -41.29 -1.47
CA LYS L 121 -52.24 -41.88 -0.20
C LYS L 121 -51.61 -41.09 0.92
N ALA L 122 -52.33 -40.96 2.04
CA ALA L 122 -51.84 -40.20 3.19
C ALA L 122 -52.18 -40.94 4.48
N GLY L 123 -51.68 -40.40 5.59
CA GLY L 123 -51.89 -40.97 6.90
C GLY L 123 -51.41 -40.07 8.02
N VAL L 124 -52.03 -40.17 9.19
CA VAL L 124 -51.70 -39.33 10.34
C VAL L 124 -51.31 -40.24 11.50
N LYS L 125 -50.08 -40.11 11.98
CA LYS L 125 -49.58 -40.93 13.08
C LYS L 125 -50.24 -40.54 14.40
N ILE L 126 -51.52 -40.87 14.55
CA ILE L 126 -52.25 -40.66 15.80
C ILE L 126 -53.02 -41.93 16.13
N ASN L 127 -53.94 -41.84 17.09
CA ASN L 127 -54.84 -42.95 17.38
C ASN L 127 -56.19 -42.37 17.74
N PRO L 128 -57.23 -42.64 16.94
CA PRO L 128 -58.50 -41.91 17.11
C PRO L 128 -59.16 -42.12 18.45
N LYS L 129 -58.87 -43.22 19.15
CA LYS L 129 -59.57 -43.49 20.40
C LYS L 129 -59.09 -42.56 21.52
N ASN L 130 -57.84 -42.12 21.47
CA ASN L 130 -57.27 -41.25 22.49
C ASN L 130 -57.69 -39.79 22.33
N TYR L 131 -58.46 -39.46 21.30
CA TYR L 131 -58.92 -38.11 21.07
C TYR L 131 -60.44 -38.08 21.04
N THR L 132 -61.00 -36.91 21.34
CA THR L 132 -62.44 -36.73 21.30
C THR L 132 -62.86 -36.24 19.92
N ASP L 133 -64.18 -36.14 19.73
CA ASP L 133 -64.71 -35.60 18.48
C ASP L 133 -64.20 -34.18 18.24
N ASN L 134 -64.42 -33.30 19.22
CA ASN L 134 -63.93 -31.92 19.12
C ASN L 134 -62.41 -31.89 18.93
N GLU L 135 -61.71 -32.90 19.42
CA GLU L 135 -60.27 -32.96 19.24
C GLU L 135 -59.91 -33.40 17.82
N LEU L 136 -60.71 -34.28 17.23
CA LEU L 136 -60.37 -34.84 15.92
C LEU L 136 -60.74 -33.90 14.79
N GLU L 137 -61.77 -33.07 14.97
CA GLU L 137 -62.10 -32.06 13.96
C GLU L 137 -60.98 -31.04 13.81
N LYS L 138 -60.30 -30.71 14.92
CA LYS L 138 -59.16 -29.82 14.86
C LYS L 138 -58.09 -30.37 13.92
N ILE L 139 -57.84 -31.68 13.99
CA ILE L 139 -56.75 -32.30 13.23
C ILE L 139 -57.06 -32.27 11.74
N THR L 140 -58.16 -32.92 11.33
CA THR L 140 -58.53 -32.99 9.92
C THR L 140 -58.50 -31.61 9.28
N ARG L 141 -59.22 -30.66 9.87
CA ARG L 141 -59.26 -29.31 9.30
C ARG L 141 -57.87 -28.71 9.20
N ARG L 142 -57.04 -28.87 10.22
CA ARG L 142 -55.70 -28.29 10.17
C ARG L 142 -54.82 -29.05 9.18
N PHE L 143 -54.89 -30.38 9.20
CA PHE L 143 -54.17 -31.18 8.22
C PHE L 143 -54.58 -30.80 6.80
N THR L 144 -55.86 -30.50 6.60
CA THR L 144 -56.34 -30.01 5.31
C THR L 144 -55.58 -28.74 4.88
N MET L 145 -55.61 -27.72 5.73
CA MET L 145 -54.88 -26.48 5.46
C MET L 145 -53.46 -26.73 5.01
N GLU L 146 -52.71 -27.51 5.79
CA GLU L 146 -51.29 -27.67 5.53
C GLU L 146 -51.00 -28.37 4.21
N LEU L 147 -51.96 -29.12 3.67
CA LEU L 147 -51.79 -29.79 2.38
C LEU L 147 -52.13 -28.90 1.21
N ALA L 148 -53.19 -28.10 1.33
CA ALA L 148 -53.56 -27.18 0.25
C ALA L 148 -52.42 -26.22 -0.06
N LYS L 149 -51.81 -25.64 0.97
CA LYS L 149 -50.76 -24.65 0.76
C LYS L 149 -49.56 -25.23 0.01
N LYS L 150 -49.39 -26.55 0.00
CA LYS L 150 -48.27 -27.17 -0.70
C LYS L 150 -48.72 -28.07 -1.85
N GLY L 151 -50.00 -28.01 -2.23
CA GLY L 151 -50.46 -28.65 -3.46
C GLY L 151 -50.77 -30.13 -3.35
N PHE L 152 -51.39 -30.55 -2.25
CA PHE L 152 -51.70 -31.95 -2.02
C PHE L 152 -53.18 -32.18 -1.74
N ILE L 153 -54.02 -31.18 -2.01
CA ILE L 153 -55.47 -31.35 -1.96
C ILE L 153 -56.08 -30.25 -2.84
N GLY L 154 -57.06 -30.65 -3.64
CA GLY L 154 -57.71 -29.74 -4.55
C GLY L 154 -58.20 -30.46 -5.79
N PRO L 155 -59.38 -30.09 -6.27
CA PRO L 155 -59.91 -30.72 -7.49
C PRO L 155 -58.99 -30.49 -8.67
N GLY L 156 -58.63 -31.58 -9.35
CA GLY L 156 -57.65 -31.52 -10.42
C GLY L 156 -56.21 -31.50 -9.96
N VAL L 157 -55.96 -31.53 -8.65
CA VAL L 157 -54.61 -31.60 -8.11
C VAL L 157 -54.40 -32.88 -7.29
N ASP L 158 -55.30 -33.13 -6.34
CA ASP L 158 -55.25 -34.32 -5.50
C ASP L 158 -56.56 -34.47 -4.76
N VAL L 159 -57.24 -35.59 -4.94
CA VAL L 159 -58.54 -35.80 -4.30
C VAL L 159 -58.47 -37.00 -3.36
N PRO L 160 -58.55 -36.79 -2.05
CA PRO L 160 -58.51 -37.90 -1.09
C PRO L 160 -59.87 -38.55 -0.88
N ALA L 161 -59.89 -39.51 0.03
CA ALA L 161 -61.07 -40.33 0.29
C ALA L 161 -60.93 -40.92 1.69
N PRO L 162 -62.01 -41.48 2.25
CA PRO L 162 -61.88 -42.14 3.55
C PRO L 162 -61.08 -43.43 3.48
N ASP L 163 -60.83 -44.06 4.63
CA ASP L 163 -60.10 -45.32 4.68
C ASP L 163 -60.35 -46.05 5.99
N MET L 164 -59.29 -46.18 6.80
CA MET L 164 -59.40 -46.83 8.09
C MET L 164 -59.81 -45.82 9.16
N SER L 165 -60.99 -46.02 9.73
CA SER L 165 -61.53 -45.21 10.82
C SER L 165 -61.72 -43.74 10.42
N THR L 166 -61.84 -43.46 9.12
CA THR L 166 -62.08 -42.11 8.62
C THR L 166 -63.51 -42.08 8.10
N GLY L 167 -64.42 -41.51 8.90
CA GLY L 167 -65.83 -41.56 8.59
C GLY L 167 -66.23 -40.59 7.48
N GLU L 168 -67.53 -40.63 7.15
CA GLU L 168 -68.11 -39.60 6.30
C GLU L 168 -67.84 -38.22 6.86
N ARG L 169 -68.23 -38.00 8.13
CA ARG L 169 -68.13 -36.70 8.77
C ARG L 169 -66.74 -36.10 8.65
N GLU L 170 -65.70 -36.94 8.67
CA GLU L 170 -64.34 -36.43 8.58
C GLU L 170 -64.04 -35.89 7.18
N MET L 171 -64.60 -36.53 6.16
CA MET L 171 -64.54 -35.95 4.82
C MET L 171 -65.25 -34.60 4.78
N SER L 172 -66.33 -34.46 5.55
CA SER L 172 -67.13 -33.24 5.49
C SER L 172 -66.40 -32.06 6.14
N TRP L 173 -65.54 -32.33 7.12
CA TRP L 173 -64.71 -31.27 7.68
C TRP L 173 -63.58 -30.90 6.73
N ILE L 174 -63.01 -31.90 6.06
CA ILE L 174 -62.00 -31.63 5.03
C ILE L 174 -62.57 -30.71 3.97
N ALA L 175 -63.74 -31.07 3.43
CA ALA L 175 -64.34 -30.26 2.37
C ALA L 175 -64.72 -28.87 2.86
N ASP L 176 -65.32 -28.79 4.05
CA ASP L 176 -65.75 -27.49 4.57
C ASP L 176 -64.57 -26.57 4.85
N THR L 177 -63.36 -27.13 5.02
CA THR L 177 -62.18 -26.31 5.22
C THR L 177 -61.65 -25.77 3.91
N TYR L 178 -61.52 -26.64 2.89
CA TYR L 178 -60.98 -26.23 1.61
C TYR L 178 -61.89 -25.23 0.90
N ALA L 179 -63.21 -25.39 1.06
CA ALA L 179 -64.20 -24.54 0.38
C ALA L 179 -64.55 -23.28 1.16
N SER L 180 -63.81 -22.98 2.22
CA SER L 180 -64.01 -21.73 2.95
C SER L 180 -62.72 -20.97 3.17
N THR L 181 -61.57 -21.48 2.71
CA THR L 181 -60.30 -20.78 2.84
C THR L 181 -59.55 -20.71 1.52
N ILE L 182 -58.90 -21.81 1.13
CA ILE L 182 -58.07 -21.83 -0.07
C ILE L 182 -58.95 -21.73 -1.32
N GLY L 183 -59.52 -22.84 -1.74
CA GLY L 183 -60.27 -22.86 -2.98
C GLY L 183 -61.67 -22.30 -2.88
N HIS L 184 -61.82 -21.14 -2.24
CA HIS L 184 -63.15 -20.56 -2.12
C HIS L 184 -63.67 -20.12 -3.49
N TYR L 185 -62.81 -19.49 -4.29
CA TYR L 185 -63.19 -19.02 -5.62
C TYR L 185 -63.30 -20.14 -6.65
N ASP L 186 -62.95 -21.37 -6.28
CA ASP L 186 -63.12 -22.50 -7.19
C ASP L 186 -64.57 -22.94 -7.14
N ILE L 187 -65.22 -22.99 -8.32
CA ILE L 187 -66.58 -23.47 -8.39
C ILE L 187 -66.65 -24.94 -7.96
N ASN L 188 -65.58 -25.69 -8.22
CA ASN L 188 -65.52 -27.12 -7.94
C ASN L 188 -64.86 -27.43 -6.61
N ALA L 189 -64.93 -26.50 -5.65
CA ALA L 189 -64.25 -26.70 -4.38
C ALA L 189 -64.70 -27.99 -3.71
N HIS L 190 -66.00 -28.31 -3.80
CA HIS L 190 -66.52 -29.49 -3.15
C HIS L 190 -66.06 -30.79 -3.79
N ALA L 191 -65.39 -30.72 -4.94
CA ALA L 191 -64.77 -31.88 -5.56
C ALA L 191 -63.36 -32.12 -5.03
N CYS L 192 -63.02 -31.56 -3.89
CA CYS L 192 -61.68 -31.73 -3.34
C CYS L 192 -61.50 -33.06 -2.64
N VAL L 193 -62.58 -33.76 -2.30
CA VAL L 193 -62.47 -35.00 -1.53
C VAL L 193 -63.74 -35.81 -1.74
N THR L 194 -63.57 -37.12 -1.95
CA THR L 194 -64.67 -38.05 -2.10
C THR L 194 -64.99 -38.73 -0.77
N GLY L 195 -66.14 -39.39 -0.74
CA GLY L 195 -66.61 -40.07 0.44
C GLY L 195 -67.46 -39.24 1.38
N LYS L 196 -67.65 -37.96 1.09
CA LYS L 196 -68.38 -37.08 1.99
C LYS L 196 -69.86 -37.46 2.04
N PRO L 197 -70.54 -37.19 3.17
CA PRO L 197 -71.94 -37.62 3.31
C PRO L 197 -72.86 -36.96 2.29
N ILE L 198 -74.03 -37.59 2.11
CA ILE L 198 -74.90 -37.26 0.99
C ILE L 198 -75.38 -35.81 1.06
N SER L 199 -75.64 -35.31 2.27
CA SER L 199 -76.07 -33.93 2.41
C SER L 199 -74.96 -32.94 2.09
N GLN L 200 -73.72 -33.41 1.97
CA GLN L 200 -72.57 -32.53 1.75
C GLN L 200 -72.01 -32.67 0.33
N GLY L 201 -72.80 -33.16 -0.62
CA GLY L 201 -72.32 -33.34 -1.96
C GLY L 201 -71.78 -34.72 -2.25
N GLY L 202 -72.26 -35.73 -1.55
CA GLY L 202 -71.85 -37.10 -1.79
C GLY L 202 -72.63 -37.73 -2.93
N ILE L 203 -72.60 -39.05 -2.97
CA ILE L 203 -73.23 -39.82 -4.04
C ILE L 203 -73.81 -41.09 -3.43
N HIS L 204 -74.97 -41.50 -3.93
CA HIS L 204 -75.63 -42.69 -3.39
C HIS L 204 -74.87 -43.92 -3.87
N GLY L 205 -74.20 -44.61 -2.95
CA GLY L 205 -73.44 -45.78 -3.30
C GLY L 205 -72.17 -45.98 -2.50
N ARG L 206 -71.48 -44.88 -2.13
CA ARG L 206 -70.21 -45.00 -1.43
C ARG L 206 -70.35 -45.86 -0.18
N ILE L 207 -71.45 -45.69 0.53
CA ILE L 207 -71.75 -46.50 1.71
C ILE L 207 -71.56 -47.99 1.40
N SER L 208 -71.96 -48.41 0.20
CA SER L 208 -71.87 -49.81 -0.20
C SER L 208 -70.72 -50.07 -1.17
N ALA L 209 -70.02 -49.03 -1.63
CA ALA L 209 -69.11 -49.08 -2.76
C ALA L 209 -68.09 -50.22 -2.70
N THR L 210 -67.16 -50.13 -1.74
CA THR L 210 -66.14 -51.17 -1.62
C THR L 210 -66.76 -52.53 -1.39
N GLY L 211 -67.96 -52.57 -0.78
CA GLY L 211 -68.60 -53.84 -0.50
C GLY L 211 -69.09 -54.53 -1.76
N ARG L 212 -69.72 -53.79 -2.67
CA ARG L 212 -70.12 -54.38 -3.94
C ARG L 212 -68.91 -54.67 -4.82
N GLY L 213 -67.76 -54.05 -4.54
CA GLY L 213 -66.56 -54.34 -5.31
C GLY L 213 -65.99 -55.71 -5.02
N VAL L 214 -66.05 -56.14 -3.76
CA VAL L 214 -65.60 -57.48 -3.40
C VAL L 214 -66.49 -58.52 -4.06
N PHE L 215 -67.80 -58.24 -4.12
CA PHE L 215 -68.76 -59.23 -4.58
C PHE L 215 -68.72 -59.40 -6.09
N HIS L 216 -68.75 -58.29 -6.85
CA HIS L 216 -68.69 -58.40 -8.31
C HIS L 216 -67.35 -58.97 -8.78
N GLY L 217 -66.29 -58.77 -8.00
CA GLY L 217 -65.02 -59.41 -8.31
C GLY L 217 -65.05 -60.89 -8.01
N ILE L 218 -65.64 -61.26 -6.88
CA ILE L 218 -65.92 -62.67 -6.60
C ILE L 218 -66.97 -63.20 -7.58
N GLU L 219 -67.86 -62.32 -8.06
CA GLU L 219 -68.95 -62.76 -8.93
C GLU L 219 -68.44 -63.18 -10.30
N ASN L 220 -67.59 -62.35 -10.93
CA ASN L 220 -67.13 -62.61 -12.29
C ASN L 220 -66.23 -63.85 -12.41
N PHE L 221 -66.08 -64.59 -11.32
CA PHE L 221 -65.18 -65.74 -11.24
C PHE L 221 -65.90 -67.02 -10.89
N ILE L 222 -66.69 -67.04 -9.81
CA ILE L 222 -67.49 -68.19 -9.41
C ILE L 222 -68.70 -68.29 -10.34
N ASN L 223 -68.63 -67.61 -11.49
CA ASN L 223 -69.64 -67.77 -12.53
C ASN L 223 -68.97 -68.10 -13.87
N GLU L 224 -67.75 -68.62 -13.83
CA GLU L 224 -67.09 -69.16 -15.01
C GLU L 224 -66.23 -70.33 -14.56
N ALA L 225 -66.62 -71.55 -14.94
CA ALA L 225 -65.91 -72.75 -14.54
C ALA L 225 -64.53 -72.87 -15.18
N SER L 226 -64.14 -71.92 -16.02
CA SER L 226 -62.79 -71.91 -16.59
C SER L 226 -61.73 -71.99 -15.49
N TYR L 227 -62.04 -71.49 -14.30
CA TYR L 227 -61.16 -71.60 -13.14
C TYR L 227 -61.71 -72.54 -12.08
N MET L 228 -62.94 -73.04 -12.23
CA MET L 228 -63.43 -74.11 -11.38
C MET L 228 -62.86 -75.46 -11.80
N SER L 229 -62.71 -75.69 -13.10
CA SER L 229 -62.02 -76.88 -13.56
C SER L 229 -60.57 -76.93 -13.05
N ILE L 230 -60.10 -75.87 -12.41
CA ILE L 230 -58.75 -75.79 -11.87
C ILE L 230 -58.75 -75.91 -10.35
N LEU L 231 -59.58 -75.11 -9.68
CA LEU L 231 -59.64 -75.09 -8.23
C LEU L 231 -60.60 -76.13 -7.66
N GLY L 232 -61.19 -76.95 -8.52
CA GLY L 232 -62.31 -77.76 -8.06
C GLY L 232 -63.50 -76.85 -7.82
N MET L 233 -64.18 -77.07 -6.69
CA MET L 233 -65.33 -76.25 -6.31
C MET L 233 -66.47 -76.38 -7.32
N THR L 234 -67.67 -75.97 -6.94
CA THR L 234 -68.79 -76.04 -7.86
C THR L 234 -69.22 -74.64 -8.27
N PRO L 235 -69.57 -74.43 -9.55
CA PRO L 235 -70.12 -73.13 -9.95
C PRO L 235 -71.33 -72.71 -9.13
N GLY L 236 -71.99 -73.64 -8.45
CA GLY L 236 -73.06 -73.33 -7.52
C GLY L 236 -72.62 -72.34 -6.46
N PHE L 237 -72.77 -71.05 -6.80
CA PHE L 237 -72.30 -69.99 -5.93
C PHE L 237 -72.91 -70.05 -4.54
N GLY L 238 -74.17 -70.48 -4.44
CA GLY L 238 -74.91 -70.42 -3.20
C GLY L 238 -74.23 -71.03 -1.98
N ASP L 239 -74.15 -72.36 -1.95
CA ASP L 239 -73.70 -73.07 -0.76
C ASP L 239 -72.19 -72.94 -0.52
N LYS L 240 -71.74 -71.74 -0.17
CA LYS L 240 -70.34 -71.54 0.21
C LYS L 240 -70.26 -70.56 1.36
N THR L 241 -69.25 -70.74 2.19
CA THR L 241 -69.05 -69.93 3.39
C THR L 241 -67.99 -68.86 3.14
N PHE L 242 -67.96 -67.89 4.05
CA PHE L 242 -66.89 -66.90 4.05
C PHE L 242 -66.68 -66.39 5.46
N ALA L 243 -65.45 -65.98 5.74
CA ALA L 243 -65.08 -65.37 7.01
C ALA L 243 -64.45 -64.02 6.74
N VAL L 244 -64.83 -63.02 7.52
CA VAL L 244 -64.38 -61.65 7.31
C VAL L 244 -63.53 -61.22 8.50
N GLN L 245 -62.49 -60.44 8.20
CA GLN L 245 -61.63 -59.83 9.20
C GLN L 245 -61.80 -58.32 9.14
N GLY L 246 -61.84 -57.68 10.31
CA GLY L 246 -61.99 -56.24 10.35
C GLY L 246 -63.42 -55.79 10.09
N PHE L 247 -64.33 -56.23 10.95
CA PHE L 247 -65.72 -55.78 10.95
C PHE L 247 -65.76 -54.26 11.00
N GLY L 248 -65.56 -53.62 9.84
CA GLY L 248 -65.44 -52.17 9.80
C GLY L 248 -65.48 -51.55 8.42
N ASN L 249 -66.67 -51.05 8.04
CA ASN L 249 -66.93 -50.38 6.76
C ASN L 249 -66.79 -51.32 5.58
N VAL L 250 -65.54 -51.65 5.20
CA VAL L 250 -65.34 -52.55 4.08
C VAL L 250 -65.74 -53.98 4.44
N GLY L 251 -65.42 -54.41 5.66
CA GLY L 251 -65.78 -55.76 6.07
C GLY L 251 -67.28 -55.94 6.22
N LEU L 252 -67.96 -54.94 6.80
CA LEU L 252 -69.40 -55.02 6.99
C LEU L 252 -70.12 -55.31 5.68
N HIS L 253 -70.03 -54.38 4.72
CA HIS L 253 -70.85 -54.47 3.53
C HIS L 253 -70.36 -55.50 2.54
N SER L 254 -69.06 -55.84 2.57
CA SER L 254 -68.59 -56.99 1.80
C SER L 254 -69.32 -58.25 2.24
N MET L 255 -69.68 -58.32 3.52
CA MET L 255 -70.50 -59.40 4.05
C MET L 255 -71.98 -59.14 3.79
N ARG L 256 -72.45 -57.92 4.10
CA ARG L 256 -73.88 -57.61 4.06
C ARG L 256 -74.50 -57.94 2.71
N TYR L 257 -73.76 -57.72 1.62
CA TYR L 257 -74.26 -58.03 0.30
C TYR L 257 -73.83 -59.40 -0.21
N LEU L 258 -72.76 -59.97 0.33
CA LEU L 258 -72.44 -61.35 0.00
C LEU L 258 -73.48 -62.30 0.59
N HIS L 259 -74.13 -61.89 1.68
CA HIS L 259 -75.18 -62.69 2.29
C HIS L 259 -76.45 -62.69 1.45
N ARG L 260 -76.80 -61.55 0.87
CA ARG L 260 -78.12 -61.37 0.26
C ARG L 260 -78.42 -62.40 -0.82
N PHE L 261 -77.38 -62.96 -1.45
CA PHE L 261 -77.58 -63.89 -2.55
C PHE L 261 -77.75 -65.34 -2.13
N GLY L 262 -77.55 -65.66 -0.85
CA GLY L 262 -77.72 -67.01 -0.36
C GLY L 262 -76.45 -67.71 0.03
N ALA L 263 -75.31 -67.03 0.00
CA ALA L 263 -74.06 -67.60 0.48
C ALA L 263 -73.98 -67.44 1.99
N LYS L 264 -73.84 -68.55 2.70
CA LYS L 264 -73.79 -68.51 4.15
C LYS L 264 -72.47 -67.90 4.62
N CYS L 265 -72.47 -67.48 5.89
CA CYS L 265 -71.26 -67.08 6.59
C CYS L 265 -70.89 -68.18 7.58
N VAL L 266 -69.86 -67.91 8.40
CA VAL L 266 -69.41 -68.90 9.37
C VAL L 266 -68.62 -68.24 10.49
N ALA L 267 -67.97 -67.12 10.20
CA ALA L 267 -67.06 -66.53 11.16
C ALA L 267 -66.96 -65.03 10.91
N VAL L 268 -66.74 -64.28 11.99
CA VAL L 268 -66.50 -62.85 11.95
C VAL L 268 -65.60 -62.50 13.11
N GLY L 269 -64.54 -61.71 12.84
CA GLY L 269 -63.63 -61.29 13.86
C GLY L 269 -63.34 -59.80 13.76
N GLU L 270 -62.75 -59.27 14.83
CA GLU L 270 -62.26 -57.90 14.86
C GLU L 270 -60.90 -57.91 15.54
N SER L 271 -60.44 -56.73 15.93
CA SER L 271 -59.13 -56.57 16.57
C SER L 271 -59.08 -57.14 17.98
N ASP L 272 -60.17 -57.75 18.49
CA ASP L 272 -60.17 -58.41 19.78
C ASP L 272 -60.16 -59.92 19.62
N GLY L 273 -61.28 -60.52 19.22
CA GLY L 273 -61.39 -61.94 19.01
C GLY L 273 -62.08 -62.23 17.70
N SER L 274 -62.91 -63.26 17.70
CA SER L 274 -63.63 -63.66 16.49
C SER L 274 -64.94 -64.31 16.89
N ILE L 275 -65.61 -64.92 15.92
CA ILE L 275 -66.83 -65.68 16.14
C ILE L 275 -66.76 -66.94 15.29
N TRP L 276 -67.33 -68.02 15.81
CA TRP L 276 -67.37 -69.31 15.12
C TRP L 276 -68.79 -69.83 15.16
N ASN L 277 -69.33 -70.21 14.00
CA ASN L 277 -70.69 -70.73 13.91
C ASN L 277 -70.96 -71.39 12.56
N PRO L 278 -71.00 -72.72 12.51
CA PRO L 278 -71.32 -73.38 11.23
C PRO L 278 -72.75 -73.14 10.76
N ASP L 279 -73.70 -72.93 11.67
CA ASP L 279 -75.07 -72.63 11.26
C ASP L 279 -75.12 -71.38 10.38
N GLY L 280 -74.17 -70.47 10.55
CA GLY L 280 -74.11 -69.27 9.73
C GLY L 280 -74.82 -68.09 10.35
N ILE L 281 -74.06 -67.19 10.94
CA ILE L 281 -74.64 -65.94 11.44
C ILE L 281 -74.94 -65.04 10.26
N ASP L 282 -76.03 -64.28 10.35
CA ASP L 282 -76.32 -63.27 9.36
C ASP L 282 -76.15 -61.89 9.99
N PRO L 283 -75.70 -60.89 9.22
CA PRO L 283 -75.50 -59.56 9.79
C PRO L 283 -76.78 -58.84 10.15
N LYS L 284 -77.94 -59.48 9.97
CA LYS L 284 -79.22 -58.84 10.26
C LYS L 284 -79.29 -58.35 11.70
N GLU L 285 -78.77 -59.13 12.64
CA GLU L 285 -78.78 -58.75 14.04
C GLU L 285 -77.42 -58.29 14.54
N LEU L 286 -76.38 -59.10 14.37
CA LEU L 286 -75.08 -58.84 14.98
C LEU L 286 -74.43 -57.55 14.48
N GLU L 287 -75.07 -56.86 13.55
CA GLU L 287 -74.61 -55.55 13.15
C GLU L 287 -75.00 -54.47 14.16
N ASP L 288 -75.95 -54.75 15.07
CA ASP L 288 -76.30 -53.86 16.16
C ASP L 288 -75.31 -53.95 17.33
N PHE L 289 -74.11 -54.49 17.07
CA PHE L 289 -72.98 -54.59 17.99
C PHE L 289 -71.96 -53.46 17.86
N LYS L 290 -72.26 -52.40 17.11
CA LYS L 290 -71.24 -51.37 16.92
C LYS L 290 -71.19 -50.42 18.12
N LEU L 291 -71.78 -49.23 17.97
CA LEU L 291 -71.80 -48.25 19.04
C LEU L 291 -72.99 -48.43 19.98
N GLN L 292 -73.87 -49.39 19.69
CA GLN L 292 -74.88 -49.80 20.67
C GLN L 292 -74.25 -50.47 21.88
N HIS L 293 -73.10 -51.12 21.69
CA HIS L 293 -72.37 -51.74 22.80
C HIS L 293 -70.95 -51.23 22.91
N GLY L 294 -70.11 -51.45 21.89
CA GLY L 294 -68.75 -50.93 21.91
C GLY L 294 -67.79 -51.72 21.06
N THR L 295 -67.57 -52.98 21.44
CA THR L 295 -66.69 -53.86 20.70
C THR L 295 -67.27 -55.27 20.70
N ILE L 296 -66.94 -56.03 19.67
CA ILE L 296 -67.45 -57.39 19.56
C ILE L 296 -66.87 -58.25 20.68
N LEU L 297 -67.66 -59.19 21.17
CA LEU L 297 -67.23 -60.06 22.25
C LEU L 297 -68.09 -61.31 22.27
N GLY L 298 -68.87 -61.50 21.22
CA GLY L 298 -69.80 -62.61 21.17
C GLY L 298 -71.17 -62.23 21.69
N PHE L 299 -72.18 -62.90 21.12
CA PHE L 299 -73.64 -62.77 21.21
C PHE L 299 -74.41 -64.06 20.94
N PRO L 300 -75.77 -64.03 21.07
CA PRO L 300 -76.56 -65.21 20.69
C PRO L 300 -76.15 -65.80 19.36
N LYS L 301 -76.01 -67.13 19.34
CA LYS L 301 -75.52 -67.90 18.20
C LYS L 301 -74.12 -67.46 17.77
N ALA L 302 -73.51 -66.53 18.49
CA ALA L 302 -72.14 -66.11 18.25
C ALA L 302 -71.27 -66.64 19.38
N LYS L 303 -70.36 -67.55 19.04
CA LYS L 303 -69.48 -68.12 20.04
C LYS L 303 -68.25 -67.24 20.24
N ILE L 304 -67.58 -67.43 21.36
CA ILE L 304 -66.35 -66.71 21.69
C ILE L 304 -65.19 -67.58 21.24
N TYR L 305 -64.69 -67.32 20.03
CA TYR L 305 -63.65 -68.13 19.41
C TYR L 305 -62.30 -67.45 19.55
N GLU L 306 -61.24 -68.27 19.56
CA GLU L 306 -59.87 -67.79 19.68
C GLU L 306 -58.98 -68.57 18.72
N GLY L 307 -57.70 -68.24 18.73
CA GLY L 307 -56.73 -68.90 17.85
C GLY L 307 -56.23 -67.99 16.76
N SER L 308 -57.01 -67.87 15.68
CA SER L 308 -56.75 -66.91 14.63
C SER L 308 -58.09 -66.57 13.99
N ILE L 309 -58.05 -66.08 12.75
CA ILE L 309 -59.27 -65.76 12.01
C ILE L 309 -59.26 -66.59 10.73
N LEU L 310 -58.06 -66.86 10.23
CA LEU L 310 -57.88 -67.46 8.91
C LEU L 310 -57.98 -68.98 8.96
N GLU L 311 -57.41 -69.61 10.00
CA GLU L 311 -57.35 -71.06 10.06
C GLU L 311 -58.72 -71.71 10.25
N VAL L 312 -59.78 -70.90 10.35
CA VAL L 312 -61.13 -71.45 10.44
C VAL L 312 -61.50 -72.10 9.11
N ASP L 313 -62.07 -73.29 9.17
CA ASP L 313 -62.47 -74.02 7.98
C ASP L 313 -63.50 -73.22 7.19
N CYS L 314 -63.18 -72.91 5.94
CA CYS L 314 -63.99 -71.99 5.14
C CYS L 314 -63.68 -72.19 3.66
N ASP L 315 -64.37 -71.43 2.82
CA ASP L 315 -64.16 -71.44 1.37
C ASP L 315 -63.59 -70.12 0.86
N ILE L 316 -64.24 -68.99 1.15
CA ILE L 316 -63.82 -67.69 0.64
C ILE L 316 -63.38 -66.84 1.83
N LEU L 317 -62.08 -66.56 1.90
CA LEU L 317 -61.53 -65.70 2.94
C LEU L 317 -61.38 -64.28 2.41
N ILE L 318 -61.64 -63.30 3.27
CA ILE L 318 -61.47 -61.90 2.87
C ILE L 318 -60.79 -61.13 4.01
N PRO L 319 -59.51 -60.78 3.87
CA PRO L 319 -58.81 -59.98 4.91
C PRO L 319 -59.09 -58.48 4.79
N ALA L 320 -60.25 -58.05 5.29
CA ALA L 320 -60.72 -56.67 5.15
C ALA L 320 -60.29 -55.76 6.30
N ALA L 321 -59.17 -56.07 6.96
CA ALA L 321 -58.70 -55.25 8.07
C ALA L 321 -57.33 -54.64 7.77
N SER L 322 -56.38 -54.85 8.68
CA SER L 322 -55.07 -54.22 8.58
C SER L 322 -54.29 -54.80 7.40
N GLU L 323 -53.00 -54.47 7.34
CA GLU L 323 -52.12 -54.90 6.26
C GLU L 323 -51.18 -55.99 6.75
N LYS L 324 -50.88 -56.94 5.85
CA LYS L 324 -49.90 -57.99 6.07
C LYS L 324 -50.33 -58.95 7.18
N GLN L 325 -51.20 -59.92 6.86
CA GLN L 325 -51.56 -60.97 7.80
C GLN L 325 -51.39 -62.37 7.21
N LEU L 326 -50.79 -62.49 6.02
CA LEU L 326 -50.58 -63.78 5.38
C LEU L 326 -49.14 -63.86 4.89
N THR L 327 -48.35 -64.72 5.51
CA THR L 327 -46.93 -64.84 5.21
C THR L 327 -46.47 -66.24 5.59
N LYS L 328 -45.16 -66.43 5.76
CA LYS L 328 -44.61 -67.73 6.13
C LYS L 328 -45.17 -68.25 7.45
N SER L 329 -45.67 -67.36 8.32
CA SER L 329 -46.24 -67.81 9.58
C SER L 329 -47.59 -68.50 9.38
N ASN L 330 -48.30 -68.19 8.30
CA ASN L 330 -49.64 -68.72 8.11
C ASN L 330 -49.98 -69.13 6.68
N ALA L 331 -49.13 -68.86 5.69
CA ALA L 331 -49.44 -69.27 4.31
C ALA L 331 -49.62 -70.77 4.17
N PRO L 332 -48.73 -71.63 4.70
CA PRO L 332 -48.99 -73.08 4.62
C PRO L 332 -50.21 -73.52 5.40
N ARG L 333 -50.82 -72.64 6.19
CA ARG L 333 -52.04 -72.97 6.92
C ARG L 333 -53.23 -72.57 6.04
N VAL L 334 -54.28 -71.98 6.61
CA VAL L 334 -55.46 -71.54 5.88
C VAL L 334 -56.13 -72.72 5.18
N LYS L 335 -57.16 -73.28 5.80
CA LYS L 335 -57.87 -74.43 5.25
C LYS L 335 -59.02 -73.99 4.34
N ALA L 336 -58.74 -73.10 3.39
CA ALA L 336 -59.75 -72.52 2.53
C ALA L 336 -59.48 -72.88 1.08
N LYS L 337 -60.19 -72.21 0.17
CA LYS L 337 -60.05 -72.48 -1.26
C LYS L 337 -59.89 -71.23 -2.12
N ILE L 338 -60.56 -70.13 -1.77
CA ILE L 338 -60.45 -68.91 -2.56
C ILE L 338 -60.36 -67.70 -1.64
N ILE L 339 -59.30 -66.90 -1.80
CA ILE L 339 -59.07 -65.72 -0.99
C ILE L 339 -59.41 -64.49 -1.81
N ALA L 340 -60.12 -63.54 -1.20
CA ALA L 340 -60.52 -62.31 -1.87
C ALA L 340 -60.07 -61.13 -1.01
N GLU L 341 -59.16 -60.31 -1.56
CA GLU L 341 -58.47 -59.29 -0.78
C GLU L 341 -59.32 -58.02 -0.69
N GLY L 342 -59.80 -57.71 0.50
CA GLY L 342 -60.64 -56.53 0.72
C GLY L 342 -59.87 -55.30 1.13
N ALA L 343 -58.86 -55.46 1.98
CA ALA L 343 -57.98 -54.36 2.33
C ALA L 343 -56.91 -54.21 1.26
N ASN L 344 -55.77 -53.61 1.61
CA ASN L 344 -54.68 -53.38 0.67
C ASN L 344 -53.47 -54.22 1.09
N GLY L 345 -53.14 -55.20 0.25
CA GLY L 345 -51.96 -56.03 0.44
C GLY L 345 -51.84 -56.71 1.80
N PRO L 346 -52.78 -57.61 2.13
CA PRO L 346 -52.56 -58.47 3.30
C PRO L 346 -51.67 -59.66 3.01
N THR L 347 -51.57 -60.07 1.75
CA THR L 347 -50.76 -61.21 1.35
C THR L 347 -49.36 -60.74 0.94
N THR L 348 -48.32 -61.57 1.29
CA THR L 348 -46.95 -61.31 0.89
C THR L 348 -46.54 -62.25 -0.23
N PRO L 349 -45.67 -61.80 -1.16
CA PRO L 349 -45.14 -62.73 -2.18
C PRO L 349 -44.48 -63.93 -1.55
N GLU L 350 -43.90 -63.76 -0.37
CA GLU L 350 -43.45 -64.86 0.47
C GLU L 350 -44.56 -65.87 0.74
N ALA L 351 -45.82 -65.45 0.60
CA ALA L 351 -46.97 -66.33 0.79
C ALA L 351 -47.68 -66.70 -0.51
N ASP L 352 -47.51 -65.92 -1.58
CA ASP L 352 -48.17 -66.22 -2.84
C ASP L 352 -47.82 -67.62 -3.33
N LYS L 353 -46.53 -67.88 -3.54
CA LYS L 353 -46.06 -69.12 -4.13
C LYS L 353 -46.33 -70.31 -3.21
N ILE L 354 -46.84 -70.04 -2.02
CA ILE L 354 -47.38 -71.11 -1.17
C ILE L 354 -48.85 -71.37 -1.48
N PHE L 355 -49.65 -70.32 -1.69
CA PHE L 355 -51.02 -70.50 -2.16
C PHE L 355 -51.04 -70.99 -3.60
N LEU L 356 -50.09 -70.55 -4.42
CA LEU L 356 -50.02 -70.99 -5.81
C LEU L 356 -49.58 -72.45 -5.92
N GLU L 357 -48.75 -72.91 -4.98
CA GLU L 357 -48.36 -74.30 -4.92
C GLU L 357 -49.43 -75.19 -4.30
N ARG L 358 -50.61 -74.64 -3.98
CA ARG L 358 -51.67 -75.40 -3.34
C ARG L 358 -53.03 -75.24 -4.02
N ASN L 359 -53.10 -74.52 -5.14
CA ASN L 359 -54.33 -74.32 -5.90
C ASN L 359 -55.37 -73.56 -5.06
N ILE L 360 -54.97 -72.38 -4.60
CA ILE L 360 -55.83 -71.47 -3.84
C ILE L 360 -55.82 -70.13 -4.56
N MET L 361 -56.98 -69.68 -4.99
CA MET L 361 -57.07 -68.48 -5.83
C MET L 361 -57.09 -67.23 -4.95
N VAL L 362 -56.10 -66.38 -5.14
CA VAL L 362 -56.00 -65.10 -4.45
C VAL L 362 -56.48 -64.02 -5.40
N ILE L 363 -57.72 -63.56 -5.18
CA ILE L 363 -58.27 -62.46 -5.97
C ILE L 363 -57.60 -61.18 -5.49
N PRO L 364 -56.82 -60.51 -6.33
CA PRO L 364 -55.95 -59.44 -5.84
C PRO L 364 -56.73 -58.22 -5.35
N ASP L 365 -56.06 -57.46 -4.48
CA ASP L 365 -56.56 -56.15 -4.05
C ASP L 365 -56.44 -55.11 -5.16
N LEU L 366 -55.53 -55.33 -6.11
CA LEU L 366 -55.42 -54.46 -7.27
C LEU L 366 -56.73 -54.39 -8.06
N TYR L 367 -57.59 -55.39 -7.91
CA TYR L 367 -58.86 -55.44 -8.64
C TYR L 367 -60.07 -55.51 -7.72
N LEU L 368 -59.97 -56.20 -6.58
CA LEU L 368 -61.17 -56.50 -5.80
C LEU L 368 -61.78 -55.24 -5.18
N ASN L 369 -61.06 -54.59 -4.28
CA ASN L 369 -61.62 -53.42 -3.61
C ASN L 369 -61.44 -52.16 -4.44
N ALA L 370 -61.32 -52.32 -5.76
CA ALA L 370 -61.28 -51.17 -6.65
C ALA L 370 -62.65 -50.52 -6.81
N GLY L 371 -63.73 -51.18 -6.38
CA GLY L 371 -65.04 -50.56 -6.43
C GLY L 371 -65.11 -49.30 -5.59
N GLY L 372 -64.40 -49.27 -4.46
CA GLY L 372 -64.41 -48.10 -3.61
C GLY L 372 -63.95 -46.84 -4.31
N VAL L 373 -62.98 -46.96 -5.21
CA VAL L 373 -62.48 -45.78 -5.91
C VAL L 373 -63.22 -45.54 -7.23
N THR L 374 -63.71 -46.60 -7.88
CA THR L 374 -64.51 -46.42 -9.08
C THR L 374 -65.81 -45.66 -8.77
N VAL L 375 -66.29 -45.73 -7.54
CA VAL L 375 -67.44 -44.92 -7.14
C VAL L 375 -66.98 -43.50 -6.77
N SER L 376 -65.85 -43.40 -6.05
CA SER L 376 -65.27 -42.09 -5.77
C SER L 376 -65.07 -41.29 -7.05
N TYR L 377 -64.59 -41.95 -8.10
CA TYR L 377 -64.55 -41.34 -9.42
C TYR L 377 -65.88 -40.70 -9.77
N PHE L 378 -66.97 -41.45 -9.57
CA PHE L 378 -68.30 -40.96 -9.93
C PHE L 378 -68.72 -39.79 -9.05
N GLU L 379 -68.39 -39.84 -7.77
CA GLU L 379 -68.66 -38.69 -6.90
C GLU L 379 -67.84 -37.49 -7.32
N TRP L 380 -66.58 -37.70 -7.69
CA TRP L 380 -65.78 -36.63 -8.27
C TRP L 380 -66.48 -36.02 -9.48
N LEU L 381 -66.99 -36.88 -10.37
CA LEU L 381 -67.66 -36.38 -11.56
C LEU L 381 -69.00 -35.73 -11.24
N LYS L 382 -69.68 -36.21 -10.18
CA LYS L 382 -70.95 -35.57 -9.81
C LYS L 382 -70.75 -34.12 -9.41
N ASN L 383 -69.64 -33.83 -8.73
CA ASN L 383 -69.41 -32.45 -8.30
C ASN L 383 -69.03 -31.57 -9.48
N LEU L 384 -68.29 -32.10 -10.44
CA LEU L 384 -67.98 -31.33 -11.64
C LEU L 384 -69.21 -31.11 -12.49
N ASN L 385 -70.11 -32.09 -12.54
CA ASN L 385 -71.39 -31.90 -13.22
C ASN L 385 -72.37 -31.10 -12.37
N HIS L 386 -72.14 -30.99 -11.06
CA HIS L 386 -73.01 -30.27 -10.12
C HIS L 386 -74.46 -30.75 -10.20
N VAL L 387 -74.68 -32.00 -10.63
CA VAL L 387 -76.02 -32.55 -10.75
C VAL L 387 -76.01 -33.98 -10.25
N SER L 388 -77.05 -34.33 -9.48
CA SER L 388 -77.28 -35.74 -9.17
C SER L 388 -77.54 -36.50 -10.46
N TYR L 389 -76.93 -37.67 -10.60
CA TYR L 389 -77.03 -38.42 -11.85
C TYR L 389 -78.48 -38.76 -12.17
N GLY L 390 -78.89 -38.39 -13.39
CA GLY L 390 -80.25 -38.63 -13.82
C GLY L 390 -81.26 -37.61 -13.34
N ARG L 391 -80.81 -36.45 -12.86
CA ARG L 391 -81.72 -35.43 -12.33
C ARG L 391 -82.70 -34.93 -13.38
N LEU L 392 -82.37 -35.04 -14.66
CA LEU L 392 -83.18 -34.49 -15.74
C LEU L 392 -83.69 -35.54 -16.72
N THR L 393 -83.01 -36.68 -16.84
CA THR L 393 -83.32 -37.68 -17.86
C THR L 393 -83.98 -38.92 -17.25
N PHE L 394 -84.88 -38.73 -16.30
CA PHE L 394 -85.69 -39.83 -15.78
C PHE L 394 -87.09 -39.82 -16.37
N LYS L 395 -87.84 -38.74 -16.16
CA LYS L 395 -89.20 -38.66 -16.68
C LYS L 395 -89.19 -38.60 -18.20
N TYR L 396 -88.13 -38.06 -18.80
CA TYR L 396 -88.06 -38.09 -20.26
C TYR L 396 -87.90 -39.52 -20.77
N GLU L 397 -87.23 -40.39 -20.02
CA GLU L 397 -87.07 -41.76 -20.46
C GLU L 397 -88.17 -42.68 -19.95
N ARG L 398 -88.68 -42.45 -18.74
CA ARG L 398 -89.82 -43.23 -18.26
C ARG L 398 -91.03 -42.99 -19.15
N ASP L 399 -91.20 -41.76 -19.65
CA ASP L 399 -92.23 -41.50 -20.64
C ASP L 399 -91.84 -42.07 -22.01
N SER L 400 -90.55 -42.01 -22.35
CA SER L 400 -90.10 -42.55 -23.62
C SER L 400 -90.33 -44.06 -23.70
N ASN L 401 -90.33 -44.73 -22.55
CA ASN L 401 -90.61 -46.17 -22.54
C ASN L 401 -92.11 -46.45 -22.55
N TYR L 402 -92.88 -45.66 -21.79
CA TYR L 402 -94.33 -45.85 -21.78
C TYR L 402 -94.93 -45.59 -23.14
N HIS L 403 -94.44 -44.56 -23.84
CA HIS L 403 -94.89 -44.32 -25.21
C HIS L 403 -94.54 -45.49 -26.12
N LEU L 404 -93.39 -46.14 -25.85
CA LEU L 404 -92.99 -47.28 -26.67
C LEU L 404 -93.94 -48.46 -26.51
N LEU L 405 -94.24 -48.83 -25.26
CA LEU L 405 -95.11 -49.97 -25.04
C LEU L 405 -96.50 -49.72 -25.62
N MET L 406 -97.02 -48.49 -25.45
CA MET L 406 -98.22 -48.10 -26.16
C MET L 406 -98.08 -48.26 -27.66
N SER L 407 -96.90 -47.95 -28.20
CA SER L 407 -96.70 -47.97 -29.65
C SER L 407 -96.81 -49.39 -30.19
N VAL L 408 -96.22 -50.37 -29.51
CA VAL L 408 -96.33 -51.75 -29.97
C VAL L 408 -97.77 -52.24 -29.82
N GLN L 409 -98.45 -51.82 -28.76
CA GLN L 409 -99.86 -52.14 -28.55
C GLN L 409 -100.71 -51.72 -29.74
N GLU L 410 -100.81 -50.41 -29.98
CA GLU L 410 -101.61 -49.90 -31.07
C GLU L 410 -101.11 -50.39 -32.42
N SER L 411 -99.88 -50.90 -32.49
CA SER L 411 -99.39 -51.55 -33.70
C SER L 411 -99.84 -52.99 -33.79
N LEU L 412 -100.31 -53.57 -32.68
CA LEU L 412 -100.75 -54.96 -32.63
C LEU L 412 -102.25 -55.11 -32.67
N GLU L 413 -102.97 -54.14 -32.12
CA GLU L 413 -104.41 -53.96 -32.28
C GLU L 413 -104.77 -53.41 -33.66
N ARG L 414 -103.79 -53.38 -34.56
CA ARG L 414 -103.98 -52.94 -35.94
C ARG L 414 -104.16 -54.12 -36.89
N LYS L 415 -103.17 -55.02 -36.96
CA LYS L 415 -103.35 -56.26 -37.71
C LYS L 415 -104.47 -57.10 -37.12
N PHE L 416 -104.82 -56.87 -35.87
CA PHE L 416 -105.92 -57.55 -35.20
C PHE L 416 -107.03 -56.52 -35.01
N GLY L 417 -108.07 -56.62 -35.85
CA GLY L 417 -109.01 -55.55 -36.06
C GLY L 417 -109.98 -55.23 -34.94
N LYS L 418 -109.59 -55.45 -33.69
CA LYS L 418 -110.33 -54.93 -32.54
C LYS L 418 -109.39 -54.07 -31.70
N HIS L 419 -109.84 -52.86 -31.36
CA HIS L 419 -109.08 -51.92 -30.55
C HIS L 419 -109.51 -52.11 -29.09
N GLY L 420 -108.76 -52.93 -28.35
CA GLY L 420 -109.04 -53.08 -26.93
C GLY L 420 -108.47 -54.32 -26.28
N GLY L 421 -108.24 -55.37 -27.06
CA GLY L 421 -107.80 -56.64 -26.52
C GLY L 421 -106.43 -56.63 -25.89
N THR L 422 -105.39 -56.53 -26.72
CA THR L 422 -104.02 -56.69 -26.24
C THR L 422 -103.68 -55.64 -25.20
N ILE L 423 -102.77 -55.98 -24.30
CA ILE L 423 -102.32 -55.07 -23.26
C ILE L 423 -100.82 -55.24 -23.00
N PRO L 424 -99.95 -54.85 -23.94
CA PRO L 424 -98.53 -54.79 -23.60
C PRO L 424 -98.17 -53.47 -22.94
N ILE L 425 -99.17 -52.80 -22.34
CA ILE L 425 -98.90 -51.61 -21.54
C ILE L 425 -98.00 -51.95 -20.38
N VAL L 426 -98.21 -53.13 -19.79
CA VAL L 426 -97.55 -53.48 -18.53
C VAL L 426 -96.13 -53.96 -18.83
N PRO L 427 -95.14 -53.46 -18.12
CA PRO L 427 -93.82 -54.08 -18.17
C PRO L 427 -93.60 -55.08 -17.06
N THR L 428 -92.52 -55.85 -17.13
CA THR L 428 -92.27 -56.89 -16.14
C THR L 428 -92.19 -56.27 -14.74
N ALA L 429 -92.44 -57.12 -13.73
CA ALA L 429 -92.46 -56.64 -12.35
C ALA L 429 -91.12 -56.07 -11.93
N GLU L 430 -90.03 -56.64 -12.46
CA GLU L 430 -88.70 -56.10 -12.14
C GLU L 430 -88.48 -54.74 -12.79
N PHE L 431 -88.96 -54.57 -14.02
CA PHE L 431 -88.77 -53.29 -14.70
C PHE L 431 -89.72 -52.22 -14.19
N GLN L 432 -90.91 -52.62 -13.71
CA GLN L 432 -91.81 -51.65 -13.09
C GLN L 432 -91.18 -51.06 -11.83
N ASP L 433 -90.64 -51.93 -10.97
CA ASP L 433 -89.90 -51.46 -9.79
C ASP L 433 -88.71 -50.60 -10.19
N ARG L 434 -88.18 -50.79 -11.40
CA ARG L 434 -86.97 -50.10 -11.81
C ARG L 434 -87.23 -48.63 -12.13
N ILE L 435 -88.37 -48.31 -12.74
CA ILE L 435 -88.67 -46.93 -13.11
C ILE L 435 -89.50 -46.20 -12.07
N SER L 436 -90.27 -46.92 -11.24
CA SER L 436 -90.96 -46.28 -10.13
C SER L 436 -89.97 -45.77 -9.09
N GLY L 437 -89.00 -46.61 -8.73
CA GLY L 437 -87.98 -46.23 -7.78
C GLY L 437 -86.66 -45.88 -8.44
N ALA L 438 -86.73 -45.21 -9.59
CA ALA L 438 -85.53 -44.79 -10.29
C ALA L 438 -84.81 -43.70 -9.50
N SER L 439 -83.50 -43.84 -9.35
CA SER L 439 -82.75 -42.95 -8.48
C SER L 439 -81.28 -42.95 -8.89
N GLU L 440 -80.52 -42.03 -8.27
CA GLU L 440 -79.09 -41.95 -8.51
C GLU L 440 -78.42 -43.28 -8.17
N LYS L 441 -78.93 -43.97 -7.15
CA LYS L 441 -78.42 -45.28 -6.74
C LYS L 441 -78.29 -46.23 -7.94
N ASP L 442 -79.39 -46.42 -8.68
CA ASP L 442 -79.40 -47.42 -9.75
C ASP L 442 -78.34 -47.16 -10.81
N ILE L 443 -77.96 -45.89 -11.01
CA ILE L 443 -76.96 -45.58 -12.03
C ILE L 443 -75.56 -45.90 -11.53
N VAL L 444 -75.25 -45.48 -10.29
CA VAL L 444 -73.94 -45.81 -9.71
C VAL L 444 -73.71 -47.32 -9.74
N HIS L 445 -74.77 -48.10 -9.62
CA HIS L 445 -74.61 -49.55 -9.58
C HIS L 445 -74.27 -50.12 -10.95
N SER L 446 -75.05 -49.77 -11.98
CA SER L 446 -74.82 -50.33 -13.30
C SER L 446 -73.48 -49.88 -13.86
N GLY L 447 -73.10 -48.62 -13.62
CA GLY L 447 -71.80 -48.14 -14.04
C GLY L 447 -70.64 -48.79 -13.33
N LEU L 448 -70.87 -49.30 -12.11
CA LEU L 448 -69.84 -50.04 -11.40
C LEU L 448 -69.71 -51.46 -11.93
N ALA L 449 -70.83 -52.14 -12.14
CA ALA L 449 -70.81 -53.47 -12.73
C ALA L 449 -70.14 -53.44 -14.10
N TYR L 450 -70.58 -52.55 -14.97
CA TYR L 450 -69.97 -52.41 -16.29
C TYR L 450 -68.47 -52.17 -16.19
N THR L 451 -68.05 -51.31 -15.27
CA THR L 451 -66.62 -51.06 -15.09
C THR L 451 -65.92 -52.29 -14.52
N MET L 452 -66.59 -53.00 -13.61
CA MET L 452 -65.99 -54.17 -12.98
C MET L 452 -65.95 -55.36 -13.94
N GLU L 453 -67.10 -55.72 -14.49
CA GLU L 453 -67.19 -56.86 -15.40
C GLU L 453 -66.22 -56.72 -16.56
N ARG L 454 -66.06 -55.50 -17.09
CA ARG L 454 -65.11 -55.27 -18.17
C ARG L 454 -63.67 -55.37 -17.71
N SER L 455 -63.40 -55.20 -16.41
CA SER L 455 -62.03 -55.31 -15.91
C SER L 455 -61.59 -56.76 -15.84
N ALA L 456 -62.43 -57.63 -15.27
CA ALA L 456 -62.07 -59.04 -15.19
C ALA L 456 -61.82 -59.64 -16.56
N ARG L 457 -62.61 -59.24 -17.56
CA ARG L 457 -62.34 -59.64 -18.94
C ARG L 457 -60.95 -59.22 -19.37
N GLN L 458 -60.60 -57.95 -19.16
CA GLN L 458 -59.29 -57.45 -19.55
C GLN L 458 -58.16 -58.21 -18.86
N ILE L 459 -58.43 -58.86 -17.73
CA ILE L 459 -57.41 -59.64 -17.04
C ILE L 459 -57.41 -61.10 -17.51
N MET L 460 -58.61 -61.71 -17.59
CA MET L 460 -58.69 -63.10 -18.03
C MET L 460 -58.16 -63.28 -19.45
N ARG L 461 -58.06 -62.20 -20.22
CA ARG L 461 -57.38 -62.25 -21.52
C ARG L 461 -55.87 -62.24 -21.36
N THR L 462 -55.36 -61.24 -20.64
CA THR L 462 -53.92 -61.16 -20.36
C THR L 462 -53.46 -62.23 -19.39
N ALA L 463 -54.38 -63.00 -18.79
CA ALA L 463 -54.00 -64.17 -18.02
C ALA L 463 -53.79 -65.38 -18.92
N MET L 464 -54.77 -65.64 -19.80
CA MET L 464 -54.61 -66.66 -20.84
C MET L 464 -53.86 -66.09 -22.04
N LYS L 465 -52.90 -65.20 -21.75
CA LYS L 465 -51.96 -64.71 -22.73
C LYS L 465 -50.53 -65.03 -22.31
N TYR L 466 -50.30 -65.30 -21.03
CA TYR L 466 -49.00 -65.65 -20.49
C TYR L 466 -49.06 -66.92 -19.66
N ASN L 467 -50.19 -67.64 -19.70
CA ASN L 467 -50.35 -68.93 -19.03
C ASN L 467 -50.17 -68.80 -17.52
N LEU L 468 -50.78 -67.76 -16.94
CA LEU L 468 -50.75 -67.57 -15.51
C LEU L 468 -51.84 -68.35 -14.78
N GLY L 469 -53.00 -68.52 -15.41
CA GLY L 469 -54.06 -69.35 -14.84
C GLY L 469 -54.56 -68.89 -13.50
N LEU L 470 -53.82 -69.21 -12.43
CA LEU L 470 -54.27 -68.94 -11.08
C LEU L 470 -53.59 -67.74 -10.43
N ASP L 471 -52.45 -67.32 -10.95
CA ASP L 471 -51.76 -66.15 -10.41
C ASP L 471 -52.28 -64.89 -11.10
N LEU L 472 -53.53 -64.54 -10.76
CA LEU L 472 -54.12 -63.32 -11.29
C LEU L 472 -53.40 -62.08 -10.78
N ARG L 473 -52.57 -62.22 -9.74
CA ARG L 473 -51.76 -61.11 -9.26
C ARG L 473 -50.88 -60.55 -10.37
N THR L 474 -49.97 -61.37 -10.89
CA THR L 474 -49.11 -60.93 -11.98
C THR L 474 -49.86 -60.78 -13.29
N ALA L 475 -51.13 -61.17 -13.33
CA ALA L 475 -52.00 -60.88 -14.47
C ALA L 475 -52.74 -59.57 -14.30
N ALA L 476 -52.87 -59.07 -13.07
CA ALA L 476 -53.50 -57.78 -12.84
C ALA L 476 -52.50 -56.64 -12.93
N TYR L 477 -51.28 -56.84 -12.43
CA TYR L 477 -50.25 -55.81 -12.60
C TYR L 477 -49.77 -55.77 -14.05
N VAL L 478 -49.77 -56.89 -14.75
CA VAL L 478 -49.37 -56.88 -16.16
C VAL L 478 -50.36 -56.07 -16.98
N ASN L 479 -51.62 -56.01 -16.53
CA ASN L 479 -52.63 -55.24 -17.25
C ASN L 479 -52.54 -53.77 -16.93
N ALA L 480 -52.13 -53.42 -15.70
CA ALA L 480 -52.04 -52.02 -15.31
C ALA L 480 -50.73 -51.39 -15.75
N ILE L 481 -49.63 -52.16 -15.73
CA ILE L 481 -48.36 -51.60 -16.20
C ILE L 481 -48.44 -51.33 -17.70
N GLU L 482 -49.29 -52.06 -18.42
CA GLU L 482 -49.52 -51.77 -19.83
C GLU L 482 -50.12 -50.38 -20.00
N LYS L 483 -51.21 -50.08 -19.27
CA LYS L 483 -51.95 -48.85 -19.50
C LYS L 483 -51.13 -47.61 -19.13
N VAL L 484 -50.43 -47.65 -17.99
CA VAL L 484 -49.68 -46.49 -17.52
C VAL L 484 -48.56 -46.15 -18.49
N PHE L 485 -48.05 -47.15 -19.22
CA PHE L 485 -46.93 -46.92 -20.13
C PHE L 485 -47.36 -46.07 -21.32
N ARG L 486 -48.40 -46.49 -22.03
CA ARG L 486 -48.85 -45.78 -23.22
C ARG L 486 -49.26 -44.34 -22.92
N VAL L 487 -49.63 -44.05 -21.68
CA VAL L 487 -49.86 -42.66 -21.29
C VAL L 487 -48.54 -41.89 -21.27
N TYR L 488 -47.52 -42.45 -20.62
CA TYR L 488 -46.23 -41.77 -20.54
C TYR L 488 -45.57 -41.68 -21.92
N ASN L 489 -45.59 -42.77 -22.70
CA ASN L 489 -44.87 -42.76 -23.97
C ASN L 489 -45.44 -41.72 -24.93
N GLU L 490 -46.78 -41.67 -25.05
CA GLU L 490 -47.41 -40.77 -26.00
C GLU L 490 -47.41 -39.31 -25.55
N ALA L 491 -46.95 -39.04 -24.33
CA ALA L 491 -46.81 -37.67 -23.84
C ALA L 491 -45.38 -37.16 -23.93
N GLY L 492 -44.40 -38.06 -23.97
CA GLY L 492 -43.01 -37.66 -24.14
C GLY L 492 -42.38 -37.05 -22.92
N VAL L 493 -41.05 -37.18 -22.81
CA VAL L 493 -40.30 -36.52 -21.74
C VAL L 493 -40.58 -35.03 -21.79
N THR L 494 -40.95 -34.48 -20.64
CA THR L 494 -41.22 -33.04 -20.53
C THR L 494 -39.91 -32.28 -20.43
N PHE L 495 -39.76 -31.23 -21.24
CA PHE L 495 -38.58 -30.37 -21.19
C PHE L 495 -38.98 -29.04 -20.55
N THR L 496 -38.56 -28.86 -19.30
CA THR L 496 -38.92 -27.67 -18.55
C THR L 496 -37.68 -27.01 -17.94
OAA XEG M . 29.10 4.84 7.91
OAB XEG M . 20.71 8.03 3.46
OAC XEG M . 28.51 7.58 0.17
OAD XEG M . 27.63 9.99 1.35
OAE XEG M . 24.65 1.38 8.60
OAF XEG M . 27.13 0.81 4.55
OAG XEG M . 22.52 4.12 5.17
OAH XEG M . 25.22 -0.11 6.31
CAI XEG M . 27.96 6.40 2.25
CAJ XEG M . 27.49 6.40 3.56
CAK XEG M . 21.79 6.13 4.38
CAL XEG M . 26.29 3.04 7.95
CAM XEG M . 27.55 2.77 5.92
CAN XEG M . 23.03 8.23 4.50
CAO XEG M . 27.10 8.79 3.41
CAP XEG M . 25.15 5.52 6.11
OAQ XEG M . 27.19 5.99 7.28
OAR XEG M . 25.32 8.27 5.57
CAS XEG M . 27.92 4.83 7.45
CAT XEG M . 21.89 7.53 4.13
CAU XEG M . 28.01 7.58 1.52
CAV XEG M . 27.57 8.79 2.10
CAW XEG M . 25.62 1.84 7.70
CAX XEG M . 26.87 1.58 5.67
CAY XEG M . 22.85 5.49 5.02
CAZ XEG M . 27.25 3.48 7.06
CBA XEG M . 27.06 7.60 4.13
CBB XEG M . 25.91 1.12 6.56
CBC XEG M . 24.08 7.58 5.14
CBD XEG M . 23.99 6.18 5.40
CBE XEG M . 26.49 6.10 6.00
CBF XEG M . 26.54 7.57 5.53
OAA XEG N . 47.87 -9.98 0.28
OAB XEG N . 52.81 -17.49 -4.09
OAC XEG N . 55.81 -12.46 2.39
OAD XEG N . 56.43 -11.92 -0.30
OAE XEG N . 45.42 -14.96 -0.27
OAF XEG N . 48.11 -14.54 3.65
OAG XEG N . 49.06 -16.62 -1.55
OAH XEG N . 46.23 -15.93 2.21
CAI XEG N . 53.42 -12.48 1.80
CAJ XEG N . 52.40 -12.36 0.86
CAK XEG N . 50.96 -16.86 -2.79
CAL XEG N . 46.91 -13.07 -0.02
CAM XEG N . 48.28 -12.83 1.94
CAN XEG N . 52.47 -15.06 -3.41
CAO XEG N . 54.05 -11.95 -0.86
CAP XEG N . 49.67 -13.57 -1.36
OAQ XEG N . 49.34 -11.22 -0.98
OAR XEG N . 51.98 -12.69 -2.65
CAS XEG N . 48.36 -11.10 0.00
CAT XEG N . 52.12 -16.40 -3.45
CAU XEG N . 54.75 -12.33 1.42
CAV XEG N . 55.06 -12.06 0.08
CAW XEG N . 46.38 -14.25 0.48
CAX XEG N . 47.74 -14.02 2.44
CAY XEG N . 50.16 -15.94 -2.12
CAZ XEG N . 47.85 -12.38 0.72
CBA XEG N . 52.72 -12.10 -0.47
CBB XEG N . 46.80 -14.72 1.71
CBC XEG N . 51.67 -14.15 -2.73
CBD XEG N . 50.49 -14.61 -2.07
CBE XEG N . 50.27 -12.36 -0.83
CBF XEG N . 51.62 -11.97 -1.48
OAA XEG O . 59.28 44.79 12.96
OAB XEG O . 54.72 51.73 18.49
OAC XEG O . 56.90 43.40 20.76
OAD XEG O . 54.29 43.94 19.85
OAE XEG O . 61.38 50.09 13.05
OAF XEG O . 62.92 47.15 16.48
OAG XEG O . 58.56 50.97 16.02
OAH XEG O . 63.15 49.53 15.10
CAI XEG O . 57.79 44.55 18.77
CAJ XEG O . 57.59 45.24 17.58
CAK XEG O . 56.60 51.17 17.18
CAL XEG O . 60.25 47.95 13.41
CAM XEG O . 61.02 46.47 15.13
CAN XEG O . 54.85 49.48 17.29
CAO XEG O . 55.20 45.08 17.88
CAP XEG O . 57.62 48.15 15.11
OAQ XEG O . 57.68 46.07 13.98
OAR XEG O . 55.14 47.28 16.04
CAS XEG O . 59.00 45.81 13.64
CAT XEG O . 55.34 50.73 17.64
CAU XEG O . 56.70 44.11 19.52
CAV XEG O . 55.39 44.38 19.07
CAW XEG O . 61.26 48.87 13.75
CAX XEG O . 62.01 47.38 15.46
CAY XEG O . 57.35 50.33 16.36
CAZ XEG O . 60.15 46.76 14.11
CBA XEG O . 56.30 45.50 17.13
CBB XEG O . 62.13 48.57 14.78
CBC XEG O . 55.60 48.65 16.47
CBD XEG O . 56.87 49.09 16.00
CBE XEG O . 57.47 46.71 15.28
CBF XEG O . 56.10 46.25 15.84
OAA XEG P . 72.29 33.01 -5.99
OAB XEG P . 72.55 35.47 -15.69
OAC XEG P . 65.52 34.73 -10.96
OAD XEG P . 66.42 32.52 -12.43
OAE XEG P . 75.62 37.23 -7.52
OAF XEG P . 71.06 38.51 -6.83
OAG XEG P . 73.79 37.13 -11.56
OAH XEG P . 73.69 39.24 -7.22
CAI XEG P . 67.74 34.91 -9.90
CAJ XEG P . 69.05 34.45 -9.74
CAK XEG P . 73.11 36.15 -13.49
CAL XEG P . 73.91 35.54 -7.27
CAM XEG P . 71.61 36.16 -6.92
CAN XEG P . 71.98 34.00 -13.68
CAO XEG P . 68.62 32.70 -11.38
CAP XEG P . 72.67 34.65 -10.03
OAQ XEG P . 72.25 33.02 -8.29
OAR XEG P . 71.49 32.66 -11.58
CAS XEG P . 72.36 33.66 -7.07
CAT XEG P . 72.50 35.14 -14.27
CAU XEG P . 66.87 34.27 -10.79
CAV XEG P . 67.31 33.17 -11.53
CAW XEG P . 74.27 36.88 -7.32
CAX XEG P . 71.97 37.49 -6.97
CAY XEG P . 73.16 35.99 -12.12
CAZ XEG P . 72.59 35.19 -7.06
CBA XEG P . 69.48 33.35 -10.48
CBB XEG P . 73.30 37.85 -7.17
CBC XEG P . 72.04 33.85 -12.31
CBD XEG P . 72.64 34.87 -11.50
CBE XEG P . 71.65 33.82 -9.37
CBF XEG P . 70.90 32.86 -10.31
OAA XEG Q . 79.31 29.74 17.90
OAB XEG Q . 87.86 26.57 22.03
OAC XEG Q . 83.77 23.13 15.47
OAD XEG Q . 82.74 22.14 17.89
OAE XEG Q . 83.10 33.84 18.79
OAF XEG Q . 83.75 31.30 14.79
OAG XEG Q . 86.17 30.25 19.79
OAH XEG Q . 84.36 33.50 16.33
CAI XEG Q . 83.49 25.42 16.33
CAJ XEG Q . 83.10 26.30 17.34
CAK XEG Q . 86.83 28.36 20.88
CAL XEG Q . 81.85 31.78 18.46
CAM XEG Q . 82.16 30.50 16.45
CAN XEG Q . 85.39 26.47 21.44
CAO XEG Q . 82.48 24.41 18.73
CAP XEG Q . 83.28 29.04 19.61
OAQ XEG Q . 80.91 28.83 19.27
OAR XEG Q . 82.95 26.52 20.77
CAS XEG Q . 80.51 29.71 18.29
CAT XEG Q . 86.63 27.08 21.47
CAU XEG Q . 83.37 24.04 16.52
CAV XEG Q . 82.86 23.54 17.72
CAW XEG Q . 82.78 32.72 18.00
CAX XEG Q . 83.10 31.43 16.00
CAY XEG Q . 85.75 29.00 20.29
CAZ XEG Q . 81.55 30.68 17.67
CBA XEG Q . 82.59 25.79 18.53
CBB XEG Q . 83.41 32.54 16.78
CBC XEG Q . 84.31 27.11 20.84
CBD XEG Q . 84.50 28.40 20.24
CBE XEG Q . 82.23 28.19 19.06
CBF XEG Q . 82.17 26.76 19.61
OAA XEG R . 44.29 -5.37 25.71
OAB XEG R . 43.14 -7.14 35.44
OAC XEG R . 42.00 0.40 30.91
OAD XEG R . 44.47 -0.01 32.16
OAE XEG R . 41.85 -10.31 27.29
OAF XEG R . 38.97 -6.54 26.85
OAG XEG R . 42.02 -8.80 31.27
OAH XEG R . 39.29 -9.26 27.14
CAI XEG R . 42.20 -1.83 29.87
CAJ XEG R . 42.91 -3.03 29.67
CAK XEG R . 42.68 -7.87 33.24
CAL XEG R . 42.81 -8.09 27.06
CAM XEG R . 41.38 -6.18 26.84
CAN XEG R . 44.26 -6.00 33.46
CAO XEG R . 44.65 -2.22 31.13
CAP XEG R . 43.86 -6.79 29.79
OAQ XEG R . 44.77 -5.65 27.92
OAR XEG R . 45.29 -5.00 31.36
CAS XEG R . 43.96 -5.88 26.82
CAT XEG R . 43.42 -6.94 34.04
CAU XEG R . 42.72 -0.84 30.70
CAV XEG R . 43.95 -1.03 31.33
CAW XEG R . 41.70 -8.93 27.13
CAX XEG R . 40.27 -7.02 26.91
CAY XEG R . 42.83 -7.81 31.87
CAZ XEG R . 42.65 -6.72 26.90
CBA XEG R . 44.14 -3.21 30.30
CBB XEG R . 40.43 -8.38 27.06
CBC XEG R . 44.40 -5.96 32.08
CBD XEG R . 43.67 -6.89 31.27
CBE XEG R . 44.07 -5.47 29.21
CBF XEG R . 44.89 -4.50 30.09
OAA XEG S . -77.39 -33.73 -4.28
OAB XEG S . -84.50 -34.11 2.72
OAC XEG S . -81.68 -27.02 -1.63
OAD XEG S . -80.24 -27.53 0.72
OAE XEG S . -81.12 -37.92 -4.91
OAF XEG S . -82.49 -33.71 -6.67
OAG XEG S . -83.48 -35.79 -1.46
OAH XEG S . -82.88 -36.43 -6.46
CAI XEG S . -81.37 -29.37 -2.28
CAJ XEG S . -80.85 -30.65 -2.03
CAK XEG S . -83.82 -34.87 0.60
CAL XEG S . -79.86 -35.93 -4.35
CAM XEG S . -80.54 -33.81 -5.23
CAN XEG S . -82.26 -33.37 1.75
CAO XEG S . -79.93 -29.86 0.05
CAP XEG S . -80.75 -34.31 -1.59
OAQ XEG S . -78.56 -33.73 -2.31
OAR XEG S . -80.08 -32.73 0.63
CAS XEG S . -78.47 -33.98 -3.67
CAT XEG S . -83.47 -34.07 1.72
CAU XEG S . -81.15 -28.34 -1.37
CAV XEG S . -80.44 -28.58 -0.20
CAW XEG S . -80.92 -36.54 -5.01
CAX XEG S . -81.60 -34.41 -5.89
CAY XEG S . -82.93 -34.95 -0.47
CAZ XEG S . -79.68 -34.56 -4.46
CBA XEG S . -80.14 -30.89 -0.87
CBB XEG S . -81.78 -35.78 -5.77
CBC XEG S . -81.39 -33.46 0.67
CBD XEG S . -81.73 -34.26 -0.46
CBE XEG S . -79.85 -33.18 -1.83
CBF XEG S . -79.59 -32.27 -0.61
OAA XEG T . -77.29 -22.56 -27.51
OAB XEG T . -79.95 -19.84 -36.74
OAC XEG T . -71.87 -20.89 -33.99
OAD XEG T . -72.75 -18.28 -33.45
OAE XEG T . -81.24 -25.55 -30.05
OAF XEG T . -76.82 -26.74 -31.37
OAG XEG T . -80.39 -23.26 -33.66
OAH XEG T . -79.51 -27.30 -31.34
CAI XEG T . -73.93 -21.77 -32.95
CAJ XEG T . -75.15 -21.55 -32.30
CAK XEG T . -80.07 -21.48 -35.05
CAL XEG T . -79.38 -24.13 -29.43
CAM XEG T . -77.15 -24.70 -30.09
CAN XEG T . -78.79 -19.47 -34.49
CAO XEG T . -74.78 -19.16 -32.42
CAP XEG T . -78.70 -21.77 -31.52
OAQ XEG T . -77.69 -21.33 -29.41
OAR XEG T . -77.71 -19.28 -32.21
CAS XEG T . -77.64 -22.53 -28.73
CAT XEG T . -79.56 -20.20 -35.39
CAU XEG T . -73.14 -20.68 -33.33
CAV XEG T . -73.56 -19.37 -33.06
CAW XEG T . -79.87 -25.27 -30.06
CAX XEG T . -77.63 -25.84 -30.72
CAY XEG T . -79.80 -21.98 -33.79
CAZ XEG T . -78.03 -23.85 -29.46
CBA XEG T . -75.56 -20.25 -32.04
CBB XEG T . -78.99 -26.12 -30.71
CBC XEG T . -78.53 -19.99 -33.24
CBD XEG T . -79.04 -21.28 -32.88
CBE XEG T . -77.47 -21.38 -30.87
CBF XEG T . -76.88 -20.03 -31.34
OAA XEG U . -39.44 -5.53 11.91
OAB XEG U . -35.76 -9.40 20.32
OAC XEG U . -35.79 -13.41 12.30
OAD XEG U . -38.06 -13.89 13.89
OAE XEG U . -35.67 -2.71 15.07
OAF XEG U . -33.83 -5.22 11.43
OAG XEG U . -34.78 -6.18 17.15
OAH XEG U . -33.50 -3.33 13.42
CAI XEG U . -36.07 -10.99 12.72
CAJ XEG U . -36.75 -9.93 13.31
CAK XEG U . -35.40 -7.82 18.59
CAL XEG U . -37.05 -4.29 13.87
CAM XEG U . -36.15 -5.57 12.05
CAN XEG U . -37.26 -9.38 18.25
CAO XEG U . -38.31 -11.49 14.29
CAP XEG U . -37.08 -7.05 15.26
OAQ XEG U . -38.99 -6.79 13.79
OAR XEG U . -38.67 -9.22 16.13
CAS XEG U . -38.63 -5.86 12.81
CAT XEG U . -36.21 -8.91 19.03
CAU XEG U . -36.50 -12.30 12.91
CAV XEG U . -37.63 -12.55 13.71
CAW XEG U . -35.82 -3.67 14.05
CAX XEG U . -34.93 -4.94 12.22
CAY XEG U . -35.70 -7.23 17.37
CAZ XEG U . -37.21 -5.23 12.86
CBA XEG U . -37.86 -10.18 14.10
CBB XEG U . -34.76 -3.99 13.23
CBC XEG U . -37.54 -8.77 17.02
CBD XEG U . -36.74 -7.67 16.58
CBE XEG U . -37.93 -7.71 14.26
CBF XEG U . -38.60 -9.02 14.72
OAA XEG V . -48.88 11.46 -5.51
OAB XEG V . -53.94 19.84 -3.34
OAC XEG V . -55.50 12.01 -0.37
OAD XEG V . -56.79 12.27 -2.86
OAE XEG V . -46.10 16.13 -4.06
OAF XEG V . -47.83 13.63 -0.38
OAG XEG V . -49.69 18.04 -3.18
OAH XEG V . -46.20 15.64 -1.33
CAI XEG V . -53.43 12.87 -1.41
CAJ XEG V . -52.74 13.34 -2.52
CAK XEG V . -51.84 18.77 -3.34
CAL XEG V . -47.66 14.34 -4.46
CAM XEG V . -48.55 13.07 -2.62
CAN XEG V . -53.68 17.51 -4.35
CAO XEG V . -54.73 13.10 -3.87
CAP XEG V . -50.58 15.40 -4.61
OAQ XEG V . -50.41 13.19 -5.57
OAR XEG V . -53.24 15.21 -5.31
CAS XEG V . -49.27 12.58 -5.07
CAT XEG V . -53.22 18.65 -3.72
CAU XEG V . -54.78 12.51 -1.52
CAV XEG V . -55.43 12.63 -2.75
CAW XEG V . -46.92 15.10 -3.57
CAX XEG V . -47.80 13.83 -1.74
CAY XEG V . -50.99 17.70 -3.63
CAZ XEG V . -48.47 13.33 -3.97
CBA XEG V . -53.39 13.46 -3.74
CBB XEG V . -46.99 14.85 -2.22
CBC XEG V . -52.82 16.47 -4.63
CBD XEG V . -51.44 16.57 -4.26
CBE XEG V . -51.13 14.05 -4.61
CBF XEG V . -52.64 13.98 -4.93
OAA XEG W . -29.60 -3.95 -12.11
OAB XEG W . -22.66 -3.23 -19.25
OAC XEG W . -31.09 -2.21 -19.95
OAD XEG W . -30.41 -4.90 -20.28
OAE XEG W . -24.86 -1.10 -10.71
OAF XEG W . -28.14 1.36 -13.17
OAG XEG W . -23.74 -1.49 -15.10
OAH XEG W . -25.82 1.33 -11.66
CAI XEG W . -29.77 -2.15 -17.89
CAJ XEG W . -28.96 -2.79 -16.95
CAK XEG W . -23.35 -2.47 -17.12
CAL XEG W . -26.72 -2.27 -11.73
CAM XEG W . -28.37 -1.05 -12.97
CAN XEG W . -24.64 -4.32 -18.07
CAO XEG W . -29.10 -4.83 -18.23
CAP XEG W . -26.12 -3.46 -14.70
OAQ XEG W . -28.01 -4.49 -13.68
OAR XEG W . -26.58 -5.27 -16.77
CAS XEG W . -28.55 -3.63 -12.74
CAT XEG W . -23.60 -3.40 -18.17
CAU XEG W . -30.25 -2.86 -18.99
CAV XEG W . -29.91 -4.20 -19.16
CAW XEG W . -26.04 -1.09 -11.47
CAX XEG W . -27.70 0.13 -12.70
CAY XEG W . -24.17 -2.49 -16.00
CAZ XEG W . -27.89 -2.25 -12.49
CBA XEG W . -28.63 -4.12 -17.13
CBB XEG W . -26.53 0.11 -11.96
CBC XEG W . -25.45 -4.33 -16.94
CBD XEG W . -25.21 -3.39 -15.89
CBE XEG W . -27.51 -3.85 -14.91
CBF XEG W . -27.75 -4.80 -16.11
OAA XEG X . -60.33 -41.83 -21.91
OAB XEG X . -55.20 -50.42 -22.20
OAC XEG X . -56.38 -44.77 -15.41
OAD XEG X . -54.05 -44.59 -17.00
OAE XEG X . -62.81 -46.47 -24.12
OAF XEG X . -63.31 -45.85 -19.42
OAG XEG X . -59.45 -48.75 -22.97
OAH XEG X . -64.04 -47.17 -21.71
CAI XEG X . -57.74 -44.73 -17.47
CAJ XEG X . -57.84 -44.65 -18.86
CAK XEG X . -57.31 -49.40 -22.56
CAL XEG X . -61.49 -44.80 -22.98
CAM XEG X . -61.71 -44.47 -20.61
CAN XEG X . -55.48 -47.89 -21.95
CAO XEG X . -55.44 -44.54 -19.03
CAP XEG X . -58.59 -45.80 -22.40
OAQ XEG X . -58.72 -43.43 -22.24
OAR XEG X . -55.92 -45.39 -21.73
CAS XEG X . -60.02 -43.05 -21.99
CAT XEG X . -55.94 -49.17 -22.21
CAU XEG X . -56.48 -44.70 -16.86
CAV XEG X . -55.32 -44.61 -17.64
CAW XEG X . -62.45 -45.81 -22.94
CAX XEG X . -62.68 -45.47 -20.57
CAY XEG X . -58.16 -48.31 -22.62
CAZ XEG X . -61.12 -44.14 -21.81
CBA XEG X . -56.69 -44.56 -19.63
CBB XEG X . -63.05 -46.14 -21.74
CBC XEG X . -56.34 -46.80 -22.02
CBD XEG X . -57.72 -47.02 -22.36
CBE XEG X . -58.30 -44.66 -21.55
CBF XEG X . -56.82 -44.48 -21.14
#